data_6FTG
#
_entry.id   6FTG
#
_cell.length_a   1.00
_cell.length_b   1.00
_cell.length_c   1.00
_cell.angle_alpha   90.00
_cell.angle_beta   90.00
_cell.angle_gamma   90.00
#
_symmetry.space_group_name_H-M   'P 1'
#
loop_
_entity.id
_entity.type
_entity.pdbx_description
1 polymer uL2
2 polymer uL3
3 polymer 'Ribosomal protein L4'
4 polymer '60S ribosomal protein L5'
5 polymer '60S ribosomal protein L6'
6 polymer uL30
7 polymer eL8
8 polymer uL6
9 polymer 'Ribosomal protein L10 (Predicted)'
10 polymer 'Ribosomal protein L11'
11 polymer eL13
12 polymer 'Ribosomal protein L14'
13 polymer 'Ribosomal protein L15'
14 polymer uL13
15 polymer uL22
16 polymer uL14
17 polymer eL19
18 polymer eL20
19 polymer eL21
20 polymer eL22
21 polymer uL14
22 polymer 'Ribosomal protein L24'
23 polymer uL23
24 polymer 'Ribosomal protein L26'
25 polymer '60S ribosomal protein L27'
26 polymer uL15
27 polymer '60S ribosomal protein L29'
28 polymer eL30
29 polymer eL31
30 polymer eL32
31 polymer eL33
32 polymer eL34
33 polymer eL29
34 polymer '60S ribosomal protein L36'
35 polymer 'Ribosomal protein L37'
36 polymer eL38
37 polymer eL39
38 polymer eL40
39 polymer '60s ribosomal protein l41'
40 polymer eL42
41 polymer 'Ribosomal protein L37a'
42 polymer eL28
43 polymer '60S acidic ribosomal protein P0'
44 polymer 'Ribosomal protein L12'
45 polymer '28S ribosomal RNA'
46 polymer '5S ribosomal RNA'
47 polymer '5.8S ribosomal RNA'
48 polymer 'Protein transport protein Sec61 subunit alpha isoform 1'
49 polymer 'Protein transport protein Sec61 subunit gamma'
50 polymer 'Protein transport protein Sec61 subunit beta'
51 polymer 'Dolichyl-diphosphooligosaccharide--protein glycosyltransferase subunit 1,RPN1'
52 polymer TMEM258
53 polymer 'Oligosaccharyltransferase complex subunit OSTC'
54 polymer OST4
55 polymer 'Dolichyl-diphosphooligosaccharide--protein glycosyltransferase subunit STT3A'
56 polymer DAD1
57 polymer OST48
58 polymer RPN2
59 branched alpha-D-mannopyranose-(1-2)-alpha-D-mannopyranose-(1-2)-alpha-D-mannopyranose-(1-3)-[alpha-D-mannopyranose-(1-3)-alpha-D-mannopyranose-(1-6)]beta-D-mannopyranose-(1-4)-2-acetamido-2-deoxy-beta-D-glucopyranose-(1-4)-2-acetamido-2-deoxy-beta-D-glucopyranose
60 non-polymer 'MAGNESIUM ION'
61 non-polymer 'ZINC ION'
62 non-polymer '[(2~{S},3~{R},4~{R},5~{S},6~{R})-3-acetamido-6-(hydroxymethyl)-4,5-bis(oxidanyl)oxan-2-yl]methyl-[oxidanyl-[(2~{Z},6~{Z},10~{Z})-3,7,11,15-tetramethylhexadeca-2,6,10,14-tetraenoxy]phosphoryl]oxy-phosphinic acid'
#
loop_
_entity_poly.entity_id
_entity_poly.type
_entity_poly.pdbx_seq_one_letter_code
_entity_poly.pdbx_strand_id
1 'polypeptide(L)'
;GRVIRGQRKGAGSVFRAHVKHRKGAARLRAVDFAERHGYIKGIVKDIIHDPGRGAPLAKVVFRDPYRFKKRTELFIAAEG
IHTGQFVYCGKKAQLNIGNVLPVGTMPEGTIVCCLEEKPGDRGKLARASGNYATVISHNPETKKTRVKLPSGSKKVISSA
NRAVVGVVAGGGRIDKPILKAGRAYHKYKAKRNCWPRVRGVAMNPVEHPFGGGNHQHIGKPSTIRRDAPAGRKVGLIAAR
RTGR
;
A
2 'polypeptide(L)'
;SHRKFSAPRHGSLGFLPRKRSSRHRGKVKSFPKDDPSKPVHLTAFLGYKAGMTHIVREVDRPGSKVNKKEVVEAVTIVET
PPMVVVGIVGYVETPRGLRTFKTVFAEHISDECKRRFYKNWHKSKKKAFTKYCKKWQDDAGKRQLDKDFSSMKKYCQVIR
VLAHTQMRLLPLRQKKAHLMEIQVNGGTVAEKLDWARERLEQQVPVSQVFGQDEMIDVIGVTKGKGYKGVTSRWHTKKLP
RKTHRGLRKVACIGAWHPARVAFSVARAGQKGYHHRTEINKKIYKIGQGYLIKDGKLIKNNASTDYDLSDKSINPLGGFV
HYGEVTNDFVMLKGCVVGTKKRVLTLRKSLLVQTKRRALEKIDLKFIDTTSKFGHGRFQTVEEKKAFMGPLKKD
;
B
3 'polypeptide(L)'
;ACARPLISVYSEKGESSGKNVTLPAVFKAPIRPDIVNFVHTNLRKNNRQPYAVSELAGHQTSAESWGTGRAVARIPRVRG
GGTHRSGQGAFGNMCRGGRMFAPTKTWRRWHRRVNTTQKRYAICSALAASALPALVMSKGHRIEEVPELPLVVEDKVEGY
KKTKEAVLLLKKLKAWNDIKKVYASQRMRAGKGKMRNRRRIQRRGPCVIYNEDNGIVKAFRNIPGITLLNVTKLNILKLA
PGGHVGRFCIWTESAFRKLDDLYGTWRKAASLKSNYNLPMHKMLNTDLSRILKSPEIQRALRAPRKKIHRRVLKKNPLKN
LRIMLKLNPYAKTMRRNTILRQARNHKLRVERAAAALAAKKS
;
C
4 'polypeptide(L)'
;FVKVVKNKAYFKRYQVKFRRRREGKTDYYARKRLVIQDKNKYNTPKYRMIVRVTNRDIICQIAYARIEGDMIVCAAYAHE
LPKYGVKVGLTNYAAAYCTGLLLARRLLNRFGMDKIYEGQVEVTGDEYNVESIDGQPGAFTCYLDAGLARTTTGNKVFGA
LKGAVDGGLSIPHSTKRFPGYDSESKEFNAEVHRKHIMGQNVADYMRYLMEEDEDAYKKQFSQYIKNNVTPDMMEEMYKK
AHAAIRENPVYEKKPKREVKKKRWNRPKMSLAQKKDRVAQKKASFLRAQERA
;
D
5 'polypeptide(L)'
;PHCSRNPVLVRGIGRYSRSAMYSRKALYKRKYAAPKSRIERKKKREKVLATVTKPVGGDKNGGTRVVKLRKMPRYYPTED
VPRKLLSHGRKPFSQHVRKLRASITPGTILIILTGRHRGKRVVFLKQLSSGLLLVTGPLSLNRVPLRRTHQKFVIATSTK
IDISGVKIPKHLTDAYFKKKQLRKPRHQEGEIFDTEKEKYEITEQRKVDQKAVDSQILPKIKAVPQLQGYLRSVFALTNG
VYPHKLVF
;
E
6 'polypeptide(L)'
;NFAELKIKRLRKKFAQKMLRKARRKLIYEKAKHYHKEYRQMYRTEIRMARMARKAGNFYVPAEPKLAFVIRIRGINGVSP
KVRKVLQLLRLRQIFNGTFVKLNKASINMLRIVEPYIAWGYPNLKSVNELIYKRGYGKINKKRIALTDNALIARSLGKYG
IICMEDLIHEIYTVGKRFKEANNFLWPFKLSSPRGGMKKKTTHFVEGEDAGNREDQINRLIRRMN
;
F
7 'polypeptide(L)'
;KVVNPLFEKRPKNFGIGQDIQPKRDLTRFVKWPRYIRLQRQRAILYKRLKVPPAINQFTQVLDRQTATQLLKLAHKYRPE
TKQEKKQRLLARAEKKAAGKGDVPTKRPPVLRAGVNTVTTLVENKKAQLVVIAHDVDPIELVVFLPALCRKMGVPYCILK
GKARLGRLVHRKTCTTVAFTQVNSEDKGALAKLVEAIRTNYNDRYDEIRRHWGGNVLGPKSVARIAKLEKAKAKELATKL
G
;
G
8 'polypeptide(L)'
;MKTILSNQTVDIPENVDISLKGRTVIVKGPRGTLRRDFNHINVELSLLGKKKKRLRVDKWWGNRKELATVRTICSHVQNM
IKGVTLGFRYKMRSVYAHFPINVVIQENGSLVEIRNFLGEKYIRRVRMRPGVACSVSQAQKDELVLEGNDIELVSNSAAL
IQQATTVKNKDIRKFLDGIYVSEKGTVQQA
;
H
9 'polypeptide(L)'
;GRRPARCYRYCKNKPYPKSRFCRGVPDAKIRIFDLGRKKAKVDEFPLCGHMVSDEYEQLSSEALEAARICANKYMVKSCG
KDGFHIRVRLHPFHVIRINKMLSCAGADRLQTGMRGAFGKPQGTVARVHIGQVIMSIRTKLQNKEHVVEALRRAKFKFPG
RQKIHISKKWGFTKFNADEFEDMVAEKRLIPDGCGVKYIPNRGPLDKWRALHS
;
I
10 'polypeptide(L)'
;ENPMRELRIRKLCLNICVGESGDRLTRAAKVLEQLTGQTPVFSKARYTVRSFGIRRNEKIAVHCTVRGAKAEEILEKGLK
VREYELRKNNFSDTGNFGFGIQEHIDLGIKYDPSIGIYGLDFYVVLGRPGFSIADKKRRTGCIGAKHRISKEEAMRWFQQ
KYDGIILPG
;
J
11 'polypeptide(L)'
;APSRNGMILKPHFHKDWQRRVATWFNQPARKIRRRKARQARARRIAPRPASGPLRPIVRCPTVRYHTKVRAGRGFSLEEL
RVAGIHKKVARTIGISVDPRRRNKSTESLQANVQRLKEYRSKLVLFPRKPSAPKKGDSSAEELKLATQLTGPVMPIRNVF
KKEKARVITEEEKNFKAFASLRMARANARLFGIRAKRAKEAAEQDVEKKK
;
L
12 'polypeptide(L)'
;VFRRFVEVGRVAYVSFGPHAGKLVAIVDVIDQNRALVDGPCTRVRRQAMPFKCMQLTDFILKFPHSARQKYVRKAWEKAD
INTKWAATRWAKKIEARERKAKMTDFDRYKVMKAKKMRNRIIKNEVKKLQRAALLKAS
;
M
13 'polypeptide(L)'
;GAYKYIQELWRKKQSDVMRFLLRVRCWQYRQLSALHRAPRPTRPDKARRLGYKAKQGYVIYRIRVRRGGRKRPVPKGATY
GKPVHHGVNQLKFARSLQSVAEERAGRHCGALRVLNSYWVGEDSTYKFFEVILIDPFHKAIRRNPDTQWITKPVHKHREM
RGLTSAGRKSRGLGKGHKFHHTIGGSRRAAWRRRNTLQLHRYR
;
N
14 'polypeptide(L)'
;QVLVLDGRGHLLGRLAAIVAKQVLLGRKVVVVRCEGINISGNFYRNKLKYLAFLRKRMNTNPSRGPYHFRAPSRIFWRTV
RGMLPHKTKRGQAALDRLKVFDGIPPPYDKKKRMVVPAALKVVRLKPTRKFAYLGRLAHEVGWKYQAVTATLEEKRKEKA
KIHYRKKKQLMRLRKQAEKNVEKKIDRFTEVLKTHGFLV
;
O
15 'polypeptide(L)'
;VRYSLDPENPTKSCKSRGSNLRVHFKNTRETAQAIKGMHIRKATKYLKDVTLQKQCVPFRRYNGGVGRCAQAKQWGWTQG
RWPKKSAEFLLHMLKNAESNAELKGLDVDSLVIEHIQVNKAPKMRRRTYRAHGRINPYMSSPCHIEMILTEKE
;
P
16 'polypeptide(L)'
;GVDIRHNKDRKVRRKEPKSQDIYLRLLVKLYRFLARRTNSTFNQVVLKRLFMSRTNRPPLSLSRMIRKMKLPGREGKTAV
VVGTITDDVRVQEVPKLKVCALRVSSRARSRILKAGGKILTFDQLALDSPKGCGTVLLSGPRKGREVYRHFGKAPGTPHS
HTKPYVRSKGRKFERARGRRASRGYKN
;
Q
17 'polypeptide(L)'
;SMLRLQKRLASSVLRCGKKKVWLDPNETNEIANANSRQQIRKLIKDGLIIRKPVTVHSRARCRKNTLARRKGRHMGIGKR
KGTANARMPEKVTWMRRMRILRRLLRRYRESKKIDRHMYHSLYLKVKGNVFKNKRILMEHIHKLKADKARKKLLADQAEA
RRSKTKEARKRREERLQAKK
;
R
18 'polypeptide(L)'
;KASGTLREYKVVGRCLPTPKCRTPPLYRMRIFAPNHVVAKSRFWYFVSQLKKMKKSSGEIVYCGQVFEKSPLRVKNFGIW
LRYDSRSGTHNMYREYRDLTTAGAVTQCYRDMGARHRARAHSIQIMKVEEIAASKCRRPAVKQFHDSKIKFPLPHRVLRR
QHKPRFTTKRPNTFF
;
S
19 'polypeptide(L)'
;TNTKGKRRGTRYMFSRPFRKHGVVPLATYMRIYKKGDIVDIKGMGTVQKGMPHKCYHGKTGRVYNVTQHAVGIVVNKQVK
GKILAKRINVRIEHIKHSKSRDSFLKRVKENDQKKKEAKEKGTWVQLKRQPAPPREAHFVRTNGKEPELLEPIPYEFMA
;
T
20 'polypeptide(L)'
;QVLKFTLDCTHPVEDGIMDAANFEQFLQERIKVNGKAGNLGGGVVTIERSKSKITVTSEVPFSKRYLKYLTKKYLKKNNL
RDWLRVVANSKESYELRYF
;
U
21 'polypeptide(L)'
;SGAKFRISLGLPVGAVINCADNTGAKNLYIISVKGIKGRLNRLPAAGVGDMVMATVKKGKPELRKKVHPAVVIRQRKSYR
RKDGVFLYFEDNAGVIVNNKGEMKGSAITGPVAKECADLWPRIASNAGSIA
;
V
22 'polypeptide(L)' MKVELCSFSGYKIYPGHGRRYARTDGKVFQFLNAKCESAFLSKRNPRQINWTVLYRRKHKKGQ W
23 'polypeptide(L)'
;KKIRTSPTFRRPKTLRLRRQPKYPRKSAPRRNKLDHYAIIKFPLTTESAMKKIEDNNTLVFIVDVKANKHQIKQAVKKLY
DIDVAKVNTLIRPDGEKKAYVRLAPDYDALDVANKIGII
;
X
24 'polypeptide(L)'
;MKFNPFVTSDRSKNRKRHFNAPSHIRRKIMSSPLSKELRQKYNVRSMPIRKDDEVQVVRGHYKGQQIGKVVQVYRKKYVI
YIERVQREKANGTTVHVGIHPSKVVITRLKLDKDRKKILERKAKSRQVGKEKGK
;
Y
25 'polypeptide(L)'
;GKFMKPGKVVLVLAGRYSGRKAVIVKNIDDGTSDRPYSHALVAGIDRYPRKVTAAMGKKKIAKRSKIKSFVKVYNYNHLM
PTRYSVDIPLDKTVVNKDVFRDPALKRKARREAKVKFEERYKTGKNKWFFQKLRF
;
Z
26 'polypeptide(L)'
;PSRLRKTRKLRGHVSHGHGRIGKHRKHPGGRGNAGGMHHHRINFDKYHPGYFGKVGMRHYHLKRNQSFCPTVNLDKLWTL
VSEQTRVNAAKNKTGAAPIIDVVRSGYYKVLGKGKLPKQPVIVKAKFFSRRAEEKIKGVGGACVLVA
;
a
27 'polypeptide(L)' AKSKNHTTHNQSRKWHRNGIKKPRSQRYESLKGVDPKFLRNMRFAKKHNKKGLKKMQANNAKAMAARAEAIKALV b
28 'polypeptide(L)'
;SINSRLQLVMKSGKYVLGYKQTLKMIRQGKAKLVILANNCPALRKSEIEYYAMLAKTGVHHYSGNNIELGTACGKYYRVC
TLAIIDPGDSDIIR
;
c
29 'polypeptide(L)'
;NEVVTREYTINIHKRIHGVGFKKRAPRALKEIRKFAMKEMGTPDVRIDTRLNKAVWAKGIRNVPYRIRVRLSRKRNEDED
SPNKLYTLVTYVPVTTFKNLQTVNVDE
;
d
30 'polypeptide(L)'
;AALRPLVKPKIVKKRTKKFIRHQSDRYVKIKRNWRKPRGIDNRVRRRFKGQILMPNIGYGSNKKTKHMLPSGFRKFLVHN
VKELEVLLMCNKSYCAEIAHNVSSKNRKAIVERAAQLAIRVTNPNARL
;
e
31 'polypeptide(L)'
;SGRLWCKAIFAGYKRGLRNQREHTALLKIEGVYARDETEFYLGKRCAYVYKAKNNTVTPGGKPNKTRVIWGKVTRAHGNS
GMVRAKFRSNLPAKAIGHRIRVMLYPSRI
;
f
32 'polypeptide(L)'
;VQRLTYRRRLSYNTASNKTRLSRTPGNRIVYLYTKKVGKAPKSACGVCPGRLRGVRAVRPKVLMRLSKTKKHVSRAYGGS
MCAKCVRDRIKRAFLIEEQKIVVKVLKAQAQSQK
;
g
33 'polypeptide(L)'
;AKIKARDLRGKKKEELLKQLDDLKVELSQLRVAKVTGGAASKLSKIRVVRKSIARVLTVINQTQKENLRKFYKGKKYKPL
DLRPKKTRAMRRRLNKHEESLKTKKQQRKERLYPLRKYAVKA
;
h
34 'polypeptide(L)'
;ALRYPMAVGLNKGHKVTKNVSKPRHSRRRGRLTKHTKFVRDMIREVCGFAPYERRAMELLKVSKDKRALKFIKKRVGTHI
RAKRKREELSSVLAAMRKAAAK
;
i
35 'polypeptide(L)'
;TKGTSSFGKRRNKTHTLCRRCGSKAYHLQKSTCGKCGYPAKRKRKYNWSAKAKRRNTTGTGRMRHLKIVYRRFRHGFREG
TTPKPK
;
j
36 'polypeptide(L)' PRKIEEIKDFLLTARRKDAKSVKIKKNKDNVKFKVRCSRYLYTLVITDKEKAEKLKQSLPPGLAVKELK k
37 'polypeptide(L)' SSHKTFRIKRFLAKKQKQNRPIPQWIRMKTGNKIRYNSKRRHWRRTKLGL l
38 'polypeptide(L)' IIEPSLRQLAQKYNCDKMICRKCYARLHPRAVNCRKKKCGHTNNLRPKKKVK m
39 'polypeptide(L)' RAKWRKKRMRRLKRKRRKMRQRS n
40 'polypeptide(L)'
;VNVPKTRRTFCKKCGKHQPHKVTQYKKGKDSLYAQGKRRYDRKQSGYGGQTKPIFRKKAKTTKKIVLRLECVEPNCRSKR
MLAIKRCKHFELGGDKKRKGQVIQ
;
o
41 'polypeptide(L)'
;AKRTKKVGIVGKYGTRYGASLRKMVKKIEISQHAKYTCSFCGKTKMKRRAVGIWHCGSCMKTVAGGAWTYNTTSAVTVKS
AIRRLKELKDQ
;
p
42 'polypeptide(L)'
;SAHLQWMVVRNCSSFLIKRNKQTYSTEPNNLKARNSFRYNGLIHRKTVGVEPAADGKGVVVVMKRRSGQRKPATSYVRTT
INKNARATLSSIRHMIRKNKYHPDLRMAAIRRASAILRSQKPVMVKRKRTRPTKSS
;
r
43 'polypeptide(L)'
;DRATWKSNYFLKIIQLLDDYPKCFIVGADNVGSKQMQQIRMSLRGKAVVLMGKNTMMRKAIRGHLENNPALEKLLPHIRG
NVGFVFTKEDLTEIRDMLLANKVPAAARAGAIAPCEVTVPAQNTGLGPEKTSFFQALGITTKISRGTIEILSDVQLIKTG
DKVGASEATLLNMLNISPFSFGLIIQQVFDNGSIYNPE
;
s
44 'polypeptide(L)'
;MPPKFDPNEIKVVYLRCTGGEVGATSALAPKIGPLGLSPKKVGDDIAKATGDWKGLRITVKLTIQNRQAQIEVVPSASAL
IIKALKEPPRDRKKQKNIKHSGNITFDEIVNIARQMRHRSLARELSGTIKEILGTAQSVGCNVDGRHPHDIIDDINSGAV
ECP
;
t
45 'polyribonucleotide'
;CGCGACCUCAGAUCAGACGUGGCGACCCGCUGAAUUUAAGCAUAUUAGUCAGCGGAGGAGAAGAAACUAACCAGGAUUCC
CUCAGUAACGGCGAGUGAACAGGGAAGAGCCCAGCGCCGAAUCCCCGCCCCGCGGCGGGGCGCGGGACAUGUGGCGUACG
GAAGACCCGCUCCCCGGCGCCGCUCGUGGGGGGCCCAAGUCCUUCUGAUCGAGGCCCAGCCCGUGGACGGUGUGAGGCCG
GUAGCGGCCCCCGGCGCGCCGGGCCCGGGUCUUCCCGGAGUCGGGUUGCUUGGGAAUGCAGCCCAAAGCGGGUGGUAAAC
UCCAUCUAAGGCUAAAUACCGGCACGAGACCGAUAGUCAACAAGUACCGUAAGGGAAAGUUGAAAAGAACUUUGAAGAGA
GAGUUCAAGAGGGCGUGAAACCGUUAAGAGGUAAACGGGUGGGGUCCGCGCAGUCCGCCCGGAGGAUUCAACCCGGCGGC
GGGUCCGGCCGUGUCGGCGGCCCGGCGGAUCUUUCCCGCGCGGGGGACCGUCCCCCGACCGGCGACCGGCCGCCGCCGGG
CGCAUUUCCACCGCGGCGGUGCGCCGCGACCGGCUCCGGGACGGCUGGGAAGGCCCGGCGGGGAAGGUGGCUCGGCCGAG
UGUUACAGCCCCCCCGGCAGCAGCACUCGCCGAAUCCCGGGGCCGAGGGAGCGAGACCCGUCGCCGCGCUCUCCCCCCUC
CCGGCGCCGCCGGGGGGGGCCGGGCCACCCCUCCCACGGCGCGACCGCUCGGGGCGGACUGUCCCCAGUGCGCCCCGGGC
GGGUCGCGCCGUCGGGCCCGGGGGAGGGGCCACGCGCGCGUCCCCCGAAGAGGGGGACGGCGGAGCGAGCGCACGGGGUC
GGCGGCGACGUCGGCUACCCACCCGACCCGUCUUGAAACACGGACCAAGGAGUCUAACACGUGCGCGAGUCGGGGGCUCG
CACGAAAGCCGCCGUGGCGCAAUGAAGGUGAAGGCCGGCGCGCUCGCCGGCCGAGGUGGGAUCCCGAGGCCUCUCCAGUC
CGCCGAGGGCGCACCACCGGCCCGUCUCGCCCGCCGCGCCGGGGAGGUGGAGCACGAGCGCACGUGUUAGGACCCGAAAG
AUGGUGAACUAUGCCUGGGCAGGGCGAAGCCAGAGGAAACUCUGGUGGAGGUCCGUAGCGGUCCUGACGUGCAAAUCGGU
CGUCCGACCUGGGUAUAGGGGCGAAAGACUAAUCGAACCAUCUAGUAGCUGGUUCCCUCCGAAGUUUCCCUCAGGAUAGC
UGGCGCUCUCGCACACGCAGUUUUAUCCGGUAAAGCGAAUGAUUAGAGGUCUUGGGGCCGAAACGAUCUCAACCUAUUCU
CAAACUUUAAAUGGGUAAGAAGCCCGGCUCGCUGGCGUGAGCCGGGCGUGGAAUGGAGUGCCUAGUGGGCCACUUUUGGU
AAGCAGAACUGGCGCUGCGGGAUGAACCGAACGCCGGGUUAAGGCGCCCGAUGCCGACGCUCAUCAGACCCCAGAAAAGG
UGUUGGUUGAUAUAGACAGCAGGACGGUGGCCAUGGAAGUCGGAAUCCGCUAAGGAGUGUGUAACAACUCACCUGCCGAA
UCAACUAGCCCUGAAAAUGGAUGGCGCUGGAGCGUCGGGCCCAUACCCGGCCGUCGCCGGCAGUCGAGAGUGGACGGGAG
CGGCGGGGGCGGCGCGCGCGCGCGCCCGCCCCCGGAGCCCCGCGGACGCUACGCCGCGACGAGUAGGAGGGCCGCUGCGG
UGAGCCUUGAAGCCUAGGGCGCGGGCCCGGGUGGAGCCGCCGCAGGUGCAGAUCUUGGUGGUAGUAGCAAAUAUUCAAAC
GAGAACUUUGAAGGCCGAAGUGGAGAAGGGUUCCAUGUGAACAGCAGUUGAACAUGGGUCAGUCGGUCCUGAGAGAUGGG
CGAGCGCCGUUCCGAAGGGACGGGCGAUGGCCUCCGUUGCCCUCGGCCGAUCGAAAGGGAGUCGGGUUCAGAUCCCCGAA
UCCGGAGUGGCGGAGAUGGGCGCCGCGAGGCGUCCAGUGCGGUAACGCGACCGAUCCCGGAGAAGCCGGCGGGAGCCCCG
GGGAGAGUUCUCUUUUCUUUGUGAAGGGCAGGGCGCCCUGGAAUGGGUUCGCCCCGAGAGAGGGGCCCGUGCCUUGGAAA
GCGUCGCGGUUCCGGCGGCGUCCGGUGAGCUCUCGCUGGCCCUUGAAAAUCCGGGGGAGAGGGUGUAAAUCUCGCGCCGG
GCCGUACCCAUAUCCGCAGCAGGUCUCCAAGGUGAACAGCCUCUGGCAUGUUGGAACAAUGUAGGUAAGGGAAGUCGGCA
AGCCGGAUCCGUAACUUCGGGAUAAGGAUUGGCUCUAAGGGCUGGGUCGGUCGUCGGCCGGCGCCUAGCAGCCGACUUAG
AACUGGUGCGGACCAGGGGAAUCCGACUGUUUAAUUAAAACAAAGCAUCGCGAAGGCCCGCGGCGGGUGUUGACGCGAUG
UGAUUUCUGCCCAGUGCUCUGAAUGUCAAAGUGAAGAAAUUCAAUGAAGCGCGGGUAAACGGCGGGAGUAACUAUGACUC
UCUUAAGGUAGCCAAAUGCCUCGUCAUCUAAUUAGUGACGCGCAUGAAUGGAUGAACGAGAUUCCCACUGUCCCUACCUA
CUAUCCAGCGAAACCACAGCCAAGGGAACGGGCUUGGCGGAAUCAGCGGGGAAAGAAGACCCUGUUGAGCUUGACUCUAG
UCUGGCACGGUGAAGAGACAUGUUUUUUCACUGACCCGGUGAGGCGGGGGGGCGAGCCCCGAGGGGCUCUCGCUUCUGGC
GCCAAGCGCCCGGCCGCGCGCCGGCCGGGCGCGACCCGCUCCGGGGACAGUGCCAGGUGGGGAGUUUGACUGGGGCGGUA
CACCUGUCAAACGGUAACGCAGGUGUCCUAAGGCGAGCUCAGGGAGGACAGAAACCUCCCGUGGAGCAGAAGGGCAAAAG
CUCGCUUGAUCUUGAUUUUCAGUACGAAUACAGACCGUGAAAGCGGGGCCUCACGAUCCUUCUGACCUUUUGGGUUUUAA
GCAGGAGGUGUCAGAAAAGUUACCACAGGGAUAACUGGCUUGUGGCGGCCAAGCGUUCAUAGCGACGUCGCUUUUUGAUC
CUUCGAUGUCGGCUCUUCCUAUCAUUGUGAAGCAGAAUUCACCAAGCGUUGGAUUGUUCACCCACUAAUAGGGAACGUGA
GCUGGGUUUAGACCGUCGUGAGACAGGUUAGUUUUACCCUACUGAUGAUGUGUUGUUGCCAUGGUAAUCCUGCUCAGUAC
GAGAGGAACCGCAGGUUCAGACAUUUGGUGUAUGUGCUUGGCUGAGGAGCCAAUGGGGCGAAGCUACCAUCUGUGGGAUU
AUGACUGAACGCCUCUAAGUCAGAAUCCCGCCCAGGCGGAACGAUACGGCAGCGCCGCGGAGCCUCGGUUGGCCUCGGAU
AGCCGGUCCCCCGCGGGGUCCGGUGCGGAGUGCCCUUCGUCCUGGGAAACGGGGCGCGGCCGGAGAGGCGGCCGCCCCCU
CGCCCGUCACGCACGCCGUUCGUGGGGAACCUGGCGCUAAACCAUUCGUAGACGACCUGCUUCUGGGUCGGGGUUUCGUA
CGUAGCAGAGCAGCUCCCUCGCUGCGAUCUAUUGAAAGUCAGCCCUCGACACAAGGGUUUGU
;
u
46 'polyribonucleotide'
;GUCUACGGCCAUACCACCCUGAACGCGCCCGAUCUCGUCUGAUCUCGGAAGCUAAGCAGGGUCGGGCCUGGUUAGUACUU
GGAUGGGAGACCGCCUGGGAAUACCGGGUGCUGUAGGCUU
;
v
47 'polyribonucleotide'
;CGACUCUUAGCGGUGGAUCACUCGGCUCGUGCGUCGAUGAAGAACGCAGCUAGCUGCGAGAAUUAAUGUGAAUUGCAGGA
CACAUUGAUCAUCGACACUUCGAACGCACUUGCGGCCCCGGGUUCCUCCCGGGGCUACGCCUGUCUGAGCGUCGCU
;
w
48 'polypeptide(L)'
;FLEVIKPFCVILPEIQKPERKIQFKEKVLWTAITLFIFLVCCQIPLFGIMSSDSADPFYWMRVILASNRGTLMELGISPI
VTSGLIMQLLAGAKIIEVGDTPKDRALFNGAQKLFGMIITIGQSIVYVMTGMYGDPSEMGSGICLLITIQLFVAGLIVLL
LDELLQKGYGLGSGISLFIATNICETIVWKAFSPTTVNTGRGMEFEGAIIALFHLLATRTDKVRALREAFYRQNLPNLMN
LIATIFVFAVVIYFQGFRVDLPIKSARYRGQYNTYPIKLFYTSNIPIILQSALVSNLYVISQMLSARFSGNLLVSLLGTW
SDTSSGGPARAYPVGGLCHYLSPPESFGSVLEDPVHAVVYIVFMLGSCAFFSKTWIEVSGSSAKDVAKQLKEQQMVMRGH
RETSMVHELNRYIPTAAAFGGLCIGALSVLADFLGAIGSGTGILLAVTIIYQYFEIFVKEQ
;
x
49 'polypeptide(L)' FVEPSRQFVKDSIRLVKRCTKPDRKEFQKIAMATAIGFAIMGFIGFFVKLIHIPINNIIVGG y
50 'polypeptide(L)' VGPVPVLVMSLLFIASVFMLHIWGKYTRS z
51 'polypeptide(L)'
;EPLLVVAAFYILFFTVIIYVRL(UNK)(UNK)(UNK)(UNK)(UNK)(UNK)(UNK)(UNK)(UNK)(UNK)(UNK)
(UNK)(UNK)(UNK)(UNK)(UNK)(UNK)(UNK)(UNK)(UNK)(UNK)(UNK)(UNK)(UNK)(UNK)(UNK)(UNK)
(UNK)(UNK)(UNK)(UNK)(UNK)(UNK)(UNK)(UNK)(UNK)(UNK)(UNK)(UNK)(UNK)(UNK)(UNK)(UNK)
(UNK)(UNK)(UNK)(UNK)(UNK)(UNK)(UNK)(UNK)(UNK)(UNK)(UNK)(UNK)(UNK)(UNK)(UNK)(UNK)
(UNK)(UNK)(UNK)(UNK)(UNK)(UNK)(UNK)(UNK)(UNK)(UNK)(UNK)(UNK)(UNK)(UNK)(UNK)(UNK)
(UNK)(UNK)(UNK)(UNK)(UNK)(UNK)(UNK)(UNK)(UNK)(UNK)(UNK)(UNK)(UNK)(UNK)(UNK)(UNK)
(UNK)(UNK)(UNK)(UNK)(UNK)(UNK)(UNK)(UNK)(UNK)(UNK)(UNK)(UNK)(UNK)(UNK)(UNK)(UNK)
(UNK)(UNK)(UNK)(UNK)(UNK)(UNK)(UNK)(UNK)(UNK)(UNK)(UNK)(UNK)(UNK)(UNK)(UNK)(UNK)
(UNK)(UNK)(UNK)(UNK)(UNK)(UNK)(UNK)(UNK)(UNK)(UNK)(UNK)(UNK)(UNK)(UNK)(UNK)(UNK)
(UNK)
;
1
52 'polypeptide(L)'
;(UNK)(UNK)(UNK)(UNK)(UNK)(UNK)(UNK)(UNK)(UNK)(UNK)(UNK)(UNK)(UNK)(UNK)(UNK)(UNK)
(UNK)(UNK)(UNK)(UNK)(UNK)(UNK)(UNK)(UNK)(UNK)(UNK)(UNK)(UNK)(UNK)(UNK)(UNK)(UNK)
(UNK)(UNK)(UNK)(UNK)(UNK)(UNK)(UNK)(UNK)(UNK)(UNK)(UNK)(UNK)(UNK)(UNK)(UNK)(UNK)
(UNK)(UNK)(UNK)(UNK)(UNK)(UNK)(UNK)(UNK)(UNK)(UNK)(UNK)(UNK)
;
2
53 'polypeptide(L)'
;AMTVYALVVVSYFLITGGIIYDVIVEPPSVGSMTDEHGHQRPVAFLAYRVNGQYIMEGLASSFLFTMGGLGFIILDRSNA
PNIPKLNRFLLLFIGFVCVLLSFFMARVFMRMKLPGYLMG
;
3
54 'polypeptide(L)' MITDVQLAIFANMLGVSLFLLVVLYHYVAVNNPK 4
55 'polypeptide(L)'
;MTKLGFLRLSYEKQDTLLKLLILSMAAVLSFSTRLFAVLRFESVIHEFDPYFNYRTTRFLAEEGFYKFHNWFDDRAWYPL
GRIIGGTLYPGLMITSAAIYHVLHFFHITIDIRNVCVFLAPLFSSFTTIVTYHLTKELKDAGAGLLAAAMIAVVPGYISR
SVAGSYDNEGIAIFCMLLTYYMWIKAVKTGSIYWAAKCALAYFYMVSSWGGYVFLINLIPLHVLVLMLTGRFSHRIYVAY
CTVYCLGTILSMQISFVGFQPVLSSEHMAAFGVFGLCQIHAFVDYLRSKLNPQQFEVLFRSVISLVGFVLLTVGALLMLT
GKISPWTGRFYSLLDPSYAKNNIPIIASVSEHQPTTWSSYYFDLQLLVFMFPVGLYYCFSNLSDARIFIIMYGVTSMYFS
AVMVRLMLVLAPVMCILSGIGVSQVLSTYMKNLDISRPDKKSKKQQDSTYPIKNEVASGMILVMAFFLITYTFHSTWVTS
EAYSSPSIVLSARGGDGSRIIFDDFREAYYWLRHNTPEDAKVMSWWDYGYQITAMANRTILVDNNTWNNTHISRVGQAMA
STEEKAYEIMRELDVSYVLVIFGGLTGYSSDDINKFLWMVRIGGSTDTGKHIKEHDYYTPTGEFRVDREGSPVLLNCLMY
KMCYYRFGQVYTEAKRPPGFDRVRNAEIGNKDFELDVLEEAYTTEHWLVRIYKVKDLDNRGLSRT
;
5
56 'polypeptide(L)'
;(UNK)(UNK)(UNK)(UNK)(UNK)(UNK)(UNK)(UNK)(UNK)(UNK)(UNK)(UNK)(UNK)(UNK)(UNK)(UNK)
(UNK)(UNK)(UNK)(UNK)(UNK)(UNK)(UNK)(UNK)(UNK)(UNK)(UNK)(UNK)(UNK)(UNK)(UNK)(UNK)
(UNK)(UNK)(UNK)(UNK)(UNK)(UNK)(UNK)(UNK)(UNK)(UNK)(UNK)(UNK)(UNK)(UNK)(UNK)(UNK)
(UNK)(UNK)(UNK)(UNK)(UNK)(UNK)(UNK)(UNK)(UNK)(UNK)(UNK)(UNK)(UNK)(UNK)(UNK)(UNK)
(UNK)(UNK)(UNK)(UNK)(UNK)(UNK)(UNK)(UNK)(UNK)(UNK)(UNK)(UNK)(UNK)(UNK)(UNK)(UNK)
(UNK)(UNK)(UNK)(UNK)(UNK)(UNK)(UNK)(UNK)(UNK)(UNK)(UNK)(UNK)(UNK)(UNK)(UNK)(UNK)
(UNK)
;
6
57 'polypeptide(L)'
;(UNK)(UNK)(UNK)(UNK)(UNK)(UNK)(UNK)(UNK)(UNK)(UNK)(UNK)(UNK)(UNK)(UNK)(UNK)(UNK)
(UNK)(UNK)(UNK)(UNK)(UNK)(UNK)(UNK)(UNK)(UNK)
;
7
58 'polypeptide(L)'
;(UNK)(UNK)(UNK)(UNK)(UNK)(UNK)(UNK)(UNK)(UNK)(UNK)(UNK)(UNK)(UNK)(UNK)(UNK)(UNK)
(UNK)(UNK)(UNK)(UNK)(UNK)(UNK)(UNK)(UNK)(UNK)(UNK)(UNK)(UNK)(UNK)(UNK)(UNK)(UNK)
(UNK)(UNK)(UNK)(UNK)(UNK)(UNK)(UNK)(UNK)(UNK)(UNK)(UNK)(UNK)(UNK)(UNK)(UNK)(UNK)
(UNK)(UNK)(UNK)(UNK)(UNK)(UNK)(UNK)(UNK)(UNK)(UNK)(UNK)(UNK)(UNK)(UNK)(UNK)(UNK)
(UNK)(UNK)(UNK)(UNK)(UNK)(UNK)(UNK)(UNK)(UNK)(UNK)(UNK)(UNK)(UNK)(UNK)(UNK)(UNK)
;
8
#
# COMPACT_ATOMS: atom_id res chain seq x y z
N GLY A 1 22.67 -40.96 -6.33
CA GLY A 1 22.30 -39.82 -7.22
C GLY A 1 21.94 -40.18 -8.64
N ARG A 2 22.90 -40.05 -9.54
CA ARG A 2 22.63 -40.20 -10.97
C ARG A 2 22.63 -41.65 -11.43
N VAL A 3 22.02 -41.85 -12.59
CA VAL A 3 22.14 -43.07 -13.37
C VAL A 3 23.48 -42.98 -14.08
N ILE A 4 24.34 -43.99 -13.89
CA ILE A 4 25.71 -43.84 -14.36
C ILE A 4 25.85 -44.21 -15.84
N ARG A 5 26.79 -43.55 -16.53
CA ARG A 5 27.20 -43.99 -17.86
C ARG A 5 27.50 -45.46 -17.73
N GLY A 6 26.83 -46.27 -18.51
CA GLY A 6 26.89 -47.71 -18.32
C GLY A 6 25.49 -48.21 -18.13
N GLN A 7 24.80 -47.73 -17.10
CA GLN A 7 23.37 -47.95 -17.01
C GLN A 7 22.70 -47.34 -18.23
N ARG A 8 23.26 -46.24 -18.75
CA ARG A 8 22.63 -45.49 -19.84
C ARG A 8 22.76 -46.16 -21.21
N LYS A 9 23.79 -46.99 -21.39
CA LYS A 9 24.00 -47.65 -22.67
C LYS A 9 22.91 -48.67 -23.01
N GLY A 10 22.26 -49.19 -21.97
CA GLY A 10 21.12 -50.10 -22.14
C GLY A 10 19.91 -49.49 -22.79
N ALA A 11 19.66 -48.20 -22.53
CA ALA A 11 18.52 -47.54 -23.17
C ALA A 11 18.70 -47.26 -24.67
N GLY A 12 19.85 -47.61 -25.24
CA GLY A 12 20.12 -47.35 -26.63
C GLY A 12 20.32 -45.86 -26.84
N SER A 13 19.32 -45.23 -27.46
CA SER A 13 19.36 -43.80 -27.76
C SER A 13 20.67 -43.40 -28.47
N VAL A 14 21.60 -42.87 -27.71
CA VAL A 14 22.83 -42.32 -28.25
C VAL A 14 23.84 -43.45 -28.43
N PHE A 15 23.72 -44.51 -27.62
CA PHE A 15 24.69 -45.59 -27.59
C PHE A 15 24.32 -46.77 -28.49
N ARG A 16 23.28 -46.61 -29.30
CA ARG A 16 22.99 -47.59 -30.34
C ARG A 16 24.14 -47.64 -31.34
N ALA A 17 24.20 -48.75 -32.07
CA ALA A 17 25.21 -48.97 -33.09
C ALA A 17 24.99 -48.13 -34.35
N HIS A 18 26.09 -47.69 -34.95
CA HIS A 18 26.08 -46.95 -36.21
C HIS A 18 26.13 -47.97 -37.33
N VAL A 19 25.10 -47.98 -38.17
CA VAL A 19 24.96 -49.06 -39.14
C VAL A 19 24.43 -48.61 -40.52
N LYS A 20 24.64 -47.34 -40.89
CA LYS A 20 24.21 -46.89 -42.22
C LYS A 20 25.00 -47.63 -43.28
N HIS A 21 26.32 -47.45 -43.23
CA HIS A 21 27.21 -47.88 -44.30
C HIS A 21 27.62 -49.35 -44.22
N ARG A 22 27.20 -50.04 -43.16
CA ARG A 22 27.44 -51.48 -43.05
C ARG A 22 26.77 -52.24 -44.19
N LYS A 23 27.52 -53.17 -44.77
CA LYS A 23 27.15 -53.79 -46.04
C LYS A 23 26.16 -54.93 -45.90
N GLY A 24 25.76 -55.25 -44.67
CA GLY A 24 24.88 -56.37 -44.43
C GLY A 24 25.46 -57.24 -43.35
N ALA A 25 24.65 -58.21 -42.94
CA ALA A 25 25.11 -59.28 -42.06
C ALA A 25 26.02 -60.21 -42.83
N ALA A 26 26.81 -60.98 -42.09
CA ALA A 26 27.90 -61.77 -42.67
C ALA A 26 27.65 -63.25 -42.44
N ARG A 27 26.53 -63.73 -42.94
CA ARG A 27 26.01 -65.02 -42.54
C ARG A 27 26.71 -66.15 -43.30
N LEU A 28 26.23 -67.36 -43.07
CA LEU A 28 26.43 -68.49 -43.98
C LEU A 28 25.16 -68.70 -44.81
N ARG A 29 25.31 -69.55 -45.82
CA ARG A 29 24.21 -69.95 -46.67
C ARG A 29 23.23 -70.76 -45.81
N ALA A 30 21.93 -70.63 -46.03
CA ALA A 30 20.95 -71.44 -45.27
C ALA A 30 20.91 -72.87 -45.80
N VAL A 31 20.70 -73.83 -44.90
CA VAL A 31 20.67 -75.25 -45.28
C VAL A 31 19.47 -75.59 -46.15
N ASP A 32 19.67 -76.61 -46.97
CA ASP A 32 18.66 -77.09 -47.91
C ASP A 32 19.16 -78.40 -48.44
N PHE A 33 18.31 -79.08 -49.19
CA PHE A 33 18.64 -80.36 -49.81
C PHE A 33 20.03 -80.45 -50.40
N ALA A 34 20.39 -79.44 -51.19
CA ALA A 34 21.69 -79.40 -51.87
C ALA A 34 22.86 -79.36 -50.89
N GLU A 35 22.80 -78.41 -49.95
CA GLU A 35 23.79 -78.32 -48.87
C GLU A 35 23.80 -79.59 -48.03
N ARG A 36 22.61 -80.04 -47.68
CA ARG A 36 22.43 -81.17 -46.78
C ARG A 36 22.98 -82.46 -47.35
N HIS A 37 22.77 -82.68 -48.65
CA HIS A 37 23.03 -83.98 -49.26
C HIS A 37 24.20 -84.00 -50.22
N GLY A 38 24.39 -82.93 -50.97
CA GLY A 38 25.48 -82.83 -51.93
C GLY A 38 26.40 -81.67 -51.63
N TYR A 39 26.57 -80.80 -52.62
CA TYR A 39 27.31 -79.56 -52.46
C TYR A 39 26.87 -78.59 -53.54
N ILE A 40 26.47 -77.41 -53.13
CA ILE A 40 26.14 -76.36 -54.07
C ILE A 40 27.41 -75.55 -54.34
N LYS A 41 27.61 -75.18 -55.62
CA LYS A 41 28.75 -74.37 -56.04
C LYS A 41 28.31 -72.93 -56.23
N GLY A 42 29.12 -72.00 -55.76
CA GLY A 42 28.90 -70.56 -56.01
C GLY A 42 30.21 -69.91 -56.34
N ILE A 43 30.15 -68.68 -56.86
CA ILE A 43 31.38 -67.94 -57.17
C ILE A 43 31.46 -66.65 -56.36
N VAL A 44 32.71 -66.31 -56.02
CA VAL A 44 33.03 -65.12 -55.26
C VAL A 44 33.07 -63.95 -56.23
N LYS A 45 32.03 -63.13 -56.20
CA LYS A 45 31.89 -62.06 -57.18
C LYS A 45 32.77 -60.89 -56.80
N ASP A 46 32.83 -60.59 -55.51
CA ASP A 46 33.79 -59.60 -54.98
C ASP A 46 34.12 -59.78 -53.51
N ILE A 47 35.16 -59.08 -53.08
CA ILE A 47 35.59 -59.01 -51.70
C ILE A 47 35.49 -57.55 -51.27
N ILE A 48 34.97 -57.34 -50.07
CA ILE A 48 34.32 -56.11 -49.67
C ILE A 48 34.89 -55.65 -48.34
N HIS A 49 34.74 -54.36 -48.02
CA HIS A 49 35.02 -53.84 -46.68
C HIS A 49 33.72 -53.47 -46.05
N ASP A 50 33.63 -53.70 -44.75
CA ASP A 50 32.39 -53.57 -44.01
C ASP A 50 32.71 -52.72 -42.80
N PRO A 51 32.22 -51.46 -42.77
CA PRO A 51 32.60 -50.58 -41.68
C PRO A 51 32.26 -51.09 -40.31
N GLY A 52 33.17 -50.85 -39.37
CA GLY A 52 33.09 -51.37 -38.02
C GLY A 52 33.46 -52.84 -37.86
N ARG A 53 34.15 -53.40 -38.86
CA ARG A 53 34.49 -54.81 -38.91
C ARG A 53 35.90 -54.95 -39.48
N GLY A 54 36.75 -55.73 -38.82
CA GLY A 54 38.12 -55.97 -39.27
C GLY A 54 38.26 -57.02 -40.36
N ALA A 55 37.36 -58.00 -40.33
CA ALA A 55 37.26 -59.01 -41.37
C ALA A 55 36.65 -58.41 -42.63
N PRO A 56 37.21 -58.75 -43.80
CA PRO A 56 36.55 -58.42 -45.05
C PRO A 56 35.58 -59.50 -45.41
N LEU A 57 34.55 -59.13 -46.17
CA LEU A 57 33.50 -60.05 -46.56
C LEU A 57 33.64 -60.47 -48.01
N ALA A 58 32.77 -61.37 -48.45
CA ALA A 58 32.79 -61.87 -49.80
C ALA A 58 31.38 -62.07 -50.32
N LYS A 59 31.00 -61.23 -51.28
CA LYS A 59 29.80 -61.45 -52.08
C LYS A 59 30.05 -62.74 -52.80
N VAL A 60 29.28 -63.75 -52.42
CA VAL A 60 29.31 -65.03 -53.08
C VAL A 60 27.94 -65.35 -53.60
N VAL A 61 27.87 -65.58 -54.92
CA VAL A 61 26.64 -65.76 -55.63
C VAL A 61 26.51 -67.20 -56.05
N PHE A 62 25.33 -67.76 -55.81
CA PHE A 62 24.98 -69.11 -56.18
C PHE A 62 23.84 -69.05 -57.18
N ARG A 63 23.24 -70.20 -57.48
CA ARG A 63 22.01 -70.28 -58.23
C ARG A 63 20.99 -70.96 -57.34
N ASP A 64 19.88 -70.27 -57.10
CA ASP A 64 18.74 -70.84 -56.38
C ASP A 64 18.32 -72.10 -57.15
N PRO A 65 18.19 -73.25 -56.45
CA PRO A 65 17.90 -74.50 -57.15
C PRO A 65 16.39 -74.84 -57.20
N TYR A 66 15.57 -73.86 -57.57
CA TYR A 66 14.10 -73.98 -57.56
C TYR A 66 13.46 -72.94 -58.45
N ARG A 67 13.94 -71.71 -58.31
CA ARG A 67 13.61 -70.63 -59.22
C ARG A 67 14.86 -70.26 -59.99
N PHE A 68 14.67 -69.96 -61.27
CA PHE A 68 15.69 -69.39 -62.11
C PHE A 68 16.00 -68.00 -61.57
N LYS A 69 17.07 -67.90 -60.79
CA LYS A 69 17.31 -66.74 -59.93
C LYS A 69 18.68 -66.87 -59.30
N LYS A 70 19.52 -65.85 -59.43
CA LYS A 70 20.86 -65.91 -58.85
C LYS A 70 20.90 -65.27 -57.47
N ARG A 71 20.70 -66.10 -56.45
CA ARG A 71 20.80 -65.68 -55.05
C ARG A 71 22.25 -65.40 -54.69
N THR A 72 22.44 -64.51 -53.72
CA THR A 72 23.79 -64.13 -53.28
C THR A 72 23.87 -64.02 -51.77
N GLU A 73 25.09 -64.12 -51.25
CA GLU A 73 25.35 -64.17 -49.82
C GLU A 73 26.49 -63.22 -49.44
N LEU A 74 26.67 -63.01 -48.13
CA LEU A 74 27.85 -62.36 -47.58
C LEU A 74 28.58 -63.30 -46.63
N PHE A 75 29.53 -64.06 -47.16
CA PHE A 75 30.45 -64.78 -46.31
C PHE A 75 31.50 -63.83 -45.78
N ILE A 76 31.95 -64.09 -44.55
CA ILE A 76 33.20 -63.53 -44.05
C ILE A 76 34.32 -64.21 -44.81
N ALA A 77 35.25 -63.41 -45.34
CA ALA A 77 36.30 -63.94 -46.20
C ALA A 77 37.31 -64.80 -45.43
N ALA A 78 37.39 -66.08 -45.79
CA ALA A 78 38.50 -66.96 -45.40
C ALA A 78 39.77 -66.42 -46.05
N GLU A 79 40.88 -66.40 -45.31
CA GLU A 79 42.09 -65.77 -45.84
C GLU A 79 42.68 -66.60 -46.97
N GLY A 80 42.89 -65.97 -48.12
CA GLY A 80 43.28 -66.66 -49.35
C GLY A 80 42.14 -66.87 -50.32
N ILE A 81 40.99 -66.28 -50.02
CA ILE A 81 39.86 -66.23 -50.95
C ILE A 81 40.21 -65.16 -51.94
N HIS A 82 39.67 -65.30 -53.14
CA HIS A 82 39.84 -64.26 -54.15
C HIS A 82 38.71 -64.34 -55.12
N THR A 83 38.61 -63.33 -55.97
CA THR A 83 37.49 -63.22 -56.89
C THR A 83 37.73 -64.13 -58.05
N GLY A 84 36.64 -64.49 -58.72
CA GLY A 84 36.68 -65.51 -59.76
C GLY A 84 37.10 -66.86 -59.23
N GLN A 85 36.81 -67.11 -57.97
CA GLN A 85 37.05 -68.41 -57.37
C GLN A 85 35.67 -68.97 -57.18
N PHE A 86 35.59 -70.29 -57.18
CA PHE A 86 34.36 -70.98 -56.84
C PHE A 86 34.42 -71.40 -55.39
N VAL A 87 33.26 -71.45 -54.75
CA VAL A 87 33.14 -71.71 -53.33
C VAL A 87 32.08 -72.77 -53.13
N TYR A 88 32.53 -74.00 -52.94
CA TYR A 88 31.63 -75.13 -52.90
C TYR A 88 31.18 -75.26 -51.47
N CYS A 89 29.95 -75.71 -51.26
CA CYS A 89 29.48 -75.93 -49.90
C CYS A 89 28.34 -76.92 -49.77
N GLY A 90 28.44 -77.72 -48.72
CA GLY A 90 27.53 -78.82 -48.45
C GLY A 90 28.25 -79.96 -47.75
N LYS A 91 27.56 -81.08 -47.61
CA LYS A 91 28.12 -82.27 -46.96
C LYS A 91 29.26 -82.81 -47.81
N LYS A 92 28.97 -83.02 -49.08
CA LYS A 92 29.95 -83.57 -50.03
C LYS A 92 30.88 -82.49 -50.60
N ALA A 93 31.21 -81.48 -49.78
CA ALA A 93 32.11 -80.43 -50.20
C ALA A 93 33.54 -80.88 -49.98
N GLN A 94 34.41 -80.44 -50.87
CA GLN A 94 35.81 -80.84 -50.90
C GLN A 94 36.53 -80.04 -49.82
N LEU A 95 37.44 -80.69 -49.09
CA LEU A 95 38.04 -80.07 -47.90
C LEU A 95 39.22 -79.18 -48.28
N ASN A 96 38.89 -78.07 -48.93
CA ASN A 96 39.86 -77.00 -49.24
C ASN A 96 39.33 -75.70 -48.65
N ILE A 97 40.11 -74.63 -48.78
CA ILE A 97 39.81 -73.38 -48.09
C ILE A 97 38.66 -72.61 -48.75
N GLY A 98 37.90 -71.89 -47.92
CA GLY A 98 36.76 -71.09 -48.38
C GLY A 98 35.73 -72.01 -48.96
N ASN A 99 35.28 -72.92 -48.12
CA ASN A 99 34.50 -74.07 -48.54
C ASN A 99 33.76 -74.51 -47.32
N VAL A 100 32.47 -74.20 -47.25
CA VAL A 100 31.75 -74.43 -46.01
C VAL A 100 31.17 -75.84 -45.98
N LEU A 101 31.59 -76.60 -44.97
CA LEU A 101 31.13 -77.95 -44.75
C LEU A 101 30.98 -78.27 -43.27
N PRO A 102 30.06 -79.20 -42.94
CA PRO A 102 29.81 -79.62 -41.56
C PRO A 102 31.05 -80.09 -40.84
N VAL A 103 31.15 -79.72 -39.58
CA VAL A 103 32.25 -80.09 -38.72
C VAL A 103 32.45 -81.59 -38.59
N GLY A 104 31.35 -82.34 -38.63
CA GLY A 104 31.39 -83.81 -38.58
C GLY A 104 32.14 -84.49 -39.70
N THR A 105 32.03 -83.92 -40.90
CA THR A 105 32.77 -84.42 -42.06
C THR A 105 34.25 -84.20 -41.87
N MET A 106 34.63 -82.94 -41.67
CA MET A 106 36.04 -82.57 -41.71
C MET A 106 36.85 -83.23 -40.63
N PRO A 107 38.10 -83.62 -40.96
CA PRO A 107 38.89 -84.43 -40.05
C PRO A 107 39.35 -83.66 -38.82
N GLU A 108 40.01 -84.35 -37.90
CA GLU A 108 40.55 -83.70 -36.72
C GLU A 108 41.72 -82.81 -37.11
N GLY A 109 41.96 -81.77 -36.31
CA GLY A 109 42.98 -80.77 -36.60
C GLY A 109 42.63 -79.81 -37.72
N THR A 110 41.36 -79.81 -38.13
CA THR A 110 40.93 -79.01 -39.26
C THR A 110 40.51 -77.64 -38.76
N ILE A 111 41.14 -76.63 -39.33
CA ILE A 111 40.98 -75.27 -38.91
C ILE A 111 39.76 -74.71 -39.62
N VAL A 112 38.84 -74.10 -38.87
CA VAL A 112 37.67 -73.46 -39.46
C VAL A 112 37.34 -72.12 -38.85
N CYS A 113 36.41 -71.42 -39.50
CA CYS A 113 35.83 -70.21 -38.95
C CYS A 113 34.38 -70.03 -39.42
N CYS A 114 33.74 -68.96 -38.94
CA CYS A 114 32.33 -68.71 -39.18
C CYS A 114 31.50 -69.96 -38.89
N LEU A 115 31.84 -70.59 -37.77
CA LEU A 115 31.38 -71.93 -37.43
C LEU A 115 30.05 -71.87 -36.69
N GLU A 116 29.09 -72.65 -37.16
CA GLU A 116 27.75 -72.62 -36.59
C GLU A 116 27.72 -73.15 -35.15
N GLU A 117 27.27 -72.33 -34.21
CA GLU A 117 27.19 -72.74 -32.80
C GLU A 117 26.08 -73.77 -32.62
N LYS A 118 24.97 -73.57 -33.32
CA LYS A 118 23.87 -74.51 -33.34
C LYS A 118 23.39 -74.71 -34.77
N PRO A 119 23.11 -75.97 -35.15
CA PRO A 119 22.86 -76.27 -36.56
C PRO A 119 21.79 -75.37 -37.18
N GLY A 120 22.10 -74.84 -38.36
CA GLY A 120 21.25 -73.89 -39.05
C GLY A 120 21.29 -72.43 -38.58
N ASP A 121 22.17 -72.08 -37.65
CA ASP A 121 22.21 -70.69 -37.16
C ASP A 121 22.79 -69.67 -38.14
N ARG A 122 23.50 -70.15 -39.16
CA ARG A 122 24.19 -69.32 -40.14
C ARG A 122 25.43 -68.56 -39.57
N GLY A 123 26.30 -69.28 -38.88
CA GLY A 123 27.70 -68.86 -38.69
C GLY A 123 27.96 -67.87 -37.56
N LYS A 124 28.27 -68.40 -36.38
CA LYS A 124 28.29 -67.61 -35.14
C LYS A 124 29.62 -67.52 -34.37
N LEU A 125 30.39 -68.61 -34.32
CA LEU A 125 31.65 -68.64 -33.58
C LEU A 125 32.77 -68.26 -34.52
N ALA A 126 33.82 -67.63 -33.99
CA ALA A 126 35.08 -67.43 -34.71
C ALA A 126 34.92 -66.75 -36.06
N ARG A 127 34.62 -65.46 -36.03
CA ARG A 127 34.33 -64.70 -37.26
C ARG A 127 34.82 -63.27 -37.15
N ALA A 128 35.98 -63.12 -36.51
CA ALA A 128 36.44 -61.83 -36.02
C ALA A 128 37.39 -61.17 -36.99
N SER A 129 38.62 -61.67 -37.09
CA SER A 129 39.56 -61.15 -38.09
C SER A 129 40.73 -62.08 -38.31
N GLY A 130 41.49 -62.38 -37.24
CA GLY A 130 42.59 -63.35 -37.32
C GLY A 130 42.26 -64.67 -36.66
N ASN A 131 40.98 -64.94 -36.49
CA ASN A 131 40.52 -65.95 -35.57
C ASN A 131 39.99 -67.18 -36.27
N TYR A 132 39.99 -68.28 -35.53
CA TYR A 132 39.51 -69.54 -36.03
C TYR A 132 39.31 -70.50 -34.89
N ALA A 133 38.61 -71.58 -35.20
CA ALA A 133 38.42 -72.69 -34.31
C ALA A 133 39.10 -73.89 -34.92
N THR A 134 39.37 -74.88 -34.07
CA THR A 134 39.91 -76.16 -34.52
C THR A 134 38.99 -77.28 -34.07
N VAL A 135 38.67 -78.15 -35.03
CA VAL A 135 37.85 -79.32 -34.75
C VAL A 135 38.76 -80.29 -34.02
N ILE A 136 38.40 -80.57 -32.78
CA ILE A 136 39.16 -81.48 -31.95
C ILE A 136 38.82 -82.90 -32.35
N SER A 137 37.62 -83.35 -31.96
CA SER A 137 37.33 -84.78 -31.91
C SER A 137 35.87 -85.07 -32.06
N HIS A 138 35.57 -86.20 -32.67
CA HIS A 138 34.21 -86.56 -33.00
C HIS A 138 33.73 -87.75 -32.19
N ASN A 139 32.46 -87.68 -31.79
CA ASN A 139 31.75 -88.82 -31.25
C ASN A 139 30.70 -89.23 -32.29
N PRO A 140 31.00 -90.27 -33.11
CA PRO A 140 30.10 -90.70 -34.19
C PRO A 140 28.65 -90.93 -33.77
N GLU A 141 28.44 -91.72 -32.71
CA GLU A 141 27.13 -91.77 -32.04
C GLU A 141 27.04 -90.58 -31.10
N THR A 142 25.81 -90.11 -30.87
CA THR A 142 25.50 -88.76 -30.37
C THR A 142 25.66 -87.67 -31.44
N LYS A 143 26.31 -87.99 -32.56
CA LYS A 143 26.46 -87.08 -33.70
C LYS A 143 27.08 -85.75 -33.25
N LYS A 144 28.06 -85.80 -32.35
CA LYS A 144 28.62 -84.60 -31.75
C LYS A 144 30.11 -84.47 -31.94
N THR A 145 30.57 -83.22 -31.94
CA THR A 145 31.96 -82.89 -32.17
C THR A 145 32.42 -81.90 -31.12
N ARG A 146 33.69 -82.03 -30.74
CA ARG A 146 34.33 -81.14 -29.79
C ARG A 146 35.15 -80.16 -30.58
N VAL A 147 35.06 -78.87 -30.24
CA VAL A 147 35.74 -77.82 -30.98
C VAL A 147 36.47 -76.89 -30.03
N LYS A 148 37.71 -76.53 -30.36
CA LYS A 148 38.48 -75.58 -29.55
C LYS A 148 38.33 -74.16 -30.09
N LEU A 149 37.70 -73.30 -29.30
CA LEU A 149 37.43 -71.92 -29.70
C LEU A 149 38.65 -71.05 -29.49
N PRO A 150 38.68 -69.87 -30.13
CA PRO A 150 39.80 -68.94 -29.93
C PRO A 150 40.01 -68.47 -28.49
N SER A 151 38.96 -68.43 -27.67
CA SER A 151 39.09 -68.06 -26.25
C SER A 151 39.86 -69.10 -25.46
N GLY A 152 39.90 -70.33 -25.98
CA GLY A 152 40.61 -71.42 -25.36
C GLY A 152 39.65 -72.54 -25.03
N SER A 153 38.44 -72.17 -24.61
CA SER A 153 37.39 -73.11 -24.27
C SER A 153 37.15 -74.18 -25.33
N LYS A 154 36.75 -75.36 -24.86
CA LYS A 154 36.60 -76.54 -25.71
C LYS A 154 35.15 -76.98 -25.70
N LYS A 155 34.38 -76.29 -26.54
CA LYS A 155 32.94 -76.43 -26.59
C LYS A 155 32.53 -77.66 -27.39
N VAL A 156 31.45 -78.28 -26.94
CA VAL A 156 30.83 -79.42 -27.62
C VAL A 156 29.74 -78.89 -28.55
N ILE A 157 29.57 -79.58 -29.67
CA ILE A 157 28.87 -79.06 -30.82
C ILE A 157 28.26 -80.24 -31.59
N SER A 158 27.13 -79.98 -32.25
CA SER A 158 26.51 -80.97 -33.13
C SER A 158 27.34 -81.15 -34.39
N SER A 159 27.61 -82.39 -34.76
CA SER A 159 28.42 -82.69 -35.92
C SER A 159 27.80 -82.19 -37.23
N ALA A 160 26.48 -82.00 -37.24
CA ALA A 160 25.80 -81.42 -38.39
C ALA A 160 26.17 -79.97 -38.68
N ASN A 161 26.53 -79.19 -37.66
CA ASN A 161 26.60 -77.74 -37.85
C ASN A 161 27.86 -77.31 -38.61
N ARG A 162 27.72 -76.34 -39.53
CA ARG A 162 28.74 -76.09 -40.55
C ARG A 162 29.75 -75.04 -40.14
N ALA A 163 30.81 -74.97 -40.94
CA ALA A 163 31.88 -74.02 -40.78
C ALA A 163 32.60 -73.84 -42.08
N VAL A 164 33.21 -72.68 -42.28
CA VAL A 164 34.05 -72.46 -43.45
C VAL A 164 35.47 -72.85 -43.09
N VAL A 165 36.09 -73.62 -43.97
CA VAL A 165 37.46 -74.06 -43.76
C VAL A 165 38.37 -72.86 -43.89
N GLY A 166 39.41 -72.83 -43.07
CA GLY A 166 40.40 -71.76 -43.09
C GLY A 166 40.12 -70.74 -42.02
N VAL A 167 41.08 -69.85 -41.84
CA VAL A 167 40.99 -68.77 -40.85
C VAL A 167 40.35 -67.54 -41.47
N VAL A 168 40.01 -66.58 -40.62
CA VAL A 168 39.39 -65.34 -41.06
C VAL A 168 40.48 -64.42 -41.61
N ALA A 169 40.09 -63.61 -42.60
CA ALA A 169 41.03 -62.71 -43.25
C ALA A 169 41.22 -61.41 -42.48
N GLY A 170 42.36 -60.79 -42.72
CA GLY A 170 42.72 -59.50 -42.12
C GLY A 170 43.37 -59.66 -40.75
N GLY A 171 44.13 -60.74 -40.58
CA GLY A 171 44.73 -61.05 -39.29
C GLY A 171 45.92 -60.18 -38.96
N GLY A 172 46.16 -60.01 -37.67
CA GLY A 172 47.26 -59.20 -37.15
C GLY A 172 46.98 -57.71 -37.20
N ARG A 173 45.71 -57.35 -37.34
CA ARG A 173 45.28 -55.97 -37.32
C ARG A 173 45.84 -55.25 -36.10
N ILE A 174 45.62 -55.85 -34.94
CA ILE A 174 46.04 -55.29 -33.63
C ILE A 174 47.55 -55.27 -33.32
N ASP A 175 48.40 -55.62 -34.28
CA ASP A 175 49.84 -55.45 -34.10
C ASP A 175 50.26 -54.00 -34.29
N LYS A 176 49.55 -53.27 -35.14
CA LYS A 176 49.86 -51.86 -35.38
C LYS A 176 49.42 -51.04 -34.19
N PRO A 177 50.32 -50.20 -33.66
CA PRO A 177 49.92 -49.18 -32.71
C PRO A 177 48.95 -48.23 -33.36
N ILE A 178 48.06 -47.65 -32.57
CA ILE A 178 47.15 -46.64 -33.08
C ILE A 178 47.86 -45.29 -33.20
N LEU A 179 48.68 -44.97 -32.20
CA LEU A 179 49.27 -43.64 -32.03
C LEU A 179 48.20 -42.55 -31.77
N LYS A 180 47.67 -41.94 -32.82
CA LYS A 180 46.89 -40.73 -32.66
C LYS A 180 45.53 -41.01 -32.03
N ALA A 181 45.17 -40.24 -31.01
CA ALA A 181 43.79 -40.22 -30.51
C ALA A 181 42.83 -40.15 -31.70
N GLY A 182 43.14 -39.28 -32.64
CA GLY A 182 42.37 -39.18 -33.87
C GLY A 182 42.12 -40.52 -34.51
N ARG A 183 43.16 -41.34 -34.57
CA ARG A 183 43.06 -42.68 -35.17
C ARG A 183 42.10 -43.56 -34.37
N ALA A 184 42.03 -43.35 -33.06
CA ALA A 184 41.04 -44.01 -32.22
C ALA A 184 39.65 -43.49 -32.52
N TYR A 185 39.51 -42.17 -32.49
CA TYR A 185 38.25 -41.53 -32.82
C TYR A 185 37.67 -42.11 -34.12
N HIS A 186 38.48 -42.19 -35.17
CA HIS A 186 38.03 -42.68 -36.47
C HIS A 186 37.66 -44.14 -36.50
N LYS A 187 38.24 -44.94 -35.62
CA LYS A 187 37.84 -46.34 -35.50
C LYS A 187 36.41 -46.46 -34.99
N TYR A 188 36.15 -45.89 -33.83
CA TYR A 188 34.87 -46.10 -33.14
C TYR A 188 33.70 -45.34 -33.74
N LYS A 189 33.99 -44.32 -34.55
CA LYS A 189 32.94 -43.54 -35.20
C LYS A 189 32.19 -44.39 -36.20
N ALA A 190 32.88 -45.29 -36.88
CA ALA A 190 32.22 -46.26 -37.75
C ALA A 190 31.64 -47.47 -37.00
N LYS A 191 31.50 -47.36 -35.67
CA LYS A 191 30.98 -48.43 -34.85
C LYS A 191 29.87 -47.90 -33.94
N ARG A 192 30.25 -47.27 -32.82
CA ARG A 192 29.29 -46.80 -31.83
C ARG A 192 29.93 -45.88 -30.83
N ASN A 193 29.07 -45.13 -30.16
CA ASN A 193 29.49 -44.12 -29.22
C ASN A 193 30.00 -44.79 -27.95
N CYS A 194 31.27 -45.16 -27.99
CA CYS A 194 31.93 -45.82 -26.87
C CYS A 194 33.30 -45.30 -26.58
N TRP A 195 33.78 -44.29 -27.32
CA TRP A 195 35.18 -43.90 -27.19
C TRP A 195 35.39 -42.93 -26.01
N PRO A 196 35.95 -41.74 -26.23
CA PRO A 196 36.83 -41.22 -25.18
C PRO A 196 36.21 -41.44 -23.82
N ARG A 197 36.82 -42.34 -23.05
CA ARG A 197 36.19 -42.97 -21.90
C ARG A 197 36.74 -42.33 -20.63
N VAL A 198 35.83 -41.90 -19.76
CA VAL A 198 36.21 -41.14 -18.58
C VAL A 198 36.22 -42.02 -17.33
N ARG A 199 37.30 -41.94 -16.56
CA ARG A 199 37.50 -42.89 -15.47
C ARG A 199 36.65 -42.46 -14.33
N GLY A 200 35.89 -43.42 -13.80
CA GLY A 200 34.99 -43.21 -12.67
C GLY A 200 35.63 -42.52 -11.50
N VAL A 201 36.93 -42.73 -11.32
CA VAL A 201 37.72 -41.95 -10.37
C VAL A 201 37.63 -40.42 -10.62
N ALA A 202 37.60 -40.02 -11.89
CA ALA A 202 37.42 -38.62 -12.30
C ALA A 202 36.10 -37.99 -11.88
N MET A 203 35.06 -38.80 -11.84
CA MET A 203 33.72 -38.31 -11.73
C MET A 203 33.42 -37.89 -10.31
N ASN A 204 32.38 -37.07 -10.16
CA ASN A 204 31.86 -36.72 -8.85
C ASN A 204 31.15 -37.96 -8.31
N PRO A 205 30.93 -38.03 -7.00
CA PRO A 205 30.41 -39.27 -6.47
C PRO A 205 28.92 -39.46 -6.66
N VAL A 206 28.27 -38.68 -7.52
CA VAL A 206 26.88 -38.90 -7.83
C VAL A 206 26.73 -39.72 -9.09
N GLU A 207 27.72 -39.66 -9.99
CA GLU A 207 27.64 -40.32 -11.28
C GLU A 207 28.47 -41.58 -11.37
N HIS A 208 29.16 -41.97 -10.30
CA HIS A 208 29.92 -43.20 -10.29
C HIS A 208 30.25 -43.57 -8.87
N PRO A 209 30.36 -44.87 -8.58
CA PRO A 209 30.62 -45.24 -7.19
C PRO A 209 32.04 -44.97 -6.72
N PHE A 210 32.99 -44.84 -7.64
CA PHE A 210 34.37 -44.48 -7.28
C PHE A 210 34.57 -42.99 -7.11
N GLY A 211 33.60 -42.19 -7.56
CA GLY A 211 33.74 -40.73 -7.60
C GLY A 211 33.97 -40.03 -6.27
N GLY A 212 34.12 -38.71 -6.33
CA GLY A 212 34.46 -37.91 -5.14
C GLY A 212 35.81 -38.25 -4.52
N GLY A 213 36.08 -37.61 -3.38
CA GLY A 213 37.37 -37.68 -2.68
C GLY A 213 38.16 -36.39 -2.94
N ASN A 214 39.07 -36.07 -2.02
CA ASN A 214 40.05 -35.00 -2.23
C ASN A 214 41.27 -35.49 -3.01
N HIS A 215 41.40 -36.81 -3.15
CA HIS A 215 42.41 -37.44 -4.00
C HIS A 215 41.70 -38.43 -4.90
N GLN A 216 42.03 -38.41 -6.19
CA GLN A 216 41.49 -39.39 -7.16
C GLN A 216 41.86 -40.82 -6.75
N HIS A 217 41.13 -41.37 -5.79
CA HIS A 217 41.31 -42.75 -5.37
C HIS A 217 40.00 -43.48 -5.48
N ILE A 218 40.03 -44.81 -5.37
CA ILE A 218 38.82 -45.59 -5.48
C ILE A 218 38.08 -45.57 -4.16
N GLY A 219 38.78 -45.84 -3.07
CA GLY A 219 38.18 -45.73 -1.74
C GLY A 219 37.59 -47.03 -1.23
N LYS A 220 36.94 -47.78 -2.10
CA LYS A 220 36.50 -49.14 -1.80
C LYS A 220 37.27 -50.11 -2.71
N PRO A 221 37.19 -51.42 -2.42
CA PRO A 221 37.75 -52.41 -3.34
C PRO A 221 37.11 -52.38 -4.71
N SER A 222 37.96 -52.36 -5.74
CA SER A 222 37.50 -52.31 -7.12
C SER A 222 37.02 -53.65 -7.68
N THR A 223 37.20 -54.75 -6.94
CA THR A 223 36.55 -56.01 -7.26
C THR A 223 35.16 -56.00 -6.69
N ILE A 224 34.26 -56.80 -7.24
CA ILE A 224 32.86 -56.72 -6.82
C ILE A 224 32.02 -57.96 -7.14
N ARG A 225 30.97 -58.18 -6.34
CA ARG A 225 30.04 -59.28 -6.52
C ARG A 225 29.49 -59.20 -7.92
N ARG A 226 28.98 -60.32 -8.44
CA ARG A 226 28.07 -60.21 -9.58
C ARG A 226 26.60 -60.38 -9.24
N ASP A 227 26.32 -60.66 -7.96
CA ASP A 227 25.01 -60.43 -7.38
C ASP A 227 25.01 -58.98 -6.93
N ALA A 228 25.13 -58.07 -7.89
CA ALA A 228 25.43 -56.67 -7.62
C ALA A 228 24.50 -55.80 -8.43
N PRO A 229 23.77 -54.88 -7.77
CA PRO A 229 22.76 -54.12 -8.50
C PRO A 229 23.43 -53.13 -9.46
N ALA A 230 22.84 -53.00 -10.64
CA ALA A 230 23.43 -52.23 -11.74
C ALA A 230 23.48 -50.74 -11.39
N GLY A 231 24.70 -50.22 -11.26
CA GLY A 231 24.92 -48.96 -10.54
C GLY A 231 26.09 -49.04 -9.58
N ARG A 232 26.32 -50.24 -9.03
CA ARG A 232 27.56 -50.57 -8.31
C ARG A 232 28.51 -51.45 -9.10
N LYS A 233 27.97 -52.34 -9.95
CA LYS A 233 28.76 -53.37 -10.65
C LYS A 233 29.67 -52.69 -11.66
N VAL A 234 30.87 -52.40 -11.19
CA VAL A 234 31.75 -51.39 -11.73
C VAL A 234 33.14 -51.81 -11.27
N GLY A 235 34.15 -51.62 -12.11
CA GLY A 235 35.49 -52.11 -11.79
C GLY A 235 35.72 -53.52 -12.31
N LEU A 236 35.97 -54.44 -11.40
CA LEU A 236 36.33 -55.81 -11.75
C LEU A 236 35.23 -56.73 -11.27
N ILE A 237 34.43 -57.22 -12.21
CA ILE A 237 33.22 -57.94 -11.88
C ILE A 237 33.57 -59.37 -11.61
N ALA A 238 33.15 -59.88 -10.45
CA ALA A 238 33.33 -61.28 -10.10
C ALA A 238 34.76 -61.77 -10.26
N ALA A 239 35.71 -60.87 -10.03
CA ALA A 239 37.11 -61.09 -10.36
C ALA A 239 37.70 -62.21 -9.53
N ARG A 240 37.95 -63.34 -10.18
CA ARG A 240 38.39 -64.53 -9.49
C ARG A 240 39.74 -64.32 -8.83
N ARG A 241 40.71 -63.87 -9.62
CA ARG A 241 41.98 -63.35 -9.13
C ARG A 241 42.07 -61.99 -9.76
N THR A 242 42.91 -61.11 -9.27
CA THR A 242 42.91 -59.74 -9.80
C THR A 242 44.25 -59.21 -10.37
N GLY A 243 45.38 -59.54 -9.77
CA GLY A 243 46.67 -58.94 -10.19
C GLY A 243 47.30 -59.34 -11.52
N ARG A 244 48.60 -59.09 -11.61
CA ARG A 244 49.45 -59.40 -12.77
C ARG A 244 49.58 -60.91 -13.04
N SER B 1 47.48 3.85 12.35
CA SER B 1 48.94 3.71 12.56
C SER B 1 49.70 4.89 12.00
N HIS B 2 50.91 5.07 12.51
CA HIS B 2 51.85 6.05 11.97
C HIS B 2 52.14 5.76 10.50
N ARG B 3 52.51 6.82 9.78
CA ARG B 3 53.00 6.71 8.41
C ARG B 3 54.35 6.06 8.53
N LYS B 4 54.67 5.09 7.66
CA LYS B 4 55.87 4.28 7.82
C LYS B 4 57.15 5.10 7.70
N PHE B 5 57.40 5.57 6.49
CA PHE B 5 58.66 6.20 6.16
C PHE B 5 58.38 7.67 6.09
N SER B 6 59.07 8.43 6.93
CA SER B 6 58.82 9.86 7.02
C SER B 6 59.25 10.57 5.74
N ALA B 7 58.67 11.75 5.57
CA ALA B 7 59.03 12.62 4.47
C ALA B 7 58.41 13.99 4.76
N PRO B 8 59.13 15.06 4.39
CA PRO B 8 58.61 16.40 4.61
C PRO B 8 57.45 16.69 3.68
N ARG B 9 56.53 17.52 4.16
CA ARG B 9 55.23 17.67 3.50
C ARG B 9 55.37 18.55 2.25
N HIS B 10 54.47 18.35 1.28
CA HIS B 10 54.54 19.09 0.01
C HIS B 10 53.91 20.47 0.10
N GLY B 11 54.64 21.49 -0.36
CA GLY B 11 54.13 22.86 -0.39
C GLY B 11 54.08 23.52 0.98
N SER B 12 54.03 24.85 1.00
CA SER B 12 53.98 25.61 2.25
C SER B 12 52.60 26.10 2.54
N LEU B 13 52.17 25.90 3.78
CA LEU B 13 50.97 26.52 4.29
C LEU B 13 51.13 28.03 4.43
N GLY B 14 52.36 28.54 4.55
CA GLY B 14 52.58 29.98 4.65
C GLY B 14 52.31 30.79 3.38
N PHE B 15 51.30 30.36 2.61
CA PHE B 15 51.03 30.91 1.30
C PHE B 15 49.62 30.63 0.83
N LEU B 16 48.65 30.55 1.74
CA LEU B 16 47.39 29.99 1.28
C LEU B 16 46.09 30.42 1.81
N PRO B 17 45.46 31.24 1.01
CA PRO B 17 44.44 30.62 0.21
C PRO B 17 45.06 30.70 -1.19
N ARG B 18 45.41 29.55 -1.77
CA ARG B 18 46.05 29.52 -3.09
C ARG B 18 45.02 29.84 -4.15
N LYS B 19 44.64 31.12 -4.13
CA LYS B 19 43.52 31.66 -4.88
C LYS B 19 44.08 32.71 -5.78
N ARG B 20 43.23 33.17 -6.67
CA ARG B 20 43.60 34.15 -7.65
C ARG B 20 43.64 35.48 -6.92
N SER B 21 44.77 36.19 -7.01
CA SER B 21 44.95 37.43 -6.25
C SER B 21 43.90 38.44 -6.64
N SER B 22 43.41 39.19 -5.65
CA SER B 22 42.43 40.24 -5.91
C SER B 22 43.08 41.30 -6.78
N ARG B 23 44.24 41.76 -6.35
CA ARG B 23 44.97 42.79 -7.06
C ARG B 23 45.69 42.21 -8.27
N HIS B 24 46.02 43.10 -9.21
CA HIS B 24 46.93 42.83 -10.31
C HIS B 24 48.27 43.48 -10.01
N ARG B 25 48.23 44.77 -9.70
CA ARG B 25 49.40 45.51 -9.23
C ARG B 25 49.72 45.03 -7.82
N GLY B 26 50.91 44.45 -7.66
CA GLY B 26 51.35 43.95 -6.36
C GLY B 26 51.51 45.03 -5.30
N LYS B 27 50.82 44.85 -4.18
CA LYS B 27 50.86 45.79 -3.06
C LYS B 27 52.18 45.70 -2.31
N VAL B 28 52.69 46.84 -1.87
CA VAL B 28 53.77 46.87 -0.89
C VAL B 28 53.14 46.69 0.50
N LYS B 29 53.30 45.49 1.04
CA LYS B 29 52.68 45.11 2.30
C LYS B 29 53.36 45.73 3.51
N SER B 30 54.63 46.10 3.37
CA SER B 30 55.32 46.92 4.37
C SER B 30 56.41 47.75 3.73
N PHE B 31 56.37 49.06 3.97
CA PHE B 31 57.50 49.92 3.63
C PHE B 31 58.52 49.81 4.74
N PRO B 32 59.79 50.12 4.44
CA PRO B 32 60.82 50.15 5.49
C PRO B 32 60.55 51.16 6.60
N LYS B 33 61.18 50.96 7.75
CA LYS B 33 61.04 51.89 8.88
C LYS B 33 61.81 53.17 8.60
N ASP B 34 61.07 54.27 8.47
CA ASP B 34 61.69 55.58 8.34
C ASP B 34 62.41 55.95 9.63
N ASP B 35 63.72 55.73 9.66
CA ASP B 35 64.50 56.35 10.69
C ASP B 35 64.28 57.83 10.45
N PRO B 36 64.02 58.59 11.58
CA PRO B 36 64.12 60.03 11.32
C PRO B 36 65.54 60.42 11.58
N SER B 37 66.27 60.65 10.49
CA SER B 37 67.63 61.18 10.58
C SER B 37 68.22 61.43 9.21
N LYS B 38 68.38 60.36 8.43
CA LYS B 38 68.80 60.44 7.03
C LYS B 38 67.78 61.25 6.22
N PRO B 39 68.18 61.80 5.05
CA PRO B 39 67.31 62.75 4.38
C PRO B 39 66.12 62.06 3.74
N VAL B 40 65.20 62.83 3.19
CA VAL B 40 63.98 62.27 2.61
C VAL B 40 64.23 61.54 1.29
N HIS B 41 63.37 60.57 1.02
CA HIS B 41 63.44 59.79 -0.23
C HIS B 41 62.18 59.00 -0.46
N LEU B 42 62.05 58.49 -1.68
CA LEU B 42 61.03 57.51 -2.02
C LEU B 42 61.57 56.11 -1.78
N THR B 43 60.67 55.22 -1.36
CA THR B 43 61.01 53.86 -0.95
C THR B 43 60.66 52.82 -1.99
N ALA B 44 59.88 53.22 -3.00
CA ALA B 44 59.31 52.28 -3.95
C ALA B 44 59.25 52.88 -5.34
N PHE B 45 59.10 52.00 -6.32
CA PHE B 45 58.90 52.41 -7.69
C PHE B 45 58.01 51.40 -8.37
N LEU B 46 57.54 51.73 -9.57
CA LEU B 46 56.63 50.89 -10.31
C LEU B 46 57.16 50.72 -11.74
N GLY B 47 57.69 49.53 -12.03
CA GLY B 47 58.24 49.23 -13.34
C GLY B 47 57.40 48.26 -14.14
N TYR B 48 57.98 47.73 -15.21
CA TYR B 48 57.31 46.73 -16.05
C TYR B 48 58.28 45.69 -16.56
N LYS B 49 57.94 44.41 -16.38
CA LYS B 49 58.79 43.29 -16.83
C LYS B 49 58.80 43.19 -18.35
N ALA B 50 59.84 43.74 -18.97
CA ALA B 50 59.99 43.70 -20.43
C ALA B 50 60.61 42.39 -20.90
N GLY B 51 61.71 41.97 -20.27
CA GLY B 51 62.33 40.69 -20.60
C GLY B 51 63.65 40.36 -19.95
N MET B 52 64.09 39.12 -20.15
CA MET B 52 65.31 38.57 -19.55
C MET B 52 66.53 38.80 -20.46
N THR B 53 67.69 38.25 -20.07
CA THR B 53 68.88 38.06 -20.94
C THR B 53 70.14 37.65 -20.12
N HIS B 54 71.29 37.51 -20.78
CA HIS B 54 72.57 37.33 -20.07
C HIS B 54 73.19 38.62 -19.61
N ILE B 55 74.22 38.42 -18.81
CA ILE B 55 75.26 39.37 -18.57
C ILE B 55 76.50 38.51 -18.54
N VAL B 56 77.66 39.15 -18.50
CA VAL B 56 78.91 38.47 -18.18
C VAL B 56 79.55 39.38 -17.17
N ARG B 57 80.19 38.82 -16.15
CA ARG B 57 80.94 39.66 -15.25
C ARG B 57 82.08 38.97 -14.53
N GLU B 58 83.13 39.75 -14.26
CA GLU B 58 84.15 39.38 -13.30
C GLU B 58 83.52 39.41 -11.93
N VAL B 59 83.77 38.38 -11.15
CA VAL B 59 83.22 38.27 -9.80
C VAL B 59 84.35 38.49 -8.82
N ASP B 60 84.04 39.16 -7.71
CA ASP B 60 85.02 39.43 -6.68
C ASP B 60 84.46 39.03 -5.30
N ARG B 61 84.32 37.72 -5.10
CA ARG B 61 84.22 37.15 -3.75
C ARG B 61 85.46 36.27 -3.53
N PRO B 62 86.47 36.82 -2.82
CA PRO B 62 87.68 36.06 -2.52
C PRO B 62 87.42 34.88 -1.62
N GLY B 63 88.00 33.74 -1.99
CA GLY B 63 87.75 32.48 -1.30
C GLY B 63 87.11 31.50 -2.26
N SER B 64 86.08 31.97 -2.97
CA SER B 64 85.38 31.16 -3.94
C SER B 64 86.32 30.61 -4.99
N LYS B 65 85.89 29.55 -5.64
CA LYS B 65 86.63 29.02 -6.78
C LYS B 65 86.48 29.96 -7.97
N VAL B 66 85.37 30.71 -8.00
CA VAL B 66 85.05 31.63 -9.08
C VAL B 66 85.60 33.06 -8.87
N ASN B 67 86.56 33.23 -7.96
CA ASN B 67 87.17 34.54 -7.73
C ASN B 67 88.02 34.97 -8.91
N LYS B 68 87.71 36.15 -9.44
CA LYS B 68 88.37 36.72 -10.62
C LYS B 68 88.15 35.86 -11.87
N LYS B 69 86.97 35.23 -11.95
CA LYS B 69 86.59 34.40 -13.08
C LYS B 69 85.29 34.94 -13.66
N GLU B 70 85.28 35.16 -14.98
CA GLU B 70 84.10 35.72 -15.63
C GLU B 70 83.00 34.69 -15.66
N VAL B 71 81.94 34.94 -14.89
CA VAL B 71 80.73 34.13 -14.97
C VAL B 71 79.73 34.80 -15.88
N VAL B 72 78.76 34.04 -16.37
CA VAL B 72 77.57 34.63 -16.96
C VAL B 72 76.48 34.56 -15.93
N GLU B 73 75.36 35.20 -16.23
CA GLU B 73 74.35 35.50 -15.22
C GLU B 73 73.10 35.95 -15.94
N ALA B 74 71.94 35.44 -15.55
CA ALA B 74 70.69 35.92 -16.14
C ALA B 74 70.28 37.20 -15.44
N VAL B 75 69.43 37.97 -16.11
CA VAL B 75 68.98 39.27 -15.60
C VAL B 75 67.59 39.61 -16.13
N THR B 76 66.79 40.35 -15.36
CA THR B 76 65.53 40.90 -15.90
C THR B 76 65.72 42.37 -16.18
N ILE B 77 65.19 42.80 -17.32
CA ILE B 77 65.04 44.19 -17.67
C ILE B 77 63.67 44.58 -17.19
N VAL B 78 63.60 45.55 -16.29
CA VAL B 78 62.34 46.13 -15.86
C VAL B 78 62.28 47.54 -16.43
N GLU B 79 61.57 47.72 -17.54
CA GLU B 79 61.45 49.04 -18.15
C GLU B 79 60.67 49.91 -17.17
N THR B 80 61.29 51.04 -16.81
CA THR B 80 60.83 51.88 -15.70
C THR B 80 60.84 53.36 -16.13
N PRO B 81 59.85 53.78 -16.95
CA PRO B 81 59.79 55.19 -17.30
C PRO B 81 59.30 55.99 -16.10
N PRO B 82 59.79 57.23 -15.96
CA PRO B 82 59.60 58.01 -14.72
C PRO B 82 58.14 58.18 -14.33
N MET B 83 57.87 58.16 -13.02
CA MET B 83 56.51 58.33 -12.49
C MET B 83 56.22 59.80 -12.25
N VAL B 84 54.94 60.14 -12.17
CA VAL B 84 54.53 61.51 -11.89
C VAL B 84 53.79 61.54 -10.57
N VAL B 85 54.28 62.37 -9.67
CA VAL B 85 53.64 62.58 -8.38
C VAL B 85 52.44 63.46 -8.64
N VAL B 86 51.28 62.99 -8.21
CA VAL B 86 50.02 63.71 -8.38
C VAL B 86 49.25 63.82 -7.07
N GLY B 87 49.92 63.57 -5.96
CA GLY B 87 49.25 63.55 -4.69
C GLY B 87 50.13 63.20 -3.53
N ILE B 88 49.63 63.52 -2.36
CA ILE B 88 50.19 63.11 -1.09
C ILE B 88 48.98 62.67 -0.28
N VAL B 89 49.23 61.94 0.79
CA VAL B 89 48.14 61.42 1.60
C VAL B 89 48.65 61.09 2.99
N GLY B 90 48.17 61.86 3.95
CA GLY B 90 48.62 61.77 5.32
C GLY B 90 47.93 60.66 6.07
N TYR B 91 48.69 60.02 6.96
CA TYR B 91 48.20 58.98 7.82
C TYR B 91 48.45 59.37 9.27
N VAL B 92 47.67 58.79 10.17
CA VAL B 92 47.85 59.01 11.60
C VAL B 92 47.77 57.67 12.33
N GLU B 93 48.63 57.49 13.34
CA GLU B 93 48.61 56.28 14.15
C GLU B 93 47.39 56.32 15.05
N THR B 94 46.81 55.14 15.26
CA THR B 94 45.72 54.96 16.21
C THR B 94 45.99 53.64 16.90
N PRO B 95 45.31 53.37 18.03
CA PRO B 95 45.37 52.02 18.53
C PRO B 95 44.63 51.04 17.62
N ARG B 96 43.69 51.52 16.81
CA ARG B 96 43.03 50.64 15.85
C ARG B 96 43.98 50.25 14.72
N GLY B 97 44.87 51.16 14.34
CA GLY B 97 45.79 50.90 13.23
C GLY B 97 46.52 52.13 12.73
N LEU B 98 46.20 52.55 11.51
CA LEU B 98 46.95 53.60 10.82
C LEU B 98 46.03 54.30 9.83
N ARG B 99 45.15 55.13 10.37
CA ARG B 99 44.06 55.72 9.59
C ARG B 99 44.58 56.70 8.56
N THR B 100 44.10 56.60 7.32
CA THR B 100 44.33 57.69 6.35
C THR B 100 43.57 58.92 6.83
N PHE B 101 44.24 60.06 6.75
CA PHE B 101 43.85 61.29 7.47
C PHE B 101 43.41 62.42 6.54
N LYS B 102 44.17 62.62 5.46
CA LYS B 102 43.92 63.72 4.53
C LYS B 102 44.67 63.47 3.23
N THR B 103 43.94 63.52 2.11
CA THR B 103 44.52 63.34 0.79
C THR B 103 44.45 64.65 0.04
N VAL B 104 45.61 65.23 -0.27
CA VAL B 104 45.67 66.39 -1.13
C VAL B 104 46.17 65.95 -2.48
N PHE B 105 45.35 66.20 -3.49
CA PHE B 105 45.73 65.92 -4.86
C PHE B 105 46.32 67.16 -5.49
N ALA B 106 47.13 66.93 -6.51
CA ALA B 106 47.73 68.01 -7.27
C ALA B 106 46.66 68.81 -8.04
N GLU B 107 47.08 69.86 -8.76
CA GLU B 107 46.15 70.58 -9.64
C GLU B 107 45.89 69.78 -10.91
N HIS B 108 46.86 69.75 -11.80
CA HIS B 108 46.67 69.16 -13.11
C HIS B 108 46.93 67.67 -12.99
N ILE B 109 46.10 66.87 -13.64
CA ILE B 109 46.24 65.43 -13.66
C ILE B 109 46.04 64.94 -15.11
N SER B 110 46.99 64.14 -15.58
CA SER B 110 46.97 63.60 -16.95
C SER B 110 45.77 62.72 -17.24
N ASP B 111 45.43 62.61 -18.52
CA ASP B 111 44.47 61.61 -18.97
C ASP B 111 45.04 60.20 -18.84
N GLU B 112 46.36 60.05 -18.82
CA GLU B 112 47.00 58.79 -18.41
C GLU B 112 46.46 58.33 -17.07
N CYS B 113 46.44 59.27 -16.12
CA CYS B 113 46.03 59.00 -14.75
C CYS B 113 44.52 58.95 -14.66
N LYS B 114 43.86 59.98 -15.20
CA LYS B 114 42.39 60.09 -15.16
C LYS B 114 41.70 58.85 -15.72
N ARG B 115 42.29 58.24 -16.73
CA ARG B 115 41.85 56.94 -17.23
C ARG B 115 41.47 56.02 -16.07
N ARG B 116 42.41 55.84 -15.14
CA ARG B 116 42.24 54.89 -14.02
C ARG B 116 40.92 55.03 -13.31
N PHE B 117 40.44 56.26 -13.17
CA PHE B 117 39.27 56.53 -12.34
C PHE B 117 37.92 56.14 -12.95
N TYR B 118 37.89 55.81 -14.25
CA TYR B 118 36.68 55.32 -14.93
C TYR B 118 36.86 53.88 -15.42
N LYS B 119 35.85 53.04 -15.21
CA LYS B 119 35.79 51.72 -15.82
C LYS B 119 35.57 51.76 -17.33
N ASN B 120 34.97 52.82 -17.85
CA ASN B 120 34.80 52.97 -19.31
C ASN B 120 34.96 54.43 -19.71
N TRP B 121 36.12 54.71 -20.29
CA TRP B 121 36.55 56.07 -20.62
C TRP B 121 35.89 56.55 -21.88
N HIS B 122 35.81 55.66 -22.88
CA HIS B 122 35.07 55.95 -24.10
C HIS B 122 33.69 56.52 -23.82
N LYS B 123 33.02 55.95 -22.83
CA LYS B 123 31.64 56.29 -22.51
C LYS B 123 31.50 57.46 -21.51
N SER B 124 32.54 57.74 -20.73
CA SER B 124 32.52 58.85 -19.78
C SER B 124 32.63 60.20 -20.47
N LYS B 125 32.30 61.25 -19.72
CA LYS B 125 32.54 62.62 -20.14
C LYS B 125 33.83 63.17 -19.52
N LYS B 126 34.51 62.33 -18.73
CA LYS B 126 35.85 62.60 -18.24
C LYS B 126 35.82 63.80 -17.30
N LYS B 127 34.92 63.71 -16.31
CA LYS B 127 34.57 64.80 -15.42
C LYS B 127 35.20 64.70 -14.03
N ALA B 128 36.25 63.88 -13.87
CA ALA B 128 36.87 63.65 -12.55
C ALA B 128 37.77 64.81 -12.16
N PHE B 129 37.91 65.02 -10.85
CA PHE B 129 38.72 66.12 -10.30
C PHE B 129 38.48 67.45 -11.03
N THR B 130 37.23 67.68 -11.42
CA THR B 130 36.89 68.85 -12.21
C THR B 130 36.49 69.96 -11.28
N LYS B 131 35.61 69.64 -10.35
CA LYS B 131 35.29 70.57 -9.27
C LYS B 131 36.40 70.62 -8.22
N TYR B 132 37.30 69.64 -8.22
CA TYR B 132 38.46 69.68 -7.35
C TYR B 132 39.39 70.81 -7.74
N CYS B 133 39.85 70.79 -8.99
CA CYS B 133 40.89 71.72 -9.46
C CYS B 133 40.51 73.20 -9.40
N LYS B 134 39.20 73.49 -9.30
CA LYS B 134 38.73 74.84 -8.92
C LYS B 134 39.38 75.38 -7.65
N LYS B 135 39.62 74.50 -6.67
CA LYS B 135 40.30 74.89 -5.41
C LYS B 135 41.64 75.56 -5.62
N TRP B 136 42.43 75.06 -6.57
CA TRP B 136 43.81 75.53 -6.74
C TRP B 136 43.96 76.94 -7.36
N GLN B 137 42.86 77.62 -7.70
CA GLN B 137 42.93 79.02 -8.12
C GLN B 137 41.81 79.90 -7.54
N ASP B 138 41.89 80.11 -6.24
CA ASP B 138 41.14 81.16 -5.53
C ASP B 138 41.71 81.37 -4.13
N ASP B 139 41.24 82.39 -3.43
CA ASP B 139 41.66 82.65 -2.05
C ASP B 139 41.16 81.56 -1.11
N ALA B 140 39.86 81.23 -1.23
CA ALA B 140 39.20 80.27 -0.35
C ALA B 140 39.85 78.89 -0.40
N GLY B 141 39.99 78.36 -1.61
CA GLY B 141 40.53 77.02 -1.81
C GLY B 141 41.98 76.91 -1.37
N LYS B 142 42.82 77.79 -1.92
CA LYS B 142 44.24 77.81 -1.57
C LYS B 142 44.48 77.89 -0.06
N ARG B 143 43.64 78.66 0.62
CA ARG B 143 43.69 78.76 2.09
C ARG B 143 43.32 77.44 2.75
N GLN B 144 42.22 76.82 2.30
CA GLN B 144 41.80 75.52 2.83
C GLN B 144 42.85 74.45 2.58
N LEU B 145 43.40 74.43 1.36
CA LEU B 145 44.56 73.60 1.01
C LEU B 145 45.70 73.75 2.03
N ASP B 146 46.07 74.99 2.33
CA ASP B 146 47.16 75.29 3.27
C ASP B 146 46.85 74.79 4.67
N LYS B 147 45.60 75.00 5.11
CA LYS B 147 45.12 74.50 6.39
C LYS B 147 45.12 72.97 6.46
N ASP B 148 44.79 72.31 5.34
CA ASP B 148 44.89 70.85 5.23
C ASP B 148 46.33 70.39 5.40
N PHE B 149 47.24 71.03 4.68
CA PHE B 149 48.68 70.74 4.82
C PHE B 149 49.20 71.04 6.21
N SER B 150 48.71 72.11 6.80
CA SER B 150 49.08 72.44 8.17
C SER B 150 48.60 71.38 9.14
N SER B 151 47.34 70.96 8.98
CA SER B 151 46.77 69.90 9.81
C SER B 151 47.61 68.63 9.73
N MET B 152 47.97 68.24 8.50
CA MET B 152 48.86 67.10 8.28
C MET B 152 50.20 67.26 8.97
N LYS B 153 50.71 68.48 8.97
CA LYS B 153 51.90 68.81 9.73
C LYS B 153 51.68 68.61 11.23
N LYS B 154 50.54 69.06 11.75
CA LYS B 154 50.26 68.88 13.18
C LYS B 154 50.14 67.42 13.57
N TYR B 155 49.40 66.66 12.78
CA TYR B 155 48.80 65.41 13.27
C TYR B 155 49.46 64.18 12.69
N CYS B 156 49.69 64.20 11.39
CA CYS B 156 50.15 63.01 10.68
C CYS B 156 51.53 62.53 11.10
N GLN B 157 51.80 61.28 10.78
CA GLN B 157 53.04 60.61 11.14
C GLN B 157 53.67 60.02 9.88
N VAL B 158 52.92 59.17 9.21
CA VAL B 158 53.34 58.56 7.97
C VAL B 158 52.80 59.44 6.86
N ILE B 159 53.64 59.67 5.86
CA ILE B 159 53.24 60.39 4.65
C ILE B 159 53.61 59.53 3.46
N ARG B 160 52.62 59.29 2.61
CA ARG B 160 52.85 58.63 1.35
C ARG B 160 52.50 59.60 0.25
N VAL B 161 53.36 59.61 -0.76
CA VAL B 161 53.10 60.33 -1.98
C VAL B 161 52.24 59.38 -2.79
N LEU B 162 51.43 59.94 -3.67
CA LEU B 162 50.73 59.18 -4.67
C LEU B 162 51.41 59.59 -5.96
N ALA B 163 51.92 58.60 -6.67
CA ALA B 163 52.41 58.81 -8.01
C ALA B 163 51.73 57.84 -8.94
N HIS B 164 52.03 57.99 -10.22
CA HIS B 164 51.52 57.09 -11.23
C HIS B 164 52.44 57.00 -12.40
N THR B 165 52.22 55.96 -13.20
CA THR B 165 53.10 55.65 -14.31
C THR B 165 52.84 56.57 -15.49
N GLN B 166 53.74 56.47 -16.46
CA GLN B 166 53.67 57.25 -17.67
C GLN B 166 53.39 56.24 -18.78
N MET B 167 52.16 55.75 -18.77
CA MET B 167 51.73 54.67 -19.66
C MET B 167 51.93 55.04 -21.13
N ARG B 168 51.82 56.34 -21.41
CA ARG B 168 52.21 56.98 -22.66
C ARG B 168 53.50 56.49 -23.33
N LEU B 169 54.55 56.31 -22.53
CA LEU B 169 55.91 56.07 -23.03
C LEU B 169 56.28 54.61 -23.25
N LEU B 170 55.29 53.71 -23.13
CA LEU B 170 55.55 52.28 -23.16
C LEU B 170 55.06 51.65 -24.47
N PRO B 171 55.55 50.43 -24.77
CA PRO B 171 55.06 49.68 -25.91
C PRO B 171 53.80 48.87 -25.61
N LEU B 172 53.33 48.91 -24.36
CA LEU B 172 52.08 48.25 -23.96
C LEU B 172 50.85 48.83 -24.65
N ARG B 173 49.80 48.02 -24.69
CA ARG B 173 48.52 48.42 -25.25
C ARG B 173 47.86 49.46 -24.38
N GLN B 174 47.85 49.23 -23.08
CA GLN B 174 47.04 50.04 -22.18
C GLN B 174 47.52 51.48 -22.03
N LYS B 175 46.57 52.37 -21.85
CA LYS B 175 46.78 53.79 -21.60
C LYS B 175 46.50 54.16 -20.13
N LYS B 176 45.75 53.31 -19.44
CA LYS B 176 45.26 53.57 -18.11
C LYS B 176 46.40 53.38 -17.15
N ALA B 177 46.97 54.49 -16.69
CA ALA B 177 48.22 54.46 -15.94
C ALA B 177 47.98 54.04 -14.50
N HIS B 178 48.88 53.17 -14.01
CA HIS B 178 48.80 52.66 -12.64
C HIS B 178 49.20 53.72 -11.65
N LEU B 179 48.32 54.04 -10.70
CA LEU B 179 48.68 54.85 -9.55
C LEU B 179 49.20 53.92 -8.49
N MET B 180 49.74 54.51 -7.43
CA MET B 180 50.30 53.77 -6.32
C MET B 180 50.70 54.76 -5.24
N GLU B 181 50.47 54.37 -3.99
CA GLU B 181 50.98 55.14 -2.86
C GLU B 181 52.40 54.71 -2.57
N ILE B 182 53.31 55.67 -2.45
CA ILE B 182 54.71 55.40 -2.14
C ILE B 182 55.11 56.21 -0.94
N GLN B 183 55.83 55.61 -0.02
CA GLN B 183 56.08 56.24 1.26
C GLN B 183 57.37 57.05 1.30
N VAL B 184 57.26 58.24 1.85
CA VAL B 184 58.36 59.19 1.97
C VAL B 184 58.98 58.92 3.32
N ASN B 185 60.22 58.44 3.31
CA ASN B 185 60.92 58.07 4.53
C ASN B 185 62.12 58.97 4.69
N GLY B 186 62.18 59.69 5.80
CA GLY B 186 63.24 60.66 6.00
C GLY B 186 63.13 61.44 7.30
N GLY B 187 63.35 62.75 7.22
CA GLY B 187 63.38 63.62 8.39
C GLY B 187 61.99 63.86 8.98
N THR B 188 61.84 64.97 9.68
CA THR B 188 60.57 65.28 10.34
C THR B 188 59.45 65.49 9.34
N VAL B 189 58.22 65.25 9.80
CA VAL B 189 57.04 65.21 8.94
C VAL B 189 56.80 66.53 8.20
N ALA B 190 57.07 67.65 8.87
CA ALA B 190 56.97 68.98 8.24
C ALA B 190 57.95 69.17 7.08
N GLU B 191 59.18 68.68 7.26
CA GLU B 191 60.19 68.63 6.20
C GLU B 191 59.77 67.65 5.12
N LYS B 192 59.36 66.47 5.57
CA LYS B 192 58.88 65.36 4.74
C LYS B 192 57.74 65.76 3.79
N LEU B 193 56.82 66.56 4.30
CA LEU B 193 55.64 66.99 3.56
C LEU B 193 55.99 68.09 2.56
N ASP B 194 56.82 69.04 2.97
CA ASP B 194 57.24 70.13 2.05
C ASP B 194 58.14 69.65 0.92
N TRP B 195 58.76 68.48 1.08
CA TRP B 195 59.46 67.84 -0.02
C TRP B 195 58.46 67.32 -1.06
N ALA B 196 57.45 66.59 -0.59
CA ALA B 196 56.42 66.05 -1.48
C ALA B 196 55.50 67.12 -2.08
N ARG B 197 55.34 68.24 -1.37
CA ARG B 197 54.60 69.39 -1.89
C ARG B 197 55.36 70.11 -3.01
N GLU B 198 56.70 70.07 -2.94
CA GLU B 198 57.57 70.58 -4.01
C GLU B 198 57.57 69.65 -5.24
N ARG B 199 57.54 68.34 -5.00
CA ARG B 199 57.55 67.35 -6.07
C ARG B 199 56.22 67.21 -6.82
N LEU B 200 55.19 67.94 -6.42
CA LEU B 200 53.84 67.69 -6.94
C LEU B 200 53.74 68.04 -8.43
N GLU B 201 53.06 67.17 -9.19
CA GLU B 201 52.95 67.23 -10.66
C GLU B 201 54.25 66.94 -11.42
N GLN B 202 55.33 66.59 -10.73
CA GLN B 202 56.67 66.53 -11.32
C GLN B 202 57.02 65.10 -11.70
N GLN B 203 57.97 64.96 -12.62
CA GLN B 203 58.55 63.65 -12.94
C GLN B 203 59.35 63.17 -11.76
N VAL B 204 59.47 61.86 -11.62
CA VAL B 204 60.48 61.25 -10.78
C VAL B 204 61.04 60.05 -11.53
N PRO B 205 62.34 60.08 -11.87
CA PRO B 205 63.00 58.93 -12.47
C PRO B 205 63.54 57.89 -11.48
N VAL B 206 64.03 56.79 -12.05
CA VAL B 206 64.37 55.57 -11.31
C VAL B 206 65.61 55.77 -10.46
N SER B 207 66.62 56.39 -11.06
CA SER B 207 67.87 56.70 -10.39
C SER B 207 67.73 57.54 -9.11
N GLN B 208 66.64 58.29 -8.99
CA GLN B 208 66.35 59.06 -7.77
C GLN B 208 65.95 58.16 -6.62
N VAL B 209 65.24 57.07 -6.92
CA VAL B 209 64.90 56.05 -5.93
C VAL B 209 66.13 55.15 -5.70
N PHE B 210 66.48 54.36 -6.69
CA PHE B 210 67.50 53.31 -6.54
C PHE B 210 68.88 53.69 -7.05
N GLY B 211 69.86 52.94 -6.57
CA GLY B 211 71.24 53.03 -7.02
C GLY B 211 71.75 51.65 -7.40
N GLN B 212 72.96 51.62 -7.95
CA GLN B 212 73.52 50.39 -8.50
C GLN B 212 73.95 49.48 -7.36
N ASP B 213 74.14 48.20 -7.68
CA ASP B 213 74.47 47.15 -6.70
C ASP B 213 73.72 47.34 -5.37
N GLU B 214 72.40 47.40 -5.48
CA GLU B 214 71.50 47.58 -4.36
C GLU B 214 70.49 46.43 -4.37
N MET B 215 70.32 45.77 -3.21
CA MET B 215 69.32 44.72 -3.07
C MET B 215 67.96 45.38 -2.97
N ILE B 216 67.02 44.96 -3.80
CA ILE B 216 65.67 45.47 -3.75
C ILE B 216 64.71 44.31 -3.82
N ASP B 217 63.50 44.56 -3.35
CA ASP B 217 62.48 43.52 -3.30
C ASP B 217 61.49 43.77 -4.42
N VAL B 218 61.28 42.76 -5.25
CA VAL B 218 60.35 42.82 -6.37
C VAL B 218 59.02 42.33 -5.83
N ILE B 219 57.97 43.06 -6.14
CA ILE B 219 56.65 42.71 -5.68
C ILE B 219 55.75 42.67 -6.89
N GLY B 220 55.07 41.55 -7.10
CA GLY B 220 54.19 41.41 -8.24
C GLY B 220 53.27 40.22 -8.16
N VAL B 221 52.50 40.03 -9.23
CA VAL B 221 51.61 38.89 -9.33
C VAL B 221 52.19 37.88 -10.26
N THR B 222 52.04 36.62 -9.87
CA THR B 222 52.68 35.50 -10.53
C THR B 222 52.00 35.21 -11.86
N LYS B 223 52.78 34.65 -12.77
CA LYS B 223 52.26 34.20 -14.06
C LYS B 223 51.21 33.12 -13.81
N GLY B 224 49.95 33.44 -14.13
CA GLY B 224 48.81 32.59 -13.81
C GLY B 224 48.65 31.37 -14.70
N LYS B 225 48.18 30.27 -14.12
CA LYS B 225 48.09 28.97 -14.82
C LYS B 225 46.73 28.27 -14.70
N GLY B 226 45.70 28.99 -14.25
CA GLY B 226 44.32 28.50 -14.29
C GLY B 226 44.02 27.43 -13.26
N TYR B 227 43.01 26.61 -13.55
CA TYR B 227 42.74 25.42 -12.75
C TYR B 227 43.89 24.44 -13.00
N LYS B 228 44.44 23.90 -11.93
CA LYS B 228 45.47 22.88 -12.03
C LYS B 228 45.25 21.81 -11.00
N GLY B 229 45.61 20.60 -11.38
CA GLY B 229 45.45 19.47 -10.52
C GLY B 229 46.48 19.48 -9.43
N VAL B 230 46.27 18.59 -8.49
CA VAL B 230 47.05 18.54 -7.28
C VAL B 230 48.50 18.22 -7.58
N THR B 231 48.75 17.41 -8.62
CA THR B 231 50.11 17.04 -8.98
C THR B 231 50.88 18.26 -9.50
N SER B 232 50.20 19.17 -10.18
CA SER B 232 50.85 20.41 -10.64
C SER B 232 50.94 21.42 -9.51
N ARG B 233 49.82 21.64 -8.84
CA ARG B 233 49.65 22.69 -7.86
C ARG B 233 50.32 22.44 -6.52
N TRP B 234 50.51 21.17 -6.18
CA TRP B 234 51.21 20.80 -4.94
C TRP B 234 52.45 19.95 -5.12
N HIS B 235 52.70 19.47 -6.35
CA HIS B 235 53.81 18.57 -6.63
C HIS B 235 53.74 17.32 -5.79
N THR B 236 52.53 16.76 -5.71
CA THR B 236 52.31 15.50 -5.05
C THR B 236 52.85 14.42 -5.97
N LYS B 237 53.20 13.28 -5.39
CA LYS B 237 53.57 12.11 -6.17
C LYS B 237 52.47 11.83 -7.19
N LYS B 238 52.85 11.41 -8.39
CA LYS B 238 51.90 10.71 -9.24
C LYS B 238 51.72 9.34 -8.62
N LEU B 239 50.53 8.79 -8.76
CA LEU B 239 50.31 7.38 -8.47
C LEU B 239 50.74 6.59 -9.70
N PRO B 240 50.90 5.26 -9.55
CA PRO B 240 51.40 4.45 -10.66
C PRO B 240 50.40 4.25 -11.79
N ARG B 241 50.87 3.52 -12.80
CA ARG B 241 50.12 3.19 -14.02
C ARG B 241 48.77 2.51 -13.79
N LYS B 242 48.73 1.57 -12.85
CA LYS B 242 47.57 0.71 -12.66
C LYS B 242 46.37 1.35 -11.95
N THR B 243 46.54 2.56 -11.43
CA THR B 243 45.47 3.21 -10.67
C THR B 243 44.21 3.39 -11.52
N HIS B 244 43.08 2.87 -11.02
CA HIS B 244 41.81 2.76 -11.79
C HIS B 244 41.06 4.08 -11.96
N ARG B 245 40.94 4.85 -10.89
CA ARG B 245 40.31 6.16 -10.98
C ARG B 245 41.38 7.24 -10.99
N GLY B 246 42.27 7.17 -11.99
CA GLY B 246 43.25 8.21 -12.22
C GLY B 246 44.38 8.27 -11.22
N LEU B 247 45.43 9.00 -11.59
CA LEU B 247 46.71 8.91 -10.91
C LEU B 247 47.46 10.22 -10.66
N ARG B 248 46.87 11.35 -11.01
CA ARG B 248 47.42 12.67 -10.68
C ARG B 248 46.61 13.24 -9.53
N LYS B 249 46.63 12.48 -8.43
CA LYS B 249 45.72 12.69 -7.32
C LYS B 249 46.49 12.43 -6.06
N VAL B 250 45.85 12.71 -4.94
CA VAL B 250 46.33 12.26 -3.65
C VAL B 250 45.42 11.11 -3.29
N ALA B 251 45.97 10.05 -2.72
CA ALA B 251 45.20 8.84 -2.48
C ALA B 251 44.37 8.98 -1.22
N CYS B 252 45.06 9.15 -0.10
CA CYS B 252 44.40 9.42 1.17
C CYS B 252 44.33 10.92 1.39
N ILE B 253 43.16 11.49 1.24
CA ILE B 253 42.95 12.88 1.60
C ILE B 253 43.32 12.96 3.05
N GLY B 254 42.56 12.25 3.89
CA GLY B 254 42.73 12.33 5.32
C GLY B 254 42.35 11.05 6.03
N ALA B 255 42.68 11.03 7.31
CA ALA B 255 42.26 9.96 8.19
C ALA B 255 40.75 9.99 8.29
N TRP B 256 40.19 8.88 8.74
CA TRP B 256 38.81 8.84 9.19
C TRP B 256 38.55 10.03 10.13
N HIS B 257 39.16 10.04 11.30
CA HIS B 257 38.43 10.55 12.44
C HIS B 257 38.53 11.98 12.94
N PRO B 258 39.48 12.77 12.47
CA PRO B 258 39.01 14.14 12.36
C PRO B 258 38.20 14.10 11.05
N ALA B 259 36.88 14.05 11.17
CA ALA B 259 36.02 13.57 10.08
C ALA B 259 35.61 14.68 9.17
N ARG B 260 36.62 15.29 8.60
CA ARG B 260 36.51 16.51 7.86
C ARG B 260 37.78 16.42 7.07
N VAL B 261 37.87 17.11 5.96
CA VAL B 261 39.16 17.15 5.27
C VAL B 261 39.79 18.45 5.70
N ALA B 262 41.05 18.36 6.07
CA ALA B 262 41.76 19.47 6.68
C ALA B 262 42.19 20.47 5.64
N PHE B 263 42.52 21.66 6.11
CA PHE B 263 43.05 22.73 5.25
C PHE B 263 44.47 22.43 4.75
N SER B 264 45.18 21.55 5.46
CA SER B 264 46.53 21.16 5.08
C SER B 264 46.61 20.08 3.99
N VAL B 265 45.48 19.49 3.60
CA VAL B 265 45.46 18.44 2.57
C VAL B 265 45.47 19.06 1.19
N ALA B 266 46.12 18.40 0.25
CA ALA B 266 46.35 18.96 -1.07
C ALA B 266 45.15 18.75 -1.97
N ARG B 267 44.62 19.85 -2.52
CA ARG B 267 43.49 19.80 -3.46
C ARG B 267 43.80 20.61 -4.70
N ALA B 268 43.10 20.29 -5.78
CA ALA B 268 43.25 20.99 -7.05
C ALA B 268 42.49 22.30 -7.00
N GLY B 269 43.11 23.33 -7.57
CA GLY B 269 42.53 24.67 -7.60
C GLY B 269 43.35 25.62 -8.46
N GLN B 270 43.29 26.89 -8.14
CA GLN B 270 43.96 27.92 -8.94
C GLN B 270 45.44 27.82 -8.74
N LYS B 271 46.17 27.64 -9.83
CA LYS B 271 47.63 27.64 -9.81
C LYS B 271 48.08 28.86 -10.56
N GLY B 272 48.69 29.78 -9.82
CA GLY B 272 49.27 31.00 -10.38
C GLY B 272 48.40 32.21 -10.15
N TYR B 273 48.89 33.35 -10.63
CA TYR B 273 48.26 34.65 -10.42
C TYR B 273 48.07 34.93 -8.92
N HIS B 274 49.10 34.55 -8.17
CA HIS B 274 49.20 34.83 -6.76
C HIS B 274 50.07 36.06 -6.55
N HIS B 275 49.88 36.70 -5.41
CA HIS B 275 50.71 37.83 -5.03
C HIS B 275 51.94 37.33 -4.33
N ARG B 276 53.11 37.87 -4.69
CA ARG B 276 54.39 37.35 -4.19
C ARG B 276 55.46 38.43 -4.12
N THR B 277 56.21 38.45 -3.02
CA THR B 277 57.22 39.49 -2.74
C THR B 277 58.58 38.81 -2.58
N GLU B 278 59.23 38.60 -3.72
CA GLU B 278 60.58 38.07 -3.75
C GLU B 278 61.55 39.17 -3.34
N ILE B 279 62.50 38.83 -2.46
CA ILE B 279 63.40 39.82 -1.89
C ILE B 279 64.82 39.61 -2.40
N ASN B 280 65.69 40.57 -2.10
CA ASN B 280 67.11 40.50 -2.44
C ASN B 280 67.41 40.21 -3.93
N LYS B 281 67.00 41.12 -4.79
CA LYS B 281 67.28 41.04 -6.22
C LYS B 281 68.19 42.22 -6.56
N LYS B 282 69.48 41.93 -6.70
CA LYS B 282 70.50 42.98 -6.84
C LYS B 282 70.45 43.71 -8.17
N ILE B 283 70.45 45.04 -8.12
CA ILE B 283 70.47 45.85 -9.34
C ILE B 283 71.89 45.87 -9.90
N TYR B 284 72.07 45.17 -11.01
CA TYR B 284 73.32 45.17 -11.76
C TYR B 284 73.46 46.45 -12.59
N LYS B 285 72.36 46.89 -13.20
CA LYS B 285 72.44 48.03 -14.08
C LYS B 285 71.17 48.86 -14.08
N ILE B 286 71.31 50.12 -13.69
CA ILE B 286 70.31 51.14 -13.96
C ILE B 286 70.70 51.80 -15.28
N GLY B 287 69.87 51.60 -16.30
CA GLY B 287 70.23 51.96 -17.67
C GLY B 287 69.53 53.21 -18.14
N GLN B 288 70.30 54.12 -18.74
CA GLN B 288 69.79 55.39 -19.25
C GLN B 288 69.05 55.18 -20.56
N GLY B 289 67.88 55.79 -20.68
CA GLY B 289 67.04 55.62 -21.86
C GLY B 289 67.56 56.34 -23.09
N TYR B 290 66.88 56.14 -24.22
CA TYR B 290 67.22 56.83 -25.46
C TYR B 290 67.04 58.33 -25.24
N LEU B 291 67.94 59.14 -25.77
CA LEU B 291 67.81 60.59 -25.71
C LEU B 291 68.49 61.27 -26.89
N ILE B 292 68.19 62.56 -27.07
CA ILE B 292 68.61 63.32 -28.23
C ILE B 292 69.38 64.56 -27.79
N LYS B 293 70.61 64.68 -28.30
CA LYS B 293 71.36 65.95 -28.26
C LYS B 293 71.54 66.51 -29.69
N ASP B 294 71.86 65.63 -30.64
CA ASP B 294 71.82 65.94 -32.08
C ASP B 294 71.14 64.78 -32.82
N GLY B 295 71.74 63.59 -32.71
CA GLY B 295 71.10 62.33 -33.11
C GLY B 295 70.73 61.53 -31.88
N LYS B 296 70.23 60.31 -32.09
CA LYS B 296 69.87 59.40 -30.99
C LYS B 296 71.09 58.98 -30.17
N LEU B 297 70.86 58.74 -28.87
CA LEU B 297 71.82 58.05 -28.03
C LEU B 297 71.22 56.73 -27.59
N ILE B 298 71.35 55.77 -28.50
CA ILE B 298 70.89 54.40 -28.28
C ILE B 298 71.97 53.59 -27.54
N LYS B 299 73.23 53.99 -27.73
CA LYS B 299 74.43 53.35 -27.12
C LYS B 299 74.33 53.17 -25.62
N ASN B 300 74.01 54.28 -24.94
CA ASN B 300 74.03 54.39 -23.47
C ASN B 300 73.37 53.25 -22.68
N ASN B 301 72.51 52.47 -23.32
CA ASN B 301 71.96 51.28 -22.70
C ASN B 301 73.03 50.17 -22.64
N ALA B 302 73.07 49.25 -23.60
CA ALA B 302 73.76 47.97 -23.43
C ALA B 302 75.27 47.99 -23.72
N SER B 303 75.84 49.15 -24.00
CA SER B 303 77.30 49.30 -24.09
C SER B 303 77.92 49.26 -22.71
N THR B 304 79.03 48.54 -22.59
CA THR B 304 79.89 48.56 -21.40
C THR B 304 81.21 49.24 -21.74
N ASP B 305 81.88 49.73 -20.71
CA ASP B 305 83.26 50.20 -20.80
C ASP B 305 84.21 49.26 -21.58
N TYR B 306 83.99 47.94 -21.47
CA TYR B 306 84.81 46.93 -22.14
C TYR B 306 84.28 46.50 -23.51
N ASP B 307 82.97 46.63 -23.74
CA ASP B 307 82.37 46.27 -25.04
C ASP B 307 82.57 47.39 -26.05
N LEU B 308 82.14 48.60 -25.69
CA LEU B 308 82.03 49.76 -26.59
C LEU B 308 81.58 49.42 -28.01
N SER B 309 80.27 49.20 -28.14
CA SER B 309 79.58 49.09 -29.42
C SER B 309 78.50 50.19 -29.46
N ASP B 310 77.37 49.95 -30.12
CA ASP B 310 76.28 50.92 -30.19
C ASP B 310 74.92 50.25 -29.94
N LYS B 311 74.89 49.32 -29.00
CA LYS B 311 73.69 48.54 -28.74
C LYS B 311 72.70 49.30 -27.85
N SER B 312 71.46 48.84 -27.81
CA SER B 312 70.56 49.04 -26.67
C SER B 312 70.28 47.67 -26.06
N ILE B 313 69.64 47.63 -24.87
CA ILE B 313 69.28 46.31 -24.31
C ILE B 313 68.28 45.56 -25.18
N ASN B 314 67.51 46.28 -25.99
CA ASN B 314 66.66 45.65 -27.00
C ASN B 314 67.45 44.65 -27.83
N PRO B 315 67.02 43.37 -27.85
CA PRO B 315 67.63 42.41 -28.77
C PRO B 315 67.10 42.58 -30.19
N LEU B 316 67.68 41.84 -31.12
CA LEU B 316 67.18 41.84 -32.49
C LEU B 316 65.76 41.32 -32.51
N GLY B 317 64.90 42.05 -33.21
CA GLY B 317 63.48 41.77 -33.21
C GLY B 317 62.79 42.06 -31.89
N GLY B 318 63.41 42.91 -31.07
CA GLY B 318 62.83 43.33 -29.80
C GLY B 318 62.75 42.25 -28.74
N PHE B 319 62.41 42.67 -27.52
CA PHE B 319 62.00 41.74 -26.48
C PHE B 319 60.70 41.09 -26.92
N VAL B 320 60.63 39.78 -26.80
CA VAL B 320 59.50 39.03 -27.37
C VAL B 320 58.26 39.20 -26.50
N HIS B 321 57.12 39.32 -27.19
CA HIS B 321 55.84 39.63 -26.56
C HIS B 321 55.93 40.89 -25.72
N TYR B 322 56.66 41.91 -26.20
CA TYR B 322 56.76 43.15 -25.44
C TYR B 322 56.90 44.41 -26.29
N GLY B 323 58.11 44.69 -26.77
CA GLY B 323 58.37 45.94 -27.47
C GLY B 323 59.82 46.33 -27.53
N GLU B 324 60.05 47.62 -27.70
CA GLU B 324 61.35 48.23 -27.54
C GLU B 324 61.39 48.88 -26.18
N VAL B 325 62.46 48.65 -25.43
CA VAL B 325 62.75 49.43 -24.23
C VAL B 325 63.48 50.70 -24.65
N THR B 326 62.68 51.73 -24.86
CA THR B 326 63.12 53.04 -25.30
C THR B 326 63.29 54.01 -24.15
N ASN B 327 62.97 53.54 -22.93
CA ASN B 327 63.10 54.33 -21.72
C ASN B 327 64.12 53.72 -20.81
N ASP B 328 64.47 54.48 -19.78
CA ASP B 328 65.28 54.00 -18.67
C ASP B 328 64.72 52.73 -18.07
N PHE B 329 65.62 51.88 -17.59
CA PHE B 329 65.27 50.55 -17.11
C PHE B 329 66.22 50.18 -15.99
N VAL B 330 65.80 49.27 -15.11
CA VAL B 330 66.72 48.60 -14.21
C VAL B 330 66.98 47.20 -14.71
N MET B 331 68.07 46.64 -14.22
CA MET B 331 68.52 45.33 -14.62
C MET B 331 68.87 44.56 -13.37
N LEU B 332 67.91 43.77 -12.91
CA LEU B 332 68.07 42.94 -11.73
C LEU B 332 68.79 41.65 -12.07
N LYS B 333 69.39 41.02 -11.07
CA LYS B 333 69.89 39.66 -11.21
C LYS B 333 68.75 38.67 -11.10
N GLY B 334 68.72 37.72 -12.03
CA GLY B 334 67.84 36.57 -11.94
C GLY B 334 66.45 36.85 -12.42
N CYS B 335 65.60 35.83 -12.33
CA CYS B 335 64.20 35.96 -12.68
C CYS B 335 63.46 36.75 -11.62
N VAL B 336 62.29 37.23 -11.99
CA VAL B 336 61.37 37.85 -11.05
C VAL B 336 59.97 37.38 -11.37
N VAL B 337 59.04 37.68 -10.47
CA VAL B 337 57.66 37.22 -10.61
C VAL B 337 57.01 37.72 -11.89
N GLY B 338 56.01 36.96 -12.35
CA GLY B 338 55.06 37.46 -13.33
C GLY B 338 55.41 37.23 -14.78
N THR B 339 54.57 37.78 -15.65
CA THR B 339 54.69 37.58 -17.09
C THR B 339 55.47 38.73 -17.71
N LYS B 340 55.65 38.65 -19.03
CA LYS B 340 56.08 39.78 -19.81
C LYS B 340 54.95 40.80 -19.75
N LYS B 341 55.32 42.08 -19.81
CA LYS B 341 54.40 43.21 -19.74
C LYS B 341 53.83 43.51 -18.35
N ARG B 342 54.15 42.72 -17.33
CA ARG B 342 53.46 42.87 -16.06
C ARG B 342 54.02 44.03 -15.27
N VAL B 343 53.10 44.82 -14.71
CA VAL B 343 53.46 45.91 -13.80
C VAL B 343 54.00 45.32 -12.52
N LEU B 344 55.03 45.97 -12.00
CA LEU B 344 55.92 45.35 -11.04
C LEU B 344 56.32 46.44 -10.07
N THR B 345 56.12 46.18 -8.78
CA THR B 345 56.51 47.13 -7.77
C THR B 345 57.90 46.76 -7.28
N LEU B 346 58.81 47.72 -7.33
CA LEU B 346 60.10 47.62 -6.66
C LEU B 346 59.97 48.30 -5.31
N ARG B 347 60.81 47.87 -4.38
CA ARG B 347 60.78 48.37 -3.02
C ARG B 347 62.16 48.24 -2.40
N LYS B 348 62.61 49.31 -1.75
CA LYS B 348 63.89 49.28 -1.03
C LYS B 348 63.77 48.31 0.14
N SER B 349 64.90 47.71 0.53
CA SER B 349 64.85 46.53 1.39
C SER B 349 64.40 46.88 2.79
N LEU B 350 63.84 45.87 3.46
CA LEU B 350 63.32 46.00 4.83
C LEU B 350 64.42 45.75 5.86
N LEU B 351 65.64 45.55 5.38
CA LEU B 351 66.60 44.70 6.05
C LEU B 351 67.99 45.29 5.95
N VAL B 352 68.72 45.29 7.05
CA VAL B 352 70.07 45.83 7.10
C VAL B 352 71.00 44.88 6.36
N GLN B 353 71.36 45.27 5.14
CA GLN B 353 72.11 44.41 4.24
C GLN B 353 73.59 44.60 4.53
N THR B 354 74.23 43.54 5.03
CA THR B 354 75.67 43.54 5.23
C THR B 354 76.18 42.10 5.13
N LYS B 355 76.04 41.55 3.94
CA LYS B 355 76.65 40.29 3.56
C LYS B 355 77.62 40.60 2.45
N ARG B 356 78.70 39.81 2.37
CA ARG B 356 79.71 39.92 1.30
C ARG B 356 79.05 40.03 -0.07
N ARG B 357 78.06 39.16 -0.28
CA ARG B 357 77.33 39.05 -1.55
C ARG B 357 76.44 40.26 -1.84
N ALA B 358 75.88 40.84 -0.78
CA ALA B 358 74.96 41.98 -0.89
C ALA B 358 75.63 43.37 -0.93
N LEU B 359 76.95 43.43 -0.73
CA LEU B 359 77.72 44.66 -0.91
C LEU B 359 78.66 44.58 -2.12
N GLU B 360 78.53 43.51 -2.91
CA GLU B 360 79.44 43.24 -4.01
C GLU B 360 79.21 44.25 -5.13
N LYS B 361 80.28 44.85 -5.62
CA LYS B 361 80.20 45.85 -6.69
C LYS B 361 80.24 45.15 -8.05
N ILE B 362 79.21 45.39 -8.86
CA ILE B 362 79.07 44.73 -10.15
C ILE B 362 79.56 45.62 -11.30
N ASP B 363 80.65 45.18 -11.93
CA ASP B 363 81.10 45.73 -13.20
C ASP B 363 80.72 44.71 -14.28
N LEU B 364 79.78 45.09 -15.14
CA LEU B 364 79.35 44.24 -16.24
C LEU B 364 80.37 44.24 -17.36
N LYS B 365 80.59 43.08 -17.95
CA LYS B 365 81.57 42.91 -19.01
C LYS B 365 80.94 42.90 -20.40
N PHE B 366 79.67 42.48 -20.49
CA PHE B 366 79.05 42.13 -21.77
C PHE B 366 77.58 41.80 -21.56
N ILE B 367 76.73 42.53 -22.28
CA ILE B 367 75.30 42.24 -22.30
C ILE B 367 75.00 41.50 -23.58
N ASP B 368 74.44 40.31 -23.46
CA ASP B 368 73.98 39.57 -24.63
C ASP B 368 72.78 40.30 -25.18
N THR B 369 72.79 40.48 -26.50
CA THR B 369 71.76 41.20 -27.22
C THR B 369 71.30 40.43 -28.43
N THR B 370 71.46 39.12 -28.38
CA THR B 370 71.12 38.26 -29.50
C THR B 370 69.61 38.05 -29.40
N SER B 371 68.96 37.78 -30.54
CA SER B 371 67.51 37.63 -30.55
C SER B 371 67.06 36.55 -29.58
N LYS B 372 65.87 36.77 -29.00
CA LYS B 372 65.22 35.76 -28.19
C LYS B 372 64.08 35.10 -28.96
N PHE B 373 63.88 35.47 -30.22
CA PHE B 373 62.75 34.98 -30.99
C PHE B 373 63.15 33.84 -31.90
N GLY B 374 63.74 32.81 -31.28
CA GLY B 374 64.48 31.76 -31.97
C GLY B 374 65.88 31.73 -31.41
N HIS B 375 66.68 30.77 -31.88
CA HIS B 375 68.09 30.73 -31.50
C HIS B 375 68.83 31.83 -32.23
N GLY B 376 69.10 32.92 -31.51
CA GLY B 376 69.88 34.01 -32.04
C GLY B 376 71.35 33.66 -32.11
N ARG B 377 72.04 34.17 -33.12
CA ARG B 377 73.49 34.10 -33.19
C ARG B 377 74.24 35.40 -33.52
N PHE B 378 73.51 36.51 -33.68
CA PHE B 378 74.15 37.80 -33.95
C PHE B 378 73.76 38.84 -32.94
N GLN B 379 74.75 39.58 -32.46
CA GLN B 379 74.56 40.55 -31.38
C GLN B 379 73.93 41.82 -31.85
N THR B 380 74.20 42.17 -33.10
CA THR B 380 73.68 43.39 -33.66
C THR B 380 73.53 43.21 -35.16
N VAL B 381 72.75 44.09 -35.76
CA VAL B 381 72.38 43.94 -37.16
C VAL B 381 73.57 44.24 -38.05
N GLU B 382 74.33 45.27 -37.70
CA GLU B 382 75.59 45.58 -38.38
C GLU B 382 76.57 44.40 -38.41
N GLU B 383 76.63 43.62 -37.33
CA GLU B 383 77.47 42.41 -37.29
C GLU B 383 76.94 41.35 -38.25
N LYS B 384 75.63 41.18 -38.25
CA LYS B 384 74.96 40.27 -39.15
C LYS B 384 75.22 40.66 -40.62
N LYS B 385 75.06 41.95 -40.93
CA LYS B 385 75.28 42.46 -42.29
C LYS B 385 76.70 42.26 -42.76
N ALA B 386 77.66 42.33 -41.83
CA ALA B 386 79.04 42.01 -42.10
C ALA B 386 79.23 40.52 -42.40
N PHE B 387 78.74 39.68 -41.49
CA PHE B 387 78.96 38.24 -41.56
C PHE B 387 78.36 37.61 -42.81
N MET B 388 77.12 37.97 -43.10
CA MET B 388 76.38 37.38 -44.22
C MET B 388 76.92 37.90 -45.55
N GLY B 389 77.19 39.20 -45.62
CA GLY B 389 77.50 39.88 -46.87
C GLY B 389 76.21 40.40 -47.47
N PRO B 390 76.12 40.42 -48.82
CA PRO B 390 74.90 40.88 -49.47
C PRO B 390 73.91 39.75 -49.64
N LEU B 391 72.62 40.09 -49.61
CA LEU B 391 71.54 39.13 -49.80
C LEU B 391 70.76 39.49 -51.06
N LYS B 392 69.89 38.56 -51.47
CA LYS B 392 69.10 38.71 -52.69
C LYS B 392 68.15 39.91 -52.58
N LYS B 393 67.73 40.21 -51.36
CA LYS B 393 67.00 41.46 -51.09
C LYS B 393 67.94 42.68 -51.05
N ASP B 394 68.35 43.10 -52.25
CA ASP B 394 69.21 44.29 -52.46
C ASP B 394 69.10 44.79 -53.90
N ALA C 1 -56.86 -14.24 39.36
CA ALA C 1 -58.14 -13.81 38.71
C ALA C 1 -58.48 -12.35 39.01
N CYS C 2 -57.83 -11.43 38.30
CA CYS C 2 -58.03 -9.99 38.48
C CYS C 2 -59.33 -9.54 37.80
N ALA C 3 -59.78 -8.33 38.14
CA ALA C 3 -61.05 -7.77 37.64
C ALA C 3 -60.96 -7.40 36.16
N ARG C 4 -61.61 -8.18 35.31
CA ARG C 4 -61.65 -7.95 33.87
C ARG C 4 -62.93 -7.19 33.55
N PRO C 5 -62.82 -6.01 32.91
CA PRO C 5 -64.01 -5.20 32.62
C PRO C 5 -64.79 -5.66 31.40
N LEU C 6 -65.94 -5.04 31.18
CA LEU C 6 -66.87 -5.42 30.11
C LEU C 6 -66.72 -4.48 28.91
N ILE C 7 -66.01 -4.97 27.89
CA ILE C 7 -65.64 -4.18 26.72
C ILE C 7 -66.81 -4.18 25.73
N SER C 8 -67.09 -3.03 25.11
CA SER C 8 -68.16 -2.94 24.12
C SER C 8 -67.71 -3.29 22.69
N VAL C 9 -68.64 -3.85 21.92
CA VAL C 9 -68.44 -4.27 20.55
C VAL C 9 -69.18 -3.32 19.62
N TYR C 10 -68.43 -2.41 19.01
CA TYR C 10 -69.00 -1.40 18.12
C TYR C 10 -69.47 -1.97 16.77
N SER C 11 -70.32 -1.21 16.07
CA SER C 11 -70.85 -1.63 14.76
C SER C 11 -70.00 -1.08 13.62
N GLU C 12 -70.31 -1.52 12.40
CA GLU C 12 -69.63 -1.02 11.19
C GLU C 12 -69.69 0.50 11.01
N LYS C 13 -70.78 1.10 11.49
CA LYS C 13 -71.00 2.55 11.38
C LYS C 13 -70.62 3.27 12.68
N GLY C 14 -69.51 2.86 13.29
CA GLY C 14 -69.13 3.29 14.63
C GLY C 14 -70.18 2.83 15.62
N GLU C 15 -70.39 3.61 16.69
CA GLU C 15 -71.52 3.45 17.62
C GLU C 15 -71.57 2.12 18.38
N SER C 16 -71.90 2.20 19.67
CA SER C 16 -72.04 1.01 20.51
C SER C 16 -73.25 0.19 20.08
N SER C 17 -72.98 -1.07 19.74
CA SER C 17 -74.04 -2.07 19.65
C SER C 17 -74.29 -2.62 21.05
N GLY C 18 -75.31 -3.45 21.18
CA GLY C 18 -75.69 -4.02 22.47
C GLY C 18 -74.69 -4.97 23.09
N LYS C 19 -73.88 -5.62 22.26
CA LYS C 19 -73.02 -6.72 22.69
C LYS C 19 -71.79 -6.19 23.44
N ASN C 20 -71.51 -6.79 24.61
CA ASN C 20 -70.35 -6.43 25.43
C ASN C 20 -69.57 -7.67 25.81
N VAL C 21 -68.29 -7.72 25.42
CA VAL C 21 -67.46 -8.89 25.65
C VAL C 21 -66.57 -8.67 26.87
N THR C 22 -66.66 -9.58 27.84
CA THR C 22 -65.77 -9.58 29.00
C THR C 22 -64.32 -9.66 28.55
N LEU C 23 -63.55 -8.61 28.83
CA LEU C 23 -62.14 -8.54 28.45
C LEU C 23 -61.47 -9.89 28.72
N PRO C 24 -60.88 -10.51 27.68
CA PRO C 24 -60.13 -11.75 27.89
C PRO C 24 -58.94 -11.57 28.83
N ALA C 25 -58.57 -12.63 29.54
CA ALA C 25 -57.52 -12.59 30.55
C ALA C 25 -56.16 -12.21 30.01
N VAL C 26 -55.92 -12.52 28.73
CA VAL C 26 -54.64 -12.25 28.08
C VAL C 26 -54.22 -10.81 28.27
N PHE C 27 -55.21 -9.91 28.19
CA PHE C 27 -54.95 -8.48 28.32
C PHE C 27 -54.51 -8.02 29.70
N LYS C 28 -54.74 -8.86 30.71
CA LYS C 28 -54.25 -8.58 32.06
C LYS C 28 -52.87 -9.17 32.29
N ALA C 29 -52.41 -10.04 31.40
CA ALA C 29 -51.11 -10.72 31.57
C ALA C 29 -49.96 -9.71 31.70
N PRO C 30 -48.86 -10.11 32.33
CA PRO C 30 -47.80 -9.15 32.62
C PRO C 30 -47.08 -8.62 31.38
N ILE C 31 -46.92 -7.30 31.29
CA ILE C 31 -46.21 -6.66 30.18
C ILE C 31 -44.75 -6.96 30.43
N ARG C 32 -43.99 -7.22 29.39
CA ARG C 32 -42.61 -7.61 29.57
C ARG C 32 -41.79 -7.33 28.33
N PRO C 33 -41.31 -6.10 28.21
CA PRO C 33 -40.46 -5.75 27.08
C PRO C 33 -39.23 -6.65 26.97
N ASP C 34 -38.61 -6.94 28.11
CA ASP C 34 -37.40 -7.78 28.15
C ASP C 34 -37.59 -9.13 27.47
N ILE C 35 -38.81 -9.66 27.55
CA ILE C 35 -39.15 -10.86 26.80
C ILE C 35 -39.43 -10.48 25.36
N VAL C 36 -40.34 -9.54 25.14
CA VAL C 36 -40.81 -9.21 23.80
C VAL C 36 -39.62 -8.95 22.91
N ASN C 37 -38.75 -8.04 23.36
CA ASN C 37 -37.53 -7.75 22.67
C ASN C 37 -36.73 -9.01 22.35
N PHE C 38 -36.34 -9.75 23.38
CA PHE C 38 -35.53 -10.96 23.24
C PHE C 38 -36.07 -11.90 22.20
N VAL C 39 -37.39 -12.13 22.24
CA VAL C 39 -38.05 -13.00 21.27
C VAL C 39 -38.03 -12.33 19.90
N HIS C 40 -38.26 -11.02 19.87
CA HIS C 40 -38.22 -10.25 18.63
C HIS C 40 -36.83 -10.22 18.00
N THR C 41 -35.80 -10.05 18.81
CA THR C 41 -34.41 -10.09 18.29
C THR C 41 -34.07 -11.43 17.65
N ASN C 42 -34.47 -12.50 18.32
CA ASN C 42 -34.13 -13.83 17.86
C ASN C 42 -35.03 -14.35 16.76
N LEU C 43 -36.33 -14.04 16.82
CA LEU C 43 -37.21 -14.50 15.75
C LEU C 43 -36.89 -13.82 14.45
N ARG C 44 -36.66 -12.51 14.49
CA ARG C 44 -36.42 -11.74 13.28
C ARG C 44 -35.23 -12.25 12.49
N LYS C 45 -34.30 -12.90 13.17
CA LYS C 45 -33.21 -13.57 12.50
C LYS C 45 -33.59 -14.76 11.61
N ASN C 46 -34.79 -15.33 11.76
CA ASN C 46 -35.12 -16.53 10.98
C ASN C 46 -35.60 -16.28 9.56
N ASN C 47 -36.18 -15.11 9.31
CA ASN C 47 -36.74 -14.80 7.98
C ASN C 47 -35.68 -14.43 6.91
N ARG C 48 -34.49 -15.00 7.03
CA ARG C 48 -33.28 -14.38 6.55
C ARG C 48 -32.48 -15.31 5.65
N GLN C 49 -32.06 -14.82 4.46
CA GLN C 49 -31.29 -15.64 3.52
C GLN C 49 -29.81 -15.55 3.83
N PRO C 50 -29.06 -16.61 3.52
CA PRO C 50 -27.62 -16.52 3.66
C PRO C 50 -26.99 -15.64 2.58
N TYR C 51 -25.97 -14.90 2.98
CA TYR C 51 -25.09 -14.26 2.03
C TYR C 51 -23.72 -14.80 2.32
N ALA C 52 -22.97 -14.99 1.25
CA ALA C 52 -21.60 -15.38 1.42
C ALA C 52 -20.83 -15.00 0.19
N VAL C 53 -19.52 -14.92 0.38
CA VAL C 53 -18.59 -14.55 -0.65
C VAL C 53 -18.12 -15.87 -1.26
N SER C 54 -17.80 -15.83 -2.54
CA SER C 54 -17.40 -17.05 -3.27
C SER C 54 -16.14 -17.70 -2.71
N GLU C 55 -16.08 -19.02 -2.83
CA GLU C 55 -14.91 -19.83 -2.40
C GLU C 55 -13.63 -19.43 -3.11
N LEU C 56 -13.74 -19.33 -4.43
CA LEU C 56 -12.59 -19.09 -5.30
C LEU C 56 -12.15 -17.64 -5.25
N ALA C 57 -12.98 -16.77 -4.65
CA ALA C 57 -12.70 -15.35 -4.54
C ALA C 57 -11.33 -15.10 -3.97
N GLY C 58 -10.43 -14.64 -4.83
CA GLY C 58 -9.09 -14.25 -4.41
C GLY C 58 -8.00 -15.25 -4.73
N HIS C 59 -8.34 -16.53 -4.74
CA HIS C 59 -7.36 -17.58 -4.97
C HIS C 59 -7.27 -18.08 -6.41
N GLN C 60 -8.06 -17.54 -7.33
CA GLN C 60 -8.00 -18.03 -8.72
C GLN C 60 -6.66 -17.73 -9.41
N THR C 61 -5.86 -16.81 -8.84
CA THR C 61 -4.48 -16.62 -9.30
C THR C 61 -3.59 -17.80 -8.92
N SER C 62 -2.46 -17.88 -9.61
CA SER C 62 -1.31 -18.66 -9.18
C SER C 62 -0.22 -17.64 -8.91
N ALA C 63 0.14 -17.47 -7.65
CA ALA C 63 1.11 -16.46 -7.23
C ALA C 63 2.01 -17.00 -6.12
N GLU C 64 3.31 -16.88 -6.37
CA GLU C 64 4.36 -17.36 -5.50
C GLU C 64 4.97 -16.09 -4.93
N SER C 65 5.61 -16.18 -3.76
CA SER C 65 6.40 -15.04 -3.27
C SER C 65 7.75 -15.08 -3.94
N TRP C 66 8.18 -13.92 -4.44
CA TRP C 66 9.60 -13.72 -4.66
C TRP C 66 10.00 -13.64 -3.21
N GLY C 67 10.90 -14.53 -2.79
CA GLY C 67 11.35 -14.52 -1.42
C GLY C 67 12.11 -13.24 -1.14
N THR C 68 12.72 -13.17 0.03
CA THR C 68 13.50 -12.00 0.37
C THR C 68 14.70 -11.86 -0.55
N GLY C 69 15.36 -10.71 -0.47
CA GLY C 69 16.55 -10.47 -1.24
C GLY C 69 16.33 -9.67 -2.51
N ARG C 70 15.08 -9.38 -2.86
CA ARG C 70 14.77 -8.66 -4.11
C ARG C 70 14.34 -7.21 -3.83
N ALA C 71 14.74 -6.68 -2.67
CA ALA C 71 13.97 -5.62 -2.00
C ALA C 71 12.51 -6.13 -1.88
N VAL C 72 11.51 -5.42 -2.40
CA VAL C 72 10.09 -5.85 -2.28
C VAL C 72 9.75 -6.44 -0.90
N ALA C 73 8.75 -7.32 -0.78
CA ALA C 73 8.09 -7.48 0.52
C ALA C 73 7.42 -8.82 0.83
N ARG C 74 7.93 -9.92 0.28
CA ARG C 74 7.53 -11.25 0.74
C ARG C 74 6.02 -11.61 0.61
N ILE C 75 5.29 -10.89 -0.24
CA ILE C 75 3.89 -11.19 -0.47
C ILE C 75 3.94 -12.16 -1.61
N PRO C 76 2.91 -12.99 -1.77
CA PRO C 76 2.85 -13.72 -3.03
C PRO C 76 2.53 -12.71 -4.10
N ARG C 77 3.27 -12.78 -5.21
CA ARG C 77 3.11 -11.82 -6.29
C ARG C 77 2.76 -12.60 -7.55
N VAL C 78 1.82 -12.06 -8.33
CA VAL C 78 1.44 -12.68 -9.60
C VAL C 78 2.65 -13.08 -10.43
N ARG C 79 2.56 -14.28 -11.00
CA ARG C 79 3.67 -14.96 -11.61
C ARG C 79 3.74 -14.62 -13.09
N GLY C 80 4.89 -14.11 -13.53
CA GLY C 80 5.16 -13.90 -14.96
C GLY C 80 4.28 -12.89 -15.67
N GLY C 81 4.45 -12.80 -16.99
CA GLY C 81 3.61 -11.98 -17.85
C GLY C 81 4.10 -10.57 -18.16
N GLY C 82 3.49 -9.99 -19.19
CA GLY C 82 3.74 -8.62 -19.59
C GLY C 82 2.43 -7.86 -19.49
N THR C 83 1.89 -7.80 -18.27
CA THR C 83 0.72 -6.98 -17.97
C THR C 83 1.01 -6.08 -16.80
N HIS C 84 0.02 -5.27 -16.44
CA HIS C 84 0.04 -4.55 -15.18
C HIS C 84 -0.02 -5.56 -14.06
N ARG C 85 -0.89 -6.56 -14.20
CA ARG C 85 -0.99 -7.56 -13.15
C ARG C 85 0.11 -8.59 -13.28
N SER C 86 1.30 -8.22 -12.84
CA SER C 86 2.42 -9.15 -12.84
C SER C 86 3.45 -8.67 -11.84
N GLY C 87 3.74 -9.52 -10.86
CA GLY C 87 4.55 -9.13 -9.73
C GLY C 87 3.77 -8.11 -8.92
N GLN C 88 2.62 -8.52 -8.43
CA GLN C 88 1.66 -7.60 -7.85
C GLN C 88 1.50 -7.80 -6.36
N GLY C 89 0.77 -8.83 -5.99
CA GLY C 89 0.22 -8.89 -4.66
C GLY C 89 -1.07 -9.66 -4.76
N ALA C 90 -0.96 -10.95 -4.49
CA ALA C 90 -2.08 -11.85 -4.51
C ALA C 90 -2.41 -12.32 -3.12
N PHE C 91 -3.64 -12.80 -2.97
CA PHE C 91 -4.09 -13.57 -1.82
C PHE C 91 -4.26 -12.80 -0.52
N GLY C 92 -3.25 -12.03 -0.13
CA GLY C 92 -3.30 -11.29 1.11
C GLY C 92 -4.59 -10.50 1.24
N ASN C 93 -5.18 -10.55 2.43
CA ASN C 93 -6.33 -9.72 2.77
C ASN C 93 -6.08 -8.23 2.54
N MET C 94 -4.83 -7.81 2.60
CA MET C 94 -4.47 -6.43 2.32
C MET C 94 -4.32 -6.08 0.84
N CYS C 95 -3.95 -7.03 -0.01
CA CYS C 95 -3.66 -6.72 -1.41
C CYS C 95 -4.90 -6.38 -2.24
N ARG C 96 -4.69 -5.58 -3.29
CA ARG C 96 -5.71 -5.35 -4.32
C ARG C 96 -5.77 -6.59 -5.17
N GLY C 97 -6.99 -7.02 -5.46
CA GLY C 97 -7.24 -8.38 -5.87
C GLY C 97 -7.48 -8.99 -4.53
N GLY C 98 -6.51 -9.77 -4.04
CA GLY C 98 -6.52 -10.24 -2.65
C GLY C 98 -7.73 -11.08 -2.27
N ARG C 99 -7.90 -11.28 -0.97
CA ARG C 99 -8.90 -12.22 -0.47
C ARG C 99 -9.32 -11.84 0.93
N MET C 100 -10.60 -11.49 1.06
CA MET C 100 -11.12 -10.88 2.29
C MET C 100 -10.75 -11.75 3.48
N PHE C 101 -10.39 -11.12 4.58
CA PHE C 101 -10.03 -11.89 5.76
C PHE C 101 -11.26 -12.59 6.26
N ALA C 102 -11.10 -13.89 6.47
CA ALA C 102 -12.15 -14.76 6.91
C ALA C 102 -13.36 -14.56 6.00
N PRO C 103 -13.24 -14.98 4.73
CA PRO C 103 -14.37 -14.88 3.83
C PRO C 103 -15.62 -15.44 4.45
N THR C 104 -16.73 -14.76 4.21
CA THR C 104 -17.98 -15.10 4.85
C THR C 104 -18.45 -16.42 4.30
N LYS C 105 -19.08 -17.22 5.16
CA LYS C 105 -19.59 -18.51 4.75
C LYS C 105 -21.10 -18.57 4.82
N THR C 106 -21.65 -19.54 4.11
CA THR C 106 -23.08 -19.79 4.13
C THR C 106 -23.51 -20.39 5.45
N TRP C 107 -22.65 -21.20 6.06
CA TRP C 107 -23.01 -21.92 7.28
C TRP C 107 -22.77 -21.20 8.60
N ARG C 108 -22.63 -19.88 8.52
CA ARG C 108 -22.93 -19.02 9.65
C ARG C 108 -24.29 -19.41 10.21
N ARG C 109 -24.40 -19.43 11.53
CA ARG C 109 -25.65 -19.82 12.17
C ARG C 109 -26.68 -18.70 12.05
N TRP C 110 -27.43 -18.73 10.94
CA TRP C 110 -28.35 -17.64 10.59
C TRP C 110 -29.56 -17.68 11.47
N HIS C 111 -30.17 -18.86 11.56
CA HIS C 111 -31.43 -19.02 12.26
C HIS C 111 -31.20 -19.26 13.73
N ARG C 112 -32.23 -18.91 14.49
CA ARG C 112 -32.15 -18.75 15.92
C ARG C 112 -33.47 -19.18 16.46
N ARG C 113 -33.43 -20.10 17.40
CA ARG C 113 -34.62 -20.83 17.74
C ARG C 113 -34.92 -20.58 19.20
N VAL C 114 -36.20 -20.36 19.50
CA VAL C 114 -36.61 -19.83 20.79
C VAL C 114 -37.58 -20.79 21.46
N ASN C 115 -37.46 -20.91 22.79
CA ASN C 115 -38.36 -21.77 23.56
C ASN C 115 -39.80 -21.36 23.39
N THR C 116 -40.68 -22.35 23.30
CA THR C 116 -42.05 -22.08 22.88
C THR C 116 -42.86 -21.29 23.89
N THR C 117 -42.75 -21.61 25.18
CA THR C 117 -43.45 -20.80 26.19
C THR C 117 -43.00 -19.35 26.12
N GLN C 118 -41.69 -19.12 26.07
CA GLN C 118 -41.14 -17.77 25.91
C GLN C 118 -41.76 -17.05 24.72
N LYS C 119 -41.88 -17.72 23.59
CA LYS C 119 -42.51 -17.09 22.43
C LYS C 119 -43.91 -16.66 22.80
N ARG C 120 -44.66 -17.57 23.43
CA ARG C 120 -46.02 -17.26 23.88
C ARG C 120 -46.07 -16.11 24.90
N TYR C 121 -45.13 -16.13 25.85
CA TYR C 121 -45.06 -15.08 26.85
C TYR C 121 -44.96 -13.73 26.15
N ALA C 122 -44.07 -13.61 25.17
CA ALA C 122 -43.95 -12.35 24.40
C ALA C 122 -45.28 -11.95 23.78
N ILE C 123 -45.94 -12.91 23.15
CA ILE C 123 -47.18 -12.64 22.44
C ILE C 123 -48.32 -12.26 23.38
N CYS C 124 -48.30 -12.80 24.60
CA CYS C 124 -49.21 -12.35 25.65
C CYS C 124 -48.89 -10.95 26.11
N SER C 125 -47.59 -10.67 26.25
CA SER C 125 -47.12 -9.35 26.67
C SER C 125 -47.52 -8.26 25.71
N ALA C 126 -47.42 -8.55 24.42
CA ALA C 126 -47.79 -7.58 23.40
C ALA C 126 -49.30 -7.32 23.39
N LEU C 127 -50.09 -8.40 23.46
CA LEU C 127 -51.55 -8.30 23.57
C LEU C 127 -51.94 -7.45 24.75
N ALA C 128 -51.39 -7.76 25.92
CA ALA C 128 -51.68 -7.04 27.16
C ALA C 128 -51.40 -5.54 27.13
N ALA C 129 -50.47 -5.14 26.29
CA ALA C 129 -50.12 -3.76 26.11
C ALA C 129 -50.67 -3.21 24.79
N SER C 130 -51.54 -3.96 24.12
CA SER C 130 -52.33 -3.42 23.02
C SER C 130 -53.59 -2.77 23.60
N ALA C 131 -53.96 -3.22 24.80
CA ALA C 131 -54.70 -2.39 25.73
C ALA C 131 -53.76 -1.22 26.12
N LEU C 132 -54.06 -0.49 27.19
CA LEU C 132 -53.18 0.57 27.71
C LEU C 132 -52.96 1.66 26.67
N PRO C 133 -53.78 2.72 26.73
CA PRO C 133 -53.67 3.76 25.70
C PRO C 133 -52.29 4.37 25.65
N ALA C 134 -51.69 4.54 26.83
CA ALA C 134 -50.35 5.12 26.95
C ALA C 134 -49.34 4.39 26.09
N LEU C 135 -49.30 3.06 26.24
CA LEU C 135 -48.36 2.26 25.47
C LEU C 135 -48.67 2.28 23.99
N VAL C 136 -49.94 2.39 23.62
CA VAL C 136 -50.33 2.52 22.21
C VAL C 136 -49.96 3.91 21.66
N MET C 137 -50.26 4.97 22.43
CA MET C 137 -49.94 6.33 22.01
C MET C 137 -48.44 6.56 21.91
N SER C 138 -47.73 6.09 22.94
CA SER C 138 -46.26 6.14 22.95
C SER C 138 -45.66 5.43 21.76
N LYS C 139 -46.27 4.32 21.32
CA LYS C 139 -45.80 3.63 20.11
C LYS C 139 -46.18 4.39 18.85
N GLY C 140 -46.83 5.55 19.01
CA GLY C 140 -46.96 6.57 17.97
C GLY C 140 -48.36 6.73 17.44
N HIS C 141 -49.13 5.65 17.54
CA HIS C 141 -50.44 5.51 16.90
C HIS C 141 -51.36 6.60 17.39
N ARG C 142 -51.87 7.40 16.45
CA ARG C 142 -52.80 8.46 16.80
C ARG C 142 -54.15 7.84 17.11
N ILE C 143 -54.32 7.52 18.40
CA ILE C 143 -55.49 6.79 18.92
C ILE C 143 -56.28 7.73 19.85
N GLU C 144 -56.25 9.02 19.52
CA GLU C 144 -56.82 10.07 20.37
C GLU C 144 -58.34 10.00 20.41
N GLU C 145 -58.94 9.86 19.22
CA GLU C 145 -60.39 9.93 19.03
C GLU C 145 -61.08 8.57 18.92
N VAL C 146 -60.35 7.49 19.18
CA VAL C 146 -60.91 6.15 19.11
C VAL C 146 -61.79 5.89 20.35
N PRO C 147 -62.90 5.17 20.16
CA PRO C 147 -63.92 5.05 21.20
C PRO C 147 -63.60 4.11 22.37
N GLU C 148 -62.94 2.98 22.11
CA GLU C 148 -62.54 2.07 23.20
C GLU C 148 -61.36 1.23 22.76
N LEU C 149 -60.38 1.07 23.64
CA LEU C 149 -59.02 0.78 23.21
C LEU C 149 -58.78 -0.67 22.82
N PRO C 150 -59.24 -1.64 23.64
CA PRO C 150 -59.34 -2.95 22.99
C PRO C 150 -60.54 -2.87 22.05
N LEU C 151 -60.26 -2.36 20.85
CA LEU C 151 -61.28 -1.97 19.88
C LEU C 151 -61.78 -3.20 19.16
N VAL C 152 -63.02 -3.57 19.46
CA VAL C 152 -63.64 -4.76 18.88
C VAL C 152 -64.84 -4.32 18.07
N VAL C 153 -65.14 -5.05 17.01
CA VAL C 153 -66.13 -4.62 16.04
C VAL C 153 -67.09 -5.75 15.69
N GLU C 154 -68.26 -5.38 15.19
CA GLU C 154 -69.20 -6.27 14.50
C GLU C 154 -68.46 -7.24 13.56
N ASP C 155 -69.12 -8.36 13.23
CA ASP C 155 -68.51 -9.35 12.34
C ASP C 155 -69.17 -9.42 10.96
N LYS C 156 -69.65 -8.28 10.48
CA LYS C 156 -69.94 -8.09 9.06
C LYS C 156 -68.61 -7.82 8.36
N VAL C 157 -67.69 -7.21 9.12
CA VAL C 157 -66.36 -6.85 8.66
C VAL C 157 -65.59 -8.03 8.05
N GLU C 158 -65.99 -9.24 8.41
CA GLU C 158 -65.63 -10.42 7.62
C GLU C 158 -66.17 -10.29 6.21
N GLY C 159 -67.36 -9.70 6.08
CA GLY C 159 -68.04 -9.64 4.81
C GLY C 159 -67.32 -8.87 3.71
N TYR C 160 -66.69 -7.76 4.05
CA TYR C 160 -66.43 -6.73 3.05
C TYR C 160 -65.52 -7.25 1.94
N LYS C 161 -65.86 -6.94 0.70
CA LYS C 161 -65.02 -7.33 -0.43
C LYS C 161 -64.38 -6.17 -1.20
N LYS C 162 -64.49 -4.96 -0.69
CA LYS C 162 -64.01 -3.77 -1.41
C LYS C 162 -63.30 -2.86 -0.43
N THR C 163 -62.17 -2.26 -0.83
CA THR C 163 -61.46 -1.32 0.03
C THR C 163 -62.39 -0.23 0.52
N LYS C 164 -63.25 0.23 -0.38
CA LYS C 164 -64.26 1.25 -0.09
C LYS C 164 -64.85 1.07 1.31
N GLU C 165 -65.42 -0.12 1.55
CA GLU C 165 -66.02 -0.49 2.85
C GLU C 165 -65.01 -0.41 3.99
N ALA C 166 -63.85 -1.01 3.76
CA ALA C 166 -62.79 -1.14 4.77
C ALA C 166 -62.27 0.21 5.24
N VAL C 167 -62.20 1.18 4.32
CA VAL C 167 -61.76 2.52 4.65
C VAL C 167 -62.86 3.27 5.37
N LEU C 168 -64.08 3.19 4.85
CA LEU C 168 -65.22 3.81 5.52
C LEU C 168 -65.32 3.36 6.96
N LEU C 169 -65.19 2.06 7.20
CA LEU C 169 -65.14 1.51 8.56
C LEU C 169 -64.10 2.27 9.40
N LEU C 170 -62.86 2.29 8.90
CA LEU C 170 -61.76 2.92 9.63
C LEU C 170 -62.00 4.40 9.92
N LYS C 171 -62.76 5.09 9.05
CA LYS C 171 -63.08 6.51 9.28
C LYS C 171 -64.16 6.73 10.34
N LYS C 172 -65.15 5.85 10.41
CA LYS C 172 -66.16 5.90 11.46
C LYS C 172 -65.55 5.61 12.84
N LEU C 173 -64.72 4.57 12.88
CA LEU C 173 -64.03 4.18 14.12
C LEU C 173 -62.94 5.18 14.55
N LYS C 174 -62.68 6.18 13.69
CA LYS C 174 -61.67 7.22 13.93
C LYS C 174 -60.23 6.68 13.93
N ALA C 175 -60.05 5.51 13.32
CA ALA C 175 -58.74 4.87 13.18
C ALA C 175 -58.03 5.32 11.90
N TRP C 176 -58.71 6.13 11.09
CA TRP C 176 -58.16 6.60 9.83
C TRP C 176 -56.95 7.49 9.99
N ASN C 177 -56.91 8.28 11.06
CA ASN C 177 -55.82 9.24 11.25
C ASN C 177 -54.47 8.57 11.50
N ASP C 178 -54.48 7.30 11.89
CA ASP C 178 -53.29 6.45 11.80
C ASP C 178 -52.91 6.16 10.34
N ILE C 179 -53.88 5.78 9.52
CA ILE C 179 -53.62 5.50 8.09
C ILE C 179 -53.11 6.78 7.42
N LYS C 180 -53.80 7.88 7.69
CA LYS C 180 -53.38 9.20 7.27
C LYS C 180 -51.90 9.48 7.56
N LYS C 181 -51.49 9.10 8.78
CA LYS C 181 -50.11 9.28 9.24
C LYS C 181 -49.15 8.30 8.56
N VAL C 182 -49.67 7.14 8.15
CA VAL C 182 -48.91 6.22 7.30
C VAL C 182 -48.59 6.87 5.96
N TYR C 183 -49.60 7.42 5.30
CA TYR C 183 -49.36 8.14 4.05
C TYR C 183 -48.30 9.21 4.22
N ALA C 184 -48.40 9.94 5.33
CA ALA C 184 -47.47 11.02 5.63
C ALA C 184 -46.02 10.56 5.79
N SER C 185 -45.85 9.34 6.30
CA SER C 185 -44.52 8.78 6.51
C SER C 185 -43.86 8.25 5.24
N GLN C 186 -44.63 7.90 4.21
CA GLN C 186 -44.09 7.32 2.97
C GLN C 186 -42.98 8.20 2.37
N ARG C 187 -41.74 7.70 2.44
CA ARG C 187 -40.58 8.42 1.91
C ARG C 187 -39.47 7.49 1.48
N MET C 188 -38.46 8.04 0.83
CA MET C 188 -37.38 7.22 0.28
C MET C 188 -36.42 6.80 1.38
N ARG C 189 -35.91 5.58 1.25
CA ARG C 189 -35.04 5.02 2.26
C ARG C 189 -33.68 5.66 2.14
N ALA C 190 -32.97 5.73 3.25
CA ALA C 190 -31.59 6.20 3.24
C ALA C 190 -30.66 5.08 2.81
N GLY C 191 -29.97 5.29 1.69
CA GLY C 191 -28.80 4.48 1.33
C GLY C 191 -29.06 3.12 0.70
N LYS C 192 -28.01 2.29 0.75
CA LYS C 192 -27.79 1.19 -0.18
C LYS C 192 -28.95 0.20 -0.41
N GLY C 193 -29.82 0.07 0.60
CA GLY C 193 -31.05 -0.70 0.43
C GLY C 193 -32.02 -0.13 -0.59
N LYS C 194 -31.85 1.15 -0.93
CA LYS C 194 -32.48 1.73 -2.11
C LYS C 194 -32.21 0.97 -3.40
N MET C 195 -30.94 0.62 -3.62
CA MET C 195 -30.57 -0.15 -4.82
C MET C 195 -30.75 -1.66 -4.69
N ARG C 196 -31.42 -2.11 -3.61
CA ARG C 196 -31.70 -3.52 -3.36
C ARG C 196 -33.15 -3.76 -2.94
N ASN C 197 -34.08 -3.12 -3.64
CA ASN C 197 -35.52 -3.40 -3.49
C ASN C 197 -36.09 -3.18 -2.09
N ARG C 198 -35.54 -2.20 -1.37
CA ARG C 198 -36.13 -1.72 -0.12
C ARG C 198 -36.23 -0.22 -0.23
N ARG C 199 -36.61 0.25 -1.41
CA ARG C 199 -36.43 1.65 -1.79
C ARG C 199 -37.34 2.61 -1.03
N ARG C 200 -38.58 2.21 -0.80
CA ARG C 200 -39.53 3.04 -0.06
C ARG C 200 -39.74 2.48 1.34
N ILE C 201 -40.08 3.36 2.28
CA ILE C 201 -40.36 2.98 3.68
C ILE C 201 -41.46 3.84 4.28
N GLN C 202 -42.10 3.36 5.35
CA GLN C 202 -43.26 4.05 5.94
C GLN C 202 -43.61 3.56 7.36
N ARG C 203 -44.75 3.98 7.88
CA ARG C 203 -45.26 3.48 9.17
C ARG C 203 -45.88 2.10 9.12
N ARG C 204 -45.95 1.51 10.31
CA ARG C 204 -46.85 0.40 10.59
C ARG C 204 -48.18 1.00 11.00
N GLY C 205 -49.27 0.36 10.59
CA GLY C 205 -50.60 0.88 10.83
C GLY C 205 -51.36 0.07 11.85
N PRO C 206 -52.69 0.28 11.92
CA PRO C 206 -53.56 -0.58 12.69
C PRO C 206 -53.45 -2.05 12.35
N CYS C 207 -53.21 -2.88 13.36
CA CYS C 207 -53.41 -4.33 13.21
C CYS C 207 -54.90 -4.58 13.07
N VAL C 208 -55.27 -5.66 12.40
CA VAL C 208 -56.67 -6.08 12.37
C VAL C 208 -56.75 -7.56 12.56
N ILE C 209 -57.13 -7.97 13.77
CA ILE C 209 -57.25 -9.38 14.05
C ILE C 209 -58.63 -9.81 13.61
N TYR C 210 -58.66 -10.80 12.72
CA TYR C 210 -59.90 -11.45 12.28
C TYR C 210 -59.89 -12.91 12.73
N ASN C 211 -61.07 -13.53 12.76
CA ASN C 211 -61.22 -14.95 13.08
C ASN C 211 -61.23 -15.82 11.83
N GLU C 212 -61.89 -15.34 10.79
CA GLU C 212 -61.95 -16.01 9.50
C GLU C 212 -62.02 -14.99 8.37
N ASP C 213 -61.28 -15.21 7.30
CA ASP C 213 -61.39 -14.35 6.12
C ASP C 213 -62.60 -14.81 5.33
N ASN C 214 -63.68 -14.02 5.38
CA ASN C 214 -64.85 -14.26 4.55
C ASN C 214 -64.85 -13.32 3.35
N GLY C 215 -63.70 -12.69 3.09
CA GLY C 215 -63.56 -11.55 2.20
C GLY C 215 -62.68 -10.44 2.75
N ILE C 216 -62.49 -10.37 4.07
CA ILE C 216 -61.86 -9.21 4.71
C ILE C 216 -60.47 -8.90 4.19
N VAL C 217 -59.60 -9.91 4.07
CA VAL C 217 -58.18 -9.65 3.83
C VAL C 217 -57.93 -9.08 2.43
N LYS C 218 -58.87 -9.32 1.52
CA LYS C 218 -58.94 -8.58 0.25
C LYS C 218 -59.27 -7.10 0.43
N ALA C 219 -60.24 -6.83 1.30
CA ALA C 219 -60.73 -5.48 1.52
C ALA C 219 -59.64 -4.60 2.10
N PHE C 220 -59.09 -5.01 3.23
CA PHE C 220 -57.98 -4.30 3.81
C PHE C 220 -56.79 -4.97 3.15
N ARG C 221 -56.13 -4.26 2.25
CA ARG C 221 -55.03 -4.83 1.51
C ARG C 221 -54.24 -3.66 0.93
N ASN C 222 -54.89 -2.89 0.07
CA ASN C 222 -54.28 -1.68 -0.47
C ASN C 222 -54.18 -0.53 0.53
N ILE C 223 -54.88 -0.59 1.65
CA ILE C 223 -54.83 0.47 2.64
C ILE C 223 -53.47 0.39 3.32
N PRO C 224 -52.55 1.32 3.00
CA PRO C 224 -51.17 1.17 3.43
C PRO C 224 -51.04 1.38 4.92
N GLY C 225 -50.33 0.46 5.58
CA GLY C 225 -50.20 0.46 7.03
C GLY C 225 -50.83 -0.77 7.65
N ILE C 226 -51.93 -1.26 7.09
CA ILE C 226 -52.70 -2.33 7.73
C ILE C 226 -52.00 -3.67 7.55
N THR C 227 -51.93 -4.43 8.65
CA THR C 227 -51.62 -5.85 8.61
C THR C 227 -52.79 -6.61 9.22
N LEU C 228 -53.10 -7.74 8.60
CA LEU C 228 -54.19 -8.59 9.02
C LEU C 228 -53.62 -9.85 9.64
N LEU C 229 -54.13 -10.22 10.80
CA LEU C 229 -53.81 -11.48 11.41
C LEU C 229 -55.04 -12.32 11.60
N ASN C 230 -54.84 -13.63 11.55
CA ASN C 230 -55.74 -14.58 12.16
C ASN C 230 -55.51 -14.52 13.68
N VAL C 231 -56.53 -14.83 14.46
CA VAL C 231 -56.37 -14.94 15.93
C VAL C 231 -55.63 -16.22 16.23
N THR C 232 -56.06 -17.27 15.54
CA THR C 232 -55.51 -18.60 15.73
C THR C 232 -54.05 -18.76 15.25
N LYS C 233 -53.49 -17.73 14.61
CA LYS C 233 -52.10 -17.76 14.15
C LYS C 233 -51.40 -16.42 14.38
N LEU C 234 -51.34 -15.97 15.63
CA LEU C 234 -50.74 -14.67 15.96
C LEU C 234 -49.22 -14.73 15.89
N ASN C 235 -48.62 -13.54 15.80
CA ASN C 235 -47.22 -13.40 15.44
C ASN C 235 -46.64 -12.19 16.17
N ILE C 236 -45.53 -12.40 16.87
CA ILE C 236 -44.94 -11.33 17.70
C ILE C 236 -44.19 -10.36 16.81
N LEU C 237 -43.74 -10.83 15.65
CA LEU C 237 -43.10 -9.94 14.68
C LEU C 237 -44.05 -8.84 14.22
N LYS C 238 -45.35 -9.10 14.28
CA LYS C 238 -46.37 -8.13 13.87
C LYS C 238 -47.09 -7.41 15.02
N LEU C 239 -47.27 -8.09 16.16
CA LEU C 239 -47.90 -7.48 17.32
C LEU C 239 -46.97 -6.55 18.10
N ALA C 240 -45.66 -6.74 17.96
CA ALA C 240 -44.66 -5.91 18.64
C ALA C 240 -43.54 -5.51 17.69
N PRO C 241 -43.87 -4.73 16.65
CA PRO C 241 -42.86 -4.42 15.63
C PRO C 241 -41.78 -3.47 16.16
N GLY C 242 -40.54 -3.80 15.82
CA GLY C 242 -39.36 -3.16 16.39
C GLY C 242 -38.99 -3.79 17.71
N GLY C 243 -39.66 -4.89 18.08
CA GLY C 243 -39.60 -5.42 19.43
C GLY C 243 -40.19 -4.43 20.43
N HIS C 244 -41.08 -3.58 19.95
CA HIS C 244 -41.65 -2.50 20.73
C HIS C 244 -43.11 -2.83 20.95
N VAL C 245 -43.56 -2.61 22.17
CA VAL C 245 -44.60 -3.45 22.76
C VAL C 245 -46.03 -3.08 22.37
N GLY C 246 -46.33 -1.78 22.34
CA GLY C 246 -47.66 -1.29 21.99
C GLY C 246 -47.91 -1.38 20.50
N ARG C 247 -49.18 -1.23 20.12
CA ARG C 247 -49.63 -1.30 18.72
C ARG C 247 -51.13 -1.31 18.75
N PHE C 248 -51.71 -0.39 18.01
CA PHE C 248 -53.14 -0.26 17.90
C PHE C 248 -53.62 -1.39 17.02
N CYS C 249 -54.55 -2.18 17.55
CA CYS C 249 -55.17 -3.26 16.79
C CYS C 249 -56.66 -3.01 16.69
N ILE C 250 -57.33 -3.84 15.92
CA ILE C 250 -58.76 -3.74 15.69
C ILE C 250 -59.31 -5.17 15.64
N TRP C 251 -60.09 -5.52 16.64
CA TRP C 251 -60.58 -6.89 16.81
C TRP C 251 -61.94 -7.12 16.16
N THR C 252 -62.20 -8.38 15.85
CA THR C 252 -63.50 -8.83 15.38
C THR C 252 -64.05 -9.67 16.49
N GLU C 253 -65.30 -9.41 16.87
CA GLU C 253 -65.92 -10.03 18.05
C GLU C 253 -65.73 -11.54 18.09
N SER C 254 -65.85 -12.19 16.92
CA SER C 254 -65.57 -13.62 16.77
C SER C 254 -64.14 -13.96 17.19
N ALA C 255 -63.19 -13.16 16.73
CA ALA C 255 -61.78 -13.29 17.12
C ALA C 255 -61.50 -12.92 18.55
N PHE C 256 -62.14 -11.85 19.02
CA PHE C 256 -61.92 -11.32 20.37
C PHE C 256 -62.50 -12.21 21.44
N ARG C 257 -63.53 -12.97 21.09
CA ARG C 257 -64.00 -14.06 21.93
C ARG C 257 -62.97 -15.20 22.00
N LYS C 258 -62.44 -15.57 20.85
CA LYS C 258 -61.52 -16.70 20.73
C LYS C 258 -60.20 -16.58 21.52
N LEU C 259 -59.80 -15.36 21.89
CA LEU C 259 -58.54 -15.16 22.63
C LEU C 259 -58.43 -15.96 23.92
N ASP C 260 -59.50 -16.03 24.71
CA ASP C 260 -59.46 -16.74 25.98
C ASP C 260 -59.38 -18.26 25.78
N ASP C 261 -60.04 -18.75 24.72
CA ASP C 261 -59.90 -20.14 24.28
C ASP C 261 -58.50 -20.47 23.79
N LEU C 262 -57.83 -19.52 23.15
CA LEU C 262 -56.45 -19.72 22.71
C LEU C 262 -55.46 -19.68 23.86
N TYR C 263 -55.55 -18.65 24.68
CA TYR C 263 -54.53 -18.39 25.71
C TYR C 263 -54.86 -18.89 27.10
N GLY C 264 -56.13 -19.22 27.34
CA GLY C 264 -56.58 -19.68 28.65
C GLY C 264 -56.58 -18.55 29.67
N THR C 265 -57.68 -18.41 30.42
CA THR C 265 -57.71 -17.47 31.54
C THR C 265 -56.82 -18.00 32.67
N TRP C 266 -56.80 -17.31 33.81
CA TRP C 266 -55.93 -17.75 34.90
C TRP C 266 -56.35 -19.01 35.62
N ARG C 267 -57.64 -19.33 35.59
CA ARG C 267 -58.17 -20.50 36.26
C ARG C 267 -58.74 -21.52 35.27
N LYS C 268 -58.23 -21.50 34.06
CA LYS C 268 -58.66 -22.39 33.01
C LYS C 268 -57.49 -22.57 32.06
N ALA C 269 -57.26 -23.80 31.64
CA ALA C 269 -56.23 -24.08 30.64
C ALA C 269 -56.47 -23.35 29.33
N ALA C 270 -55.51 -23.45 28.43
CA ALA C 270 -55.65 -22.89 27.11
C ALA C 270 -56.87 -23.47 26.43
N SER C 271 -56.97 -24.80 26.39
CA SER C 271 -58.09 -25.52 25.75
C SER C 271 -58.05 -25.36 24.22
N LEU C 272 -56.84 -25.44 23.67
CA LEU C 272 -56.52 -25.06 22.27
C LEU C 272 -55.01 -25.02 22.02
N LYS C 273 -54.23 -24.74 23.07
CA LYS C 273 -52.79 -24.94 23.09
C LYS C 273 -52.44 -26.02 24.13
N SER C 274 -53.03 -27.20 23.96
CA SER C 274 -52.79 -28.36 24.84
C SER C 274 -52.47 -27.99 26.30
N ASN C 275 -51.18 -27.80 26.58
CA ASN C 275 -50.69 -27.58 27.93
C ASN C 275 -50.10 -26.18 28.03
N TYR C 276 -50.93 -25.24 28.47
CA TYR C 276 -50.53 -23.84 28.58
C TYR C 276 -51.49 -23.08 29.47
N ASN C 277 -50.97 -22.08 30.15
CA ASN C 277 -51.77 -21.06 30.80
C ASN C 277 -51.06 -19.73 30.66
N LEU C 278 -51.65 -18.66 31.15
CA LEU C 278 -50.93 -17.42 31.19
C LEU C 278 -49.74 -17.54 32.12
N PRO C 279 -48.72 -16.70 31.90
CA PRO C 279 -47.67 -16.58 32.90
C PRO C 279 -48.20 -15.86 34.14
N MET C 280 -47.87 -16.40 35.30
CA MET C 280 -48.29 -15.83 36.58
C MET C 280 -47.54 -14.52 36.79
N HIS C 281 -48.08 -13.65 37.63
CA HIS C 281 -47.44 -12.36 37.93
C HIS C 281 -46.48 -12.49 39.09
N LYS C 282 -45.39 -11.73 39.04
CA LYS C 282 -44.38 -11.73 40.09
C LYS C 282 -44.86 -10.84 41.23
N MET C 283 -45.24 -9.60 40.90
CA MET C 283 -45.86 -8.69 41.86
C MET C 283 -47.25 -8.26 41.37
N LEU C 284 -48.24 -8.24 42.26
CA LEU C 284 -49.62 -7.92 41.88
C LEU C 284 -49.99 -6.43 41.93
N ASN C 285 -49.76 -5.77 43.07
CA ASN C 285 -49.91 -4.31 43.17
C ASN C 285 -48.78 -3.62 42.43
N THR C 286 -49.04 -3.18 41.20
CA THR C 286 -48.01 -2.56 40.38
C THR C 286 -47.76 -1.10 40.79
N ASP C 287 -48.84 -0.37 41.06
CA ASP C 287 -48.77 1.01 41.53
C ASP C 287 -48.19 1.01 42.93
N LEU C 288 -46.89 1.28 43.01
CA LEU C 288 -46.20 1.36 44.29
C LEU C 288 -46.52 2.66 45.03
N SER C 289 -46.95 3.70 44.31
CA SER C 289 -47.44 4.92 44.95
C SER C 289 -48.65 4.63 45.84
N ARG C 290 -49.48 3.66 45.46
CA ARG C 290 -50.62 3.25 46.28
C ARG C 290 -50.17 2.44 47.49
N ILE C 291 -49.11 1.66 47.31
CA ILE C 291 -48.47 0.95 48.40
C ILE C 291 -47.83 1.94 49.36
N LEU C 292 -46.82 2.67 48.88
CA LEU C 292 -45.95 3.48 49.77
C LEU C 292 -46.63 4.54 50.61
N LYS C 293 -47.74 5.10 50.14
CA LYS C 293 -48.53 5.99 50.98
C LYS C 293 -49.83 5.30 51.38
N SER C 294 -49.69 4.05 51.82
CA SER C 294 -50.76 3.34 52.53
C SER C 294 -50.65 3.65 54.02
N PRO C 295 -51.72 3.37 54.78
CA PRO C 295 -51.63 3.42 56.24
C PRO C 295 -50.63 2.40 56.82
N GLU C 296 -50.74 1.17 56.34
CA GLU C 296 -50.02 0.01 56.90
C GLU C 296 -48.50 0.18 56.91
N ILE C 297 -47.99 0.81 55.86
CA ILE C 297 -46.54 0.94 55.65
C ILE C 297 -45.98 2.21 56.27
N GLN C 298 -46.58 3.35 55.98
CA GLN C 298 -46.10 4.61 56.53
C GLN C 298 -46.18 4.69 58.07
N ARG C 299 -47.11 3.92 58.65
CA ARG C 299 -47.11 3.64 60.08
C ARG C 299 -45.72 3.17 60.54
N ALA C 300 -45.13 2.27 59.77
CA ALA C 300 -43.85 1.64 60.10
C ALA C 300 -42.69 2.17 59.26
N LEU C 301 -42.39 3.46 59.42
CA LEU C 301 -41.16 4.05 58.87
C LEU C 301 -40.67 5.12 59.83
N ARG C 302 -39.36 5.17 60.04
CA ARG C 302 -38.75 6.29 60.76
C ARG C 302 -39.05 7.58 60.01
N ALA C 303 -39.04 8.69 60.73
CA ALA C 303 -39.31 9.99 60.11
C ALA C 303 -38.12 10.44 59.26
N PRO C 304 -38.40 11.01 58.08
CA PRO C 304 -37.38 11.21 57.10
C PRO C 304 -36.45 12.35 57.49
N ARG C 305 -35.19 12.00 57.67
CA ARG C 305 -34.16 12.95 57.97
C ARG C 305 -33.86 13.66 56.66
N LYS C 306 -34.11 14.98 56.62
CA LYS C 306 -33.98 15.75 55.38
C LYS C 306 -33.58 17.20 55.61
N LYS C 307 -32.41 17.40 56.22
CA LYS C 307 -31.95 18.75 56.54
C LYS C 307 -30.92 19.31 55.55
N ILE C 308 -30.05 18.45 55.03
CA ILE C 308 -28.87 18.86 54.25
C ILE C 308 -27.86 19.51 55.20
N HIS C 309 -26.88 18.71 55.61
CA HIS C 309 -25.75 19.21 56.39
C HIS C 309 -24.59 19.40 55.42
N ARG C 310 -24.44 20.63 54.94
CA ARG C 310 -23.35 20.95 54.02
C ARG C 310 -22.05 21.07 54.79
N ARG C 311 -20.94 21.16 54.06
CA ARG C 311 -19.62 21.09 54.68
C ARG C 311 -19.37 22.40 55.42
N VAL C 312 -19.17 22.30 56.72
CA VAL C 312 -18.84 23.45 57.54
C VAL C 312 -17.41 23.90 57.28
N LEU C 313 -17.23 25.21 57.18
CA LEU C 313 -15.91 25.82 57.11
C LEU C 313 -15.27 25.77 58.49
N LYS C 314 -14.02 25.33 58.57
CA LYS C 314 -13.29 25.39 59.83
C LYS C 314 -12.70 26.79 60.03
N LYS C 315 -13.38 27.59 60.85
CA LYS C 315 -12.79 28.83 61.34
C LYS C 315 -11.80 28.44 62.43
N ASN C 316 -10.61 29.04 62.38
CA ASN C 316 -9.56 28.69 63.32
C ASN C 316 -9.87 29.29 64.67
N PRO C 317 -10.04 28.46 65.72
CA PRO C 317 -10.40 28.97 67.04
C PRO C 317 -9.45 30.04 67.56
N LEU C 318 -8.16 29.81 67.33
CA LEU C 318 -7.11 30.61 67.96
C LEU C 318 -7.07 32.04 67.42
N LYS C 319 -7.57 32.27 66.22
CA LYS C 319 -7.79 33.61 65.69
C LYS C 319 -9.22 34.07 65.98
N ASN C 320 -10.20 33.19 65.75
CA ASN C 320 -11.61 33.57 65.81
C ASN C 320 -12.21 33.38 67.21
N LEU C 321 -12.15 34.46 68.00
CA LEU C 321 -12.51 34.46 69.44
C LEU C 321 -13.76 33.66 69.73
N ARG C 322 -14.81 33.95 68.97
CA ARG C 322 -16.12 33.35 69.21
C ARG C 322 -16.22 31.87 68.89
N ILE C 323 -15.32 31.39 68.05
CA ILE C 323 -15.21 29.97 67.76
C ILE C 323 -14.54 29.25 68.92
N MET C 324 -13.49 29.86 69.46
CA MET C 324 -12.84 29.39 70.68
C MET C 324 -13.85 29.23 71.80
N LEU C 325 -14.67 30.26 71.99
CA LEU C 325 -15.71 30.28 73.02
C LEU C 325 -16.77 29.23 72.80
N LYS C 326 -17.14 29.03 71.54
CA LYS C 326 -18.07 27.99 71.16
C LYS C 326 -17.55 26.63 71.58
N LEU C 327 -16.28 26.36 71.27
CA LEU C 327 -15.65 25.09 71.64
C LEU C 327 -15.31 24.99 73.13
N ASN C 328 -14.94 26.11 73.72
CA ASN C 328 -14.56 26.17 75.14
C ASN C 328 -14.84 27.55 75.71
N PRO C 329 -15.94 27.69 76.46
CA PRO C 329 -16.38 28.99 76.92
C PRO C 329 -15.51 29.59 78.02
N TYR C 330 -14.74 28.76 78.72
CA TYR C 330 -13.84 29.24 79.77
C TYR C 330 -12.70 30.14 79.25
N ALA C 331 -12.47 30.10 77.94
CA ALA C 331 -11.57 31.03 77.27
C ALA C 331 -11.87 32.50 77.57
N LYS C 332 -13.15 32.87 77.53
CA LYS C 332 -13.59 34.26 77.78
C LYS C 332 -12.91 34.82 79.04
N THR C 333 -13.04 34.08 80.12
CA THR C 333 -12.52 34.48 81.42
C THR C 333 -11.02 34.50 81.43
N MET C 334 -10.43 33.41 80.96
CA MET C 334 -8.99 33.30 80.83
C MET C 334 -8.38 34.47 80.08
N ARG C 335 -9.09 34.98 79.06
CA ARG C 335 -8.60 36.11 78.30
C ARG C 335 -9.01 37.45 78.91
N ARG C 336 -10.10 37.48 79.68
CA ARG C 336 -10.46 38.68 80.45
C ARG C 336 -9.39 38.93 81.50
N ASN C 337 -9.11 37.90 82.30
CA ASN C 337 -7.84 37.82 83.01
C ASN C 337 -6.78 37.76 81.92
N THR C 338 -5.57 38.22 82.21
CA THR C 338 -4.51 38.37 81.20
C THR C 338 -4.77 39.42 80.12
N ILE C 339 -5.84 40.21 80.23
CA ILE C 339 -5.73 41.60 79.77
C ILE C 339 -5.55 42.41 81.02
N LEU C 340 -6.48 42.25 81.96
CA LEU C 340 -6.46 42.98 83.22
C LEU C 340 -5.16 42.75 83.95
N ARG C 341 -4.76 41.48 84.08
CA ARG C 341 -3.53 41.12 84.79
C ARG C 341 -2.33 41.85 84.23
N GLN C 342 -2.26 41.95 82.91
CA GLN C 342 -1.10 42.54 82.26
C GLN C 342 -1.11 44.06 82.39
N ALA C 343 -2.29 44.65 82.28
CA ALA C 343 -2.48 46.08 82.54
C ALA C 343 -2.09 46.42 83.96
N ARG C 344 -2.65 45.67 84.91
CA ARG C 344 -2.30 45.83 86.32
C ARG C 344 -0.79 45.93 86.48
N ASN C 345 -0.08 44.93 85.96
CA ASN C 345 1.36 44.85 86.15
C ASN C 345 2.09 45.93 85.38
N HIS C 346 1.56 46.33 84.23
CA HIS C 346 2.13 47.42 83.45
C HIS C 346 2.07 48.74 84.20
N LYS C 347 0.91 49.03 84.79
CA LYS C 347 0.77 50.16 85.71
C LYS C 347 1.81 50.12 86.83
N LEU C 348 1.97 48.96 87.44
CA LEU C 348 2.88 48.80 88.58
C LEU C 348 4.35 48.99 88.18
N ARG C 349 4.69 48.68 86.93
CA ARG C 349 6.03 48.98 86.41
C ARG C 349 6.28 50.48 86.25
N VAL C 350 5.28 51.21 85.76
CA VAL C 350 5.37 52.68 85.68
C VAL C 350 5.56 53.30 87.05
N GLU C 351 4.89 52.72 88.04
CA GLU C 351 4.94 53.22 89.41
C GLU C 351 6.32 52.99 90.04
N ARG C 352 6.93 51.82 89.75
CA ARG C 352 8.33 51.57 90.12
C ARG C 352 9.25 52.58 89.44
N ALA C 353 9.05 52.79 88.14
CA ALA C 353 9.87 53.71 87.35
C ALA C 353 9.77 55.17 87.82
N ALA C 354 8.59 55.57 88.28
CA ALA C 354 8.38 56.90 88.85
C ALA C 354 9.09 57.07 90.20
N ALA C 355 9.04 56.01 91.02
CA ALA C 355 9.75 55.99 92.31
C ALA C 355 11.28 55.98 92.15
N ALA C 356 11.77 55.30 91.10
CA ALA C 356 13.20 55.29 90.77
C ALA C 356 13.69 56.65 90.28
N LEU C 357 12.86 57.34 89.50
CA LEU C 357 13.15 58.71 89.05
C LEU C 357 13.12 59.70 90.23
N ALA C 358 12.16 59.52 91.13
CA ALA C 358 12.08 60.33 92.37
C ALA C 358 13.27 60.09 93.29
N ALA C 359 13.70 58.84 93.40
CA ALA C 359 14.90 58.47 94.16
C ALA C 359 16.18 59.03 93.53
N LYS C 360 16.22 59.08 92.20
CA LYS C 360 17.33 59.68 91.46
C LYS C 360 17.38 61.20 91.65
N LYS C 361 16.22 61.85 91.64
CA LYS C 361 16.10 63.28 91.90
C LYS C 361 16.50 63.66 93.33
N SER C 362 16.12 62.82 94.30
CA SER C 362 16.52 63.01 95.70
C SER C 362 18.02 62.83 95.91
N PHE D 1 59.74 -43.73 81.48
CA PHE D 1 58.68 -42.70 81.24
C PHE D 1 57.91 -42.94 79.94
N VAL D 2 56.76 -42.27 79.82
CA VAL D 2 55.87 -42.33 78.65
C VAL D 2 55.05 -41.05 78.55
N LYS D 3 54.28 -40.93 77.46
CA LYS D 3 53.31 -39.83 77.35
C LYS D 3 52.28 -40.03 78.44
N VAL D 4 52.02 -38.96 79.20
CA VAL D 4 51.04 -39.01 80.28
C VAL D 4 49.68 -39.17 79.63
N VAL D 5 49.00 -40.26 79.94
CA VAL D 5 47.73 -40.60 79.31
C VAL D 5 46.63 -39.71 79.88
N LYS D 6 46.73 -39.40 81.16
CA LYS D 6 45.70 -38.64 81.87
C LYS D 6 46.18 -37.21 82.18
N ASN D 7 46.16 -36.38 81.14
CA ASN D 7 46.55 -34.96 81.21
C ASN D 7 45.45 -34.08 81.78
N LYS D 8 45.73 -32.76 81.89
CA LYS D 8 44.66 -31.75 81.96
C LYS D 8 43.64 -32.04 80.88
N ALA D 9 44.13 -32.05 79.63
CA ALA D 9 43.31 -32.31 78.46
C ALA D 9 42.36 -33.47 78.67
N TYR D 10 42.94 -34.62 79.02
CA TYR D 10 42.17 -35.86 79.23
C TYR D 10 40.96 -35.62 80.10
N PHE D 11 41.19 -34.97 81.24
CA PHE D 11 40.12 -34.67 82.19
C PHE D 11 39.15 -33.60 81.71
N LYS D 12 39.64 -32.64 80.93
CA LYS D 12 38.77 -31.63 80.33
C LYS D 12 37.76 -32.26 79.38
N ARG D 13 38.27 -33.14 78.51
CA ARG D 13 37.41 -33.79 77.53
C ARG D 13 36.58 -34.94 78.11
N TYR D 14 36.96 -35.42 79.31
CA TYR D 14 36.36 -36.64 79.90
C TYR D 14 34.91 -36.48 80.26
N GLN D 15 34.10 -37.48 79.92
CA GLN D 15 32.71 -37.51 80.35
C GLN D 15 32.54 -38.68 81.30
N VAL D 16 32.01 -38.42 82.50
CA VAL D 16 31.67 -39.51 83.41
C VAL D 16 30.48 -40.27 82.88
N LYS D 17 30.36 -41.52 83.33
CA LYS D 17 29.15 -42.27 83.12
C LYS D 17 28.28 -41.98 84.31
N PHE D 18 26.98 -42.20 84.15
CA PHE D 18 25.99 -41.91 85.21
C PHE D 18 26.48 -42.36 86.58
N ARG D 19 25.92 -41.78 87.65
CA ARG D 19 26.33 -42.19 88.99
C ARG D 19 26.21 -43.70 89.26
N ARG D 20 25.04 -44.31 89.03
CA ARG D 20 24.86 -45.75 89.37
C ARG D 20 25.61 -46.66 88.39
N ARG D 21 25.85 -46.20 87.16
CA ARG D 21 26.74 -46.91 86.22
C ARG D 21 28.17 -46.95 86.72
N ARG D 22 28.59 -45.87 87.37
CA ARG D 22 29.91 -45.82 88.01
C ARG D 22 29.98 -46.78 89.20
N GLU D 23 28.92 -46.77 90.01
CA GLU D 23 28.84 -47.61 91.21
C GLU D 23 28.72 -49.09 90.90
N GLY D 24 28.34 -49.42 89.67
CA GLY D 24 28.27 -50.80 89.22
C GLY D 24 26.99 -51.42 89.74
N LYS D 25 25.87 -50.86 89.29
CA LYS D 25 24.57 -51.19 89.84
C LYS D 25 23.46 -51.29 88.80
N THR D 26 23.36 -50.27 87.95
CA THR D 26 22.19 -50.08 87.10
C THR D 26 22.53 -50.26 85.63
N ASP D 27 22.02 -51.34 85.02
CA ASP D 27 22.12 -51.54 83.58
C ASP D 27 21.07 -50.68 82.90
N TYR D 28 21.45 -49.46 82.55
CA TYR D 28 20.51 -48.52 81.92
C TYR D 28 19.98 -48.93 80.54
N TYR D 29 20.69 -49.81 79.85
CA TYR D 29 20.20 -50.45 78.62
C TYR D 29 18.94 -51.24 78.93
N ALA D 30 19.02 -52.03 80.00
CA ALA D 30 17.90 -52.87 80.42
C ALA D 30 16.86 -52.05 81.14
N ARG D 31 17.28 -51.01 81.84
CA ARG D 31 16.36 -50.20 82.61
C ARG D 31 15.31 -49.55 81.72
N LYS D 32 15.74 -49.04 80.57
CA LYS D 32 14.86 -48.40 79.60
C LYS D 32 13.79 -49.35 79.09
N ARG D 33 14.16 -50.58 78.76
CA ARG D 33 13.20 -51.56 78.25
C ARG D 33 12.22 -51.98 79.34
N LEU D 34 12.74 -52.15 80.55
CA LEU D 34 11.96 -52.59 81.71
C LEU D 34 10.84 -51.66 82.10
N VAL D 35 11.21 -50.40 82.23
CA VAL D 35 10.55 -49.52 83.16
C VAL D 35 9.60 -48.51 82.52
N ILE D 36 9.92 -48.06 81.31
CA ILE D 36 9.12 -47.04 80.64
C ILE D 36 7.84 -47.64 80.11
N GLN D 37 6.77 -46.85 80.18
CA GLN D 37 5.48 -47.25 79.66
C GLN D 37 5.37 -46.90 78.19
N ASP D 38 4.34 -47.46 77.58
CA ASP D 38 3.87 -46.97 76.29
C ASP D 38 3.14 -45.66 76.59
N LYS D 39 3.44 -44.62 75.83
CA LYS D 39 2.92 -43.28 76.07
C LYS D 39 1.41 -43.20 76.04
N ASN D 40 0.79 -44.04 75.23
CA ASN D 40 -0.66 -44.12 75.19
C ASN D 40 -1.25 -44.88 76.38
N LYS D 41 -0.42 -45.46 77.23
CA LYS D 41 -0.90 -45.94 78.53
C LYS D 41 -1.00 -44.79 79.50
N TYR D 42 -0.18 -43.75 79.28
CA TYR D 42 -0.16 -42.54 80.10
C TYR D 42 0.27 -42.93 81.51
N ASN D 43 -0.40 -42.41 82.53
CA ASN D 43 0.15 -42.43 83.87
C ASN D 43 -0.04 -43.76 84.59
N THR D 44 -0.68 -44.75 83.93
CA THR D 44 -0.77 -46.09 84.51
C THR D 44 0.61 -46.64 84.77
N PRO D 45 0.85 -47.12 86.00
CA PRO D 45 2.12 -47.67 86.41
C PRO D 45 2.67 -48.77 85.54
N LYS D 46 3.97 -48.97 85.66
CA LYS D 46 4.62 -50.15 85.14
C LYS D 46 5.44 -50.75 86.27
N TYR D 47 4.88 -51.77 86.90
CA TYR D 47 5.51 -52.37 88.06
C TYR D 47 6.63 -53.32 87.67
N ARG D 48 7.61 -53.48 88.56
CA ARG D 48 8.62 -54.52 88.43
C ARG D 48 8.94 -55.14 89.78
N MET D 49 8.98 -56.47 89.79
CA MET D 49 9.40 -57.24 90.95
C MET D 49 10.93 -57.31 90.94
N ILE D 50 11.53 -56.32 91.60
CA ILE D 50 12.97 -56.28 91.80
C ILE D 50 13.36 -57.33 92.83
N VAL D 51 14.41 -58.08 92.52
CA VAL D 51 14.97 -59.07 93.41
C VAL D 51 16.48 -58.93 93.33
N ARG D 52 17.12 -58.75 94.46
CA ARG D 52 18.58 -58.68 94.51
C ARG D 52 19.04 -59.56 95.66
N VAL D 53 20.04 -60.39 95.39
CA VAL D 53 20.65 -61.23 96.42
C VAL D 53 21.96 -60.60 96.85
N THR D 54 21.98 -60.19 98.11
CA THR D 54 23.16 -59.70 98.77
C THR D 54 23.93 -60.91 99.32
N ASN D 55 25.18 -60.71 99.74
CA ASN D 55 25.99 -61.80 100.33
C ASN D 55 25.34 -62.50 101.52
N ARG D 56 24.60 -61.74 102.33
CA ARG D 56 23.90 -62.29 103.51
C ARG D 56 22.38 -62.15 103.48
N ASP D 57 21.81 -61.71 102.36
CA ASP D 57 20.42 -61.28 102.31
C ASP D 57 19.80 -61.44 100.93
N ILE D 58 18.47 -61.46 100.92
CA ILE D 58 17.66 -61.43 99.69
C ILE D 58 16.62 -60.37 99.93
N ILE D 59 16.57 -59.38 99.05
CA ILE D 59 15.53 -58.37 99.10
C ILE D 59 14.58 -58.62 97.93
N CYS D 60 13.29 -58.43 98.19
CA CYS D 60 12.23 -58.50 97.19
C CYS D 60 11.42 -57.22 97.27
N GLN D 61 11.44 -56.42 96.21
CA GLN D 61 10.66 -55.19 96.17
C GLN D 61 9.79 -55.13 94.93
N ILE D 62 8.59 -54.57 95.09
CA ILE D 62 7.74 -54.22 93.98
C ILE D 62 7.85 -52.71 93.86
N ALA D 63 8.11 -52.25 92.65
CA ALA D 63 8.25 -50.83 92.39
C ALA D 63 7.71 -50.47 91.03
N TYR D 64 7.09 -49.29 90.94
CA TYR D 64 6.93 -48.59 89.66
C TYR D 64 7.91 -47.45 89.57
N ALA D 65 7.99 -46.81 88.42
CA ALA D 65 8.92 -45.70 88.20
C ALA D 65 8.23 -44.37 87.91
N ARG D 66 8.43 -43.40 88.80
CA ARG D 66 8.08 -42.01 88.55
C ARG D 66 9.36 -41.22 88.34
N ILE D 67 9.20 -39.98 87.90
CA ILE D 67 10.34 -39.12 87.53
C ILE D 67 11.19 -38.63 88.70
N GLU D 68 10.60 -38.60 89.89
CA GLU D 68 11.32 -38.21 91.11
C GLU D 68 12.30 -39.28 91.55
N GLY D 69 11.98 -40.54 91.29
CA GLY D 69 12.81 -41.67 91.68
C GLY D 69 11.91 -42.85 92.01
N ASP D 70 12.00 -43.89 91.19
CA ASP D 70 11.04 -45.02 91.23
C ASP D 70 10.53 -45.38 92.62
N MET D 71 9.21 -45.37 92.77
CA MET D 71 8.58 -45.56 94.08
C MET D 71 8.32 -47.02 94.35
N ILE D 72 8.47 -47.40 95.62
CA ILE D 72 8.40 -48.77 96.08
C ILE D 72 7.10 -49.05 96.81
N VAL D 73 6.16 -49.67 96.12
CA VAL D 73 4.85 -50.01 96.70
C VAL D 73 4.96 -51.04 97.83
N CYS D 74 5.84 -52.02 97.71
CA CYS D 74 6.01 -53.04 98.75
C CYS D 74 7.35 -53.70 98.70
N ALA D 75 7.74 -54.24 99.85
CA ALA D 75 9.01 -54.93 99.99
C ALA D 75 8.94 -56.04 101.03
N ALA D 76 9.84 -57.00 100.87
CA ALA D 76 10.08 -58.04 101.87
C ALA D 76 11.54 -58.41 101.81
N TYR D 77 12.13 -58.64 102.98
CA TYR D 77 13.54 -58.98 103.10
C TYR D 77 13.66 -60.39 103.66
N ALA D 78 14.79 -61.04 103.39
CA ALA D 78 15.04 -62.37 103.93
C ALA D 78 15.31 -62.35 105.43
N HIS D 79 15.80 -61.23 105.95
CA HIS D 79 16.05 -61.11 107.39
C HIS D 79 14.79 -60.98 108.25
N GLU D 80 13.62 -60.82 107.62
CA GLU D 80 12.35 -60.84 108.35
C GLU D 80 12.00 -62.27 108.73
N LEU D 81 12.43 -63.21 107.91
CA LEU D 81 11.97 -64.60 107.96
C LEU D 81 12.01 -65.31 109.31
N PRO D 82 13.01 -65.01 110.16
CA PRO D 82 12.98 -65.47 111.54
C PRO D 82 11.62 -65.46 112.25
N LYS D 83 10.85 -64.39 112.08
CA LYS D 83 9.47 -64.33 112.57
C LYS D 83 8.68 -65.56 112.18
N TYR D 84 8.75 -65.88 110.89
CA TYR D 84 7.88 -66.88 110.27
C TYR D 84 8.32 -68.32 110.53
N GLY D 85 9.64 -68.53 110.66
CA GLY D 85 10.18 -69.88 110.89
C GLY D 85 11.62 -70.12 110.46
N VAL D 86 12.09 -69.40 109.44
CA VAL D 86 13.42 -69.68 108.86
C VAL D 86 14.52 -69.07 109.73
N LYS D 87 15.28 -69.96 110.39
CA LYS D 87 16.35 -69.59 111.32
C LYS D 87 17.68 -69.38 110.59
N VAL D 88 17.91 -70.17 109.54
CA VAL D 88 19.19 -70.20 108.84
C VAL D 88 19.04 -70.41 107.34
N GLY D 89 20.14 -70.19 106.62
CA GLY D 89 20.17 -70.28 105.16
C GLY D 89 19.20 -69.29 104.60
N LEU D 90 19.52 -68.01 104.78
CA LEU D 90 18.66 -66.92 104.36
C LEU D 90 19.03 -66.36 102.99
N THR D 91 20.16 -66.82 102.44
CA THR D 91 20.49 -66.52 101.06
C THR D 91 20.24 -67.73 100.16
N ASN D 92 19.64 -68.80 100.68
CA ASN D 92 19.44 -70.04 99.92
C ASN D 92 18.18 -69.98 99.10
N TYR D 93 18.09 -70.84 98.10
CA TYR D 93 16.99 -70.83 97.14
C TYR D 93 15.61 -70.92 97.80
N ALA D 94 15.51 -71.78 98.81
CA ALA D 94 14.32 -71.89 99.65
C ALA D 94 13.96 -70.56 100.32
N ALA D 95 14.97 -69.88 100.86
CA ALA D 95 14.75 -68.57 101.47
C ALA D 95 14.29 -67.57 100.43
N ALA D 96 14.90 -67.62 99.24
CA ALA D 96 14.48 -66.78 98.11
C ALA D 96 13.01 -66.97 97.81
N TYR D 97 12.56 -68.22 97.83
CA TYR D 97 11.15 -68.56 97.66
C TYR D 97 10.27 -67.91 98.71
N CYS D 98 10.63 -68.09 99.98
CA CYS D 98 9.88 -67.48 101.08
C CYS D 98 9.80 -65.98 100.91
N THR D 99 10.95 -65.38 100.59
CA THR D 99 11.06 -63.93 100.47
C THR D 99 10.19 -63.38 99.33
N GLY D 100 10.18 -64.08 98.20
CA GLY D 100 9.31 -63.73 97.08
C GLY D 100 7.86 -63.89 97.47
N LEU D 101 7.52 -65.12 97.85
CA LEU D 101 6.18 -65.42 98.35
C LEU D 101 5.67 -64.34 99.31
N LEU D 102 6.49 -64.01 100.31
CA LEU D 102 6.12 -63.02 101.32
C LEU D 102 5.80 -61.65 100.69
N LEU D 103 6.57 -61.26 99.68
CA LEU D 103 6.32 -60.02 98.95
C LEU D 103 4.95 -60.00 98.28
N ALA D 104 4.58 -61.13 97.70
CA ALA D 104 3.27 -61.24 97.06
C ALA D 104 2.15 -61.09 98.06
N ARG D 105 2.27 -61.80 99.18
CA ARG D 105 1.25 -61.79 100.22
C ARG D 105 1.11 -60.42 100.86
N ARG D 106 2.25 -59.84 101.20
CA ARG D 106 2.26 -58.50 101.75
C ARG D 106 1.70 -57.48 100.77
N LEU D 107 2.07 -57.60 99.49
CA LEU D 107 1.50 -56.75 98.46
C LEU D 107 0.00 -56.93 98.40
N LEU D 108 -0.44 -58.17 98.25
CA LEU D 108 -1.85 -58.46 98.11
C LEU D 108 -2.66 -57.95 99.30
N ASN D 109 -2.10 -58.03 100.52
CA ASN D 109 -2.82 -57.58 101.70
C ASN D 109 -3.13 -56.07 101.69
N ARG D 110 -2.29 -55.28 101.02
CA ARG D 110 -2.54 -53.86 100.87
C ARG D 110 -3.78 -53.62 100.03
N PHE D 111 -3.86 -54.31 98.89
CA PHE D 111 -4.95 -54.08 97.95
C PHE D 111 -6.25 -54.81 98.29
N GLY D 112 -6.23 -55.63 99.35
CA GLY D 112 -7.41 -56.40 99.74
C GLY D 112 -7.67 -57.62 98.87
N MET D 113 -6.68 -58.02 98.08
CA MET D 113 -6.75 -59.24 97.28
C MET D 113 -5.97 -60.33 97.98
N ASP D 114 -6.19 -60.47 99.29
CA ASP D 114 -5.61 -61.53 100.08
C ASP D 114 -6.54 -62.76 100.00
N LYS D 115 -7.85 -62.51 99.97
CA LYS D 115 -8.86 -63.58 99.95
C LYS D 115 -9.09 -64.06 98.51
N ILE D 116 -9.16 -63.13 97.58
CA ILE D 116 -9.09 -63.45 96.15
C ILE D 116 -7.61 -63.63 95.83
N TYR D 117 -7.28 -64.57 94.96
CA TYR D 117 -5.89 -64.93 94.66
C TYR D 117 -5.14 -65.43 95.90
N GLU D 118 -5.54 -66.60 96.36
CA GLU D 118 -4.74 -67.38 97.30
C GLU D 118 -3.48 -67.86 96.58
N GLY D 119 -3.63 -68.13 95.28
CA GLY D 119 -2.54 -68.62 94.46
C GLY D 119 -2.35 -70.10 94.67
N GLN D 120 -1.18 -70.59 94.32
CA GLN D 120 -0.83 -72.00 94.52
C GLN D 120 -0.51 -72.20 96.00
N VAL D 121 -1.07 -73.25 96.61
CA VAL D 121 -0.87 -73.53 98.04
C VAL D 121 0.05 -74.72 98.30
N GLU D 122 -0.21 -75.85 97.64
CA GLU D 122 0.48 -77.12 97.94
C GLU D 122 1.95 -77.19 97.48
N VAL D 123 2.36 -76.31 96.57
CA VAL D 123 3.73 -76.25 96.05
C VAL D 123 4.06 -77.53 95.28
N THR D 124 3.56 -77.57 94.05
CA THR D 124 3.92 -78.61 93.10
C THR D 124 5.31 -78.30 92.57
N GLY D 125 5.46 -77.10 92.01
CA GLY D 125 6.68 -76.67 91.35
C GLY D 125 6.53 -76.45 89.86
N ASP D 126 5.45 -76.98 89.26
CA ASP D 126 5.25 -76.92 87.80
C ASP D 126 4.91 -75.50 87.35
N GLU D 127 4.64 -75.34 86.05
CA GLU D 127 4.17 -74.06 85.51
C GLU D 127 2.87 -73.68 86.21
N TYR D 128 2.93 -72.66 87.06
CA TYR D 128 1.71 -72.03 87.58
C TYR D 128 1.66 -70.54 87.22
N ASN D 129 0.45 -70.06 87.01
CA ASN D 129 0.20 -68.65 86.74
C ASN D 129 -1.24 -68.30 87.08
N VAL D 130 -1.48 -67.02 87.35
CA VAL D 130 -2.74 -66.58 87.95
C VAL D 130 -3.68 -66.13 86.86
N GLU D 131 -4.88 -66.71 86.84
CA GLU D 131 -5.95 -66.22 85.98
C GLU D 131 -6.80 -65.26 86.77
N SER D 132 -6.95 -64.03 86.27
CA SER D 132 -7.77 -63.03 86.94
C SER D 132 -9.24 -63.47 86.91
N ILE D 133 -9.91 -63.33 88.05
CA ILE D 133 -11.29 -63.77 88.19
C ILE D 133 -12.22 -62.68 87.70
N ASP D 134 -13.22 -63.07 86.91
CA ASP D 134 -14.18 -62.12 86.35
C ASP D 134 -15.20 -61.75 87.42
N GLY D 135 -15.69 -60.51 87.38
CA GLY D 135 -16.54 -59.97 88.44
C GLY D 135 -15.81 -59.75 89.76
N GLN D 136 -14.50 -59.55 89.66
CA GLN D 136 -13.61 -59.37 90.82
C GLN D 136 -12.45 -58.46 90.37
N PRO D 137 -11.70 -57.88 91.33
CA PRO D 137 -10.55 -57.07 90.92
C PRO D 137 -9.46 -57.96 90.35
N GLY D 138 -8.86 -57.51 89.25
CA GLY D 138 -7.92 -58.33 88.48
C GLY D 138 -6.64 -58.65 89.23
N ALA D 139 -5.87 -59.55 88.66
CA ALA D 139 -4.63 -60.02 89.27
C ALA D 139 -3.56 -58.96 89.07
N PHE D 140 -2.79 -58.68 90.13
CA PHE D 140 -1.65 -57.78 90.05
C PHE D 140 -0.59 -58.39 89.13
N THR D 141 0.00 -57.56 88.28
CA THR D 141 1.01 -58.03 87.33
C THR D 141 2.22 -57.10 87.28
N CYS D 142 3.37 -57.66 87.64
CA CYS D 142 4.65 -56.99 87.49
C CYS D 142 5.57 -57.88 86.68
N TYR D 143 6.77 -57.39 86.45
CA TYR D 143 7.78 -58.10 85.70
C TYR D 143 9.07 -58.18 86.51
N LEU D 144 9.80 -59.27 86.33
CA LEU D 144 11.00 -59.55 87.10
C LEU D 144 12.19 -58.70 86.63
N ASP D 145 12.70 -57.85 87.52
CA ASP D 145 13.95 -57.09 87.30
C ASP D 145 15.09 -57.89 87.91
N ALA D 146 15.77 -58.67 87.07
CA ALA D 146 16.88 -59.52 87.53
C ALA D 146 18.11 -58.73 87.94
N GLY D 147 18.29 -57.55 87.35
CA GLY D 147 19.46 -56.72 87.58
C GLY D 147 20.64 -57.24 86.79
N LEU D 148 21.81 -57.27 87.43
CA LEU D 148 23.05 -57.72 86.78
C LEU D 148 23.31 -59.23 86.95
N ALA D 149 22.37 -59.94 87.56
CA ALA D 149 22.52 -61.36 87.83
C ALA D 149 22.53 -62.17 86.54
N ARG D 150 23.52 -63.03 86.39
CA ARG D 150 23.59 -63.91 85.22
C ARG D 150 22.40 -64.86 85.30
N THR D 151 21.41 -64.58 84.46
CA THR D 151 20.15 -65.33 84.43
C THR D 151 20.37 -66.69 83.76
N THR D 152 20.66 -67.67 84.59
CA THR D 152 20.93 -69.05 84.19
C THR D 152 19.82 -69.91 84.73
N THR D 153 19.90 -71.22 84.50
CA THR D 153 19.02 -72.18 85.16
C THR D 153 19.39 -72.28 86.65
N GLY D 154 18.35 -72.30 87.50
CA GLY D 154 18.53 -72.38 88.94
C GLY D 154 18.96 -71.13 89.69
N ASN D 155 19.00 -69.97 89.04
CA ASN D 155 19.36 -68.72 89.72
C ASN D 155 18.32 -68.39 90.78
N LYS D 156 18.80 -67.90 91.92
CA LYS D 156 17.95 -67.66 93.09
C LYS D 156 16.87 -66.61 92.87
N VAL D 157 17.15 -65.65 92.00
CA VAL D 157 16.13 -64.67 91.57
C VAL D 157 14.84 -65.39 91.17
N PHE D 158 14.99 -66.41 90.32
CA PHE D 158 13.84 -67.20 89.84
C PHE D 158 13.22 -68.05 90.95
N GLY D 159 13.97 -68.30 92.02
CA GLY D 159 13.42 -68.80 93.27
C GLY D 159 12.42 -67.84 93.88
N ALA D 160 12.77 -66.56 93.93
CA ALA D 160 11.86 -65.51 94.40
C ALA D 160 10.68 -65.35 93.47
N LEU D 161 10.97 -65.26 92.18
CA LEU D 161 9.94 -65.14 91.16
C LEU D 161 8.91 -66.25 91.28
N LYS D 162 9.36 -67.49 91.45
CA LYS D 162 8.45 -68.60 91.68
C LYS D 162 7.56 -68.34 92.89
N GLY D 163 8.17 -67.88 93.98
CA GLY D 163 7.46 -67.58 95.21
C GLY D 163 6.33 -66.58 95.02
N ALA D 164 6.65 -65.44 94.42
CA ALA D 164 5.65 -64.39 94.18
C ALA D 164 4.55 -64.84 93.21
N VAL D 165 4.87 -65.77 92.32
CA VAL D 165 3.90 -66.39 91.43
C VAL D 165 2.92 -67.27 92.21
N ASP D 166 3.45 -68.09 93.11
CA ASP D 166 2.62 -68.91 93.99
C ASP D 166 1.87 -68.06 95.02
N GLY D 167 2.46 -66.93 95.39
CA GLY D 167 1.80 -65.95 96.25
C GLY D 167 0.62 -65.21 95.64
N GLY D 168 0.49 -65.21 94.31
CA GLY D 168 -0.67 -64.65 93.62
C GLY D 168 -0.45 -63.35 92.83
N LEU D 169 0.80 -63.10 92.44
CA LEU D 169 1.09 -62.06 91.47
C LEU D 169 1.24 -62.73 90.12
N SER D 170 0.55 -62.19 89.12
CA SER D 170 0.72 -62.65 87.75
C SER D 170 1.98 -62.01 87.19
N ILE D 171 3.09 -62.72 87.31
CA ILE D 171 4.33 -62.32 86.67
C ILE D 171 4.64 -63.33 85.59
N PRO D 172 4.76 -62.88 84.32
CA PRO D 172 5.03 -63.82 83.24
C PRO D 172 6.44 -64.36 83.32
N HIS D 173 6.58 -65.61 82.89
CA HIS D 173 7.82 -66.33 82.97
C HIS D 173 7.70 -67.62 82.20
N SER D 174 8.83 -68.19 81.86
CA SER D 174 8.91 -69.57 81.40
C SER D 174 9.48 -70.40 82.52
N THR D 175 9.49 -71.72 82.33
CA THR D 175 10.15 -72.64 83.26
C THR D 175 11.51 -73.14 82.74
N LYS D 176 12.04 -72.45 81.73
CA LYS D 176 13.27 -72.86 81.07
C LYS D 176 14.48 -72.63 81.98
N ARG D 177 14.34 -71.79 83.01
CA ARG D 177 15.41 -71.64 84.00
C ARG D 177 14.98 -71.70 85.48
N PHE D 178 13.93 -72.48 85.77
CA PHE D 178 13.79 -73.03 87.12
C PHE D 178 14.78 -74.17 87.27
N PRO D 179 15.31 -74.38 88.48
CA PRO D 179 16.20 -75.52 88.70
C PRO D 179 15.41 -76.82 88.58
N GLY D 180 15.73 -77.62 87.57
CA GLY D 180 14.96 -78.80 87.20
C GLY D 180 15.03 -79.02 85.71
N TYR D 181 14.73 -77.96 84.96
CA TYR D 181 14.77 -77.97 83.50
C TYR D 181 16.10 -78.51 82.98
N ASP D 182 16.05 -79.43 82.02
CA ASP D 182 17.24 -80.07 81.47
C ASP D 182 17.67 -79.43 80.16
N SER D 183 18.95 -79.10 80.07
CA SER D 183 19.53 -78.49 78.86
C SER D 183 19.63 -79.50 77.70
N GLU D 184 19.99 -80.75 78.01
CA GLU D 184 20.24 -81.78 77.00
C GLU D 184 19.07 -82.76 76.87
N SER D 185 17.85 -82.21 76.84
CA SER D 185 16.59 -82.99 76.80
C SER D 185 15.37 -82.07 76.64
N LYS D 186 15.38 -80.96 77.38
CA LYS D 186 14.42 -79.86 77.25
C LYS D 186 13.03 -80.21 77.79
N GLU D 187 13.00 -80.85 78.97
CA GLU D 187 11.77 -80.98 79.77
C GLU D 187 12.06 -80.58 81.19
N PHE D 188 10.98 -80.27 81.91
CA PHE D 188 11.02 -79.77 83.26
C PHE D 188 10.50 -80.82 84.21
N ASN D 189 11.26 -81.11 85.27
CA ASN D 189 10.82 -82.08 86.27
C ASN D 189 9.67 -81.54 87.10
N ALA D 190 9.96 -80.48 87.86
CA ALA D 190 9.05 -79.91 88.87
C ALA D 190 8.86 -80.79 90.12
N GLU D 191 9.71 -81.80 90.28
CA GLU D 191 9.96 -82.42 91.58
C GLU D 191 11.35 -82.06 92.08
N VAL D 192 12.31 -82.02 91.16
CA VAL D 192 13.60 -81.36 91.42
C VAL D 192 13.38 -79.93 91.90
N HIS D 193 12.47 -79.23 91.23
CA HIS D 193 12.16 -77.86 91.60
C HIS D 193 11.58 -77.75 93.01
N ARG D 194 10.64 -78.63 93.31
CA ARG D 194 10.07 -78.73 94.65
C ARG D 194 11.15 -78.96 95.72
N LYS D 195 12.07 -79.88 95.44
CA LYS D 195 13.17 -80.20 96.36
C LYS D 195 13.95 -78.95 96.68
N HIS D 196 14.38 -78.25 95.62
CA HIS D 196 15.07 -76.97 95.78
C HIS D 196 14.27 -75.95 96.58
N ILE D 197 12.97 -75.86 96.33
CA ILE D 197 12.10 -74.94 97.05
C ILE D 197 12.04 -75.29 98.54
N MET D 198 12.10 -76.58 98.84
CA MET D 198 12.00 -77.07 100.22
C MET D 198 13.34 -77.20 100.94
N GLY D 199 14.43 -76.89 100.24
CA GLY D 199 15.79 -77.05 100.77
C GLY D 199 16.35 -78.45 100.92
N GLN D 200 15.91 -79.37 100.06
CA GLN D 200 16.41 -80.75 100.10
C GLN D 200 17.79 -80.89 99.45
N ASN D 201 18.09 -80.02 98.50
CA ASN D 201 19.46 -79.92 97.98
C ASN D 201 20.47 -79.61 99.10
N VAL D 202 20.04 -78.79 100.06
CA VAL D 202 20.89 -78.40 101.19
C VAL D 202 20.98 -79.51 102.22
N ALA D 203 19.83 -80.14 102.51
CA ALA D 203 19.77 -81.23 103.48
C ALA D 203 20.64 -82.41 103.09
N ASP D 204 20.61 -82.79 101.81
CA ASP D 204 21.43 -83.90 101.32
C ASP D 204 22.92 -83.62 101.43
N TYR D 205 23.34 -82.39 101.10
CA TYR D 205 24.73 -81.97 101.29
C TYR D 205 25.12 -82.06 102.76
N MET D 206 24.19 -81.70 103.62
CA MET D 206 24.36 -81.83 105.07
C MET D 206 24.56 -83.31 105.43
N ARG D 207 23.71 -84.18 104.89
CA ARG D 207 23.83 -85.63 105.11
C ARG D 207 25.09 -86.23 104.48
N TYR D 208 25.52 -85.70 103.34
CA TYR D 208 26.74 -86.17 102.68
C TYR D 208 28.01 -85.83 103.46
N LEU D 209 28.06 -84.62 104.02
CA LEU D 209 29.22 -84.19 104.79
C LEU D 209 29.36 -84.95 106.10
N MET D 210 28.26 -85.14 106.81
CA MET D 210 28.27 -85.80 108.10
C MET D 210 28.76 -87.24 107.95
N GLU D 211 28.32 -87.90 106.89
CA GLU D 211 28.78 -89.25 106.54
C GLU D 211 30.29 -89.30 106.31
N GLU D 212 30.79 -88.38 105.49
CA GLU D 212 32.20 -88.39 105.07
C GLU D 212 33.14 -87.94 106.20
N ASP D 213 33.05 -86.66 106.58
CA ASP D 213 33.90 -86.10 107.64
C ASP D 213 33.13 -85.12 108.54
N GLU D 214 33.17 -85.39 109.84
CA GLU D 214 32.47 -84.60 110.86
C GLU D 214 32.93 -83.15 110.88
N ASP D 215 34.25 -82.93 110.82
CA ASP D 215 34.83 -81.57 110.95
C ASP D 215 34.39 -80.60 109.86
N ALA D 216 34.29 -81.08 108.63
CA ALA D 216 33.87 -80.24 107.50
C ALA D 216 32.40 -79.82 107.62
N TYR D 217 31.54 -80.78 107.96
CA TYR D 217 30.14 -80.51 108.31
C TYR D 217 30.04 -79.47 109.42
N LYS D 218 30.81 -79.70 110.48
CA LYS D 218 30.85 -78.79 111.63
C LYS D 218 31.30 -77.38 111.23
N LYS D 219 32.25 -77.29 110.30
CA LYS D 219 32.69 -76.02 109.73
C LYS D 219 31.66 -75.41 108.79
N GLN D 220 31.14 -76.21 107.87
CA GLN D 220 30.24 -75.72 106.82
C GLN D 220 28.90 -75.21 107.34
N PHE D 221 28.36 -75.87 108.36
CA PHE D 221 26.99 -75.63 108.81
C PHE D 221 26.93 -75.23 110.29
N SER D 222 27.77 -74.27 110.66
CA SER D 222 27.96 -73.93 112.07
C SER D 222 26.71 -73.33 112.71
N GLN D 223 26.11 -72.37 112.01
CA GLN D 223 24.86 -71.77 112.47
C GLN D 223 23.66 -72.69 112.27
N TYR D 224 23.79 -73.67 111.38
CA TYR D 224 22.79 -74.74 111.23
C TYR D 224 22.82 -75.72 112.42
N ILE D 225 24.02 -75.97 112.96
CA ILE D 225 24.22 -76.87 114.10
C ILE D 225 23.81 -76.19 115.40
N LYS D 226 24.24 -74.93 115.56
CA LYS D 226 23.62 -74.03 116.53
C LYS D 226 22.23 -73.73 115.98
N ASN D 227 21.28 -73.36 116.83
CA ASN D 227 19.84 -73.29 116.46
C ASN D 227 19.18 -74.66 116.18
N ASN D 228 19.99 -75.74 116.13
CA ASN D 228 19.51 -77.11 115.94
C ASN D 228 18.57 -77.30 114.76
N VAL D 229 19.10 -77.01 113.57
CA VAL D 229 18.42 -77.29 112.32
C VAL D 229 19.11 -78.51 111.69
N THR D 230 18.35 -79.60 111.61
CA THR D 230 18.85 -80.88 111.16
C THR D 230 18.33 -81.17 109.75
N PRO D 231 18.88 -82.19 109.06
CA PRO D 231 18.42 -82.50 107.70
C PRO D 231 16.96 -82.93 107.63
N ASP D 232 16.55 -83.77 108.58
CA ASP D 232 15.19 -84.29 108.61
C ASP D 232 14.14 -83.27 109.09
N MET D 233 14.61 -82.22 109.76
CA MET D 233 13.75 -81.12 110.22
C MET D 233 13.46 -80.09 109.13
N MET D 234 14.23 -80.14 108.04
CA MET D 234 14.31 -79.04 107.08
C MET D 234 13.01 -78.78 106.32
N GLU D 235 12.42 -79.84 105.76
CA GLU D 235 11.24 -79.68 104.87
C GLU D 235 10.05 -79.13 105.62
N GLU D 236 9.77 -79.71 106.79
CA GLU D 236 8.73 -79.20 107.69
C GLU D 236 8.87 -77.71 107.96
N MET D 237 10.09 -77.29 108.30
CA MET D 237 10.41 -75.90 108.67
C MET D 237 9.92 -74.91 107.61
N TYR D 238 10.27 -75.17 106.36
CA TYR D 238 9.89 -74.28 105.27
C TYR D 238 8.38 -74.29 105.00
N LYS D 239 7.73 -75.44 105.19
CA LYS D 239 6.27 -75.52 105.04
C LYS D 239 5.50 -74.75 106.12
N LYS D 240 6.01 -74.80 107.36
CA LYS D 240 5.46 -74.01 108.46
C LYS D 240 5.55 -72.53 108.11
N ALA D 241 6.75 -72.12 107.70
CA ALA D 241 7.04 -70.75 107.32
C ALA D 241 6.11 -70.26 106.21
N HIS D 242 5.92 -71.10 105.19
CA HIS D 242 4.99 -70.79 104.09
C HIS D 242 3.58 -70.54 104.60
N ALA D 243 3.11 -71.37 105.53
CA ALA D 243 1.78 -71.20 106.10
C ALA D 243 1.69 -69.89 106.87
N ALA D 244 2.67 -69.64 107.73
CA ALA D 244 2.69 -68.45 108.61
C ALA D 244 2.76 -67.13 107.83
N ILE D 245 3.52 -67.14 106.73
CA ILE D 245 3.53 -66.04 105.76
C ILE D 245 2.13 -65.86 105.19
N ARG D 246 1.56 -66.97 104.72
CA ARG D 246 0.26 -66.98 104.07
C ARG D 246 -0.88 -66.51 104.98
N GLU D 247 -0.72 -66.68 106.30
CA GLU D 247 -1.75 -66.27 107.28
C GLU D 247 -1.60 -64.83 107.79
N ASN D 248 -0.35 -64.33 107.91
CA ASN D 248 -0.09 -62.94 108.30
C ASN D 248 1.17 -62.38 107.65
N PRO D 249 1.02 -61.59 106.57
CA PRO D 249 2.18 -61.02 105.88
C PRO D 249 2.53 -59.57 106.27
N VAL D 250 1.73 -58.93 107.11
CA VAL D 250 1.84 -57.49 107.36
C VAL D 250 3.10 -57.10 108.15
N TYR D 251 3.82 -56.09 107.67
CA TYR D 251 5.02 -55.59 108.33
C TYR D 251 4.67 -54.45 109.27
N GLU D 252 5.22 -54.49 110.50
CA GLU D 252 4.90 -53.49 111.53
C GLU D 252 6.07 -52.56 111.95
N LYS D 253 7.27 -52.78 111.41
CA LYS D 253 8.46 -51.98 111.75
C LYS D 253 8.82 -52.10 113.24
N LYS D 254 9.65 -51.20 113.74
CA LYS D 254 9.90 -51.03 115.17
C LYS D 254 9.89 -49.54 115.51
N PRO D 255 9.27 -49.17 116.66
CA PRO D 255 9.12 -47.76 117.02
C PRO D 255 10.45 -47.15 117.49
N LYS D 256 11.22 -46.67 116.52
CA LYS D 256 12.59 -46.23 116.77
C LYS D 256 12.64 -44.81 117.33
N ARG D 257 13.29 -44.65 118.48
CA ARG D 257 13.46 -43.35 119.15
C ARG D 257 14.61 -43.43 120.17
N GLU D 258 14.80 -42.37 120.96
CA GLU D 258 15.86 -42.28 121.98
C GLU D 258 17.24 -42.24 121.32
N VAL D 259 17.44 -41.22 120.49
CA VAL D 259 18.67 -41.04 119.72
C VAL D 259 19.46 -39.88 120.32
N LYS D 260 20.75 -40.11 120.56
CA LYS D 260 21.63 -39.11 121.18
C LYS D 260 21.96 -37.94 120.24
N LYS D 261 21.96 -38.21 118.93
CA LYS D 261 22.28 -37.23 117.88
C LYS D 261 23.72 -36.74 118.00
N LYS D 262 24.65 -37.64 117.69
CA LYS D 262 26.08 -37.36 117.73
C LYS D 262 26.74 -37.70 116.40
N ARG D 263 27.75 -36.91 116.05
CA ARG D 263 28.47 -37.04 114.79
C ARG D 263 29.57 -38.09 114.89
N TRP D 264 29.32 -39.26 114.29
CA TRP D 264 30.35 -40.27 114.05
C TRP D 264 31.33 -39.85 112.97
N ASN D 265 30.83 -39.03 112.06
CA ASN D 265 31.56 -38.63 110.88
C ASN D 265 32.58 -37.53 111.22
N ARG D 266 33.17 -36.93 110.18
CA ARG D 266 34.09 -35.82 110.34
C ARG D 266 33.61 -34.71 109.41
N PRO D 267 33.26 -33.54 109.96
CA PRO D 267 32.64 -32.52 109.11
C PRO D 267 33.64 -31.81 108.20
N LYS D 268 33.10 -30.99 107.31
CA LYS D 268 33.91 -30.38 106.26
C LYS D 268 34.67 -29.17 106.81
N MET D 269 35.95 -29.11 106.49
CA MET D 269 36.87 -28.12 107.05
C MET D 269 36.62 -26.79 106.36
N SER D 270 36.36 -25.74 107.15
CA SER D 270 35.92 -24.45 106.60
C SER D 270 37.04 -23.74 105.85
N LEU D 271 36.65 -22.87 104.92
CA LEU D 271 37.59 -22.11 104.09
C LEU D 271 38.72 -21.57 104.92
N ALA D 272 38.33 -20.84 105.96
CA ALA D 272 39.26 -20.09 106.78
C ALA D 272 40.28 -20.97 107.51
N GLN D 273 39.85 -22.16 107.95
CA GLN D 273 40.77 -23.15 108.52
C GLN D 273 41.77 -23.59 107.48
N LYS D 274 41.27 -23.95 106.30
CA LYS D 274 42.11 -24.36 105.17
C LYS D 274 43.09 -23.27 104.77
N LYS D 275 42.62 -22.03 104.84
CA LYS D 275 43.41 -20.85 104.48
C LYS D 275 44.58 -20.66 105.43
N ASP D 276 44.29 -20.77 106.73
CA ASP D 276 45.32 -20.70 107.75
C ASP D 276 46.29 -21.87 107.66
N ARG D 277 45.76 -23.07 107.48
CA ARG D 277 46.57 -24.28 107.47
C ARG D 277 47.76 -24.18 106.51
N VAL D 278 47.56 -23.62 105.32
CA VAL D 278 48.70 -23.41 104.40
C VAL D 278 49.59 -22.32 104.97
N ALA D 279 48.98 -21.27 105.54
CA ALA D 279 49.73 -20.19 106.20
C ALA D 279 50.72 -20.71 107.23
N GLN D 280 50.31 -21.72 108.01
CA GLN D 280 51.17 -22.32 109.03
C GLN D 280 52.24 -23.20 108.43
N LYS D 281 51.90 -23.93 107.37
CA LYS D 281 52.87 -24.73 106.62
C LYS D 281 53.92 -23.86 105.94
N LYS D 282 53.52 -22.65 105.54
CA LYS D 282 54.43 -21.70 104.90
C LYS D 282 55.42 -21.18 105.92
N ALA D 283 54.89 -20.75 107.07
CA ALA D 283 55.72 -20.27 108.18
C ALA D 283 56.66 -21.38 108.66
N SER D 284 56.09 -22.52 109.01
CA SER D 284 56.84 -23.65 109.53
C SER D 284 57.98 -24.10 108.62
N PHE D 285 57.79 -24.01 107.31
CA PHE D 285 58.87 -24.31 106.36
C PHE D 285 59.97 -23.27 106.53
N LEU D 286 59.59 -22.00 106.54
CA LEU D 286 60.55 -20.90 106.65
C LEU D 286 61.36 -20.97 107.95
N ARG D 287 60.68 -21.06 109.09
CA ARG D 287 61.37 -21.16 110.38
C ARG D 287 62.26 -22.41 110.48
N ALA D 288 61.85 -23.49 109.81
CA ALA D 288 62.61 -24.74 109.81
C ALA D 288 63.92 -24.61 109.03
N GLN D 289 63.84 -24.07 107.82
CA GLN D 289 65.03 -23.95 106.97
C GLN D 289 66.04 -22.90 107.46
N GLU D 290 65.58 -21.92 108.25
CA GLU D 290 66.48 -20.92 108.86
C GLU D 290 67.13 -21.47 110.15
N ARG D 291 67.92 -22.52 109.98
CA ARG D 291 68.60 -23.21 111.09
C ARG D 291 69.79 -24.00 110.55
N ALA D 292 69.50 -24.98 109.67
CA ALA D 292 70.51 -25.79 109.02
C ALA D 292 71.04 -25.09 107.78
N PRO E 1 -33.46 53.74 78.60
CA PRO E 1 -32.53 53.33 77.54
C PRO E 1 -31.07 53.64 77.91
N HIS E 2 -30.63 53.05 79.03
CA HIS E 2 -29.28 53.27 79.56
C HIS E 2 -28.21 52.76 78.57
N CYS E 3 -27.02 53.36 78.64
CA CYS E 3 -25.87 52.91 77.88
C CYS E 3 -25.32 51.55 78.40
N SER E 4 -24.18 51.14 77.87
CA SER E 4 -23.62 49.82 78.13
C SER E 4 -22.99 49.64 79.51
N ARG E 5 -23.67 48.96 80.42
CA ARG E 5 -23.19 48.91 81.82
C ARG E 5 -21.82 48.25 82.05
N ASN E 6 -21.35 47.40 81.14
CA ASN E 6 -19.89 47.12 81.09
C ASN E 6 -19.22 47.73 79.88
N PRO E 7 -18.04 48.34 80.09
CA PRO E 7 -17.29 48.92 78.99
C PRO E 7 -16.59 47.84 78.21
N VAL E 8 -15.94 48.25 77.14
CA VAL E 8 -15.18 47.35 76.32
C VAL E 8 -13.78 47.25 76.89
N LEU E 9 -13.29 46.02 76.94
CA LEU E 9 -11.93 45.73 77.32
C LEU E 9 -11.13 45.52 76.04
N VAL E 10 -11.64 44.60 75.22
CA VAL E 10 -11.11 44.30 73.90
C VAL E 10 -12.35 44.11 73.04
N ARG E 11 -12.26 44.35 71.74
CA ARG E 11 -13.33 43.95 70.84
C ARG E 11 -13.76 42.54 71.22
N GLY E 12 -14.99 42.40 71.71
CA GLY E 12 -15.55 41.09 72.04
C GLY E 12 -15.32 40.60 73.46
N ILE E 13 -14.60 41.38 74.27
CA ILE E 13 -14.41 41.07 75.67
C ILE E 13 -14.83 42.28 76.50
N GLY E 14 -15.93 42.13 77.23
CA GLY E 14 -16.34 43.12 78.20
C GLY E 14 -15.44 43.09 79.42
N ARG E 15 -15.29 44.24 80.07
CA ARG E 15 -14.42 44.41 81.24
C ARG E 15 -14.88 43.53 82.40
N TYR E 16 -16.19 43.37 82.59
CA TYR E 16 -16.68 42.81 83.84
C TYR E 16 -16.80 41.30 83.87
N SER E 17 -18.00 40.74 83.78
CA SER E 17 -18.15 39.29 83.85
C SER E 17 -19.59 38.94 83.52
N ARG E 18 -20.03 37.77 83.96
CA ARG E 18 -21.44 37.45 84.06
C ARG E 18 -21.92 37.92 85.44
N SER E 19 -21.11 37.59 86.46
CA SER E 19 -21.48 37.77 87.86
C SER E 19 -21.48 39.21 88.36
N ALA E 20 -20.48 39.98 87.94
CA ALA E 20 -20.47 41.42 88.22
C ALA E 20 -21.63 42.10 87.53
N MET E 21 -21.95 41.63 86.33
CA MET E 21 -23.03 42.22 85.54
C MET E 21 -24.40 41.97 86.15
N TYR E 22 -24.60 40.77 86.70
CA TYR E 22 -25.82 40.43 87.44
C TYR E 22 -26.04 41.42 88.58
N SER E 23 -24.97 41.74 89.30
CA SER E 23 -25.03 42.70 90.40
C SER E 23 -25.19 44.14 89.91
N ARG E 24 -24.42 44.51 88.88
CA ARG E 24 -24.54 45.84 88.27
C ARG E 24 -25.92 46.10 87.65
N LYS E 25 -26.33 45.23 86.72
CA LYS E 25 -27.68 45.31 86.14
C LYS E 25 -28.79 45.09 87.18
N ALA E 26 -28.44 44.38 88.26
CA ALA E 26 -29.33 44.13 89.39
C ALA E 26 -30.50 43.25 88.96
N LEU E 27 -30.19 41.99 88.71
CA LEU E 27 -31.18 40.97 88.35
C LEU E 27 -31.96 40.54 89.59
N TYR E 28 -31.30 40.58 90.75
CA TYR E 28 -32.00 40.65 92.03
C TYR E 28 -32.85 41.93 92.03
N LYS E 29 -34.10 41.82 92.49
CA LYS E 29 -35.08 42.92 92.53
C LYS E 29 -35.74 43.28 91.19
N ARG E 30 -35.18 42.82 90.07
CA ARG E 30 -35.78 43.02 88.75
C ARG E 30 -36.25 41.66 88.23
N LYS E 31 -37.08 41.00 89.04
CA LYS E 31 -37.59 39.66 88.77
C LYS E 31 -39.05 39.78 88.34
N TYR E 32 -39.36 39.32 87.11
CA TYR E 32 -40.64 39.61 86.46
C TYR E 32 -41.64 38.46 86.56
N ALA E 33 -42.32 38.37 87.70
CA ALA E 33 -43.31 37.32 87.95
C ALA E 33 -44.55 37.51 87.06
N ALA E 34 -44.51 36.89 85.88
CA ALA E 34 -45.63 36.92 84.92
C ALA E 34 -45.99 35.50 84.53
N PRO E 35 -47.16 35.04 84.99
CA PRO E 35 -47.64 33.69 84.72
C PRO E 35 -48.23 33.61 83.31
N VAL E 48 -58.77 33.08 59.20
CA VAL E 48 -59.53 34.16 58.58
C VAL E 48 -61.00 33.74 58.51
N LEU E 49 -61.26 32.65 57.77
CA LEU E 49 -62.61 32.07 57.62
C LEU E 49 -63.68 33.07 57.14
N ALA E 50 -64.18 33.90 58.06
CA ALA E 50 -65.23 34.89 57.77
C ALA E 50 -64.69 36.31 57.93
N THR E 51 -64.12 36.59 59.11
CA THR E 51 -63.50 37.89 59.40
C THR E 51 -62.28 38.12 58.52
N VAL E 52 -62.43 38.96 57.50
CA VAL E 52 -61.37 39.23 56.51
C VAL E 52 -60.20 39.99 57.16
N THR E 53 -58.98 39.66 56.73
CA THR E 53 -57.78 40.19 57.38
C THR E 53 -57.46 41.61 56.91
N LYS E 54 -56.91 41.77 55.70
CA LYS E 54 -56.48 43.08 55.19
C LYS E 54 -56.86 43.32 53.70
N PRO E 55 -58.14 43.73 53.46
CA PRO E 55 -58.66 44.33 52.23
C PRO E 55 -59.41 45.68 52.50
N VAL E 56 -60.62 45.87 51.94
CA VAL E 56 -61.68 46.82 52.38
C VAL E 56 -61.71 48.16 51.62
N GLY E 57 -62.91 48.58 51.21
CA GLY E 57 -63.17 49.85 50.51
C GLY E 57 -64.64 50.27 50.59
N GLY E 58 -65.13 50.97 49.56
CA GLY E 58 -66.52 51.51 49.52
C GLY E 58 -67.34 50.98 48.35
N ASP E 59 -68.07 51.87 47.66
CA ASP E 59 -68.68 51.68 46.31
C ASP E 59 -70.22 51.61 46.32
N LYS E 60 -70.82 51.90 45.16
CA LYS E 60 -72.28 52.08 44.99
C LYS E 60 -73.15 50.79 44.95
N ASN E 61 -73.64 50.37 43.77
CA ASN E 61 -74.83 49.50 43.69
C ASN E 61 -74.51 48.00 43.71
N GLY E 62 -75.33 47.27 44.45
CA GLY E 62 -75.02 45.92 44.92
C GLY E 62 -74.61 45.97 46.38
N GLY E 63 -73.75 46.93 46.73
CA GLY E 63 -73.29 47.15 48.10
C GLY E 63 -71.87 47.68 48.12
N THR E 64 -71.11 47.35 49.16
CA THR E 64 -69.68 47.66 49.21
C THR E 64 -68.84 46.51 48.66
N ARG E 65 -67.67 46.86 48.13
CA ARG E 65 -66.75 45.90 47.51
C ARG E 65 -65.51 45.67 48.38
N VAL E 66 -65.13 44.39 48.51
CA VAL E 66 -63.93 43.98 49.22
C VAL E 66 -62.80 43.91 48.22
N VAL E 67 -61.89 44.89 48.28
CA VAL E 67 -60.70 44.89 47.41
C VAL E 67 -59.68 43.87 47.92
N LYS E 68 -58.46 43.90 47.40
CA LYS E 68 -57.37 43.09 47.93
C LYS E 68 -56.05 43.83 47.72
N LEU E 69 -55.55 44.44 48.78
CA LEU E 69 -54.24 45.11 48.74
C LEU E 69 -53.21 44.04 48.47
N ARG E 70 -52.25 44.34 47.59
CA ARG E 70 -51.19 43.39 47.22
C ARG E 70 -51.82 42.14 46.59
N LYS E 71 -52.24 42.29 45.33
CA LYS E 71 -53.02 41.26 44.63
C LYS E 71 -52.08 40.33 43.89
N MET E 72 -52.40 39.03 43.89
CA MET E 72 -51.50 38.00 43.37
C MET E 72 -51.26 38.19 41.88
N PRO E 73 -50.09 37.76 41.39
CA PRO E 73 -49.54 38.36 40.18
C PRO E 73 -50.17 37.88 38.88
N ARG E 74 -49.91 38.66 37.83
CA ARG E 74 -50.47 38.45 36.49
C ARG E 74 -49.46 37.85 35.51
N TYR E 75 -48.28 37.48 36.01
CA TYR E 75 -47.34 36.72 35.23
C TYR E 75 -46.36 36.02 36.16
N TYR E 76 -46.15 34.74 35.90
CA TYR E 76 -45.03 34.02 36.48
C TYR E 76 -44.03 33.71 35.38
N PRO E 77 -42.73 33.86 35.67
CA PRO E 77 -41.72 33.45 34.72
C PRO E 77 -41.50 31.95 34.79
N THR E 78 -40.94 31.41 33.71
CA THR E 78 -40.83 29.96 33.52
C THR E 78 -39.88 29.28 34.48
N GLU E 79 -38.81 29.99 34.82
CA GLU E 79 -37.95 29.56 35.89
C GLU E 79 -37.32 30.79 36.52
N ASP E 80 -37.05 30.69 37.81
CA ASP E 80 -36.48 31.81 38.57
C ASP E 80 -35.57 31.30 39.68
N VAL E 81 -34.62 32.14 40.07
CA VAL E 81 -33.56 31.73 41.00
C VAL E 81 -34.09 31.60 42.43
N PRO E 82 -33.41 30.76 43.26
CA PRO E 82 -34.01 30.33 44.51
C PRO E 82 -33.25 30.76 45.78
N ARG E 83 -33.51 31.99 46.25
CA ARG E 83 -33.04 32.49 47.56
C ARG E 83 -31.51 32.44 47.72
N LYS E 84 -31.03 32.70 48.94
CA LYS E 84 -29.60 32.53 49.26
C LYS E 84 -29.45 31.81 50.61
N LEU E 85 -28.63 32.32 51.54
CA LEU E 85 -28.26 31.59 52.76
C LEU E 85 -27.89 32.48 53.98
N LEU E 86 -28.53 33.65 54.08
CA LEU E 86 -28.45 34.57 55.24
C LEU E 86 -27.13 35.32 55.49
N SER E 87 -26.03 34.61 55.76
CA SER E 87 -24.68 35.19 55.65
C SER E 87 -24.31 36.41 56.54
N HIS E 88 -24.86 36.44 57.74
CA HIS E 88 -24.06 36.74 58.92
C HIS E 88 -23.52 38.19 59.08
N GLY E 89 -22.54 38.63 58.28
CA GLY E 89 -21.83 39.89 58.63
C GLY E 89 -21.37 40.74 57.48
N ARG E 90 -22.31 41.08 56.59
CA ARG E 90 -21.95 41.61 55.28
C ARG E 90 -22.67 42.93 55.09
N LYS E 91 -22.19 43.95 55.78
CA LYS E 91 -22.85 45.25 55.85
C LYS E 91 -22.75 46.03 54.55
N PRO E 92 -23.77 46.86 54.24
CA PRO E 92 -23.62 47.79 53.13
C PRO E 92 -22.71 48.97 53.49
N PHE E 93 -21.93 49.43 52.51
CA PHE E 93 -20.98 50.54 52.64
C PHE E 93 -21.31 51.64 53.64
N SER E 94 -22.57 52.07 53.70
CA SER E 94 -23.00 53.11 54.63
C SER E 94 -22.76 52.74 56.10
N GLN E 95 -23.09 51.50 56.44
CA GLN E 95 -22.93 51.01 57.80
C GLN E 95 -21.50 50.61 58.16
N HIS E 96 -20.54 50.80 57.24
CA HIS E 96 -19.15 50.42 57.49
C HIS E 96 -18.51 51.34 58.50
N VAL E 97 -17.43 50.84 59.11
CA VAL E 97 -16.58 51.67 59.96
C VAL E 97 -15.47 52.27 59.12
N ARG E 98 -15.10 53.52 59.44
CA ARG E 98 -14.17 54.31 58.64
C ARG E 98 -12.83 54.49 59.36
N LYS E 99 -11.75 54.27 58.61
CA LYS E 99 -10.39 54.34 59.14
C LYS E 99 -9.80 55.67 58.70
N LEU E 100 -8.58 55.95 59.17
CA LEU E 100 -7.84 57.14 58.77
C LEU E 100 -6.42 56.95 59.23
N ARG E 101 -5.45 57.10 58.33
CA ARG E 101 -4.05 57.01 58.73
C ARG E 101 -3.77 58.08 59.78
N ALA E 102 -3.15 57.66 60.88
CA ALA E 102 -2.85 58.55 62.01
C ALA E 102 -2.05 59.78 61.56
N SER E 103 -1.18 59.57 60.59
CA SER E 103 -0.47 60.64 59.90
C SER E 103 -1.39 61.79 59.48
N ILE E 104 -2.51 61.46 58.83
CA ILE E 104 -3.46 62.48 58.38
C ILE E 104 -4.32 63.00 59.55
N THR E 105 -3.96 64.19 60.04
CA THR E 105 -4.70 64.92 61.08
C THR E 105 -5.21 66.22 60.47
N PRO E 106 -6.22 66.88 61.09
CA PRO E 106 -6.76 68.09 60.48
C PRO E 106 -5.75 69.23 60.39
N GLY E 107 -5.78 69.95 59.27
CA GLY E 107 -4.80 71.00 58.99
C GLY E 107 -3.41 70.48 58.67
N THR E 108 -3.31 69.21 58.29
CA THR E 108 -2.05 68.65 57.83
C THR E 108 -1.96 68.94 56.33
N ILE E 109 -0.84 68.53 55.76
CA ILE E 109 -0.57 68.75 54.35
C ILE E 109 -0.42 67.42 53.65
N LEU E 110 -0.99 67.35 52.45
CA LEU E 110 -1.00 66.16 51.65
C LEU E 110 -0.27 66.41 50.34
N ILE E 111 0.10 65.33 49.66
CA ILE E 111 0.51 65.37 48.26
C ILE E 111 -0.48 64.48 47.51
N ILE E 112 -1.34 65.09 46.71
CA ILE E 112 -2.39 64.33 46.02
C ILE E 112 -1.75 63.66 44.80
N LEU E 113 -1.82 62.33 44.78
CA LEU E 113 -0.98 61.48 43.91
C LEU E 113 -1.54 61.08 42.55
N THR E 114 -2.86 61.15 42.38
CA THR E 114 -3.52 60.44 41.28
C THR E 114 -4.17 61.33 40.21
N GLY E 115 -5.04 62.25 40.59
CA GLY E 115 -6.01 62.85 39.66
C GLY E 115 -5.50 63.79 38.59
N ARG E 116 -6.25 64.85 38.31
CA ARG E 116 -5.73 65.97 37.51
C ARG E 116 -4.89 66.88 38.39
N HIS E 117 -5.29 66.99 39.66
CA HIS E 117 -4.53 67.75 40.65
C HIS E 117 -3.46 66.82 41.22
N ARG E 118 -2.48 66.55 40.38
CA ARG E 118 -1.59 65.41 40.53
C ARG E 118 -0.24 65.93 40.92
N GLY E 119 0.27 65.46 42.05
CA GLY E 119 1.49 66.02 42.62
C GLY E 119 1.30 67.35 43.35
N LYS E 120 0.21 68.07 43.04
CA LYS E 120 -0.16 69.30 43.73
C LYS E 120 -0.22 69.10 45.24
N ARG E 121 0.18 70.13 45.99
CA ARG E 121 0.14 70.08 47.45
C ARG E 121 -1.10 70.76 47.98
N VAL E 122 -1.51 70.36 49.17
CA VAL E 122 -2.88 70.59 49.62
C VAL E 122 -2.96 70.61 51.14
N VAL E 123 -4.01 71.24 51.65
CA VAL E 123 -4.37 71.15 53.06
C VAL E 123 -5.58 70.23 53.26
N PHE E 124 -5.50 69.39 54.28
CA PHE E 124 -6.57 68.46 54.64
C PHE E 124 -7.50 69.12 55.66
N LEU E 125 -8.80 69.04 55.41
CA LEU E 125 -9.82 69.74 56.18
C LEU E 125 -10.62 68.81 57.11
N LYS E 126 -11.13 67.71 56.55
CA LYS E 126 -11.88 66.73 57.34
C LYS E 126 -12.08 65.41 56.59
N GLN E 127 -12.39 64.36 57.34
CA GLN E 127 -12.86 63.09 56.81
C GLN E 127 -14.38 63.20 56.72
N LEU E 128 -14.95 63.03 55.53
CA LEU E 128 -16.40 63.10 55.36
C LEU E 128 -17.06 61.83 55.87
N SER E 129 -18.39 61.76 55.79
CA SER E 129 -19.15 60.56 56.20
C SER E 129 -18.65 59.32 55.47
N SER E 130 -18.62 59.40 54.14
CA SER E 130 -18.09 58.36 53.25
C SER E 130 -16.86 57.63 53.75
N GLY E 131 -15.90 58.41 54.25
CA GLY E 131 -14.56 57.91 54.55
C GLY E 131 -13.54 58.59 53.65
N LEU E 132 -14.02 59.27 52.62
CA LEU E 132 -13.20 60.18 51.84
C LEU E 132 -12.69 61.33 52.70
N LEU E 133 -11.58 61.89 52.25
CA LEU E 133 -11.07 63.14 52.76
C LEU E 133 -11.78 64.27 52.07
N LEU E 134 -12.03 65.34 52.81
CA LEU E 134 -12.26 66.66 52.25
C LEU E 134 -10.92 67.38 52.24
N VAL E 135 -10.75 68.21 51.22
CA VAL E 135 -9.45 68.77 50.94
C VAL E 135 -9.59 70.15 50.31
N THR E 136 -8.57 70.96 50.51
CA THR E 136 -8.45 72.25 49.86
C THR E 136 -6.98 72.61 49.82
N GLY E 137 -6.45 72.81 48.61
CA GLY E 137 -5.16 73.45 48.42
C GLY E 137 -5.55 74.84 48.00
N PRO E 138 -5.87 75.72 48.97
CA PRO E 138 -6.64 76.94 48.78
C PRO E 138 -6.63 77.43 47.34
N LEU E 139 -7.70 77.10 46.62
CA LEU E 139 -7.95 77.51 45.23
C LEU E 139 -7.08 78.67 44.74
N SER E 140 -7.05 79.72 45.56
CA SER E 140 -6.14 80.88 45.41
C SER E 140 -4.68 80.51 45.09
N LEU E 141 -4.06 79.71 45.96
CA LEU E 141 -2.65 79.35 45.80
C LEU E 141 -2.42 78.40 44.64
N ASN E 142 -3.10 77.28 44.73
CA ASN E 142 -2.72 76.06 44.04
C ASN E 142 -3.48 75.85 42.77
N ARG E 143 -4.76 76.23 42.80
CA ARG E 143 -5.78 75.87 41.83
C ARG E 143 -6.31 74.47 42.15
N VAL E 144 -6.70 74.31 43.41
CA VAL E 144 -7.32 73.10 43.94
C VAL E 144 -8.47 73.50 44.89
N PRO E 145 -9.71 73.32 44.45
CA PRO E 145 -10.86 73.78 45.25
C PRO E 145 -11.18 72.87 46.44
N LEU E 146 -12.33 73.14 47.08
CA LEU E 146 -12.91 72.20 48.04
C LEU E 146 -13.23 70.94 47.28
N ARG E 147 -12.67 69.83 47.76
CA ARG E 147 -12.58 68.63 46.94
C ARG E 147 -12.38 67.38 47.78
N ARG E 148 -13.01 66.30 47.36
CA ARG E 148 -12.85 65.02 48.01
C ARG E 148 -11.59 64.31 47.51
N THR E 149 -10.96 63.54 48.39
CA THR E 149 -9.90 62.62 47.99
C THR E 149 -9.93 61.39 48.87
N HIS E 150 -9.15 60.40 48.46
CA HIS E 150 -9.01 59.17 49.21
C HIS E 150 -7.68 59.19 49.96
N GLN E 151 -7.73 58.82 51.25
CA GLN E 151 -6.54 58.45 52.02
C GLN E 151 -5.49 57.75 51.17
N LYS E 152 -5.94 56.70 50.48
CA LYS E 152 -5.05 55.76 49.80
C LYS E 152 -4.25 56.36 48.62
N PHE E 153 -4.72 57.46 48.04
CA PHE E 153 -4.02 58.11 46.93
C PHE E 153 -3.54 59.49 47.31
N VAL E 154 -2.87 59.57 48.46
CA VAL E 154 -2.47 60.82 49.08
C VAL E 154 -1.32 60.54 50.04
N ILE E 155 -0.28 61.36 50.00
CA ILE E 155 0.84 61.20 50.92
C ILE E 155 0.78 62.24 52.03
N ALA E 156 0.63 61.76 53.25
CA ALA E 156 0.46 62.61 54.42
C ALA E 156 1.80 63.19 54.87
N THR E 157 2.11 64.36 54.32
CA THR E 157 3.35 65.06 54.63
C THR E 157 3.40 65.42 56.12
N SER E 158 4.60 65.41 56.69
CA SER E 158 4.81 65.79 58.09
C SER E 158 4.97 67.31 58.15
N THR E 159 3.91 68.02 57.82
CA THR E 159 3.89 69.47 57.82
C THR E 159 2.45 69.88 58.11
N LYS E 160 2.25 70.61 59.21
CA LYS E 160 0.92 71.00 59.64
C LYS E 160 0.78 72.50 59.80
N ILE E 161 -0.41 72.97 59.46
CA ILE E 161 -0.87 74.32 59.77
C ILE E 161 -1.80 74.09 60.96
N ASP E 162 -1.93 75.07 61.83
CA ASP E 162 -2.85 74.97 62.96
C ASP E 162 -4.23 75.46 62.50
N ILE E 163 -5.11 74.50 62.20
CA ILE E 163 -6.43 74.79 61.62
C ILE E 163 -7.58 74.67 62.64
N SER E 164 -7.24 74.45 63.90
CA SER E 164 -8.21 74.12 64.96
C SER E 164 -9.55 74.86 64.86
N GLY E 165 -9.51 76.18 65.06
CA GLY E 165 -10.73 77.00 65.11
C GLY E 165 -11.14 77.64 63.80
N VAL E 166 -11.38 76.83 62.78
CA VAL E 166 -12.04 77.30 61.55
C VAL E 166 -13.35 76.53 61.39
N LYS E 167 -14.46 77.29 61.30
CA LYS E 167 -15.77 76.70 61.18
C LYS E 167 -16.04 76.35 59.71
N ILE E 168 -15.65 75.14 59.34
CA ILE E 168 -16.03 74.55 58.05
C ILE E 168 -17.58 74.46 58.02
N PRO E 169 -18.21 74.83 56.89
CA PRO E 169 -19.67 74.74 56.79
C PRO E 169 -20.21 73.33 57.08
N LYS E 170 -21.24 73.26 57.92
CA LYS E 170 -21.90 71.99 58.24
C LYS E 170 -22.55 71.41 56.99
N HIS E 171 -23.10 72.29 56.16
CA HIS E 171 -23.84 71.87 54.97
C HIS E 171 -22.99 71.20 53.89
N LEU E 172 -21.66 71.44 53.90
CA LEU E 172 -20.79 70.75 52.96
C LEU E 172 -20.41 69.34 53.43
N THR E 173 -20.97 68.37 52.73
CA THR E 173 -20.83 66.96 53.05
C THR E 173 -20.70 66.15 51.77
N ASP E 174 -20.32 64.89 51.96
CA ASP E 174 -20.34 63.86 50.92
C ASP E 174 -21.45 64.07 49.88
N ALA E 175 -22.66 64.25 50.37
CA ALA E 175 -23.85 64.44 49.53
C ALA E 175 -23.76 65.62 48.56
N TYR E 176 -23.15 66.71 48.99
CA TYR E 176 -22.96 67.88 48.14
C TYR E 176 -21.82 67.65 47.14
N PHE E 177 -20.69 67.13 47.61
CA PHE E 177 -19.56 66.85 46.70
C PHE E 177 -19.79 65.57 45.92
N LYS E 178 -20.77 65.59 45.01
CA LYS E 178 -21.26 64.36 44.39
C LYS E 178 -21.75 64.73 42.99
N LYS E 179 -21.36 63.93 41.98
CA LYS E 179 -21.67 64.27 40.59
C LYS E 179 -23.17 64.17 40.30
N LYS E 180 -23.61 64.86 39.25
CA LYS E 180 -25.02 65.29 39.16
C LYS E 180 -25.84 64.73 37.98
N GLN E 181 -25.35 64.91 36.75
CA GLN E 181 -26.21 64.94 35.56
C GLN E 181 -26.71 63.58 35.00
N LEU E 182 -27.56 63.68 33.98
CA LEU E 182 -28.00 62.58 33.07
C LEU E 182 -29.18 61.73 33.54
N ARG E 183 -30.29 61.81 32.79
CA ARG E 183 -31.46 60.93 32.95
C ARG E 183 -31.61 60.02 31.70
N LYS E 184 -32.71 59.26 31.63
CA LYS E 184 -32.77 58.07 30.75
C LYS E 184 -33.11 58.33 29.27
N PRO E 185 -34.37 58.71 28.94
CA PRO E 185 -34.87 58.51 27.59
C PRO E 185 -34.49 59.63 26.58
N ARG E 186 -35.29 60.70 26.46
CA ARG E 186 -35.07 61.78 25.48
C ARG E 186 -35.13 61.28 24.01
N HIS E 187 -34.57 62.05 23.06
CA HIS E 187 -34.54 61.67 21.64
C HIS E 187 -33.62 60.46 21.38
N GLN E 188 -32.49 60.41 22.08
CA GLN E 188 -31.55 59.27 22.08
C GLN E 188 -30.86 59.02 20.73
N GLU E 189 -31.56 58.35 19.80
CA GLU E 189 -30.93 57.80 18.60
C GLU E 189 -30.74 58.86 17.52
N GLY E 190 -29.54 58.92 16.95
CA GLY E 190 -29.18 59.91 15.93
C GLY E 190 -27.75 60.38 16.12
N GLU E 191 -27.56 61.70 16.22
CA GLU E 191 -26.26 62.30 16.52
C GLU E 191 -26.42 63.40 17.59
N ILE E 192 -27.16 63.08 18.64
CA ILE E 192 -27.53 64.04 19.70
C ILE E 192 -27.75 63.30 21.04
N PHE E 193 -28.19 64.05 22.06
CA PHE E 193 -28.53 63.53 23.42
C PHE E 193 -27.31 63.35 24.32
N ASP E 194 -27.04 64.36 25.14
CA ASP E 194 -26.11 64.30 26.28
C ASP E 194 -24.64 63.91 25.99
N THR E 195 -24.26 63.82 24.71
CA THR E 195 -22.87 63.98 24.31
C THR E 195 -22.51 65.45 24.42
N GLU E 196 -23.52 66.31 24.17
CA GLU E 196 -23.46 67.72 24.51
C GLU E 196 -23.76 67.90 26.02
N LYS E 197 -24.64 68.85 26.42
CA LYS E 197 -24.71 69.36 27.80
C LYS E 197 -23.40 70.08 28.16
N GLU E 198 -22.28 69.37 27.96
CA GLU E 198 -20.95 69.94 27.69
C GLU E 198 -20.15 70.17 28.95
N LYS E 199 -20.58 71.13 29.76
CA LYS E 199 -19.78 71.65 30.85
C LYS E 199 -20.42 71.42 32.20
N TYR E 200 -19.62 70.96 33.15
CA TYR E 200 -19.94 71.13 34.56
C TYR E 200 -19.75 72.61 34.86
N GLU E 201 -20.85 73.30 35.17
CA GLU E 201 -20.80 74.69 35.60
C GLU E 201 -20.54 74.73 37.10
N ILE E 202 -19.72 75.71 37.52
CA ILE E 202 -19.22 75.76 38.89
C ILE E 202 -20.31 76.05 39.92
N THR E 203 -21.28 76.88 39.55
CA THR E 203 -22.36 77.34 40.46
C THR E 203 -21.85 78.36 41.46
N GLU E 204 -22.78 79.08 42.08
CA GLU E 204 -22.43 80.20 42.96
C GLU E 204 -22.28 79.77 44.42
N GLN E 205 -23.14 78.86 44.89
CA GLN E 205 -23.02 78.29 46.25
C GLN E 205 -21.62 77.71 46.45
N ARG E 206 -21.16 76.93 45.47
CA ARG E 206 -19.82 76.34 45.46
C ARG E 206 -18.74 77.41 45.60
N LYS E 207 -18.86 78.49 44.82
CA LYS E 207 -17.91 79.60 44.88
C LYS E 207 -17.95 80.34 46.21
N VAL E 208 -19.16 80.45 46.79
CA VAL E 208 -19.34 81.07 48.10
C VAL E 208 -18.72 80.23 49.20
N ASP E 209 -18.94 78.92 49.16
CA ASP E 209 -18.34 77.99 50.12
C ASP E 209 -16.82 78.13 50.18
N GLN E 210 -16.20 78.04 49.00
CA GLN E 210 -14.76 78.20 48.84
C GLN E 210 -14.25 79.49 49.47
N LYS E 211 -14.82 80.61 49.03
CA LYS E 211 -14.52 81.95 49.56
C LYS E 211 -14.48 82.00 51.09
N ALA E 212 -15.50 81.40 51.71
CA ALA E 212 -15.64 81.39 53.16
C ALA E 212 -14.54 80.62 53.85
N VAL E 213 -14.31 79.40 53.36
CA VAL E 213 -13.34 78.49 53.96
C VAL E 213 -11.92 79.00 53.79
N ASP E 214 -11.59 79.41 52.56
CA ASP E 214 -10.21 79.79 52.23
C ASP E 214 -9.73 80.93 53.12
N SER E 215 -10.59 81.93 53.34
CA SER E 215 -10.23 83.10 54.17
C SER E 215 -9.80 82.70 55.58
N GLN E 216 -10.50 81.75 56.19
CA GLN E 216 -10.07 81.25 57.49
C GLN E 216 -8.73 80.52 57.45
N ILE E 217 -8.55 79.65 56.47
CA ILE E 217 -7.24 79.01 56.26
C ILE E 217 -6.17 80.00 55.84
N LEU E 218 -6.52 80.88 54.91
CA LEU E 218 -5.50 81.50 54.08
C LEU E 218 -4.61 82.36 54.96
N PRO E 219 -5.28 83.05 55.97
CA PRO E 219 -4.38 83.76 56.91
C PRO E 219 -3.49 82.78 57.67
N LYS E 220 -4.06 81.66 58.08
CA LYS E 220 -3.33 80.71 58.91
C LYS E 220 -2.11 80.14 58.21
N ILE E 221 -2.26 79.81 56.93
CA ILE E 221 -1.14 79.27 56.16
C ILE E 221 -0.02 80.29 56.07
N LYS E 222 -0.37 81.54 55.83
CA LYS E 222 0.63 82.55 55.53
C LYS E 222 1.54 82.75 56.73
N ALA E 223 0.96 82.73 57.92
CA ALA E 223 1.74 82.86 59.16
C ALA E 223 3.01 82.03 59.16
N VAL E 224 2.97 80.86 58.52
CA VAL E 224 4.15 80.00 58.39
C VAL E 224 4.98 80.49 57.21
N PRO E 225 6.24 80.90 57.45
CA PRO E 225 7.06 81.46 56.35
C PRO E 225 7.42 80.45 55.26
N GLN E 226 7.20 80.87 54.00
CA GLN E 226 7.37 80.09 52.76
C GLN E 226 6.26 79.09 52.47
N LEU E 227 5.34 78.89 53.41
CA LEU E 227 4.39 77.79 53.30
C LEU E 227 3.50 77.97 52.08
N GLN E 228 3.04 79.21 51.84
CA GLN E 228 2.28 79.49 50.62
C GLN E 228 3.04 79.06 49.37
N GLY E 229 4.33 79.41 49.28
CA GLY E 229 5.17 79.04 48.15
C GLY E 229 5.37 77.55 48.00
N TYR E 230 5.45 76.85 49.14
CA TYR E 230 5.46 75.39 49.17
C TYR E 230 4.16 74.85 48.60
N LEU E 231 3.05 75.45 49.03
CA LEU E 231 1.74 75.02 48.59
C LEU E 231 1.41 75.40 47.16
N ARG E 232 2.14 76.35 46.60
CA ARG E 232 2.09 76.59 45.16
C ARG E 232 2.76 75.44 44.40
N SER E 233 3.90 74.97 44.90
CA SER E 233 4.74 74.03 44.16
C SER E 233 4.13 72.63 43.95
N VAL E 234 4.74 71.89 43.01
CA VAL E 234 4.32 70.53 42.66
C VAL E 234 5.43 69.56 42.98
N PHE E 235 5.02 68.42 43.53
CA PHE E 235 5.94 67.37 43.92
C PHE E 235 6.24 66.47 42.73
N ALA E 236 7.50 66.03 42.66
CA ALA E 236 7.93 65.10 41.63
C ALA E 236 9.28 64.52 41.97
N LEU E 237 9.49 63.28 41.56
CA LEU E 237 10.70 62.55 41.87
C LEU E 237 11.75 62.89 40.85
N THR E 238 12.87 63.43 41.31
CA THR E 238 14.00 63.73 40.43
C THR E 238 15.00 62.57 40.48
N ASN E 239 16.15 62.74 39.82
CA ASN E 239 17.23 61.74 39.87
C ASN E 239 17.89 61.63 41.23
N GLY E 240 18.16 60.41 41.64
CA GLY E 240 18.90 60.12 42.87
C GLY E 240 18.11 60.16 44.16
N VAL E 241 16.81 60.46 44.06
CA VAL E 241 15.95 60.61 45.23
C VAL E 241 14.88 59.55 45.14
N TYR E 242 14.84 58.70 46.17
CA TYR E 242 14.01 57.53 46.15
C TYR E 242 12.99 57.65 47.28
N PRO E 243 11.70 57.48 46.96
CA PRO E 243 10.61 57.52 47.93
C PRO E 243 10.92 56.85 49.27
N HIS E 244 11.44 55.63 49.20
CA HIS E 244 11.75 54.84 50.39
C HIS E 244 12.84 55.43 51.29
N LYS E 245 13.73 56.23 50.71
CA LYS E 245 14.81 56.88 51.44
C LYS E 245 14.33 58.15 52.13
N LEU E 246 13.66 59.01 51.37
CA LEU E 246 13.22 60.33 51.89
C LEU E 246 11.99 60.17 52.78
N VAL E 247 11.68 61.22 53.52
CA VAL E 247 10.51 61.25 54.40
C VAL E 247 9.53 62.34 54.01
N PHE E 248 8.25 62.06 54.20
CA PHE E 248 7.20 63.06 54.17
C PHE E 248 6.05 62.62 55.09
N ASN F 1 -57.32 19.77 71.35
CA ASN F 1 -56.18 19.30 70.50
C ASN F 1 -55.03 20.29 70.42
N PHE F 2 -55.32 21.48 69.89
CA PHE F 2 -54.29 22.37 69.35
C PHE F 2 -53.42 23.06 70.40
N ALA F 3 -54.06 23.82 71.29
CA ALA F 3 -53.34 24.60 72.31
C ALA F 3 -52.67 23.75 73.39
N GLU F 4 -53.18 22.53 73.60
CA GLU F 4 -52.54 21.55 74.48
C GLU F 4 -51.20 21.09 73.90
N LEU F 5 -51.23 20.69 72.63
CA LEU F 5 -50.03 20.23 71.92
C LEU F 5 -48.98 21.32 71.82
N LYS F 6 -49.39 22.50 71.36
CA LYS F 6 -48.50 23.66 71.22
C LYS F 6 -47.66 23.89 72.47
N ILE F 7 -48.33 23.95 73.62
CA ILE F 7 -47.67 24.14 74.91
C ILE F 7 -46.74 22.98 75.25
N LYS F 8 -47.16 21.75 74.93
CA LYS F 8 -46.30 20.57 75.11
C LYS F 8 -45.03 20.70 74.27
N ARG F 9 -45.17 21.10 73.01
CA ARG F 9 -44.02 21.37 72.14
C ARG F 9 -43.14 22.51 72.65
N LEU F 10 -43.76 23.58 73.15
CA LEU F 10 -43.00 24.67 73.78
C LEU F 10 -42.28 24.21 75.04
N ARG F 11 -42.93 23.34 75.82
CA ARG F 11 -42.32 22.76 77.01
C ARG F 11 -41.08 21.98 76.61
N LYS F 12 -41.25 21.07 75.64
CA LYS F 12 -40.15 20.29 75.12
C LYS F 12 -38.99 21.20 74.74
N LYS F 13 -39.29 22.18 73.89
CA LYS F 13 -38.32 23.17 73.44
C LYS F 13 -37.50 23.73 74.59
N PHE F 14 -38.20 24.14 75.65
CA PHE F 14 -37.52 24.72 76.80
C PHE F 14 -36.61 23.71 77.52
N ALA F 15 -37.10 22.48 77.72
CA ALA F 15 -36.34 21.44 78.42
C ALA F 15 -35.00 21.13 77.74
N GLN F 16 -34.97 21.31 76.42
CA GLN F 16 -33.75 21.22 75.64
C GLN F 16 -32.81 22.37 75.92
N LYS F 17 -33.36 23.59 75.80
CA LYS F 17 -32.62 24.82 76.06
C LYS F 17 -32.01 24.84 77.46
N MET F 18 -32.77 24.39 78.46
CA MET F 18 -32.25 24.20 79.82
C MET F 18 -31.06 23.24 79.83
N LEU F 19 -31.21 22.09 79.19
CA LEU F 19 -30.15 21.06 79.19
C LEU F 19 -28.92 21.59 78.49
N ARG F 20 -29.11 22.21 77.34
CA ARG F 20 -28.00 22.84 76.64
C ARG F 20 -27.23 23.76 77.59
N LYS F 21 -27.95 24.66 78.26
CA LYS F 21 -27.36 25.54 79.28
C LYS F 21 -26.56 24.77 80.34
N ALA F 22 -27.14 23.67 80.82
CA ALA F 22 -26.50 22.88 81.86
C ALA F 22 -25.18 22.32 81.38
N ARG F 23 -25.20 21.62 80.26
CA ARG F 23 -24.00 20.99 79.70
C ARG F 23 -22.93 21.99 79.34
N ARG F 24 -23.36 23.17 78.91
CA ARG F 24 -22.45 24.27 78.69
C ARG F 24 -21.73 24.61 80.00
N LYS F 25 -22.50 24.77 81.09
CA LYS F 25 -21.94 25.13 82.39
C LYS F 25 -20.98 24.08 82.94
N LEU F 26 -21.31 22.82 82.75
CA LEU F 26 -20.38 21.74 83.05
C LEU F 26 -19.06 21.90 82.29
N ILE F 27 -19.15 22.16 80.99
CA ILE F 27 -17.97 22.35 80.15
C ILE F 27 -17.11 23.46 80.71
N TYR F 28 -17.78 24.57 81.04
CA TYR F 28 -17.11 25.75 81.57
C TYR F 28 -16.39 25.46 82.87
N GLU F 29 -17.01 24.71 83.77
CA GLU F 29 -16.35 24.36 85.02
C GLU F 29 -15.25 23.30 84.86
N LYS F 30 -15.47 22.36 83.95
CA LYS F 30 -14.44 21.36 83.63
C LYS F 30 -13.15 21.99 83.15
N ALA F 31 -13.26 23.03 82.33
CA ALA F 31 -12.09 23.77 81.87
C ALA F 31 -11.41 24.40 83.07
N LYS F 32 -12.20 25.19 83.82
CA LYS F 32 -11.68 25.91 84.98
C LYS F 32 -10.90 25.03 85.92
N HIS F 33 -11.36 23.79 86.08
CA HIS F 33 -10.65 22.82 86.88
C HIS F 33 -9.34 22.42 86.23
N TYR F 34 -9.39 22.11 84.94
CA TYR F 34 -8.19 21.73 84.20
C TYR F 34 -7.15 22.84 84.12
N HIS F 35 -7.60 24.09 84.19
CA HIS F 35 -6.71 25.23 84.30
C HIS F 35 -5.92 25.18 85.60
N LYS F 36 -6.64 24.88 86.67
CA LYS F 36 -6.08 24.74 88.00
C LYS F 36 -5.22 23.47 88.09
N GLU F 37 -5.63 22.40 87.43
CA GLU F 37 -4.84 21.16 87.41
C GLU F 37 -3.47 21.32 86.74
N TYR F 38 -3.42 22.02 85.61
CA TYR F 38 -2.15 22.19 84.88
C TYR F 38 -1.22 23.14 85.61
N ARG F 39 -1.81 24.17 86.23
CA ARG F 39 -1.08 25.09 87.09
C ARG F 39 -0.41 24.31 88.21
N GLN F 40 -1.21 23.53 88.93
CA GLN F 40 -0.73 22.73 90.05
C GLN F 40 0.37 21.76 89.61
N MET F 41 0.24 21.18 88.42
CA MET F 41 1.26 20.24 87.89
C MET F 41 2.59 20.93 87.65
N TYR F 42 2.52 22.15 87.11
CA TYR F 42 3.71 22.89 86.69
C TYR F 42 4.53 23.33 87.89
N ARG F 43 3.85 24.00 88.81
CA ARG F 43 4.47 24.49 90.04
C ARG F 43 5.06 23.37 90.87
N THR F 44 4.27 22.32 91.07
CA THR F 44 4.68 21.19 91.91
C THR F 44 5.77 20.29 91.29
N GLU F 45 6.22 20.61 90.08
CA GLU F 45 7.49 20.06 89.59
C GLU F 45 8.64 20.95 90.00
N ILE F 46 8.45 22.27 89.95
CA ILE F 46 9.49 23.21 90.37
C ILE F 46 9.69 23.10 91.88
N ARG F 47 8.59 23.23 92.62
CA ARG F 47 8.54 22.95 94.06
C ARG F 47 9.51 21.83 94.44
N MET F 48 9.41 20.71 93.73
CA MET F 48 10.22 19.53 94.05
C MET F 48 11.70 19.80 93.89
N ALA F 49 12.10 20.29 92.72
CA ALA F 49 13.52 20.48 92.43
C ALA F 49 14.12 21.45 93.42
N ARG F 50 13.53 22.64 93.55
CA ARG F 50 13.99 23.60 94.57
C ARG F 50 14.26 22.90 95.91
N MET F 51 13.37 21.99 96.30
CA MET F 51 13.48 21.28 97.58
C MET F 51 14.60 20.25 97.58
N ALA F 52 14.85 19.59 96.45
CA ALA F 52 16.04 18.77 96.31
C ALA F 52 17.27 19.65 96.40
N ARG F 53 17.23 20.78 95.70
CA ARG F 53 18.38 21.69 95.61
C ARG F 53 18.72 22.33 96.95
N LYS F 54 17.72 22.48 97.81
CA LYS F 54 17.95 22.99 99.15
C LYS F 54 18.86 22.03 99.93
N ALA F 55 18.53 20.75 99.88
CA ALA F 55 19.47 19.71 100.30
C ALA F 55 20.51 19.52 99.20
N GLY F 56 21.61 18.85 99.54
CA GLY F 56 22.57 18.42 98.53
C GLY F 56 22.02 17.14 97.93
N ASN F 57 21.06 17.31 97.03
CA ASN F 57 20.21 16.22 96.55
C ASN F 57 19.89 16.48 95.09
N PHE F 58 19.12 15.60 94.48
CA PHE F 58 18.64 15.79 93.11
C PHE F 58 17.19 15.37 93.00
N TYR F 59 16.42 16.08 92.18
CA TYR F 59 15.07 15.66 91.82
C TYR F 59 15.05 15.25 90.37
N VAL F 60 15.10 13.94 90.13
CA VAL F 60 14.98 13.40 88.80
C VAL F 60 13.49 13.30 88.52
N PRO F 61 12.94 14.21 87.69
CA PRO F 61 11.50 14.18 87.45
C PRO F 61 11.12 12.98 86.61
N ALA F 62 9.82 12.75 86.50
CA ALA F 62 9.32 11.56 85.80
C ALA F 62 9.78 11.57 84.36
N GLU F 63 10.06 10.38 83.84
CA GLU F 63 10.27 10.25 82.40
C GLU F 63 8.93 10.49 81.73
N PRO F 64 8.95 11.05 80.51
CA PRO F 64 7.71 11.53 79.94
C PRO F 64 6.76 10.40 79.58
N LYS F 65 5.47 10.69 79.68
CA LYS F 65 4.44 9.73 79.33
C LYS F 65 4.24 9.75 77.83
N LEU F 66 4.12 10.95 77.28
CA LEU F 66 3.53 11.15 75.94
C LEU F 66 4.46 11.92 75.05
N ALA F 67 4.46 11.55 73.77
CA ALA F 67 5.32 12.18 72.76
C ALA F 67 4.63 12.34 71.41
N PHE F 68 4.90 13.46 70.76
CA PHE F 68 4.41 13.71 69.41
C PHE F 68 5.44 13.17 68.43
N VAL F 69 4.98 12.54 67.34
CA VAL F 69 5.89 11.88 66.40
C VAL F 69 5.60 12.28 64.97
N ILE F 70 6.51 13.04 64.38
CA ILE F 70 6.33 13.57 63.03
C ILE F 70 7.15 12.75 62.05
N ARG F 71 6.49 12.31 60.98
CA ARG F 71 7.16 11.62 59.90
C ARG F 71 7.88 12.65 59.04
N ILE F 72 9.20 12.55 58.99
CA ILE F 72 10.03 13.57 58.34
C ILE F 72 10.78 13.08 57.11
N ARG F 73 10.45 11.89 56.61
CA ARG F 73 10.85 11.56 55.25
C ARG F 73 9.84 10.71 54.52
N GLY F 74 9.96 10.77 53.20
CA GLY F 74 8.89 10.41 52.31
C GLY F 74 8.59 8.93 52.21
N ILE F 75 7.93 8.56 51.13
CA ILE F 75 7.27 7.28 51.03
C ILE F 75 7.80 6.45 49.87
N ASN F 76 9.08 6.64 49.57
CA ASN F 76 9.76 5.90 48.50
C ASN F 76 10.90 5.12 49.12
N GLY F 77 11.10 3.88 48.66
CA GLY F 77 12.27 3.09 49.03
C GLY F 77 12.45 2.88 50.51
N VAL F 78 11.36 2.44 51.15
CA VAL F 78 11.34 2.32 52.59
C VAL F 78 11.14 0.86 52.99
N SER F 79 12.09 0.37 53.80
CA SER F 79 12.12 -1.01 54.29
C SER F 79 10.78 -1.49 54.84
N PRO F 80 10.48 -2.80 54.69
CA PRO F 80 9.18 -3.31 55.08
C PRO F 80 8.89 -3.31 56.59
N LYS F 81 9.91 -3.46 57.43
CA LYS F 81 9.67 -3.42 58.88
C LYS F 81 9.38 -2.00 59.37
N VAL F 82 10.15 -1.04 58.87
CA VAL F 82 9.87 0.37 59.10
C VAL F 82 8.47 0.70 58.63
N ARG F 83 8.24 0.45 57.35
CA ARG F 83 6.99 0.80 56.70
C ARG F 83 5.78 0.32 57.48
N LYS F 84 5.86 -0.90 58.02
CA LYS F 84 4.75 -1.44 58.81
C LYS F 84 4.52 -0.63 60.09
N VAL F 85 5.58 -0.37 60.84
CA VAL F 85 5.48 0.45 62.05
C VAL F 85 4.99 1.84 61.74
N LEU F 86 5.51 2.45 60.68
CA LEU F 86 5.01 3.75 60.27
C LEU F 86 3.51 3.76 59.97
N GLN F 87 2.96 2.66 59.49
CA GLN F 87 1.51 2.52 59.37
C GLN F 87 0.86 1.83 60.57
N LEU F 88 1.61 1.61 61.65
CA LEU F 88 1.04 1.39 62.99
C LEU F 88 1.07 2.62 63.87
N LEU F 89 1.79 3.66 63.45
CA LEU F 89 1.66 4.97 64.08
C LEU F 89 0.71 5.88 63.31
N ARG F 90 0.14 5.37 62.22
CA ARG F 90 -0.72 6.16 61.32
C ARG F 90 0.05 7.31 60.66
N LEU F 91 1.34 7.09 60.38
CA LEU F 91 2.20 8.10 59.82
C LEU F 91 2.48 7.79 58.37
N ARG F 92 1.43 7.88 57.57
CA ARG F 92 1.52 7.42 56.19
C ARG F 92 2.16 8.46 55.27
N GLN F 93 1.51 9.59 55.06
CA GLN F 93 2.13 10.75 54.41
C GLN F 93 3.31 11.33 55.17
N ILE F 94 4.17 12.06 54.45
CA ILE F 94 5.23 12.86 55.07
C ILE F 94 4.66 14.11 55.75
N PHE F 95 5.23 14.43 56.91
CA PHE F 95 4.76 15.48 57.82
C PHE F 95 3.41 15.23 58.47
N ASN F 96 3.00 13.96 58.57
CA ASN F 96 1.92 13.60 59.49
C ASN F 96 2.51 13.33 60.84
N GLY F 97 1.72 13.61 61.86
CA GLY F 97 2.15 13.44 63.23
C GLY F 97 1.06 12.82 64.07
N THR F 98 1.47 12.18 65.16
CA THR F 98 0.56 11.60 66.13
C THR F 98 1.14 11.73 67.51
N PHE F 99 0.24 11.87 68.49
CA PHE F 99 0.61 11.63 69.87
C PHE F 99 0.79 10.13 70.05
N VAL F 100 1.61 9.78 71.02
CA VAL F 100 2.05 8.41 71.23
C VAL F 100 2.41 8.28 72.69
N LYS F 101 1.72 7.40 73.43
CA LYS F 101 2.08 7.18 74.82
C LYS F 101 3.31 6.29 74.84
N LEU F 102 4.22 6.59 75.75
CA LEU F 102 5.50 5.91 75.80
C LEU F 102 5.41 4.74 76.76
N ASN F 103 6.12 3.69 76.40
CA ASN F 103 6.40 2.55 77.25
C ASN F 103 7.29 1.61 76.47
N LYS F 104 7.93 0.71 77.18
CA LYS F 104 8.89 -0.25 76.60
C LYS F 104 8.50 -0.75 75.21
N ALA F 105 7.22 -1.09 75.03
CA ALA F 105 6.72 -1.51 73.72
C ALA F 105 6.77 -0.38 72.72
N SER F 106 6.10 0.72 73.06
CA SER F 106 5.93 1.87 72.18
C SER F 106 7.26 2.53 71.78
N ILE F 107 8.12 2.76 72.77
CA ILE F 107 9.41 3.41 72.57
C ILE F 107 10.28 2.64 71.59
N ASN F 108 10.26 1.31 71.71
CA ASN F 108 11.03 0.45 70.82
C ASN F 108 10.48 0.46 69.41
N MET F 109 9.17 0.53 69.25
CA MET F 109 8.61 0.78 67.91
C MET F 109 9.11 2.11 67.30
N LEU F 110 9.24 3.14 68.11
CA LEU F 110 9.89 4.37 67.64
C LEU F 110 11.37 4.15 67.33
N ARG F 111 12.04 3.31 68.11
CA ARG F 111 13.44 2.95 67.82
C ARG F 111 13.62 2.29 66.46
N ILE F 112 12.66 1.45 66.06
CA ILE F 112 12.75 0.78 64.75
C ILE F 112 12.47 1.75 63.58
N VAL F 113 11.78 2.88 63.83
CA VAL F 113 11.59 3.90 62.77
C VAL F 113 12.34 5.23 62.93
N GLU F 114 13.50 5.21 63.59
CA GLU F 114 14.22 6.45 63.97
C GLU F 114 14.61 7.44 62.88
N PRO F 115 15.24 6.96 61.79
CA PRO F 115 15.64 7.87 60.73
C PRO F 115 14.49 8.24 59.79
N TYR F 116 13.28 7.81 60.12
CA TYR F 116 12.08 8.20 59.42
C TYR F 116 11.21 9.20 60.17
N ILE F 117 11.54 9.48 61.44
CA ILE F 117 10.73 10.40 62.23
C ILE F 117 11.55 11.37 63.06
N ALA F 118 10.90 12.49 63.35
CA ALA F 118 11.32 13.43 64.36
C ALA F 118 10.26 13.33 65.40
N TRP F 119 10.67 13.30 66.66
CA TRP F 119 9.69 13.17 67.73
C TRP F 119 10.23 13.64 69.07
N GLY F 120 9.32 13.77 70.03
CA GLY F 120 9.66 14.12 71.39
C GLY F 120 8.48 14.57 72.20
N TYR F 121 8.77 15.28 73.29
CA TYR F 121 7.83 15.47 74.39
C TYR F 121 7.13 16.82 74.27
N PRO F 122 5.85 16.81 73.87
CA PRO F 122 5.21 18.06 73.55
C PRO F 122 4.86 18.86 74.79
N ASN F 123 4.78 20.15 74.57
CA ASN F 123 4.43 21.14 75.58
C ASN F 123 2.94 21.05 75.87
N LEU F 124 2.43 21.82 76.82
CA LEU F 124 0.99 21.97 76.93
C LEU F 124 0.48 22.71 75.72
N LYS F 125 1.06 23.89 75.47
CA LYS F 125 0.68 24.73 74.34
C LYS F 125 0.65 23.99 73.01
N SER F 126 1.58 23.06 72.81
CA SER F 126 1.65 22.24 71.60
C SER F 126 0.41 21.38 71.43
N VAL F 127 -0.03 20.76 72.51
CA VAL F 127 -1.25 19.97 72.51
C VAL F 127 -2.48 20.82 72.22
N ASN F 128 -2.50 22.05 72.71
CA ASN F 128 -3.59 22.96 72.39
C ASN F 128 -3.56 23.35 70.93
N GLU F 129 -2.43 23.91 70.49
CA GLU F 129 -2.29 24.41 69.13
C GLU F 129 -2.55 23.36 68.07
N LEU F 130 -2.08 22.14 68.30
CA LEU F 130 -2.38 21.03 67.41
C LEU F 130 -3.86 20.68 67.40
N ILE F 131 -4.47 20.58 68.58
CA ILE F 131 -5.89 20.24 68.67
C ILE F 131 -6.78 21.36 68.13
N TYR F 132 -6.56 22.61 68.50
CA TYR F 132 -7.46 23.66 68.03
C TYR F 132 -7.29 24.00 66.56
N LYS F 133 -6.05 24.11 66.09
CA LYS F 133 -5.82 24.53 64.71
C LYS F 133 -6.01 23.38 63.73
N ARG F 134 -5.70 22.16 64.15
CA ARG F 134 -5.73 21.02 63.25
C ARG F 134 -6.32 19.80 63.94
N GLY F 135 -7.44 20.00 64.63
CA GLY F 135 -8.11 18.92 65.35
C GLY F 135 -9.24 18.37 64.52
N TYR F 136 -9.06 17.16 64.00
CA TYR F 136 -10.04 16.52 63.14
C TYR F 136 -10.45 15.16 63.70
N GLY F 137 -11.75 14.98 63.88
CA GLY F 137 -12.30 13.72 64.37
C GLY F 137 -12.29 12.63 63.31
N LYS F 138 -12.36 11.39 63.78
CA LYS F 138 -12.66 10.25 62.92
C LYS F 138 -14.07 9.86 63.31
N ILE F 139 -15.01 10.17 62.42
CA ILE F 139 -16.44 10.11 62.72
C ILE F 139 -17.14 9.39 61.58
N ASN F 140 -17.42 8.11 61.80
CA ASN F 140 -17.88 7.21 60.75
C ASN F 140 -16.83 7.15 59.63
N LYS F 141 -15.56 7.07 60.04
CA LYS F 141 -14.42 6.96 59.12
C LYS F 141 -14.27 8.14 58.14
N LYS F 142 -14.95 9.25 58.42
CA LYS F 142 -14.80 10.45 57.62
C LYS F 142 -14.05 11.45 58.48
N ARG F 143 -12.84 11.78 58.07
CA ARG F 143 -12.11 12.89 58.64
C ARG F 143 -13.03 14.10 58.64
N ILE F 144 -13.37 14.58 59.83
CA ILE F 144 -14.28 15.70 60.04
C ILE F 144 -13.68 16.65 61.09
N ALA F 145 -13.68 17.95 60.79
CA ALA F 145 -13.07 18.96 61.67
C ALA F 145 -13.91 19.19 62.92
N LEU F 146 -13.25 19.25 64.06
CA LEU F 146 -13.91 19.38 65.36
C LEU F 146 -14.39 20.81 65.49
N THR F 147 -15.54 21.07 64.88
CA THR F 147 -16.15 22.39 64.86
C THR F 147 -16.98 22.62 66.10
N ASP F 148 -17.55 21.54 66.64
CA ASP F 148 -18.25 21.61 67.90
C ASP F 148 -18.03 20.37 68.76
N ASN F 149 -18.34 20.53 70.05
CA ASN F 149 -18.27 19.45 71.03
C ASN F 149 -19.33 18.36 70.85
N ALA F 150 -20.46 18.73 70.22
CA ALA F 150 -21.44 17.75 69.76
C ALA F 150 -20.81 16.61 68.96
N LEU F 151 -19.69 16.88 68.28
CA LEU F 151 -18.92 15.83 67.58
C LEU F 151 -18.11 14.98 68.51
N ILE F 152 -17.33 15.64 69.37
CA ILE F 152 -16.47 14.95 70.35
C ILE F 152 -17.33 14.12 71.29
N ALA F 153 -18.36 14.76 71.85
CA ALA F 153 -19.27 14.11 72.77
C ALA F 153 -19.88 12.88 72.14
N ARG F 154 -20.51 13.07 70.98
CA ARG F 154 -21.19 11.97 70.26
C ARG F 154 -20.33 10.71 70.23
N SER F 155 -19.01 10.87 70.08
CA SER F 155 -18.06 9.77 69.91
C SER F 155 -17.37 9.34 71.21
N LEU F 156 -16.86 10.30 71.97
CA LEU F 156 -16.04 10.05 73.16
C LEU F 156 -16.78 10.27 74.48
N GLY F 157 -18.03 10.72 74.42
CA GLY F 157 -18.83 11.00 75.61
C GLY F 157 -19.13 9.81 76.49
N LYS F 158 -19.03 8.61 75.92
CA LYS F 158 -19.11 7.37 76.69
C LYS F 158 -17.88 7.13 77.59
N TYR F 159 -16.91 8.04 77.56
CA TYR F 159 -15.73 7.98 78.42
C TYR F 159 -15.64 9.12 79.43
N GLY F 160 -16.63 10.01 79.45
CA GLY F 160 -16.53 11.25 80.22
C GLY F 160 -15.87 12.39 79.48
N ILE F 161 -15.58 12.21 78.17
CA ILE F 161 -14.92 13.24 77.37
C ILE F 161 -15.99 13.90 76.51
N ILE F 162 -16.32 15.14 76.85
CA ILE F 162 -17.50 15.83 76.30
C ILE F 162 -17.22 17.16 75.64
N CYS F 163 -15.93 17.47 75.41
CA CYS F 163 -15.55 18.74 74.83
C CYS F 163 -14.08 18.73 74.46
N MET F 164 -13.71 19.70 73.63
CA MET F 164 -12.32 19.89 73.20
C MET F 164 -11.38 19.90 74.40
N GLU F 165 -11.79 20.61 75.45
CA GLU F 165 -10.98 20.75 76.65
C GLU F 165 -10.70 19.41 77.31
N ASP F 166 -11.75 18.60 77.47
CA ASP F 166 -11.61 17.24 78.00
C ASP F 166 -10.64 16.41 77.20
N LEU F 167 -10.75 16.55 75.88
CA LEU F 167 -9.90 15.84 74.96
C LEU F 167 -8.44 16.19 75.25
N ILE F 168 -8.14 17.48 75.29
CA ILE F 168 -6.79 17.99 75.58
C ILE F 168 -6.20 17.47 76.89
N HIS F 169 -7.06 17.32 77.89
CA HIS F 169 -6.67 16.78 79.17
C HIS F 169 -6.41 15.28 79.12
N GLU F 170 -7.15 14.57 78.29
CA GLU F 170 -6.94 13.13 78.10
C GLU F 170 -5.65 12.82 77.35
N ILE F 171 -5.37 13.64 76.34
CA ILE F 171 -4.16 13.51 75.54
C ILE F 171 -2.90 13.87 76.34
N TYR F 172 -2.98 14.93 77.13
CA TYR F 172 -1.82 15.53 77.76
C TYR F 172 -1.40 14.82 79.04
N THR F 173 -2.39 14.34 79.80
CA THR F 173 -2.14 13.56 81.01
C THR F 173 -2.07 12.05 80.73
N VAL F 174 -2.43 11.66 79.51
CA VAL F 174 -2.41 10.26 79.09
C VAL F 174 -3.28 9.48 80.05
N GLY F 175 -4.58 9.77 80.00
CA GLY F 175 -5.50 9.19 80.97
C GLY F 175 -5.76 7.73 80.74
N LYS F 176 -6.76 7.19 81.45
CA LYS F 176 -7.25 5.87 81.15
C LYS F 176 -7.60 5.80 79.67
N ARG F 177 -8.43 6.76 79.25
CA ARG F 177 -9.12 6.71 77.97
C ARG F 177 -8.30 7.38 76.88
N PHE F 178 -6.97 7.19 76.90
CA PHE F 178 -6.10 7.87 75.95
C PHE F 178 -6.23 7.24 74.61
N LYS F 179 -6.05 5.92 74.58
CA LYS F 179 -6.16 5.14 73.35
C LYS F 179 -7.36 5.55 72.52
N GLU F 180 -8.49 5.77 73.19
CA GLU F 180 -9.73 6.04 72.52
C GLU F 180 -9.87 7.51 72.10
N ALA F 181 -9.29 8.41 72.87
CA ALA F 181 -9.27 9.83 72.49
C ALA F 181 -8.23 10.09 71.42
N ASN F 182 -7.08 9.42 71.54
CA ASN F 182 -6.01 9.58 70.57
C ASN F 182 -6.35 8.98 69.21
N ASN F 183 -6.93 7.77 69.20
CA ASN F 183 -7.41 7.20 67.95
C ASN F 183 -8.54 8.03 67.30
N PHE F 184 -9.42 8.64 68.11
CA PHE F 184 -10.48 9.52 67.60
C PHE F 184 -9.93 10.66 66.77
N LEU F 185 -8.80 11.22 67.22
CA LEU F 185 -8.12 12.25 66.47
C LEU F 185 -7.55 11.64 65.20
N TRP F 186 -7.90 12.24 64.07
CA TRP F 186 -7.30 11.89 62.81
C TRP F 186 -5.87 12.42 62.80
N PRO F 187 -4.90 11.66 62.23
CA PRO F 187 -3.49 12.09 62.30
C PRO F 187 -3.23 13.46 61.71
N PHE F 188 -2.39 14.23 62.39
CA PHE F 188 -2.27 15.68 62.14
C PHE F 188 -1.50 15.99 60.87
N LYS F 189 -2.21 16.49 59.86
CA LYS F 189 -1.59 16.90 58.61
C LYS F 189 -1.03 18.29 58.86
N LEU F 190 0.27 18.36 59.09
CA LEU F 190 0.98 19.62 59.32
C LEU F 190 1.65 20.02 58.02
N SER F 191 1.88 21.32 57.85
CA SER F 191 2.57 21.81 56.65
C SER F 191 4.08 21.48 56.71
N SER F 192 4.81 21.99 55.72
CA SER F 192 6.27 21.92 55.75
C SER F 192 6.83 22.79 56.88
N PRO F 193 8.07 22.52 57.32
CA PRO F 193 8.69 23.29 58.38
C PRO F 193 9.17 24.64 57.91
N ARG F 194 8.51 25.69 58.35
CA ARG F 194 8.93 27.04 57.99
C ARG F 194 10.29 27.33 58.57
N GLY F 195 11.07 28.12 57.83
CA GLY F 195 12.50 28.28 58.08
C GLY F 195 13.34 27.06 57.70
N GLY F 196 12.72 26.04 57.11
CA GLY F 196 13.41 24.80 56.81
C GLY F 196 13.81 23.96 58.00
N MET F 197 14.49 22.86 57.69
CA MET F 197 15.03 21.89 58.64
C MET F 197 16.54 22.10 58.69
N LYS F 198 17.25 21.21 59.39
CA LYS F 198 18.72 21.23 59.40
C LYS F 198 19.20 20.24 58.36
N LYS F 199 18.84 18.98 58.56
CA LYS F 199 19.15 17.91 57.63
C LYS F 199 18.18 16.79 57.89
N LYS F 200 17.53 16.35 56.83
CA LYS F 200 16.48 15.37 56.92
C LYS F 200 17.09 14.05 57.34
N THR F 201 18.20 13.71 56.71
CA THR F 201 18.68 12.36 56.71
C THR F 201 19.48 11.97 57.94
N THR F 202 19.93 12.93 58.73
CA THR F 202 20.77 12.66 59.90
C THR F 202 20.05 12.94 61.19
N HIS F 203 20.54 12.31 62.26
CA HIS F 203 19.90 12.37 63.57
C HIS F 203 20.07 13.76 64.18
N PHE F 204 19.20 14.07 65.12
CA PHE F 204 19.23 15.34 65.83
C PHE F 204 20.57 15.58 66.50
N VAL F 205 20.90 14.73 67.47
CA VAL F 205 22.21 14.66 68.09
C VAL F 205 23.36 15.03 67.15
N GLU F 206 23.37 14.45 65.95
CA GLU F 206 24.43 14.70 64.98
C GLU F 206 24.11 15.78 63.93
N GLY F 207 23.30 16.78 64.32
CA GLY F 207 22.99 17.93 63.45
C GLY F 207 21.66 17.91 62.71
N GLU F 208 21.20 16.72 62.32
CA GLU F 208 19.99 16.58 61.54
C GLU F 208 18.71 16.76 62.33
N ASP F 209 17.62 16.25 61.80
CA ASP F 209 16.29 16.45 62.39
C ASP F 209 15.66 15.19 62.97
N ALA F 210 16.06 14.02 62.46
CA ALA F 210 15.49 12.77 62.90
C ALA F 210 15.77 12.46 64.36
N GLY F 211 14.97 11.54 64.87
CA GLY F 211 15.18 10.97 66.18
C GLY F 211 14.56 11.79 67.28
N ASN F 212 14.81 11.34 68.51
CA ASN F 212 14.31 12.02 69.68
C ASN F 212 15.06 13.33 69.94
N ARG F 213 14.32 14.44 69.94
CA ARG F 213 14.85 15.75 70.36
C ARG F 213 14.13 16.28 71.61
N GLU F 214 13.40 15.40 72.29
CA GLU F 214 12.80 15.64 73.60
C GLU F 214 12.09 17.00 73.81
N ASP F 215 12.76 17.99 74.40
CA ASP F 215 12.12 19.31 74.60
C ASP F 215 11.90 20.03 73.27
N GLN F 216 12.85 19.87 72.36
CA GLN F 216 12.95 20.72 71.17
C GLN F 216 11.93 20.37 70.07
N ILE F 217 11.13 19.33 70.28
CA ILE F 217 10.01 18.99 69.38
C ILE F 217 8.96 20.11 69.32
N ASN F 218 8.90 20.92 70.37
CA ASN F 218 7.97 22.02 70.45
C ASN F 218 8.30 23.17 69.50
N ARG F 219 9.58 23.51 69.34
CA ARG F 219 9.98 24.50 68.32
C ARG F 219 9.53 24.07 66.94
N LEU F 220 9.83 22.82 66.60
CA LEU F 220 9.44 22.23 65.30
C LEU F 220 7.95 22.28 65.13
N ILE F 221 7.22 21.97 66.19
CA ILE F 221 5.76 22.04 66.14
C ILE F 221 5.30 23.42 65.71
N ARG F 222 5.82 24.47 66.34
CA ARG F 222 5.36 25.83 66.03
C ARG F 222 5.62 26.25 64.59
N ARG F 223 6.79 25.89 64.07
CA ARG F 223 7.16 26.24 62.70
C ARG F 223 6.43 25.38 61.64
N MET F 224 5.77 24.29 62.05
CA MET F 224 4.96 23.46 61.14
C MET F 224 3.45 23.61 61.32
N ASN F 225 2.99 23.62 62.57
CA ASN F 225 1.58 23.88 62.86
C ASN F 225 1.21 25.31 62.44
N LYS G 1 7.89 -91.94 -94.70
CA LYS G 1 7.96 -92.04 -93.21
C LYS G 1 7.17 -90.94 -92.52
N VAL G 2 6.76 -91.20 -91.28
CA VAL G 2 6.07 -90.23 -90.43
C VAL G 2 6.87 -90.06 -89.13
N VAL G 3 8.17 -89.77 -89.30
CA VAL G 3 9.11 -89.59 -88.20
C VAL G 3 10.13 -88.51 -88.55
N ASN G 4 9.94 -87.29 -88.09
CA ASN G 4 10.93 -86.26 -88.36
C ASN G 4 12.27 -86.64 -87.77
N PRO G 5 13.38 -86.36 -88.56
CA PRO G 5 14.66 -86.44 -87.83
C PRO G 5 14.72 -85.44 -86.69
N LEU G 6 14.23 -84.23 -86.91
CA LEU G 6 14.68 -83.09 -86.11
C LEU G 6 14.32 -83.37 -84.67
N PHE G 7 13.13 -83.91 -84.46
CA PHE G 7 12.63 -84.12 -83.10
C PHE G 7 13.64 -84.96 -82.33
N GLU G 8 13.89 -84.53 -81.09
CA GLU G 8 15.02 -84.99 -80.28
C GLU G 8 14.42 -85.60 -79.01
N LYS G 9 15.17 -85.58 -77.91
CA LYS G 9 14.64 -85.91 -76.59
C LYS G 9 14.78 -84.72 -75.66
N ARG G 10 16.01 -84.27 -75.43
CA ARG G 10 16.29 -83.15 -74.54
C ARG G 10 15.89 -83.44 -73.07
N PRO G 11 16.41 -84.53 -72.48
CA PRO G 11 15.98 -84.89 -71.13
C PRO G 11 16.74 -84.08 -70.07
N LYS G 12 16.03 -83.63 -69.03
CA LYS G 12 16.61 -82.80 -67.98
C LYS G 12 17.06 -83.63 -66.78
N ASN G 13 18.34 -83.52 -66.44
CA ASN G 13 18.88 -84.12 -65.22
C ASN G 13 18.46 -83.28 -64.02
N PHE G 14 17.53 -83.80 -63.22
CA PHE G 14 17.14 -83.16 -61.97
C PHE G 14 18.04 -83.60 -60.83
N GLY G 15 19.29 -83.19 -60.90
CA GLY G 15 20.30 -83.64 -59.95
C GLY G 15 20.36 -82.81 -58.69
N ILE G 16 21.59 -82.59 -58.21
CA ILE G 16 21.92 -81.47 -57.33
C ILE G 16 22.89 -80.59 -58.11
N GLY G 17 22.60 -79.29 -58.11
CA GLY G 17 23.38 -78.33 -58.89
C GLY G 17 23.19 -78.42 -60.40
N GLN G 18 22.29 -79.29 -60.85
CA GLN G 18 22.09 -79.56 -62.27
C GLN G 18 20.84 -78.78 -62.65
N ASP G 19 20.10 -79.24 -63.67
CA ASP G 19 18.89 -78.55 -64.08
C ASP G 19 17.93 -78.36 -62.89
N ILE G 20 17.84 -77.12 -62.44
CA ILE G 20 16.74 -76.58 -61.61
C ILE G 20 15.47 -77.43 -61.52
N GLN G 21 15.04 -77.67 -60.29
CA GLN G 21 14.17 -78.78 -59.94
C GLN G 21 12.74 -78.59 -60.45
N PRO G 22 12.01 -79.70 -60.70
CA PRO G 22 10.65 -79.62 -61.22
C PRO G 22 9.67 -79.19 -60.15
N LYS G 23 8.57 -78.57 -60.56
CA LYS G 23 7.58 -78.05 -59.61
C LYS G 23 6.79 -79.19 -58.98
N ARG G 24 7.41 -79.88 -58.02
CA ARG G 24 6.79 -81.02 -57.38
C ARG G 24 5.85 -80.56 -56.28
N ASP G 25 4.97 -81.47 -55.87
CA ASP G 25 3.97 -81.20 -54.83
C ASP G 25 4.68 -80.95 -53.50
N LEU G 26 4.18 -79.96 -52.76
CA LEU G 26 4.74 -79.57 -51.45
C LEU G 26 3.71 -79.57 -50.32
N THR G 27 2.62 -80.31 -50.51
CA THR G 27 1.54 -80.36 -49.53
C THR G 27 2.01 -80.62 -48.12
N ARG G 28 3.06 -81.43 -47.98
CA ARG G 28 3.60 -81.74 -46.65
C ARG G 28 4.30 -80.53 -46.03
N PHE G 29 5.12 -79.84 -46.82
CA PHE G 29 5.97 -78.74 -46.30
C PHE G 29 5.41 -77.33 -46.55
N VAL G 30 4.10 -77.23 -46.75
CA VAL G 30 3.45 -75.94 -46.85
C VAL G 30 3.37 -75.35 -45.44
N LYS G 31 3.46 -74.03 -45.36
CA LYS G 31 3.18 -73.33 -44.10
C LYS G 31 1.71 -73.03 -44.02
N TRP G 32 1.03 -73.65 -43.08
CA TRP G 32 -0.42 -73.53 -42.99
C TRP G 32 -0.85 -72.38 -42.08
N PRO G 33 -2.01 -71.77 -42.38
CA PRO G 33 -2.60 -70.75 -41.53
C PRO G 33 -2.93 -71.33 -40.19
N ARG G 34 -2.82 -70.50 -39.17
CA ARG G 34 -2.84 -70.98 -37.80
C ARG G 34 -4.12 -71.70 -37.40
N TYR G 35 -5.22 -71.53 -38.15
CA TYR G 35 -6.43 -72.31 -37.89
C TYR G 35 -6.28 -73.76 -38.32
N ILE G 36 -5.75 -73.95 -39.52
CA ILE G 36 -5.56 -75.27 -40.08
C ILE G 36 -4.58 -76.04 -39.24
N ARG G 37 -3.43 -75.42 -39.05
CA ARG G 37 -2.35 -76.02 -38.30
C ARG G 37 -2.85 -76.51 -36.96
N LEU G 38 -3.72 -75.72 -36.31
CA LEU G 38 -4.25 -76.09 -35.01
C LEU G 38 -5.18 -77.30 -35.06
N GLN G 39 -6.17 -77.29 -35.95
CA GLN G 39 -7.11 -78.41 -36.04
C GLN G 39 -6.44 -79.72 -36.35
N ARG G 40 -5.34 -79.65 -37.09
CA ARG G 40 -4.53 -80.83 -37.36
C ARG G 40 -3.77 -81.31 -36.14
N GLN G 41 -3.17 -80.39 -35.40
CA GLN G 41 -2.39 -80.79 -34.23
C GLN G 41 -3.21 -80.83 -32.95
N ARG G 42 -4.52 -80.63 -33.06
CA ARG G 42 -5.41 -81.05 -32.00
C ARG G 42 -5.59 -82.55 -32.10
N ALA G 43 -5.91 -83.03 -33.30
CA ALA G 43 -6.12 -84.46 -33.58
C ALA G 43 -4.96 -85.32 -33.12
N ILE G 44 -3.75 -84.83 -33.38
CA ILE G 44 -2.53 -85.46 -32.92
C ILE G 44 -2.49 -85.60 -31.40
N LEU G 45 -2.77 -84.52 -30.67
CA LEU G 45 -2.79 -84.59 -29.21
C LEU G 45 -3.68 -85.72 -28.71
N TYR G 46 -4.87 -85.82 -29.29
CA TYR G 46 -5.79 -86.90 -28.95
C TYR G 46 -5.21 -88.29 -29.15
N LYS G 47 -4.35 -88.44 -30.16
CA LYS G 47 -3.62 -89.71 -30.38
C LYS G 47 -2.41 -89.87 -29.47
N ARG G 48 -1.76 -88.77 -29.15
CA ARG G 48 -0.50 -88.80 -28.40
C ARG G 48 -0.68 -88.91 -26.90
N LEU G 49 -1.66 -88.20 -26.36
CA LEU G 49 -1.97 -88.20 -24.93
C LEU G 49 -2.71 -89.47 -24.49
N LYS G 50 -2.81 -89.65 -23.18
CA LYS G 50 -3.49 -90.78 -22.58
C LYS G 50 -4.99 -90.45 -22.45
N VAL G 51 -5.80 -90.82 -23.44
CA VAL G 51 -7.24 -90.48 -23.40
C VAL G 51 -7.97 -91.41 -22.47
N PRO G 52 -8.75 -90.86 -21.52
CA PRO G 52 -9.57 -91.66 -20.62
C PRO G 52 -10.86 -92.18 -21.29
N PRO G 53 -11.42 -93.27 -20.73
CA PRO G 53 -12.33 -94.20 -21.39
C PRO G 53 -13.74 -93.71 -21.68
N ALA G 54 -14.16 -92.69 -20.96
CA ALA G 54 -15.49 -92.12 -21.13
C ALA G 54 -15.54 -91.31 -22.42
N ILE G 55 -14.37 -90.78 -22.79
CA ILE G 55 -14.17 -90.11 -24.05
C ILE G 55 -13.73 -91.11 -25.13
N ASN G 56 -12.91 -92.10 -24.74
CA ASN G 56 -12.38 -93.09 -25.69
C ASN G 56 -13.45 -93.98 -26.32
N GLN G 57 -14.42 -94.39 -25.52
CA GLN G 57 -15.58 -95.15 -26.02
C GLN G 57 -16.30 -94.61 -27.26
N PHE G 58 -16.21 -93.29 -27.49
CA PHE G 58 -16.79 -92.68 -28.68
C PHE G 58 -15.98 -92.91 -29.95
N THR G 59 -14.76 -93.43 -29.80
CA THR G 59 -14.01 -93.94 -30.95
C THR G 59 -14.69 -95.18 -31.50
N GLN G 60 -15.10 -96.07 -30.60
CA GLN G 60 -15.85 -97.27 -30.94
C GLN G 60 -17.25 -96.88 -31.44
N VAL G 61 -17.33 -96.66 -32.74
CA VAL G 61 -18.58 -96.33 -33.40
C VAL G 61 -19.10 -97.57 -34.13
N LEU G 62 -20.29 -97.41 -34.68
CA LEU G 62 -21.04 -98.49 -35.31
C LEU G 62 -20.44 -98.81 -36.68
N ASP G 63 -20.69 -100.02 -37.16
CA ASP G 63 -20.13 -100.51 -38.45
C ASP G 63 -21.07 -100.24 -39.62
N ARG G 64 -20.48 -100.04 -40.79
CA ARG G 64 -21.15 -99.47 -41.96
C ARG G 64 -22.51 -100.09 -42.28
N GLN G 65 -22.54 -101.42 -42.34
CA GLN G 65 -23.76 -102.14 -42.71
C GLN G 65 -24.87 -101.91 -41.68
N THR G 66 -24.49 -101.89 -40.40
CA THR G 66 -25.44 -101.62 -39.31
C THR G 66 -25.98 -100.19 -39.33
N ALA G 67 -25.11 -99.23 -39.66
CA ALA G 67 -25.52 -97.83 -39.76
C ALA G 67 -26.55 -97.63 -40.87
N THR G 68 -26.33 -98.30 -42.00
CA THR G 68 -27.26 -98.21 -43.14
C THR G 68 -28.62 -98.87 -42.87
N GLN G 69 -28.63 -99.89 -42.00
CA GLN G 69 -29.88 -100.46 -41.49
C GLN G 69 -30.62 -99.47 -40.62
N LEU G 70 -29.88 -98.85 -39.70
CA LEU G 70 -30.44 -97.90 -38.75
C LEU G 70 -31.06 -96.70 -39.44
N LEU G 71 -30.32 -96.10 -40.37
CA LEU G 71 -30.79 -94.92 -41.09
C LEU G 71 -32.00 -95.22 -41.98
N LYS G 72 -32.06 -96.45 -42.50
CA LYS G 72 -33.24 -96.94 -43.21
C LYS G 72 -34.44 -97.05 -42.28
N LEU G 73 -34.22 -97.58 -41.08
CA LEU G 73 -35.27 -97.70 -40.06
C LEU G 73 -35.76 -96.33 -39.60
N ALA G 74 -34.84 -95.37 -39.44
CA ALA G 74 -35.20 -94.01 -39.04
C ALA G 74 -35.96 -93.26 -40.12
N HIS G 75 -35.66 -93.57 -41.38
CA HIS G 75 -36.35 -92.92 -42.50
C HIS G 75 -37.88 -93.00 -42.39
N LYS G 76 -38.37 -94.09 -41.79
CA LYS G 76 -39.79 -94.22 -41.44
C LYS G 76 -40.22 -93.19 -40.39
N TYR G 77 -39.40 -93.01 -39.34
CA TYR G 77 -39.75 -92.19 -38.17
C TYR G 77 -39.03 -90.84 -38.08
N ARG G 78 -38.76 -90.22 -39.22
CA ARG G 78 -38.31 -88.83 -39.26
C ARG G 78 -39.49 -87.98 -38.81
N PRO G 79 -39.23 -86.90 -38.05
CA PRO G 79 -40.33 -86.03 -37.63
C PRO G 79 -40.91 -85.21 -38.77
N GLU G 80 -42.13 -84.76 -38.57
CA GLU G 80 -42.86 -83.95 -39.55
C GLU G 80 -42.15 -82.63 -39.83
N THR G 81 -41.96 -82.34 -41.12
CA THR G 81 -41.32 -81.11 -41.58
C THR G 81 -42.32 -79.96 -41.47
N LYS G 82 -41.86 -78.74 -41.78
CA LYS G 82 -42.78 -77.62 -42.05
C LYS G 82 -43.51 -77.91 -43.36
N GLN G 83 -44.60 -77.17 -43.61
CA GLN G 83 -45.58 -77.47 -44.67
C GLN G 83 -46.48 -78.63 -44.24
N GLU G 84 -45.89 -79.79 -43.98
CA GLU G 84 -46.57 -80.93 -43.35
C GLU G 84 -47.32 -80.53 -42.07
N LYS G 85 -46.71 -79.66 -41.27
CA LYS G 85 -47.31 -79.16 -40.04
C LYS G 85 -48.56 -78.31 -40.33
N LYS G 86 -48.45 -77.42 -41.33
CA LYS G 86 -49.59 -76.60 -41.78
C LYS G 86 -50.74 -77.45 -42.33
N GLN G 87 -50.40 -78.41 -43.18
CA GLN G 87 -51.39 -79.33 -43.78
C GLN G 87 -52.13 -80.18 -42.75
N ARG G 88 -51.45 -80.56 -41.66
CA ARG G 88 -52.08 -81.32 -40.59
C ARG G 88 -53.10 -80.47 -39.83
N LEU G 89 -52.74 -79.20 -39.57
CA LEU G 89 -53.66 -78.24 -38.93
C LEU G 89 -54.80 -77.81 -39.85
N LEU G 90 -54.47 -77.50 -41.10
CA LEU G 90 -55.43 -77.01 -42.09
C LEU G 90 -56.54 -78.02 -42.39
N ALA G 91 -56.17 -79.30 -42.52
CA ALA G 91 -57.13 -80.38 -42.73
C ALA G 91 -58.08 -80.57 -41.54
N ARG G 92 -57.59 -80.31 -40.33
CA ARG G 92 -58.39 -80.41 -39.10
C ARG G 92 -59.40 -79.27 -38.97
N ALA G 93 -58.97 -78.05 -39.30
CA ALA G 93 -59.83 -76.86 -39.25
C ALA G 93 -61.01 -76.95 -40.24
N GLU G 94 -60.74 -77.48 -41.43
CA GLU G 94 -61.79 -77.73 -42.43
C GLU G 94 -62.80 -78.80 -41.97
N LYS G 95 -62.28 -79.87 -41.36
CA LYS G 95 -63.11 -81.02 -40.96
C LYS G 95 -63.98 -80.77 -39.71
N LYS G 96 -63.71 -79.70 -38.96
CA LYS G 96 -64.46 -79.40 -37.73
C LYS G 96 -65.92 -79.02 -38.03
N ALA G 97 -66.11 -78.08 -38.96
CA ALA G 97 -67.44 -77.65 -39.39
C ALA G 97 -67.63 -77.95 -40.88
N ALA G 98 -67.85 -79.24 -41.18
CA ALA G 98 -68.05 -79.70 -42.56
C ALA G 98 -68.67 -81.10 -42.59
N GLY G 99 -67.97 -82.07 -42.00
CA GLY G 99 -68.42 -83.47 -41.96
C GLY G 99 -67.88 -84.21 -40.76
N LYS G 100 -68.27 -83.75 -39.56
CA LYS G 100 -67.92 -84.35 -38.27
C LYS G 100 -66.44 -84.18 -37.89
N GLY G 101 -66.20 -83.47 -36.80
CA GLY G 101 -64.84 -83.24 -36.27
C GLY G 101 -64.65 -83.92 -34.92
N ASP G 102 -63.86 -84.99 -34.89
CA ASP G 102 -63.58 -85.74 -33.66
C ASP G 102 -62.61 -84.98 -32.74
N VAL G 103 -61.52 -84.50 -33.34
CA VAL G 103 -60.44 -83.67 -32.72
C VAL G 103 -59.09 -84.41 -32.63
N PRO G 104 -58.96 -85.43 -31.75
CA PRO G 104 -57.64 -86.01 -31.49
C PRO G 104 -57.11 -87.00 -32.53
N THR G 105 -58.00 -87.54 -33.38
CA THR G 105 -57.70 -88.66 -34.31
C THR G 105 -56.77 -89.73 -33.65
N LYS G 106 -55.65 -90.08 -34.27
CA LYS G 106 -54.64 -90.92 -33.62
C LYS G 106 -53.25 -90.58 -34.16
N ARG G 107 -52.38 -90.05 -33.30
CA ARG G 107 -51.05 -89.57 -33.72
C ARG G 107 -50.04 -90.72 -33.88
N PRO G 108 -49.25 -90.71 -34.98
CA PRO G 108 -48.22 -91.74 -35.16
C PRO G 108 -47.00 -91.55 -34.26
N PRO G 109 -46.09 -92.55 -34.23
CA PRO G 109 -44.86 -92.47 -33.46
C PRO G 109 -43.72 -91.90 -34.29
N VAL G 110 -42.78 -91.26 -33.62
CA VAL G 110 -41.68 -90.54 -34.26
C VAL G 110 -40.43 -90.53 -33.39
N LEU G 111 -39.32 -90.08 -33.99
CA LEU G 111 -38.04 -89.96 -33.29
C LEU G 111 -38.06 -88.89 -32.22
N ARG G 112 -37.15 -89.04 -31.27
CA ARG G 112 -36.91 -88.10 -30.20
C ARG G 112 -35.47 -87.65 -30.34
N ALA G 113 -35.25 -86.34 -30.29
CA ALA G 113 -34.05 -85.73 -30.84
C ALA G 113 -32.97 -85.39 -29.80
N GLY G 114 -33.08 -84.23 -29.12
CA GLY G 114 -31.96 -83.66 -28.36
C GLY G 114 -31.68 -84.33 -27.02
N VAL G 115 -30.42 -84.27 -26.58
CA VAL G 115 -29.99 -84.97 -25.35
C VAL G 115 -31.00 -84.90 -24.21
N ASN G 116 -31.58 -83.72 -23.99
CA ASN G 116 -32.49 -83.50 -22.86
C ASN G 116 -33.80 -84.24 -23.03
N THR G 117 -34.34 -84.27 -24.25
CA THR G 117 -35.51 -85.10 -24.56
C THR G 117 -35.22 -86.59 -24.40
N VAL G 118 -34.02 -87.00 -24.76
CA VAL G 118 -33.60 -88.38 -24.62
C VAL G 118 -33.33 -88.75 -23.16
N THR G 119 -32.54 -87.96 -22.43
CA THR G 119 -32.13 -88.32 -21.06
C THR G 119 -33.29 -88.45 -20.10
N THR G 120 -34.34 -87.67 -20.30
CA THR G 120 -35.56 -87.88 -19.55
C THR G 120 -36.17 -89.23 -19.92
N LEU G 121 -36.17 -89.58 -21.20
CA LEU G 121 -36.69 -90.89 -21.61
C LEU G 121 -35.67 -92.05 -21.69
N VAL G 122 -34.55 -91.89 -20.99
CA VAL G 122 -33.77 -93.03 -20.52
C VAL G 122 -33.92 -93.12 -18.99
N GLU G 123 -33.97 -92.00 -18.28
CA GLU G 123 -34.44 -91.98 -16.88
C GLU G 123 -35.79 -92.69 -16.72
N ASN G 124 -36.69 -92.45 -17.67
CA ASN G 124 -38.05 -92.98 -17.62
C ASN G 124 -38.22 -94.35 -18.31
N LYS G 125 -37.13 -94.90 -18.89
CA LYS G 125 -37.15 -96.14 -19.69
C LYS G 125 -38.20 -96.15 -20.81
N LYS G 126 -38.41 -95.00 -21.44
CA LYS G 126 -39.35 -94.90 -22.55
C LYS G 126 -38.67 -95.37 -23.85
N ALA G 127 -37.36 -95.20 -23.94
CA ALA G 127 -36.61 -95.57 -25.14
C ALA G 127 -36.42 -97.09 -25.27
N GLN G 128 -36.42 -97.55 -26.52
CA GLN G 128 -36.05 -98.92 -26.88
C GLN G 128 -34.62 -98.97 -27.42
N LEU G 129 -34.28 -98.01 -28.27
CA LEU G 129 -32.92 -97.79 -28.76
C LEU G 129 -32.56 -96.32 -28.57
N VAL G 130 -31.27 -96.05 -28.32
CA VAL G 130 -30.72 -94.69 -28.34
C VAL G 130 -29.51 -94.63 -29.27
N VAL G 131 -29.56 -93.76 -30.26
CA VAL G 131 -28.38 -93.47 -31.08
C VAL G 131 -27.75 -92.19 -30.57
N ILE G 132 -26.43 -92.21 -30.45
CA ILE G 132 -25.63 -91.06 -30.03
C ILE G 132 -24.67 -90.75 -31.16
N ALA G 133 -24.32 -89.47 -31.32
CA ALA G 133 -23.29 -89.09 -32.28
C ALA G 133 -21.91 -89.15 -31.64
N HIS G 134 -20.90 -89.47 -32.42
CA HIS G 134 -19.55 -89.61 -31.89
C HIS G 134 -18.78 -88.30 -31.81
N ASP G 135 -19.24 -87.26 -32.51
CA ASP G 135 -18.46 -86.03 -32.68
C ASP G 135 -19.19 -84.80 -32.15
N VAL G 136 -19.78 -84.92 -30.96
CA VAL G 136 -20.33 -83.78 -30.25
C VAL G 136 -19.16 -82.90 -29.78
N ASP G 137 -19.34 -81.57 -29.88
CA ASP G 137 -18.22 -80.62 -29.94
C ASP G 137 -17.61 -80.31 -28.54
N PRO G 138 -18.45 -79.91 -27.57
CA PRO G 138 -18.05 -80.16 -26.19
C PRO G 138 -18.54 -81.54 -25.77
N ILE G 139 -17.62 -82.44 -25.45
CA ILE G 139 -17.98 -83.84 -25.20
C ILE G 139 -19.01 -83.96 -24.07
N GLU G 140 -18.83 -83.17 -23.01
CA GLU G 140 -19.62 -83.25 -21.77
C GLU G 140 -21.15 -83.34 -21.91
N LEU G 141 -21.68 -82.81 -23.02
CA LEU G 141 -23.10 -82.96 -23.35
C LEU G 141 -23.50 -84.42 -23.44
N VAL G 142 -22.63 -85.24 -24.02
CA VAL G 142 -22.86 -86.66 -24.18
C VAL G 142 -21.61 -87.43 -23.75
N VAL G 143 -21.59 -87.82 -22.48
CA VAL G 143 -20.46 -88.56 -21.89
C VAL G 143 -21.04 -89.60 -20.97
N PHE G 144 -21.79 -89.11 -19.98
CA PHE G 144 -22.67 -89.90 -19.14
C PHE G 144 -23.70 -90.76 -19.90
N LEU G 145 -24.17 -90.30 -21.06
CA LEU G 145 -25.33 -90.94 -21.72
C LEU G 145 -25.20 -92.46 -21.87
N PRO G 146 -24.05 -92.94 -22.35
CA PRO G 146 -23.86 -94.39 -22.47
C PRO G 146 -23.81 -95.13 -21.15
N ALA G 147 -23.26 -94.52 -20.10
CA ALA G 147 -23.30 -95.12 -18.76
C ALA G 147 -24.73 -95.12 -18.20
N LEU G 148 -25.43 -94.01 -18.41
CA LEU G 148 -26.82 -93.87 -18.02
C LEU G 148 -27.68 -94.89 -18.77
N CYS G 149 -27.45 -95.00 -20.08
CA CYS G 149 -28.11 -96.01 -20.93
C CYS G 149 -27.91 -97.44 -20.46
N ARG G 150 -26.69 -97.79 -20.07
CA ARG G 150 -26.37 -99.14 -19.63
C ARG G 150 -26.95 -99.41 -18.24
N LYS G 151 -27.01 -98.38 -17.39
CA LYS G 151 -27.71 -98.47 -16.10
C LYS G 151 -29.19 -98.79 -16.25
N MET G 152 -29.84 -98.05 -17.13
CA MET G 152 -31.26 -98.21 -17.41
C MET G 152 -31.57 -99.33 -18.40
N GLY G 153 -30.53 -99.95 -18.95
CA GLY G 153 -30.70 -101.14 -19.77
C GLY G 153 -31.26 -100.85 -21.15
N VAL G 154 -30.98 -99.66 -21.66
CA VAL G 154 -31.45 -99.22 -22.95
C VAL G 154 -30.34 -99.47 -23.96
N PRO G 155 -30.57 -100.33 -24.97
CA PRO G 155 -29.61 -100.50 -26.06
C PRO G 155 -29.24 -99.17 -26.65
N TYR G 156 -27.95 -98.90 -26.76
CA TYR G 156 -27.49 -97.67 -27.35
C TYR G 156 -26.37 -97.92 -28.34
N CYS G 157 -26.30 -97.11 -29.37
CA CYS G 157 -25.18 -97.14 -30.28
C CYS G 157 -24.66 -95.74 -30.55
N ILE G 158 -23.42 -95.69 -31.02
CA ILE G 158 -22.75 -94.46 -31.34
C ILE G 158 -22.60 -94.48 -32.84
N LEU G 159 -23.27 -93.56 -33.53
CA LEU G 159 -23.16 -93.46 -34.97
C LEU G 159 -22.19 -92.34 -35.36
N LYS G 160 -21.59 -92.48 -36.53
CA LYS G 160 -20.75 -91.43 -37.10
C LYS G 160 -21.69 -90.31 -37.53
N GLY G 161 -21.25 -89.08 -37.36
CA GLY G 161 -21.97 -87.93 -37.90
C GLY G 161 -23.11 -87.44 -37.04
N LYS G 162 -22.82 -86.48 -36.17
CA LYS G 162 -23.87 -85.68 -35.58
C LYS G 162 -24.64 -84.96 -36.69
N ALA G 163 -23.97 -84.65 -37.81
CA ALA G 163 -24.62 -84.07 -38.99
C ALA G 163 -25.61 -85.03 -39.66
N ARG G 164 -25.16 -86.26 -39.93
CA ARG G 164 -25.99 -87.26 -40.63
C ARG G 164 -27.05 -87.85 -39.71
N LEU G 165 -26.79 -87.80 -38.40
CA LEU G 165 -27.78 -88.11 -37.39
C LEU G 165 -28.81 -86.99 -37.35
N GLY G 166 -28.30 -85.75 -37.43
CA GLY G 166 -29.13 -84.55 -37.49
C GLY G 166 -29.85 -84.30 -38.80
N ARG G 167 -29.49 -85.03 -39.86
CA ARG G 167 -30.21 -84.96 -41.14
C ARG G 167 -31.41 -85.93 -41.20
N LEU G 168 -31.63 -86.71 -40.13
CA LEU G 168 -32.84 -87.53 -39.98
C LEU G 168 -33.95 -86.58 -39.62
N VAL G 169 -33.70 -85.82 -38.55
CA VAL G 169 -34.42 -84.57 -38.30
C VAL G 169 -33.88 -83.59 -39.33
N HIS G 170 -34.42 -82.38 -39.40
CA HIS G 170 -34.06 -81.48 -40.50
C HIS G 170 -33.36 -80.23 -39.99
N ARG G 171 -32.35 -80.48 -39.15
CA ARG G 171 -31.54 -79.45 -38.53
C ARG G 171 -30.09 -79.82 -38.74
N LYS G 172 -29.21 -78.84 -38.57
CA LYS G 172 -27.81 -79.01 -38.98
C LYS G 172 -27.17 -80.25 -38.39
N THR G 173 -27.11 -80.31 -37.06
CA THR G 173 -26.60 -81.47 -36.35
C THR G 173 -27.67 -81.97 -35.39
N CYS G 174 -27.42 -83.12 -34.82
CA CYS G 174 -28.12 -83.56 -33.64
C CYS G 174 -27.20 -84.43 -32.83
N THR G 175 -27.23 -84.27 -31.51
CA THR G 175 -26.35 -85.03 -30.62
C THR G 175 -26.82 -86.47 -30.50
N THR G 176 -28.12 -86.62 -30.26
CA THR G 176 -28.72 -87.90 -29.94
C THR G 176 -29.91 -88.19 -30.83
N VAL G 177 -30.43 -89.39 -30.68
CA VAL G 177 -31.68 -89.78 -31.27
C VAL G 177 -32.22 -90.95 -30.48
N ALA G 178 -33.54 -91.10 -30.48
CA ALA G 178 -34.15 -92.19 -29.75
C ALA G 178 -35.50 -92.58 -30.33
N PHE G 179 -35.82 -93.86 -30.19
CA PHE G 179 -37.08 -94.44 -30.60
C PHE G 179 -37.79 -94.81 -29.32
N THR G 180 -38.98 -94.27 -29.12
CA THR G 180 -39.84 -94.67 -28.00
C THR G 180 -40.67 -95.86 -28.43
N GLN G 181 -41.31 -95.71 -29.60
CA GLN G 181 -42.13 -96.77 -30.20
C GLN G 181 -41.81 -96.90 -31.68
N VAL G 182 -42.36 -97.96 -32.28
CA VAL G 182 -42.24 -98.24 -33.70
C VAL G 182 -43.50 -98.97 -34.16
N ASN G 183 -43.91 -98.70 -35.40
CA ASN G 183 -45.09 -99.37 -36.00
C ASN G 183 -44.91 -100.88 -36.10
N SER G 184 -46.01 -101.62 -35.92
CA SER G 184 -46.00 -103.09 -35.88
C SER G 184 -45.35 -103.75 -37.09
N GLU G 185 -45.56 -103.16 -38.27
CA GLU G 185 -44.88 -103.59 -39.49
C GLU G 185 -43.35 -103.54 -39.36
N ASP G 186 -42.83 -102.45 -38.83
CA ASP G 186 -41.37 -102.24 -38.71
C ASP G 186 -40.80 -102.71 -37.36
N LYS G 187 -41.63 -103.35 -36.54
CA LYS G 187 -41.31 -103.70 -35.15
C LYS G 187 -40.19 -104.72 -35.06
N GLY G 188 -40.26 -105.76 -35.87
CA GLY G 188 -39.25 -106.81 -35.90
C GLY G 188 -37.88 -106.37 -36.39
N ALA G 189 -37.84 -105.31 -37.20
CA ALA G 189 -36.59 -104.77 -37.71
C ALA G 189 -35.78 -104.06 -36.62
N LEU G 190 -36.49 -103.24 -35.84
CA LEU G 190 -35.93 -102.55 -34.69
C LEU G 190 -35.34 -103.52 -33.67
N ALA G 191 -36.11 -104.56 -33.37
CA ALA G 191 -35.69 -105.64 -32.46
C ALA G 191 -34.50 -106.46 -32.97
N LYS G 192 -34.37 -106.56 -34.29
CA LYS G 192 -33.18 -107.15 -34.92
C LYS G 192 -31.93 -106.29 -34.74
N LEU G 193 -32.09 -104.99 -34.99
CA LEU G 193 -31.02 -104.01 -34.76
C LEU G 193 -30.63 -103.95 -33.29
N VAL G 194 -31.64 -103.80 -32.43
CA VAL G 194 -31.43 -103.66 -30.98
C VAL G 194 -30.52 -104.74 -30.44
N GLU G 195 -30.83 -106.00 -30.74
CA GLU G 195 -30.08 -107.12 -30.16
C GLU G 195 -28.64 -107.13 -30.68
N ALA G 196 -28.46 -106.86 -31.97
CA ALA G 196 -27.13 -106.72 -32.57
C ALA G 196 -26.33 -105.57 -31.94
N ILE G 197 -27.01 -104.46 -31.69
CA ILE G 197 -26.40 -103.29 -31.05
C ILE G 197 -25.92 -103.62 -29.63
N ARG G 198 -26.84 -104.07 -28.77
CA ARG G 198 -26.51 -104.30 -27.35
C ARG G 198 -25.39 -105.34 -27.11
N THR G 199 -25.23 -106.28 -28.04
CA THR G 199 -24.09 -107.21 -28.02
C THR G 199 -22.75 -106.49 -28.09
N ASN G 200 -22.68 -105.48 -28.97
CA ASN G 200 -21.47 -104.71 -29.23
C ASN G 200 -21.20 -103.56 -28.25
N TYR G 201 -22.23 -103.11 -27.52
CA TYR G 201 -22.11 -101.95 -26.63
C TYR G 201 -22.46 -102.18 -25.17
N ASN G 202 -23.74 -102.47 -24.90
CA ASN G 202 -24.22 -102.53 -23.52
C ASN G 202 -23.75 -103.78 -22.78
N ASP G 203 -23.60 -104.88 -23.52
CA ASP G 203 -23.22 -106.17 -22.96
C ASP G 203 -21.70 -106.43 -22.92
N ARG G 204 -20.91 -105.36 -23.07
CA ARG G 204 -19.48 -105.40 -22.79
C ARG G 204 -18.98 -104.09 -22.16
N TYR G 205 -19.85 -103.42 -21.42
CA TYR G 205 -19.56 -102.07 -20.92
C TYR G 205 -18.40 -102.04 -19.92
N ASP G 206 -18.13 -103.16 -19.25
CA ASP G 206 -16.97 -103.26 -18.37
C ASP G 206 -15.65 -103.16 -19.13
N GLU G 207 -15.57 -103.80 -20.30
CA GLU G 207 -14.38 -103.71 -21.15
C GLU G 207 -14.21 -102.30 -21.71
N ILE G 208 -15.32 -101.64 -22.04
CA ILE G 208 -15.32 -100.25 -22.48
C ILE G 208 -14.78 -99.33 -21.39
N ARG G 209 -15.32 -99.46 -20.18
CA ARG G 209 -14.87 -98.69 -19.02
C ARG G 209 -13.36 -98.73 -18.81
N ARG G 210 -12.76 -99.92 -18.85
CA ARG G 210 -11.33 -100.06 -18.64
C ARG G 210 -10.48 -99.56 -19.80
N HIS G 211 -11.03 -99.59 -21.00
CA HIS G 211 -10.25 -99.42 -22.24
C HIS G 211 -9.83 -97.96 -22.49
N TRP G 212 -8.71 -97.58 -21.89
CA TRP G 212 -7.98 -96.37 -22.26
C TRP G 212 -7.45 -96.52 -23.67
N GLY G 213 -7.25 -95.39 -24.36
CA GLY G 213 -6.70 -95.45 -25.70
C GLY G 213 -6.38 -94.13 -26.35
N GLY G 214 -5.33 -93.51 -25.86
CA GLY G 214 -4.50 -92.64 -26.68
C GLY G 214 -3.12 -93.27 -26.64
N ASN G 215 -2.11 -92.52 -26.23
CA ASN G 215 -0.79 -93.04 -25.87
C ASN G 215 -0.05 -93.76 -27.02
N VAL G 216 -0.31 -93.33 -28.24
CA VAL G 216 0.40 -93.80 -29.42
C VAL G 216 1.54 -92.80 -29.59
N LEU G 217 2.53 -93.12 -30.44
CA LEU G 217 3.56 -92.15 -30.79
C LEU G 217 3.45 -91.69 -32.24
N GLY G 218 4.28 -90.72 -32.59
CA GLY G 218 4.46 -90.35 -33.98
C GLY G 218 5.11 -91.50 -34.72
N PRO G 219 4.59 -91.88 -35.90
CA PRO G 219 5.25 -92.97 -36.63
C PRO G 219 6.74 -92.72 -36.80
N LYS G 220 7.12 -91.47 -37.02
CA LYS G 220 8.52 -91.11 -37.19
C LYS G 220 9.38 -91.50 -35.99
N SER G 221 8.81 -91.41 -34.78
CA SER G 221 9.46 -91.90 -33.56
C SER G 221 9.34 -93.42 -33.41
N VAL G 222 8.16 -93.95 -33.69
CA VAL G 222 7.89 -95.39 -33.60
C VAL G 222 8.92 -96.14 -34.43
N ALA G 223 9.06 -95.73 -35.68
CA ALA G 223 10.05 -96.30 -36.58
C ALA G 223 11.46 -96.21 -36.03
N ARG G 224 11.80 -95.10 -35.39
CA ARG G 224 13.12 -94.95 -34.76
C ARG G 224 13.31 -95.92 -33.62
N ILE G 225 12.26 -96.14 -32.82
CA ILE G 225 12.32 -97.13 -31.75
C ILE G 225 12.48 -98.54 -32.31
N ALA G 226 11.69 -98.90 -33.33
CA ALA G 226 11.74 -100.25 -33.93
C ALA G 226 13.11 -100.56 -34.53
N LYS G 227 13.75 -99.55 -35.11
CA LYS G 227 15.08 -99.69 -35.68
C LYS G 227 16.11 -100.00 -34.59
N LEU G 228 16.03 -99.27 -33.48
CA LEU G 228 16.86 -99.56 -32.29
C LEU G 228 16.59 -100.95 -31.73
N GLU G 229 15.32 -101.35 -31.72
CA GLU G 229 14.93 -102.70 -31.28
C GLU G 229 15.48 -103.79 -32.20
N LYS G 230 15.49 -103.53 -33.51
CA LYS G 230 16.15 -104.43 -34.48
C LYS G 230 17.67 -104.50 -34.29
N ALA G 231 18.28 -103.37 -33.88
CA ALA G 231 19.70 -103.35 -33.51
C ALA G 231 19.97 -104.16 -32.24
N LYS G 232 19.12 -103.96 -31.23
CA LYS G 232 19.18 -104.77 -29.99
C LYS G 232 18.85 -106.25 -30.23
N ALA G 233 17.94 -106.51 -31.17
CA ALA G 233 17.58 -107.89 -31.54
C ALA G 233 18.74 -108.58 -32.23
N LYS G 234 19.31 -107.94 -33.25
CA LYS G 234 20.45 -108.50 -33.99
C LYS G 234 21.74 -108.55 -33.16
N GLU G 235 21.82 -107.72 -32.11
CA GLU G 235 22.90 -107.82 -31.10
C GLU G 235 22.87 -109.15 -30.33
N LEU G 236 21.67 -109.62 -29.98
CA LEU G 236 21.50 -110.89 -29.24
C LEU G 236 20.34 -111.73 -29.78
N ALA G 237 20.55 -112.31 -30.95
CA ALA G 237 19.63 -113.30 -31.54
C ALA G 237 20.35 -114.15 -32.60
N THR G 238 20.90 -113.49 -33.61
CA THR G 238 21.74 -114.15 -34.63
C THR G 238 23.09 -114.66 -34.09
N LYS G 239 23.55 -114.08 -32.97
CA LYS G 239 24.82 -114.48 -32.34
C LYS G 239 24.70 -115.85 -31.69
N LEU G 240 23.71 -116.00 -30.80
CA LEU G 240 23.48 -117.25 -30.07
C LEU G 240 22.67 -118.24 -30.91
N GLY G 241 21.45 -117.85 -31.27
CA GLY G 241 20.54 -118.70 -32.02
C GLY G 241 20.89 -118.80 -33.49
N MET H 1 52.72 32.06 62.97
CA MET H 1 51.52 32.95 63.11
C MET H 1 51.88 34.42 62.97
N LYS H 2 50.87 35.27 63.04
CA LYS H 2 51.04 36.72 62.87
C LYS H 2 51.74 37.31 64.09
N THR H 3 52.99 37.73 63.91
CA THR H 3 53.76 38.38 64.98
C THR H 3 53.30 39.81 65.14
N ILE H 4 52.85 40.15 66.35
CA ILE H 4 52.22 41.44 66.64
C ILE H 4 53.00 42.65 66.17
N LEU H 5 54.33 42.56 66.22
CA LEU H 5 55.22 43.59 65.67
C LEU H 5 56.64 43.08 65.57
N SER H 6 57.33 43.49 64.51
CA SER H 6 58.78 43.35 64.43
C SER H 6 59.36 44.64 63.91
N ASN H 7 60.64 44.84 64.18
CA ASN H 7 61.33 46.02 63.70
C ASN H 7 62.84 45.83 63.62
N GLN H 8 63.51 46.89 63.19
CA GLN H 8 64.96 46.97 63.30
C GLN H 8 65.37 48.43 63.16
N THR H 9 66.63 48.71 63.40
CA THR H 9 67.19 50.03 63.20
C THR H 9 68.43 49.96 62.31
N VAL H 10 68.64 51.07 61.61
CA VAL H 10 69.76 51.24 60.70
C VAL H 10 70.40 52.58 61.06
N ASP H 11 71.50 52.51 61.80
CA ASP H 11 72.16 53.71 62.30
C ASP H 11 72.97 54.36 61.21
N ILE H 12 72.44 55.45 60.65
CA ILE H 12 73.12 56.16 59.58
C ILE H 12 74.27 56.95 60.23
N PRO H 13 75.40 57.09 59.52
CA PRO H 13 76.54 57.83 60.03
C PRO H 13 76.41 59.32 59.70
N GLU H 14 77.07 60.15 60.50
CA GLU H 14 76.88 61.60 60.47
C GLU H 14 77.33 62.28 59.17
N ASN H 15 78.21 61.62 58.41
CA ASN H 15 78.60 62.06 57.08
C ASN H 15 77.42 62.02 56.10
N VAL H 16 76.74 60.88 56.07
CA VAL H 16 75.62 60.64 55.14
C VAL H 16 74.33 61.31 55.62
N ASP H 17 73.47 61.68 54.68
CA ASP H 17 72.11 62.15 54.95
C ASP H 17 71.16 61.29 54.15
N ILE H 18 70.28 60.58 54.83
CA ILE H 18 69.25 59.79 54.15
C ILE H 18 67.93 60.52 54.24
N SER H 19 67.09 60.27 53.25
CA SER H 19 65.79 60.89 53.14
C SER H 19 64.85 59.89 52.51
N LEU H 20 63.60 59.88 52.94
CA LEU H 20 62.63 58.91 52.41
C LEU H 20 61.32 59.56 52.02
N LYS H 21 61.13 59.67 50.70
CA LYS H 21 59.84 60.00 50.11
C LYS H 21 58.96 58.76 50.23
N GLY H 22 58.27 58.65 51.36
CA GLY H 22 57.35 57.54 51.63
C GLY H 22 58.04 56.24 51.98
N ARG H 23 58.34 55.46 50.94
CA ARG H 23 58.96 54.14 51.07
C ARG H 23 60.07 54.00 50.01
N THR H 24 60.67 55.13 49.68
CA THR H 24 61.61 55.23 48.59
C THR H 24 62.82 55.96 49.14
N VAL H 25 63.67 55.21 49.82
CA VAL H 25 64.87 55.78 50.44
C VAL H 25 65.75 56.39 49.37
N ILE H 26 66.29 57.56 49.67
CA ILE H 26 67.32 58.17 48.84
C ILE H 26 68.42 58.55 49.81
N VAL H 27 69.62 58.06 49.51
CA VAL H 27 70.76 58.17 50.40
C VAL H 27 71.84 58.91 49.62
N LYS H 28 72.28 60.05 50.16
CA LYS H 28 73.31 60.86 49.50
C LYS H 28 74.45 61.19 50.46
N GLY H 29 75.66 61.27 49.89
CA GLY H 29 76.84 61.59 50.67
C GLY H 29 78.06 61.75 49.79
N PRO H 30 79.27 61.50 50.35
CA PRO H 30 80.53 61.83 49.69
C PRO H 30 80.55 61.57 48.18
N ARG H 31 80.20 60.36 47.78
CA ARG H 31 80.41 59.91 46.42
C ARG H 31 79.25 60.22 45.49
N GLY H 32 78.02 60.11 46.01
CA GLY H 32 76.84 60.48 45.25
C GLY H 32 75.56 60.02 45.90
N THR H 33 74.46 60.17 45.17
CA THR H 33 73.16 59.71 45.62
C THR H 33 72.99 58.24 45.28
N LEU H 34 72.08 57.58 45.99
CA LEU H 34 71.61 56.26 45.65
C LEU H 34 70.16 56.13 46.09
N ARG H 35 69.25 56.24 45.14
CA ARG H 35 67.84 56.04 45.42
C ARG H 35 67.57 54.55 45.39
N ARG H 36 66.57 54.12 46.14
CA ARG H 36 66.02 52.79 45.97
C ARG H 36 64.58 52.80 46.46
N ASP H 37 63.71 52.16 45.67
CA ASP H 37 62.30 52.05 46.00
C ASP H 37 62.03 50.72 46.70
N PHE H 38 61.14 50.76 47.68
CA PHE H 38 60.67 49.55 48.35
C PHE H 38 59.15 49.41 48.32
N ASN H 39 58.50 50.11 47.40
CA ASN H 39 57.09 49.88 47.16
C ASN H 39 57.00 48.53 46.48
N HIS H 40 56.65 47.53 47.29
CA HIS H 40 56.77 46.06 47.03
C HIS H 40 57.28 45.29 48.26
N ILE H 41 57.72 46.00 49.30
CA ILE H 41 58.19 45.37 50.52
C ILE H 41 57.21 45.49 51.71
N ASN H 42 56.40 46.55 51.72
CA ASN H 42 55.29 46.72 52.68
C ASN H 42 55.76 46.86 54.14
N VAL H 43 56.30 48.03 54.46
CA VAL H 43 56.82 48.31 55.81
C VAL H 43 56.67 49.79 56.18
N GLU H 44 56.93 50.11 57.45
CA GLU H 44 56.89 51.47 57.95
C GLU H 44 58.30 51.99 58.10
N LEU H 45 58.80 52.67 57.08
CA LEU H 45 60.13 53.28 57.14
C LEU H 45 60.08 54.61 57.86
N SER H 46 60.02 54.52 59.19
CA SER H 46 60.14 55.69 60.04
C SER H 46 61.59 56.15 59.98
N LEU H 47 61.78 57.42 60.25
CA LEU H 47 63.11 58.01 60.32
C LEU H 47 63.10 58.93 61.53
N LEU H 48 63.92 58.61 62.52
CA LEU H 48 63.85 59.27 63.82
C LEU H 48 65.22 59.70 64.33
N GLY H 49 65.20 60.66 65.25
CA GLY H 49 66.42 61.24 65.82
C GLY H 49 66.66 62.64 65.29
N LYS H 50 67.06 63.55 66.17
CA LYS H 50 67.60 64.85 65.77
C LYS H 50 69.05 64.60 65.39
N LYS H 51 69.50 65.32 64.36
CA LYS H 51 70.66 64.96 63.52
C LYS H 51 70.32 63.81 62.54
N LYS H 52 69.05 63.41 62.46
CA LYS H 52 68.56 62.27 61.67
C LYS H 52 69.51 61.06 61.72
N LYS H 53 69.66 60.50 62.92
CA LYS H 53 70.71 59.53 63.21
C LYS H 53 70.38 58.08 62.89
N ARG H 54 69.11 57.69 62.94
CA ARG H 54 68.74 56.29 62.70
C ARG H 54 67.46 56.10 61.90
N LEU H 55 67.48 55.07 61.06
CA LEU H 55 66.36 54.67 60.22
C LEU H 55 65.75 53.44 60.85
N ARG H 56 64.47 53.52 61.16
CA ARG H 56 63.76 52.44 61.82
C ARG H 56 62.80 51.81 60.81
N VAL H 57 62.66 50.50 60.85
CA VAL H 57 61.73 49.78 59.95
C VAL H 57 60.86 48.79 60.73
N ASP H 58 59.67 49.26 61.11
CA ASP H 58 58.64 48.38 61.67
C ASP H 58 58.06 47.45 60.60
N LYS H 59 57.28 46.48 61.06
CA LYS H 59 56.56 45.56 60.18
C LYS H 59 55.50 44.86 61.04
N TRP H 60 54.25 45.32 60.93
CA TRP H 60 53.21 44.92 61.86
C TRP H 60 52.46 43.70 61.39
N TRP H 61 52.13 42.83 62.34
CA TRP H 61 51.32 41.65 62.08
C TRP H 61 51.91 40.73 61.00
N GLY H 62 53.24 40.60 60.99
CA GLY H 62 53.92 39.81 59.98
C GLY H 62 53.84 38.31 60.24
N ASN H 63 53.69 37.56 59.15
CA ASN H 63 53.93 36.11 59.17
C ASN H 63 55.37 35.86 58.74
N ARG H 64 55.82 34.61 58.87
CA ARG H 64 57.26 34.28 58.73
C ARG H 64 57.93 34.81 57.46
N LYS H 65 57.29 34.63 56.31
CA LYS H 65 57.80 35.14 55.03
C LYS H 65 57.63 36.66 54.82
N GLU H 66 56.74 37.29 55.59
CA GLU H 66 56.63 38.76 55.63
C GLU H 66 57.66 39.40 56.55
N LEU H 67 58.00 38.70 57.63
CA LEU H 67 59.01 39.16 58.58
C LEU H 67 60.44 38.92 58.07
N ALA H 68 60.57 38.07 57.05
CA ALA H 68 61.85 37.87 56.38
C ALA H 68 62.32 39.10 55.60
N THR H 69 61.40 39.96 55.15
CA THR H 69 61.77 41.18 54.45
C THR H 69 62.40 42.24 55.34
N VAL H 70 62.05 42.24 56.63
CA VAL H 70 62.38 43.37 57.50
C VAL H 70 63.87 43.63 57.49
N ARG H 71 64.63 42.57 57.73
CA ARG H 71 66.07 42.66 57.77
C ARG H 71 66.68 42.94 56.40
N THR H 72 66.12 42.36 55.34
CA THR H 72 66.67 42.55 54.00
C THR H 72 66.51 44.00 53.50
N ILE H 73 65.47 44.71 53.95
CA ILE H 73 65.34 46.15 53.66
C ILE H 73 66.41 46.88 54.43
N CYS H 74 66.47 46.60 55.73
CA CYS H 74 67.47 47.20 56.61
C CYS H 74 68.88 47.04 56.04
N SER H 75 69.20 45.82 55.60
CA SER H 75 70.51 45.52 55.03
C SER H 75 70.77 46.25 53.71
N HIS H 76 69.78 46.28 52.82
CA HIS H 76 69.92 47.02 51.57
C HIS H 76 70.20 48.50 51.79
N VAL H 77 69.65 49.09 52.85
CA VAL H 77 69.96 50.47 53.18
C VAL H 77 71.38 50.56 53.72
N GLN H 78 71.82 49.58 54.50
CA GLN H 78 73.23 49.52 54.95
C GLN H 78 74.22 49.56 53.77
N ASN H 79 74.03 48.68 52.80
CA ASN H 79 74.85 48.71 51.57
C ASN H 79 74.77 50.03 50.84
N MET H 80 73.57 50.59 50.76
CA MET H 80 73.36 51.88 50.11
C MET H 80 74.20 52.96 50.78
N ILE H 81 74.19 52.96 52.11
CA ILE H 81 75.04 53.86 52.89
C ILE H 81 76.51 53.59 52.63
N LYS H 82 76.93 52.34 52.64
CA LYS H 82 78.33 52.02 52.35
C LYS H 82 78.74 52.54 50.98
N GLY H 83 77.89 52.32 49.99
CA GLY H 83 78.15 52.76 48.62
C GLY H 83 78.38 54.25 48.54
N VAL H 84 77.48 55.00 49.15
CA VAL H 84 77.59 56.45 49.25
C VAL H 84 78.91 56.88 49.89
N THR H 85 79.29 56.24 50.99
CA THR H 85 80.46 56.67 51.76
C THR H 85 81.74 56.18 51.13
N LEU H 86 81.91 54.87 51.13
CA LEU H 86 83.16 54.25 50.72
C LEU H 86 83.14 53.92 49.25
N GLY H 87 82.05 53.32 48.79
CA GLY H 87 81.94 52.85 47.42
C GLY H 87 82.62 51.51 47.27
N PHE H 88 82.03 50.66 46.45
CA PHE H 88 82.42 49.27 46.37
C PHE H 88 83.53 49.10 45.36
N ARG H 89 84.41 48.14 45.61
CA ARG H 89 85.51 47.81 44.70
C ARG H 89 85.68 46.30 44.60
N TYR H 90 85.03 45.72 43.60
CA TYR H 90 85.21 44.31 43.25
C TYR H 90 86.46 44.14 42.39
N LYS H 91 87.31 43.21 42.79
CA LYS H 91 88.54 42.90 42.08
C LYS H 91 88.44 41.49 41.55
N MET H 92 88.79 41.30 40.29
CA MET H 92 88.67 39.99 39.66
C MET H 92 89.90 39.60 38.86
N ARG H 93 90.50 38.49 39.25
CA ARG H 93 91.73 38.00 38.66
C ARG H 93 91.48 37.02 37.53
N SER H 94 92.17 37.25 36.42
CA SER H 94 92.15 36.34 35.28
C SER H 94 93.02 35.13 35.56
N VAL H 95 92.59 33.99 35.05
CA VAL H 95 93.24 32.71 35.29
C VAL H 95 93.31 31.96 33.99
N TYR H 96 94.43 31.31 33.74
CA TYR H 96 94.64 30.54 32.52
C TYR H 96 95.84 29.64 32.66
N ALA H 97 95.84 28.57 31.87
CA ALA H 97 97.00 27.67 31.76
C ALA H 97 97.74 27.81 30.43
N HIS H 98 97.32 28.78 29.60
CA HIS H 98 97.92 29.02 28.30
C HIS H 98 97.57 30.42 27.79
N PHE H 99 96.33 30.60 27.34
CA PHE H 99 95.95 31.75 26.56
C PHE H 99 95.57 32.91 27.49
N PRO H 100 96.40 33.97 27.50
CA PRO H 100 96.39 34.88 28.61
C PRO H 100 95.30 35.92 28.40
N ILE H 101 94.16 35.69 29.03
CA ILE H 101 92.92 36.36 28.64
C ILE H 101 93.15 37.87 28.49
N ASN H 102 93.24 38.33 27.25
CA ASN H 102 93.59 39.72 26.95
C ASN H 102 92.40 40.64 27.16
N VAL H 103 92.45 41.44 28.22
CA VAL H 103 91.38 42.39 28.56
C VAL H 103 91.79 43.80 28.18
N VAL H 104 90.80 44.63 27.82
CA VAL H 104 91.02 46.03 27.51
C VAL H 104 89.72 46.83 27.63
N ILE H 105 89.65 47.73 28.61
CA ILE H 105 88.51 48.66 28.72
C ILE H 105 88.50 49.66 27.56
N GLN H 106 87.34 50.25 27.28
CA GLN H 106 87.15 51.00 26.04
C GLN H 106 86.63 52.43 26.23
N GLU H 107 85.33 52.65 26.39
CA GLU H 107 84.79 54.02 26.33
C GLU H 107 85.24 54.85 27.54
N ASN H 108 84.98 54.31 28.72
CA ASN H 108 85.59 54.79 29.96
C ASN H 108 85.79 53.57 30.85
N GLY H 109 84.69 53.08 31.42
CA GLY H 109 84.63 51.75 32.03
C GLY H 109 83.71 50.84 31.24
N SER H 110 82.51 51.35 30.95
CA SER H 110 81.55 50.75 30.02
C SER H 110 81.94 49.40 29.42
N LEU H 111 82.79 49.44 28.41
CA LEU H 111 83.05 48.27 27.57
C LEU H 111 84.21 47.46 28.15
N VAL H 112 84.16 46.14 27.96
CA VAL H 112 85.29 45.26 28.28
C VAL H 112 85.42 44.20 27.18
N GLU H 113 86.37 44.42 26.26
CA GLU H 113 86.75 43.39 25.28
C GLU H 113 87.58 42.37 26.02
N ILE H 114 87.37 41.09 25.72
CA ILE H 114 88.06 40.00 26.41
C ILE H 114 88.61 39.02 25.37
N ARG H 115 89.74 39.39 24.79
CA ARG H 115 90.27 38.67 23.64
C ARG H 115 91.16 37.50 24.04
N ASN H 116 91.31 36.56 23.11
CA ASN H 116 92.20 35.40 23.23
C ASN H 116 91.90 34.47 24.42
N PHE H 117 90.63 34.40 24.80
CA PHE H 117 90.19 33.46 25.84
C PHE H 117 90.27 32.06 25.25
N LEU H 118 91.09 31.19 25.84
CA LEU H 118 91.21 29.80 25.37
C LEU H 118 91.63 29.66 23.89
N GLY H 119 92.26 30.70 23.33
CA GLY H 119 92.62 30.73 21.91
C GLY H 119 91.44 30.83 20.97
N GLU H 120 90.42 31.59 21.37
CA GLU H 120 89.22 31.77 20.57
C GLU H 120 89.34 33.06 19.77
N LYS H 121 88.99 32.99 18.49
CA LYS H 121 88.89 34.19 17.65
C LYS H 121 87.78 35.16 18.06
N TYR H 122 86.76 34.68 18.77
CA TYR H 122 85.66 35.54 19.20
C TYR H 122 86.12 36.48 20.32
N ILE H 123 85.97 37.77 20.07
CA ILE H 123 86.26 38.81 21.05
C ILE H 123 84.98 39.17 21.83
N ARG H 124 84.96 38.88 23.13
CA ARG H 124 83.79 39.17 23.96
C ARG H 124 83.76 40.64 24.33
N ARG H 125 82.72 41.35 23.88
CA ARG H 125 82.48 42.72 24.36
C ARG H 125 81.45 42.67 25.47
N VAL H 126 81.79 43.28 26.62
CA VAL H 126 80.94 43.29 27.80
C VAL H 126 80.73 44.72 28.29
N ARG H 127 79.49 45.20 28.23
CA ARG H 127 79.14 46.49 28.80
C ARG H 127 79.01 46.37 30.31
N MET H 128 79.04 47.53 30.97
CA MET H 128 78.88 47.64 32.41
C MET H 128 77.56 48.32 32.70
N ARG H 129 77.00 48.02 33.88
CA ARG H 129 75.77 48.63 34.29
C ARG H 129 76.03 50.10 34.58
N PRO H 130 75.08 50.99 34.20
CA PRO H 130 75.26 52.43 34.38
C PRO H 130 75.67 52.81 35.80
N GLY H 131 76.85 53.43 35.91
CA GLY H 131 77.43 53.76 37.21
C GLY H 131 78.76 53.04 37.40
N VAL H 132 78.80 51.76 37.05
CA VAL H 132 79.98 50.94 37.28
C VAL H 132 81.02 51.30 36.26
N ALA H 133 82.28 51.26 36.66
CA ALA H 133 83.38 51.60 35.80
C ALA H 133 84.52 50.62 35.99
N CYS H 134 84.72 49.76 35.01
CA CYS H 134 85.87 48.88 34.98
C CYS H 134 87.15 49.66 34.71
N SER H 135 88.26 49.10 35.16
CA SER H 135 89.59 49.66 34.92
C SER H 135 90.64 48.59 35.15
N VAL H 136 91.58 48.48 34.22
CA VAL H 136 92.65 47.49 34.31
C VAL H 136 93.68 47.97 35.31
N SER H 137 93.90 47.18 36.36
CA SER H 137 94.72 47.62 37.48
C SER H 137 96.21 47.53 37.21
N GLN H 138 96.96 48.23 38.05
CA GLN H 138 98.42 48.08 38.16
C GLN H 138 98.73 47.51 39.54
N ALA H 139 99.99 47.17 39.76
CA ALA H 139 100.45 46.45 40.96
C ALA H 139 99.99 44.98 41.04
N GLN H 140 99.33 44.50 39.99
CA GLN H 140 98.87 43.11 39.86
C GLN H 140 98.64 42.85 38.38
N LYS H 141 99.14 41.73 37.88
CA LYS H 141 99.32 41.52 36.44
C LYS H 141 98.02 41.21 35.70
N ASP H 142 97.36 40.12 36.09
CA ASP H 142 96.12 39.65 35.47
C ASP H 142 94.97 39.82 36.46
N GLU H 143 94.33 40.99 36.40
CA GLU H 143 93.46 41.45 37.48
C GLU H 143 92.72 42.73 37.07
N LEU H 144 91.40 42.74 37.25
CA LEU H 144 90.54 43.89 36.95
C LEU H 144 90.07 44.55 38.23
N VAL H 145 89.56 45.77 38.08
CA VAL H 145 88.96 46.48 39.20
C VAL H 145 87.67 47.13 38.73
N LEU H 146 86.57 46.67 39.29
CA LEU H 146 85.27 47.28 39.08
C LEU H 146 84.95 48.09 40.32
N GLU H 147 84.73 49.39 40.12
CA GLU H 147 84.35 50.30 41.19
C GLU H 147 82.99 50.89 40.90
N GLY H 148 82.31 51.33 41.95
CA GLY H 148 80.95 51.87 41.83
C GLY H 148 80.25 51.93 43.16
N ASN H 149 79.15 52.68 43.20
CA ASN H 149 78.44 52.97 44.44
C ASN H 149 77.34 51.94 44.71
N ASP H 150 76.52 51.68 43.69
CA ASP H 150 75.42 50.73 43.79
C ASP H 150 75.97 49.30 43.67
N ILE H 151 76.15 48.64 44.81
CA ILE H 151 76.67 47.25 44.85
C ILE H 151 75.99 46.28 43.88
N GLU H 152 74.67 46.34 43.80
CA GLU H 152 73.89 45.49 42.91
C GLU H 152 74.43 45.59 41.49
N LEU H 153 74.61 46.81 41.03
CA LEU H 153 75.09 47.07 39.68
C LEU H 153 76.53 46.61 39.49
N VAL H 154 77.36 46.77 40.52
CA VAL H 154 78.75 46.34 40.46
C VAL H 154 78.85 44.83 40.29
N SER H 155 78.29 44.11 41.25
CA SER H 155 78.38 42.65 41.29
C SER H 155 77.75 41.96 40.08
N ASN H 156 76.71 42.58 39.53
CA ASN H 156 76.10 42.14 38.29
C ASN H 156 77.08 42.28 37.14
N SER H 157 77.74 43.43 37.07
CA SER H 157 78.74 43.69 36.03
C SER H 157 79.97 42.79 36.18
N ALA H 158 80.31 42.43 37.42
CA ALA H 158 81.35 41.44 37.67
C ALA H 158 80.95 40.10 37.06
N ALA H 159 79.75 39.63 37.42
CA ALA H 159 79.19 38.39 36.87
C ALA H 159 79.18 38.40 35.34
N LEU H 160 78.74 39.50 34.77
CA LEU H 160 78.70 39.68 33.31
C LEU H 160 79.99 39.27 32.62
N ILE H 161 81.14 39.62 33.20
CA ILE H 161 82.42 39.24 32.61
C ILE H 161 82.86 37.87 33.10
N GLN H 162 82.31 37.41 34.22
CA GLN H 162 82.63 36.07 34.74
C GLN H 162 82.01 34.98 33.89
N GLN H 163 80.73 35.15 33.58
CA GLN H 163 80.01 34.23 32.71
C GLN H 163 80.36 34.40 31.25
N ALA H 164 80.77 35.60 30.86
CA ALA H 164 81.28 35.81 29.50
C ALA H 164 82.35 34.77 29.23
N THR H 165 83.35 34.77 30.11
CA THR H 165 84.47 33.86 30.01
C THR H 165 84.12 32.49 30.61
N THR H 166 83.34 31.71 29.84
CA THR H 166 82.93 30.36 30.24
C THR H 166 83.32 29.36 29.18
N VAL H 167 83.54 28.14 29.64
CA VAL H 167 84.07 27.07 28.82
C VAL H 167 82.92 26.13 28.50
N LYS H 168 82.73 25.83 27.22
CA LYS H 168 81.63 24.98 26.77
C LYS H 168 82.22 23.66 26.27
N ASN H 169 81.50 22.56 26.53
CA ASN H 169 81.87 21.25 25.99
C ASN H 169 83.30 20.81 26.31
N LYS H 170 83.71 21.04 27.56
CA LYS H 170 85.00 20.62 28.08
C LYS H 170 84.86 20.24 29.54
N ASP H 171 85.87 19.56 30.06
CA ASP H 171 85.92 19.23 31.46
C ASP H 171 86.31 20.47 32.27
N ILE H 172 85.33 21.17 32.84
CA ILE H 172 85.61 22.40 33.60
C ILE H 172 86.47 22.20 34.84
N ARG H 173 86.52 20.98 35.36
CA ARG H 173 87.49 20.66 36.41
C ARG H 173 88.92 20.77 35.88
N LYS H 174 89.13 20.32 34.64
CA LYS H 174 90.41 20.45 33.96
C LYS H 174 90.65 21.90 33.55
N PHE H 175 89.71 22.44 32.79
CA PHE H 175 89.86 23.76 32.20
C PHE H 175 89.33 24.81 33.17
N LEU H 176 90.24 25.31 34.00
CA LEU H 176 89.95 26.37 34.94
C LEU H 176 90.48 27.65 34.33
N ASP H 177 89.61 28.33 33.58
CA ASP H 177 89.98 29.60 32.98
C ASP H 177 88.83 30.57 33.07
N GLY H 178 89.19 31.85 33.03
CA GLY H 178 88.23 32.93 33.08
C GLY H 178 88.60 33.96 34.12
N ILE H 179 87.81 35.01 34.13
CA ILE H 179 88.06 36.17 34.97
C ILE H 179 87.11 36.05 36.15
N TYR H 180 87.62 35.56 37.28
CA TYR H 180 86.78 35.32 38.48
C TYR H 180 86.94 36.40 39.54
N VAL H 181 85.85 36.70 40.23
CA VAL H 181 85.88 37.66 41.31
C VAL H 181 86.71 37.12 42.47
N SER H 182 87.78 37.84 42.81
CA SER H 182 88.72 37.45 43.83
C SER H 182 88.50 38.13 45.18
N GLU H 183 87.86 39.30 45.17
CA GLU H 183 87.83 40.16 46.37
C GLU H 183 86.78 41.27 46.25
N LYS H 184 85.94 41.39 47.28
CA LYS H 184 84.81 42.32 47.29
C LYS H 184 85.04 43.38 48.38
N GLY H 185 85.88 44.37 48.06
CA GLY H 185 86.27 45.43 49.02
C GLY H 185 85.69 46.79 48.70
N THR H 186 86.30 47.82 49.29
CA THR H 186 85.82 49.21 49.14
C THR H 186 86.87 50.10 48.47
N VAL H 187 86.39 51.21 47.93
CA VAL H 187 87.23 52.19 47.24
C VAL H 187 88.12 52.94 48.24
N GLN H 188 87.60 53.12 49.47
CA GLN H 188 88.36 53.74 50.56
C GLN H 188 87.86 53.23 51.90
N GLN H 189 88.78 52.95 52.82
CA GLN H 189 88.49 52.11 53.99
C GLN H 189 88.14 52.89 55.26
N ALA H 190 88.93 53.92 55.58
CA ALA H 190 88.76 54.73 56.79
C ALA H 190 88.88 53.91 58.08
N GLY I 1 58.56 -14.10 36.60
CA GLY I 1 58.12 -15.42 37.16
C GLY I 1 56.75 -15.36 37.83
N ARG I 2 56.75 -14.94 39.09
CA ARG I 2 55.51 -14.80 39.86
C ARG I 2 54.86 -13.46 39.64
N ARG I 3 53.60 -13.36 40.05
CA ARG I 3 52.83 -12.14 39.89
C ARG I 3 53.39 -10.98 40.71
N PRO I 4 53.03 -9.75 40.33
CA PRO I 4 53.32 -8.61 41.19
C PRO I 4 52.60 -8.73 42.53
N ALA I 5 53.21 -8.15 43.56
CA ALA I 5 52.61 -8.12 44.90
C ALA I 5 51.32 -7.31 44.92
N ARG I 6 51.21 -6.32 44.03
CA ARG I 6 49.96 -5.63 43.77
C ARG I 6 48.75 -6.54 43.91
N CYS I 7 48.81 -7.67 43.22
CA CYS I 7 47.63 -8.45 42.90
C CYS I 7 47.11 -9.36 44.01
N TYR I 8 47.80 -9.45 45.15
CA TYR I 8 47.43 -10.39 46.20
C TYR I 8 47.35 -9.70 47.57
N ARG I 9 47.07 -8.41 47.56
CA ARG I 9 47.34 -7.54 48.70
C ARG I 9 46.24 -7.57 49.73
N TYR I 10 45.03 -7.25 49.30
CA TYR I 10 43.90 -7.13 50.21
C TYR I 10 43.37 -8.49 50.60
N CYS I 11 42.94 -8.59 51.86
CA CYS I 11 42.48 -9.83 52.45
C CYS I 11 41.10 -10.17 51.91
N LYS I 12 41.06 -10.64 50.68
CA LYS I 12 39.80 -10.76 49.96
C LYS I 12 39.13 -12.11 50.17
N ASN I 13 39.86 -13.19 49.95
CA ASN I 13 39.29 -14.55 50.04
C ASN I 13 39.26 -15.03 51.47
N LYS I 14 38.55 -16.13 51.69
CA LYS I 14 38.62 -16.85 52.97
C LYS I 14 39.99 -17.49 53.11
N PRO I 15 40.43 -17.70 54.35
CA PRO I 15 41.75 -18.27 54.55
C PRO I 15 41.79 -19.74 54.11
N TYR I 16 42.78 -20.04 53.28
CA TYR I 16 42.87 -21.28 52.51
C TYR I 16 44.19 -21.93 52.89
N PRO I 17 44.22 -22.60 54.05
CA PRO I 17 45.47 -23.18 54.54
C PRO I 17 45.88 -24.43 53.78
N LYS I 18 47.18 -24.71 53.80
CA LYS I 18 47.69 -25.97 53.27
C LYS I 18 47.14 -27.08 54.14
N SER I 19 46.36 -27.99 53.52
CA SER I 19 45.59 -28.99 54.25
C SER I 19 45.32 -30.22 53.36
N ARG I 20 44.49 -31.14 53.86
CA ARG I 20 43.94 -32.22 53.03
C ARG I 20 43.53 -31.72 51.66
N PHE I 21 42.81 -30.61 51.65
CA PHE I 21 42.09 -30.14 50.47
C PHE I 21 43.01 -29.34 49.57
N CYS I 22 43.63 -28.33 50.15
CA CYS I 22 44.57 -27.51 49.42
C CYS I 22 45.94 -28.15 49.57
N ARG I 23 46.37 -28.83 48.51
CA ARG I 23 47.66 -29.51 48.51
C ARG I 23 48.38 -29.29 47.18
N GLY I 24 49.64 -29.69 47.15
CA GLY I 24 50.54 -29.33 46.05
C GLY I 24 50.96 -27.87 46.20
N VAL I 25 50.95 -27.40 47.44
CA VAL I 25 51.25 -26.02 47.76
C VAL I 25 52.77 -25.91 47.77
N PRO I 26 53.33 -24.87 47.11
CA PRO I 26 54.77 -24.73 47.16
C PRO I 26 55.18 -24.18 48.50
N ASP I 27 56.38 -24.54 48.95
CA ASP I 27 56.84 -24.16 50.28
C ASP I 27 57.06 -22.65 50.35
N ALA I 28 56.80 -22.09 51.52
CA ALA I 28 56.96 -20.65 51.76
C ALA I 28 58.43 -20.25 51.60
N LYS I 29 58.64 -19.02 51.14
CA LYS I 29 59.98 -18.48 50.97
C LYS I 29 60.63 -18.35 52.34
N ILE I 30 59.95 -17.65 53.25
CA ILE I 30 60.42 -17.52 54.63
C ILE I 30 60.28 -18.85 55.36
N ARG I 31 61.30 -19.16 56.16
CA ARG I 31 61.38 -20.43 56.89
C ARG I 31 61.83 -20.20 58.33
N ILE I 32 62.97 -19.53 58.49
CA ILE I 32 63.57 -19.26 59.79
C ILE I 32 62.93 -18.01 60.38
N PHE I 33 61.96 -18.20 61.28
CA PHE I 33 61.22 -17.05 61.85
C PHE I 33 61.91 -16.29 62.98
N ASP I 34 63.11 -16.71 63.38
CA ASP I 34 63.89 -15.96 64.36
C ASP I 34 65.38 -16.26 64.30
N LEU I 35 66.17 -15.25 64.64
CA LEU I 35 67.61 -15.29 64.46
C LEU I 35 68.29 -14.22 65.32
N GLY I 36 69.61 -14.28 65.38
CA GLY I 36 70.39 -13.52 66.34
C GLY I 36 70.63 -14.43 67.53
N ARG I 37 70.90 -13.85 68.70
CA ARG I 37 71.12 -14.65 69.90
C ARG I 37 69.77 -15.05 70.50
N LYS I 38 69.19 -16.10 69.93
CA LYS I 38 67.92 -16.66 70.43
C LYS I 38 68.09 -17.55 71.66
N LYS I 39 69.32 -17.96 71.95
CA LYS I 39 69.62 -18.80 73.11
C LYS I 39 70.00 -17.93 74.32
N ALA I 40 69.38 -16.74 74.42
CA ALA I 40 69.73 -15.73 75.42
C ALA I 40 68.71 -15.74 76.54
N LYS I 41 69.12 -15.21 77.67
CA LYS I 41 68.30 -15.23 78.88
C LYS I 41 67.49 -13.95 78.94
N VAL I 42 66.22 -14.05 79.39
CA VAL I 42 65.35 -12.87 79.62
C VAL I 42 66.06 -11.62 80.11
N ASP I 43 66.93 -11.80 81.10
CA ASP I 43 67.60 -10.69 81.77
C ASP I 43 68.48 -9.89 80.82
N GLU I 44 69.21 -10.59 79.96
CA GLU I 44 70.24 -9.96 79.12
C GLU I 44 69.75 -9.41 77.79
N PHE I 45 68.44 -9.14 77.67
CA PHE I 45 67.83 -8.44 76.53
C PHE I 45 66.42 -7.98 76.94
N PRO I 46 66.28 -6.74 77.41
CA PRO I 46 64.97 -6.14 77.57
C PRO I 46 64.82 -4.84 76.79
N LEU I 47 64.21 -4.92 75.61
CA LEU I 47 63.96 -3.73 74.82
C LEU I 47 62.64 -3.84 74.03
N CYS I 48 62.48 -4.94 73.31
CA CYS I 48 61.22 -5.29 72.63
C CYS I 48 60.64 -4.31 71.59
N GLY I 49 61.45 -3.90 70.63
CA GLY I 49 60.99 -3.06 69.52
C GLY I 49 60.10 -3.84 68.56
N HIS I 50 58.91 -3.30 68.24
CA HIS I 50 57.98 -3.92 67.30
C HIS I 50 57.73 -3.10 66.07
N MET I 51 57.51 -3.81 64.97
CA MET I 51 56.93 -3.22 63.80
C MET I 51 55.48 -3.70 63.80
N VAL I 52 54.56 -2.75 64.02
CA VAL I 52 53.14 -3.05 64.05
C VAL I 52 52.57 -2.69 62.70
N SER I 53 51.59 -3.47 62.23
CA SER I 53 50.86 -3.14 61.00
C SER I 53 49.66 -2.24 61.28
N ASP I 54 49.37 -1.37 60.31
CA ASP I 54 48.23 -0.45 60.35
C ASP I 54 47.32 -0.61 59.13
N GLU I 55 47.38 -1.78 58.48
CA GLU I 55 46.50 -2.13 57.37
C GLU I 55 46.07 -3.57 57.50
N TYR I 56 44.78 -3.82 57.29
CA TYR I 56 44.29 -5.19 57.21
C TYR I 56 44.64 -5.71 55.82
N GLU I 57 45.89 -6.15 55.68
CA GLU I 57 46.44 -6.55 54.40
C GLU I 57 47.16 -7.88 54.49
N GLN I 58 47.49 -8.43 53.33
CA GLN I 58 48.24 -9.67 53.26
C GLN I 58 49.70 -9.40 52.93
N LEU I 59 50.63 -9.98 53.70
CA LEU I 59 52.07 -9.88 53.44
C LEU I 59 52.57 -11.16 52.85
N SER I 60 53.39 -11.03 51.81
CA SER I 60 53.94 -12.20 51.13
C SER I 60 55.07 -12.78 51.94
N SER I 61 55.14 -14.11 51.94
CA SER I 61 56.29 -14.83 52.46
C SER I 61 57.61 -14.24 51.93
N GLU I 62 57.62 -13.94 50.63
CA GLU I 62 58.76 -13.31 49.97
C GLU I 62 59.20 -12.02 50.66
N ALA I 63 58.23 -11.15 50.95
CA ALA I 63 58.50 -9.84 51.57
C ALA I 63 58.89 -9.94 53.04
N LEU I 64 58.32 -10.90 53.74
CA LEU I 64 58.72 -11.17 55.12
C LEU I 64 60.21 -11.48 55.14
N GLU I 65 60.60 -12.54 54.43
CA GLU I 65 61.99 -13.00 54.42
C GLU I 65 62.93 -11.84 54.13
N ALA I 66 62.69 -11.16 53.02
CA ALA I 66 63.46 -9.98 52.63
C ALA I 66 63.59 -8.95 53.75
N ALA I 67 62.47 -8.68 54.43
CA ALA I 67 62.45 -7.75 55.57
C ALA I 67 63.28 -8.28 56.73
N ARG I 68 63.18 -9.59 56.96
CA ARG I 68 63.95 -10.23 58.02
C ARG I 68 65.46 -10.12 57.78
N ILE I 69 65.91 -10.45 56.57
CA ILE I 69 67.33 -10.29 56.24
C ILE I 69 67.74 -8.84 56.44
N CYS I 70 66.98 -7.93 55.84
CA CYS I 70 67.26 -6.50 55.92
C CYS I 70 67.50 -6.01 57.35
N ALA I 71 66.63 -6.42 58.26
CA ALA I 71 66.72 -6.00 59.66
C ALA I 71 67.90 -6.61 60.38
N ASN I 72 68.10 -7.91 60.15
CA ASN I 72 69.18 -8.66 60.77
C ASN I 72 70.55 -8.18 60.30
N LYS I 73 70.69 -7.97 58.99
CA LYS I 73 71.91 -7.42 58.40
C LYS I 73 72.30 -6.12 59.10
N TYR I 74 71.34 -5.21 59.26
CA TYR I 74 71.62 -3.92 59.89
C TYR I 74 71.94 -4.08 61.37
N MET I 75 71.20 -4.96 62.04
CA MET I 75 71.44 -5.24 63.46
C MET I 75 72.83 -5.79 63.68
N VAL I 76 73.26 -6.72 62.83
CA VAL I 76 74.61 -7.26 62.87
C VAL I 76 75.63 -6.13 62.65
N LYS I 77 75.58 -5.47 61.49
CA LYS I 77 76.49 -4.38 61.15
C LYS I 77 76.54 -3.28 62.21
N SER I 78 75.36 -2.92 62.74
CA SER I 78 75.26 -1.87 63.73
C SER I 78 75.89 -2.29 65.04
N CYS I 79 75.17 -3.11 65.83
CA CYS I 79 75.61 -3.42 67.18
C CYS I 79 76.56 -4.61 67.17
N GLY I 80 76.05 -5.80 66.86
CA GLY I 80 76.90 -6.98 66.82
C GLY I 80 76.21 -8.28 66.54
N LYS I 81 77.00 -9.24 66.04
CA LYS I 81 76.54 -10.58 65.65
C LYS I 81 75.67 -11.29 66.69
N ASP I 82 75.92 -11.03 67.97
CA ASP I 82 75.23 -11.69 69.07
C ASP I 82 74.60 -10.70 70.06
N GLY I 83 74.21 -9.52 69.56
CA GLY I 83 73.71 -8.44 70.41
C GLY I 83 72.21 -8.17 70.34
N PHE I 84 71.45 -9.11 69.76
CA PHE I 84 70.01 -8.94 69.58
C PHE I 84 69.33 -10.28 69.40
N HIS I 85 68.00 -10.25 69.41
CA HIS I 85 67.19 -11.38 68.99
C HIS I 85 65.99 -10.82 68.26
N ILE I 86 65.75 -11.30 67.04
CA ILE I 86 64.63 -10.85 66.24
C ILE I 86 63.65 -11.98 66.05
N ARG I 87 62.37 -11.68 66.22
CA ARG I 87 61.30 -12.62 66.05
C ARG I 87 60.36 -12.12 64.96
N VAL I 88 60.13 -12.94 63.95
CA VAL I 88 59.09 -12.70 62.98
C VAL I 88 57.84 -13.37 63.54
N ARG I 89 56.72 -12.65 63.55
CA ARG I 89 55.50 -13.12 64.22
C ARG I 89 54.31 -13.19 63.27
N LEU I 90 54.60 -13.59 62.04
CA LEU I 90 53.60 -13.80 61.01
C LEU I 90 54.12 -14.89 60.12
N HIS I 91 53.45 -16.05 60.14
CA HIS I 91 53.87 -17.14 59.28
C HIS I 91 52.92 -17.17 58.12
N PRO I 92 53.44 -17.37 56.91
CA PRO I 92 52.56 -17.51 55.78
C PRO I 92 51.84 -18.88 55.77
N PHE I 93 50.59 -18.87 56.24
CA PHE I 93 49.73 -20.06 56.25
C PHE I 93 48.71 -20.07 55.13
N HIS I 94 48.19 -18.89 54.81
CA HIS I 94 47.18 -18.72 53.76
C HIS I 94 47.80 -19.03 52.40
N VAL I 95 47.15 -19.90 51.65
CA VAL I 95 47.62 -20.25 50.34
C VAL I 95 46.90 -19.41 49.33
N ILE I 96 47.67 -18.90 48.40
CA ILE I 96 47.22 -17.95 47.45
C ILE I 96 47.14 -18.70 46.13
N ARG I 97 46.23 -18.29 45.24
CA ARG I 97 45.95 -19.08 44.04
C ARG I 97 46.35 -18.37 42.75
N ILE I 98 46.23 -19.06 41.62
CA ILE I 98 46.66 -18.51 40.34
C ILE I 98 46.03 -19.27 39.17
N ASN I 99 45.04 -18.66 38.53
CA ASN I 99 44.50 -19.16 37.28
C ASN I 99 45.41 -18.62 36.19
N LYS I 100 45.99 -19.53 35.41
CA LYS I 100 47.02 -19.17 34.43
C LYS I 100 46.51 -19.34 33.01
N MET I 101 46.97 -18.44 32.13
CA MET I 101 46.55 -18.40 30.73
C MET I 101 47.73 -18.55 29.79
N LEU I 102 47.95 -19.79 29.35
CA LEU I 102 48.77 -20.16 28.18
C LEU I 102 49.78 -19.11 27.68
N THR I 112 40.58 -21.64 26.46
CA THR I 112 39.44 -22.13 27.24
C THR I 112 38.63 -20.96 27.81
N GLY I 113 39.33 -19.93 28.27
CA GLY I 113 38.71 -18.75 28.86
C GLY I 113 38.35 -18.98 30.32
N MET I 114 37.40 -18.20 30.79
CA MET I 114 37.00 -18.16 32.21
C MET I 114 36.18 -19.39 32.63
N ARG I 115 36.04 -20.40 31.77
CA ARG I 115 35.33 -21.62 32.15
C ARG I 115 36.24 -22.42 33.07
N GLY I 116 35.64 -23.03 34.09
CA GLY I 116 36.37 -23.87 35.05
C GLY I 116 37.60 -23.22 35.64
N ALA I 117 37.51 -21.91 35.92
CA ALA I 117 38.64 -21.17 36.43
C ALA I 117 38.69 -21.39 37.92
N PHE I 118 39.72 -22.08 38.38
CA PHE I 118 40.01 -22.15 39.80
C PHE I 118 41.49 -22.41 39.94
N GLY I 119 42.10 -21.66 40.84
CA GLY I 119 43.54 -21.53 40.84
C GLY I 119 44.27 -22.76 41.31
N LYS I 120 45.52 -22.85 40.88
CA LYS I 120 46.47 -23.76 41.47
C LYS I 120 47.08 -22.92 42.58
N PRO I 121 47.78 -23.55 43.53
CA PRO I 121 48.44 -22.76 44.56
C PRO I 121 49.71 -22.06 44.05
N GLN I 122 49.65 -20.74 43.95
CA GLN I 122 50.82 -19.96 43.54
C GLN I 122 51.88 -19.95 44.61
N GLY I 123 51.45 -19.55 45.80
CA GLY I 123 52.33 -19.22 46.89
C GLY I 123 51.55 -19.08 48.18
N THR I 124 52.28 -18.79 49.26
CA THR I 124 51.69 -18.57 50.57
C THR I 124 51.76 -17.10 50.94
N VAL I 125 51.08 -16.76 52.03
CA VAL I 125 50.94 -15.38 52.42
C VAL I 125 50.52 -15.27 53.88
N ALA I 126 50.92 -14.19 54.54
CA ALA I 126 50.43 -13.86 55.87
C ALA I 126 49.31 -12.85 55.73
N ARG I 127 48.25 -13.03 56.52
CA ARG I 127 47.22 -12.01 56.67
C ARG I 127 47.51 -11.31 57.97
N VAL I 128 47.50 -9.97 57.94
CA VAL I 128 47.91 -9.18 59.07
C VAL I 128 46.84 -8.19 59.39
N HIS I 129 46.37 -8.20 60.64
CA HIS I 129 45.33 -7.29 61.08
C HIS I 129 45.89 -5.93 61.42
N ILE I 130 44.97 -4.97 61.55
CA ILE I 130 45.33 -3.64 61.99
C ILE I 130 45.69 -3.73 63.46
N GLY I 131 46.90 -3.25 63.79
CA GLY I 131 47.45 -3.29 65.15
C GLY I 131 48.25 -4.54 65.49
N GLN I 132 48.40 -5.45 64.53
CA GLN I 132 49.12 -6.69 64.76
C GLN I 132 50.61 -6.46 64.52
N VAL I 133 51.43 -7.11 65.35
CA VAL I 133 52.88 -7.03 65.20
C VAL I 133 53.33 -7.92 64.04
N ILE I 134 54.25 -7.39 63.23
CA ILE I 134 54.91 -8.15 62.19
C ILE I 134 56.22 -8.75 62.75
N MET I 135 57.25 -7.94 62.90
CA MET I 135 58.53 -8.37 63.43
C MET I 135 58.64 -7.80 64.83
N SER I 136 59.56 -8.37 65.62
CA SER I 136 59.87 -7.81 66.93
C SER I 136 61.30 -8.12 67.31
N ILE I 137 61.95 -7.18 67.99
CA ILE I 137 63.38 -7.25 68.29
C ILE I 137 63.61 -6.96 69.77
N ARG I 138 64.43 -7.77 70.41
CA ARG I 138 64.93 -7.45 71.75
C ARG I 138 66.45 -7.38 71.73
N THR I 139 66.95 -6.39 72.45
CA THR I 139 68.37 -6.19 72.69
C THR I 139 68.49 -5.40 74.00
N LYS I 140 69.39 -4.43 74.08
CA LYS I 140 69.74 -3.79 75.35
C LYS I 140 69.13 -2.40 75.41
N LEU I 141 69.24 -1.74 76.57
CA LEU I 141 68.85 -0.33 76.69
C LEU I 141 69.89 0.62 76.06
N GLN I 142 71.11 0.11 75.83
CA GLN I 142 72.11 0.76 74.97
C GLN I 142 71.62 1.02 73.56
N ASN I 143 70.88 0.05 73.03
CA ASN I 143 70.80 -0.23 71.60
C ASN I 143 69.48 0.19 70.92
N LYS I 144 68.67 1.00 71.59
CA LYS I 144 67.31 1.34 71.12
C LYS I 144 67.30 1.85 69.68
N GLU I 145 68.18 2.80 69.39
CA GLU I 145 68.22 3.48 68.08
C GLU I 145 68.57 2.55 66.93
N HIS I 146 69.43 1.58 67.20
CA HIS I 146 69.85 0.61 66.19
C HIS I 146 68.72 -0.31 65.78
N VAL I 147 67.83 -0.64 66.72
CA VAL I 147 66.66 -1.45 66.43
C VAL I 147 65.70 -0.65 65.56
N VAL I 148 65.41 0.57 66.01
CA VAL I 148 64.42 1.43 65.34
C VAL I 148 64.72 1.51 63.86
N GLU I 149 65.92 1.95 63.52
CA GLU I 149 66.33 2.03 62.12
C GLU I 149 66.23 0.67 61.42
N ALA I 150 66.61 -0.42 62.11
CA ALA I 150 66.48 -1.78 61.55
C ALA I 150 65.06 -2.07 61.10
N LEU I 151 64.11 -1.77 61.97
CA LEU I 151 62.70 -1.94 61.65
C LEU I 151 62.26 -0.94 60.58
N ARG I 152 62.78 0.29 60.69
CA ARG I 152 62.60 1.35 59.68
C ARG I 152 62.98 0.89 58.29
N ARG I 153 64.18 0.32 58.17
CA ARG I 153 64.64 -0.25 56.90
C ARG I 153 63.77 -1.42 56.47
N ALA I 154 63.38 -2.24 57.45
CA ALA I 154 62.52 -3.39 57.19
C ALA I 154 61.10 -3.01 56.69
N LYS I 155 60.62 -1.82 57.07
CA LYS I 155 59.33 -1.31 56.55
C LYS I 155 59.27 -1.25 55.02
N PHE I 156 60.38 -0.88 54.41
CA PHE I 156 60.44 -0.65 52.97
C PHE I 156 60.24 -1.92 52.13
N LYS I 157 60.46 -3.08 52.73
CA LYS I 157 60.18 -4.36 52.07
C LYS I 157 58.68 -4.73 52.11
N PHE I 158 57.92 -4.16 53.05
CA PHE I 158 56.48 -4.41 53.12
C PHE I 158 55.64 -3.37 52.40
N PRO I 159 54.53 -3.80 51.77
CA PRO I 159 53.52 -2.88 51.28
C PRO I 159 52.66 -2.40 52.42
N GLY I 160 51.83 -1.40 52.14
CA GLY I 160 51.00 -0.78 53.15
C GLY I 160 51.80 0.08 54.09
N ARG I 161 51.31 0.22 55.32
CA ARG I 161 51.92 1.11 56.30
C ARG I 161 52.02 0.48 57.68
N GLN I 162 53.22 0.58 58.27
CA GLN I 162 53.53 -0.03 59.54
C GLN I 162 54.30 0.90 60.46
N LYS I 163 53.73 1.18 61.62
CA LYS I 163 54.41 1.92 62.68
C LYS I 163 55.50 1.09 63.31
N ILE I 164 56.54 1.77 63.81
CA ILE I 164 57.55 1.15 64.65
C ILE I 164 57.36 1.66 66.06
N HIS I 165 57.38 0.73 66.99
CA HIS I 165 56.89 0.96 68.32
C HIS I 165 57.74 0.19 69.30
N ILE I 166 58.03 0.81 70.44
CA ILE I 166 58.81 0.17 71.48
C ILE I 166 57.86 -0.10 72.64
N SER I 167 57.71 -1.37 72.99
CA SER I 167 56.69 -1.78 73.93
C SER I 167 57.12 -1.51 75.35
N LYS I 168 56.13 -1.56 76.24
CA LYS I 168 56.32 -1.37 77.67
C LYS I 168 56.50 -2.71 78.37
N LYS I 169 56.84 -3.76 77.61
CA LYS I 169 57.12 -5.06 78.18
C LYS I 169 58.61 -5.22 78.41
N TRP I 170 58.94 -6.21 79.24
CA TRP I 170 60.30 -6.70 79.34
C TRP I 170 60.50 -7.73 78.24
N GLY I 171 61.48 -7.51 77.38
CA GLY I 171 61.87 -8.48 76.34
C GLY I 171 60.72 -8.97 75.50
N PHE I 172 60.72 -10.28 75.20
CA PHE I 172 59.57 -10.93 74.56
C PHE I 172 58.68 -11.61 75.61
N THR I 173 58.54 -10.99 76.79
CA THR I 173 57.65 -11.50 77.82
C THR I 173 56.34 -10.72 77.73
N LYS I 174 55.29 -11.27 78.34
CA LYS I 174 54.00 -10.59 78.41
C LYS I 174 53.90 -9.59 79.59
N PHE I 175 55.01 -9.38 80.30
CA PHE I 175 54.99 -8.63 81.56
C PHE I 175 55.60 -7.25 81.43
N ASN I 176 54.97 -6.30 82.11
CA ASN I 176 55.33 -4.91 82.01
C ASN I 176 56.68 -4.70 82.67
N ALA I 177 57.62 -4.10 81.94
CA ALA I 177 59.02 -3.99 82.38
C ALA I 177 59.23 -3.21 83.68
N ASP I 178 58.28 -2.35 84.03
CA ASP I 178 58.32 -1.65 85.32
C ASP I 178 58.30 -2.61 86.51
N GLU I 179 57.55 -3.70 86.37
CA GLU I 179 57.30 -4.65 87.45
C GLU I 179 58.06 -5.97 87.31
N PHE I 180 58.82 -6.12 86.22
CA PHE I 180 59.46 -7.40 85.91
C PHE I 180 60.49 -7.78 86.96
N GLU I 181 61.37 -6.85 87.31
CA GLU I 181 62.45 -7.13 88.26
C GLU I 181 61.94 -7.47 89.67
N ASP I 182 60.94 -6.74 90.15
CA ASP I 182 60.37 -7.04 91.45
C ASP I 182 59.76 -8.44 91.46
N MET I 183 59.10 -8.77 90.36
CA MET I 183 58.35 -10.01 90.29
C MET I 183 59.31 -11.19 90.45
N VAL I 184 60.48 -11.06 89.86
CA VAL I 184 61.54 -12.04 90.08
C VAL I 184 61.95 -12.08 91.54
N ALA I 185 62.03 -10.92 92.17
CA ALA I 185 62.34 -10.83 93.60
C ALA I 185 61.26 -11.51 94.43
N GLU I 186 60.01 -11.31 94.04
CA GLU I 186 58.89 -12.06 94.59
C GLU I 186 59.01 -13.55 94.29
N LYS I 187 59.52 -13.89 93.11
CA LYS I 187 59.18 -15.15 92.46
C LYS I 187 57.68 -15.28 92.20
N ARG I 188 57.08 -14.19 91.72
CA ARG I 188 56.07 -14.31 90.67
C ARG I 188 56.64 -14.92 89.39
N LEU I 189 57.86 -14.53 89.03
CA LEU I 189 58.43 -14.85 87.71
C LEU I 189 59.78 -15.54 87.82
N ILE I 190 60.05 -16.49 86.93
CA ILE I 190 61.26 -17.32 86.98
C ILE I 190 61.80 -17.55 85.56
N PRO I 191 63.04 -17.11 85.28
CA PRO I 191 63.70 -17.30 83.98
C PRO I 191 63.65 -18.72 83.41
N ASP I 192 63.45 -18.80 82.09
CA ASP I 192 63.11 -20.04 81.40
C ASP I 192 63.47 -19.96 79.90
N GLY I 193 64.78 -19.83 79.63
CA GLY I 193 65.28 -19.63 78.28
C GLY I 193 65.03 -18.19 77.84
N CYS I 194 64.51 -18.01 76.63
CA CYS I 194 64.12 -16.68 76.13
C CYS I 194 62.98 -16.07 76.96
N GLY I 195 62.13 -16.92 77.53
CA GLY I 195 60.97 -16.49 78.28
C GLY I 195 61.15 -16.51 79.79
N VAL I 196 60.04 -16.70 80.50
CA VAL I 196 59.99 -16.52 81.94
C VAL I 196 58.72 -17.15 82.46
N LYS I 197 58.85 -18.15 83.33
CA LYS I 197 57.69 -18.85 83.87
C LYS I 197 57.07 -18.15 85.07
N TYR I 198 55.85 -17.65 84.84
CA TYR I 198 55.05 -17.06 85.90
C TYR I 198 54.47 -18.14 86.79
N ILE I 199 54.87 -18.11 88.05
CA ILE I 199 54.34 -19.00 89.06
C ILE I 199 53.27 -18.25 89.86
N PRO I 200 52.12 -18.89 90.09
CA PRO I 200 51.06 -18.29 90.87
C PRO I 200 51.04 -18.86 92.27
N ASN I 201 50.00 -18.55 93.05
CA ASN I 201 49.79 -19.23 94.33
C ASN I 201 49.52 -20.73 94.23
N ARG I 202 48.70 -21.11 93.24
CA ARG I 202 47.68 -22.15 93.43
C ARG I 202 48.21 -23.56 93.72
N GLY I 203 49.26 -23.98 93.03
CA GLY I 203 49.58 -25.40 92.88
C GLY I 203 50.12 -26.03 94.15
N PRO I 204 49.97 -27.35 94.30
CA PRO I 204 50.28 -27.96 95.58
C PRO I 204 51.47 -27.26 96.21
N LEU I 205 51.58 -27.34 97.53
CA LEU I 205 52.59 -26.62 98.29
C LEU I 205 54.01 -27.16 98.10
N ASP I 206 54.13 -28.39 97.58
CA ASP I 206 55.43 -29.00 97.30
C ASP I 206 56.20 -28.27 96.20
N LYS I 207 55.47 -27.68 95.26
CA LYS I 207 56.05 -26.78 94.25
C LYS I 207 56.62 -25.52 94.93
N TRP I 208 55.84 -24.96 95.86
CA TRP I 208 56.26 -23.79 96.64
C TRP I 208 57.48 -24.06 97.53
N ARG I 209 57.67 -25.31 97.94
CA ARG I 209 58.84 -25.71 98.72
C ARG I 209 60.12 -25.92 97.90
N ALA I 210 60.01 -25.99 96.57
CA ALA I 210 61.20 -26.04 95.69
C ALA I 210 61.81 -24.65 95.62
N LEU I 211 60.96 -23.64 95.45
CA LEU I 211 61.35 -22.24 95.64
C LEU I 211 61.43 -21.99 97.15
N HIS I 212 61.92 -20.81 97.52
CA HIS I 212 62.13 -20.46 98.93
C HIS I 212 63.03 -21.47 99.65
N SER I 213 63.99 -22.04 98.92
CA SER I 213 64.86 -23.11 99.42
C SER I 213 66.06 -23.34 98.50
N GLU J 1 52.25 -57.59 112.09
CA GLU J 1 50.89 -58.04 112.53
C GLU J 1 49.79 -57.61 111.52
N ASN J 2 49.96 -58.05 110.28
CA ASN J 2 49.04 -57.74 109.18
C ASN J 2 47.97 -58.84 109.01
N PRO J 3 46.71 -58.45 108.71
CA PRO J 3 45.63 -59.44 108.73
C PRO J 3 45.54 -60.25 107.44
N MET J 4 45.18 -59.58 106.35
CA MET J 4 45.07 -60.18 105.02
C MET J 4 45.70 -59.23 104.02
N ARG J 5 47.00 -58.99 104.22
CA ARG J 5 47.84 -58.45 103.16
C ARG J 5 48.79 -59.55 102.71
N GLU J 6 48.31 -60.79 102.81
CA GLU J 6 49.13 -61.97 102.60
C GLU J 6 49.25 -62.24 101.11
N LEU J 7 50.29 -61.64 100.54
CA LEU J 7 50.71 -61.86 99.16
C LEU J 7 50.66 -63.36 98.80
N ARG J 8 49.67 -63.75 98.00
CA ARG J 8 49.53 -65.14 97.53
C ARG J 8 49.64 -65.24 96.01
N ILE J 9 49.74 -66.47 95.51
CA ILE J 9 49.69 -66.74 94.08
C ILE J 9 48.25 -66.77 93.63
N ARG J 10 47.86 -65.79 92.81
CA ARG J 10 46.51 -65.74 92.25
C ARG J 10 46.34 -66.78 91.14
N LYS J 11 47.30 -66.83 90.21
CA LYS J 11 47.32 -67.88 89.19
C LYS J 11 48.70 -68.10 88.58
N LEU J 12 48.93 -69.30 88.06
CA LEU J 12 50.13 -69.63 87.31
C LEU J 12 49.77 -69.90 85.86
N CYS J 13 50.50 -69.25 84.96
CA CYS J 13 50.25 -69.31 83.54
C CYS J 13 51.40 -70.05 82.85
N LEU J 14 51.04 -70.92 81.91
CA LEU J 14 51.98 -71.79 81.22
C LEU J 14 51.71 -71.74 79.73
N ASN J 15 52.66 -71.30 78.92
CA ASN J 15 52.45 -71.33 77.46
C ASN J 15 53.61 -71.79 76.59
N ILE J 16 53.26 -72.72 75.69
CA ILE J 16 54.16 -73.29 74.72
C ILE J 16 53.75 -72.74 73.37
N CYS J 17 54.54 -71.79 72.88
CA CYS J 17 54.35 -71.22 71.55
C CYS J 17 55.25 -71.95 70.57
N VAL J 18 54.71 -72.98 69.92
CA VAL J 18 55.47 -73.70 68.89
C VAL J 18 55.53 -72.90 67.59
N GLY J 19 54.45 -72.19 67.27
CA GLY J 19 54.41 -71.34 66.08
C GLY J 19 54.45 -72.17 64.82
N GLU J 20 53.58 -73.16 64.77
CA GLU J 20 53.57 -74.16 63.70
C GLU J 20 52.15 -74.49 63.29
N SER J 21 51.35 -74.96 64.24
CA SER J 21 50.00 -75.49 64.03
C SER J 21 50.06 -76.94 63.61
N GLY J 22 48.88 -77.56 63.52
CA GLY J 22 48.76 -78.95 63.11
C GLY J 22 49.18 -79.92 64.20
N ASP J 23 50.30 -80.60 63.98
CA ASP J 23 50.72 -81.74 64.79
C ASP J 23 51.61 -81.34 65.96
N ARG J 24 52.63 -80.54 65.68
CA ARG J 24 53.53 -80.01 66.71
C ARG J 24 52.79 -79.39 67.91
N LEU J 25 51.71 -78.67 67.60
CA LEU J 25 50.89 -78.02 68.61
C LEU J 25 50.06 -79.04 69.39
N THR J 26 49.47 -80.00 68.67
CA THR J 26 48.69 -81.09 69.29
C THR J 26 49.58 -81.96 70.20
N ARG J 27 50.85 -82.04 69.82
CA ARG J 27 51.86 -82.74 70.58
C ARG J 27 52.18 -81.99 71.87
N ALA J 28 52.40 -80.68 71.75
CA ALA J 28 52.74 -79.83 72.91
C ALA J 28 51.59 -79.66 73.88
N ALA J 29 50.36 -79.72 73.38
CA ALA J 29 49.18 -79.70 74.24
C ALA J 29 49.13 -80.88 75.21
N LYS J 30 49.66 -82.03 74.80
CA LYS J 30 49.77 -83.20 75.69
C LYS J 30 50.74 -82.96 76.86
N VAL J 31 51.80 -82.19 76.61
CA VAL J 31 52.81 -81.89 77.63
C VAL J 31 52.25 -81.10 78.79
N LEU J 32 51.57 -79.99 78.49
CA LEU J 32 50.87 -79.21 79.52
C LEU J 32 49.81 -80.05 80.24
N GLU J 33 49.10 -80.89 79.49
CA GLU J 33 48.04 -81.75 80.04
C GLU J 33 48.57 -82.79 81.03
N GLN J 34 49.77 -83.31 80.74
CA GLN J 34 50.51 -84.18 81.67
C GLN J 34 51.03 -83.42 82.89
N LEU J 35 51.46 -82.19 82.67
CA LEU J 35 52.03 -81.33 83.72
C LEU J 35 50.99 -80.77 84.70
N THR J 36 49.97 -80.11 84.15
CA THR J 36 48.96 -79.39 84.95
C THR J 36 47.81 -80.26 85.45
N GLY J 37 47.51 -81.33 84.71
CA GLY J 37 46.33 -82.14 85.00
C GLY J 37 45.05 -81.42 84.63
N GLN J 38 45.02 -80.89 83.41
CA GLN J 38 43.81 -80.29 82.82
C GLN J 38 44.09 -80.00 81.35
N THR J 39 43.05 -80.06 80.52
CA THR J 39 43.19 -79.75 79.09
C THR J 39 43.58 -78.28 78.95
N PRO J 40 44.47 -77.97 77.99
CA PRO J 40 44.88 -76.58 77.80
C PRO J 40 43.95 -75.86 76.80
N VAL J 41 44.40 -74.73 76.27
CA VAL J 41 43.68 -74.01 75.20
C VAL J 41 44.66 -73.67 74.09
N PHE J 42 44.25 -73.88 72.86
CA PHE J 42 45.03 -73.40 71.73
C PHE J 42 44.67 -71.95 71.48
N SER J 43 45.68 -71.09 71.40
CA SER J 43 45.50 -69.71 70.97
C SER J 43 45.84 -69.66 69.49
N LYS J 44 45.18 -68.76 68.76
CA LYS J 44 45.46 -68.55 67.34
C LYS J 44 46.21 -67.25 67.13
N ALA J 45 46.78 -67.09 65.94
CA ALA J 45 47.59 -65.90 65.62
C ALA J 45 46.70 -64.69 65.39
N ARG J 46 47.22 -63.51 65.70
CA ARG J 46 46.49 -62.27 65.44
C ARG J 46 46.44 -62.01 63.96
N TYR J 47 47.61 -62.10 63.32
CA TYR J 47 47.76 -61.77 61.91
C TYR J 47 48.93 -62.50 61.29
N THR J 48 48.88 -62.60 59.96
CA THR J 48 49.89 -63.29 59.17
C THR J 48 51.23 -62.56 59.29
N VAL J 49 52.30 -63.34 59.40
CA VAL J 49 53.67 -62.82 59.41
C VAL J 49 54.53 -63.74 58.55
N ARG J 50 54.86 -63.28 57.36
CA ARG J 50 55.61 -64.10 56.39
C ARG J 50 57.01 -64.44 56.87
N SER J 51 57.57 -63.61 57.76
CA SER J 51 58.86 -63.86 58.38
C SER J 51 58.87 -65.11 59.27
N PHE J 52 57.94 -65.17 60.21
CA PHE J 52 57.87 -66.26 61.18
C PHE J 52 57.23 -67.51 60.60
N GLY J 53 56.48 -67.36 59.51
CA GLY J 53 55.75 -68.48 58.92
C GLY J 53 54.50 -68.80 59.73
N ILE J 54 53.64 -67.79 59.86
CA ILE J 54 52.37 -67.91 60.54
C ILE J 54 51.30 -67.16 59.77
N ARG J 55 50.05 -67.55 59.97
CA ARG J 55 48.92 -66.95 59.28
C ARG J 55 47.86 -66.54 60.28
N ARG J 56 47.07 -65.56 59.90
CA ARG J 56 45.98 -65.04 60.72
C ARG J 56 45.02 -66.17 61.06
N ASN J 57 44.65 -66.26 62.34
CA ASN J 57 43.77 -67.33 62.86
C ASN J 57 44.29 -68.78 62.72
N GLU J 58 45.60 -68.93 62.50
CA GLU J 58 46.28 -70.23 62.52
C GLU J 58 46.68 -70.46 63.96
N LYS J 59 46.55 -71.69 64.45
CA LYS J 59 46.88 -72.00 65.85
C LYS J 59 48.38 -72.01 66.08
N ILE J 60 48.87 -71.02 66.81
CA ILE J 60 50.31 -70.84 67.04
C ILE J 60 50.73 -71.57 68.30
N ALA J 61 50.04 -71.24 69.39
CA ALA J 61 50.47 -71.61 70.73
C ALA J 61 49.43 -72.41 71.47
N VAL J 62 49.87 -73.09 72.51
CA VAL J 62 48.97 -73.69 73.48
C VAL J 62 49.31 -73.09 74.84
N HIS J 63 48.29 -72.96 75.68
CA HIS J 63 48.50 -72.41 77.01
C HIS J 63 47.42 -72.83 77.98
N CYS J 64 47.60 -72.45 79.25
CA CYS J 64 46.71 -72.85 80.32
C CYS J 64 46.98 -72.02 81.58
N THR J 65 45.94 -71.84 82.39
CA THR J 65 46.03 -71.11 83.65
C THR J 65 45.70 -72.06 84.79
N VAL J 66 46.69 -72.29 85.65
CA VAL J 66 46.54 -73.16 86.80
C VAL J 66 46.27 -72.29 88.00
N ARG J 67 45.37 -72.74 88.87
CA ARG J 67 45.05 -72.01 90.09
C ARG J 67 45.14 -72.91 91.31
N GLY J 68 45.39 -72.28 92.45
CA GLY J 68 45.39 -72.95 93.75
C GLY J 68 46.64 -73.74 94.06
N ALA J 69 46.44 -74.88 94.73
CA ALA J 69 47.53 -75.74 95.19
C ALA J 69 48.34 -76.32 94.05
N LYS J 70 47.66 -76.73 92.97
CA LYS J 70 48.32 -77.28 91.79
C LYS J 70 49.26 -76.26 91.14
N ALA J 71 48.87 -74.98 91.16
CA ALA J 71 49.72 -73.89 90.68
C ALA J 71 50.92 -73.64 91.58
N GLU J 72 50.74 -73.81 92.89
CA GLU J 72 51.85 -73.74 93.85
C GLU J 72 52.85 -74.88 93.60
N GLU J 73 52.31 -76.08 93.41
CA GLU J 73 53.11 -77.29 93.15
C GLU J 73 53.93 -77.17 91.86
N ILE J 74 53.27 -76.76 90.79
CA ILE J 74 53.92 -76.63 89.48
C ILE J 74 54.94 -75.49 89.48
N LEU J 75 54.64 -74.42 90.21
CA LEU J 75 55.59 -73.32 90.38
C LEU J 75 56.85 -73.81 91.08
N GLU J 76 56.67 -74.61 92.13
CA GLU J 76 57.80 -75.20 92.87
C GLU J 76 58.73 -75.99 91.93
N LYS J 77 58.18 -76.96 91.21
CA LYS J 77 58.93 -77.71 90.18
C LYS J 77 59.71 -76.81 89.22
N GLY J 78 59.05 -75.75 88.72
CA GLY J 78 59.65 -74.81 87.78
C GLY J 78 60.81 -74.01 88.33
N LEU J 79 60.78 -73.74 89.63
CA LEU J 79 61.89 -73.08 90.31
C LEU J 79 63.03 -74.05 90.62
N LYS J 80 62.70 -75.31 90.87
CA LYS J 80 63.71 -76.34 91.11
C LYS J 80 64.62 -76.56 89.90
N VAL J 81 64.03 -76.54 88.70
CA VAL J 81 64.79 -76.65 87.44
C VAL J 81 65.60 -75.38 87.17
N ARG J 82 65.06 -74.23 87.58
CA ARG J 82 65.79 -72.96 87.53
C ARG J 82 66.77 -72.76 88.70
N GLU J 83 66.72 -73.63 89.71
CA GLU J 83 67.61 -73.63 90.89
C GLU J 83 67.40 -72.46 91.86
N TYR J 84 66.17 -71.96 91.95
CA TYR J 84 65.80 -70.85 92.85
C TYR J 84 66.70 -69.63 92.70
N GLU J 85 66.90 -69.24 91.45
CA GLU J 85 67.50 -67.96 91.11
C GLU J 85 66.54 -67.26 90.17
N LEU J 86 66.41 -65.95 90.36
CA LEU J 86 65.79 -65.09 89.37
C LEU J 86 66.65 -63.84 89.26
N ARG J 87 66.23 -62.89 88.44
CA ARG J 87 66.91 -61.61 88.34
C ARG J 87 65.97 -60.51 88.76
N LYS J 88 66.48 -59.29 88.79
CA LYS J 88 65.66 -58.11 89.03
C LYS J 88 64.69 -57.90 87.87
N ASN J 89 65.17 -58.03 86.64
CA ASN J 89 64.32 -57.86 85.43
C ASN J 89 63.24 -58.93 85.24
N ASN J 90 63.41 -60.10 85.85
CA ASN J 90 62.36 -61.15 85.83
C ASN J 90 61.05 -60.79 86.55
N PHE J 91 61.10 -59.77 87.40
CA PHE J 91 59.91 -59.25 88.05
C PHE J 91 59.36 -58.07 87.26
N SER J 92 58.03 -58.01 87.14
CA SER J 92 57.34 -56.90 86.49
C SER J 92 56.98 -55.86 87.54
N ASP J 93 56.90 -54.60 87.10
CA ASP J 93 56.59 -53.46 87.99
C ASP J 93 55.28 -53.65 88.75
N THR J 94 54.38 -54.41 88.16
CA THR J 94 53.11 -54.79 88.76
C THR J 94 53.19 -55.81 89.93
N GLY J 95 54.36 -56.39 90.17
CA GLY J 95 54.55 -57.39 91.22
C GLY J 95 54.20 -58.81 90.81
N ASN J 96 54.54 -59.17 89.57
CA ASN J 96 54.44 -60.53 89.06
C ASN J 96 55.83 -60.91 88.61
N PHE J 97 56.10 -62.21 88.56
CA PHE J 97 57.37 -62.68 88.02
C PHE J 97 57.15 -63.88 87.12
N GLY J 98 58.20 -64.22 86.41
CA GLY J 98 58.16 -65.30 85.44
C GLY J 98 59.55 -65.70 85.01
N PHE J 99 59.61 -66.84 84.36
CA PHE J 99 60.88 -67.47 84.02
C PHE J 99 60.63 -68.60 83.05
N GLY J 100 61.63 -68.88 82.24
CA GLY J 100 61.55 -69.99 81.30
C GLY J 100 62.05 -71.26 81.92
N ILE J 101 61.67 -72.38 81.31
CA ILE J 101 62.45 -73.61 81.39
C ILE J 101 62.72 -74.06 79.97
N GLN J 102 63.92 -74.60 79.74
CA GLN J 102 64.38 -74.88 78.40
C GLN J 102 63.89 -76.25 77.91
N GLU J 103 63.46 -77.10 78.84
CA GLU J 103 62.99 -78.44 78.51
C GLU J 103 62.18 -79.10 79.64
N HIS J 104 60.90 -79.36 79.35
CA HIS J 104 59.89 -79.86 80.33
C HIS J 104 60.24 -81.16 81.06
N ILE J 105 61.04 -82.02 80.43
CA ILE J 105 61.50 -83.25 81.07
C ILE J 105 62.33 -83.00 82.34
N ASP J 106 62.91 -81.79 82.44
CA ASP J 106 63.61 -81.35 83.65
C ASP J 106 62.69 -81.26 84.87
N LEU J 107 61.43 -80.88 84.65
CA LEU J 107 60.45 -80.77 85.73
C LEU J 107 60.20 -82.15 86.34
N GLY J 108 59.90 -83.11 85.46
CA GLY J 108 59.75 -84.51 85.84
C GLY J 108 58.76 -85.26 84.94
N ILE J 109 59.10 -85.33 83.66
CA ILE J 109 58.25 -85.96 82.63
C ILE J 109 59.16 -86.84 81.76
N LYS J 110 58.60 -87.90 81.18
CA LYS J 110 59.34 -88.81 80.31
C LYS J 110 59.36 -88.35 78.85
N TYR J 111 60.53 -88.35 78.23
CA TYR J 111 60.71 -87.98 76.81
C TYR J 111 60.08 -89.05 75.94
N ASP J 112 59.79 -88.68 74.70
CA ASP J 112 59.43 -89.62 73.64
C ASP J 112 59.96 -89.05 72.31
N PRO J 113 60.56 -89.89 71.44
CA PRO J 113 61.00 -89.39 70.12
C PRO J 113 59.91 -88.64 69.33
N SER J 114 58.66 -89.04 69.52
CA SER J 114 57.52 -88.27 69.01
C SER J 114 57.31 -87.02 69.86
N ILE J 115 56.74 -87.20 71.06
CA ILE J 115 56.41 -86.10 71.97
C ILE J 115 57.72 -85.57 72.58
N GLY J 116 58.35 -84.65 71.85
CA GLY J 116 59.78 -84.36 72.01
C GLY J 116 60.21 -83.65 73.26
N ILE J 117 60.75 -82.44 73.08
CA ILE J 117 61.22 -81.59 74.16
C ILE J 117 60.68 -80.18 73.95
N TYR J 118 59.51 -79.91 74.50
CA TYR J 118 58.94 -78.57 74.50
C TYR J 118 59.38 -77.75 75.71
N GLY J 119 60.29 -76.80 75.46
CA GLY J 119 60.58 -75.75 76.42
C GLY J 119 59.33 -74.92 76.64
N LEU J 120 59.17 -74.38 77.85
CA LEU J 120 57.96 -73.65 78.18
C LEU J 120 58.22 -72.47 79.11
N ASP J 121 57.13 -71.78 79.46
CA ASP J 121 57.16 -70.41 79.94
C ASP J 121 56.26 -70.27 81.17
N PHE J 122 56.87 -70.21 82.36
CA PHE J 122 56.11 -69.95 83.59
C PHE J 122 55.93 -68.45 83.72
N TYR J 123 54.78 -68.05 84.25
CA TYR J 123 54.56 -66.68 84.68
C TYR J 123 53.51 -66.69 85.79
N VAL J 124 53.83 -66.00 86.89
CA VAL J 124 53.10 -66.12 88.13
C VAL J 124 52.35 -64.82 88.39
N VAL J 125 51.03 -64.88 88.36
CA VAL J 125 50.21 -63.77 88.82
C VAL J 125 50.13 -63.86 90.34
N LEU J 126 50.97 -63.07 91.02
CA LEU J 126 50.81 -62.87 92.47
C LEU J 126 49.60 -61.98 92.69
N GLY J 127 49.07 -62.07 93.90
CA GLY J 127 47.91 -61.28 94.31
C GLY J 127 47.76 -61.23 95.81
N ARG J 128 46.62 -60.76 96.26
CA ARG J 128 46.34 -60.62 97.67
C ARG J 128 44.90 -61.05 97.90
N PRO J 129 44.46 -61.07 99.16
CA PRO J 129 43.04 -61.20 99.41
C PRO J 129 42.31 -59.92 98.99
N GLY J 130 41.22 -60.08 98.25
CA GLY J 130 40.44 -58.94 97.77
C GLY J 130 41.03 -58.23 96.57
N PHE J 131 41.48 -59.01 95.60
CA PHE J 131 41.81 -58.51 94.27
C PHE J 131 40.65 -58.74 93.30
N SER J 132 39.76 -59.68 93.63
CA SER J 132 38.64 -60.05 92.76
C SER J 132 37.72 -58.88 92.38
N ILE J 133 37.66 -57.87 93.25
CA ILE J 133 36.92 -56.62 93.00
C ILE J 133 36.97 -56.19 91.53
N ALA J 134 38.18 -56.16 90.98
CA ALA J 134 38.42 -55.72 89.61
C ALA J 134 37.62 -56.49 88.56
N ASP J 135 37.47 -57.80 88.77
CA ASP J 135 36.95 -58.70 87.74
C ASP J 135 35.59 -59.31 88.01
N LYS J 136 34.93 -58.94 89.11
CA LYS J 136 33.53 -59.33 89.32
C LYS J 136 32.59 -58.51 88.42
N LYS J 137 31.30 -58.86 88.43
CA LYS J 137 30.34 -58.23 87.51
C LYS J 137 29.79 -56.92 88.04
N ARG J 138 29.09 -56.98 89.18
CA ARG J 138 28.30 -55.83 89.63
C ARG J 138 29.17 -54.68 90.19
N ARG J 139 29.43 -54.62 91.49
CA ARG J 139 29.89 -53.39 92.10
C ARG J 139 31.41 -53.34 92.10
N THR J 140 32.00 -53.18 90.91
CA THR J 140 33.43 -53.39 90.72
C THR J 140 34.25 -52.24 91.28
N GLY J 141 35.56 -52.37 91.25
CA GLY J 141 36.47 -51.30 91.67
C GLY J 141 37.92 -51.47 91.24
N CYS J 142 38.77 -50.63 91.80
CA CYS J 142 40.22 -50.72 91.63
C CYS J 142 40.84 -51.02 92.99
N ILE J 143 41.84 -51.89 93.02
CA ILE J 143 42.44 -52.30 94.29
C ILE J 143 43.29 -51.18 94.88
N GLY J 144 42.62 -50.26 95.57
CA GLY J 144 43.24 -49.19 96.35
C GLY J 144 44.58 -48.68 95.84
N ALA J 145 45.60 -48.81 96.67
CA ALA J 145 46.97 -48.44 96.30
C ALA J 145 47.94 -49.07 97.26
N LYS J 146 47.78 -48.77 98.55
CA LYS J 146 48.51 -49.49 99.59
C LYS J 146 47.87 -50.87 99.78
N HIS J 147 48.08 -51.71 98.76
CA HIS J 147 47.38 -52.98 98.58
C HIS J 147 47.82 -53.63 97.29
N ARG J 148 48.00 -52.81 96.26
CA ARG J 148 48.79 -53.17 95.11
C ARG J 148 50.16 -53.71 95.53
N ILE J 149 50.58 -54.80 94.89
CA ILE J 149 51.88 -55.42 95.15
C ILE J 149 52.92 -54.68 94.34
N SER J 150 53.96 -54.18 95.01
CA SER J 150 55.10 -53.57 94.33
C SER J 150 56.03 -54.64 93.80
N LYS J 151 56.91 -54.24 92.88
CA LYS J 151 58.01 -55.08 92.42
C LYS J 151 58.84 -55.54 93.61
N GLU J 152 59.25 -54.57 94.43
CA GLU J 152 60.02 -54.84 95.65
C GLU J 152 59.32 -55.84 96.56
N GLU J 153 58.02 -55.65 96.77
CA GLU J 153 57.26 -56.50 97.67
C GLU J 153 57.16 -57.94 97.18
N ALA J 154 57.07 -58.11 95.85
CA ALA J 154 56.99 -59.43 95.23
C ALA J 154 58.33 -60.16 95.26
N MET J 155 59.42 -59.41 95.08
CA MET J 155 60.77 -59.96 95.24
C MET J 155 60.99 -60.50 96.65
N ARG J 156 60.60 -59.73 97.66
CA ARG J 156 60.82 -60.15 99.04
C ARG J 156 59.97 -61.37 99.46
N TRP J 157 58.78 -61.49 98.87
CA TRP J 157 57.94 -62.69 99.00
C TRP J 157 58.67 -63.92 98.45
N PHE J 158 59.26 -63.79 97.27
CA PHE J 158 60.08 -64.85 96.67
C PHE J 158 61.32 -65.14 97.50
N GLN J 159 61.94 -64.08 98.00
CA GLN J 159 63.14 -64.18 98.85
C GLN J 159 62.88 -64.87 100.19
N GLN J 160 61.64 -64.78 100.68
CA GLN J 160 61.21 -65.45 101.90
C GLN J 160 60.67 -66.85 101.64
N LYS J 161 59.67 -66.94 100.76
CA LYS J 161 58.84 -68.16 100.59
C LYS J 161 59.65 -69.31 100.01
N TYR J 162 60.20 -69.10 98.82
CA TYR J 162 60.96 -70.12 98.09
C TYR J 162 62.48 -69.98 98.29
N ASP J 163 62.89 -69.09 99.21
CA ASP J 163 64.28 -68.97 99.68
C ASP J 163 65.24 -68.56 98.56
N GLY J 164 64.73 -67.76 97.62
CA GLY J 164 65.44 -67.43 96.39
C GLY J 164 66.47 -66.33 96.58
N ILE J 165 67.33 -66.17 95.57
CA ILE J 165 68.46 -65.25 95.65
C ILE J 165 68.18 -63.89 95.01
N ILE J 166 67.56 -63.90 93.83
CA ILE J 166 67.39 -62.69 93.00
C ILE J 166 68.75 -62.04 92.73
N LEU J 167 69.52 -62.66 91.83
CA LEU J 167 70.86 -62.20 91.50
C LEU J 167 70.82 -60.90 90.67
N PRO J 168 71.84 -60.03 90.83
CA PRO J 168 71.82 -58.73 90.17
C PRO J 168 72.25 -58.79 88.70
N GLY J 169 72.34 -57.62 88.06
CA GLY J 169 72.69 -57.54 86.64
C GLY J 169 71.43 -57.69 85.81
N ALA K 1 -2.30 -26.09 23.64
CA ALA K 1 -1.90 -26.48 25.04
C ALA K 1 -3.04 -26.30 26.02
N PRO K 2 -3.24 -27.28 26.92
CA PRO K 2 -4.34 -27.19 27.86
C PRO K 2 -3.98 -26.27 29.02
N SER K 3 -4.98 -25.55 29.55
CA SER K 3 -4.78 -24.64 30.67
C SER K 3 -5.80 -24.91 31.76
N ARG K 4 -5.32 -25.52 32.85
CA ARG K 4 -6.08 -25.67 34.08
C ARG K 4 -7.55 -26.08 33.96
N ASN K 5 -7.75 -27.37 33.76
CA ASN K 5 -9.03 -28.03 33.98
C ASN K 5 -10.03 -27.85 32.84
N GLY K 6 -10.53 -28.96 32.33
CA GLY K 6 -11.38 -28.97 31.14
C GLY K 6 -11.35 -30.34 30.52
N MET K 7 -12.31 -30.64 29.65
CA MET K 7 -12.40 -31.96 29.07
C MET K 7 -11.34 -32.08 28.01
N ILE K 8 -10.51 -33.12 28.12
CA ILE K 8 -9.42 -33.32 27.19
C ILE K 8 -10.03 -33.89 25.92
N LEU K 9 -10.46 -32.98 25.06
CA LEU K 9 -11.54 -33.28 24.12
C LEU K 9 -11.02 -33.39 22.69
N LYS K 10 -11.65 -34.29 21.93
CA LYS K 10 -11.18 -34.67 20.61
C LYS K 10 -12.27 -34.22 19.66
N PRO K 11 -12.01 -33.14 18.90
CA PRO K 11 -12.88 -32.77 17.80
C PRO K 11 -12.42 -33.47 16.53
N HIS K 12 -13.36 -33.72 15.63
CA HIS K 12 -13.06 -34.44 14.40
C HIS K 12 -13.12 -33.44 13.25
N PHE K 13 -12.22 -32.47 13.28
CA PHE K 13 -12.06 -31.54 12.17
C PHE K 13 -10.60 -31.51 11.74
N HIS K 14 -10.13 -32.68 11.32
CA HIS K 14 -8.80 -32.83 10.75
C HIS K 14 -8.82 -33.18 9.27
N LYS K 15 -9.92 -33.78 8.80
CA LYS K 15 -10.10 -33.98 7.37
C LYS K 15 -10.55 -32.67 6.73
N ASP K 16 -10.69 -32.62 5.41
CA ASP K 16 -11.19 -31.38 4.77
C ASP K 16 -12.72 -31.34 4.81
N TRP K 17 -13.24 -31.04 6.00
CA TRP K 17 -14.68 -31.11 6.29
C TRP K 17 -15.52 -30.01 5.66
N GLN K 18 -14.90 -28.86 5.41
CA GLN K 18 -15.61 -27.71 4.84
C GLN K 18 -15.92 -27.97 3.37
N ARG K 19 -15.20 -28.91 2.77
CA ARG K 19 -15.52 -29.43 1.45
C ARG K 19 -16.81 -30.25 1.43
N ARG K 20 -17.21 -30.80 2.58
CA ARG K 20 -18.40 -31.64 2.71
C ARG K 20 -19.41 -31.15 3.77
N VAL K 21 -19.44 -29.84 4.05
CA VAL K 21 -20.50 -29.29 4.89
C VAL K 21 -21.80 -29.34 4.11
N ALA K 22 -22.85 -29.80 4.77
CA ALA K 22 -24.17 -29.95 4.17
C ALA K 22 -25.17 -29.03 4.88
N THR K 23 -25.48 -27.92 4.22
CA THR K 23 -26.40 -26.94 4.77
C THR K 23 -27.84 -27.43 4.65
N TRP K 24 -28.74 -26.76 5.36
CA TRP K 24 -30.15 -27.14 5.37
C TRP K 24 -31.08 -26.03 4.90
N PHE K 25 -30.62 -25.18 3.98
CA PHE K 25 -31.47 -24.09 3.48
C PHE K 25 -32.59 -24.60 2.60
N ASN K 26 -32.41 -25.79 2.04
CA ASN K 26 -33.50 -26.53 1.45
C ASN K 26 -34.72 -26.55 2.34
N GLN K 27 -34.53 -26.94 3.59
CA GLN K 27 -35.53 -27.76 4.30
C GLN K 27 -36.98 -27.27 4.18
N PRO K 28 -37.22 -25.97 4.35
CA PRO K 28 -38.56 -25.48 4.11
C PRO K 28 -39.08 -25.78 2.72
N ALA K 29 -38.29 -25.43 1.70
CA ALA K 29 -38.61 -25.76 0.30
C ALA K 29 -38.85 -27.24 0.12
N ARG K 30 -38.04 -28.05 0.80
CA ARG K 30 -38.23 -29.49 0.78
C ARG K 30 -39.58 -29.85 1.37
N LYS K 31 -39.79 -29.44 2.62
CA LYS K 31 -41.00 -29.77 3.38
C LYS K 31 -42.28 -29.52 2.61
N ILE K 32 -42.29 -28.44 1.84
CA ILE K 32 -43.40 -28.08 0.97
C ILE K 32 -43.52 -29.09 -0.14
N ARG K 33 -42.41 -29.33 -0.83
CA ARG K 33 -42.37 -30.21 -2.00
C ARG K 33 -42.94 -31.58 -1.68
N ARG K 34 -42.48 -32.16 -0.57
CA ARG K 34 -43.07 -33.38 -0.05
C ARG K 34 -44.57 -33.21 0.11
N ARG K 35 -44.96 -32.13 0.78
CA ARG K 35 -46.36 -31.89 1.09
C ARG K 35 -47.23 -31.75 -0.17
N LYS K 36 -46.77 -31.02 -1.18
CA LYS K 36 -47.49 -30.96 -2.45
C LYS K 36 -47.59 -32.38 -2.94
N ALA K 37 -46.43 -33.01 -3.16
CA ALA K 37 -46.39 -34.35 -3.73
C ALA K 37 -47.31 -35.31 -3.00
N ARG K 38 -47.41 -35.12 -1.68
CA ARG K 38 -48.33 -35.89 -0.87
C ARG K 38 -49.78 -35.66 -1.25
N GLN K 39 -50.17 -34.40 -1.35
CA GLN K 39 -51.55 -34.04 -1.70
C GLN K 39 -51.90 -34.47 -3.11
N ALA K 40 -50.93 -34.47 -4.01
CA ALA K 40 -51.14 -34.99 -5.35
C ALA K 40 -51.43 -36.48 -5.32
N ARG K 41 -50.66 -37.23 -4.55
CA ARG K 41 -50.85 -38.67 -4.50
C ARG K 41 -52.21 -39.05 -3.93
N ALA K 42 -52.64 -38.35 -2.88
CA ALA K 42 -53.99 -38.51 -2.40
C ALA K 42 -54.96 -38.39 -3.57
N ARG K 43 -54.95 -37.22 -4.21
CA ARG K 43 -55.89 -36.90 -5.28
C ARG K 43 -55.89 -37.96 -6.40
N ARG K 44 -54.74 -38.55 -6.68
CA ARG K 44 -54.65 -39.62 -7.68
C ARG K 44 -55.37 -40.90 -7.23
N ILE K 45 -55.13 -41.32 -6.00
CA ILE K 45 -55.77 -42.52 -5.43
C ILE K 45 -57.08 -42.10 -4.72
N ALA K 46 -58.12 -41.94 -5.53
CA ALA K 46 -59.18 -40.96 -5.24
C ALA K 46 -60.00 -41.16 -3.96
N PRO K 47 -60.71 -42.29 -3.80
CA PRO K 47 -61.35 -42.62 -2.53
C PRO K 47 -60.50 -43.53 -1.63
N ARG K 48 -59.32 -43.93 -2.11
CA ARG K 48 -58.45 -44.83 -1.37
C ARG K 48 -57.80 -44.02 -0.25
N PRO K 49 -57.53 -44.65 0.91
CA PRO K 49 -56.85 -43.93 1.98
C PRO K 49 -55.54 -43.29 1.54
N ALA K 50 -55.29 -42.08 2.01
CA ALA K 50 -54.05 -41.38 1.68
C ALA K 50 -52.87 -42.10 2.29
N SER K 51 -53.04 -42.51 3.54
CA SER K 51 -52.11 -43.40 4.25
C SER K 51 -51.26 -44.29 3.36
N GLY K 52 -51.91 -45.25 2.73
CA GLY K 52 -51.26 -46.34 2.04
C GLY K 52 -52.14 -47.57 2.13
N PRO K 53 -51.52 -48.76 2.32
CA PRO K 53 -52.30 -49.92 2.68
C PRO K 53 -52.40 -50.02 4.18
N LEU K 54 -53.24 -50.95 4.62
CA LEU K 54 -53.33 -51.31 6.03
C LEU K 54 -52.13 -52.14 6.36
N ARG K 55 -51.65 -52.02 7.58
CA ARG K 55 -50.44 -52.70 7.99
C ARG K 55 -50.68 -53.42 9.31
N PRO K 56 -49.91 -54.49 9.55
CA PRO K 56 -50.16 -55.25 10.75
C PRO K 56 -49.75 -54.51 12.01
N ILE K 57 -50.24 -55.03 13.13
CA ILE K 57 -49.70 -54.75 14.45
C ILE K 57 -48.53 -55.70 14.67
N VAL K 58 -47.53 -55.24 15.44
CA VAL K 58 -46.30 -55.98 15.63
C VAL K 58 -45.55 -55.45 16.86
N ARG K 59 -44.99 -56.37 17.65
CA ARG K 59 -44.15 -55.98 18.78
C ARG K 59 -42.75 -55.71 18.31
N CYS K 60 -42.09 -54.78 18.98
CA CYS K 60 -40.67 -54.52 18.74
C CYS K 60 -39.81 -55.67 19.29
N PRO K 61 -38.55 -55.73 18.85
CA PRO K 61 -37.57 -56.60 19.45
C PRO K 61 -36.91 -55.97 20.66
N THR K 62 -36.06 -56.77 21.29
CA THR K 62 -35.24 -56.42 22.45
C THR K 62 -36.04 -56.04 23.69
N VAL K 63 -35.73 -56.73 24.77
CA VAL K 63 -35.93 -56.25 26.14
C VAL K 63 -36.29 -54.77 26.33
N ARG K 64 -35.61 -53.85 25.65
CA ARG K 64 -35.96 -52.43 25.74
C ARG K 64 -37.38 -52.09 25.24
N TYR K 65 -37.69 -52.42 24.00
CA TYR K 65 -38.89 -51.90 23.33
C TYR K 65 -40.07 -52.84 23.42
N HIS K 66 -39.85 -54.14 23.19
CA HIS K 66 -40.50 -55.20 23.98
C HIS K 66 -41.98 -55.04 24.39
N THR K 67 -42.24 -53.98 25.15
CA THR K 67 -43.52 -53.67 25.72
C THR K 67 -44.40 -52.88 24.76
N LYS K 68 -43.74 -52.10 23.88
CA LYS K 68 -44.41 -51.26 22.91
C LYS K 68 -44.85 -52.09 21.73
N VAL K 69 -45.63 -51.47 20.87
CA VAL K 69 -46.14 -52.11 19.67
C VAL K 69 -46.22 -51.08 18.55
N ARG K 70 -45.80 -51.46 17.35
CA ARG K 70 -45.80 -50.57 16.19
C ARG K 70 -46.73 -51.11 15.13
N ALA K 71 -46.75 -50.40 14.00
CA ALA K 71 -47.11 -51.00 12.71
C ALA K 71 -45.92 -51.72 12.14
N GLY K 72 -46.19 -52.92 11.63
CA GLY K 72 -45.19 -53.73 10.95
C GLY K 72 -45.20 -53.41 9.47
N ARG K 73 -44.47 -54.22 8.72
CA ARG K 73 -44.24 -53.98 7.30
C ARG K 73 -45.40 -54.51 6.48
N GLY K 74 -45.86 -55.71 6.82
CA GLY K 74 -47.00 -56.33 6.16
C GLY K 74 -47.49 -57.57 6.88
N PHE K 75 -48.74 -57.94 6.63
CA PHE K 75 -49.38 -59.09 7.27
C PHE K 75 -48.75 -60.37 6.75
N SER K 76 -48.48 -61.31 7.65
CA SER K 76 -47.97 -62.64 7.27
C SER K 76 -48.98 -63.47 6.45
N LEU K 77 -48.48 -64.56 5.87
CA LEU K 77 -49.32 -65.43 5.04
C LEU K 77 -50.31 -66.23 5.86
N GLU K 78 -49.88 -66.76 7.00
CA GLU K 78 -50.80 -67.44 7.91
C GLU K 78 -51.98 -66.55 8.31
N GLU K 79 -51.70 -65.28 8.52
CA GLU K 79 -52.71 -64.33 8.97
C GLU K 79 -53.70 -64.09 7.84
N LEU K 80 -53.20 -64.02 6.61
CA LEU K 80 -54.07 -63.96 5.43
C LEU K 80 -54.82 -65.26 5.17
N ARG K 81 -54.15 -66.38 5.39
CA ARG K 81 -54.74 -67.72 5.22
C ARG K 81 -55.91 -67.96 6.16
N VAL K 82 -55.74 -67.54 7.42
CA VAL K 82 -56.76 -67.71 8.46
C VAL K 82 -57.93 -66.75 8.29
N ALA K 83 -57.62 -65.48 7.98
CA ALA K 83 -58.64 -64.50 7.61
C ALA K 83 -59.41 -64.92 6.35
N GLY K 84 -58.70 -65.58 5.43
CA GLY K 84 -59.31 -66.09 4.21
C GLY K 84 -59.30 -65.02 3.15
N ILE K 85 -58.11 -64.48 2.90
CA ILE K 85 -57.88 -63.51 1.83
C ILE K 85 -56.77 -64.11 1.00
N HIS K 86 -57.00 -64.26 -0.30
CA HIS K 86 -55.97 -64.79 -1.20
C HIS K 86 -54.83 -63.79 -1.32
N LYS K 87 -53.60 -64.21 -0.99
CA LYS K 87 -52.46 -63.31 -0.85
C LYS K 87 -52.26 -62.37 -2.05
N LYS K 88 -52.39 -62.92 -3.27
CA LYS K 88 -52.29 -62.12 -4.49
C LYS K 88 -53.37 -61.03 -4.59
N VAL K 89 -54.55 -61.31 -4.04
CA VAL K 89 -55.65 -60.35 -4.01
C VAL K 89 -55.45 -59.29 -2.94
N ALA K 90 -55.00 -59.71 -1.75
CA ALA K 90 -54.82 -58.79 -0.62
C ALA K 90 -54.08 -57.49 -0.97
N ARG K 91 -53.10 -57.59 -1.86
CA ARG K 91 -52.41 -56.41 -2.38
C ARG K 91 -53.36 -55.46 -3.12
N THR K 92 -54.33 -56.03 -3.83
CA THR K 92 -55.29 -55.28 -4.64
C THR K 92 -56.42 -54.57 -3.86
N ILE K 93 -56.54 -54.84 -2.56
CA ILE K 93 -57.56 -54.24 -1.69
C ILE K 93 -56.92 -53.34 -0.61
N GLY K 94 -55.63 -53.07 -0.74
CA GLY K 94 -54.90 -52.24 0.21
C GLY K 94 -54.57 -52.93 1.52
N ILE K 95 -54.10 -54.17 1.44
CA ILE K 95 -53.59 -54.88 2.62
C ILE K 95 -52.13 -55.17 2.37
N SER K 96 -51.27 -54.58 3.20
CA SER K 96 -49.83 -54.88 3.14
C SER K 96 -49.63 -56.34 3.46
N VAL K 97 -48.75 -56.95 2.69
CA VAL K 97 -48.39 -58.33 2.90
C VAL K 97 -46.90 -58.34 2.79
N ASP K 98 -46.22 -58.82 3.83
CA ASP K 98 -44.87 -59.28 3.65
C ASP K 98 -45.02 -60.79 3.70
N PRO K 99 -44.08 -61.51 3.10
CA PRO K 99 -44.11 -62.94 3.27
C PRO K 99 -42.92 -63.49 4.03
N ARG K 100 -42.02 -62.63 4.48
CA ARG K 100 -40.84 -63.08 5.21
C ARG K 100 -41.09 -63.20 6.73
N ARG K 101 -42.23 -62.72 7.20
CA ARG K 101 -42.57 -62.83 8.62
C ARG K 101 -42.93 -64.26 8.98
N ARG K 102 -42.19 -64.79 9.95
CA ARG K 102 -42.57 -65.98 10.68
C ARG K 102 -43.86 -65.66 11.44
N ASN K 103 -44.26 -66.56 12.33
CA ASN K 103 -45.33 -66.28 13.27
C ASN K 103 -45.19 -67.21 14.46
N LYS K 104 -44.59 -66.71 15.53
CA LYS K 104 -44.13 -67.58 16.62
C LYS K 104 -45.24 -67.93 17.59
N SER K 105 -45.91 -66.89 18.09
CA SER K 105 -46.95 -67.03 19.10
C SER K 105 -48.33 -66.77 18.51
N THR K 106 -49.32 -67.44 19.08
CA THR K 106 -50.70 -67.39 18.57
C THR K 106 -51.46 -66.16 19.08
N GLU K 107 -50.88 -65.44 20.03
CA GLU K 107 -51.46 -64.20 20.53
C GLU K 107 -51.28 -63.07 19.52
N SER K 108 -50.10 -63.00 18.91
CA SER K 108 -49.84 -62.03 17.83
C SER K 108 -50.55 -62.36 16.52
N LEU K 109 -50.91 -63.64 16.32
CA LEU K 109 -51.55 -64.08 15.08
C LEU K 109 -53.03 -63.75 15.06
N GLN K 110 -53.74 -64.18 16.10
CA GLN K 110 -55.18 -63.93 16.18
C GLN K 110 -55.51 -62.46 16.23
N ALA K 111 -54.66 -61.66 16.86
CA ALA K 111 -54.80 -60.20 16.83
C ALA K 111 -54.77 -59.68 15.40
N ASN K 112 -53.79 -60.14 14.63
CA ASN K 112 -53.59 -59.71 13.24
C ASN K 112 -54.59 -60.28 12.26
N VAL K 113 -55.18 -61.42 12.57
CA VAL K 113 -56.35 -61.89 11.83
C VAL K 113 -57.52 -60.94 12.14
N GLN K 114 -57.76 -60.70 13.42
CA GLN K 114 -58.80 -59.76 13.84
C GLN K 114 -58.71 -58.42 13.13
N ARG K 115 -57.50 -57.90 12.98
CA ARG K 115 -57.28 -56.68 12.21
C ARG K 115 -57.85 -56.75 10.79
N LEU K 116 -57.46 -57.79 10.06
CA LEU K 116 -57.90 -57.95 8.68
C LEU K 116 -59.40 -58.14 8.58
N LYS K 117 -59.96 -58.90 9.51
CA LYS K 117 -61.42 -59.11 9.56
C LYS K 117 -62.12 -57.77 9.68
N GLU K 118 -61.69 -56.99 10.67
CA GLU K 118 -62.24 -55.65 10.90
C GLU K 118 -62.10 -54.75 9.68
N TYR K 119 -60.92 -54.78 9.05
CA TYR K 119 -60.69 -54.06 7.80
C TYR K 119 -61.73 -54.42 6.77
N ARG K 120 -61.91 -55.72 6.54
CA ARG K 120 -62.84 -56.20 5.53
C ARG K 120 -64.29 -55.80 5.80
N SER K 121 -64.63 -55.64 7.08
CA SER K 121 -65.94 -55.13 7.46
C SER K 121 -66.13 -53.70 6.98
N LYS K 122 -65.20 -52.83 7.37
CA LYS K 122 -65.30 -51.38 7.12
C LYS K 122 -64.56 -50.94 5.85
N LEU K 123 -64.60 -51.78 4.82
CA LEU K 123 -64.00 -51.48 3.53
C LEU K 123 -65.14 -51.37 2.53
N VAL K 124 -64.95 -50.49 1.54
CA VAL K 124 -65.96 -50.19 0.55
C VAL K 124 -65.35 -50.47 -0.79
N LEU K 125 -65.48 -51.71 -1.24
CA LEU K 125 -64.94 -52.13 -2.51
C LEU K 125 -65.88 -51.64 -3.60
N PHE K 126 -65.38 -50.78 -4.48
CA PHE K 126 -66.17 -50.31 -5.62
C PHE K 126 -66.15 -51.41 -6.67
N PRO K 127 -67.23 -51.55 -7.45
CA PRO K 127 -67.23 -52.50 -8.55
C PRO K 127 -66.42 -51.98 -9.73
N ARG K 128 -65.99 -52.91 -10.59
CA ARG K 128 -65.06 -52.59 -11.69
C ARG K 128 -65.71 -51.67 -12.71
N LYS K 129 -66.87 -52.07 -13.21
CA LYS K 129 -67.72 -51.20 -14.03
C LYS K 129 -68.74 -50.53 -13.12
N PRO K 130 -69.32 -49.39 -13.56
CA PRO K 130 -70.50 -48.82 -12.89
C PRO K 130 -71.70 -49.78 -12.81
N SER K 131 -71.79 -50.73 -13.75
CA SER K 131 -72.70 -51.87 -13.64
C SER K 131 -72.15 -52.81 -12.57
N ALA K 132 -72.98 -53.15 -11.58
CA ALA K 132 -72.54 -53.78 -10.32
C ALA K 132 -72.68 -55.31 -10.28
N PRO K 133 -71.55 -56.05 -10.22
CA PRO K 133 -71.57 -57.50 -10.02
C PRO K 133 -71.43 -57.86 -8.52
N LYS K 134 -71.03 -59.10 -8.22
CA LYS K 134 -70.80 -59.55 -6.83
C LYS K 134 -69.62 -58.82 -6.16
N LYS K 135 -69.50 -59.02 -4.84
CA LYS K 135 -68.46 -58.40 -3.99
C LYS K 135 -68.63 -56.90 -3.82
N GLY K 136 -68.55 -56.15 -4.93
CA GLY K 136 -68.81 -54.72 -4.97
C GLY K 136 -70.00 -54.29 -4.12
N ASP K 137 -69.80 -53.27 -3.30
CA ASP K 137 -70.80 -52.86 -2.31
C ASP K 137 -71.96 -52.09 -2.95
N SER K 138 -72.98 -51.79 -2.15
CA SER K 138 -74.16 -51.05 -2.61
C SER K 138 -73.83 -49.61 -2.94
N SER K 139 -74.64 -49.01 -3.82
CA SER K 139 -74.51 -47.61 -4.20
C SER K 139 -74.83 -46.64 -3.06
N ALA K 140 -75.54 -47.12 -2.03
CA ALA K 140 -75.69 -46.40 -0.78
C ALA K 140 -74.31 -46.17 -0.14
N GLU K 141 -73.63 -47.26 0.23
CA GLU K 141 -72.26 -47.20 0.77
C GLU K 141 -71.27 -47.01 -0.38
N GLU K 142 -71.23 -45.78 -0.87
CA GLU K 142 -70.54 -45.42 -2.12
C GLU K 142 -70.81 -43.95 -2.40
N LEU K 143 -72.11 -43.61 -2.41
CA LEU K 143 -72.56 -42.22 -2.52
C LEU K 143 -72.34 -41.51 -1.19
N LYS K 144 -72.73 -42.18 -0.10
CA LYS K 144 -72.50 -41.64 1.26
C LYS K 144 -71.01 -41.48 1.58
N LEU K 145 -70.16 -42.28 0.93
CA LEU K 145 -68.73 -42.05 0.98
C LEU K 145 -68.00 -42.61 -0.23
N ALA K 146 -67.42 -41.69 -1.01
CA ALA K 146 -66.24 -41.97 -1.82
C ALA K 146 -65.12 -41.20 -1.12
N THR K 147 -65.09 -41.30 0.21
CA THR K 147 -64.31 -40.40 1.05
C THR K 147 -62.96 -41.03 1.34
N GLN K 148 -61.91 -40.22 1.32
CA GLN K 148 -60.61 -40.66 1.77
C GLN K 148 -60.57 -40.70 3.28
N LEU K 149 -59.68 -41.55 3.77
CA LEU K 149 -59.40 -41.63 5.18
C LEU K 149 -58.10 -40.88 5.43
N THR K 150 -58.20 -39.80 6.21
CA THR K 150 -57.04 -39.04 6.61
C THR K 150 -56.27 -39.84 7.67
N GLY K 151 -54.96 -39.71 7.67
CA GLY K 151 -54.11 -40.37 8.66
C GLY K 151 -53.96 -41.86 8.43
N PRO K 152 -53.19 -42.55 9.30
CA PRO K 152 -52.96 -43.98 9.15
C PRO K 152 -54.27 -44.76 9.34
N VAL K 153 -54.44 -45.77 8.50
CA VAL K 153 -55.70 -46.51 8.44
C VAL K 153 -55.79 -47.46 9.63
N MET K 154 -56.86 -47.32 10.42
CA MET K 154 -57.07 -48.07 11.66
C MET K 154 -55.81 -48.04 12.53
N PRO K 155 -55.53 -46.89 13.16
CA PRO K 155 -54.23 -46.71 13.81
C PRO K 155 -54.06 -47.57 15.05
N ILE K 156 -52.83 -47.99 15.28
CA ILE K 156 -52.47 -48.81 16.40
C ILE K 156 -52.24 -47.87 17.57
N ARG K 157 -52.83 -48.20 18.70
CA ARG K 157 -52.66 -47.44 19.93
C ARG K 157 -52.22 -48.42 20.99
N ASN K 158 -51.00 -48.24 21.50
CA ASN K 158 -50.46 -49.14 22.51
C ASN K 158 -51.19 -48.85 23.81
N VAL K 159 -51.85 -49.89 24.32
CA VAL K 159 -52.91 -49.76 25.31
C VAL K 159 -52.64 -50.67 26.51
N PHE K 160 -53.18 -50.28 27.66
CA PHE K 160 -52.94 -50.96 28.92
C PHE K 160 -54.24 -51.47 29.54
N LYS K 161 -54.15 -52.63 30.21
CA LYS K 161 -55.30 -53.23 30.89
C LYS K 161 -55.23 -52.89 32.37
N LYS K 162 -56.25 -52.19 32.86
CA LYS K 162 -56.27 -51.69 34.23
C LYS K 162 -56.49 -52.83 35.20
N GLU K 163 -55.58 -52.94 36.18
CA GLU K 163 -55.69 -53.96 37.23
C GLU K 163 -56.39 -53.36 38.44
N LYS K 164 -57.53 -53.95 38.82
CA LYS K 164 -58.28 -53.50 40.00
C LYS K 164 -57.57 -53.88 41.30
N ALA K 165 -57.91 -53.18 42.38
CA ALA K 165 -57.26 -53.37 43.68
C ALA K 165 -57.63 -54.71 44.31
N ARG K 166 -56.61 -55.54 44.54
CA ARG K 166 -56.78 -56.90 45.07
C ARG K 166 -56.95 -56.86 46.59
N VAL K 167 -56.58 -57.92 47.30
CA VAL K 167 -56.53 -57.90 48.77
C VAL K 167 -55.18 -58.37 49.36
N ILE K 168 -54.27 -58.87 48.53
CA ILE K 168 -52.98 -59.40 48.98
C ILE K 168 -53.17 -60.61 49.88
N THR K 169 -53.28 -61.78 49.25
CA THR K 169 -53.39 -63.04 49.97
C THR K 169 -52.09 -63.34 50.72
N GLU K 170 -52.21 -64.04 51.85
CA GLU K 170 -51.03 -64.50 52.59
C GLU K 170 -50.35 -65.61 51.76
N GLU K 171 -49.54 -65.15 50.82
CA GLU K 171 -48.83 -65.98 49.84
C GLU K 171 -48.07 -65.06 48.90
N GLU K 172 -48.77 -64.05 48.38
CA GLU K 172 -48.12 -62.89 47.77
C GLU K 172 -47.22 -62.23 48.80
N LYS K 173 -47.80 -61.92 49.96
CA LYS K 173 -47.07 -61.37 51.10
C LYS K 173 -45.92 -62.28 51.53
N ASN K 174 -46.15 -63.59 51.47
CA ASN K 174 -45.13 -64.60 51.80
C ASN K 174 -43.90 -64.60 50.88
N PHE K 175 -44.13 -64.43 49.58
CA PHE K 175 -43.08 -64.36 48.55
C PHE K 175 -41.82 -63.58 48.96
N LYS K 176 -40.64 -64.07 48.56
CA LYS K 176 -39.37 -63.35 48.78
C LYS K 176 -38.70 -63.09 47.42
N ALA K 177 -39.13 -62.00 46.80
CA ALA K 177 -38.81 -61.71 45.39
C ALA K 177 -37.32 -61.66 45.12
N PHE K 178 -36.66 -60.75 45.83
CA PHE K 178 -35.23 -60.51 45.67
C PHE K 178 -34.42 -61.78 45.81
N ALA K 179 -34.72 -62.56 46.84
CA ALA K 179 -34.14 -63.89 47.00
C ALA K 179 -34.43 -64.75 45.78
N SER K 180 -35.71 -64.86 45.42
CA SER K 180 -36.11 -65.66 44.27
C SER K 180 -35.27 -65.36 43.03
N LEU K 181 -35.11 -64.07 42.75
CA LEU K 181 -34.28 -63.62 41.62
C LEU K 181 -32.83 -64.06 41.76
N ARG K 182 -32.27 -63.96 42.97
CA ARG K 182 -30.89 -64.39 43.20
C ARG K 182 -30.75 -65.88 42.95
N MET K 183 -31.71 -66.65 43.44
CA MET K 183 -31.76 -68.11 43.23
C MET K 183 -31.84 -68.45 41.74
N ALA K 184 -32.82 -67.83 41.07
CA ALA K 184 -33.05 -68.03 39.65
C ALA K 184 -31.85 -67.67 38.79
N ARG K 185 -31.06 -66.70 39.25
CA ARG K 185 -29.81 -66.33 38.58
C ARG K 185 -28.80 -67.47 38.71
N ALA K 186 -28.58 -67.90 39.94
CA ALA K 186 -27.55 -68.89 40.23
C ALA K 186 -27.83 -70.25 39.60
N ASN K 187 -29.10 -70.59 39.43
CA ASN K 187 -29.46 -71.88 38.83
C ASN K 187 -29.25 -71.92 37.32
N ALA K 188 -29.45 -70.79 36.65
CA ALA K 188 -29.01 -70.63 35.28
C ALA K 188 -27.50 -70.72 35.19
N ARG K 189 -26.82 -69.99 36.08
CA ARG K 189 -25.35 -70.04 36.17
C ARG K 189 -24.87 -71.47 36.33
N LEU K 190 -25.44 -72.18 37.29
CA LEU K 190 -24.91 -73.48 37.69
C LEU K 190 -25.57 -74.71 37.09
N PHE K 191 -26.68 -74.53 36.39
CA PHE K 191 -27.32 -75.64 35.68
C PHE K 191 -26.31 -76.60 35.06
N GLY K 192 -25.47 -76.06 34.20
CA GLY K 192 -24.59 -76.82 33.34
C GLY K 192 -23.55 -77.67 34.04
N ILE K 193 -22.98 -77.16 35.13
CA ILE K 193 -21.93 -77.90 35.82
C ILE K 193 -22.60 -78.97 36.65
N ARG K 194 -23.60 -78.57 37.42
CA ARG K 194 -24.41 -79.51 38.17
C ARG K 194 -24.73 -80.76 37.37
N ALA K 195 -25.15 -80.57 36.12
CA ALA K 195 -25.45 -81.69 35.22
C ALA K 195 -24.24 -82.54 34.88
N LYS K 196 -23.08 -81.89 34.73
CA LYS K 196 -21.81 -82.60 34.50
C LYS K 196 -21.35 -83.41 35.71
N ARG K 197 -21.47 -82.86 36.91
CA ARG K 197 -21.16 -83.61 38.14
C ARG K 197 -22.10 -84.78 38.37
N ALA K 198 -23.39 -84.59 38.09
CA ALA K 198 -24.38 -85.68 38.16
C ALA K 198 -24.07 -86.77 37.14
N LYS K 199 -23.69 -86.36 35.93
CA LYS K 199 -23.23 -87.29 34.90
C LYS K 199 -21.96 -88.04 35.33
N GLU K 200 -21.07 -87.34 36.02
CA GLU K 200 -19.90 -87.96 36.65
C GLU K 200 -20.32 -88.99 37.71
N ALA K 201 -21.21 -88.59 38.61
CA ALA K 201 -21.67 -89.46 39.70
C ALA K 201 -22.39 -90.70 39.20
N ALA K 202 -23.19 -90.54 38.15
CA ALA K 202 -23.87 -91.66 37.50
C ALA K 202 -22.88 -92.66 36.91
N GLU K 203 -21.81 -92.15 36.29
CA GLU K 203 -20.73 -92.98 35.75
C GLU K 203 -19.98 -93.73 36.86
N GLN K 204 -19.78 -93.08 38.00
CA GLN K 204 -19.15 -93.71 39.18
C GLN K 204 -20.00 -94.83 39.79
N ASP K 205 -21.33 -94.65 39.79
CA ASP K 205 -22.26 -95.70 40.24
C ASP K 205 -22.28 -96.91 39.32
N VAL K 206 -22.22 -96.67 38.00
CA VAL K 206 -22.14 -97.74 37.00
C VAL K 206 -20.76 -98.42 37.02
N GLU K 207 -19.70 -97.62 37.20
CA GLU K 207 -18.33 -98.13 37.32
C GLU K 207 -18.11 -99.01 38.56
N LYS K 208 -18.86 -98.73 39.63
CA LYS K 208 -18.84 -99.56 40.84
C LYS K 208 -19.33 -100.99 40.60
N LYS K 209 -20.30 -101.15 39.71
CA LYS K 209 -20.87 -102.47 39.39
C LYS K 209 -19.87 -103.36 38.63
N LYS K 210 -19.28 -102.80 37.57
CA LYS K 210 -18.30 -103.53 36.76
C LYS K 210 -16.95 -103.63 37.48
N VAL L 1 52.81 54.42 58.12
CA VAL L 1 53.31 55.58 58.93
C VAL L 1 52.20 56.02 59.88
N PHE L 2 52.04 55.23 60.94
CA PHE L 2 50.78 55.15 61.66
C PHE L 2 50.64 56.14 62.80
N ARG L 3 49.45 56.71 62.91
CA ARG L 3 49.14 57.72 63.92
C ARG L 3 48.15 57.25 64.98
N ARG L 4 47.12 56.47 64.59
CA ARG L 4 46.15 55.87 65.53
C ARG L 4 46.52 54.42 65.86
N PHE L 5 46.42 54.06 67.14
CA PHE L 5 46.85 52.75 67.63
C PHE L 5 45.87 52.05 68.55
N VAL L 6 45.71 50.73 68.37
CA VAL L 6 45.04 49.89 69.36
C VAL L 6 45.95 49.93 70.58
N GLU L 7 45.72 50.93 71.40
CA GLU L 7 46.41 51.13 72.64
C GLU L 7 45.35 50.82 73.66
N VAL L 8 45.73 50.43 74.86
CA VAL L 8 44.79 50.46 75.95
C VAL L 8 44.43 51.92 76.16
N GLY L 9 43.16 52.15 76.47
CA GLY L 9 42.66 53.48 76.68
C GLY L 9 42.31 54.26 75.42
N ARG L 10 42.45 53.66 74.23
CA ARG L 10 42.00 54.35 73.03
C ARG L 10 40.49 54.31 72.93
N VAL L 11 39.95 55.49 72.64
CA VAL L 11 38.56 55.68 72.32
C VAL L 11 38.39 55.36 70.84
N ALA L 12 37.36 54.57 70.54
CA ALA L 12 37.01 54.17 69.19
C ALA L 12 35.54 54.42 68.93
N TYR L 13 35.25 54.95 67.74
CA TYR L 13 33.89 55.09 67.26
C TYR L 13 33.50 53.78 66.58
N VAL L 14 32.38 53.21 66.99
CA VAL L 14 31.91 51.98 66.38
C VAL L 14 31.16 52.35 65.11
N SER L 15 31.68 51.90 63.97
CA SER L 15 31.09 52.18 62.66
C SER L 15 29.74 51.52 62.46
N PHE L 16 29.61 50.28 62.93
CA PHE L 16 28.40 49.52 62.74
C PHE L 16 28.29 48.40 63.77
N GLY L 17 27.09 47.84 63.84
CA GLY L 17 26.77 46.74 64.73
C GLY L 17 25.56 47.11 65.56
N PRO L 18 25.36 46.39 66.67
CA PRO L 18 24.29 46.76 67.60
C PRO L 18 24.55 48.14 68.21
N HIS L 19 25.82 48.41 68.52
CA HIS L 19 26.21 49.68 69.15
C HIS L 19 26.79 50.67 68.14
N ALA L 20 26.13 50.79 67.00
CA ALA L 20 26.61 51.63 65.92
C ALA L 20 26.37 53.09 66.28
N GLY L 21 27.40 53.91 66.04
CA GLY L 21 27.33 55.33 66.40
C GLY L 21 27.45 55.54 67.90
N LYS L 22 28.48 54.94 68.49
CA LYS L 22 28.75 55.07 69.91
C LYS L 22 30.23 55.01 70.17
N LEU L 23 30.73 55.84 71.09
CA LEU L 23 32.13 55.78 71.47
C LEU L 23 32.32 54.74 72.54
N VAL L 24 33.57 54.30 72.68
CA VAL L 24 33.88 53.06 73.35
C VAL L 24 35.40 53.05 73.57
N ALA L 25 35.84 52.80 74.80
CA ALA L 25 37.27 52.69 75.13
C ALA L 25 37.75 51.25 75.06
N ILE L 26 38.96 51.06 74.55
CA ILE L 26 39.60 49.75 74.47
C ILE L 26 40.23 49.42 75.81
N VAL L 27 39.59 48.53 76.57
CA VAL L 27 40.06 48.18 77.91
C VAL L 27 41.24 47.25 77.76
N ASP L 28 41.01 46.10 77.13
CA ASP L 28 42.08 45.14 76.86
C ASP L 28 41.93 44.48 75.49
N VAL L 29 43.07 44.09 74.90
CA VAL L 29 43.10 43.35 73.64
C VAL L 29 43.14 41.85 73.93
N ILE L 30 42.16 41.12 73.40
CA ILE L 30 42.02 39.69 73.67
C ILE L 30 42.86 38.86 72.70
N ASP L 31 42.98 39.35 71.46
CA ASP L 31 43.36 38.52 70.33
C ASP L 31 43.91 39.37 69.20
N GLN L 32 44.41 38.70 68.15
CA GLN L 32 44.70 39.31 66.84
C GLN L 32 43.60 40.27 66.38
N ASN L 33 42.34 39.90 66.62
CA ASN L 33 41.20 40.53 65.96
C ASN L 33 39.97 40.73 66.87
N ARG L 34 40.19 40.95 68.17
CA ARG L 34 39.09 41.11 69.13
C ARG L 34 39.55 41.90 70.36
N ALA L 35 38.79 42.93 70.72
CA ALA L 35 39.14 43.83 71.82
C ALA L 35 38.05 43.80 72.86
N LEU L 36 38.47 43.71 74.11
CA LEU L 36 37.57 43.78 75.25
C LEU L 36 37.36 45.26 75.53
N VAL L 37 36.09 45.66 75.49
CA VAL L 37 35.70 47.05 75.23
C VAL L 37 34.64 47.53 76.22
N ASP L 38 34.61 48.84 76.44
CA ASP L 38 33.62 49.44 77.35
C ASP L 38 33.30 50.88 76.93
N GLY L 39 32.05 51.26 77.12
CA GLY L 39 31.57 52.62 76.86
C GLY L 39 30.57 53.04 77.92
N PRO L 40 31.04 53.20 79.18
CA PRO L 40 30.18 53.44 80.35
C PRO L 40 29.27 54.65 80.22
N CYS L 41 29.86 55.77 79.81
CA CYS L 41 29.12 57.01 79.60
C CYS L 41 28.28 56.98 78.33
N THR L 42 28.74 56.23 77.33
CA THR L 42 28.11 56.15 76.01
C THR L 42 27.12 54.99 75.83
N ARG L 43 26.63 54.44 76.94
CA ARG L 43 25.65 53.35 76.95
C ARG L 43 26.02 52.03 76.26
N VAL L 44 27.24 51.56 76.50
CA VAL L 44 27.78 50.37 75.86
C VAL L 44 28.37 49.48 76.93
N ARG L 45 27.78 48.30 77.09
CA ARG L 45 28.11 47.40 78.18
C ARG L 45 29.50 46.83 77.94
N ARG L 46 30.19 46.50 79.02
CA ARG L 46 31.51 45.89 78.90
C ARG L 46 31.39 44.59 78.12
N GLN L 47 31.97 44.56 76.91
CA GLN L 47 31.99 43.35 76.11
C GLN L 47 33.13 43.29 75.13
N ALA L 48 33.52 42.07 74.78
CA ALA L 48 34.45 41.83 73.70
C ALA L 48 33.83 42.36 72.44
N MET L 49 34.67 42.84 71.53
CA MET L 49 34.19 43.45 70.30
C MET L 49 35.29 43.34 69.26
N PRO L 50 34.93 42.91 68.05
CA PRO L 50 35.95 42.76 67.04
C PRO L 50 36.44 44.10 66.51
N PHE L 51 37.67 44.15 66.02
CA PHE L 51 38.22 45.38 65.47
C PHE L 51 37.58 45.75 64.15
N LYS L 52 37.24 44.74 63.35
CA LYS L 52 36.60 44.99 62.06
C LYS L 52 35.49 46.04 62.10
N CYS L 53 34.70 46.06 63.18
CA CYS L 53 33.59 47.00 63.31
C CYS L 53 33.93 48.35 63.92
N MET L 54 34.98 48.43 64.75
CA MET L 54 35.35 49.68 65.40
C MET L 54 36.38 50.43 64.58
N GLN L 55 36.17 51.74 64.38
CA GLN L 55 37.18 52.62 63.79
C GLN L 55 37.59 53.65 64.80
N LEU L 56 38.90 53.87 64.90
CA LEU L 56 39.43 54.45 66.13
C LEU L 56 39.83 55.92 66.04
N THR L 57 39.51 56.63 67.11
CA THR L 57 39.51 58.09 67.13
C THR L 57 40.93 58.58 67.39
N ASP L 58 41.06 59.84 67.78
CA ASP L 58 42.35 60.43 68.16
C ASP L 58 42.30 60.84 69.64
N PHE L 59 41.74 59.94 70.46
CA PHE L 59 41.54 60.16 71.89
C PHE L 59 42.00 58.95 72.70
N ILE L 60 43.15 59.04 73.36
CA ILE L 60 43.62 57.97 74.26
C ILE L 60 43.51 58.39 75.70
N LEU L 61 42.37 58.07 76.32
CA LEU L 61 42.17 58.33 77.74
C LEU L 61 42.90 57.28 78.57
N LYS L 62 43.54 57.71 79.65
CA LYS L 62 44.53 56.89 80.35
C LYS L 62 43.95 56.22 81.60
N PHE L 63 43.79 54.90 81.52
CA PHE L 63 43.45 54.05 82.66
C PHE L 63 44.30 52.78 82.57
N PRO L 64 44.20 51.85 83.56
CA PRO L 64 45.00 50.63 83.51
C PRO L 64 44.26 49.45 82.89
N HIS L 65 45.03 48.57 82.23
CA HIS L 65 44.52 47.66 81.19
C HIS L 65 43.31 46.79 81.51
N SER L 66 43.07 46.50 82.78
CA SER L 66 41.84 45.81 83.16
C SER L 66 41.38 46.33 84.51
N ALA L 67 41.02 47.60 84.49
CA ALA L 67 40.30 48.23 85.58
C ALA L 67 38.88 47.74 85.57
N ARG L 68 38.13 48.13 86.59
CA ARG L 68 36.77 47.64 86.77
C ARG L 68 35.75 48.72 86.46
N GLN L 69 35.73 49.18 85.21
CA GLN L 69 34.61 49.95 84.65
C GLN L 69 34.34 51.31 85.34
N LYS L 70 34.19 51.31 86.67
CA LYS L 70 34.20 52.53 87.50
C LYS L 70 35.33 53.49 87.12
N TYR L 71 36.55 52.96 87.01
CA TYR L 71 37.72 53.81 86.77
C TYR L 71 37.74 54.40 85.36
N VAL L 72 37.38 53.61 84.35
CA VAL L 72 37.25 54.17 83.01
C VAL L 72 36.14 55.22 82.96
N ARG L 73 35.05 54.99 83.70
CA ARG L 73 34.00 56.00 83.83
C ARG L 73 34.55 57.33 84.35
N LYS L 74 35.48 57.28 85.30
CA LYS L 74 36.15 58.49 85.79
C LYS L 74 37.05 59.10 84.72
N ALA L 75 37.91 58.28 84.12
CA ALA L 75 38.84 58.76 83.09
C ALA L 75 38.15 59.33 81.84
N TRP L 76 36.93 58.85 81.59
CA TRP L 76 36.08 59.39 80.53
C TRP L 76 35.57 60.76 80.95
N GLU L 77 34.99 60.84 82.15
CA GLU L 77 34.38 62.08 82.65
C GLU L 77 35.39 63.14 83.08
N LYS L 78 36.62 62.73 83.40
CA LYS L 78 37.71 63.66 83.71
C LYS L 78 38.12 64.39 82.43
N ALA L 79 38.43 63.61 81.40
CA ALA L 79 38.79 64.15 80.09
C ALA L 79 37.62 64.85 79.38
N ASP L 80 36.39 64.48 79.73
CA ASP L 80 35.17 65.08 79.18
C ASP L 80 35.06 64.73 77.69
N ILE L 81 35.19 63.43 77.42
CA ILE L 81 35.31 62.90 76.07
C ILE L 81 34.06 63.18 75.24
N ASN L 82 32.90 63.17 75.88
CA ASN L 82 31.65 63.48 75.20
C ASN L 82 31.63 64.89 74.64
N THR L 83 32.16 65.85 75.41
CA THR L 83 32.27 67.23 74.96
C THR L 83 33.27 67.38 73.82
N LYS L 84 34.43 66.76 73.99
CA LYS L 84 35.50 66.81 72.99
C LYS L 84 35.12 66.13 71.68
N TRP L 85 34.44 65.00 71.78
CA TRP L 85 33.99 64.28 70.59
C TRP L 85 33.03 65.12 69.76
N ALA L 86 32.02 65.68 70.41
CA ALA L 86 31.02 66.52 69.74
C ALA L 86 31.62 67.79 69.13
N ALA L 87 32.76 68.23 69.68
CA ALA L 87 33.53 69.34 69.10
C ALA L 87 34.29 68.99 67.81
N THR L 88 34.56 67.70 67.59
CA THR L 88 35.36 67.25 66.46
C THR L 88 34.64 67.49 65.15
N ARG L 89 35.43 67.69 64.09
CA ARG L 89 34.91 67.85 62.74
C ARG L 89 34.15 66.60 62.29
N TRP L 90 34.73 65.44 62.59
CA TRP L 90 34.11 64.13 62.35
C TRP L 90 32.69 64.09 62.90
N ALA L 91 32.54 64.30 64.19
CA ALA L 91 31.22 64.23 64.83
C ALA L 91 30.24 65.26 64.28
N LYS L 92 30.74 66.42 63.88
CA LYS L 92 29.91 67.43 63.22
C LYS L 92 29.36 66.92 61.89
N LYS L 93 30.22 66.34 61.05
CA LYS L 93 29.77 65.77 59.78
C LYS L 93 29.04 64.43 59.89
N ILE L 94 29.02 63.86 61.09
CA ILE L 94 28.04 62.84 61.45
C ILE L 94 26.71 63.52 61.75
N GLU L 95 26.73 64.50 62.65
CA GLU L 95 25.53 65.29 62.98
C GLU L 95 24.89 65.85 61.72
N ALA L 96 25.69 66.39 60.81
CA ALA L 96 25.19 66.91 59.54
C ALA L 96 24.42 65.84 58.79
N ARG L 97 25.10 64.72 58.57
CA ARG L 97 24.56 63.64 57.75
C ARG L 97 23.24 63.11 58.28
N GLU L 98 23.09 63.11 59.60
CA GLU L 98 21.82 62.74 60.23
C GLU L 98 20.73 63.76 59.95
N ARG L 99 21.06 65.05 60.04
CA ARG L 99 20.12 66.14 59.78
C ARG L 99 19.65 66.23 58.33
N LYS L 100 20.48 65.76 57.41
CA LYS L 100 20.10 65.62 56.01
C LYS L 100 19.10 64.47 55.81
N ALA L 101 19.23 63.41 56.61
CA ALA L 101 18.29 62.28 56.62
C ALA L 101 16.93 62.63 57.26
N LYS L 102 16.96 63.39 58.37
CA LYS L 102 15.74 63.89 59.03
C LYS L 102 14.90 64.89 58.22
N MET L 103 15.41 65.37 57.10
CA MET L 103 14.81 66.47 56.36
C MET L 103 13.40 66.16 55.85
N THR L 104 12.45 67.02 56.20
CA THR L 104 11.05 66.86 55.77
C THR L 104 10.85 67.52 54.40
N ASP L 105 9.69 67.30 53.79
CA ASP L 105 9.43 67.77 52.41
C ASP L 105 9.38 69.29 52.24
N PHE L 106 8.74 69.96 53.19
CA PHE L 106 8.75 71.42 53.23
C PHE L 106 10.15 71.95 53.53
N ASP L 107 10.87 71.24 54.39
CA ASP L 107 12.25 71.60 54.77
C ASP L 107 13.21 71.45 53.60
N ARG L 108 12.96 70.41 52.81
CA ARG L 108 13.67 70.16 51.57
C ARG L 108 13.44 71.29 50.56
N TYR L 109 12.20 71.76 50.48
CA TYR L 109 11.83 72.88 49.59
C TYR L 109 12.48 74.19 49.97
N LYS L 110 12.39 74.55 51.25
CA LYS L 110 13.06 75.73 51.79
C LYS L 110 14.51 75.77 51.37
N VAL L 111 15.19 74.65 51.63
CA VAL L 111 16.61 74.47 51.29
C VAL L 111 16.88 74.77 49.84
N MET L 112 16.15 74.10 48.96
CA MET L 112 16.29 74.31 47.53
C MET L 112 16.21 75.80 47.20
N LYS L 113 15.19 76.46 47.75
CA LYS L 113 15.00 77.89 47.54
C LYS L 113 16.18 78.72 48.06
N ALA L 114 16.69 78.32 49.23
CA ALA L 114 17.85 78.98 49.83
C ALA L 114 19.15 78.78 49.05
N LYS L 115 19.39 77.57 48.58
CA LYS L 115 20.49 77.28 47.64
C LYS L 115 20.37 77.91 46.26
N LYS L 116 19.19 77.82 45.67
CA LYS L 116 18.91 78.44 44.37
C LYS L 116 19.46 79.86 44.32
N MET L 117 19.16 80.62 45.38
CA MET L 117 19.63 81.99 45.55
C MET L 117 21.11 82.04 45.91
N ARG L 118 21.48 81.34 46.97
CA ARG L 118 22.84 81.37 47.49
C ARG L 118 23.91 80.98 46.47
N ASN L 119 23.59 80.04 45.57
CA ASN L 119 24.53 79.72 44.47
C ASN L 119 24.52 80.77 43.35
N ARG L 120 23.39 81.46 43.15
CA ARG L 120 23.34 82.58 42.20
C ARG L 120 24.25 83.73 42.61
N ILE L 121 24.19 84.10 43.90
CA ILE L 121 25.01 85.20 44.43
C ILE L 121 26.49 84.93 44.24
N ILE L 122 26.91 83.75 44.67
CA ILE L 122 28.31 83.35 44.55
C ILE L 122 28.73 83.34 43.09
N LYS L 123 27.91 82.72 42.24
CA LYS L 123 28.24 82.59 40.81
C LYS L 123 28.62 83.92 40.17
N ASN L 124 27.85 84.96 40.48
CA ASN L 124 28.18 86.32 40.04
C ASN L 124 29.49 86.80 40.61
N GLU L 125 29.66 86.63 41.92
CA GLU L 125 30.88 87.08 42.60
C GLU L 125 32.13 86.37 42.08
N VAL L 126 31.98 85.11 41.67
CA VAL L 126 33.07 84.40 40.98
C VAL L 126 33.37 85.04 39.62
N LYS L 127 32.31 85.36 38.88
CA LYS L 127 32.44 85.98 37.55
C LYS L 127 33.12 87.35 37.64
N LYS L 128 32.71 88.15 38.62
CA LYS L 128 33.39 89.42 38.95
C LYS L 128 34.88 89.22 39.26
N LEU L 129 35.18 88.20 40.07
CA LEU L 129 36.57 87.87 40.41
C LEU L 129 37.37 87.45 39.18
N GLN L 130 36.77 86.68 38.29
CA GLN L 130 37.43 86.33 37.02
C GLN L 130 37.72 87.57 36.18
N ARG L 131 36.76 88.48 36.07
CA ARG L 131 36.99 89.69 35.28
C ARG L 131 38.10 90.53 35.89
N ALA L 132 38.12 90.62 37.22
CA ALA L 132 39.19 91.35 37.89
C ALA L 132 40.56 90.69 37.66
N ALA L 133 40.60 89.37 37.72
CA ALA L 133 41.82 88.60 37.45
C ALA L 133 42.30 88.77 36.00
N LEU L 134 41.35 88.84 35.06
CA LEU L 134 41.64 89.11 33.66
C LEU L 134 42.16 90.54 33.44
N LEU L 135 41.60 91.49 34.19
CA LEU L 135 42.05 92.89 34.16
C LEU L 135 43.47 93.05 34.70
N LYS L 136 43.80 92.30 35.75
CA LYS L 136 45.17 92.23 36.27
C LYS L 136 46.15 91.64 35.26
N ALA L 137 45.73 90.58 34.58
CA ALA L 137 46.53 89.92 33.54
C ALA L 137 46.79 90.82 32.32
N SER L 138 45.82 91.68 31.99
CA SER L 138 45.95 92.62 30.88
C SER L 138 46.93 93.75 31.21
N GLY M 1 -32.80 -84.46 -16.67
CA GLY M 1 -32.37 -83.76 -17.92
C GLY M 1 -30.86 -83.65 -17.99
N ALA M 2 -30.33 -83.63 -19.22
CA ALA M 2 -28.89 -83.69 -19.45
C ALA M 2 -28.10 -82.59 -18.73
N TYR M 3 -28.69 -81.41 -18.60
CA TYR M 3 -27.99 -80.27 -17.99
C TYR M 3 -27.54 -80.54 -16.57
N LYS M 4 -28.38 -81.20 -15.78
CA LYS M 4 -28.01 -81.58 -14.41
C LYS M 4 -26.81 -82.53 -14.39
N TYR M 5 -26.78 -83.48 -15.32
CA TYR M 5 -25.63 -84.35 -15.46
C TYR M 5 -24.41 -83.52 -15.76
N ILE M 6 -24.45 -82.79 -16.86
CA ILE M 6 -23.33 -81.95 -17.28
C ILE M 6 -22.83 -81.17 -16.08
N GLN M 7 -23.73 -80.44 -15.42
CA GLN M 7 -23.44 -79.67 -14.20
C GLN M 7 -22.62 -80.47 -13.18
N GLU M 8 -23.09 -81.66 -12.84
CA GLU M 8 -22.41 -82.49 -11.82
C GLU M 8 -21.05 -83.00 -12.27
N LEU M 9 -20.94 -83.32 -13.56
CA LEU M 9 -19.66 -83.72 -14.15
C LEU M 9 -18.65 -82.59 -14.01
N TRP M 10 -19.04 -81.41 -14.46
CA TRP M 10 -18.16 -80.23 -14.36
C TRP M 10 -17.73 -79.88 -12.95
N ARG M 11 -18.47 -80.32 -11.95
CA ARG M 11 -18.00 -80.19 -10.58
C ARG M 11 -16.90 -81.18 -10.28
N LYS M 12 -16.94 -82.37 -10.87
CA LYS M 12 -15.79 -83.27 -10.78
C LYS M 12 -14.72 -82.76 -11.75
N LYS M 13 -14.00 -81.72 -11.31
CA LYS M 13 -12.93 -81.09 -12.09
C LYS M 13 -11.57 -81.75 -11.87
N GLN M 14 -11.39 -82.32 -10.69
CA GLN M 14 -10.22 -83.14 -10.40
C GLN M 14 -10.34 -84.55 -11.00
N SER M 15 -11.51 -84.91 -11.51
CA SER M 15 -11.73 -86.21 -12.16
C SER M 15 -10.82 -86.46 -13.35
N ASP M 16 -10.70 -87.73 -13.76
CA ASP M 16 -9.86 -88.10 -14.91
C ASP M 16 -10.37 -87.53 -16.23
N VAL M 17 -11.69 -87.43 -16.35
CA VAL M 17 -12.30 -87.04 -17.61
C VAL M 17 -12.13 -85.54 -17.79
N MET M 18 -12.62 -84.77 -16.83
CA MET M 18 -12.64 -83.32 -16.93
C MET M 18 -11.24 -82.75 -16.89
N ARG M 19 -10.33 -83.38 -16.16
CA ARG M 19 -8.93 -82.95 -16.20
C ARG M 19 -8.31 -83.15 -17.57
N PHE M 20 -8.56 -84.30 -18.19
CA PHE M 20 -8.11 -84.51 -19.57
C PHE M 20 -8.59 -83.39 -20.48
N LEU M 21 -9.90 -83.14 -20.46
CA LEU M 21 -10.52 -82.15 -21.33
C LEU M 21 -10.00 -80.75 -21.09
N LEU M 22 -9.89 -80.38 -19.82
CA LEU M 22 -9.43 -79.05 -19.47
C LEU M 22 -8.01 -78.80 -19.96
N ARG M 23 -7.14 -79.79 -19.81
CA ARG M 23 -5.80 -79.73 -20.36
C ARG M 23 -5.80 -79.51 -21.88
N VAL M 24 -6.63 -80.27 -22.59
CA VAL M 24 -6.73 -80.15 -24.06
C VAL M 24 -7.36 -78.83 -24.51
N ARG M 25 -8.44 -78.42 -23.85
CA ARG M 25 -9.02 -77.09 -24.09
C ARG M 25 -7.97 -76.01 -23.89
N CYS M 26 -7.39 -75.98 -22.70
CA CYS M 26 -6.47 -74.93 -22.31
C CYS M 26 -5.28 -74.86 -23.26
N TRP M 27 -4.81 -76.02 -23.74
CA TRP M 27 -3.77 -76.02 -24.77
C TRP M 27 -4.28 -75.29 -26.00
N GLN M 28 -5.46 -75.68 -26.44
CA GLN M 28 -6.05 -75.15 -27.66
C GLN M 28 -6.24 -73.65 -27.60
N TYR M 29 -6.78 -73.17 -26.47
CA TYR M 29 -7.06 -71.74 -26.29
C TYR M 29 -5.79 -70.91 -26.30
N ARG M 30 -4.77 -71.42 -25.60
CA ARG M 30 -3.44 -70.81 -25.58
C ARG M 30 -2.85 -70.61 -26.98
N GLN M 31 -3.22 -71.48 -27.91
CA GLN M 31 -2.78 -71.40 -29.31
C GLN M 31 -3.64 -70.49 -30.20
N LEU M 32 -4.38 -69.55 -29.60
CA LEU M 32 -5.19 -68.58 -30.34
C LEU M 32 -4.90 -67.18 -29.82
N SER M 33 -5.61 -66.18 -30.36
CA SER M 33 -5.49 -64.79 -29.89
C SER M 33 -6.08 -64.60 -28.49
N ALA M 34 -5.83 -63.43 -27.91
CA ALA M 34 -6.30 -63.10 -26.56
C ALA M 34 -7.79 -62.81 -26.50
N LEU M 35 -8.39 -62.50 -27.65
CA LEU M 35 -9.82 -62.27 -27.74
C LEU M 35 -10.34 -62.76 -29.07
N HIS M 36 -11.21 -63.75 -29.00
CA HIS M 36 -11.85 -64.33 -30.18
C HIS M 36 -13.27 -64.65 -29.81
N ARG M 37 -14.15 -64.57 -30.78
CA ARG M 37 -15.53 -64.87 -30.57
C ARG M 37 -15.77 -66.36 -30.79
N ALA M 38 -16.03 -67.07 -29.68
CA ALA M 38 -16.47 -68.46 -29.75
C ALA M 38 -17.76 -68.52 -30.53
N PRO M 39 -17.89 -69.51 -31.42
CA PRO M 39 -19.13 -69.67 -32.18
C PRO M 39 -20.31 -70.15 -31.32
N ARG M 40 -20.03 -70.93 -30.27
CA ARG M 40 -21.04 -71.39 -29.33
C ARG M 40 -20.44 -71.52 -27.94
N PRO M 41 -21.29 -71.56 -26.90
CA PRO M 41 -20.76 -71.53 -25.53
C PRO M 41 -20.17 -72.86 -25.06
N THR M 42 -18.84 -72.84 -24.87
CA THR M 42 -18.07 -73.95 -24.33
C THR M 42 -18.80 -74.67 -23.21
N ARG M 43 -19.32 -73.89 -22.28
CA ARG M 43 -20.20 -74.36 -21.24
C ARG M 43 -21.60 -73.91 -21.59
N PRO M 44 -22.41 -74.80 -22.17
CA PRO M 44 -23.80 -74.43 -22.43
C PRO M 44 -24.56 -74.24 -21.13
N ASP M 45 -24.52 -75.27 -20.28
CA ASP M 45 -25.15 -75.25 -18.96
C ASP M 45 -24.96 -73.93 -18.21
N LYS M 46 -23.71 -73.63 -17.82
CA LYS M 46 -23.39 -72.41 -17.07
C LYS M 46 -24.00 -71.18 -17.69
N ALA M 47 -23.85 -71.07 -19.00
CA ALA M 47 -24.33 -69.91 -19.74
C ALA M 47 -25.82 -69.67 -19.48
N ARG M 48 -26.58 -70.76 -19.41
CA ARG M 48 -28.03 -70.69 -19.17
C ARG M 48 -28.34 -70.18 -17.77
N ARG M 49 -27.64 -70.70 -16.76
CA ARG M 49 -27.79 -70.19 -15.38
C ARG M 49 -27.35 -68.76 -15.23
N LEU M 50 -26.45 -68.31 -16.08
CA LEU M 50 -26.06 -66.90 -16.08
C LEU M 50 -26.93 -66.03 -16.99
N GLY M 51 -27.72 -66.64 -17.87
CA GLY M 51 -28.77 -65.92 -18.58
C GLY M 51 -28.64 -65.81 -20.09
N TYR M 52 -27.62 -66.46 -20.64
CA TYR M 52 -27.59 -66.76 -22.07
C TYR M 52 -28.84 -67.52 -22.49
N LYS M 53 -29.23 -67.34 -23.75
CA LYS M 53 -30.37 -68.03 -24.34
C LYS M 53 -30.03 -68.24 -25.79
N ALA M 54 -30.27 -69.44 -26.31
CA ALA M 54 -29.67 -69.83 -27.58
C ALA M 54 -30.42 -69.29 -28.80
N LYS M 55 -30.63 -67.98 -28.81
CA LYS M 55 -31.36 -67.30 -29.87
C LYS M 55 -30.43 -66.26 -30.47
N GLN M 56 -30.89 -65.61 -31.54
CA GLN M 56 -30.08 -64.61 -32.23
C GLN M 56 -29.77 -63.42 -31.34
N GLY M 57 -28.61 -62.82 -31.58
CA GLY M 57 -28.17 -61.62 -30.86
C GLY M 57 -27.63 -61.85 -29.46
N TYR M 58 -27.38 -63.11 -29.11
CA TYR M 58 -26.52 -63.47 -27.98
C TYR M 58 -25.22 -63.99 -28.55
N VAL M 59 -24.14 -63.50 -27.97
CA VAL M 59 -22.81 -63.63 -28.52
C VAL M 59 -21.95 -64.13 -27.37
N ILE M 60 -20.76 -64.65 -27.67
CA ILE M 60 -19.86 -65.10 -26.60
C ILE M 60 -18.41 -65.05 -27.00
N TYR M 61 -17.71 -64.10 -26.40
CA TYR M 61 -16.29 -63.94 -26.63
C TYR M 61 -15.55 -64.70 -25.55
N ARG M 62 -14.56 -65.48 -25.97
CA ARG M 62 -13.65 -66.14 -25.06
C ARG M 62 -12.40 -65.28 -24.96
N ILE M 63 -12.07 -64.84 -23.75
CA ILE M 63 -11.03 -63.83 -23.55
C ILE M 63 -9.99 -64.32 -22.56
N ARG M 64 -8.73 -64.13 -22.92
CA ARG M 64 -7.60 -64.59 -22.12
C ARG M 64 -7.22 -63.45 -21.23
N VAL M 65 -6.71 -63.79 -20.05
CA VAL M 65 -6.28 -62.79 -19.09
C VAL M 65 -5.03 -63.32 -18.44
N ARG M 66 -4.04 -62.45 -18.31
CA ARG M 66 -2.79 -62.87 -17.69
C ARG M 66 -3.00 -62.93 -16.20
N ARG M 67 -2.31 -63.88 -15.61
CA ARG M 67 -2.64 -64.37 -14.29
C ARG M 67 -1.75 -63.67 -13.25
N GLY M 68 -1.94 -64.02 -11.97
CA GLY M 68 -1.12 -63.47 -10.89
C GLY M 68 -1.52 -62.08 -10.48
N GLY M 69 -0.74 -61.47 -9.59
CA GLY M 69 -1.04 -60.16 -8.99
C GLY M 69 -0.70 -58.93 -9.83
N ARG M 70 -0.42 -57.82 -9.15
CA ARG M 70 -0.23 -56.50 -9.79
C ARG M 70 0.96 -55.76 -9.19
N LYS M 71 2.08 -55.75 -9.90
CA LYS M 71 3.25 -55.00 -9.44
C LYS M 71 3.05 -53.52 -9.72
N ARG M 72 3.54 -52.69 -8.81
CA ARG M 72 3.27 -51.27 -8.81
C ARG M 72 4.07 -50.58 -9.90
N PRO M 73 3.38 -49.97 -10.88
CA PRO M 73 4.06 -49.36 -12.01
C PRO M 73 4.73 -48.07 -11.60
N VAL M 74 5.97 -48.22 -11.14
CA VAL M 74 6.84 -47.10 -10.83
C VAL M 74 8.25 -47.46 -11.28
N PRO M 75 8.99 -46.49 -11.80
CA PRO M 75 10.29 -46.78 -12.40
C PRO M 75 11.27 -47.31 -11.37
N LYS M 76 12.01 -48.36 -11.71
CA LYS M 76 12.81 -49.10 -10.73
C LYS M 76 11.89 -49.50 -9.55
N GLY M 77 12.24 -49.14 -8.32
CA GLY M 77 11.29 -49.16 -7.22
C GLY M 77 10.76 -47.75 -7.16
N ALA M 78 11.39 -46.94 -6.31
CA ALA M 78 11.19 -45.48 -6.31
C ALA M 78 9.73 -45.05 -6.17
N THR M 79 9.01 -45.76 -5.32
CA THR M 79 7.73 -45.29 -4.83
C THR M 79 8.12 -44.31 -3.74
N TYR M 80 8.54 -43.11 -4.13
CA TYR M 80 9.08 -42.14 -3.16
C TYR M 80 7.95 -41.83 -2.23
N GLY M 81 8.22 -41.93 -0.94
CA GLY M 81 7.20 -41.68 0.05
C GLY M 81 7.52 -42.35 1.34
N LYS M 82 6.55 -42.35 2.22
CA LYS M 82 6.71 -42.95 3.51
C LYS M 82 6.78 -44.47 3.34
N PRO M 83 7.63 -45.15 4.12
CA PRO M 83 7.87 -46.55 3.89
C PRO M 83 6.74 -47.50 4.23
N VAL M 84 5.56 -46.97 4.55
CA VAL M 84 4.33 -47.75 4.41
C VAL M 84 4.13 -48.16 2.96
N HIS M 85 4.26 -47.19 2.07
CA HIS M 85 3.90 -47.38 0.67
C HIS M 85 5.04 -47.89 -0.20
N HIS M 86 6.15 -48.25 0.41
CA HIS M 86 7.29 -48.78 -0.33
C HIS M 86 7.02 -50.06 -1.13
N GLY M 87 5.93 -50.76 -0.83
CA GLY M 87 5.60 -51.98 -1.54
C GLY M 87 5.43 -51.84 -3.04
N VAL M 88 5.99 -52.79 -3.77
CA VAL M 88 5.78 -52.90 -5.22
C VAL M 88 5.47 -54.32 -5.67
N ASN M 89 6.06 -55.34 -5.05
CA ASN M 89 5.88 -56.68 -5.53
C ASN M 89 4.61 -57.37 -5.01
N GLN M 90 4.55 -57.72 -3.74
CA GLN M 90 3.42 -58.56 -3.25
C GLN M 90 2.10 -57.82 -3.06
N LEU M 91 1.59 -57.10 -4.05
CA LEU M 91 0.31 -56.39 -3.89
C LEU M 91 -0.64 -56.61 -5.04
N LYS M 92 -1.92 -56.46 -4.73
CA LYS M 92 -2.98 -57.18 -5.43
C LYS M 92 -4.17 -56.34 -5.77
N PHE M 93 -4.61 -56.48 -7.01
CA PHE M 93 -5.63 -55.62 -7.59
C PHE M 93 -6.96 -55.83 -6.89
N ALA M 94 -7.83 -54.83 -6.93
CA ALA M 94 -9.12 -54.90 -6.25
C ALA M 94 -10.12 -55.78 -6.98
N ARG M 95 -10.28 -55.51 -8.27
CA ARG M 95 -11.16 -56.32 -9.11
C ARG M 95 -10.53 -57.69 -9.36
N SER M 96 -11.36 -58.65 -9.77
CA SER M 96 -10.90 -60.00 -10.13
C SER M 96 -10.36 -60.06 -11.56
N LEU M 97 -9.78 -61.20 -11.90
CA LEU M 97 -9.33 -61.44 -13.27
C LEU M 97 -10.51 -61.61 -14.18
N GLN M 98 -11.54 -62.29 -13.68
CA GLN M 98 -12.79 -62.49 -14.42
C GLN M 98 -13.46 -61.17 -14.78
N SER M 99 -13.39 -60.19 -13.87
CA SER M 99 -13.93 -58.86 -14.15
C SER M 99 -13.10 -58.21 -15.24
N VAL M 100 -11.78 -58.23 -15.06
CA VAL M 100 -10.86 -57.75 -16.09
C VAL M 100 -11.20 -58.38 -17.44
N ALA M 101 -11.46 -59.68 -17.43
CA ALA M 101 -11.87 -60.38 -18.64
C ALA M 101 -13.10 -59.73 -19.28
N GLU M 102 -14.15 -59.53 -18.48
CA GLU M 102 -15.39 -58.91 -18.99
C GLU M 102 -15.16 -57.50 -19.51
N GLU M 103 -14.48 -56.71 -18.71
CA GLU M 103 -14.13 -55.33 -19.03
C GLU M 103 -13.48 -55.20 -20.39
N ARG M 104 -12.56 -56.12 -20.69
CA ARG M 104 -11.90 -56.19 -21.99
C ARG M 104 -12.81 -56.62 -23.15
N ALA M 105 -13.66 -57.61 -22.89
CA ALA M 105 -14.71 -57.97 -23.84
C ALA M 105 -15.64 -56.78 -24.11
N GLY M 106 -15.95 -56.04 -23.04
CA GLY M 106 -16.81 -54.88 -23.14
C GLY M 106 -16.16 -53.76 -23.94
N ARG M 107 -14.92 -53.45 -23.61
CA ARG M 107 -14.11 -52.45 -24.32
C ARG M 107 -14.18 -52.66 -25.83
N HIS M 108 -13.91 -53.90 -26.24
CA HIS M 108 -13.71 -54.27 -27.64
C HIS M 108 -14.99 -54.14 -28.46
N CYS M 109 -16.07 -54.66 -27.92
CA CYS M 109 -17.37 -54.68 -28.60
C CYS M 109 -18.26 -53.65 -27.93
N GLY M 110 -18.03 -52.39 -28.27
CA GLY M 110 -18.73 -51.26 -27.66
C GLY M 110 -20.25 -51.29 -27.78
N ALA M 111 -20.75 -51.66 -28.95
CA ALA M 111 -22.18 -51.84 -29.16
C ALA M 111 -22.74 -52.91 -28.24
N LEU M 112 -21.98 -53.99 -28.08
CA LEU M 112 -22.44 -55.13 -27.30
C LEU M 112 -22.44 -54.81 -25.85
N ARG M 113 -23.38 -55.42 -25.15
CA ARG M 113 -23.66 -55.10 -23.77
C ARG M 113 -23.46 -56.30 -22.86
N VAL M 114 -22.39 -56.25 -22.08
CA VAL M 114 -21.91 -57.40 -21.33
C VAL M 114 -22.98 -57.83 -20.38
N LEU M 115 -23.31 -59.11 -20.41
CA LEU M 115 -24.30 -59.65 -19.51
C LEU M 115 -23.59 -60.32 -18.37
N ASN M 116 -22.77 -61.32 -18.68
CA ASN M 116 -22.18 -62.16 -17.63
C ASN M 116 -21.11 -63.09 -18.17
N SER M 117 -20.21 -63.52 -17.28
CA SER M 117 -19.12 -64.40 -17.70
C SER M 117 -18.96 -65.63 -16.83
N TYR M 118 -18.25 -66.61 -17.40
CA TYR M 118 -17.89 -67.83 -16.72
C TYR M 118 -16.48 -68.26 -17.15
N TRP M 119 -15.95 -69.23 -16.42
CA TRP M 119 -14.57 -69.72 -16.49
C TRP M 119 -14.48 -70.92 -17.40
N VAL M 120 -13.40 -71.06 -18.16
CA VAL M 120 -13.19 -72.28 -18.96
C VAL M 120 -11.86 -72.99 -18.76
N GLY M 121 -11.01 -72.51 -17.84
CA GLY M 121 -9.73 -73.15 -17.58
C GLY M 121 -8.67 -72.18 -17.10
N GLU M 122 -7.52 -72.73 -16.70
CA GLU M 122 -6.39 -71.93 -16.25
C GLU M 122 -5.03 -72.64 -16.37
N ASP M 123 -4.11 -71.97 -17.05
CA ASP M 123 -2.69 -72.31 -17.11
C ASP M 123 -2.03 -71.56 -15.94
N SER M 124 -0.75 -71.80 -15.74
CA SER M 124 0.08 -70.97 -14.84
C SER M 124 0.08 -69.50 -15.24
N THR M 125 0.19 -69.25 -16.53
CA THR M 125 0.38 -67.90 -17.07
C THR M 125 -0.92 -67.18 -17.33
N TYR M 126 -1.94 -67.92 -17.79
CA TYR M 126 -3.20 -67.32 -18.22
C TYR M 126 -4.39 -67.86 -17.47
N LYS M 127 -5.49 -67.12 -17.51
CA LYS M 127 -6.81 -67.66 -17.26
C LYS M 127 -7.62 -67.47 -18.50
N PHE M 128 -8.73 -68.19 -18.56
CA PHE M 128 -9.62 -68.13 -19.70
C PHE M 128 -11.00 -67.91 -19.20
N PHE M 129 -11.78 -67.22 -20.02
CA PHE M 129 -13.11 -66.81 -19.66
C PHE M 129 -13.96 -66.73 -20.90
N GLU M 130 -15.26 -66.57 -20.68
CA GLU M 130 -16.23 -66.62 -21.74
C GLU M 130 -17.33 -65.64 -21.38
N VAL M 131 -17.28 -64.48 -22.02
CA VAL M 131 -18.18 -63.39 -21.66
C VAL M 131 -19.38 -63.39 -22.60
N ILE M 132 -20.57 -63.53 -22.01
CA ILE M 132 -21.81 -63.52 -22.75
C ILE M 132 -22.13 -62.07 -23.02
N LEU M 133 -22.33 -61.75 -24.28
CA LEU M 133 -22.64 -60.40 -24.72
C LEU M 133 -24.00 -60.41 -25.41
N ILE M 134 -24.57 -59.22 -25.59
CA ILE M 134 -25.90 -59.08 -26.17
C ILE M 134 -25.95 -57.81 -27.02
N ASP M 135 -26.50 -57.92 -28.23
CA ASP M 135 -26.89 -56.74 -29.04
C ASP M 135 -28.11 -56.11 -28.41
N PRO M 136 -28.03 -54.84 -28.01
CA PRO M 136 -29.26 -54.21 -27.50
C PRO M 136 -30.25 -53.74 -28.56
N PHE M 137 -29.90 -53.87 -29.83
CA PHE M 137 -30.62 -53.24 -30.93
C PHE M 137 -30.97 -54.29 -32.01
N HIS M 138 -30.94 -55.57 -31.64
CA HIS M 138 -31.36 -56.63 -32.51
C HIS M 138 -32.78 -56.91 -32.11
N LYS M 139 -33.69 -56.96 -33.08
CA LYS M 139 -35.14 -56.92 -32.80
C LYS M 139 -35.57 -58.03 -31.86
N ALA M 140 -35.07 -59.23 -32.13
CA ALA M 140 -35.28 -60.39 -31.25
C ALA M 140 -34.95 -60.17 -29.77
N ILE M 141 -34.02 -59.27 -29.47
CA ILE M 141 -33.79 -58.85 -28.08
C ILE M 141 -34.73 -57.71 -27.74
N ARG M 142 -34.77 -56.68 -28.58
CA ARG M 142 -35.63 -55.53 -28.38
C ARG M 142 -37.09 -55.92 -28.12
N ARG M 143 -37.61 -56.85 -28.90
CA ARG M 143 -39.04 -57.18 -28.84
C ARG M 143 -39.37 -58.19 -27.76
N ASN M 144 -38.47 -59.14 -27.47
CA ASN M 144 -38.58 -59.97 -26.27
C ASN M 144 -38.65 -59.06 -25.04
N PRO M 145 -39.78 -59.07 -24.32
CA PRO M 145 -39.87 -58.15 -23.19
C PRO M 145 -38.90 -58.48 -22.06
N ASP M 146 -38.66 -59.77 -21.81
CA ASP M 146 -37.85 -60.19 -20.66
C ASP M 146 -36.37 -59.79 -20.73
N THR M 147 -35.86 -59.52 -21.93
CA THR M 147 -34.49 -59.01 -22.11
C THR M 147 -34.44 -57.51 -22.29
N GLN M 148 -35.54 -56.89 -22.71
CA GLN M 148 -35.47 -55.52 -23.20
C GLN M 148 -35.06 -54.49 -22.13
N TRP M 149 -34.87 -54.94 -20.90
CA TRP M 149 -34.16 -54.14 -19.90
C TRP M 149 -32.70 -53.81 -20.25
N ILE M 150 -32.04 -54.63 -21.05
CA ILE M 150 -30.61 -54.38 -21.34
C ILE M 150 -30.50 -53.28 -22.41
N THR M 151 -31.56 -53.12 -23.20
CA THR M 151 -31.61 -52.09 -24.25
C THR M 151 -31.77 -50.68 -23.69
N LYS M 152 -32.05 -50.56 -22.39
CA LYS M 152 -32.12 -49.27 -21.73
C LYS M 152 -30.71 -48.76 -21.48
N PRO M 153 -30.52 -47.43 -21.60
CA PRO M 153 -29.18 -46.84 -21.67
C PRO M 153 -28.52 -46.59 -20.32
N VAL M 154 -29.16 -47.05 -19.24
CA VAL M 154 -28.52 -47.09 -17.92
C VAL M 154 -27.59 -48.30 -17.87
N HIS M 155 -27.92 -49.32 -18.67
CA HIS M 155 -27.15 -50.55 -18.72
C HIS M 155 -26.02 -50.54 -19.74
N LYS M 156 -25.79 -49.40 -20.39
CA LYS M 156 -24.51 -49.19 -21.07
C LYS M 156 -23.36 -49.50 -20.13
N HIS M 157 -22.42 -50.33 -20.61
CA HIS M 157 -21.12 -50.56 -19.97
C HIS M 157 -21.21 -51.03 -18.51
N ARG M 158 -22.07 -52.01 -18.27
CA ARG M 158 -22.22 -52.60 -16.95
C ARG M 158 -20.85 -52.94 -16.32
N GLU M 159 -20.08 -53.71 -17.07
CA GLU M 159 -18.73 -54.17 -16.65
C GLU M 159 -17.76 -53.06 -16.25
N MET M 160 -17.89 -51.90 -16.91
CA MET M 160 -17.02 -50.76 -16.63
C MET M 160 -17.34 -50.07 -15.31
N ARG M 161 -18.62 -50.10 -14.94
CA ARG M 161 -19.14 -49.46 -13.72
C ARG M 161 -19.13 -50.35 -12.49
N GLY M 162 -18.76 -51.63 -12.64
CA GLY M 162 -18.82 -52.58 -11.54
C GLY M 162 -20.24 -53.06 -11.30
N LEU M 163 -20.82 -53.69 -12.32
CA LEU M 163 -22.22 -54.10 -12.27
C LEU M 163 -22.57 -55.53 -12.72
N THR M 164 -21.68 -56.19 -13.47
CA THR M 164 -21.84 -57.63 -13.72
C THR M 164 -21.70 -58.37 -12.39
N SER M 165 -22.06 -59.64 -12.36
CA SER M 165 -21.91 -60.46 -11.16
C SER M 165 -20.47 -60.46 -10.66
N ALA M 166 -19.52 -60.55 -11.59
CA ALA M 166 -18.12 -60.62 -11.24
C ALA M 166 -17.64 -59.34 -10.57
N GLY M 167 -17.74 -58.23 -11.30
CA GLY M 167 -17.28 -56.93 -10.80
C GLY M 167 -18.12 -56.34 -9.68
N ARG M 168 -19.28 -56.93 -9.40
CA ARG M 168 -20.03 -56.65 -8.20
C ARG M 168 -19.25 -57.08 -6.96
N LYS M 169 -18.56 -58.20 -7.05
CA LYS M 169 -17.98 -58.83 -5.87
C LYS M 169 -16.89 -57.98 -5.20
N SER M 170 -16.11 -57.25 -5.99
CA SER M 170 -15.10 -56.35 -5.45
C SER M 170 -15.65 -55.20 -4.64
N ARG M 171 -16.89 -54.81 -4.93
CA ARG M 171 -17.49 -53.62 -4.34
C ARG M 171 -17.75 -53.79 -2.86
N GLY M 172 -17.94 -55.04 -2.45
CA GLY M 172 -17.99 -55.41 -1.05
C GLY M 172 -19.32 -55.00 -0.46
N LEU M 173 -20.39 -55.46 -1.12
CA LEU M 173 -21.72 -55.18 -0.64
C LEU M 173 -22.54 -56.46 -0.54
N GLY M 174 -23.08 -56.67 0.65
CA GLY M 174 -24.05 -57.72 0.93
C GLY M 174 -24.79 -57.27 2.17
N LYS M 175 -25.94 -57.88 2.45
CA LYS M 175 -26.67 -57.54 3.67
C LYS M 175 -25.95 -58.11 4.88
N GLY M 176 -26.07 -57.41 6.00
CA GLY M 176 -25.62 -57.94 7.30
C GLY M 176 -24.33 -57.41 7.86
N HIS M 177 -23.99 -57.87 9.07
CA HIS M 177 -22.89 -57.29 9.84
C HIS M 177 -21.55 -57.34 9.15
N LYS M 178 -21.37 -58.30 8.26
CA LYS M 178 -20.10 -58.44 7.58
C LYS M 178 -19.90 -57.40 6.48
N PHE M 179 -20.51 -56.21 6.56
CA PHE M 179 -20.33 -55.22 5.51
C PHE M 179 -20.28 -53.79 6.04
N HIS M 180 -21.42 -53.14 6.26
CA HIS M 180 -21.41 -51.79 6.82
C HIS M 180 -20.71 -50.70 6.01
N HIS M 181 -19.43 -50.85 5.69
CA HIS M 181 -18.92 -50.12 4.52
C HIS M 181 -19.79 -50.62 3.38
N THR M 182 -20.29 -49.70 2.57
CA THR M 182 -21.36 -49.97 1.57
C THR M 182 -22.74 -50.13 2.21
N ILE M 183 -23.06 -49.25 3.16
CA ILE M 183 -24.38 -49.27 3.78
C ILE M 183 -25.21 -48.07 3.34
N GLY M 184 -24.76 -47.40 2.29
CA GLY M 184 -25.61 -46.54 1.45
C GLY M 184 -25.71 -47.30 0.15
N GLY M 185 -25.43 -46.64 -0.96
CA GLY M 185 -25.28 -47.37 -2.22
C GLY M 185 -24.07 -48.27 -2.20
N SER M 186 -22.92 -47.67 -1.89
CA SER M 186 -21.64 -48.25 -2.16
C SER M 186 -20.61 -47.74 -1.17
N ARG M 187 -19.40 -48.26 -1.28
CA ARG M 187 -18.28 -47.95 -0.37
C ARG M 187 -18.09 -46.46 -0.25
N ARG M 188 -18.01 -45.80 -1.40
CA ARG M 188 -17.78 -44.36 -1.50
C ARG M 188 -18.90 -43.56 -0.86
N ALA M 189 -20.13 -44.00 -1.09
CA ALA M 189 -21.30 -43.27 -0.63
C ALA M 189 -21.46 -43.28 0.88
N ALA M 190 -21.07 -44.36 1.53
CA ALA M 190 -21.19 -44.43 2.97
C ALA M 190 -20.20 -43.47 3.61
N TRP M 191 -18.96 -43.54 3.17
CA TRP M 191 -17.94 -42.57 3.58
C TRP M 191 -18.44 -41.15 3.45
N ARG M 192 -19.10 -40.88 2.33
CA ARG M 192 -19.64 -39.57 2.00
C ARG M 192 -20.66 -39.16 3.04
N ARG M 193 -21.61 -40.05 3.30
CA ARG M 193 -22.61 -39.83 4.34
C ARG M 193 -21.96 -39.61 5.70
N ARG M 194 -20.99 -40.45 6.04
CA ARG M 194 -20.36 -40.41 7.36
C ARG M 194 -19.44 -39.23 7.57
N ASN M 195 -18.96 -38.63 6.49
CA ASN M 195 -18.11 -37.46 6.59
C ASN M 195 -18.75 -36.24 5.95
N THR M 196 -20.02 -36.03 6.28
CA THR M 196 -20.70 -34.79 5.99
C THR M 196 -21.03 -34.18 7.31
N LEU M 197 -20.50 -32.99 7.57
CA LEU M 197 -21.10 -32.12 8.56
C LEU M 197 -22.47 -31.80 7.99
N GLN M 198 -23.47 -32.48 8.52
CA GLN M 198 -24.82 -31.97 8.41
C GLN M 198 -24.83 -30.77 9.35
N LEU M 199 -25.07 -29.59 8.77
CA LEU M 199 -25.19 -28.35 9.54
C LEU M 199 -26.60 -27.79 9.45
N HIS M 200 -27.39 -28.05 10.49
CA HIS M 200 -28.81 -27.75 10.48
C HIS M 200 -29.08 -26.28 10.64
N ARG M 201 -30.32 -25.89 10.37
CA ARG M 201 -30.69 -24.48 10.39
C ARG M 201 -30.64 -23.93 11.79
N TYR M 202 -31.30 -24.62 12.70
CA TYR M 202 -31.46 -24.12 14.05
C TYR M 202 -30.38 -24.60 15.01
N ARG M 203 -29.85 -25.80 14.76
CA ARG M 203 -28.76 -26.37 15.56
C ARG M 203 -29.23 -26.59 17.01
N GLN N 1 22.72 58.60 31.83
CA GLN N 1 22.11 57.25 31.55
C GLN N 1 23.08 56.10 31.18
N VAL N 2 24.39 56.35 31.22
CA VAL N 2 25.40 55.37 30.79
C VAL N 2 26.54 55.28 31.80
N LEU N 3 26.85 54.05 32.23
CA LEU N 3 28.08 53.78 32.97
C LEU N 3 29.29 54.00 32.06
N VAL N 4 30.28 54.73 32.56
CA VAL N 4 31.63 54.62 32.03
C VAL N 4 32.53 54.20 33.19
N LEU N 5 33.21 53.07 33.02
CA LEU N 5 34.01 52.48 34.07
C LEU N 5 35.46 52.45 33.63
N ASP N 6 36.33 53.12 34.39
CA ASP N 6 37.77 53.02 34.15
C ASP N 6 38.28 51.65 34.61
N GLY N 7 38.50 50.77 33.64
CA GLY N 7 39.00 49.42 33.88
C GLY N 7 40.36 49.29 34.57
N ARG N 8 41.12 50.38 34.67
CA ARG N 8 42.35 50.39 35.46
C ARG N 8 42.07 50.01 36.91
N GLY N 9 43.01 49.30 37.51
CA GLY N 9 42.92 48.91 38.91
C GLY N 9 41.85 47.89 39.27
N HIS N 10 41.18 47.32 38.27
CA HIS N 10 40.14 46.37 38.53
C HIS N 10 40.67 44.97 38.29
N LEU N 11 39.82 43.96 38.50
CA LEU N 11 40.18 42.57 38.26
C LEU N 11 39.31 41.97 37.17
N LEU N 12 39.96 41.26 36.26
CA LEU N 12 39.42 41.01 34.93
C LEU N 12 38.05 40.40 34.96
N GLY N 13 37.95 39.25 35.63
CA GLY N 13 36.69 38.53 35.77
C GLY N 13 35.78 39.16 36.78
N ARG N 14 36.38 39.75 37.80
CA ARG N 14 35.62 40.39 38.87
C ARG N 14 34.81 41.57 38.37
N LEU N 15 35.40 42.32 37.46
CA LEU N 15 34.73 43.45 36.82
C LEU N 15 33.71 42.95 35.81
N ALA N 16 34.12 41.94 35.04
CA ALA N 16 33.30 41.38 34.01
C ALA N 16 32.01 40.82 34.54
N ALA N 17 32.08 40.16 35.69
CA ALA N 17 30.90 39.67 36.41
C ALA N 17 29.88 40.77 36.66
N ILE N 18 30.35 41.85 37.27
CA ILE N 18 29.51 42.99 37.59
C ILE N 18 28.99 43.66 36.33
N VAL N 19 29.84 43.82 35.33
CA VAL N 19 29.41 44.42 34.07
C VAL N 19 28.29 43.60 33.42
N ALA N 20 28.40 42.27 33.44
CA ALA N 20 27.41 41.41 32.79
C ALA N 20 26.01 41.68 33.28
N LYS N 21 25.84 41.67 34.61
CA LYS N 21 24.52 41.86 35.19
C LYS N 21 23.98 43.25 34.88
N GLN N 22 24.82 44.27 34.90
CA GLN N 22 24.41 45.63 34.49
C GLN N 22 23.89 45.60 33.08
N VAL N 23 24.67 44.98 32.21
CA VAL N 23 24.33 44.88 30.80
C VAL N 23 23.02 44.11 30.55
N LEU N 24 22.78 43.06 31.33
CA LEU N 24 21.54 42.28 31.23
C LEU N 24 20.31 43.00 31.71
N LEU N 25 20.48 43.94 32.63
CA LEU N 25 19.38 44.79 33.11
C LEU N 25 19.19 46.05 32.24
N GLY N 26 19.60 45.97 30.97
CA GLY N 26 19.45 47.08 30.04
C GLY N 26 20.38 48.27 30.23
N ARG N 27 21.26 48.24 31.24
CA ARG N 27 22.22 49.33 31.43
C ARG N 27 23.22 49.29 30.30
N LYS N 28 23.34 50.41 29.61
CA LYS N 28 24.42 50.60 28.65
C LYS N 28 25.66 50.93 29.44
N VAL N 29 26.73 50.20 29.16
CA VAL N 29 27.99 50.38 29.87
C VAL N 29 29.09 50.64 28.86
N VAL N 30 30.07 51.40 29.30
CA VAL N 30 31.30 51.57 28.58
C VAL N 30 32.42 51.26 29.56
N VAL N 31 33.41 50.51 29.07
CA VAL N 31 34.54 50.11 29.87
C VAL N 31 35.76 50.64 29.15
N VAL N 32 36.56 51.42 29.87
CA VAL N 32 37.61 52.23 29.26
C VAL N 32 38.93 51.96 30.00
N ARG N 33 40.03 52.14 29.27
CA ARG N 33 41.38 51.84 29.76
C ARG N 33 41.47 50.37 30.18
N CYS N 34 41.11 49.51 29.22
CA CYS N 34 41.10 48.06 29.44
C CYS N 34 42.47 47.45 29.57
N GLU N 35 43.49 48.04 28.93
CA GLU N 35 44.86 47.55 29.11
C GLU N 35 45.27 47.61 30.58
N GLY N 36 44.73 48.58 31.30
CA GLY N 36 44.98 48.73 32.73
C GLY N 36 44.29 47.74 33.65
N ILE N 37 43.34 46.96 33.12
CA ILE N 37 42.76 45.87 33.89
C ILE N 37 43.90 44.98 34.31
N ASN N 38 43.82 44.45 35.53
CA ASN N 38 44.85 43.56 36.03
C ASN N 38 44.27 42.32 36.65
N ILE N 39 44.95 41.22 36.38
CA ILE N 39 44.45 39.88 36.62
C ILE N 39 45.28 39.31 37.76
N SER N 40 44.61 38.80 38.79
CA SER N 40 45.31 38.13 39.89
C SER N 40 46.21 37.03 39.36
N GLY N 41 47.15 36.61 40.22
CA GLY N 41 48.07 35.53 39.88
C GLY N 41 49.26 36.07 39.12
N ASN N 42 50.46 35.59 39.47
CA ASN N 42 51.71 36.12 38.93
C ASN N 42 51.72 36.12 37.41
N PHE N 43 52.54 36.96 36.82
CA PHE N 43 52.45 37.19 35.39
C PHE N 43 52.54 35.89 34.59
N TYR N 44 53.63 35.17 34.79
CA TYR N 44 53.93 34.00 33.98
C TYR N 44 52.76 33.02 33.89
N ARG N 45 52.29 32.62 35.07
CA ARG N 45 50.98 31.97 35.29
C ARG N 45 49.91 32.26 34.24
N ASN N 46 49.63 33.55 34.05
CA ASN N 46 48.54 34.00 33.17
C ASN N 46 48.93 33.98 31.70
N LYS N 47 50.21 34.18 31.42
CA LYS N 47 50.68 34.11 30.04
C LYS N 47 50.44 32.72 29.48
N LEU N 48 50.92 31.70 30.21
CA LEU N 48 50.68 30.29 29.88
C LEU N 48 49.21 30.01 29.69
N LYS N 49 48.41 30.53 30.61
CA LYS N 49 46.98 30.35 30.60
C LYS N 49 46.39 30.90 29.32
N TYR N 50 46.88 32.07 28.87
CA TYR N 50 46.48 32.61 27.56
C TYR N 50 47.03 31.73 26.44
N LEU N 51 48.34 31.48 26.47
CA LEU N 51 48.99 30.67 25.43
C LEU N 51 48.30 29.34 25.21
N ALA N 52 47.75 28.77 26.27
CA ALA N 52 46.94 27.57 26.14
C ALA N 52 45.72 27.86 25.28
N PHE N 53 45.01 28.93 25.60
CA PHE N 53 43.83 29.35 24.84
C PHE N 53 44.13 29.54 23.36
N LEU N 54 45.30 30.08 23.04
CA LEU N 54 45.80 30.13 21.67
C LEU N 54 45.91 28.77 21.00
N ARG N 55 46.40 27.77 21.73
CA ARG N 55 46.54 26.42 21.19
C ARG N 55 45.22 25.82 20.70
N LYS N 56 44.15 26.06 21.47
CA LYS N 56 42.78 25.69 21.08
C LYS N 56 42.40 26.24 19.68
N ARG N 57 42.42 25.37 18.68
CA ARG N 57 41.97 25.72 17.32
C ARG N 57 41.38 24.50 16.60
N MET N 58 40.44 24.77 15.71
CA MET N 58 39.75 23.73 14.98
C MET N 58 40.69 23.12 13.94
N ASN N 59 41.30 21.99 14.32
CA ASN N 59 42.36 21.34 13.56
C ASN N 59 42.20 21.39 12.05
N THR N 60 41.04 20.98 11.55
CA THR N 60 40.84 20.90 10.11
C THR N 60 40.76 22.24 9.38
N ASN N 61 40.36 23.30 10.08
CA ASN N 61 40.29 24.65 9.48
C ASN N 61 40.30 25.74 10.55
N PRO N 62 41.49 26.18 10.96
CA PRO N 62 41.66 27.20 12.00
C PRO N 62 40.84 28.47 11.76
N SER N 63 40.67 28.82 10.49
CA SER N 63 39.85 29.96 10.07
C SER N 63 38.46 30.02 10.70
N ARG N 64 37.86 28.87 10.95
CA ARG N 64 36.62 28.80 11.73
C ARG N 64 36.87 29.02 13.22
N GLY N 65 37.89 28.34 13.73
CA GLY N 65 38.08 28.05 15.16
C GLY N 65 38.30 29.21 16.09
N PRO N 66 38.20 28.96 17.42
CA PRO N 66 38.03 30.00 18.43
C PRO N 66 38.96 31.21 18.22
N TYR N 67 38.38 32.36 17.92
CA TYR N 67 39.13 33.51 17.51
C TYR N 67 39.73 34.16 18.74
N HIS N 68 41.06 34.09 18.84
CA HIS N 68 41.78 34.57 20.01
C HIS N 68 42.13 36.04 19.80
N PHE N 69 41.35 36.92 20.42
CA PHE N 69 41.57 38.35 20.28
C PHE N 69 42.68 38.83 21.19
N ARG N 70 43.50 39.72 20.68
CA ARG N 70 44.72 40.13 21.37
C ARG N 70 44.53 41.36 22.19
N ALA N 71 43.96 42.39 21.57
CA ALA N 71 43.70 43.65 22.23
C ALA N 71 43.02 43.44 23.59
N PRO N 72 43.49 44.15 24.62
CA PRO N 72 42.91 44.04 25.96
C PRO N 72 41.41 44.33 26.03
N SER N 73 40.95 45.26 25.19
CA SER N 73 39.54 45.58 25.08
C SER N 73 38.75 44.35 24.66
N ARG N 74 39.21 43.72 23.57
CA ARG N 74 38.55 42.54 23.05
C ARG N 74 38.68 41.36 24.00
N ILE N 75 39.81 41.24 24.70
CA ILE N 75 39.95 40.23 25.75
C ILE N 75 38.86 40.42 26.79
N PHE N 76 38.80 41.62 27.36
CA PHE N 76 37.80 41.90 28.37
C PHE N 76 36.37 41.70 27.86
N TRP N 77 36.15 42.04 26.59
CA TRP N 77 34.88 41.76 25.95
C TRP N 77 34.61 40.26 25.95
N ARG N 78 35.61 39.48 25.54
CA ARG N 78 35.52 38.01 25.54
C ARG N 78 35.09 37.45 26.90
N THR N 79 35.69 37.95 27.99
CA THR N 79 35.35 37.43 29.33
C THR N 79 33.96 37.85 29.79
N VAL N 80 33.50 39.02 29.37
CA VAL N 80 32.13 39.45 29.66
C VAL N 80 31.14 38.66 28.79
N ARG N 81 31.56 38.36 27.57
CA ARG N 81 30.79 37.51 26.68
C ARG N 81 30.59 36.12 27.29
N GLY N 82 31.56 35.65 28.07
CA GLY N 82 31.44 34.39 28.80
C GLY N 82 30.52 34.34 30.02
N MET N 83 29.85 35.44 30.33
CA MET N 83 28.95 35.48 31.46
C MET N 83 27.56 35.95 31.07
N LEU N 84 27.25 35.90 29.78
CA LEU N 84 25.93 36.25 29.28
C LEU N 84 25.45 35.05 28.53
N PRO N 85 24.14 34.98 28.26
CA PRO N 85 23.62 33.89 27.46
C PRO N 85 23.72 34.23 25.97
N HIS N 86 24.94 34.50 25.52
CA HIS N 86 25.17 35.21 24.25
C HIS N 86 24.73 34.48 22.97
N LYS N 87 24.29 33.23 23.08
CA LYS N 87 23.66 32.58 21.95
C LYS N 87 22.21 33.02 21.76
N THR N 88 21.56 33.50 22.83
CA THR N 88 20.17 34.01 22.73
C THR N 88 20.13 35.36 22.03
N LYS N 89 18.92 35.76 21.67
CA LYS N 89 18.66 37.12 21.21
C LYS N 89 18.93 38.11 22.33
N ARG N 90 18.41 37.82 23.52
CA ARG N 90 18.57 38.71 24.67
C ARG N 90 20.04 38.84 25.09
N GLY N 91 20.78 37.75 25.00
CA GLY N 91 22.21 37.76 25.27
C GLY N 91 22.96 38.63 24.28
N GLN N 92 22.66 38.46 23.00
CA GLN N 92 23.30 39.25 21.95
C GLN N 92 22.96 40.72 22.08
N ALA N 93 21.70 40.99 22.42
CA ALA N 93 21.25 42.36 22.72
C ALA N 93 22.02 42.97 23.89
N ALA N 94 22.24 42.16 24.92
CA ALA N 94 23.00 42.58 26.09
C ALA N 94 24.42 43.06 25.74
N LEU N 95 25.17 42.26 25.01
CA LEU N 95 26.53 42.66 24.59
C LEU N 95 26.54 43.94 23.77
N ASP N 96 25.51 44.14 22.95
CA ASP N 96 25.42 45.34 22.12
C ASP N 96 25.37 46.64 22.93
N ARG N 97 24.98 46.55 24.20
CA ARG N 97 25.05 47.66 25.14
C ARG N 97 26.49 47.94 25.58
N LEU N 98 27.26 46.89 25.86
CA LEU N 98 28.65 47.01 26.29
C LEU N 98 29.60 47.54 25.21
N LYS N 99 30.52 48.42 25.60
CA LYS N 99 31.36 49.15 24.64
C LYS N 99 32.76 49.31 25.22
N VAL N 100 33.74 48.58 24.71
CA VAL N 100 35.03 48.44 25.38
C VAL N 100 36.13 49.14 24.59
N PHE N 101 37.12 49.68 25.30
CA PHE N 101 38.19 50.43 24.65
C PHE N 101 39.55 50.17 25.28
N ASP N 102 40.55 49.95 24.43
CA ASP N 102 41.94 50.01 24.82
C ASP N 102 42.20 51.48 24.93
N GLY N 103 42.59 51.91 26.10
CA GLY N 103 42.80 53.31 26.38
C GLY N 103 41.45 53.98 26.47
N ILE N 104 41.48 55.30 26.53
CA ILE N 104 40.28 56.09 26.71
C ILE N 104 40.13 57.17 25.63
N PRO N 105 39.34 56.85 24.56
CA PRO N 105 39.11 57.72 23.39
C PRO N 105 38.10 58.88 23.59
N PRO N 106 37.83 59.66 22.53
CA PRO N 106 37.26 61.01 22.64
C PRO N 106 35.88 61.32 23.23
N PRO N 107 34.90 60.41 23.13
CA PRO N 107 33.67 60.72 23.87
C PRO N 107 33.91 60.77 25.39
N TYR N 108 34.66 59.77 25.87
CA TYR N 108 34.78 59.47 27.30
C TYR N 108 36.02 60.06 27.94
N ASP N 109 36.96 60.55 27.12
CA ASP N 109 38.12 61.27 27.65
C ASP N 109 37.77 62.63 28.28
N LYS N 110 36.52 63.08 28.13
CA LYS N 110 35.99 64.23 28.88
C LYS N 110 34.65 63.87 29.51
N LYS N 111 34.64 62.74 30.19
CA LYS N 111 33.52 62.28 31.01
C LYS N 111 34.12 61.79 32.31
N LYS N 112 33.44 62.01 33.42
CA LYS N 112 33.83 61.41 34.68
C LYS N 112 33.42 59.96 34.62
N ARG N 113 34.32 59.09 35.06
CA ARG N 113 34.17 57.66 34.89
C ARG N 113 34.36 56.94 36.23
N MET N 114 33.49 55.98 36.45
CA MET N 114 33.31 55.38 37.76
C MET N 114 34.35 54.32 37.98
N VAL N 115 34.32 53.77 39.18
CA VAL N 115 35.19 52.71 39.61
C VAL N 115 34.35 51.74 40.45
N VAL N 116 34.25 50.51 39.97
CA VAL N 116 33.67 49.41 40.72
C VAL N 116 34.60 48.96 41.85
N PRO N 117 34.34 49.39 43.10
CA PRO N 117 35.29 49.06 44.17
C PRO N 117 35.23 47.61 44.64
N ALA N 118 34.24 46.87 44.15
CA ALA N 118 34.10 45.47 44.43
C ALA N 118 34.89 44.59 43.47
N ALA N 119 35.48 45.20 42.44
CA ALA N 119 36.33 44.50 41.49
C ALA N 119 37.77 45.01 41.54
N LEU N 120 38.06 45.87 42.53
CA LEU N 120 39.27 46.68 42.55
C LEU N 120 40.40 45.84 43.15
N LYS N 121 41.61 46.05 42.67
CA LYS N 121 42.73 45.20 43.11
C LYS N 121 43.14 45.50 44.53
N VAL N 122 43.26 46.78 44.85
CA VAL N 122 43.66 47.22 46.20
C VAL N 122 42.79 46.66 47.33
N VAL N 123 41.57 46.31 46.99
CA VAL N 123 40.62 45.74 47.93
C VAL N 123 40.61 44.22 47.88
N ARG N 124 40.43 43.66 46.69
CA ARG N 124 40.10 42.24 46.58
C ARG N 124 41.29 41.31 46.75
N LEU N 125 42.51 41.82 46.57
CA LEU N 125 43.72 41.00 46.72
C LEU N 125 44.48 41.35 47.99
N LYS N 126 45.17 40.35 48.54
CA LYS N 126 46.17 40.61 49.56
C LYS N 126 47.29 41.38 48.88
N PRO N 127 47.96 42.27 49.62
CA PRO N 127 49.01 43.12 49.05
C PRO N 127 50.29 42.35 48.69
N THR N 128 50.49 41.21 49.33
CA THR N 128 51.64 40.34 49.10
C THR N 128 51.42 39.36 47.94
N ARG N 129 50.19 39.31 47.43
CA ARG N 129 49.89 38.51 46.25
C ARG N 129 50.35 39.21 44.99
N LYS N 130 50.52 38.41 43.96
CA LYS N 130 51.04 38.85 42.69
C LYS N 130 49.94 38.86 41.66
N PHE N 131 50.13 39.65 40.63
CA PHE N 131 49.12 39.86 39.63
C PHE N 131 49.80 40.26 38.34
N ALA N 132 49.00 40.42 37.30
CA ALA N 132 49.50 40.77 35.99
C ALA N 132 48.71 41.91 35.44
N TYR N 133 49.37 42.80 34.72
CA TYR N 133 48.68 43.79 33.91
C TYR N 133 48.25 43.12 32.63
N LEU N 134 46.98 43.24 32.29
CA LEU N 134 46.45 42.66 31.05
C LEU N 134 47.07 43.29 29.80
N GLY N 135 47.60 44.50 29.90
CA GLY N 135 48.43 45.10 28.84
C GLY N 135 49.64 44.24 28.46
N ARG N 136 50.65 44.21 29.33
CA ARG N 136 51.79 43.28 29.22
C ARG N 136 51.42 41.94 28.66
N LEU N 137 50.36 41.37 29.24
CA LEU N 137 49.86 40.10 28.78
C LEU N 137 49.47 40.20 27.33
N ALA N 138 48.66 41.20 27.00
CA ALA N 138 48.19 41.40 25.63
C ALA N 138 49.36 41.61 24.70
N HIS N 139 50.29 42.47 25.11
CA HIS N 139 51.49 42.76 24.33
C HIS N 139 52.25 41.51 23.90
N GLU N 140 52.56 40.66 24.88
CA GLU N 140 53.37 39.47 24.62
C GLU N 140 52.68 38.37 23.82
N VAL N 141 51.35 38.37 23.81
CA VAL N 141 50.58 37.38 23.07
C VAL N 141 50.27 37.85 21.64
N GLY N 142 50.68 39.09 21.33
CA GLY N 142 50.67 39.62 19.97
C GLY N 142 49.97 40.94 19.74
N TRP N 143 49.47 41.59 20.79
CA TRP N 143 48.81 42.88 20.63
C TRP N 143 49.80 43.84 19.99
N LYS N 144 49.36 44.48 18.91
CA LYS N 144 50.24 45.34 18.13
C LYS N 144 50.45 46.69 18.78
N TYR N 145 49.39 47.25 19.34
CA TYR N 145 49.34 48.67 19.66
C TYR N 145 49.44 48.97 21.16
N GLN N 146 50.50 48.50 21.81
CA GLN N 146 50.76 48.95 23.17
C GLN N 146 51.29 50.38 23.13
N ALA N 147 52.43 50.55 22.46
CA ALA N 147 53.16 51.82 22.42
C ALA N 147 52.32 52.97 21.90
N VAL N 148 51.53 52.70 20.87
CA VAL N 148 50.61 53.70 20.36
C VAL N 148 49.64 54.09 21.45
N THR N 149 49.07 53.10 22.12
CA THR N 149 48.11 53.36 23.20
C THR N 149 48.75 54.12 24.36
N ALA N 150 50.04 53.89 24.61
CA ALA N 150 50.78 54.67 25.59
C ALA N 150 51.03 56.10 25.15
N THR N 151 51.46 56.29 23.89
CA THR N 151 51.75 57.63 23.37
C THR N 151 50.52 58.53 23.28
N LEU N 152 49.36 57.94 22.99
CA LEU N 152 48.10 58.67 23.01
C LEU N 152 47.61 59.00 24.41
N GLU N 153 47.93 58.15 25.39
CA GLU N 153 47.51 58.41 26.77
C GLU N 153 48.37 59.41 27.50
N GLU N 154 49.64 59.53 27.13
CA GLU N 154 50.47 60.62 27.66
C GLU N 154 49.93 61.96 27.20
N LYS N 155 49.48 62.05 25.95
CA LYS N 155 48.80 63.27 25.50
C LYS N 155 47.59 63.57 26.38
N ARG N 156 46.76 62.55 26.58
CA ARG N 156 45.51 62.72 27.31
C ARG N 156 45.74 63.20 28.73
N LYS N 157 46.69 62.58 29.42
CA LYS N 157 47.02 62.97 30.79
C LYS N 157 47.57 64.40 30.89
N GLU N 158 48.36 64.81 29.89
CA GLU N 158 48.83 66.20 29.79
C GLU N 158 47.67 67.15 29.51
N LYS N 159 46.82 66.77 28.56
CA LYS N 159 45.61 67.54 28.25
C LYS N 159 44.70 67.69 29.47
N ALA N 160 44.59 66.63 30.28
CA ALA N 160 43.71 66.61 31.46
C ALA N 160 44.25 67.41 32.62
N LYS N 161 45.56 67.30 32.86
CA LYS N 161 46.27 68.07 33.89
C LYS N 161 45.95 69.57 33.78
N ILE N 162 45.88 70.04 32.54
CA ILE N 162 45.48 71.42 32.25
C ILE N 162 44.05 71.70 32.72
N HIS N 163 43.13 70.84 32.33
CA HIS N 163 41.73 70.98 32.74
C HIS N 163 41.59 71.04 34.26
N TYR N 164 42.32 70.18 34.95
CA TYR N 164 42.27 70.14 36.41
C TYR N 164 42.79 71.41 37.03
N ARG N 165 43.85 71.96 36.45
CA ARG N 165 44.43 73.20 36.94
C ARG N 165 43.45 74.37 36.83
N LYS N 166 42.71 74.42 35.72
CA LYS N 166 41.67 75.41 35.56
C LYS N 166 40.51 75.14 36.52
N LYS N 167 40.15 73.87 36.68
CA LYS N 167 39.09 73.48 37.62
C LYS N 167 39.46 73.94 39.03
N LYS N 168 40.65 73.55 39.47
CA LYS N 168 41.19 74.03 40.75
C LYS N 168 41.09 75.54 40.88
N GLN N 169 41.48 76.24 39.81
CA GLN N 169 41.46 77.70 39.81
C GLN N 169 40.06 78.26 40.06
N LEU N 170 39.03 77.66 39.48
CA LEU N 170 37.63 78.07 39.77
C LEU N 170 37.25 77.78 41.21
N MET N 171 37.58 76.58 41.67
CA MET N 171 37.25 76.13 43.03
C MET N 171 37.80 77.13 44.03
N ARG N 172 39.07 77.48 43.84
CA ARG N 172 39.77 78.46 44.65
C ARG N 172 39.09 79.83 44.65
N LEU N 173 38.76 80.35 43.47
CA LEU N 173 38.00 81.61 43.36
C LEU N 173 36.66 81.51 44.04
N ARG N 174 35.99 80.37 43.88
CA ARG N 174 34.71 80.14 44.55
C ARG N 174 34.85 80.12 46.07
N LYS N 175 35.93 79.55 46.59
CA LYS N 175 36.21 79.62 48.02
C LYS N 175 36.44 81.08 48.46
N GLN N 176 37.15 81.84 47.63
CA GLN N 176 37.36 83.28 47.86
C GLN N 176 36.05 84.05 47.77
N ALA N 177 35.23 83.73 46.78
CA ALA N 177 33.99 84.42 46.50
C ALA N 177 33.04 84.39 47.69
N GLU N 178 32.86 83.20 48.27
CA GLU N 178 32.01 83.02 49.45
C GLU N 178 32.46 83.93 50.59
N LYS N 179 33.76 83.93 50.86
CA LYS N 179 34.36 84.80 51.88
C LYS N 179 34.16 86.30 51.59
N ASN N 180 34.24 86.69 50.32
CA ASN N 180 33.89 88.06 49.87
C ASN N 180 32.44 88.47 50.15
N VAL N 181 31.55 87.49 50.16
CA VAL N 181 30.10 87.68 50.11
C VAL N 181 29.37 87.26 51.41
N GLU N 182 30.10 86.69 52.38
CA GLU N 182 29.47 85.97 53.51
C GLU N 182 28.70 86.78 54.56
N LYS N 183 28.38 88.05 54.28
CA LYS N 183 27.34 88.77 55.04
C LYS N 183 26.05 88.96 54.23
N LYS N 184 26.11 88.79 52.91
CA LYS N 184 24.91 88.84 52.06
C LYS N 184 24.54 87.47 51.48
N ILE N 185 25.12 86.40 52.05
CA ILE N 185 24.58 85.04 51.91
C ILE N 185 24.48 84.37 53.29
N ASP N 186 24.40 85.17 54.36
CA ASP N 186 24.57 84.66 55.71
C ASP N 186 23.31 83.95 56.20
N ARG N 187 22.14 84.53 55.89
CA ARG N 187 20.86 83.90 56.26
C ARG N 187 20.25 83.04 55.14
N PHE N 188 21.08 82.68 54.15
CA PHE N 188 20.90 81.48 53.34
C PHE N 188 21.80 80.39 53.89
N THR N 189 23.09 80.70 53.97
CA THR N 189 24.13 79.78 54.47
C THR N 189 23.80 79.22 55.86
N GLU N 190 23.10 79.99 56.69
CA GLU N 190 22.62 79.45 57.96
C GLU N 190 21.59 78.33 57.73
N VAL N 191 20.64 78.53 56.82
CA VAL N 191 19.55 77.55 56.62
C VAL N 191 20.02 76.27 55.94
N LEU N 192 21.07 76.37 55.12
CA LEU N 192 21.68 75.18 54.53
C LEU N 192 22.54 74.38 55.53
N LYS N 193 22.70 74.86 56.77
CA LYS N 193 23.32 74.05 57.83
C LYS N 193 22.46 73.81 59.08
N THR N 194 21.17 74.16 59.02
CA THR N 194 20.19 73.65 59.99
C THR N 194 19.72 72.27 59.54
N HIS N 195 19.49 72.12 58.23
CA HIS N 195 19.09 70.85 57.64
C HIS N 195 20.30 70.02 57.16
N GLY N 196 21.50 70.49 57.50
CA GLY N 196 22.65 69.62 57.64
C GLY N 196 23.53 69.40 56.43
N PHE N 197 23.83 70.47 55.69
CA PHE N 197 25.00 70.47 54.79
C PHE N 197 25.99 71.45 55.40
N LEU N 198 27.07 71.73 54.68
CA LEU N 198 28.02 72.81 55.03
C LEU N 198 28.72 72.61 56.38
N VAL N 199 28.89 71.35 56.76
CA VAL N 199 29.42 70.99 58.08
C VAL N 199 30.22 69.70 57.94
N VAL O 1 -12.74 30.68 -20.15
CA VAL O 1 -12.48 29.98 -18.86
C VAL O 1 -12.08 30.95 -17.74
N ARG O 2 -12.08 30.42 -16.51
CA ARG O 2 -11.59 31.15 -15.35
C ARG O 2 -10.08 31.23 -15.39
N TYR O 3 -9.54 32.45 -15.40
CA TYR O 3 -8.12 32.66 -15.13
C TYR O 3 -7.97 32.85 -13.65
N SER O 4 -6.87 32.37 -13.10
CA SER O 4 -6.44 32.78 -11.77
C SER O 4 -6.19 34.27 -11.81
N LEU O 5 -6.63 34.99 -10.78
CA LEU O 5 -6.40 36.43 -10.65
C LEU O 5 -7.08 37.18 -11.81
N ASP O 6 -8.36 37.46 -11.65
CA ASP O 6 -9.14 38.22 -12.63
C ASP O 6 -8.75 39.70 -12.55
N PRO O 7 -8.88 40.44 -13.66
CA PRO O 7 -8.33 41.80 -13.70
C PRO O 7 -9.12 42.81 -12.88
N GLU O 8 -8.51 43.98 -12.65
CA GLU O 8 -9.10 45.05 -11.84
C GLU O 8 -10.20 45.78 -12.61
N ASN O 9 -9.89 46.16 -13.85
CA ASN O 9 -10.82 46.88 -14.73
C ASN O 9 -10.88 46.15 -16.07
N PRO O 10 -11.76 45.13 -16.17
CA PRO O 10 -11.90 44.28 -17.37
C PRO O 10 -12.08 45.03 -18.68
N THR O 11 -12.73 46.19 -18.62
CA THR O 11 -12.86 47.12 -19.75
C THR O 11 -11.61 47.21 -20.61
N LYS O 12 -10.48 47.38 -19.95
CA LYS O 12 -9.24 47.75 -20.60
C LYS O 12 -8.12 46.82 -20.16
N SER O 13 -8.36 45.52 -20.36
CA SER O 13 -7.43 44.47 -19.97
C SER O 13 -7.63 43.20 -20.81
N CYS O 14 -6.88 43.11 -21.90
CA CYS O 14 -6.94 41.94 -22.78
C CYS O 14 -6.31 40.72 -22.12
N LYS O 15 -6.70 39.56 -22.64
CA LYS O 15 -6.43 38.27 -22.03
C LYS O 15 -5.76 37.35 -23.01
N SER O 16 -5.13 36.30 -22.48
CA SER O 16 -4.66 35.19 -23.27
C SER O 16 -4.32 33.99 -22.42
N ARG O 17 -4.36 32.83 -23.07
CA ARG O 17 -3.81 31.60 -22.54
C ARG O 17 -3.46 30.69 -23.69
N GLY O 18 -2.61 29.72 -23.39
CA GLY O 18 -2.25 28.71 -24.37
C GLY O 18 -2.01 27.47 -23.58
N SER O 19 -2.88 26.48 -23.77
CA SER O 19 -2.92 25.33 -22.89
C SER O 19 -2.17 24.16 -23.50
N ASN O 20 -1.29 23.58 -22.70
CA ASN O 20 -0.76 22.25 -22.94
C ASN O 20 0.27 22.34 -24.06
N LEU O 21 1.30 23.11 -23.76
CA LEU O 21 2.35 23.49 -24.71
C LEU O 21 3.58 22.68 -24.39
N ARG O 22 4.20 22.09 -25.40
CA ARG O 22 5.48 21.40 -25.20
C ARG O 22 6.59 22.46 -25.10
N VAL O 23 6.75 22.96 -23.88
CA VAL O 23 7.82 23.87 -23.51
C VAL O 23 8.15 23.51 -22.09
N HIS O 24 9.44 23.34 -21.81
CA HIS O 24 9.90 23.06 -20.45
C HIS O 24 9.34 24.02 -19.42
N PHE O 25 8.39 23.50 -18.63
CA PHE O 25 7.79 24.22 -17.53
C PHE O 25 8.75 25.13 -16.78
N LYS O 26 9.89 24.57 -16.37
CA LYS O 26 10.88 25.31 -15.57
C LYS O 26 11.52 26.49 -16.31
N ASN O 27 11.89 26.27 -17.57
CA ASN O 27 12.42 27.35 -18.42
C ASN O 27 11.36 28.39 -18.74
N THR O 28 10.15 27.91 -19.01
CA THR O 28 9.01 28.76 -19.30
C THR O 28 8.61 29.61 -18.09
N ARG O 29 8.78 29.05 -16.90
CA ARG O 29 8.51 29.77 -15.67
C ARG O 29 9.46 30.91 -15.46
N GLU O 30 10.76 30.65 -15.62
CA GLU O 30 11.76 31.68 -15.35
C GLU O 30 11.64 32.83 -16.34
N THR O 31 11.38 32.52 -17.60
CA THR O 31 11.23 33.58 -18.60
C THR O 31 9.90 34.32 -18.47
N ALA O 32 8.92 33.69 -17.85
CA ALA O 32 7.67 34.38 -17.54
C ALA O 32 7.80 35.29 -16.32
N GLN O 33 8.65 34.94 -15.36
CA GLN O 33 8.96 35.86 -14.27
C GLN O 33 9.67 37.10 -14.81
N ALA O 34 10.64 36.87 -15.69
CA ALA O 34 11.45 37.92 -16.31
C ALA O 34 10.59 38.98 -16.97
N ILE O 35 9.67 38.50 -17.80
CA ILE O 35 8.83 39.35 -18.63
C ILE O 35 7.84 40.15 -17.81
N LYS O 36 7.45 39.61 -16.66
CA LYS O 36 6.32 40.11 -15.89
C LYS O 36 6.50 41.54 -15.43
N GLY O 37 5.44 42.32 -15.58
CA GLY O 37 5.45 43.75 -15.27
C GLY O 37 5.93 44.67 -16.38
N MET O 38 6.49 44.12 -17.46
CA MET O 38 7.02 44.96 -18.55
C MET O 38 5.92 45.59 -19.37
N HIS O 39 6.28 46.65 -20.07
CA HIS O 39 5.44 47.19 -21.11
C HIS O 39 5.60 46.28 -22.32
N ILE O 40 4.49 45.90 -22.95
CA ILE O 40 4.48 44.84 -23.97
C ILE O 40 5.55 45.00 -25.06
N ARG O 41 5.86 46.23 -25.44
CA ARG O 41 6.88 46.49 -26.46
C ARG O 41 8.30 46.22 -25.96
N LYS O 42 8.55 46.46 -24.66
CA LYS O 42 9.81 46.08 -24.04
C LYS O 42 9.94 44.56 -23.99
N ALA O 43 8.92 43.93 -23.43
CA ALA O 43 8.81 42.45 -23.37
C ALA O 43 9.18 41.75 -24.66
N THR O 44 8.60 42.20 -25.76
CA THR O 44 8.89 41.64 -27.07
C THR O 44 10.36 41.80 -27.44
N LYS O 45 10.87 43.01 -27.24
CA LYS O 45 12.29 43.28 -27.46
C LYS O 45 13.12 42.31 -26.63
N TYR O 46 12.82 42.26 -25.33
CA TYR O 46 13.55 41.45 -24.35
C TYR O 46 13.60 39.98 -24.74
N LEU O 47 12.51 39.46 -25.30
CA LEU O 47 12.49 38.05 -25.72
C LEU O 47 13.27 37.80 -27.00
N LYS O 48 13.24 38.74 -27.94
CA LYS O 48 14.09 38.64 -29.13
C LYS O 48 15.59 38.78 -28.83
N ASP O 49 15.95 39.50 -27.78
CA ASP O 49 17.34 39.56 -27.28
C ASP O 49 17.75 38.23 -26.68
N VAL O 50 16.85 37.64 -25.90
CA VAL O 50 17.04 36.31 -25.33
C VAL O 50 17.16 35.25 -26.44
N THR O 51 16.38 35.42 -27.49
CA THR O 51 16.45 34.53 -28.64
C THR O 51 17.85 34.55 -29.29
N LEU O 52 18.46 35.73 -29.40
CA LEU O 52 19.80 35.88 -30.00
C LEU O 52 20.95 36.02 -29.00
N GLN O 53 20.66 35.90 -27.71
CA GLN O 53 21.65 36.03 -26.65
C GLN O 53 22.30 37.40 -26.52
N LYS O 54 21.48 38.43 -26.51
CA LYS O 54 21.92 39.77 -26.14
C LYS O 54 21.46 40.11 -24.71
N GLN O 55 20.52 39.33 -24.17
CA GLN O 55 20.09 39.43 -22.78
C GLN O 55 19.71 38.05 -22.30
N CYS O 56 19.79 37.82 -20.99
CA CYS O 56 19.46 36.52 -20.43
C CYS O 56 18.21 36.56 -19.58
N VAL O 57 17.75 35.37 -19.27
CA VAL O 57 16.68 35.14 -18.32
C VAL O 57 17.37 34.56 -17.11
N PRO O 58 17.36 35.27 -15.99
CA PRO O 58 17.95 34.69 -14.78
C PRO O 58 17.11 33.56 -14.24
N PHE O 59 17.77 32.42 -14.01
CA PHE O 59 17.15 31.22 -13.49
C PHE O 59 17.34 31.25 -11.99
N ARG O 60 16.31 31.69 -11.28
CA ARG O 60 16.42 31.93 -9.85
C ARG O 60 15.97 30.75 -9.02
N ARG O 61 14.72 30.33 -9.21
CA ARG O 61 14.19 29.19 -8.47
C ARG O 61 14.83 27.89 -8.92
N TYR O 62 14.69 27.62 -10.21
CA TYR O 62 15.15 26.39 -10.82
C TYR O 62 16.53 26.61 -11.42
N ASN O 63 17.52 26.65 -10.54
CA ASN O 63 18.85 27.11 -10.87
C ASN O 63 19.95 26.09 -10.58
N GLY O 64 19.54 24.83 -10.43
CA GLY O 64 20.46 23.76 -10.04
C GLY O 64 21.29 23.29 -11.21
N GLY O 65 22.55 23.72 -11.23
CA GLY O 65 23.48 23.40 -12.30
C GLY O 65 23.50 24.40 -13.44
N VAL O 66 22.59 25.37 -13.41
CA VAL O 66 22.50 26.35 -14.48
C VAL O 66 23.68 27.26 -14.36
N GLY O 67 24.26 27.60 -15.50
CA GLY O 67 25.54 28.29 -15.52
C GLY O 67 25.49 29.76 -15.15
N ARG O 68 26.65 30.29 -14.76
CA ARG O 68 26.81 31.73 -14.61
C ARG O 68 26.88 32.42 -15.97
N CYS O 69 26.59 33.71 -15.99
CA CYS O 69 26.74 34.52 -17.20
C CYS O 69 26.71 36.00 -16.87
N ALA O 70 27.58 36.75 -17.54
CA ALA O 70 27.69 38.19 -17.28
C ALA O 70 26.38 38.91 -17.51
N GLN O 71 25.55 38.39 -18.41
CA GLN O 71 24.28 39.03 -18.76
C GLN O 71 23.28 39.08 -17.61
N ALA O 72 23.42 38.17 -16.66
CA ALA O 72 22.58 38.13 -15.45
C ALA O 72 22.78 39.29 -14.48
N LYS O 73 23.95 39.91 -14.52
CA LYS O 73 24.26 41.04 -13.64
C LYS O 73 23.28 42.18 -13.79
N GLN O 74 22.72 42.34 -14.99
CA GLN O 74 21.60 43.27 -15.20
C GLN O 74 20.44 42.98 -14.24
N TRP O 75 20.17 41.71 -14.00
CA TRP O 75 19.05 41.29 -13.16
C TRP O 75 19.33 41.23 -11.67
N GLY O 76 20.60 41.36 -11.28
CA GLY O 76 21.00 41.11 -9.90
C GLY O 76 20.83 39.63 -9.64
N TRP O 77 21.75 38.84 -10.21
CA TRP O 77 21.72 37.39 -10.14
C TRP O 77 22.97 36.86 -10.82
N THR O 78 23.38 35.65 -10.48
CA THR O 78 24.59 35.04 -11.07
C THR O 78 24.25 34.07 -12.17
N GLN O 79 23.22 33.24 -11.94
CA GLN O 79 22.73 32.33 -12.97
C GLN O 79 21.99 33.05 -14.09
N GLY O 80 21.85 32.37 -15.21
CA GLY O 80 21.16 32.92 -16.36
C GLY O 80 21.40 32.19 -17.65
N ARG O 81 20.33 32.07 -18.44
CA ARG O 81 20.33 31.30 -19.67
C ARG O 81 19.52 31.98 -20.74
N TRP O 82 19.51 31.37 -21.92
CA TRP O 82 18.90 31.95 -23.08
C TRP O 82 17.82 31.04 -23.65
N PRO O 83 16.84 30.65 -22.83
CA PRO O 83 15.88 29.63 -23.25
C PRO O 83 15.04 30.07 -24.45
N LYS O 84 15.28 29.44 -25.60
CA LYS O 84 14.82 29.95 -26.89
C LYS O 84 13.38 29.53 -27.16
N LYS O 85 13.12 28.22 -27.06
CA LYS O 85 11.76 27.68 -27.12
C LYS O 85 10.76 28.39 -26.22
N SER O 86 11.19 28.76 -25.01
CA SER O 86 10.32 29.48 -24.08
C SER O 86 10.04 30.88 -24.60
N ALA O 87 11.07 31.55 -25.10
CA ALA O 87 10.87 32.88 -25.69
C ALA O 87 10.01 32.82 -26.95
N GLU O 88 10.19 31.79 -27.78
CA GLU O 88 9.34 31.62 -28.96
C GLU O 88 7.88 31.29 -28.63
N PHE O 89 7.65 30.73 -27.44
CA PHE O 89 6.30 30.34 -27.00
C PHE O 89 5.57 31.38 -26.18
N LEU O 90 6.29 32.30 -25.57
CA LEU O 90 5.65 33.51 -25.07
C LEU O 90 6.18 34.76 -25.77
N LEU O 91 6.39 34.60 -27.08
CA LEU O 91 6.28 35.69 -28.04
C LEU O 91 5.06 35.47 -28.91
N HIS O 92 4.67 34.21 -29.12
CA HIS O 92 3.36 33.92 -29.72
C HIS O 92 2.22 34.36 -28.84
N MET O 93 2.32 34.08 -27.55
CA MET O 93 1.24 34.42 -26.62
C MET O 93 1.03 35.92 -26.51
N LEU O 94 2.14 36.66 -26.36
CA LEU O 94 2.11 38.11 -26.44
C LEU O 94 1.44 38.62 -27.71
N LYS O 95 1.80 38.00 -28.84
CA LYS O 95 1.18 38.33 -30.12
C LYS O 95 -0.34 38.23 -30.04
N ASN O 96 -0.84 37.17 -29.42
CA ASN O 96 -2.27 36.93 -29.31
C ASN O 96 -2.99 37.92 -28.41
N ALA O 97 -2.41 38.22 -27.26
CA ALA O 97 -3.00 39.20 -26.34
C ALA O 97 -2.99 40.60 -26.96
N GLU O 98 -1.91 40.93 -27.67
CA GLU O 98 -1.83 42.14 -28.48
C GLU O 98 -2.93 42.15 -29.54
N SER O 99 -3.13 40.99 -30.17
CA SER O 99 -4.24 40.79 -31.12
C SER O 99 -5.58 41.19 -30.50
N ASN O 100 -5.84 40.66 -29.32
CA ASN O 100 -7.13 40.84 -28.69
C ASN O 100 -7.33 42.27 -28.17
N ALA O 101 -6.27 42.94 -27.73
CA ALA O 101 -6.35 44.36 -27.39
C ALA O 101 -6.81 45.15 -28.60
N GLU O 102 -6.12 44.93 -29.72
CA GLU O 102 -6.45 45.56 -31.01
C GLU O 102 -7.90 45.32 -31.42
N LEU O 103 -8.38 44.09 -31.18
CA LEU O 103 -9.76 43.71 -31.42
C LEU O 103 -10.72 44.42 -30.45
N LYS O 104 -10.35 44.41 -29.17
CA LYS O 104 -11.15 45.04 -28.12
C LYS O 104 -11.20 46.56 -28.30
N GLY O 105 -10.11 47.13 -28.82
CA GLY O 105 -9.98 48.56 -29.00
C GLY O 105 -9.30 49.20 -27.82
N LEU O 106 -8.11 48.69 -27.48
CA LEU O 106 -7.22 49.31 -26.51
C LEU O 106 -5.99 49.86 -27.23
N ASP O 107 -5.33 50.82 -26.61
CA ASP O 107 -4.04 51.29 -27.12
C ASP O 107 -3.02 50.19 -26.84
N VAL O 108 -2.46 49.64 -27.91
CA VAL O 108 -1.63 48.44 -27.82
C VAL O 108 -0.31 48.75 -27.13
N ASP O 109 0.33 49.85 -27.50
CA ASP O 109 1.54 50.31 -26.83
C ASP O 109 1.25 51.24 -25.63
N SER O 110 0.19 50.90 -24.88
CA SER O 110 0.06 51.26 -23.48
C SER O 110 -0.02 50.00 -22.58
N LEU O 111 0.01 48.82 -23.18
CA LEU O 111 -0.29 47.58 -22.48
C LEU O 111 0.88 47.11 -21.62
N VAL O 112 0.61 46.94 -20.33
CA VAL O 112 1.55 46.31 -19.41
C VAL O 112 1.13 44.87 -19.20
N ILE O 113 2.11 43.96 -19.21
CA ILE O 113 1.89 42.56 -18.84
C ILE O 113 1.71 42.44 -17.32
N GLU O 114 0.46 42.59 -16.90
CA GLU O 114 0.08 42.68 -15.50
C GLU O 114 0.14 41.35 -14.76
N HIS O 115 -0.18 40.26 -15.47
CA HIS O 115 -0.24 38.94 -14.86
C HIS O 115 0.15 37.91 -15.88
N ILE O 116 1.07 37.03 -15.49
CA ILE O 116 1.48 35.90 -16.33
C ILE O 116 1.86 34.75 -15.41
N GLN O 117 1.54 33.53 -15.83
CA GLN O 117 1.59 32.39 -14.94
C GLN O 117 1.75 31.09 -15.69
N VAL O 118 2.82 30.37 -15.38
CA VAL O 118 3.10 29.09 -15.98
C VAL O 118 2.71 27.99 -15.00
N ASN O 119 1.73 27.19 -15.40
CA ASN O 119 1.34 25.97 -14.71
C ASN O 119 1.98 24.77 -15.38
N LYS O 120 2.15 23.68 -14.63
CA LYS O 120 2.49 22.39 -15.22
C LYS O 120 1.25 21.79 -15.86
N ALA O 121 1.45 21.15 -16.99
CA ALA O 121 0.39 20.47 -17.73
C ALA O 121 0.62 19.00 -17.53
N PRO O 122 -0.40 18.16 -17.77
CA PRO O 122 -0.21 16.73 -17.58
C PRO O 122 0.96 16.26 -18.40
N LYS O 123 1.73 15.32 -17.85
CA LYS O 123 2.96 14.89 -18.49
C LYS O 123 2.71 13.92 -19.62
N MET O 124 3.60 13.97 -20.61
CA MET O 124 3.68 12.93 -21.62
C MET O 124 4.57 11.85 -21.04
N ARG O 125 4.69 10.72 -21.73
CA ARG O 125 5.72 9.75 -21.41
C ARG O 125 6.14 8.94 -22.62
N ARG O 126 7.44 8.93 -22.87
CA ARG O 126 8.04 7.91 -23.72
C ARG O 126 9.21 7.34 -22.95
N ARG O 127 9.72 6.20 -23.39
CA ARG O 127 10.63 5.38 -22.58
C ARG O 127 12.09 5.54 -22.98
N THR O 128 12.97 5.20 -22.05
CA THR O 128 14.40 5.09 -22.34
C THR O 128 14.94 3.75 -21.84
N TYR O 129 15.64 3.09 -22.74
CA TYR O 129 16.15 1.76 -22.52
C TYR O 129 17.46 1.89 -21.78
N ARG O 130 17.60 1.15 -20.69
CA ARG O 130 18.75 1.28 -19.79
C ARG O 130 19.47 -0.01 -19.50
N ALA O 131 20.66 0.15 -18.92
CA ALA O 131 21.57 -0.95 -18.67
C ALA O 131 20.94 -2.04 -17.83
N HIS O 132 21.33 -3.28 -18.14
CA HIS O 132 20.80 -4.50 -17.53
C HIS O 132 19.33 -4.67 -17.77
N GLY O 133 18.89 -4.30 -18.97
CA GLY O 133 17.50 -4.42 -19.36
C GLY O 133 16.57 -3.83 -18.33
N ARG O 134 16.77 -2.56 -18.05
CA ARG O 134 15.83 -1.79 -17.26
C ARG O 134 15.24 -0.75 -18.18
N ILE O 135 13.98 -0.41 -17.95
CA ILE O 135 13.29 0.55 -18.79
C ILE O 135 12.75 1.69 -17.93
N ASN O 136 13.38 2.86 -18.07
CA ASN O 136 13.00 4.04 -17.31
C ASN O 136 12.18 5.02 -18.11
N PRO O 137 11.44 5.89 -17.42
CA PRO O 137 10.63 6.88 -18.11
C PRO O 137 11.48 7.99 -18.73
N TYR O 138 10.91 8.68 -19.71
CA TYR O 138 11.59 9.75 -20.42
C TYR O 138 10.52 10.74 -20.82
N MET O 139 10.09 11.51 -19.84
CA MET O 139 8.83 12.23 -19.88
C MET O 139 8.97 13.72 -20.07
N SER O 140 8.20 14.27 -21.00
CA SER O 140 8.09 15.71 -21.13
C SER O 140 7.31 16.27 -19.96
N SER O 141 7.63 17.51 -19.60
CA SER O 141 6.98 18.23 -18.52
C SER O 141 6.42 19.52 -19.09
N PRO O 142 5.40 19.41 -19.95
CA PRO O 142 4.83 20.56 -20.62
C PRO O 142 4.05 21.46 -19.67
N CYS O 143 3.65 22.62 -20.18
CA CYS O 143 3.14 23.71 -19.34
C CYS O 143 1.91 24.39 -19.94
N HIS O 144 0.99 24.79 -19.08
CA HIS O 144 -0.06 25.71 -19.50
C HIS O 144 0.46 27.10 -19.20
N ILE O 145 0.41 27.99 -20.18
CA ILE O 145 0.68 29.41 -19.93
C ILE O 145 -0.63 30.17 -20.05
N GLU O 146 -0.72 31.26 -19.30
CA GLU O 146 -1.80 32.21 -19.43
C GLU O 146 -1.38 33.56 -18.90
N MET O 147 -1.96 34.62 -19.48
CA MET O 147 -1.59 35.99 -19.12
C MET O 147 -2.65 37.03 -19.43
N ILE O 148 -2.45 38.19 -18.82
CA ILE O 148 -3.37 39.31 -18.86
C ILE O 148 -2.59 40.61 -19.03
N LEU O 149 -2.87 41.37 -20.08
CA LEU O 149 -2.31 42.71 -20.23
C LEU O 149 -3.32 43.77 -19.80
N THR O 150 -2.86 45.02 -19.66
CA THR O 150 -3.67 46.14 -19.16
C THR O 150 -3.17 47.50 -19.67
N GLU O 151 -4.10 48.41 -20.01
CA GLU O 151 -3.75 49.78 -20.41
C GLU O 151 -3.18 50.58 -19.24
N LYS O 152 -1.87 50.79 -19.24
CA LYS O 152 -1.20 51.61 -18.22
C LYS O 152 -0.11 52.47 -18.86
N GLU O 153 -0.39 53.76 -19.02
CA GLU O 153 0.59 54.74 -19.52
C GLU O 153 0.21 56.15 -19.07
N GLY P 1 2.82 12.30 48.77
CA GLY P 1 2.65 10.84 48.49
C GLY P 1 2.23 10.10 49.73
N VAL P 2 1.27 9.20 49.57
CA VAL P 2 0.68 8.46 50.68
C VAL P 2 0.82 6.99 50.41
N ASP P 3 1.04 6.18 51.44
CA ASP P 3 1.02 4.72 51.28
C ASP P 3 -0.28 4.13 51.74
N ILE P 4 -1.10 3.79 50.75
CA ILE P 4 -2.20 2.88 50.89
C ILE P 4 -2.11 2.04 49.63
N ARG P 5 -2.55 0.79 49.71
CA ARG P 5 -2.82 0.03 48.50
C ARG P 5 -4.25 0.35 48.07
N HIS P 6 -4.40 0.67 46.79
CA HIS P 6 -5.69 0.99 46.22
C HIS P 6 -6.29 -0.27 45.62
N ASN P 7 -5.89 -1.41 46.18
CA ASN P 7 -6.00 -2.67 45.52
C ASN P 7 -7.40 -3.23 45.73
N LYS P 8 -7.86 -3.13 46.98
CA LYS P 8 -9.17 -3.60 47.37
C LYS P 8 -9.99 -2.44 47.97
N ASP P 9 -9.87 -1.28 47.33
CA ASP P 9 -10.61 -0.09 47.72
C ASP P 9 -12.05 -0.13 47.18
N ARG P 10 -12.23 -0.69 45.99
CA ARG P 10 -13.55 -0.85 45.38
C ARG P 10 -14.20 -2.15 45.78
N LYS P 11 -15.29 -2.07 46.53
CA LYS P 11 -16.06 -3.25 46.92
C LYS P 11 -16.90 -3.70 45.73
N VAL P 12 -17.02 -5.00 45.55
CA VAL P 12 -17.55 -5.57 44.30
C VAL P 12 -18.98 -6.06 44.34
N ARG P 13 -19.58 -6.14 45.53
CA ARG P 13 -21.04 -6.30 45.68
C ARG P 13 -21.92 -5.60 44.65
N ARG P 14 -23.05 -6.22 44.36
CA ARG P 14 -24.06 -5.62 43.51
C ARG P 14 -24.80 -4.50 44.22
N LYS P 15 -25.39 -3.62 43.41
CA LYS P 15 -26.15 -2.48 43.89
C LYS P 15 -27.61 -2.59 43.47
N GLU P 16 -27.84 -2.82 42.18
CA GLU P 16 -29.17 -3.06 41.61
C GLU P 16 -29.17 -4.48 41.08
N PRO P 17 -30.35 -4.97 40.64
CA PRO P 17 -30.30 -6.25 39.92
C PRO P 17 -29.78 -6.03 38.51
N LYS P 18 -29.11 -7.03 37.96
CA LYS P 18 -28.54 -6.92 36.61
C LYS P 18 -29.63 -7.13 35.57
N SER P 19 -30.70 -7.80 35.96
CA SER P 19 -31.88 -7.95 35.11
C SER P 19 -32.55 -6.61 34.81
N GLN P 20 -33.19 -6.55 33.65
CA GLN P 20 -33.90 -5.36 33.21
C GLN P 20 -35.42 -5.47 33.38
N ASP P 21 -35.90 -6.63 33.82
CA ASP P 21 -37.36 -6.83 33.92
C ASP P 21 -38.01 -5.86 34.91
N ILE P 22 -39.21 -5.45 34.54
CA ILE P 22 -39.84 -4.27 35.12
C ILE P 22 -40.56 -4.55 36.42
N TYR P 23 -41.08 -5.77 36.58
CA TYR P 23 -41.80 -6.14 37.80
C TYR P 23 -40.86 -6.34 38.96
N LEU P 24 -39.76 -7.04 38.73
CA LEU P 24 -38.74 -7.14 39.74
C LEU P 24 -38.24 -5.74 40.10
N ARG P 25 -37.95 -4.91 39.11
CA ARG P 25 -37.45 -3.58 39.40
C ARG P 25 -38.40 -2.74 40.24
N LEU P 26 -39.71 -2.94 40.09
CA LEU P 26 -40.68 -2.29 41.00
C LEU P 26 -40.53 -2.80 42.41
N LEU P 27 -40.42 -4.11 42.60
CA LEU P 27 -40.15 -4.68 43.93
C LEU P 27 -38.91 -4.05 44.56
N VAL P 28 -37.88 -3.87 43.74
CA VAL P 28 -36.65 -3.23 44.20
C VAL P 28 -36.92 -1.80 44.66
N LYS P 29 -37.70 -1.03 43.89
CA LYS P 29 -38.06 0.33 44.29
C LYS P 29 -38.79 0.36 45.62
N LEU P 30 -39.68 -0.61 45.81
CA LEU P 30 -40.43 -0.75 47.06
C LEU P 30 -39.49 -1.11 48.20
N TYR P 31 -38.72 -2.18 48.03
CA TYR P 31 -37.84 -2.62 49.11
C TYR P 31 -36.60 -1.77 49.38
N ARG P 32 -36.14 -1.00 48.40
CA ARG P 32 -35.16 0.06 48.68
C ARG P 32 -35.71 1.01 49.70
N PHE P 33 -36.91 1.49 49.43
CA PHE P 33 -37.58 2.45 50.29
C PHE P 33 -37.74 1.90 51.70
N LEU P 34 -38.34 0.72 51.79
CA LEU P 34 -38.55 0.07 53.08
C LEU P 34 -37.23 -0.19 53.76
N ALA P 35 -36.28 -0.78 53.04
CA ALA P 35 -34.95 -0.99 53.60
C ALA P 35 -34.47 0.27 54.29
N ARG P 36 -34.55 1.41 53.61
CA ARG P 36 -33.92 2.62 54.14
C ARG P 36 -34.72 3.25 55.28
N ARG P 37 -36.04 3.18 55.19
CA ARG P 37 -36.90 3.91 56.11
C ARG P 37 -37.37 3.09 57.31
N THR P 38 -37.39 1.77 57.19
CA THR P 38 -37.68 0.91 58.33
C THR P 38 -36.38 0.61 59.02
N ASN P 39 -36.48 0.18 60.27
CA ASN P 39 -35.33 -0.37 60.99
C ASN P 39 -35.12 -1.85 60.69
N SER P 40 -36.13 -2.51 60.16
CA SER P 40 -36.07 -3.94 59.87
C SER P 40 -34.89 -4.28 58.99
N THR P 41 -34.09 -5.21 59.44
CA THR P 41 -32.99 -5.74 58.67
C THR P 41 -33.49 -6.85 57.74
N PHE P 42 -34.69 -7.38 58.01
CA PHE P 42 -35.39 -8.26 57.07
C PHE P 42 -35.50 -7.65 55.69
N ASN P 43 -35.91 -6.38 55.66
CA ASN P 43 -36.02 -5.62 54.41
C ASN P 43 -34.68 -5.50 53.72
N GLN P 44 -33.64 -5.23 54.50
CA GLN P 44 -32.29 -5.18 53.95
C GLN P 44 -31.87 -6.51 53.35
N VAL P 45 -32.07 -7.60 54.07
CA VAL P 45 -31.70 -8.92 53.54
C VAL P 45 -32.47 -9.25 52.26
N VAL P 46 -33.78 -9.10 52.32
CA VAL P 46 -34.64 -9.24 51.14
C VAL P 46 -34.14 -8.35 49.99
N LEU P 47 -33.87 -7.08 50.28
CA LEU P 47 -33.41 -6.16 49.25
C LEU P 47 -32.14 -6.66 48.59
N LYS P 48 -31.18 -7.03 49.42
CA LYS P 48 -29.92 -7.63 48.97
C LYS P 48 -30.14 -8.80 48.00
N ARG P 49 -31.08 -9.67 48.35
CA ARG P 49 -31.36 -10.86 47.55
C ARG P 49 -32.06 -10.60 46.23
N LEU P 50 -32.80 -9.50 46.14
CA LEU P 50 -33.43 -9.15 44.86
C LEU P 50 -32.42 -8.80 43.78
N PHE P 51 -31.22 -8.35 44.18
CA PHE P 51 -30.15 -8.04 43.22
C PHE P 51 -29.36 -9.27 42.74
N MET P 52 -29.54 -10.42 43.38
CA MET P 52 -28.69 -11.58 43.12
C MET P 52 -29.06 -12.33 41.85
N SER P 53 -28.13 -13.16 41.40
CA SER P 53 -28.28 -13.97 40.18
C SER P 53 -29.14 -15.18 40.43
N ARG P 54 -29.69 -15.71 39.33
CA ARG P 54 -30.40 -17.00 39.32
C ARG P 54 -29.63 -18.02 40.15
N THR P 55 -28.38 -18.28 39.77
CA THR P 55 -27.53 -19.20 40.51
C THR P 55 -27.65 -18.93 41.98
N ASN P 56 -27.46 -17.66 42.31
CA ASN P 56 -27.33 -17.22 43.69
C ASN P 56 -28.60 -17.21 44.51
N ARG P 57 -29.76 -17.33 43.86
CA ARG P 57 -31.02 -17.57 44.58
C ARG P 57 -31.64 -18.88 44.11
N PRO P 58 -31.15 -20.00 44.65
CA PRO P 58 -31.61 -21.33 44.26
C PRO P 58 -33.02 -21.66 44.70
N PRO P 59 -33.66 -22.60 43.97
CA PRO P 59 -35.03 -22.98 44.25
C PRO P 59 -35.17 -23.70 45.56
N LEU P 60 -36.27 -23.42 46.24
CA LEU P 60 -36.54 -23.98 47.55
C LEU P 60 -37.63 -25.00 47.35
N SER P 61 -37.33 -26.27 47.60
CA SER P 61 -38.31 -27.32 47.37
C SER P 61 -39.38 -27.29 48.43
N LEU P 62 -40.55 -27.83 48.10
CA LEU P 62 -41.69 -27.80 49.01
C LEU P 62 -41.36 -28.56 50.27
N SER P 63 -40.69 -29.71 50.13
CA SER P 63 -40.32 -30.52 51.28
C SER P 63 -39.35 -29.79 52.19
N ARG P 64 -38.43 -29.02 51.60
CA ARG P 64 -37.50 -28.25 52.41
C ARG P 64 -38.22 -27.15 53.16
N MET P 65 -39.20 -26.54 52.51
CA MET P 65 -40.04 -25.52 53.14
C MET P 65 -40.95 -26.11 54.22
N ILE P 66 -41.42 -27.35 54.03
CA ILE P 66 -42.20 -28.03 55.05
C ILE P 66 -41.33 -28.16 56.28
N ARG P 67 -40.23 -28.89 56.15
CA ARG P 67 -39.46 -29.32 57.32
C ARG P 67 -38.91 -28.14 58.13
N LYS P 68 -38.49 -27.09 57.42
CA LYS P 68 -38.06 -25.85 58.08
C LYS P 68 -39.16 -25.14 58.87
N MET P 69 -40.43 -25.32 58.49
CA MET P 69 -41.55 -24.81 59.29
C MET P 69 -42.08 -25.83 60.29
N LYS P 70 -41.80 -27.11 60.06
CA LYS P 70 -42.05 -28.16 61.06
C LYS P 70 -41.27 -27.94 62.36
N LEU P 71 -40.10 -27.32 62.24
CA LEU P 71 -39.26 -26.98 63.40
C LEU P 71 -40.05 -26.29 64.51
N PRO P 72 -39.69 -26.59 65.77
CA PRO P 72 -40.52 -26.25 66.92
C PRO P 72 -40.59 -24.76 67.22
N GLY P 73 -41.78 -24.18 67.08
CA GLY P 73 -42.02 -22.81 67.52
C GLY P 73 -42.39 -21.83 66.43
N ARG P 74 -41.91 -22.05 65.21
CA ARG P 74 -42.18 -21.13 64.11
C ARG P 74 -43.50 -21.50 63.41
N GLU P 75 -44.56 -21.44 64.22
CA GLU P 75 -45.86 -21.99 63.93
C GLU P 75 -46.84 -20.83 63.88
N GLY P 76 -47.64 -20.76 62.81
CA GLY P 76 -48.46 -19.58 62.57
C GLY P 76 -47.54 -18.44 62.21
N LYS P 77 -46.82 -18.62 61.10
CA LYS P 77 -45.81 -17.69 60.62
C LYS P 77 -45.96 -17.55 59.10
N THR P 78 -45.06 -16.83 58.44
CA THR P 78 -44.93 -16.90 56.97
C THR P 78 -43.50 -17.18 56.55
N ALA P 79 -43.34 -18.18 55.70
CA ALA P 79 -42.07 -18.49 55.09
C ALA P 79 -41.87 -17.55 53.90
N VAL P 80 -40.63 -17.10 53.74
CA VAL P 80 -40.26 -16.19 52.66
C VAL P 80 -39.05 -16.76 51.94
N VAL P 81 -39.03 -16.54 50.63
CA VAL P 81 -38.06 -17.13 49.73
C VAL P 81 -37.96 -16.19 48.55
N VAL P 82 -36.81 -15.54 48.38
CA VAL P 82 -36.64 -14.65 47.23
C VAL P 82 -36.56 -15.48 45.92
N GLY P 83 -36.20 -16.76 46.00
CA GLY P 83 -36.21 -17.65 44.84
C GLY P 83 -37.60 -18.16 44.45
N THR P 84 -37.64 -19.40 43.94
CA THR P 84 -38.91 -20.07 43.62
C THR P 84 -39.17 -21.25 44.53
N ILE P 85 -40.47 -21.53 44.68
CA ILE P 85 -40.94 -22.65 45.44
C ILE P 85 -41.22 -23.73 44.41
N THR P 86 -40.58 -24.88 44.56
CA THR P 86 -40.86 -26.02 43.69
C THR P 86 -41.57 -27.12 44.44
N ASP P 87 -42.12 -28.05 43.67
CA ASP P 87 -42.78 -29.22 44.22
C ASP P 87 -41.76 -30.19 44.74
N ASP P 88 -42.25 -31.06 45.62
CA ASP P 88 -41.58 -32.31 45.88
C ASP P 88 -42.60 -33.38 45.66
N VAL P 89 -42.33 -34.24 44.69
CA VAL P 89 -43.18 -35.39 44.43
C VAL P 89 -42.98 -36.44 45.52
N ARG P 90 -41.78 -36.43 46.12
CA ARG P 90 -41.45 -37.29 47.25
C ARG P 90 -41.76 -36.64 48.62
N VAL P 91 -42.80 -35.81 48.66
CA VAL P 91 -43.56 -35.56 49.87
C VAL P 91 -45.04 -35.58 49.51
N GLN P 92 -45.87 -36.03 50.44
CA GLN P 92 -47.30 -36.26 50.16
C GLN P 92 -48.18 -35.27 50.90
N GLU P 93 -48.20 -35.38 52.23
CA GLU P 93 -49.06 -34.51 53.06
C GLU P 93 -48.41 -33.14 53.21
N VAL P 94 -49.11 -32.11 52.74
CA VAL P 94 -48.61 -30.73 52.76
C VAL P 94 -49.47 -29.93 53.72
N PRO P 95 -48.91 -29.51 54.88
CA PRO P 95 -49.60 -28.63 55.81
C PRO P 95 -50.00 -27.31 55.18
N LYS P 96 -50.92 -26.60 55.81
CA LYS P 96 -51.38 -25.32 55.29
C LYS P 96 -50.38 -24.23 55.70
N LEU P 97 -49.76 -23.63 54.68
CA LEU P 97 -48.63 -22.76 54.87
C LEU P 97 -48.98 -21.33 54.54
N LYS P 98 -48.09 -20.43 54.94
CA LYS P 98 -48.07 -19.09 54.40
C LYS P 98 -46.69 -18.93 53.79
N VAL P 99 -46.67 -18.32 52.61
CA VAL P 99 -45.52 -18.34 51.72
C VAL P 99 -45.38 -16.98 51.04
N CYS P 100 -44.14 -16.50 50.91
CA CYS P 100 -43.79 -15.47 49.92
C CYS P 100 -42.78 -16.02 48.95
N ALA P 101 -42.96 -15.70 47.68
CA ALA P 101 -42.00 -16.05 46.67
C ALA P 101 -42.08 -15.18 45.44
N LEU P 102 -40.94 -15.00 44.79
CA LEU P 102 -40.91 -14.35 43.50
C LEU P 102 -41.60 -15.27 42.49
N ARG P 103 -41.38 -16.58 42.61
CA ARG P 103 -42.13 -17.54 41.81
C ARG P 103 -42.57 -18.75 42.61
N VAL P 104 -43.67 -19.37 42.19
CA VAL P 104 -44.02 -20.71 42.66
C VAL P 104 -44.49 -21.53 41.47
N SER P 105 -43.90 -22.71 41.27
CA SER P 105 -44.26 -23.53 40.10
C SER P 105 -45.70 -24.02 40.20
N SER P 106 -46.34 -24.21 39.05
CA SER P 106 -47.77 -24.53 38.95
C SER P 106 -48.25 -25.71 39.81
N ARG P 107 -47.44 -26.75 39.90
CA ARG P 107 -47.71 -27.88 40.80
C ARG P 107 -47.68 -27.41 42.24
N ALA P 108 -46.53 -26.86 42.63
CA ALA P 108 -46.31 -26.36 43.98
C ALA P 108 -47.39 -25.38 44.40
N ARG P 109 -47.87 -24.60 43.45
CA ARG P 109 -48.97 -23.69 43.68
C ARG P 109 -50.25 -24.47 44.03
N SER P 110 -50.59 -25.46 43.22
CA SER P 110 -51.79 -26.26 43.47
C SER P 110 -51.76 -26.91 44.84
N ARG P 111 -50.77 -27.76 45.06
CA ARG P 111 -50.56 -28.45 46.35
C ARG P 111 -50.73 -27.54 47.56
N ILE P 112 -50.14 -26.36 47.52
CA ILE P 112 -50.20 -25.46 48.67
C ILE P 112 -51.62 -24.94 48.85
N LEU P 113 -52.22 -24.47 47.78
CA LEU P 113 -53.56 -23.88 47.85
C LEU P 113 -54.61 -24.92 48.21
N LYS P 114 -54.47 -26.13 47.68
CA LYS P 114 -55.36 -27.25 48.06
C LYS P 114 -55.33 -27.52 49.57
N ALA P 115 -54.16 -27.34 50.17
CA ALA P 115 -54.01 -27.52 51.62
C ALA P 115 -54.71 -26.47 52.48
N GLY P 116 -55.16 -25.38 51.86
CA GLY P 116 -55.62 -24.20 52.58
C GLY P 116 -54.51 -23.19 52.79
N GLY P 117 -53.45 -23.32 51.99
CA GLY P 117 -52.31 -22.43 52.07
C GLY P 117 -52.62 -21.11 51.39
N LYS P 118 -51.94 -20.07 51.86
CA LYS P 118 -51.99 -18.76 51.23
C LYS P 118 -50.65 -18.54 50.56
N ILE P 119 -50.69 -17.99 49.35
CA ILE P 119 -49.49 -17.62 48.61
C ILE P 119 -49.49 -16.09 48.53
N LEU P 120 -48.33 -15.49 48.75
CA LEU P 120 -48.17 -14.04 48.68
C LEU P 120 -47.11 -13.62 47.68
N THR P 121 -47.32 -12.47 47.05
CA THR P 121 -46.27 -11.77 46.32
C THR P 121 -45.54 -10.85 47.29
N PHE P 122 -44.43 -10.27 46.85
CA PHE P 122 -43.57 -9.46 47.72
C PHE P 122 -44.10 -8.06 48.00
N ASP P 123 -44.79 -7.48 47.03
CA ASP P 123 -45.60 -6.28 47.28
C ASP P 123 -46.66 -6.55 48.36
N GLN P 124 -47.27 -7.74 48.32
CA GLN P 124 -48.28 -8.14 49.31
C GLN P 124 -47.69 -8.34 50.70
N LEU P 125 -46.49 -8.92 50.76
CA LEU P 125 -45.79 -9.13 52.03
C LEU P 125 -45.51 -7.82 52.75
N ALA P 126 -45.15 -6.80 51.98
CA ALA P 126 -44.80 -5.49 52.53
C ALA P 126 -45.99 -4.87 53.25
N LEU P 127 -47.14 -4.85 52.59
CA LEU P 127 -48.37 -4.33 53.20
C LEU P 127 -48.76 -5.17 54.41
N ASP P 128 -48.63 -6.48 54.27
CA ASP P 128 -48.88 -7.43 55.36
C ASP P 128 -47.92 -7.25 56.55
N SER P 129 -46.65 -6.93 56.27
CA SER P 129 -45.63 -6.79 57.31
C SER P 129 -44.43 -6.02 56.78
N PRO P 130 -44.44 -4.68 56.89
CA PRO P 130 -43.37 -3.87 56.31
C PRO P 130 -42.03 -3.97 57.03
N LYS P 131 -42.03 -4.42 58.28
CA LYS P 131 -40.80 -4.63 59.03
C LYS P 131 -40.44 -6.10 59.18
N GLY P 132 -41.02 -6.95 58.33
CA GLY P 132 -40.69 -8.36 58.27
C GLY P 132 -41.04 -9.13 59.52
N CYS P 133 -42.03 -8.65 60.27
CA CYS P 133 -42.33 -9.21 61.58
C CYS P 133 -43.13 -10.50 61.44
N GLY P 134 -42.61 -11.57 62.04
CA GLY P 134 -43.26 -12.86 62.06
C GLY P 134 -43.05 -13.59 60.75
N THR P 135 -41.79 -13.65 60.31
CA THR P 135 -41.42 -14.24 59.06
C THR P 135 -40.34 -15.27 59.31
N VAL P 136 -40.28 -16.25 58.42
CA VAL P 136 -39.20 -17.21 58.38
C VAL P 136 -38.53 -16.97 57.04
N LEU P 137 -37.33 -16.42 57.07
CA LEU P 137 -36.59 -16.17 55.85
C LEU P 137 -35.72 -17.39 55.56
N LEU P 138 -36.10 -18.14 54.54
CA LEU P 138 -35.38 -19.34 54.16
C LEU P 138 -34.49 -19.07 52.96
N SER P 139 -33.75 -20.09 52.57
CA SER P 139 -33.05 -20.06 51.31
C SER P 139 -32.90 -21.47 50.79
N GLY P 140 -32.82 -21.59 49.47
CA GLY P 140 -32.47 -22.83 48.83
C GLY P 140 -31.00 -23.14 49.05
N PRO P 141 -30.63 -24.42 48.91
CA PRO P 141 -29.24 -24.82 49.08
C PRO P 141 -28.38 -24.22 47.98
N ARG P 142 -27.53 -23.29 48.37
CA ARG P 142 -26.67 -22.58 47.43
C ARG P 142 -25.77 -23.54 46.66
N LYS P 143 -25.19 -24.49 47.39
CA LYS P 143 -24.26 -25.47 46.82
C LYS P 143 -25.00 -26.73 46.39
N GLY P 144 -26.05 -26.55 45.59
CA GLY P 144 -26.77 -27.65 44.97
C GLY P 144 -26.22 -27.97 43.60
N ARG P 145 -25.99 -26.90 42.83
CA ARG P 145 -25.53 -26.97 41.44
C ARG P 145 -24.43 -28.00 41.24
N GLU P 146 -24.55 -28.81 40.19
CA GLU P 146 -23.56 -29.87 39.94
C GLU P 146 -22.19 -29.27 39.70
N VAL P 147 -22.18 -28.04 39.18
CA VAL P 147 -21.02 -27.16 39.14
C VAL P 147 -20.01 -27.38 40.25
N TYR P 148 -20.48 -27.28 41.50
CA TYR P 148 -19.61 -27.32 42.68
C TYR P 148 -18.81 -28.61 42.86
N ARG P 149 -19.33 -29.72 42.30
CA ARG P 149 -18.61 -30.99 42.35
C ARG P 149 -17.31 -30.99 41.56
N HIS P 150 -17.12 -30.03 40.66
CA HIS P 150 -15.82 -29.87 40.01
C HIS P 150 -14.91 -28.91 40.74
N PHE P 151 -15.47 -28.12 41.66
CA PHE P 151 -14.68 -27.17 42.42
C PHE P 151 -13.96 -27.81 43.60
N GLY P 152 -12.78 -27.25 43.90
CA GLY P 152 -11.96 -27.66 45.03
C GLY P 152 -10.57 -28.12 44.64
N LYS P 153 -9.91 -28.77 45.58
CA LYS P 153 -8.62 -29.41 45.35
C LYS P 153 -8.77 -30.35 44.17
N ALA P 154 -7.89 -30.21 43.19
CA ALA P 154 -8.10 -30.83 41.88
C ALA P 154 -8.12 -32.35 41.98
N PRO P 155 -8.73 -33.01 40.99
CA PRO P 155 -8.63 -34.46 40.94
C PRO P 155 -7.21 -34.88 40.63
N GLY P 156 -6.79 -36.00 41.19
CA GLY P 156 -5.39 -36.39 41.12
C GLY P 156 -4.54 -35.51 42.00
N THR P 157 -5.05 -35.24 43.20
CA THR P 157 -4.38 -34.48 44.22
C THR P 157 -4.81 -35.13 45.52
N PRO P 158 -3.90 -35.83 46.20
CA PRO P 158 -4.31 -36.83 47.21
C PRO P 158 -5.34 -36.30 48.21
N HIS P 159 -6.37 -37.10 48.46
CA HIS P 159 -7.54 -36.77 49.31
C HIS P 159 -8.46 -35.70 48.74
N SER P 160 -8.53 -35.61 47.41
CA SER P 160 -9.56 -34.80 46.77
C SER P 160 -10.62 -35.76 46.28
N HIS P 161 -11.86 -35.29 46.28
CA HIS P 161 -12.99 -36.08 45.82
C HIS P 161 -13.78 -35.21 44.90
N THR P 162 -13.08 -34.77 43.87
CA THR P 162 -13.51 -33.67 43.04
C THR P 162 -13.76 -34.19 41.63
N LYS P 163 -15.02 -34.13 41.20
CA LYS P 163 -15.40 -34.70 39.92
C LYS P 163 -14.56 -34.06 38.82
N PRO P 164 -13.87 -34.88 37.99
CA PRO P 164 -13.19 -34.32 36.83
C PRO P 164 -14.16 -34.09 35.68
N TYR P 165 -13.90 -33.06 34.89
CA TYR P 165 -14.65 -32.81 33.67
C TYR P 165 -14.22 -33.85 32.66
N VAL P 166 -15.12 -34.76 32.34
CA VAL P 166 -14.83 -35.91 31.48
C VAL P 166 -15.91 -35.99 30.42
N ARG P 167 -15.52 -36.36 29.19
CA ARG P 167 -16.45 -36.39 28.08
C ARG P 167 -17.61 -37.35 28.34
N SER P 168 -17.30 -38.51 28.90
CA SER P 168 -18.31 -39.53 29.16
C SER P 168 -17.76 -40.53 30.16
N LYS P 169 -18.53 -40.89 31.19
CA LYS P 169 -18.08 -41.93 32.10
C LYS P 169 -18.20 -43.31 31.46
N GLY P 170 -17.46 -44.25 32.01
CA GLY P 170 -17.31 -45.58 31.41
C GLY P 170 -15.93 -46.18 31.69
N ARG P 171 -15.86 -47.51 31.59
CA ARG P 171 -14.64 -48.29 31.77
C ARG P 171 -13.36 -47.60 31.33
N LYS P 172 -13.40 -46.96 30.17
CA LYS P 172 -12.19 -46.44 29.54
C LYS P 172 -12.28 -44.94 29.30
N PHE P 173 -12.75 -44.22 30.32
CA PHE P 173 -12.67 -42.78 30.33
C PHE P 173 -12.14 -42.38 31.70
N GLU P 174 -10.85 -42.04 31.69
CA GLU P 174 -10.01 -42.00 32.88
C GLU P 174 -9.93 -43.39 33.53
N ARG P 175 -9.94 -43.47 34.86
CA ARG P 175 -9.69 -44.73 35.62
C ARG P 175 -8.56 -45.69 35.16
N ALA P 176 -7.42 -45.12 34.75
CA ALA P 176 -6.17 -45.87 34.53
C ALA P 176 -4.99 -45.28 35.34
N ARG P 177 -3.98 -44.68 34.68
CA ARG P 177 -2.71 -44.33 35.35
C ARG P 177 -2.85 -43.12 36.26
N GLY P 178 -3.06 -43.38 37.55
CA GLY P 178 -3.36 -42.34 38.49
C GLY P 178 -4.68 -42.51 39.23
N ARG P 179 -5.33 -43.66 39.05
CA ARG P 179 -6.42 -44.05 39.96
C ARG P 179 -6.26 -45.47 40.50
N ARG P 180 -5.90 -46.41 39.62
CA ARG P 180 -5.57 -47.75 40.05
C ARG P 180 -4.19 -47.69 40.69
N ALA P 181 -3.93 -48.58 41.63
CA ALA P 181 -2.57 -48.79 42.13
C ALA P 181 -1.75 -49.54 41.09
N SER P 182 -2.41 -50.49 40.43
CA SER P 182 -1.83 -51.31 39.35
C SER P 182 -1.21 -50.51 38.21
N ARG P 183 -1.71 -49.30 37.98
CA ARG P 183 -1.26 -48.49 36.87
C ARG P 183 -0.59 -47.20 37.36
N GLY P 184 0.71 -47.31 37.57
CA GLY P 184 1.50 -46.19 38.05
C GLY P 184 1.36 -45.94 39.53
N TYR P 185 0.24 -45.33 39.92
CA TYR P 185 0.09 -44.75 41.26
C TYR P 185 -1.36 -44.37 41.51
N LYS P 186 -1.69 -43.98 42.74
CA LYS P 186 -3.02 -43.41 42.99
C LYS P 186 -3.09 -42.36 44.11
N ASN P 187 -4.06 -41.45 43.98
CA ASN P 187 -4.21 -40.26 44.84
C ASN P 187 -5.52 -40.31 45.64
N SER Q 1 12.47 20.21 -55.50
CA SER Q 1 11.54 20.01 -54.34
C SER Q 1 11.79 18.67 -53.65
N MET Q 2 11.65 17.59 -54.42
CA MET Q 2 11.89 16.23 -53.94
C MET Q 2 11.97 15.31 -55.16
N LEU Q 3 13.15 14.75 -55.40
CA LEU Q 3 13.42 14.01 -56.61
C LEU Q 3 14.20 12.75 -56.32
N ARG Q 4 13.90 12.07 -55.21
CA ARG Q 4 14.59 10.80 -54.93
C ARG Q 4 14.02 9.68 -55.79
N LEU Q 5 12.73 9.77 -56.10
CA LEU Q 5 12.08 8.86 -57.04
C LEU Q 5 12.62 9.01 -58.47
N GLN Q 6 12.74 10.25 -58.92
CA GLN Q 6 13.20 10.53 -60.27
C GLN Q 6 14.64 10.12 -60.44
N LYS Q 7 15.43 10.20 -59.39
CA LYS Q 7 16.80 9.72 -59.47
C LYS Q 7 16.83 8.19 -59.54
N ARG Q 8 15.96 7.51 -58.78
CA ARG Q 8 15.89 6.04 -58.82
C ARG Q 8 15.52 5.54 -60.21
N LEU Q 9 14.37 5.98 -60.71
CA LEU Q 9 13.91 5.61 -62.06
C LEU Q 9 14.97 5.91 -63.13
N ALA Q 10 15.52 7.12 -63.07
CA ALA Q 10 16.58 7.56 -63.99
C ALA Q 10 17.75 6.59 -64.01
N SER Q 11 18.24 6.28 -62.81
CA SER Q 11 19.30 5.29 -62.62
C SER Q 11 18.98 3.95 -63.26
N SER Q 12 17.78 3.46 -63.01
CA SER Q 12 17.34 2.17 -63.52
C SER Q 12 17.17 2.17 -65.04
N VAL Q 13 16.82 3.32 -65.61
CA VAL Q 13 16.67 3.44 -67.04
C VAL Q 13 18.05 3.47 -67.68
N LEU Q 14 18.90 4.36 -67.18
CA LEU Q 14 20.29 4.47 -67.64
C LEU Q 14 21.11 3.20 -67.43
N ARG Q 15 20.76 2.42 -66.40
CA ARG Q 15 21.50 1.22 -65.99
C ARG Q 15 22.88 1.63 -65.45
N CYS Q 16 22.87 2.71 -64.68
CA CYS Q 16 24.04 3.21 -63.96
C CYS Q 16 23.70 3.20 -62.48
N GLY Q 17 24.53 3.85 -61.67
CA GLY Q 17 24.42 3.76 -60.21
C GLY Q 17 23.33 4.58 -59.57
N LYS Q 18 23.24 5.84 -59.98
CA LYS Q 18 22.55 6.95 -59.28
C LYS Q 18 23.59 7.85 -58.61
N LYS Q 19 24.82 7.36 -58.48
CA LYS Q 19 25.96 8.26 -58.53
C LYS Q 19 25.92 8.96 -59.89
N LYS Q 20 25.82 8.14 -60.93
CA LYS Q 20 25.95 8.61 -62.30
C LYS Q 20 24.74 9.33 -62.86
N VAL Q 21 23.60 9.27 -62.19
CA VAL Q 21 22.46 10.08 -62.58
C VAL Q 21 22.73 11.54 -62.22
N TRP Q 22 22.54 12.41 -63.20
CA TRP Q 22 22.65 13.84 -63.00
C TRP Q 22 21.30 14.46 -63.38
N LEU Q 23 20.62 15.10 -62.43
CA LEU Q 23 19.38 15.82 -62.70
C LEU Q 23 19.69 17.30 -62.80
N ASP Q 24 19.24 17.98 -63.85
CA ASP Q 24 19.53 19.41 -64.00
C ASP Q 24 18.84 20.23 -62.90
N PRO Q 25 19.64 20.92 -62.06
CA PRO Q 25 19.07 21.65 -60.92
C PRO Q 25 18.29 22.90 -61.27
N ASN Q 26 18.56 23.49 -62.45
CA ASN Q 26 17.78 24.62 -62.94
C ASN Q 26 16.38 24.17 -63.34
N GLU Q 27 16.31 23.13 -64.16
CA GLU Q 27 15.04 22.54 -64.58
C GLU Q 27 14.67 21.38 -63.66
N THR Q 28 14.22 21.76 -62.47
CA THR Q 28 13.84 20.86 -61.38
C THR Q 28 12.37 20.47 -61.47
N ASN Q 29 11.51 21.48 -61.61
CA ASN Q 29 10.05 21.32 -61.61
C ASN Q 29 9.55 20.40 -62.73
N GLU Q 30 10.21 20.48 -63.88
CA GLU Q 30 9.91 19.61 -65.02
C GLU Q 30 10.19 18.17 -64.65
N ILE Q 31 11.32 17.96 -63.97
CA ILE Q 31 11.69 16.65 -63.43
C ILE Q 31 10.71 16.22 -62.34
N ALA Q 32 10.28 17.16 -61.51
CA ALA Q 32 9.36 16.83 -60.42
C ALA Q 32 8.07 16.17 -60.89
N ASN Q 33 7.53 16.62 -62.02
CA ASN Q 33 6.31 15.99 -62.59
C ASN Q 33 6.63 14.93 -63.67
N ALA Q 34 7.69 14.16 -63.43
CA ALA Q 34 8.10 13.05 -64.28
C ALA Q 34 7.56 11.71 -63.79
N ASN Q 35 7.16 11.61 -62.52
CA ASN Q 35 6.68 10.36 -61.90
C ASN Q 35 6.95 8.99 -62.59
N SER Q 36 6.43 8.76 -63.80
CA SER Q 36 6.67 7.51 -64.50
C SER Q 36 8.04 7.48 -65.16
N ARG Q 37 8.48 6.27 -65.50
CA ARG Q 37 9.57 6.12 -66.45
C ARG Q 37 8.91 6.11 -67.80
N GLN Q 38 9.68 6.48 -68.82
CA GLN Q 38 9.19 6.92 -70.14
C GLN Q 38 8.81 8.41 -70.16
N GLN Q 39 8.33 8.94 -69.04
CA GLN Q 39 8.42 10.39 -68.81
C GLN Q 39 9.88 10.73 -68.61
N ILE Q 40 10.57 9.87 -67.87
CA ILE Q 40 11.98 10.03 -67.56
C ILE Q 40 12.84 9.76 -68.78
N ARG Q 41 12.45 8.77 -69.58
CA ARG Q 41 13.18 8.47 -70.81
C ARG Q 41 13.13 9.66 -71.76
N LYS Q 42 12.00 10.36 -71.78
CA LYS Q 42 11.85 11.64 -72.49
C LYS Q 42 12.86 12.65 -71.96
N LEU Q 43 12.90 12.85 -70.65
CA LEU Q 43 13.84 13.81 -70.07
C LEU Q 43 15.31 13.40 -70.25
N ILE Q 44 15.56 12.10 -70.39
CA ILE Q 44 16.88 11.60 -70.78
C ILE Q 44 17.25 12.10 -72.16
N LYS Q 45 16.31 11.98 -73.11
CA LYS Q 45 16.55 12.43 -74.48
C LYS Q 45 16.65 13.96 -74.60
N ASP Q 46 15.88 14.68 -73.80
CA ASP Q 46 15.93 16.15 -73.79
C ASP Q 46 17.17 16.73 -73.11
N GLY Q 47 17.89 15.91 -72.34
CA GLY Q 47 19.16 16.31 -71.73
C GLY Q 47 19.03 17.05 -70.40
N LEU Q 48 17.92 16.78 -69.70
CA LEU Q 48 17.71 17.32 -68.36
C LEU Q 48 18.22 16.33 -67.33
N ILE Q 49 18.01 15.03 -67.56
CA ILE Q 49 18.71 14.01 -66.79
C ILE Q 49 19.71 13.29 -67.69
N ILE Q 50 20.91 13.05 -67.14
CA ILE Q 50 22.08 12.62 -67.91
C ILE Q 50 22.93 11.67 -67.09
N ARG Q 51 23.52 10.68 -67.75
CA ARG Q 51 24.50 9.84 -67.11
C ARG Q 51 25.83 10.56 -67.09
N LYS Q 52 26.38 10.72 -65.89
CA LYS Q 52 27.73 11.24 -65.72
C LYS Q 52 28.76 10.22 -66.22
N PRO Q 53 29.96 10.71 -66.55
CA PRO Q 53 31.04 9.82 -66.95
C PRO Q 53 31.68 9.15 -65.74
N VAL Q 54 32.42 8.07 -65.98
CA VAL Q 54 33.06 7.32 -64.92
C VAL Q 54 34.17 8.17 -64.33
N THR Q 55 34.37 8.06 -63.02
CA THR Q 55 35.46 8.72 -62.34
C THR Q 55 36.77 8.08 -62.81
N VAL Q 56 37.68 8.88 -63.37
CA VAL Q 56 38.85 8.32 -64.06
C VAL Q 56 39.87 7.72 -63.09
N HIS Q 57 40.19 6.45 -63.32
CA HIS Q 57 41.21 5.75 -62.57
C HIS Q 57 42.32 5.30 -63.52
N SER Q 58 43.21 6.23 -63.82
CA SER Q 58 44.34 6.01 -64.72
C SER Q 58 45.22 4.84 -64.29
N ARG Q 59 45.57 4.04 -65.29
CA ARG Q 59 46.42 2.86 -65.16
C ARG Q 59 47.83 3.24 -65.60
N ALA Q 60 48.01 4.51 -65.98
CA ALA Q 60 49.17 4.96 -66.75
C ALA Q 60 50.44 5.00 -65.92
N ARG Q 61 50.30 5.51 -64.70
CA ARG Q 61 51.39 5.58 -63.76
C ARG Q 61 51.96 4.20 -63.43
N CYS Q 62 51.07 3.22 -63.30
CA CYS Q 62 51.45 1.85 -63.11
C CYS Q 62 52.18 1.35 -64.33
N ARG Q 63 51.55 1.47 -65.49
CA ARG Q 63 52.16 1.01 -66.74
C ARG Q 63 53.59 1.49 -66.91
N LYS Q 64 53.82 2.77 -66.60
CA LYS Q 64 55.17 3.33 -66.61
C LYS Q 64 56.08 2.55 -65.67
N ASN Q 65 55.64 2.37 -64.42
CA ASN Q 65 56.42 1.61 -63.45
C ASN Q 65 56.63 0.16 -63.84
N THR Q 66 55.64 -0.49 -64.44
CA THR Q 66 55.85 -1.86 -64.92
C THR Q 66 56.95 -1.91 -65.97
N LEU Q 67 57.02 -0.89 -66.82
CA LEU Q 67 58.13 -0.76 -67.77
C LEU Q 67 59.47 -0.62 -67.08
N ALA Q 68 59.50 0.04 -65.92
CA ALA Q 68 60.71 0.06 -65.10
C ALA Q 68 61.03 -1.34 -64.59
N ARG Q 69 60.02 -2.05 -64.08
CA ARG Q 69 60.21 -3.41 -63.60
C ARG Q 69 60.69 -4.36 -64.70
N ARG Q 70 60.37 -4.07 -65.96
CA ARG Q 70 60.90 -4.86 -67.09
C ARG Q 70 62.39 -4.66 -67.23
N LYS Q 71 62.82 -3.39 -67.25
CA LYS Q 71 64.25 -3.02 -67.33
C LYS Q 71 65.13 -3.61 -66.21
N GLY Q 72 64.51 -3.98 -65.10
CA GLY Q 72 65.19 -4.61 -64.00
C GLY Q 72 65.38 -3.48 -63.04
N ARG Q 73 64.35 -3.22 -62.24
CA ARG Q 73 64.28 -2.00 -61.46
C ARG Q 73 63.17 -2.10 -60.43
N HIS Q 74 63.41 -1.56 -59.24
CA HIS Q 74 62.52 -1.69 -58.08
C HIS Q 74 62.38 -3.18 -57.75
N MET Q 75 63.45 -3.93 -57.96
CA MET Q 75 63.45 -5.38 -57.90
C MET Q 75 64.63 -5.96 -57.13
N GLY Q 76 65.38 -5.09 -56.44
CA GLY Q 76 66.54 -5.51 -55.68
C GLY Q 76 66.12 -6.02 -54.32
N ILE Q 77 67.09 -6.57 -53.59
CA ILE Q 77 66.86 -7.22 -52.31
C ILE Q 77 65.82 -6.48 -51.46
N GLY Q 78 66.00 -5.17 -51.29
CA GLY Q 78 65.11 -4.37 -50.46
C GLY Q 78 63.74 -4.02 -51.01
N LYS Q 79 63.31 -4.66 -52.08
CA LYS Q 79 61.92 -4.57 -52.51
C LYS Q 79 61.36 -5.96 -52.80
N ARG Q 80 61.76 -6.90 -51.95
CA ARG Q 80 61.22 -8.24 -51.95
C ARG Q 80 60.74 -8.55 -50.56
N LYS Q 81 59.51 -9.02 -50.46
CA LYS Q 81 58.94 -9.45 -49.21
C LYS Q 81 58.78 -10.96 -49.13
N GLY Q 82 58.47 -11.58 -50.26
CA GLY Q 82 58.30 -13.00 -50.33
C GLY Q 82 59.63 -13.73 -50.46
N THR Q 83 59.61 -14.98 -50.04
CA THR Q 83 60.70 -15.90 -50.27
C THR Q 83 60.89 -16.09 -51.76
N ALA Q 84 62.08 -16.49 -52.13
CA ALA Q 84 62.40 -16.75 -53.53
C ALA Q 84 61.45 -17.76 -54.16
N ASN Q 85 61.22 -18.87 -53.46
CA ASN Q 85 60.31 -19.93 -53.91
C ASN Q 85 58.86 -19.43 -54.08
N ALA Q 86 58.41 -18.51 -53.22
CA ALA Q 86 57.10 -17.86 -53.43
C ALA Q 86 57.08 -17.01 -54.68
N ARG Q 87 58.17 -16.27 -54.89
CA ARG Q 87 58.27 -15.38 -56.04
C ARG Q 87 58.38 -16.14 -57.35
N MET Q 88 59.25 -17.13 -57.42
CA MET Q 88 59.23 -18.08 -58.53
C MET Q 88 59.39 -19.50 -58.00
N PRO Q 89 58.30 -20.29 -58.02
CA PRO Q 89 58.35 -21.61 -57.41
C PRO Q 89 59.29 -22.59 -58.10
N GLU Q 90 60.11 -23.22 -57.29
CA GLU Q 90 61.20 -24.06 -57.75
C GLU Q 90 60.64 -25.19 -58.61
N LYS Q 91 59.51 -25.73 -58.18
CA LYS Q 91 58.83 -26.77 -58.94
C LYS Q 91 58.46 -26.31 -60.33
N VAL Q 92 57.91 -25.10 -60.44
CA VAL Q 92 57.55 -24.57 -61.74
C VAL Q 92 58.78 -24.37 -62.57
N THR Q 93 59.81 -23.79 -61.97
CA THR Q 93 61.07 -23.63 -62.66
C THR Q 93 61.62 -24.96 -63.17
N TRP Q 94 61.56 -26.00 -62.34
CA TRP Q 94 61.88 -27.35 -62.79
C TRP Q 94 60.97 -27.81 -63.95
N MET Q 95 59.65 -27.75 -63.77
CA MET Q 95 58.71 -28.16 -64.81
C MET Q 95 59.03 -27.55 -66.16
N ARG Q 96 59.35 -26.25 -66.19
CA ARG Q 96 59.73 -25.60 -67.44
C ARG Q 96 60.90 -26.34 -68.06
N ARG Q 97 61.96 -26.53 -67.26
CA ARG Q 97 63.19 -27.11 -67.76
C ARG Q 97 63.02 -28.48 -68.38
N MET Q 98 62.42 -29.41 -67.63
CA MET Q 98 62.11 -30.74 -68.18
C MET Q 98 61.31 -30.64 -69.44
N ARG Q 99 60.26 -29.83 -69.43
CA ARG Q 99 59.43 -29.68 -70.61
C ARG Q 99 60.17 -29.03 -71.78
N ILE Q 100 61.25 -28.30 -71.51
CA ILE Q 100 62.16 -27.83 -72.57
C ILE Q 100 63.09 -28.92 -73.07
N LEU Q 101 63.92 -29.43 -72.16
CA LEU Q 101 65.01 -30.33 -72.53
C LEU Q 101 64.46 -31.61 -73.13
N ARG Q 102 63.41 -32.14 -72.53
CA ARG Q 102 62.72 -33.30 -73.10
C ARG Q 102 62.22 -33.00 -74.51
N ARG Q 103 61.63 -31.82 -74.70
CA ARG Q 103 61.14 -31.40 -76.02
C ARG Q 103 62.30 -31.26 -77.01
N LEU Q 104 63.43 -30.74 -76.55
CA LEU Q 104 64.65 -30.70 -77.37
C LEU Q 104 65.12 -32.09 -77.76
N LEU Q 105 65.12 -33.01 -76.79
CA LEU Q 105 65.57 -34.40 -77.04
C LEU Q 105 64.71 -35.15 -78.03
N ARG Q 106 63.39 -35.07 -77.89
CA ARG Q 106 62.52 -35.82 -78.80
C ARG Q 106 62.40 -35.15 -80.16
N ARG Q 107 62.69 -33.85 -80.25
CA ARG Q 107 62.84 -33.22 -81.56
C ARG Q 107 64.12 -33.71 -82.25
N TYR Q 108 65.20 -33.88 -81.49
CA TYR Q 108 66.45 -34.39 -82.03
C TYR Q 108 66.29 -35.81 -82.56
N ARG Q 109 65.65 -36.64 -81.77
CA ARG Q 109 65.41 -38.02 -82.12
C ARG Q 109 64.55 -38.17 -83.38
N GLU Q 110 63.51 -37.35 -83.46
CA GLU Q 110 62.56 -37.41 -84.57
C GLU Q 110 63.02 -36.63 -85.82
N SER Q 111 64.29 -36.23 -85.83
CA SER Q 111 64.99 -35.75 -87.03
C SER Q 111 66.16 -36.67 -87.42
N LYS Q 112 66.28 -37.83 -86.74
CA LYS Q 112 67.42 -38.74 -86.87
C LYS Q 112 68.78 -38.15 -86.48
N LYS Q 113 68.77 -37.08 -85.68
CA LYS Q 113 69.99 -36.48 -85.16
C LYS Q 113 70.60 -37.51 -84.23
N ILE Q 114 69.85 -37.91 -83.22
CA ILE Q 114 70.30 -38.88 -82.21
C ILE Q 114 69.46 -40.16 -82.31
N ASP Q 115 70.11 -41.27 -81.99
CA ASP Q 115 69.48 -42.58 -82.07
C ASP Q 115 68.65 -42.84 -80.81
N ARG Q 116 67.92 -43.95 -80.84
CA ARG Q 116 67.11 -44.39 -79.68
C ARG Q 116 67.91 -44.39 -78.40
N HIS Q 117 69.09 -45.00 -78.46
CA HIS Q 117 69.82 -45.37 -77.25
C HIS Q 117 70.46 -44.15 -76.58
N MET Q 118 70.99 -43.25 -77.41
CA MET Q 118 71.47 -41.93 -76.99
C MET Q 118 70.35 -41.15 -76.30
N TYR Q 119 69.23 -41.05 -77.00
CA TYR Q 119 68.04 -40.36 -76.51
C TYR Q 119 67.70 -40.81 -75.12
N HIS Q 120 67.70 -42.12 -74.92
CA HIS Q 120 67.28 -42.69 -73.64
C HIS Q 120 68.23 -42.37 -72.50
N SER Q 121 69.54 -42.33 -72.79
CA SER Q 121 70.53 -41.99 -71.76
C SER Q 121 70.40 -40.53 -71.37
N LEU Q 122 70.38 -39.65 -72.38
CA LEU Q 122 70.16 -38.21 -72.14
C LEU Q 122 68.85 -37.95 -71.42
N TYR Q 123 67.81 -38.72 -71.74
CA TYR Q 123 66.54 -38.56 -71.07
C TYR Q 123 66.74 -38.71 -69.56
N LEU Q 124 67.46 -39.76 -69.17
CA LEU Q 124 67.66 -40.05 -67.75
C LEU Q 124 68.70 -39.17 -67.07
N LYS Q 125 69.64 -38.63 -67.84
CA LYS Q 125 70.57 -37.63 -67.32
C LYS Q 125 69.92 -36.25 -67.24
N VAL Q 126 69.01 -35.97 -68.16
CA VAL Q 126 68.20 -34.76 -68.06
C VAL Q 126 67.47 -34.84 -66.73
N LYS Q 127 66.68 -35.90 -66.56
CA LYS Q 127 65.89 -36.12 -65.34
C LYS Q 127 66.66 -36.11 -64.03
N GLY Q 128 67.95 -36.46 -64.06
CA GLY Q 128 68.81 -36.34 -62.90
C GLY Q 128 69.66 -35.08 -62.91
N ASN Q 129 69.06 -33.96 -63.29
CA ASN Q 129 69.75 -32.69 -63.60
C ASN Q 129 71.26 -32.74 -63.84
N VAL Q 130 71.61 -33.16 -65.04
CA VAL Q 130 72.97 -33.06 -65.54
C VAL Q 130 73.14 -31.83 -66.45
N PHE Q 131 72.03 -31.39 -67.06
CA PHE Q 131 72.02 -30.26 -67.97
C PHE Q 131 71.21 -29.13 -67.38
N LYS Q 132 71.91 -28.09 -66.93
CA LYS Q 132 71.28 -26.98 -66.24
C LYS Q 132 70.50 -26.02 -67.14
N ASN Q 133 70.59 -26.19 -68.47
CA ASN Q 133 69.75 -25.45 -69.43
C ASN Q 133 69.74 -26.14 -70.82
N LYS Q 134 69.26 -25.46 -71.85
CA LYS Q 134 69.17 -26.06 -73.20
C LYS Q 134 70.50 -26.07 -73.92
N ARG Q 135 71.13 -24.89 -73.97
CA ARG Q 135 72.40 -24.70 -74.67
C ARG Q 135 73.45 -25.72 -74.26
N ILE Q 136 73.61 -25.90 -72.96
CA ILE Q 136 74.60 -26.85 -72.44
C ILE Q 136 74.28 -28.31 -72.82
N LEU Q 137 73.00 -28.63 -72.98
CA LEU Q 137 72.58 -29.96 -73.45
C LEU Q 137 72.98 -30.15 -74.90
N MET Q 138 72.67 -29.19 -75.77
CA MET Q 138 73.04 -29.31 -77.17
C MET Q 138 74.54 -29.53 -77.28
N GLU Q 139 75.31 -28.64 -76.66
CA GLU Q 139 76.77 -28.75 -76.69
C GLU Q 139 77.27 -30.12 -76.26
N HIS Q 140 76.64 -30.69 -75.23
CA HIS Q 140 76.96 -32.05 -74.81
C HIS Q 140 76.51 -33.07 -75.86
N ILE Q 141 75.36 -32.87 -76.48
CA ILE Q 141 74.96 -33.74 -77.59
C ILE Q 141 75.96 -33.69 -78.74
N HIS Q 142 76.49 -32.52 -79.05
CA HIS Q 142 77.42 -32.40 -80.18
C HIS Q 142 78.73 -33.12 -79.88
N LYS Q 143 79.22 -33.00 -78.65
CA LYS Q 143 80.44 -33.69 -78.26
C LYS Q 143 80.28 -35.20 -78.38
N LEU Q 144 79.12 -35.72 -77.98
CA LEU Q 144 78.86 -37.14 -78.11
C LEU Q 144 78.85 -37.58 -79.55
N LYS Q 145 78.10 -36.84 -80.38
CA LYS Q 145 78.04 -37.12 -81.83
C LYS Q 145 79.39 -37.09 -82.52
N ALA Q 146 80.31 -36.28 -82.01
CA ALA Q 146 81.68 -36.30 -82.49
C ALA Q 146 82.44 -37.55 -82.05
N ASP Q 147 82.24 -37.98 -80.80
CA ASP Q 147 82.94 -39.17 -80.27
C ASP Q 147 82.40 -40.49 -80.84
N LYS Q 148 81.12 -40.53 -81.20
CA LYS Q 148 80.60 -41.66 -81.97
C LYS Q 148 81.17 -41.69 -83.39
N ALA Q 149 81.29 -40.53 -84.01
CA ALA Q 149 81.91 -40.44 -85.32
C ALA Q 149 83.37 -40.89 -85.27
N ARG Q 150 84.12 -40.46 -84.25
CA ARG Q 150 85.52 -40.85 -84.10
C ARG Q 150 85.68 -42.36 -83.90
N LYS Q 151 84.83 -42.95 -83.07
CA LYS Q 151 84.94 -44.36 -82.72
C LYS Q 151 84.30 -45.32 -83.74
N LYS Q 152 83.24 -44.89 -84.42
CA LYS Q 152 82.65 -45.67 -85.51
C LYS Q 152 83.58 -45.71 -86.73
N LEU Q 153 84.17 -44.55 -87.06
CA LEU Q 153 85.21 -44.46 -88.10
C LEU Q 153 86.30 -45.51 -87.90
N LEU Q 154 86.86 -45.53 -86.70
CA LEU Q 154 87.90 -46.50 -86.34
C LEU Q 154 87.44 -47.96 -86.49
N ALA Q 155 86.20 -48.23 -86.11
CA ALA Q 155 85.65 -49.58 -86.23
C ALA Q 155 85.46 -50.02 -87.68
N ASP Q 156 85.01 -49.10 -88.54
CA ASP Q 156 84.83 -49.40 -89.97
C ASP Q 156 86.15 -49.68 -90.68
N GLN Q 157 87.19 -48.94 -90.30
CA GLN Q 157 88.54 -49.16 -90.84
C GLN Q 157 89.07 -50.55 -90.51
N ALA Q 158 88.94 -50.94 -89.25
CA ALA Q 158 89.34 -52.28 -88.79
C ALA Q 158 88.51 -53.36 -89.46
N GLU Q 159 87.21 -53.11 -89.62
CA GLU Q 159 86.31 -54.05 -90.29
C GLU Q 159 86.56 -54.14 -91.80
N ALA Q 160 87.08 -53.08 -92.40
CA ALA Q 160 87.58 -53.09 -93.77
C ALA Q 160 88.88 -53.88 -93.87
N ARG Q 161 89.80 -53.62 -92.94
CA ARG Q 161 91.05 -54.37 -92.82
C ARG Q 161 90.82 -55.86 -92.57
N ARG Q 162 89.87 -56.17 -91.70
CA ARG Q 162 89.54 -57.55 -91.34
C ARG Q 162 88.93 -58.35 -92.49
N SER Q 163 88.09 -57.69 -93.30
CA SER Q 163 87.54 -58.32 -94.50
C SER Q 163 88.62 -58.58 -95.55
N LYS Q 164 89.48 -57.58 -95.77
CA LYS Q 164 90.58 -57.69 -96.74
C LYS Q 164 91.50 -58.86 -96.42
N THR Q 165 91.99 -58.92 -95.17
CA THR Q 165 92.89 -59.98 -94.73
C THR Q 165 92.21 -61.36 -94.69
N LYS Q 166 90.93 -61.39 -94.35
CA LYS Q 166 90.15 -62.63 -94.37
C LYS Q 166 89.93 -63.16 -95.78
N GLU Q 167 89.49 -62.28 -96.69
CA GLU Q 167 89.23 -62.64 -98.08
C GLU Q 167 90.48 -63.03 -98.85
N ALA Q 168 91.61 -62.37 -98.56
CA ALA Q 168 92.90 -62.74 -99.15
C ALA Q 168 93.42 -64.09 -98.69
N ARG Q 169 93.06 -64.48 -97.47
CA ARG Q 169 93.40 -65.80 -96.93
C ARG Q 169 92.51 -66.88 -97.53
N LYS Q 170 91.20 -66.61 -97.60
CA LYS Q 170 90.23 -67.53 -98.19
C LYS Q 170 90.54 -67.83 -99.67
N ARG Q 171 90.82 -66.77 -100.43
CA ARG Q 171 91.17 -66.91 -101.83
C ARG Q 171 92.47 -67.69 -102.00
N ARG Q 172 93.45 -67.42 -101.15
CA ARG Q 172 94.71 -68.20 -101.16
C ARG Q 172 94.47 -69.70 -100.93
N GLU Q 173 93.57 -70.02 -99.98
CA GLU Q 173 93.21 -71.41 -99.70
C GLU Q 173 92.51 -72.10 -100.88
N GLU Q 174 91.74 -71.33 -101.65
CA GLU Q 174 91.08 -71.84 -102.86
C GLU Q 174 92.09 -72.13 -103.99
N ARG Q 175 93.12 -71.28 -104.10
CA ARG Q 175 94.21 -71.50 -105.06
C ARG Q 175 95.01 -72.76 -104.74
N LEU Q 176 95.19 -73.05 -103.44
CA LEU Q 176 95.93 -74.24 -102.99
C LEU Q 176 95.11 -75.52 -103.26
N GLN Q 177 93.81 -75.47 -102.99
CA GLN Q 177 92.90 -76.59 -103.30
C GLN Q 177 92.79 -76.90 -104.79
N ALA Q 178 92.87 -75.87 -105.63
CA ALA Q 178 92.87 -76.03 -107.09
C ALA Q 178 94.15 -76.71 -107.59
N LYS Q 179 95.29 -76.30 -107.03
CA LYS Q 179 96.59 -76.89 -107.36
C LYS Q 179 96.73 -78.37 -106.96
N LYS Q 180 96.16 -78.73 -105.81
CA LYS Q 180 96.28 -80.08 -105.23
C LYS Q 180 97.75 -80.48 -104.98
N LYS R 1 28.15 14.56 66.78
CA LYS R 1 28.28 16.01 67.13
C LYS R 1 28.50 16.94 65.94
N ALA R 2 27.84 18.09 65.99
CA ALA R 2 28.14 19.22 65.14
C ALA R 2 28.41 20.39 66.09
N SER R 3 27.97 21.62 65.76
CA SER R 3 28.32 22.79 66.55
C SER R 3 27.41 24.02 66.30
N GLY R 4 27.82 25.15 66.88
CA GLY R 4 27.33 26.49 66.55
C GLY R 4 28.21 27.47 67.31
N THR R 5 27.86 27.65 68.58
CA THR R 5 28.80 28.02 69.63
C THR R 5 28.39 27.20 70.86
N LEU R 6 29.33 26.53 71.50
CA LEU R 6 28.97 25.52 72.49
C LEU R 6 28.61 26.18 73.80
N ARG R 7 28.04 25.38 74.70
CA ARG R 7 27.86 25.75 76.10
C ARG R 7 28.36 24.61 76.96
N GLU R 8 29.28 24.92 77.88
CA GLU R 8 29.53 24.05 79.03
C GLU R 8 28.22 23.51 79.57
N TYR R 9 28.15 22.21 79.78
CA TYR R 9 27.04 21.62 80.53
C TYR R 9 27.62 20.75 81.62
N LYS R 10 26.97 20.75 82.78
CA LYS R 10 27.22 19.77 83.81
C LYS R 10 26.20 18.70 83.63
N VAL R 11 26.65 17.46 83.61
CA VAL R 11 25.77 16.31 83.49
C VAL R 11 26.25 15.29 84.47
N VAL R 12 25.43 15.01 85.48
CA VAL R 12 25.70 13.92 86.41
C VAL R 12 24.67 12.81 86.22
N GLY R 13 25.14 11.58 86.28
CA GLY R 13 24.32 10.41 86.02
C GLY R 13 24.84 9.20 86.76
N ARG R 14 23.99 8.18 86.83
CA ARG R 14 24.30 6.98 87.58
C ARG R 14 23.74 5.77 86.89
N CYS R 15 24.44 4.65 87.04
CA CYS R 15 23.91 3.37 86.59
C CYS R 15 22.77 3.08 87.56
N LEU R 16 21.57 2.83 87.05
CA LEU R 16 20.40 2.88 87.91
C LEU R 16 20.41 1.71 88.89
N PRO R 17 19.88 1.93 90.11
CA PRO R 17 20.08 0.99 91.20
C PRO R 17 19.42 -0.37 90.98
N THR R 18 19.88 -1.34 91.75
CA THR R 18 19.42 -2.73 91.67
C THR R 18 19.15 -3.26 93.08
N PRO R 19 18.75 -4.55 93.19
CA PRO R 19 18.86 -5.27 94.45
C PRO R 19 20.30 -5.33 94.99
N LYS R 20 21.24 -5.72 94.15
CA LYS R 20 22.64 -5.94 94.57
C LYS R 20 23.42 -4.64 94.86
N CYS R 21 23.24 -3.63 94.02
CA CYS R 21 23.83 -2.29 94.25
C CYS R 21 22.70 -1.28 94.48
N ARG R 22 22.43 -1.00 95.76
CA ARG R 22 21.24 -0.23 96.14
C ARG R 22 21.38 1.28 95.91
N THR R 23 22.53 1.85 96.26
CA THR R 23 22.78 3.29 96.11
C THR R 23 24.08 3.48 95.31
N PRO R 24 23.97 3.41 93.97
CA PRO R 24 25.14 3.46 93.10
C PRO R 24 25.78 4.84 93.03
N PRO R 25 27.06 4.91 92.67
CA PRO R 25 27.82 6.15 92.70
C PRO R 25 27.49 7.07 91.54
N LEU R 26 27.50 8.37 91.79
CA LEU R 26 27.21 9.36 90.76
C LEU R 26 28.49 9.74 90.03
N TYR R 27 28.36 9.94 88.73
CA TYR R 27 29.45 10.34 87.88
C TYR R 27 29.08 11.63 87.18
N ARG R 28 29.96 12.63 87.28
CA ARG R 28 29.73 13.97 86.75
C ARG R 28 30.75 14.19 85.63
N MET R 29 30.41 15.07 84.69
CA MET R 29 31.29 15.42 83.58
C MET R 29 31.17 16.87 83.17
N ARG R 30 32.06 17.31 82.30
CA ARG R 30 31.98 18.62 81.67
C ARG R 30 31.78 18.41 80.18
N ILE R 31 30.55 18.58 79.71
CA ILE R 31 30.16 18.20 78.35
C ILE R 31 29.76 19.40 77.51
N PHE R 32 30.63 19.78 76.59
CA PHE R 32 30.40 20.98 75.80
C PHE R 32 29.56 20.58 74.62
N ALA R 33 28.48 21.32 74.38
CA ALA R 33 27.58 20.98 73.31
C ALA R 33 26.64 22.14 73.02
N PRO R 34 26.04 22.15 71.83
CA PRO R 34 25.12 23.22 71.47
C PRO R 34 23.83 23.22 72.27
N ASN R 35 23.40 22.04 72.72
CA ASN R 35 22.18 21.94 73.50
C ASN R 35 22.19 20.73 74.41
N HIS R 36 21.40 20.82 75.48
CA HIS R 36 21.23 19.72 76.41
C HIS R 36 20.93 18.38 75.71
N VAL R 37 20.17 18.40 74.62
CA VAL R 37 19.76 17.15 73.98
C VAL R 37 21.00 16.38 73.64
N VAL R 38 21.92 17.01 72.92
CA VAL R 38 23.14 16.31 72.49
C VAL R 38 24.14 16.24 73.63
N ALA R 39 24.01 17.16 74.60
CA ALA R 39 24.81 17.08 75.82
C ALA R 39 24.68 15.73 76.47
N LYS R 40 23.45 15.35 76.79
CA LYS R 40 23.16 14.08 77.42
C LYS R 40 23.65 12.91 76.60
N SER R 41 23.48 12.98 75.30
CA SER R 41 24.03 11.95 74.43
C SER R 41 25.53 11.91 74.62
N ARG R 42 26.16 13.08 74.53
CA ARG R 42 27.62 13.16 74.69
C ARG R 42 28.06 12.66 76.04
N PHE R 43 27.28 12.95 77.07
CA PHE R 43 27.55 12.40 78.38
C PHE R 43 27.62 10.88 78.30
N TRP R 44 26.61 10.26 77.69
CA TRP R 44 26.56 8.80 77.62
C TRP R 44 27.72 8.18 76.85
N TYR R 45 28.14 8.85 75.78
CA TYR R 45 29.28 8.38 74.98
C TYR R 45 30.54 8.27 75.82
N PHE R 46 30.84 9.31 76.59
CA PHE R 46 32.05 9.33 77.41
C PHE R 46 32.04 8.34 78.55
N VAL R 47 30.87 8.15 79.14
CA VAL R 47 30.71 7.23 80.24
C VAL R 47 30.80 5.79 79.76
N SER R 48 30.14 5.49 78.64
CA SER R 48 30.22 4.16 78.05
C SER R 48 31.66 3.71 77.90
N GLN R 49 32.51 4.56 77.34
CA GLN R 49 33.94 4.24 77.18
C GLN R 49 34.59 3.90 78.52
N LEU R 50 34.33 4.70 79.55
CA LEU R 50 35.06 4.59 80.81
C LEU R 50 34.51 3.50 81.71
N LYS R 51 33.20 3.54 81.92
CA LYS R 51 32.51 2.68 82.87
C LYS R 51 31.55 1.77 82.12
N LYS R 52 31.39 0.53 82.59
CA LYS R 52 30.35 -0.34 82.08
C LYS R 52 29.00 0.28 82.40
N MET R 53 28.49 1.08 81.48
CA MET R 53 27.29 1.86 81.76
C MET R 53 26.72 2.47 80.50
N LYS R 54 25.47 2.14 80.23
CA LYS R 54 24.80 2.55 79.01
C LYS R 54 23.56 3.35 79.37
N LYS R 55 22.98 4.00 78.36
CA LYS R 55 21.79 4.84 78.53
C LYS R 55 20.59 4.05 79.02
N SER R 56 20.50 2.79 78.60
CA SER R 56 19.48 1.88 79.10
C SER R 56 19.72 1.54 80.57
N SER R 57 20.98 1.24 80.89
CA SER R 57 21.38 0.83 82.23
C SER R 57 21.42 1.95 83.27
N GLY R 58 21.28 3.21 82.85
CA GLY R 58 21.43 4.35 83.75
C GLY R 58 20.34 5.38 83.64
N GLU R 59 20.46 6.38 84.48
CA GLU R 59 19.61 7.56 84.41
C GLU R 59 20.48 8.79 84.62
N ILE R 60 20.30 9.79 83.75
CA ILE R 60 20.90 11.08 83.98
C ILE R 60 20.07 11.76 85.05
N VAL R 61 20.78 12.29 86.02
CA VAL R 61 20.19 12.84 87.22
C VAL R 61 19.99 14.34 87.00
N TYR R 62 21.11 15.02 86.76
CA TYR R 62 21.13 16.47 86.61
C TYR R 62 22.01 16.85 85.45
N CYS R 63 21.37 17.22 84.34
CA CYS R 63 22.02 17.97 83.27
C CYS R 63 21.71 19.44 83.55
N GLY R 64 22.71 20.30 83.38
CA GLY R 64 22.54 21.73 83.62
C GLY R 64 23.65 22.54 83.01
N GLN R 65 23.28 23.62 82.31
CA GLN R 65 24.23 24.57 81.74
C GLN R 65 25.08 25.17 82.85
N VAL R 66 26.33 25.46 82.54
CA VAL R 66 27.26 26.07 83.50
C VAL R 66 27.80 27.37 82.92
N PHE R 67 27.67 28.43 83.71
CA PHE R 67 27.90 29.78 83.25
C PHE R 67 29.31 30.13 83.62
N GLU R 68 29.96 30.87 82.73
CA GLU R 68 31.28 31.37 83.02
C GLU R 68 31.12 32.34 84.17
N LYS R 69 31.92 32.12 85.21
CA LYS R 69 31.82 32.92 86.43
C LYS R 69 32.53 34.26 86.34
N SER R 70 33.43 34.40 85.36
CA SER R 70 34.07 35.67 85.05
C SER R 70 34.00 35.97 83.56
N PRO R 71 32.79 36.25 83.04
CA PRO R 71 32.63 36.56 81.61
C PRO R 71 33.49 37.71 81.15
N LEU R 72 33.47 38.81 81.89
CA LEU R 72 34.09 40.05 81.44
C LEU R 72 35.56 40.17 81.82
N ARG R 73 36.14 39.10 82.35
CA ARG R 73 37.60 38.92 82.38
C ARG R 73 38.06 38.29 81.06
N VAL R 74 39.20 38.77 80.57
CA VAL R 74 39.90 38.07 79.50
C VAL R 74 40.80 37.02 80.16
N LYS R 75 40.74 35.79 79.65
CA LYS R 75 41.51 34.68 80.20
C LYS R 75 42.32 33.99 79.14
N ASN R 76 43.17 33.10 79.60
CA ASN R 76 43.94 32.21 78.75
C ASN R 76 43.53 30.82 79.15
N PHE R 77 43.13 30.00 78.20
CA PHE R 77 42.69 28.64 78.50
C PHE R 77 43.61 27.62 77.87
N GLY R 78 44.14 26.74 78.73
CA GLY R 78 44.75 25.50 78.28
C GLY R 78 43.66 24.47 78.05
N ILE R 79 43.79 23.75 76.94
CA ILE R 79 42.82 22.73 76.57
C ILE R 79 43.61 21.56 76.05
N TRP R 80 43.30 20.38 76.59
CA TRP R 80 43.93 19.12 76.22
C TRP R 80 42.92 18.37 75.36
N LEU R 81 43.41 17.70 74.34
CA LEU R 81 42.58 17.16 73.28
C LEU R 81 42.82 15.69 73.18
N ARG R 82 42.08 15.07 72.27
CA ARG R 82 42.39 13.74 71.81
C ARG R 82 41.69 13.60 70.47
N TYR R 83 42.42 13.91 69.40
CA TYR R 83 41.82 13.85 68.08
C TYR R 83 42.17 12.57 67.34
N ASP R 84 41.50 12.40 66.22
CA ASP R 84 41.75 11.33 65.29
C ASP R 84 42.29 11.98 64.03
N SER R 85 43.43 11.48 63.54
CA SER R 85 43.96 11.89 62.23
C SER R 85 43.30 11.04 61.16
N ARG R 86 43.67 11.27 59.91
CA ARG R 86 43.41 10.28 58.87
C ARG R 86 44.13 9.02 59.32
N SER R 87 45.40 9.20 59.68
CA SER R 87 46.21 8.17 60.31
C SER R 87 45.77 7.93 61.78
N GLY R 88 46.72 7.69 62.69
CA GLY R 88 46.40 7.38 64.09
C GLY R 88 45.77 8.48 64.93
N THR R 89 45.34 8.11 66.12
CA THR R 89 44.74 9.04 67.08
C THR R 89 45.83 9.67 67.93
N HIS R 90 45.61 10.91 68.35
CA HIS R 90 46.68 11.78 68.85
C HIS R 90 46.29 12.44 70.17
N ASN R 91 47.25 13.11 70.79
CA ASN R 91 46.98 14.04 71.88
C ASN R 91 47.55 15.41 71.52
N MET R 92 46.93 16.46 72.04
CA MET R 92 47.46 17.81 71.93
C MET R 92 47.25 18.56 73.24
N TYR R 93 47.90 19.70 73.34
CA TYR R 93 47.55 20.73 74.31
C TYR R 93 47.47 22.00 73.50
N ARG R 94 46.25 22.48 73.28
CA ARG R 94 46.05 23.74 72.60
C ARG R 94 45.94 24.80 73.68
N GLU R 95 46.08 26.04 73.25
CA GLU R 95 45.87 27.18 74.09
C GLU R 95 45.13 28.21 73.33
N TYR R 96 44.11 28.77 73.95
CA TYR R 96 43.36 29.84 73.37
C TYR R 96 43.28 30.96 74.38
N ARG R 97 42.83 32.11 73.90
CA ARG R 97 42.68 33.28 74.75
C ARG R 97 41.29 33.83 74.50
N ASP R 98 40.46 33.81 75.54
CA ASP R 98 39.05 34.07 75.38
C ASP R 98 38.43 34.58 76.67
N LEU R 99 37.18 35.02 76.55
CA LEU R 99 36.37 35.47 77.68
C LEU R 99 35.66 34.33 78.43
N THR R 100 35.65 33.11 77.88
CA THR R 100 34.87 31.99 78.43
C THR R 100 35.47 30.63 78.07
N THR R 101 35.10 29.61 78.85
CA THR R 101 35.44 28.21 78.53
C THR R 101 34.77 27.78 77.25
N ALA R 102 33.46 28.00 77.19
CA ALA R 102 32.65 27.65 76.03
C ALA R 102 33.25 28.25 74.79
N GLY R 103 33.49 29.56 74.86
CA GLY R 103 34.12 30.30 73.78
C GLY R 103 35.47 29.72 73.41
N ALA R 104 36.25 29.37 74.43
CA ALA R 104 37.56 28.77 74.22
C ALA R 104 37.49 27.36 73.61
N VAL R 105 36.48 26.57 73.97
CA VAL R 105 36.34 25.24 73.35
C VAL R 105 35.79 25.40 71.93
N THR R 106 34.80 26.27 71.75
CA THR R 106 34.30 26.59 70.41
C THR R 106 35.43 26.97 69.47
N GLN R 107 36.24 27.93 69.93
CA GLN R 107 37.48 28.36 69.26
C GLN R 107 38.38 27.19 68.87
N CYS R 108 38.52 26.22 69.78
CA CYS R 108 39.29 25.02 69.52
C CYS R 108 38.72 24.23 68.35
N TYR R 109 37.44 23.89 68.46
CA TYR R 109 36.77 23.13 67.40
C TYR R 109 36.95 23.73 66.01
N ARG R 110 37.00 25.06 65.92
CA ARG R 110 37.22 25.73 64.64
C ARG R 110 38.65 25.60 64.18
N ASP R 111 39.58 25.78 65.12
CA ASP R 111 41.00 25.64 64.83
C ASP R 111 41.31 24.27 64.30
N MET R 112 40.88 23.25 65.04
CA MET R 112 41.15 21.88 64.67
C MET R 112 40.64 21.52 63.28
N GLY R 113 39.44 22.00 62.96
CA GLY R 113 38.92 21.90 61.60
C GLY R 113 39.85 22.57 60.61
N ALA R 114 40.32 23.77 60.94
CA ALA R 114 41.21 24.51 60.06
C ALA R 114 42.55 23.82 59.90
N ARG R 115 43.22 23.63 61.03
CA ARG R 115 44.63 23.22 61.02
C ARG R 115 44.83 21.74 60.77
N HIS R 116 43.84 20.92 61.06
CA HIS R 116 44.01 19.50 60.94
C HIS R 116 42.89 18.79 60.19
N ARG R 117 42.04 19.56 59.50
CA ARG R 117 40.80 19.05 58.93
C ARG R 117 40.22 17.94 59.79
N ALA R 118 40.03 18.27 61.06
CA ALA R 118 39.48 17.35 62.03
C ALA R 118 38.05 17.76 62.27
N ARG R 119 37.12 16.81 62.14
CA ARG R 119 35.71 17.09 62.29
C ARG R 119 35.30 16.75 63.72
N ALA R 120 34.35 17.51 64.23
CA ALA R 120 33.82 17.38 65.59
C ALA R 120 33.89 15.96 66.14
N HIS R 121 33.23 15.04 65.45
CA HIS R 121 33.02 13.68 65.93
C HIS R 121 34.32 12.93 66.22
N SER R 122 35.43 13.38 65.63
CA SER R 122 36.76 12.83 65.90
C SER R 122 37.42 13.31 67.19
N ILE R 123 37.08 14.51 67.65
CA ILE R 123 37.76 15.19 68.75
C ILE R 123 37.16 14.84 70.13
N GLN R 124 38.03 14.57 71.10
CA GLN R 124 37.65 14.38 72.51
C GLN R 124 38.32 15.49 73.29
N ILE R 125 37.54 16.34 73.96
CA ILE R 125 38.12 17.29 74.90
C ILE R 125 38.16 16.60 76.24
N MET R 126 39.33 16.64 76.88
CA MET R 126 39.52 15.96 78.15
C MET R 126 39.40 17.01 79.22
N LYS R 127 40.40 17.88 79.34
CA LYS R 127 40.37 18.96 80.33
C LYS R 127 40.44 20.31 79.67
N VAL R 128 39.69 21.27 80.22
CA VAL R 128 39.82 22.67 79.88
C VAL R 128 40.10 23.38 81.18
N GLU R 129 41.26 24.03 81.28
CA GLU R 129 41.69 24.69 82.50
C GLU R 129 42.16 26.09 82.17
N GLU R 130 41.58 27.10 82.85
CA GLU R 130 42.11 28.46 82.76
C GLU R 130 43.46 28.51 83.45
N ILE R 131 44.28 29.44 83.01
CA ILE R 131 45.72 29.38 83.24
C ILE R 131 46.24 30.79 83.44
N ALA R 132 47.39 30.90 84.11
CA ALA R 132 48.01 32.20 84.39
C ALA R 132 48.64 32.81 83.13
N ALA R 133 49.26 33.98 83.28
CA ALA R 133 50.09 34.55 82.21
C ALA R 133 51.21 33.60 81.88
N SER R 134 51.89 33.15 82.93
CA SER R 134 52.84 32.05 82.85
C SER R 134 52.06 30.73 82.84
N LYS R 135 52.77 29.63 82.59
CA LYS R 135 52.16 28.34 82.25
C LYS R 135 51.42 28.40 80.91
N CYS R 136 51.83 29.35 80.07
CA CYS R 136 51.33 29.47 78.71
C CYS R 136 52.52 29.13 77.82
N ARG R 137 52.39 28.02 77.10
CA ARG R 137 53.47 27.44 76.33
C ARG R 137 53.49 27.90 74.88
N ARG R 138 52.37 28.44 74.42
CA ARG R 138 52.23 28.83 73.02
C ARG R 138 52.50 30.31 72.84
N PRO R 139 53.43 30.68 71.93
CA PRO R 139 53.79 32.08 71.72
C PRO R 139 52.71 32.93 71.05
N ALA R 140 51.80 32.29 70.32
CA ALA R 140 50.64 32.97 69.75
C ALA R 140 49.75 33.59 70.81
N VAL R 141 49.69 32.96 71.98
CA VAL R 141 49.06 33.52 73.17
C VAL R 141 49.96 34.54 73.83
N LYS R 142 51.21 34.14 74.08
CA LYS R 142 52.16 34.91 74.89
C LYS R 142 52.41 36.34 74.44
N GLN R 143 52.27 36.62 73.14
CA GLN R 143 52.50 37.97 72.63
C GLN R 143 51.50 39.00 73.14
N PHE R 144 50.30 38.57 73.52
CA PHE R 144 49.30 39.48 74.07
C PHE R 144 49.44 39.74 75.57
N HIS R 145 50.27 38.95 76.25
CA HIS R 145 50.62 39.23 77.64
C HIS R 145 51.63 40.37 77.73
N ASP R 146 51.11 41.58 77.92
CA ASP R 146 51.93 42.81 77.92
C ASP R 146 51.07 43.98 78.33
N SER R 147 51.64 44.89 79.13
CA SER R 147 50.88 45.95 79.74
C SER R 147 50.54 47.04 78.73
N LYS R 148 51.58 47.61 78.13
CA LYS R 148 51.42 48.69 77.17
C LYS R 148 51.42 48.09 75.76
N ILE R 149 50.36 47.35 75.45
CA ILE R 149 50.21 46.77 74.13
C ILE R 149 49.79 47.84 73.16
N LYS R 150 50.33 47.76 71.96
CA LYS R 150 50.27 48.85 71.02
C LYS R 150 50.46 48.26 69.63
N PHE R 151 49.41 48.33 68.82
CA PHE R 151 49.54 48.02 67.41
C PHE R 151 48.53 48.80 66.59
N PRO R 152 48.85 49.06 65.32
CA PRO R 152 47.91 49.63 64.38
C PRO R 152 47.15 48.57 63.58
N LEU R 153 46.24 49.06 62.74
CA LEU R 153 45.30 48.25 61.97
C LEU R 153 45.57 48.51 60.48
N PRO R 154 46.81 48.22 60.03
CA PRO R 154 47.44 48.91 58.91
C PRO R 154 46.66 49.06 57.58
N HIS R 155 46.43 47.95 56.87
CA HIS R 155 45.84 47.95 55.53
C HIS R 155 44.38 47.57 55.74
N ARG R 156 43.61 48.58 56.11
CA ARG R 156 42.26 48.39 56.59
C ARG R 156 41.32 48.26 55.40
N VAL R 157 41.26 47.04 54.85
CA VAL R 157 40.49 46.76 53.66
C VAL R 157 39.00 46.98 53.90
N LEU R 158 38.34 47.58 52.92
CA LEU R 158 36.95 47.96 53.10
C LEU R 158 36.02 46.80 52.93
N ARG R 159 34.94 46.89 53.69
CA ARG R 159 33.71 46.22 53.40
C ARG R 159 32.73 47.35 53.11
N ARG R 160 31.48 47.00 52.82
CA ARG R 160 30.55 47.90 52.13
C ARG R 160 31.13 48.16 50.74
N GLN R 161 31.30 47.07 49.99
CA GLN R 161 31.73 47.14 48.61
C GLN R 161 30.54 47.28 47.68
N HIS R 162 29.33 47.18 48.22
CA HIS R 162 28.13 47.33 47.41
C HIS R 162 27.11 48.34 47.92
N LYS R 163 27.40 49.00 49.05
CA LYS R 163 27.08 50.40 49.14
C LYS R 163 28.15 51.01 48.27
N PRO R 164 27.81 52.11 47.60
CA PRO R 164 28.14 52.36 46.21
C PRO R 164 28.72 51.15 45.48
N ARG R 165 27.90 50.45 44.71
CA ARG R 165 28.44 49.43 43.82
C ARG R 165 29.33 50.12 42.81
N PHE R 166 28.87 51.27 42.32
CA PHE R 166 29.65 52.10 41.43
C PHE R 166 29.85 53.44 42.09
N THR R 167 31.05 53.97 41.96
CA THR R 167 31.32 55.31 42.44
C THR R 167 32.52 55.92 41.77
N THR R 168 32.54 57.23 41.83
CA THR R 168 33.61 58.04 41.31
C THR R 168 34.87 57.84 42.12
N LYS R 169 34.75 57.92 43.44
CA LYS R 169 35.92 57.84 44.30
C LYS R 169 36.53 56.45 44.30
N ARG R 170 37.83 56.39 44.00
CA ARG R 170 38.63 55.23 44.41
C ARG R 170 38.73 55.30 45.92
N PRO R 171 38.69 54.13 46.59
CA PRO R 171 38.44 54.07 48.03
C PRO R 171 39.64 54.56 48.81
N ASN R 172 39.65 54.33 50.13
CA ASN R 172 40.82 54.57 50.96
C ASN R 172 41.00 53.48 51.99
N THR R 173 42.25 53.13 52.26
CA THR R 173 42.57 52.10 53.24
C THR R 173 43.62 52.52 54.25
N PHE R 174 43.89 53.82 54.33
CA PHE R 174 44.76 54.36 55.36
C PHE R 174 43.95 55.11 56.39
N PHE R 175 44.19 54.78 57.65
CA PHE R 175 43.46 55.38 58.77
C PHE R 175 44.38 55.56 59.98
N THR S 1 24.12 -26.84 42.47
CA THR S 1 22.84 -27.33 43.07
C THR S 1 23.08 -28.36 44.16
N ASN S 2 22.45 -28.15 45.31
CA ASN S 2 22.71 -28.92 46.53
C ASN S 2 21.94 -30.22 46.56
N THR S 3 22.43 -31.16 47.35
CA THR S 3 21.80 -32.48 47.44
C THR S 3 20.55 -32.42 48.26
N LYS S 4 19.54 -33.15 47.82
CA LYS S 4 18.26 -33.14 48.50
C LYS S 4 18.21 -34.07 49.72
N GLY S 5 19.31 -34.75 50.06
CA GLY S 5 19.33 -35.71 51.16
C GLY S 5 18.74 -35.25 52.48
N LYS S 6 18.01 -36.16 53.13
CA LYS S 6 17.27 -35.88 54.36
C LYS S 6 18.09 -35.22 55.45
N ARG S 7 19.32 -35.68 55.62
CA ARG S 7 20.14 -35.24 56.75
C ARG S 7 21.21 -34.22 56.38
N ARG S 8 21.12 -33.66 55.17
CA ARG S 8 22.13 -32.73 54.72
C ARG S 8 22.14 -31.51 55.63
N GLY S 9 23.31 -31.15 56.12
CA GLY S 9 23.51 -29.97 56.95
C GLY S 9 23.17 -30.10 58.43
N THR S 10 23.01 -31.32 58.92
CA THR S 10 22.71 -31.54 60.34
C THR S 10 23.93 -32.07 61.10
N ARG S 11 25.12 -31.73 60.61
CA ARG S 11 26.39 -32.03 61.26
C ARG S 11 26.41 -31.53 62.70
N TYR S 12 25.92 -30.31 62.88
CA TYR S 12 25.84 -29.70 64.20
C TYR S 12 24.48 -29.87 64.85
N MET S 13 23.39 -29.84 64.08
CA MET S 13 22.07 -29.89 64.70
C MET S 13 21.88 -31.19 65.46
N PHE S 14 21.99 -32.31 64.76
CA PHE S 14 21.87 -33.61 65.42
C PHE S 14 23.27 -34.00 65.85
N SER S 15 23.64 -33.51 67.00
CA SER S 15 24.91 -33.87 67.59
C SER S 15 24.83 -33.56 69.05
N ARG S 16 24.95 -34.58 69.89
CA ARG S 16 24.82 -34.39 71.32
C ARG S 16 25.87 -33.38 71.74
N PRO S 17 25.51 -32.48 72.68
CA PRO S 17 26.43 -31.42 73.09
C PRO S 17 27.68 -31.94 73.78
N PHE S 18 28.56 -31.02 74.15
CA PHE S 18 29.86 -31.40 74.69
C PHE S 18 29.75 -32.04 76.06
N ARG S 19 30.23 -33.28 76.14
CA ARG S 19 30.11 -34.12 77.35
C ARG S 19 28.65 -34.38 77.76
N LYS S 20 27.80 -34.63 76.77
CA LYS S 20 26.46 -35.12 77.00
C LYS S 20 26.10 -36.19 75.99
N HIS S 21 27.10 -36.97 75.57
CA HIS S 21 26.86 -38.15 74.74
C HIS S 21 26.35 -39.30 75.59
N GLY S 22 26.07 -40.42 74.94
CA GLY S 22 25.72 -41.64 75.63
C GLY S 22 24.27 -41.70 76.04
N VAL S 23 24.01 -42.45 77.10
CA VAL S 23 22.67 -42.95 77.40
C VAL S 23 21.69 -41.80 77.50
N VAL S 24 20.54 -41.98 76.86
CA VAL S 24 19.51 -40.96 76.87
C VAL S 24 18.86 -41.10 78.23
N PRO S 25 19.13 -40.15 79.15
CA PRO S 25 18.71 -40.34 80.54
C PRO S 25 17.19 -40.30 80.69
N LEU S 26 16.68 -41.08 81.62
CA LEU S 26 15.37 -41.71 81.45
C LEU S 26 14.10 -40.88 81.64
N ALA S 27 14.19 -39.76 82.35
CA ALA S 27 13.04 -38.84 82.48
C ALA S 27 12.42 -38.59 81.12
N THR S 28 13.24 -38.10 80.20
CA THR S 28 12.95 -37.97 78.77
C THR S 28 11.88 -38.89 78.24
N TYR S 29 12.06 -40.19 78.47
CA TYR S 29 11.14 -41.21 77.95
C TYR S 29 9.88 -41.20 78.77
N MET S 30 10.05 -41.23 80.09
CA MET S 30 8.95 -41.41 81.02
C MET S 30 8.32 -40.09 81.46
N ARG S 31 7.91 -39.27 80.49
CA ARG S 31 7.02 -38.15 80.80
C ARG S 31 5.94 -37.99 79.75
N ILE S 32 4.74 -37.68 80.24
CA ILE S 32 3.54 -37.99 79.52
C ILE S 32 3.04 -36.81 78.74
N TYR S 33 2.74 -37.08 77.47
CA TYR S 33 2.13 -36.13 76.61
C TYR S 33 0.71 -36.63 76.37
N LYS S 34 -0.24 -35.72 76.47
CA LYS S 34 -1.64 -35.98 76.21
C LYS S 34 -1.93 -35.47 74.80
N LYS S 35 -3.21 -35.36 74.45
CA LYS S 35 -3.61 -34.55 73.28
C LYS S 35 -3.45 -33.08 73.62
N GLY S 36 -3.22 -32.27 72.60
CA GLY S 36 -3.17 -30.81 72.74
C GLY S 36 -2.14 -30.27 73.73
N ASP S 37 -1.02 -30.98 73.86
CA ASP S 37 0.12 -30.47 74.61
C ASP S 37 1.01 -29.69 73.68
N ILE S 38 1.46 -28.54 74.14
CA ILE S 38 2.35 -27.72 73.35
C ILE S 38 3.75 -28.25 73.57
N VAL S 39 4.42 -28.51 72.47
CA VAL S 39 5.58 -29.35 72.47
C VAL S 39 6.57 -28.81 71.45
N ASP S 40 7.82 -28.63 71.89
CA ASP S 40 8.87 -28.13 71.00
C ASP S 40 9.79 -29.27 70.59
N ILE S 41 10.00 -29.33 69.28
CA ILE S 41 10.73 -30.41 68.66
C ILE S 41 12.20 -30.04 68.61
N LYS S 42 13.03 -31.02 68.90
CA LYS S 42 14.46 -30.84 68.91
C LYS S 42 15.14 -32.19 68.68
N GLY S 43 15.31 -32.54 67.40
CA GLY S 43 16.05 -33.71 66.96
C GLY S 43 17.31 -33.99 67.74
N MET S 44 17.69 -35.26 67.79
CA MET S 44 18.76 -35.77 68.65
C MET S 44 19.44 -36.91 67.90
N GLY S 45 20.76 -36.98 68.04
CA GLY S 45 21.56 -37.89 67.23
C GLY S 45 21.56 -39.32 67.71
N THR S 46 21.52 -39.52 69.02
CA THR S 46 21.56 -40.87 69.59
C THR S 46 20.42 -41.76 69.12
N VAL S 47 19.22 -41.21 69.17
CA VAL S 47 18.04 -41.89 68.69
C VAL S 47 17.82 -41.48 67.26
N GLN S 48 17.89 -42.45 66.35
CA GLN S 48 17.65 -42.21 64.93
C GLN S 48 16.29 -42.74 64.43
N LYS S 49 15.66 -43.61 65.19
CA LYS S 49 14.28 -43.98 64.95
C LYS S 49 13.33 -42.85 65.37
N GLY S 50 12.46 -42.45 64.43
CA GLY S 50 11.46 -41.43 64.68
C GLY S 50 11.98 -40.00 64.69
N MET S 51 13.18 -39.79 64.13
CA MET S 51 13.76 -38.46 64.07
C MET S 51 12.86 -37.54 63.27
N PRO S 52 12.68 -36.30 63.72
CA PRO S 52 12.08 -35.31 62.85
C PRO S 52 13.05 -34.83 61.78
N HIS S 53 12.50 -34.22 60.73
CA HIS S 53 13.28 -33.61 59.66
C HIS S 53 13.85 -32.30 60.14
N LYS S 54 15.01 -31.95 59.60
CA LYS S 54 15.73 -30.74 59.98
C LYS S 54 14.94 -29.43 59.94
N CYS S 55 13.86 -29.41 59.18
CA CYS S 55 12.97 -28.24 59.10
C CYS S 55 12.15 -28.01 60.36
N TYR S 56 11.81 -29.08 61.09
CA TYR S 56 10.96 -28.97 62.29
C TYR S 56 11.72 -28.86 63.61
N HIS S 57 13.03 -29.01 63.57
CA HIS S 57 13.89 -28.74 64.71
C HIS S 57 13.75 -27.27 65.07
N GLY S 58 13.65 -26.98 66.36
CA GLY S 58 13.36 -25.62 66.83
C GLY S 58 11.87 -25.31 66.91
N LYS S 59 11.14 -25.69 65.86
CA LYS S 59 9.69 -25.48 65.78
C LYS S 59 8.87 -26.13 66.90
N THR S 60 7.88 -25.38 67.37
CA THR S 60 6.94 -25.81 68.38
C THR S 60 5.63 -26.07 67.72
N GLY S 61 4.88 -27.02 68.28
CA GLY S 61 3.54 -27.35 67.80
C GLY S 61 2.77 -28.16 68.79
N ARG S 62 1.54 -28.50 68.44
CA ARG S 62 0.66 -29.22 69.38
C ARG S 62 0.62 -30.70 69.05
N VAL S 63 0.44 -31.50 70.09
CA VAL S 63 0.28 -32.94 69.96
C VAL S 63 -1.13 -33.21 69.53
N TYR S 64 -1.30 -34.08 68.54
CA TYR S 64 -2.63 -34.51 68.11
C TYR S 64 -2.92 -36.01 68.35
N ASN S 65 -1.89 -36.84 68.22
CA ASN S 65 -1.99 -38.28 68.37
C ASN S 65 -0.97 -38.70 69.38
N VAL S 66 -1.20 -39.80 70.09
CA VAL S 66 -0.15 -40.37 70.92
C VAL S 66 -0.16 -41.88 70.73
N THR S 67 0.92 -42.41 70.16
CA THR S 67 1.06 -43.84 69.94
C THR S 67 1.85 -44.44 71.11
N GLN S 68 2.33 -45.67 70.97
CA GLN S 68 3.11 -46.35 72.01
C GLN S 68 4.37 -45.60 72.41
N HIS S 69 5.27 -45.37 71.46
CA HIS S 69 6.47 -44.59 71.78
C HIS S 69 6.78 -43.56 70.72
N ALA S 70 5.79 -42.72 70.49
CA ALA S 70 5.94 -41.55 69.66
C ALA S 70 4.76 -40.63 69.87
N VAL S 71 4.82 -39.44 69.29
CA VAL S 71 3.74 -38.49 69.40
C VAL S 71 3.55 -37.75 68.09
N GLY S 72 2.38 -37.94 67.49
CA GLY S 72 1.95 -37.12 66.37
C GLY S 72 1.82 -35.68 66.81
N ILE S 73 2.31 -34.75 66.00
CA ILE S 73 2.46 -33.37 66.43
C ILE S 73 2.33 -32.38 65.27
N VAL S 74 1.21 -31.65 65.27
CA VAL S 74 0.93 -30.65 64.24
C VAL S 74 1.88 -29.49 64.47
N VAL S 75 2.59 -29.11 63.41
CA VAL S 75 3.49 -27.97 63.45
C VAL S 75 3.30 -27.19 62.16
N ASN S 76 3.52 -25.87 62.25
CA ASN S 76 3.38 -25.01 61.09
C ASN S 76 4.72 -24.75 60.47
N LYS S 77 4.80 -25.09 59.17
CA LYS S 77 6.00 -24.97 58.37
C LYS S 77 5.65 -24.05 57.23
N GLN S 78 6.46 -23.02 57.06
CA GLN S 78 6.24 -22.05 56.00
C GLN S 78 6.84 -22.61 54.73
N VAL S 79 6.20 -22.28 53.61
CA VAL S 79 6.68 -22.68 52.30
C VAL S 79 6.47 -21.49 51.37
N LYS S 80 7.57 -20.83 51.04
CA LYS S 80 7.55 -19.61 50.22
C LYS S 80 6.42 -18.67 50.66
N GLY S 81 5.23 -18.86 50.12
CA GLY S 81 4.11 -17.95 50.36
C GLY S 81 3.04 -18.44 51.31
N LYS S 82 3.06 -19.72 51.65
CA LYS S 82 1.96 -20.33 52.37
C LYS S 82 2.47 -21.12 53.56
N ILE S 83 1.81 -20.91 54.70
CA ILE S 83 2.09 -21.62 55.92
C ILE S 83 1.22 -22.86 55.93
N LEU S 84 1.86 -24.03 56.04
CA LEU S 84 1.16 -25.30 56.04
C LEU S 84 1.24 -25.92 57.41
N ALA S 85 0.09 -26.01 58.07
CA ALA S 85 -0.03 -26.77 59.29
C ALA S 85 -0.01 -28.23 58.90
N LYS S 86 0.98 -28.96 59.38
CA LYS S 86 1.17 -30.35 58.97
C LYS S 86 1.63 -31.22 60.12
N ARG S 87 1.36 -32.51 59.99
CA ARG S 87 1.34 -33.44 61.12
C ARG S 87 2.40 -34.51 60.95
N ILE S 88 3.29 -34.59 61.95
CA ILE S 88 4.54 -35.34 61.88
C ILE S 88 4.61 -36.26 63.09
N ASN S 89 5.27 -37.40 62.95
CA ASN S 89 5.24 -38.46 63.95
C ASN S 89 6.58 -38.67 64.60
N VAL S 90 6.86 -37.84 65.59
CA VAL S 90 8.16 -37.79 66.20
C VAL S 90 8.20 -38.78 67.33
N ARG S 91 9.33 -39.46 67.46
CA ARG S 91 9.57 -40.31 68.61
C ARG S 91 9.94 -39.44 69.81
N ILE S 92 9.44 -39.81 70.98
CA ILE S 92 9.46 -38.98 72.20
C ILE S 92 10.80 -38.29 72.44
N GLU S 93 11.88 -39.04 72.21
CA GLU S 93 13.23 -38.59 72.53
C GLU S 93 13.60 -37.24 71.92
N HIS S 94 12.88 -36.83 70.87
CA HIS S 94 13.14 -35.58 70.16
C HIS S 94 12.18 -34.45 70.53
N ILE S 95 11.65 -34.49 71.76
CA ILE S 95 10.50 -33.65 72.12
C ILE S 95 10.49 -33.34 73.62
N LYS S 96 10.21 -32.08 73.94
CA LYS S 96 10.03 -31.61 75.32
C LYS S 96 8.69 -30.95 75.42
N HIS S 97 8.17 -30.80 76.63
CA HIS S 97 7.07 -29.86 76.85
C HIS S 97 7.59 -28.44 76.68
N SER S 98 6.88 -27.65 75.89
CA SER S 98 7.22 -26.24 75.75
C SER S 98 6.62 -25.50 76.93
N LYS S 99 7.48 -24.87 77.73
CA LYS S 99 7.04 -24.06 78.87
C LYS S 99 6.26 -22.81 78.49
N SER S 100 6.46 -22.32 77.25
CA SER S 100 5.78 -21.13 76.72
C SER S 100 4.33 -20.93 77.18
N ARG S 101 3.58 -22.03 77.26
CA ARG S 101 2.19 -22.02 77.68
C ARG S 101 1.97 -21.94 79.20
N ASP S 102 2.91 -22.49 79.97
CA ASP S 102 2.73 -22.62 81.43
C ASP S 102 2.72 -21.31 82.19
N SER S 103 3.61 -20.39 81.80
CA SER S 103 3.59 -19.02 82.31
C SER S 103 2.25 -18.32 82.08
N PHE S 104 1.56 -18.68 80.99
CA PHE S 104 0.20 -18.21 80.72
C PHE S 104 -0.77 -18.82 81.71
N LEU S 105 -0.72 -20.13 81.89
CA LEU S 105 -1.63 -20.82 82.80
C LEU S 105 -1.44 -20.34 84.25
N LYS S 106 -0.19 -20.12 84.64
CA LYS S 106 0.13 -19.50 85.93
C LYS S 106 -0.58 -18.16 86.13
N ARG S 107 -0.56 -17.34 85.09
CA ARG S 107 -1.20 -16.03 85.12
C ARG S 107 -2.72 -16.13 85.21
N VAL S 108 -3.32 -17.07 84.47
CA VAL S 108 -4.78 -17.25 84.52
C VAL S 108 -5.20 -17.79 85.88
N LYS S 109 -4.42 -18.71 86.43
CA LYS S 109 -4.68 -19.21 87.77
C LYS S 109 -4.62 -18.05 88.78
N GLU S 110 -3.57 -17.23 88.70
CA GLU S 110 -3.40 -16.03 89.54
C GLU S 110 -4.57 -15.06 89.38
N ASN S 111 -5.08 -14.93 88.16
CA ASN S 111 -6.27 -14.11 87.89
C ASN S 111 -7.53 -14.67 88.56
N ASP S 112 -7.71 -15.98 88.50
CA ASP S 112 -8.87 -16.64 89.13
C ASP S 112 -8.85 -16.50 90.66
N GLN S 113 -7.66 -16.55 91.25
CA GLN S 113 -7.46 -16.19 92.66
C GLN S 113 -7.88 -14.74 92.92
N LYS S 114 -7.36 -13.83 92.10
CA LYS S 114 -7.60 -12.40 92.24
C LYS S 114 -8.97 -11.92 91.73
N LYS S 115 -9.73 -12.81 91.10
CA LYS S 115 -11.12 -12.54 90.72
C LYS S 115 -12.09 -13.00 91.80
N LYS S 116 -11.88 -14.20 92.34
CA LYS S 116 -12.71 -14.72 93.46
C LYS S 116 -12.62 -13.79 94.65
N GLU S 117 -11.40 -13.58 95.15
CA GLU S 117 -11.14 -12.53 96.12
C GLU S 117 -11.19 -11.20 95.35
N ALA S 118 -11.42 -10.11 96.06
CA ALA S 118 -11.68 -8.79 95.46
C ALA S 118 -13.05 -8.69 94.73
N LYS S 119 -13.94 -9.65 94.99
CA LYS S 119 -15.34 -9.59 94.53
C LYS S 119 -16.23 -9.25 95.72
N GLU S 120 -16.07 -10.02 96.81
CA GLU S 120 -16.67 -9.70 98.11
C GLU S 120 -16.14 -8.39 98.72
N LYS S 121 -14.89 -8.05 98.42
CA LYS S 121 -14.30 -6.79 98.89
C LYS S 121 -14.92 -5.60 98.16
N GLY S 122 -14.96 -5.68 96.83
CA GLY S 122 -15.49 -4.62 95.98
C GLY S 122 -14.45 -3.90 95.15
N THR S 123 -13.21 -3.86 95.64
CA THR S 123 -12.10 -3.19 94.95
C THR S 123 -11.64 -4.02 93.75
N TRP S 124 -11.93 -3.53 92.53
CA TRP S 124 -11.51 -4.22 91.32
C TRP S 124 -10.00 -4.04 91.09
N VAL S 125 -9.35 -5.10 90.65
CA VAL S 125 -7.89 -5.18 90.54
C VAL S 125 -7.47 -5.32 89.09
N GLN S 126 -6.25 -4.84 88.78
CA GLN S 126 -5.70 -4.90 87.42
C GLN S 126 -5.33 -6.33 87.02
N LEU S 127 -6.11 -6.89 86.11
CA LEU S 127 -5.95 -8.27 85.63
C LEU S 127 -5.11 -8.30 84.36
N LYS S 128 -5.41 -7.37 83.44
CA LYS S 128 -4.54 -7.11 82.28
C LYS S 128 -3.10 -6.82 82.72
N ARG S 129 -2.15 -7.18 81.86
CA ARG S 129 -0.76 -6.76 82.05
C ARG S 129 -0.61 -5.33 81.57
N GLN S 130 0.55 -4.74 81.82
CA GLN S 130 0.85 -3.42 81.25
C GLN S 130 2.35 -3.30 80.97
N PRO S 131 2.73 -2.69 79.82
CA PRO S 131 4.15 -2.60 79.52
C PRO S 131 4.87 -1.67 80.47
N ALA S 132 6.18 -1.86 80.58
CA ALA S 132 7.00 -1.13 81.54
C ALA S 132 6.85 0.38 81.34
N PRO S 133 6.16 1.06 82.28
CA PRO S 133 5.89 2.48 82.11
C PRO S 133 7.14 3.31 82.38
N PRO S 134 7.14 4.59 81.97
CA PRO S 134 8.30 5.44 82.23
C PRO S 134 8.56 5.55 83.73
N ARG S 135 9.82 5.68 84.11
CA ARG S 135 10.28 5.26 85.44
C ARG S 135 9.98 6.18 86.65
N GLU S 136 8.94 7.00 86.58
CA GLU S 136 8.44 7.79 87.73
C GLU S 136 9.39 8.88 88.22
N ALA S 137 8.84 9.82 88.97
CA ALA S 137 9.63 10.90 89.58
C ALA S 137 10.18 10.44 90.91
N HIS S 138 11.42 10.82 91.21
CA HIS S 138 12.11 10.39 92.42
C HIS S 138 13.33 11.26 92.73
N PHE S 139 13.72 11.32 94.00
CA PHE S 139 14.91 12.07 94.44
C PHE S 139 16.12 11.15 94.49
N VAL S 140 17.28 11.73 94.27
CA VAL S 140 18.55 11.03 94.42
C VAL S 140 19.37 11.87 95.39
N ARG S 141 19.65 11.31 96.57
CA ARG S 141 20.47 12.00 97.57
C ARG S 141 21.94 11.72 97.32
N THR S 142 22.65 12.75 96.84
CA THR S 142 24.11 12.73 96.85
C THR S 142 24.54 12.91 98.31
N ASN S 143 24.45 11.82 99.06
CA ASN S 143 24.58 11.88 100.53
C ASN S 143 25.98 12.26 100.99
N GLY S 144 26.15 13.54 101.30
CA GLY S 144 27.42 14.08 101.76
C GLY S 144 28.40 14.26 100.62
N LYS S 145 29.03 13.16 100.22
CA LYS S 145 30.00 13.16 99.13
C LYS S 145 29.42 13.70 97.83
N GLU S 146 30.21 14.55 97.14
CA GLU S 146 29.79 15.15 95.88
C GLU S 146 29.93 14.14 94.73
N PRO S 147 29.49 14.53 93.50
CA PRO S 147 29.73 13.68 92.34
C PRO S 147 31.21 13.48 91.97
N GLU S 148 31.48 12.35 91.30
CA GLU S 148 32.82 11.93 90.90
C GLU S 148 33.07 12.37 89.46
N LEU S 149 34.10 13.20 89.24
CA LEU S 149 34.39 13.71 87.89
C LEU S 149 35.05 12.66 87.00
N LEU S 150 34.61 12.58 85.75
CA LEU S 150 35.17 11.65 84.77
C LEU S 150 35.74 12.37 83.55
N GLU S 151 37.05 12.60 83.59
CA GLU S 151 37.78 13.06 82.41
C GLU S 151 37.93 11.86 81.49
N PRO S 152 37.75 12.05 80.17
CA PRO S 152 38.15 11.01 79.23
C PRO S 152 39.65 10.85 79.22
N ILE S 153 40.13 9.62 79.04
CA ILE S 153 41.55 9.34 79.22
C ILE S 153 42.34 9.57 77.93
N PRO S 154 43.58 10.08 78.07
CA PRO S 154 44.41 10.34 76.90
C PRO S 154 44.82 9.07 76.21
N TYR S 155 44.71 9.08 74.88
CA TYR S 155 45.11 7.96 74.05
C TYR S 155 46.57 7.59 74.24
N GLU S 156 46.84 6.29 74.16
CA GLU S 156 48.20 5.78 73.92
C GLU S 156 48.12 4.47 73.16
N PHE S 157 49.19 4.16 72.45
CA PHE S 157 49.24 3.00 71.57
C PHE S 157 49.89 1.83 72.31
N MET S 158 49.14 0.75 72.50
CA MET S 158 49.54 -0.36 73.37
C MET S 158 50.38 -1.42 72.67
N ALA S 159 49.93 -1.86 71.49
CA ALA S 159 50.55 -3.00 70.81
C ALA S 159 51.91 -2.66 70.20
N GLN T 1 48.99 0.81 -99.73
CA GLN T 1 47.81 1.51 -99.12
C GLN T 1 47.91 3.03 -99.23
N VAL T 2 46.77 3.70 -99.07
CA VAL T 2 46.66 5.16 -99.09
C VAL T 2 45.63 5.60 -98.04
N LEU T 3 46.11 6.06 -96.88
CA LEU T 3 45.23 6.48 -95.78
C LEU T 3 44.91 7.96 -95.91
N LYS T 4 43.67 8.27 -96.28
CA LYS T 4 43.24 9.62 -96.64
C LYS T 4 42.17 10.11 -95.67
N PHE T 5 42.57 10.97 -94.73
CA PHE T 5 41.67 11.49 -93.69
C PHE T 5 41.42 12.98 -93.88
N THR T 6 40.14 13.34 -94.07
CA THR T 6 39.77 14.75 -94.13
C THR T 6 39.61 15.27 -92.72
N LEU T 7 39.43 16.59 -92.60
CA LEU T 7 39.29 17.24 -91.31
C LEU T 7 38.57 18.58 -91.52
N ASP T 8 37.42 18.52 -92.18
CA ASP T 8 36.77 19.73 -92.71
C ASP T 8 36.25 20.65 -91.59
N CYS T 9 36.55 21.94 -91.74
CA CYS T 9 36.13 22.97 -90.82
C CYS T 9 35.41 24.04 -91.62
N THR T 10 34.19 23.70 -92.01
CA THR T 10 33.41 24.54 -92.92
C THR T 10 32.93 25.82 -92.23
N HIS T 11 32.01 25.67 -91.27
CA HIS T 11 31.35 26.84 -90.65
C HIS T 11 31.92 27.35 -89.30
N PRO T 12 33.16 26.96 -88.94
CA PRO T 12 33.96 27.88 -88.10
C PRO T 12 34.76 28.91 -88.92
N VAL T 13 35.19 28.53 -90.13
CA VAL T 13 35.92 29.42 -91.03
C VAL T 13 35.00 30.44 -91.68
N GLU T 14 33.80 30.01 -92.08
CA GLU T 14 32.82 30.92 -92.70
C GLU T 14 32.31 31.99 -91.72
N ASP T 15 32.25 31.66 -90.43
CA ASP T 15 31.98 32.64 -89.37
C ASP T 15 33.23 33.45 -89.01
N GLY T 16 34.40 32.95 -89.42
CA GLY T 16 35.66 33.69 -89.33
C GLY T 16 36.31 33.57 -87.97
N ILE T 17 36.09 32.43 -87.31
CA ILE T 17 36.53 32.23 -85.93
C ILE T 17 37.99 31.76 -85.90
N MET T 18 38.37 30.92 -86.88
CA MET T 18 39.74 30.45 -87.05
C MET T 18 40.15 30.58 -88.52
N ASP T 19 41.44 30.36 -88.78
CA ASP T 19 42.00 30.42 -90.15
C ASP T 19 42.63 29.08 -90.51
N ALA T 20 42.20 28.52 -91.65
CA ALA T 20 42.59 27.16 -92.06
C ALA T 20 44.06 27.04 -92.47
N ALA T 21 44.64 28.14 -92.95
CA ALA T 21 46.05 28.18 -93.33
C ALA T 21 46.96 28.03 -92.11
N ASN T 22 46.62 28.71 -91.02
CA ASN T 22 47.36 28.60 -89.74
C ASN T 22 47.23 27.20 -89.12
N PHE T 23 46.04 26.61 -89.28
CA PHE T 23 45.77 25.24 -88.80
C PHE T 23 46.56 24.20 -89.58
N GLU T 24 46.63 24.35 -90.91
CA GLU T 24 47.52 23.56 -91.78
C GLU T 24 48.98 23.65 -91.33
N GLN T 25 49.45 24.87 -91.13
CA GLN T 25 50.82 25.16 -90.67
C GLN T 25 51.15 24.48 -89.34
N PHE T 26 50.22 24.58 -88.39
CA PHE T 26 50.30 23.89 -87.10
C PHE T 26 50.35 22.36 -87.25
N LEU T 27 49.54 21.83 -88.18
CA LEU T 27 49.52 20.38 -88.47
C LEU T 27 50.80 19.89 -89.15
N GLN T 28 51.34 20.69 -90.07
CA GLN T 28 52.65 20.39 -90.69
C GLN T 28 53.78 20.41 -89.67
N GLU T 29 53.64 21.26 -88.65
CA GLU T 29 54.61 21.33 -87.56
C GLU T 29 54.56 20.07 -86.72
N ARG T 30 53.38 19.79 -86.16
CA ARG T 30 53.23 18.76 -85.12
C ARG T 30 53.26 17.35 -85.68
N ILE T 31 52.22 16.99 -86.45
CA ILE T 31 51.94 15.59 -86.81
C ILE T 31 53.22 14.75 -86.83
N LYS T 32 53.40 14.01 -85.75
CA LYS T 32 54.60 13.24 -85.49
C LYS T 32 54.54 11.97 -86.33
N VAL T 33 55.72 11.49 -86.75
CA VAL T 33 55.84 10.19 -87.43
C VAL T 33 57.02 9.45 -86.84
N ASN T 34 56.78 8.26 -86.30
CA ASN T 34 57.82 7.43 -85.70
C ASN T 34 58.59 8.14 -84.58
N GLY T 35 57.90 9.04 -83.87
CA GLY T 35 58.53 9.84 -82.81
C GLY T 35 59.47 10.94 -83.31
N LYS T 36 59.11 11.59 -84.40
CA LYS T 36 59.81 12.78 -84.88
C LYS T 36 58.77 13.80 -85.34
N ALA T 37 58.82 15.00 -84.76
CA ALA T 37 57.76 15.98 -84.90
C ALA T 37 57.80 16.71 -86.24
N GLY T 38 58.95 17.29 -86.54
CA GLY T 38 59.13 18.11 -87.74
C GLY T 38 59.38 17.30 -89.01
N ASN T 39 59.11 17.93 -90.15
CA ASN T 39 59.40 17.39 -91.49
C ASN T 39 58.53 16.21 -91.94
N LEU T 40 57.42 15.95 -91.23
CA LEU T 40 56.49 14.87 -91.59
C LEU T 40 57.14 13.48 -91.76
N GLY T 41 58.22 13.25 -91.02
CA GLY T 41 59.05 12.04 -91.17
C GLY T 41 59.61 11.85 -92.58
N GLY T 42 59.94 12.95 -93.24
CA GLY T 42 60.26 12.95 -94.67
C GLY T 42 59.00 13.10 -95.51
N GLY T 43 59.08 12.69 -96.77
CA GLY T 43 57.93 12.71 -97.68
C GLY T 43 57.04 11.50 -97.47
N VAL T 44 56.35 11.46 -96.32
CA VAL T 44 55.53 10.32 -95.94
C VAL T 44 54.07 10.74 -95.93
N VAL T 45 53.66 11.55 -94.95
CA VAL T 45 52.29 12.09 -94.92
C VAL T 45 52.28 13.38 -95.71
N THR T 46 51.10 13.77 -96.19
CA THR T 46 50.93 14.98 -97.00
C THR T 46 49.65 15.69 -96.60
N ILE T 47 49.77 17.00 -96.36
CA ILE T 47 48.68 17.83 -95.86
C ILE T 47 48.18 18.71 -97.01
N GLU T 48 46.87 18.77 -97.20
CA GLU T 48 46.25 19.57 -98.26
C GLU T 48 45.38 20.69 -97.71
N ARG T 49 45.10 21.67 -98.58
CA ARG T 49 44.38 22.88 -98.24
C ARG T 49 43.35 23.12 -99.33
N SER T 50 42.08 23.33 -98.94
CA SER T 50 40.98 23.61 -99.88
C SER T 50 39.98 24.58 -99.25
N LYS T 51 40.51 25.75 -98.88
CA LYS T 51 39.78 26.80 -98.13
C LYS T 51 39.33 26.36 -96.74
N SER T 52 38.31 25.49 -96.67
CA SER T 52 37.81 24.96 -95.40
C SER T 52 38.37 23.57 -95.10
N LYS T 53 38.25 22.67 -96.07
CA LYS T 53 38.64 21.27 -95.88
C LYS T 53 40.16 21.10 -95.80
N ILE T 54 40.62 20.43 -94.74
CA ILE T 54 41.98 19.87 -94.71
C ILE T 54 41.90 18.39 -95.03
N THR T 55 42.89 17.89 -95.76
CA THR T 55 43.07 16.47 -96.00
C THR T 55 44.49 16.09 -95.61
N VAL T 56 44.61 14.99 -94.86
CA VAL T 56 45.90 14.37 -94.56
C VAL T 56 45.95 13.04 -95.31
N THR T 57 47.03 12.82 -96.04
CA THR T 57 47.19 11.64 -96.89
C THR T 57 48.51 10.90 -96.61
N SER T 58 48.40 9.78 -95.91
CA SER T 58 49.56 8.99 -95.49
C SER T 58 49.77 7.77 -96.39
N GLU T 59 51.02 7.29 -96.39
CA GLU T 59 51.37 6.02 -97.02
C GLU T 59 51.58 4.97 -95.93
N VAL T 60 52.34 5.32 -94.90
CA VAL T 60 52.54 4.45 -93.73
C VAL T 60 51.26 4.34 -92.87
N PRO T 61 51.22 3.36 -91.95
CA PRO T 61 50.16 3.32 -90.94
C PRO T 61 50.07 4.60 -90.11
N PHE T 62 48.84 5.10 -89.96
CA PHE T 62 48.57 6.42 -89.44
C PHE T 62 47.17 6.42 -88.83
N SER T 63 47.06 6.72 -87.54
CA SER T 63 45.75 6.73 -86.89
C SER T 63 44.94 7.95 -87.29
N LYS T 64 43.64 7.75 -87.29
CA LYS T 64 42.67 8.74 -87.70
C LYS T 64 42.55 9.72 -86.56
N ARG T 65 42.30 9.19 -85.37
CA ARG T 65 42.00 10.02 -84.21
C ARG T 65 43.20 10.75 -83.60
N TYR T 66 44.39 10.55 -84.17
CA TYR T 66 45.51 11.45 -83.90
C TYR T 66 45.21 12.85 -84.45
N LEU T 67 44.48 12.93 -85.56
CA LEU T 67 43.99 14.22 -86.08
C LEU T 67 42.98 14.89 -85.17
N LYS T 68 42.17 14.08 -84.47
CA LYS T 68 41.24 14.61 -83.46
C LYS T 68 41.96 15.22 -82.28
N TYR T 69 43.01 14.53 -81.84
CA TYR T 69 43.87 15.01 -80.76
C TYR T 69 44.47 16.37 -81.10
N LEU T 70 45.13 16.43 -82.24
CA LEU T 70 45.82 17.63 -82.65
C LEU T 70 44.86 18.77 -82.97
N THR T 71 43.69 18.48 -83.52
CA THR T 71 42.68 19.55 -83.66
C THR T 71 42.27 20.04 -82.27
N LYS T 72 42.03 19.10 -81.35
CA LYS T 72 41.65 19.46 -79.98
C LYS T 72 42.73 20.30 -79.28
N LYS T 73 43.98 19.96 -79.55
CA LYS T 73 45.13 20.71 -79.03
C LYS T 73 45.22 22.11 -79.65
N TYR T 74 44.98 22.18 -80.96
CA TYR T 74 44.97 23.45 -81.70
C TYR T 74 43.82 24.33 -81.26
N LEU T 75 42.66 23.72 -81.07
CA LEU T 75 41.47 24.44 -80.62
C LEU T 75 41.63 24.99 -79.19
N LYS T 76 42.37 24.26 -78.35
CA LYS T 76 42.69 24.73 -77.00
C LYS T 76 43.63 25.93 -77.03
N LYS T 77 44.63 25.87 -77.91
CA LYS T 77 45.60 26.95 -78.04
C LYS T 77 44.92 28.26 -78.45
N ASN T 78 43.98 28.16 -79.39
CA ASN T 78 43.19 29.31 -79.86
C ASN T 78 41.97 29.68 -78.98
N ASN T 79 41.81 28.98 -77.85
CA ASN T 79 40.69 29.20 -76.91
C ASN T 79 39.31 29.00 -77.55
N LEU T 80 39.23 27.99 -78.41
CA LEU T 80 38.00 27.66 -79.12
C LEU T 80 37.26 26.49 -78.51
N ARG T 81 37.96 25.61 -77.78
CA ARG T 81 37.31 24.51 -77.08
C ARG T 81 36.44 25.05 -75.95
N ASP T 82 35.21 25.36 -76.34
CA ASP T 82 34.21 26.06 -75.53
C ASP T 82 32.96 26.18 -76.39
N TRP T 83 33.13 26.77 -77.58
CA TRP T 83 32.12 26.71 -78.63
C TRP T 83 32.75 26.27 -79.97
N LEU T 84 33.40 25.12 -79.92
CA LEU T 84 33.75 24.35 -81.10
C LEU T 84 33.96 22.90 -80.66
N ARG T 85 33.44 21.97 -81.45
CA ARG T 85 33.39 20.56 -81.07
C ARG T 85 33.75 19.69 -82.26
N VAL T 86 34.72 18.80 -82.08
CA VAL T 86 35.15 17.91 -83.15
C VAL T 86 34.28 16.67 -83.10
N VAL T 87 33.85 16.23 -84.27
CA VAL T 87 32.99 15.06 -84.41
C VAL T 87 33.38 14.31 -85.66
N ALA T 88 33.16 13.01 -85.66
CA ALA T 88 33.27 12.21 -86.88
C ALA T 88 31.98 12.39 -87.67
N ASN T 89 32.08 13.16 -88.74
CA ASN T 89 30.98 13.33 -89.69
C ASN T 89 30.70 11.98 -90.35
N SER T 90 31.74 11.40 -90.93
CA SER T 90 31.72 10.08 -91.53
C SER T 90 33.06 9.44 -91.26
N LYS T 91 33.28 8.23 -91.75
CA LYS T 91 34.61 7.62 -91.68
C LYS T 91 35.55 8.35 -92.64
N GLU T 92 36.85 8.31 -92.32
CA GLU T 92 37.87 9.09 -93.02
C GLU T 92 37.69 10.60 -92.87
N SER T 93 36.99 11.03 -91.83
CA SER T 93 36.56 12.43 -91.68
C SER T 93 36.29 12.85 -90.25
N TYR T 94 36.65 14.10 -89.95
CA TYR T 94 36.17 14.81 -88.76
C TYR T 94 35.50 16.08 -89.22
N GLU T 95 34.96 16.86 -88.28
CA GLU T 95 34.08 17.96 -88.63
C GLU T 95 33.89 18.89 -87.43
N LEU T 96 34.36 20.13 -87.56
CA LEU T 96 34.24 21.09 -86.47
C LEU T 96 32.85 21.70 -86.56
N ARG T 97 32.16 21.75 -85.42
CA ARG T 97 30.77 22.20 -85.32
C ARG T 97 30.58 22.97 -84.03
N TYR T 98 29.51 23.74 -83.94
CA TYR T 98 29.14 24.44 -82.70
C TYR T 98 28.28 23.52 -81.82
N PHE T 99 27.83 24.03 -80.67
CA PHE T 99 26.96 23.29 -79.76
C PHE T 99 25.49 23.72 -79.94
N SER U 1 89.96 24.79 -0.54
CA SER U 1 89.38 26.09 -0.06
C SER U 1 88.06 26.43 -0.74
N GLY U 2 88.12 26.68 -2.06
CA GLY U 2 86.95 27.02 -2.86
C GLY U 2 86.13 25.77 -3.12
N ALA U 3 84.83 25.84 -2.82
CA ALA U 3 83.96 24.67 -2.82
C ALA U 3 83.23 24.45 -4.14
N LYS U 4 82.58 23.29 -4.26
CA LYS U 4 82.33 22.63 -5.55
C LYS U 4 81.32 23.26 -6.52
N PHE U 5 80.22 23.82 -6.01
CA PHE U 5 79.02 24.17 -6.81
C PHE U 5 78.33 22.94 -7.39
N ARG U 6 77.00 22.91 -7.33
CA ARG U 6 76.27 21.73 -7.81
C ARG U 6 76.27 21.66 -9.33
N ILE U 7 76.25 20.43 -9.84
CA ILE U 7 76.22 20.18 -11.28
C ILE U 7 75.28 19.03 -11.61
N SER U 8 74.56 19.16 -12.73
CA SER U 8 73.51 18.22 -13.12
C SER U 8 74.02 16.80 -13.13
N LEU U 9 73.51 16.01 -12.19
CA LEU U 9 74.14 14.76 -11.79
C LEU U 9 73.36 13.60 -12.35
N GLY U 10 73.91 13.01 -13.42
CA GLY U 10 73.22 12.00 -14.21
C GLY U 10 73.79 10.61 -14.03
N LEU U 11 74.03 10.22 -12.78
CA LEU U 11 74.32 8.84 -12.46
C LEU U 11 73.59 8.50 -11.18
N PRO U 12 72.35 8.04 -11.32
CA PRO U 12 71.63 7.44 -10.20
C PRO U 12 72.24 6.10 -9.81
N VAL U 13 71.87 5.64 -8.62
CA VAL U 13 72.32 4.35 -8.16
C VAL U 13 71.70 3.29 -9.04
N GLY U 14 72.56 2.48 -9.66
CA GLY U 14 72.16 1.57 -10.71
C GLY U 14 72.94 1.73 -12.01
N ALA U 15 73.83 2.72 -12.09
CA ALA U 15 74.60 2.96 -13.31
C ALA U 15 75.79 2.03 -13.33
N VAL U 16 76.28 1.73 -14.53
CA VAL U 16 77.54 1.01 -14.69
C VAL U 16 78.48 1.83 -15.57
N ILE U 17 78.99 2.90 -14.97
CA ILE U 17 79.99 3.73 -15.59
C ILE U 17 81.24 2.90 -15.83
N ASN U 18 81.92 3.12 -16.95
CA ASN U 18 83.10 2.31 -17.26
C ASN U 18 84.34 2.84 -16.52
N CYS U 19 84.98 1.94 -15.78
CA CYS U 19 86.26 2.19 -15.12
C CYS U 19 87.31 2.61 -16.14
N ALA U 20 87.82 3.83 -15.97
CA ALA U 20 88.77 4.41 -16.90
C ALA U 20 90.19 4.47 -16.30
N ASP U 21 90.51 3.56 -15.39
CA ASP U 21 91.91 3.39 -14.97
C ASP U 21 92.37 1.96 -15.23
N ASN U 22 93.68 1.78 -15.11
CA ASN U 22 94.35 0.56 -15.54
C ASN U 22 94.23 -0.66 -14.62
N THR U 23 93.43 -0.58 -13.56
CA THR U 23 93.21 -1.71 -12.65
C THR U 23 93.10 -3.05 -13.37
N GLY U 24 92.12 -3.15 -14.26
CA GLY U 24 91.68 -4.43 -14.80
C GLY U 24 90.18 -4.60 -14.74
N ALA U 25 89.52 -3.77 -13.93
CA ALA U 25 88.08 -3.56 -14.01
C ALA U 25 87.72 -2.91 -15.35
N LYS U 26 86.53 -3.23 -15.83
CA LYS U 26 85.97 -2.61 -17.02
C LYS U 26 84.80 -1.70 -16.64
N ASN U 27 83.90 -2.21 -15.79
CA ASN U 27 82.73 -1.49 -15.33
C ASN U 27 82.81 -1.10 -13.86
N LEU U 28 81.87 -0.26 -13.44
CA LEU U 28 81.74 0.18 -12.05
C LEU U 28 80.28 0.37 -11.69
N TYR U 29 79.66 -0.70 -11.21
CA TYR U 29 78.27 -0.63 -10.80
C TYR U 29 78.08 0.25 -9.56
N ILE U 30 77.66 1.50 -9.75
CA ILE U 30 77.46 2.42 -8.63
C ILE U 30 76.33 1.89 -7.75
N ILE U 31 76.68 1.39 -6.58
CA ILE U 31 75.68 0.93 -5.62
C ILE U 31 75.25 2.02 -4.66
N SER U 32 76.02 3.11 -4.57
CA SER U 32 75.68 4.25 -3.71
C SER U 32 76.60 5.44 -3.88
N VAL U 33 76.06 6.62 -3.58
CA VAL U 33 76.76 7.88 -3.73
C VAL U 33 77.05 8.45 -2.36
N LYS U 34 78.30 8.85 -2.15
CA LYS U 34 78.78 9.22 -0.83
C LYS U 34 78.38 10.65 -0.55
N GLY U 35 77.84 10.86 0.64
CA GLY U 35 77.45 12.18 1.11
C GLY U 35 76.10 12.59 0.58
N ILE U 36 75.12 11.68 0.73
CA ILE U 36 73.75 11.94 0.32
C ILE U 36 72.82 11.61 1.46
N LYS U 37 72.11 12.62 1.95
CA LYS U 37 71.11 12.41 2.98
C LYS U 37 69.87 11.85 2.31
N GLY U 38 69.36 12.60 1.34
CA GLY U 38 68.31 12.09 0.48
C GLY U 38 66.92 12.09 1.08
N ARG U 39 65.95 11.89 0.20
CA ARG U 39 64.54 11.99 0.52
C ARG U 39 63.86 10.69 0.09
N LEU U 40 62.67 10.45 0.64
CA LEU U 40 61.80 9.34 0.28
C LEU U 40 61.70 9.13 -1.24
N ASN U 41 61.85 7.87 -1.64
CA ASN U 41 61.75 7.42 -3.04
C ASN U 41 62.86 7.86 -3.99
N ARG U 42 63.76 8.74 -3.54
CA ARG U 42 64.70 9.40 -4.43
C ARG U 42 66.03 8.65 -4.54
N LEU U 43 66.48 8.43 -5.77
CA LEU U 43 67.72 7.72 -6.03
C LEU U 43 68.91 8.66 -5.74
N PRO U 44 69.94 8.18 -5.00
CA PRO U 44 71.18 8.94 -4.80
C PRO U 44 71.95 9.08 -6.11
N ALA U 45 72.35 10.30 -6.46
CA ALA U 45 72.90 10.54 -7.79
C ALA U 45 74.25 11.25 -7.77
N ALA U 46 75.18 10.72 -8.55
CA ALA U 46 76.55 11.20 -8.57
C ALA U 46 76.88 11.78 -9.93
N GLY U 47 77.11 13.09 -9.97
CA GLY U 47 77.65 13.70 -11.18
C GLY U 47 79.14 13.45 -11.25
N VAL U 48 79.81 14.29 -12.01
CA VAL U 48 81.27 14.27 -12.05
C VAL U 48 81.86 14.86 -10.79
N GLY U 49 83.04 14.38 -10.42
CA GLY U 49 83.72 14.81 -9.20
C GLY U 49 83.16 14.21 -7.93
N ASP U 50 82.12 13.38 -8.06
CA ASP U 50 81.45 12.82 -6.90
C ASP U 50 82.15 11.54 -6.51
N MET U 51 82.31 11.34 -5.21
CA MET U 51 82.68 10.04 -4.67
C MET U 51 81.50 9.10 -4.81
N VAL U 52 81.78 7.81 -4.75
CA VAL U 52 80.80 6.79 -5.07
C VAL U 52 81.30 5.43 -4.61
N MET U 53 80.40 4.61 -4.10
CA MET U 53 80.70 3.20 -3.90
C MET U 53 80.35 2.50 -5.18
N ALA U 54 81.13 1.48 -5.49
CA ALA U 54 81.09 0.89 -6.81
C ALA U 54 81.52 -0.55 -6.77
N THR U 55 80.57 -1.41 -7.08
CA THR U 55 80.88 -2.79 -7.35
C THR U 55 81.41 -2.84 -8.79
N VAL U 56 82.36 -3.74 -9.03
CA VAL U 56 82.83 -4.05 -10.37
C VAL U 56 82.00 -5.22 -10.86
N LYS U 57 81.43 -5.07 -12.04
CA LYS U 57 80.59 -6.11 -12.64
C LYS U 57 81.36 -6.97 -13.63
N LYS U 58 82.33 -6.41 -14.34
CA LYS U 58 83.22 -7.21 -15.18
C LYS U 58 84.64 -6.68 -15.14
N GLY U 59 85.59 -7.61 -15.23
CA GLY U 59 87.02 -7.31 -15.07
C GLY U 59 87.76 -8.45 -14.39
N LYS U 60 88.83 -8.13 -13.69
CA LYS U 60 89.62 -9.14 -13.00
C LYS U 60 88.86 -9.73 -11.82
N PRO U 61 89.06 -11.03 -11.52
CA PRO U 61 88.35 -11.63 -10.37
C PRO U 61 88.90 -11.29 -8.98
N GLU U 62 90.03 -10.59 -8.90
CA GLU U 62 90.46 -9.96 -7.64
C GLU U 62 89.44 -8.92 -7.19
N LEU U 63 89.04 -8.07 -8.13
CA LEU U 63 88.18 -6.92 -7.86
C LEU U 63 86.72 -7.34 -7.78
N ARG U 64 86.30 -8.26 -8.64
CA ARG U 64 84.90 -8.69 -8.68
C ARG U 64 84.44 -9.23 -7.34
N LYS U 65 83.15 -9.10 -7.10
CA LYS U 65 82.49 -9.58 -5.87
C LYS U 65 82.98 -8.89 -4.59
N LYS U 66 83.14 -7.57 -4.68
CA LYS U 66 83.32 -6.72 -3.50
C LYS U 66 83.10 -5.25 -3.86
N VAL U 67 83.03 -4.42 -2.83
CA VAL U 67 82.76 -2.99 -2.97
C VAL U 67 84.05 -2.21 -2.88
N HIS U 68 84.17 -1.19 -3.74
CA HIS U 68 85.26 -0.24 -3.67
C HIS U 68 84.70 1.17 -3.73
N PRO U 69 85.43 2.16 -3.16
CA PRO U 69 85.11 3.54 -3.46
C PRO U 69 85.50 3.81 -4.88
N ALA U 70 84.94 4.86 -5.45
CA ALA U 70 85.30 5.29 -6.78
C ALA U 70 84.93 6.74 -7.00
N VAL U 71 85.45 7.30 -8.09
CA VAL U 71 85.22 8.69 -8.42
C VAL U 71 84.73 8.73 -9.85
N VAL U 72 83.76 9.60 -10.10
CA VAL U 72 83.26 9.84 -11.44
C VAL U 72 84.06 10.95 -12.06
N ILE U 73 84.47 10.71 -13.29
CA ILE U 73 85.55 11.43 -13.95
C ILE U 73 85.06 12.15 -15.21
N ARG U 74 84.25 11.45 -16.00
CA ARG U 74 83.44 12.04 -17.04
C ARG U 74 82.01 11.66 -16.77
N GLN U 75 81.10 12.36 -17.43
CA GLN U 75 79.71 11.93 -17.43
C GLN U 75 78.96 12.50 -18.60
N ARG U 76 78.05 11.71 -19.14
CA ARG U 76 77.39 12.03 -20.38
C ARG U 76 76.28 13.07 -20.19
N LYS U 77 75.77 13.18 -18.96
CA LYS U 77 74.78 14.20 -18.62
C LYS U 77 75.46 15.55 -18.59
N SER U 78 74.89 16.49 -19.36
CA SER U 78 75.52 17.77 -19.55
C SER U 78 75.30 18.67 -18.35
N TYR U 79 76.38 18.99 -17.67
CA TYR U 79 76.32 19.96 -16.58
C TYR U 79 76.62 21.34 -17.12
N ARG U 80 76.35 22.34 -16.29
CA ARG U 80 76.63 23.74 -16.58
C ARG U 80 77.74 24.23 -15.68
N ARG U 81 78.77 24.81 -16.29
CA ARG U 81 79.87 25.45 -15.57
C ARG U 81 79.47 26.86 -15.19
N LYS U 82 80.14 27.44 -14.20
CA LYS U 82 79.81 28.80 -13.72
C LYS U 82 80.00 29.89 -14.78
N ASP U 83 80.91 29.63 -15.73
CA ASP U 83 81.09 30.52 -16.89
C ASP U 83 80.03 30.36 -18.00
N GLY U 84 78.96 29.62 -17.73
CA GLY U 84 77.82 29.55 -18.64
C GLY U 84 78.05 28.70 -19.87
N VAL U 85 78.99 27.75 -19.78
CA VAL U 85 79.18 26.76 -20.84
C VAL U 85 78.70 25.42 -20.32
N PHE U 86 77.78 24.82 -21.05
CA PHE U 86 77.37 23.47 -20.76
C PHE U 86 78.41 22.57 -21.40
N LEU U 87 78.51 21.37 -20.86
CA LEU U 87 79.59 20.47 -21.20
C LEU U 87 79.13 19.07 -20.95
N TYR U 88 79.41 18.19 -21.90
CA TYR U 88 79.13 16.79 -21.72
C TYR U 88 80.24 16.01 -22.36
N PHE U 89 80.22 14.70 -22.19
CA PHE U 89 81.46 13.96 -22.29
C PHE U 89 81.54 12.72 -23.16
N GLU U 90 80.47 12.33 -23.82
CA GLU U 90 80.50 11.13 -24.68
C GLU U 90 80.41 9.81 -23.90
N ASP U 91 81.08 9.68 -22.76
CA ASP U 91 80.88 8.52 -21.91
C ASP U 91 80.91 8.83 -20.42
N ASN U 92 80.11 8.07 -19.67
CA ASN U 92 80.21 8.06 -18.22
C ASN U 92 81.40 7.22 -17.88
N ALA U 93 82.12 7.59 -16.82
CA ALA U 93 83.39 6.95 -16.55
C ALA U 93 83.87 7.31 -15.17
N GLY U 94 84.61 6.38 -14.56
CA GLY U 94 85.17 6.63 -13.24
C GLY U 94 86.48 5.92 -12.97
N VAL U 95 86.93 6.00 -11.72
CA VAL U 95 88.16 5.32 -11.27
C VAL U 95 87.99 4.73 -9.88
N ILE U 96 88.50 3.51 -9.69
CA ILE U 96 88.50 2.88 -8.37
C ILE U 96 89.56 3.60 -7.55
N VAL U 97 89.23 3.85 -6.29
CA VAL U 97 89.94 4.78 -5.44
C VAL U 97 89.85 4.28 -3.99
N ASN U 98 90.76 4.75 -3.13
CA ASN U 98 90.65 4.47 -1.68
C ASN U 98 90.03 5.62 -0.91
N ASN U 99 89.50 5.30 0.26
CA ASN U 99 88.90 6.28 1.19
C ASN U 99 89.52 7.69 1.20
N LYS U 100 90.85 7.76 1.24
CA LYS U 100 91.57 9.04 1.31
C LYS U 100 91.87 9.70 -0.05
N GLY U 101 91.21 9.25 -1.12
CA GLY U 101 91.30 9.92 -2.43
C GLY U 101 92.40 9.45 -3.38
N GLU U 102 93.29 8.58 -2.91
CA GLU U 102 94.32 8.00 -3.78
C GLU U 102 93.70 6.99 -4.73
N MET U 103 94.27 6.90 -5.93
CA MET U 103 93.93 5.86 -6.88
C MET U 103 94.55 4.56 -6.41
N LYS U 104 93.90 3.45 -6.75
CA LYS U 104 94.50 2.14 -6.59
C LYS U 104 95.09 1.66 -7.93
N GLY U 105 94.61 2.25 -9.03
CA GLY U 105 95.24 2.09 -10.33
C GLY U 105 96.51 2.92 -10.43
N SER U 106 96.73 3.52 -11.61
CA SER U 106 97.94 4.31 -11.87
C SER U 106 97.86 5.32 -13.03
N ALA U 107 97.01 5.07 -14.03
CA ALA U 107 96.92 5.91 -15.22
C ALA U 107 95.49 5.98 -15.70
N ILE U 108 95.03 7.17 -16.04
CA ILE U 108 93.64 7.38 -16.44
C ILE U 108 93.51 7.52 -17.94
N THR U 109 92.90 6.51 -18.58
CA THR U 109 92.53 6.61 -19.98
C THR U 109 91.42 7.65 -20.14
N GLY U 110 91.52 8.46 -21.19
CA GLY U 110 90.55 9.49 -21.47
C GLY U 110 90.73 10.75 -20.62
N PRO U 111 89.90 11.78 -20.88
CA PRO U 111 89.97 13.05 -20.17
C PRO U 111 89.17 13.03 -18.89
N VAL U 112 89.60 13.81 -17.92
CA VAL U 112 88.90 13.96 -16.66
C VAL U 112 88.27 15.33 -16.72
N ALA U 113 87.08 15.47 -16.15
CA ALA U 113 86.45 16.79 -16.05
C ALA U 113 87.15 17.57 -14.96
N LYS U 114 87.39 18.86 -15.20
CA LYS U 114 88.13 19.68 -14.25
C LYS U 114 87.40 19.90 -12.91
N GLU U 115 86.08 19.67 -12.90
CA GLU U 115 85.29 19.65 -11.65
C GLU U 115 85.79 18.52 -10.74
N CYS U 116 86.13 17.41 -11.37
CA CYS U 116 86.75 16.26 -10.70
C CYS U 116 88.24 16.47 -10.42
N ALA U 117 88.95 17.11 -11.36
CA ALA U 117 90.39 17.32 -11.22
C ALA U 117 90.75 18.22 -10.05
N ASP U 118 90.17 19.41 -10.00
CA ASP U 118 90.43 20.35 -8.91
C ASP U 118 90.10 19.76 -7.52
N LEU U 119 89.02 18.98 -7.47
CA LEU U 119 88.53 18.39 -6.22
C LEU U 119 89.26 17.09 -5.80
N TRP U 120 89.88 16.40 -6.76
CA TRP U 120 90.65 15.19 -6.51
C TRP U 120 92.05 15.33 -7.11
N PRO U 121 93.07 15.62 -6.29
CA PRO U 121 94.39 15.95 -6.82
C PRO U 121 95.18 14.76 -7.38
N ARG U 122 95.02 13.59 -6.77
CA ARG U 122 95.79 12.39 -7.14
C ARG U 122 95.23 11.80 -8.42
N ILE U 123 93.91 11.85 -8.57
CA ILE U 123 93.29 11.64 -9.87
C ILE U 123 93.85 12.63 -10.89
N ALA U 124 93.85 13.91 -10.53
CA ALA U 124 94.33 14.96 -11.46
C ALA U 124 95.76 14.72 -11.91
N SER U 125 96.62 14.26 -11.01
CA SER U 125 98.00 13.97 -11.34
C SER U 125 98.14 12.85 -12.39
N ASN U 126 97.29 11.84 -12.29
CA ASN U 126 97.29 10.72 -13.24
C ASN U 126 96.44 10.96 -14.49
N ALA U 127 95.65 12.04 -14.50
CA ALA U 127 94.87 12.43 -15.68
C ALA U 127 95.76 13.09 -16.73
N GLY U 128 95.74 12.55 -17.95
CA GLY U 128 96.46 13.15 -19.08
C GLY U 128 95.83 14.43 -19.56
N SER U 129 94.56 14.35 -19.97
CA SER U 129 93.78 15.50 -20.44
C SER U 129 92.77 15.93 -19.38
N ILE U 130 92.48 17.23 -19.33
CA ILE U 130 91.47 17.78 -18.43
C ILE U 130 90.47 18.63 -19.21
N ALA U 131 89.18 18.40 -18.96
CA ALA U 131 88.05 19.03 -19.64
C ALA U 131 87.95 18.71 -21.13
N MET V 1 86.25 37.04 -22.18
CA MET V 1 85.18 36.18 -22.78
C MET V 1 85.58 35.74 -24.19
N LYS V 2 86.39 34.69 -24.25
CA LYS V 2 86.92 34.20 -25.53
C LYS V 2 85.82 33.53 -26.35
N VAL V 3 85.25 34.31 -27.28
CA VAL V 3 84.31 33.77 -28.25
C VAL V 3 84.95 32.64 -29.06
N GLU V 4 84.25 31.50 -29.12
CA GLU V 4 84.74 30.29 -29.75
C GLU V 4 84.00 30.12 -31.07
N LEU V 5 84.44 29.16 -31.87
CA LEU V 5 83.81 28.88 -33.17
C LEU V 5 83.21 27.48 -33.18
N CYS V 6 82.01 27.39 -33.77
CA CYS V 6 81.27 26.13 -33.84
C CYS V 6 81.99 25.13 -34.74
N SER V 7 82.33 23.98 -34.16
CA SER V 7 83.10 22.95 -34.84
C SER V 7 82.39 22.29 -36.03
N PHE V 8 81.12 22.64 -36.25
CA PHE V 8 80.40 22.20 -37.44
C PHE V 8 80.18 23.31 -38.44
N SER V 9 79.48 24.35 -38.00
CA SER V 9 78.96 25.38 -38.88
C SER V 9 80.02 26.41 -39.22
N GLY V 10 80.66 26.95 -38.19
CA GLY V 10 81.68 27.98 -38.35
C GLY V 10 81.33 29.31 -37.68
N TYR V 11 80.07 29.46 -37.28
CA TYR V 11 79.64 30.68 -36.62
C TYR V 11 80.32 30.82 -35.26
N LYS V 12 80.43 32.07 -34.80
CA LYS V 12 80.94 32.37 -33.46
C LYS V 12 79.91 31.95 -32.42
N ILE V 13 80.38 31.68 -31.20
CA ILE V 13 79.50 31.25 -30.11
C ILE V 13 79.71 32.17 -28.92
N TYR V 14 78.75 33.06 -28.70
CA TYR V 14 78.86 34.03 -27.62
C TYR V 14 78.66 33.35 -26.26
N PRO V 15 79.42 33.79 -25.25
CA PRO V 15 79.55 33.20 -23.92
C PRO V 15 78.38 32.36 -23.43
N GLY V 16 77.17 32.91 -23.53
CA GLY V 16 76.00 32.25 -23.05
C GLY V 16 75.67 30.93 -23.74
N HIS V 17 75.70 30.94 -25.06
CA HIS V 17 74.93 29.95 -25.83
C HIS V 17 75.72 28.73 -26.18
N GLY V 18 74.98 27.71 -26.63
CA GLY V 18 75.57 26.50 -27.12
C GLY V 18 76.17 25.60 -26.05
N ARG V 19 76.87 24.58 -26.53
CA ARG V 19 77.18 23.39 -25.73
C ARG V 19 78.55 22.85 -26.09
N ARG V 20 79.23 22.24 -25.12
CA ARG V 20 80.62 21.79 -25.29
C ARG V 20 80.81 20.28 -25.13
N TYR V 21 81.37 19.65 -26.15
CA TYR V 21 81.45 18.21 -26.23
C TYR V 21 82.88 17.79 -26.03
N ALA V 22 83.09 16.73 -25.25
CA ALA V 22 84.42 16.27 -24.91
C ALA V 22 84.57 14.79 -25.20
N ARG V 23 85.01 14.47 -26.42
CA ARG V 23 85.14 13.09 -26.86
C ARG V 23 86.30 12.39 -26.19
N THR V 24 86.19 11.07 -26.01
CA THR V 24 87.15 10.28 -25.23
C THR V 24 88.52 10.12 -25.88
N ASP V 25 88.61 10.34 -27.18
CA ASP V 25 89.90 10.51 -27.85
C ASP V 25 90.72 11.61 -27.15
N GLY V 26 90.01 12.59 -26.59
CA GLY V 26 90.60 13.68 -25.84
C GLY V 26 90.72 14.91 -26.71
N LYS V 27 89.63 15.24 -27.41
CA LYS V 27 89.50 16.50 -28.13
C LYS V 27 88.05 16.95 -28.03
N VAL V 28 87.87 18.25 -28.13
CA VAL V 28 86.66 18.90 -27.72
C VAL V 28 86.05 19.64 -28.91
N PHE V 29 84.73 19.75 -28.91
CA PHE V 29 84.02 20.51 -29.93
C PHE V 29 83.01 21.42 -29.29
N GLN V 30 82.79 22.55 -29.94
CA GLN V 30 81.83 23.53 -29.54
C GLN V 30 80.74 23.54 -30.57
N PHE V 31 79.50 23.58 -30.11
CA PHE V 31 78.38 23.68 -31.02
C PHE V 31 77.55 24.87 -30.65
N LEU V 32 77.32 25.69 -31.67
CA LEU V 32 76.45 26.86 -31.61
C LEU V 32 75.09 26.52 -31.04
N ASN V 33 74.49 25.47 -31.62
CA ASN V 33 73.19 24.97 -31.21
C ASN V 33 73.09 23.45 -31.43
N ALA V 34 71.93 22.87 -31.18
CA ALA V 34 71.71 21.42 -31.37
C ALA V 34 71.71 20.99 -32.82
N LYS V 35 71.16 21.84 -33.68
CA LYS V 35 71.15 21.64 -35.14
C LYS V 35 72.53 21.29 -35.69
N CYS V 36 73.55 22.03 -35.26
CA CYS V 36 74.93 21.73 -35.60
C CYS V 36 75.32 20.38 -35.01
N GLU V 37 75.15 20.27 -33.69
CA GLU V 37 75.56 19.11 -32.91
C GLU V 37 74.96 17.80 -33.43
N SER V 38 73.72 17.85 -33.91
CA SER V 38 73.04 16.65 -34.44
C SER V 38 73.67 16.17 -35.75
N ALA V 39 73.97 17.12 -36.63
CA ALA V 39 74.67 16.85 -37.88
C ALA V 39 76.08 16.33 -37.63
N PHE V 40 76.73 16.85 -36.59
CA PHE V 40 78.04 16.38 -36.15
C PHE V 40 78.00 14.93 -35.67
N LEU V 41 77.01 14.61 -34.84
CA LEU V 41 76.88 13.28 -34.25
C LEU V 41 76.39 12.23 -35.27
N SER V 42 75.58 12.67 -36.25
CA SER V 42 75.19 11.84 -37.40
C SER V 42 76.24 11.84 -38.52
N LYS V 43 77.36 12.51 -38.29
CA LYS V 43 78.59 12.37 -39.06
C LYS V 43 78.52 13.14 -40.39
N ARG V 44 77.68 14.17 -40.46
CA ARG V 44 77.52 14.95 -41.68
C ARG V 44 78.75 15.81 -41.91
N ASN V 45 79.31 15.68 -43.10
CA ASN V 45 80.53 16.37 -43.46
C ASN V 45 80.16 17.80 -43.77
N PRO V 46 80.47 18.74 -42.87
CA PRO V 46 79.91 20.09 -42.95
C PRO V 46 80.21 20.83 -44.25
N ARG V 47 81.25 20.42 -44.97
CA ARG V 47 81.54 20.95 -46.30
C ARG V 47 80.48 20.59 -47.34
N GLN V 48 79.72 19.52 -47.11
CA GLN V 48 78.59 19.15 -47.96
C GLN V 48 77.30 19.95 -47.68
N ILE V 49 77.23 20.60 -46.50
CA ILE V 49 76.00 21.24 -46.02
C ILE V 49 76.02 22.75 -46.24
N ASN V 50 75.06 23.24 -47.04
CA ASN V 50 75.14 24.57 -47.65
C ASN V 50 75.38 25.69 -46.67
N TRP V 51 74.54 25.74 -45.66
CA TRP V 51 74.51 26.86 -44.74
C TRP V 51 75.75 27.03 -43.87
N THR V 52 76.60 26.01 -43.75
CA THR V 52 77.85 26.16 -43.01
C THR V 52 78.84 27.07 -43.71
N VAL V 53 79.83 27.51 -42.93
CA VAL V 53 80.93 28.32 -43.43
C VAL V 53 81.81 27.44 -44.31
N LEU V 54 82.09 26.23 -43.85
CA LEU V 54 82.97 25.32 -44.59
C LEU V 54 82.50 25.01 -46.00
N TYR V 55 81.19 24.91 -46.20
CA TYR V 55 80.63 24.76 -47.53
C TYR V 55 80.92 25.99 -48.35
N ARG V 56 80.51 27.14 -47.85
CA ARG V 56 80.59 28.38 -48.62
C ARG V 56 82.03 28.74 -48.97
N ARG V 57 82.98 28.47 -48.07
CA ARG V 57 84.41 28.55 -48.42
C ARG V 57 84.71 27.64 -49.61
N LYS V 58 84.31 26.38 -49.48
CA LYS V 58 84.54 25.38 -50.54
C LYS V 58 83.96 25.80 -51.90
N HIS V 59 82.76 26.37 -51.90
CA HIS V 59 82.08 26.78 -53.13
C HIS V 59 82.32 28.24 -53.52
N LYS V 60 83.22 28.92 -52.82
CA LYS V 60 83.71 30.26 -53.20
C LYS V 60 82.59 31.29 -53.23
N LYS V 61 81.69 31.23 -52.25
CA LYS V 61 80.52 32.10 -52.21
C LYS V 61 80.81 33.39 -51.47
N GLY V 62 80.15 34.45 -51.90
CA GLY V 62 80.60 35.82 -51.64
C GLY V 62 81.85 36.09 -52.45
N GLN V 63 82.44 37.27 -52.24
CA GLN V 63 83.72 37.66 -52.85
C GLN V 63 83.69 37.63 -54.38
N LYS W 1 -7.29 -83.96 -55.87
CA LYS W 1 -6.05 -84.08 -56.70
C LYS W 1 -5.71 -82.74 -57.37
N LYS W 2 -5.49 -81.72 -56.55
CA LYS W 2 -4.89 -80.46 -56.98
C LYS W 2 -3.73 -80.16 -56.03
N ILE W 3 -2.52 -80.34 -56.54
CA ILE W 3 -1.29 -80.31 -55.72
C ILE W 3 -0.82 -78.90 -55.39
N ARG W 4 -0.25 -78.73 -54.20
CA ARG W 4 0.38 -77.47 -53.81
C ARG W 4 1.78 -77.42 -54.39
N THR W 5 1.94 -76.59 -55.41
CA THR W 5 3.25 -76.36 -56.02
C THR W 5 4.17 -75.55 -55.10
N SER W 6 3.61 -74.52 -54.45
CA SER W 6 4.39 -73.59 -53.62
C SER W 6 4.12 -73.80 -52.13
N PRO W 7 5.14 -73.61 -51.29
CA PRO W 7 5.03 -73.83 -49.85
C PRO W 7 4.27 -72.72 -49.08
N THR W 8 3.95 -71.63 -49.74
CA THR W 8 3.07 -70.63 -49.17
C THR W 8 1.63 -71.13 -49.21
N PHE W 9 0.77 -70.54 -48.37
CA PHE W 9 -0.68 -70.65 -48.57
C PHE W 9 -1.32 -69.28 -48.45
N ARG W 10 -1.31 -68.57 -49.57
CA ARG W 10 -1.93 -67.27 -49.69
C ARG W 10 -3.45 -67.36 -49.71
N ARG W 11 -4.09 -66.31 -49.19
CA ARG W 11 -5.56 -66.26 -49.01
C ARG W 11 -6.26 -66.29 -50.36
N PRO W 12 -7.31 -67.12 -50.48
CA PRO W 12 -7.97 -67.30 -51.76
C PRO W 12 -8.82 -66.11 -52.20
N LYS W 13 -8.85 -65.89 -53.50
CA LYS W 13 -9.49 -64.72 -54.09
C LYS W 13 -10.99 -64.95 -54.19
N THR W 14 -11.72 -64.54 -53.16
CA THR W 14 -13.17 -64.74 -53.09
C THR W 14 -13.90 -63.77 -53.99
N LEU W 15 -15.14 -64.11 -54.33
CA LEU W 15 -16.04 -63.15 -54.98
C LEU W 15 -16.27 -61.99 -54.03
N ARG W 16 -16.26 -60.77 -54.56
CA ARG W 16 -16.79 -59.64 -53.82
C ARG W 16 -17.64 -58.69 -54.68
N LEU W 17 -18.79 -58.31 -54.12
CA LEU W 17 -19.89 -57.65 -54.84
C LEU W 17 -19.86 -56.13 -54.72
N ARG W 18 -20.54 -55.48 -55.67
CA ARG W 18 -20.79 -54.04 -55.61
C ARG W 18 -21.87 -53.75 -54.59
N ARG W 19 -21.91 -52.50 -54.14
CA ARG W 19 -22.99 -52.03 -53.28
C ARG W 19 -24.32 -51.99 -54.03
N GLN W 20 -25.38 -52.47 -53.39
CA GLN W 20 -26.73 -52.45 -53.95
C GLN W 20 -27.66 -51.88 -52.90
N PRO W 21 -27.48 -50.58 -52.58
CA PRO W 21 -28.11 -50.01 -51.39
C PRO W 21 -29.62 -50.04 -51.46
N LYS W 22 -30.21 -50.71 -50.48
CA LYS W 22 -31.64 -50.74 -50.25
C LYS W 22 -32.28 -49.34 -50.20
N TYR W 23 -31.48 -48.30 -49.94
CA TYR W 23 -31.92 -46.91 -50.09
C TYR W 23 -30.74 -45.96 -50.18
N PRO W 24 -30.94 -44.78 -50.81
CA PRO W 24 -29.89 -43.78 -50.84
C PRO W 24 -29.81 -43.00 -49.54
N ARG W 25 -28.60 -42.84 -49.00
CA ARG W 25 -28.39 -42.21 -47.71
C ARG W 25 -28.81 -40.75 -47.71
N LYS W 26 -28.32 -40.02 -48.70
CA LYS W 26 -28.67 -38.60 -48.86
C LYS W 26 -29.76 -38.48 -49.92
N SER W 27 -30.76 -37.65 -49.63
CA SER W 27 -32.03 -37.64 -50.35
C SER W 27 -31.85 -37.35 -51.84
N ALA W 28 -31.14 -36.27 -52.11
CA ALA W 28 -30.87 -35.82 -53.47
C ALA W 28 -29.55 -35.05 -53.47
N PRO W 29 -28.86 -35.00 -54.62
CA PRO W 29 -27.47 -34.56 -54.61
C PRO W 29 -27.32 -33.09 -54.27
N ARG W 30 -26.19 -32.78 -53.63
CA ARG W 30 -25.83 -31.41 -53.26
C ARG W 30 -25.68 -30.56 -54.53
N ARG W 31 -26.43 -29.47 -54.61
CA ARG W 31 -26.30 -28.53 -55.72
C ARG W 31 -24.93 -27.89 -55.69
N ASN W 32 -24.37 -27.66 -56.88
CA ASN W 32 -23.06 -27.07 -57.02
C ASN W 32 -23.12 -25.63 -56.55
N LYS W 33 -22.26 -25.26 -55.61
CA LYS W 33 -22.24 -23.90 -55.06
C LYS W 33 -20.97 -23.19 -55.49
N LEU W 34 -20.61 -23.39 -56.75
CA LEU W 34 -19.46 -22.75 -57.36
C LEU W 34 -19.74 -22.72 -58.85
N ASP W 35 -20.78 -21.96 -59.17
CA ASP W 35 -21.29 -21.84 -60.53
C ASP W 35 -20.56 -20.75 -61.29
N HIS W 36 -20.90 -20.65 -62.58
CA HIS W 36 -20.39 -19.60 -63.47
C HIS W 36 -20.38 -18.24 -62.82
N TYR W 37 -21.41 -17.98 -62.01
CA TYR W 37 -21.52 -16.75 -61.27
C TYR W 37 -20.56 -16.74 -60.08
N ALA W 38 -20.82 -17.62 -59.11
CA ALA W 38 -20.07 -17.62 -57.83
C ALA W 38 -18.56 -17.77 -57.93
N ILE W 39 -18.10 -18.24 -59.08
CA ILE W 39 -16.68 -18.27 -59.39
C ILE W 39 -16.06 -16.90 -59.75
N ILE W 40 -16.80 -16.04 -60.45
CA ILE W 40 -16.29 -14.70 -60.81
C ILE W 40 -17.03 -13.68 -59.97
N LYS W 41 -16.32 -13.13 -58.98
CA LYS W 41 -16.90 -12.16 -58.06
C LYS W 41 -17.11 -10.83 -58.77
N PHE W 42 -16.03 -10.25 -59.26
CA PHE W 42 -16.10 -8.98 -59.99
C PHE W 42 -14.80 -8.69 -60.74
N PRO W 43 -14.86 -7.73 -61.68
CA PRO W 43 -13.66 -7.25 -62.33
C PRO W 43 -12.95 -6.17 -61.52
N LEU W 44 -11.62 -6.22 -61.50
CA LEU W 44 -10.81 -5.08 -61.09
C LEU W 44 -10.95 -3.99 -62.13
N THR W 45 -10.83 -2.74 -61.68
CA THR W 45 -10.82 -1.59 -62.57
C THR W 45 -9.64 -0.69 -62.25
N THR W 46 -8.62 -1.28 -61.65
CA THR W 46 -7.47 -0.58 -61.13
C THR W 46 -6.61 -0.10 -62.29
N GLU W 47 -5.82 0.95 -62.07
CA GLU W 47 -4.96 1.53 -63.10
C GLU W 47 -4.12 0.45 -63.78
N SER W 48 -3.46 -0.36 -62.97
CA SER W 48 -2.71 -1.51 -63.48
C SER W 48 -3.60 -2.52 -64.23
N ALA W 49 -4.83 -2.72 -63.74
CA ALA W 49 -5.81 -3.60 -64.38
C ALA W 49 -6.33 -3.10 -65.72
N MET W 50 -6.46 -1.78 -65.86
CA MET W 50 -6.89 -1.19 -67.13
C MET W 50 -5.76 -1.18 -68.14
N LYS W 51 -4.53 -1.00 -67.66
CA LYS W 51 -3.35 -1.03 -68.51
C LYS W 51 -3.10 -2.42 -69.07
N LYS W 52 -3.42 -3.44 -68.27
CA LYS W 52 -3.40 -4.83 -68.71
C LYS W 52 -4.43 -5.06 -69.81
N ILE W 53 -5.63 -4.52 -69.62
CA ILE W 53 -6.73 -4.65 -70.58
C ILE W 53 -6.40 -3.97 -71.91
N GLU W 54 -5.88 -2.75 -71.83
CA GLU W 54 -5.71 -1.93 -73.03
C GLU W 54 -4.55 -2.42 -73.92
N ASP W 55 -3.52 -2.97 -73.29
CA ASP W 55 -2.27 -3.30 -73.96
C ASP W 55 -2.04 -4.80 -74.23
N ASN W 56 -2.43 -5.64 -73.28
CA ASN W 56 -2.19 -7.10 -73.33
C ASN W 56 -3.34 -7.98 -73.82
N ASN W 57 -4.51 -7.39 -74.09
CA ASN W 57 -5.71 -8.15 -74.51
C ASN W 57 -6.24 -9.08 -73.38
N THR W 58 -6.26 -8.58 -72.15
CA THR W 58 -6.73 -9.37 -70.99
C THR W 58 -7.90 -8.71 -70.27
N LEU W 59 -8.50 -9.43 -69.32
CA LEU W 59 -9.47 -8.87 -68.37
C LEU W 59 -9.09 -9.39 -67.01
N VAL W 60 -9.06 -8.51 -66.01
CA VAL W 60 -8.50 -8.86 -64.71
C VAL W 60 -9.60 -8.89 -63.68
N PHE W 61 -9.85 -10.08 -63.16
CA PHE W 61 -10.94 -10.38 -62.25
C PHE W 61 -10.48 -10.71 -60.87
N ILE W 62 -11.44 -10.67 -59.96
CA ILE W 62 -11.33 -11.35 -58.70
C ILE W 62 -12.23 -12.57 -58.80
N VAL W 63 -11.74 -13.68 -58.25
CA VAL W 63 -12.29 -15.00 -58.49
C VAL W 63 -12.43 -15.70 -57.14
N ASP W 64 -13.29 -16.71 -57.06
CA ASP W 64 -13.40 -17.51 -55.82
C ASP W 64 -12.18 -18.41 -55.65
N VAL W 65 -11.64 -18.39 -54.45
CA VAL W 65 -10.34 -19.02 -54.14
C VAL W 65 -10.26 -20.52 -54.45
N LYS W 66 -11.41 -21.21 -54.40
CA LYS W 66 -11.47 -22.64 -54.69
C LYS W 66 -11.30 -23.00 -56.19
N ALA W 67 -11.31 -22.00 -57.08
CA ALA W 67 -11.40 -22.24 -58.52
C ALA W 67 -10.09 -22.68 -59.16
N ASN W 68 -10.20 -23.56 -60.15
CA ASN W 68 -9.09 -23.93 -61.01
C ASN W 68 -9.11 -22.94 -62.14
N LYS W 69 -8.00 -22.87 -62.87
CA LYS W 69 -7.95 -22.11 -64.11
C LYS W 69 -8.96 -22.67 -65.07
N HIS W 70 -9.10 -24.00 -65.09
CA HIS W 70 -10.07 -24.66 -65.95
C HIS W 70 -11.49 -24.16 -65.71
N GLN W 71 -11.84 -24.00 -64.44
CA GLN W 71 -13.16 -23.52 -64.07
C GLN W 71 -13.33 -22.08 -64.49
N ILE W 72 -12.35 -21.24 -64.18
CA ILE W 72 -12.38 -19.82 -64.55
C ILE W 72 -12.57 -19.65 -66.04
N LYS W 73 -11.72 -20.30 -66.81
CA LYS W 73 -11.82 -20.33 -68.26
C LYS W 73 -13.26 -20.64 -68.68
N GLN W 74 -13.80 -21.73 -68.16
CA GLN W 74 -15.19 -22.14 -68.44
C GLN W 74 -16.22 -21.13 -67.99
N ALA W 75 -15.99 -20.47 -66.86
CA ALA W 75 -16.90 -19.43 -66.41
C ALA W 75 -16.85 -18.21 -67.30
N VAL W 76 -15.64 -17.71 -67.56
CA VAL W 76 -15.45 -16.53 -68.40
C VAL W 76 -16.09 -16.72 -69.78
N LYS W 77 -15.95 -17.92 -70.32
CA LYS W 77 -16.55 -18.28 -71.60
C LYS W 77 -18.07 -18.31 -71.54
N LYS W 78 -18.60 -18.83 -70.44
CA LYS W 78 -20.03 -18.97 -70.25
C LYS W 78 -20.72 -17.63 -70.02
N LEU W 79 -20.20 -16.85 -69.08
CA LEU W 79 -20.83 -15.57 -68.73
C LEU W 79 -20.80 -14.57 -69.86
N TYR W 80 -19.62 -14.33 -70.41
CA TYR W 80 -19.43 -13.26 -71.39
C TYR W 80 -19.43 -13.75 -72.85
N ASP W 81 -19.88 -14.99 -73.08
CA ASP W 81 -20.03 -15.57 -74.43
C ASP W 81 -18.73 -15.49 -75.24
N ILE W 82 -17.61 -15.44 -74.52
CA ILE W 82 -16.34 -14.98 -75.04
C ILE W 82 -15.54 -16.23 -75.40
N ASP W 83 -14.22 -16.12 -75.52
CA ASP W 83 -13.34 -17.29 -75.58
C ASP W 83 -11.93 -16.89 -75.19
N VAL W 84 -11.30 -17.78 -74.42
CA VAL W 84 -10.08 -17.45 -73.71
C VAL W 84 -8.88 -18.07 -74.40
N ALA W 85 -7.76 -17.36 -74.32
CA ALA W 85 -6.46 -17.90 -74.69
C ALA W 85 -5.88 -18.65 -73.49
N LYS W 86 -5.75 -17.94 -72.37
CA LYS W 86 -5.21 -18.53 -71.15
C LYS W 86 -5.58 -17.74 -69.89
N VAL W 87 -5.64 -18.45 -68.78
CA VAL W 87 -5.93 -17.90 -67.48
C VAL W 87 -4.64 -18.01 -66.69
N ASN W 88 -4.45 -17.08 -65.76
CA ASN W 88 -3.15 -16.90 -65.14
C ASN W 88 -3.27 -16.42 -63.69
N THR W 89 -3.76 -17.28 -62.82
CA THR W 89 -4.17 -16.88 -61.46
C THR W 89 -3.03 -16.67 -60.49
N LEU W 90 -3.33 -15.85 -59.47
CA LEU W 90 -2.51 -15.70 -58.28
C LEU W 90 -3.43 -15.49 -57.09
N ILE W 91 -2.87 -15.36 -55.88
CA ILE W 91 -3.66 -15.08 -54.69
C ILE W 91 -3.19 -13.79 -54.02
N ARG W 92 -4.10 -12.85 -53.85
CA ARG W 92 -3.79 -11.56 -53.22
C ARG W 92 -3.59 -11.73 -51.71
N PRO W 93 -2.68 -10.93 -51.12
CA PRO W 93 -2.41 -10.97 -49.68
C PRO W 93 -3.47 -10.15 -48.95
N ASP W 94 -4.62 -10.76 -48.77
CA ASP W 94 -5.92 -10.08 -48.64
C ASP W 94 -6.94 -11.19 -48.67
N GLY W 95 -6.73 -12.10 -49.63
CA GLY W 95 -7.35 -13.41 -49.66
C GLY W 95 -8.06 -13.75 -50.95
N GLU W 96 -8.16 -12.78 -51.86
CA GLU W 96 -9.02 -12.89 -53.00
C GLU W 96 -8.19 -13.25 -54.21
N LYS W 97 -8.28 -14.52 -54.61
CA LYS W 97 -7.67 -15.00 -55.84
C LYS W 97 -7.97 -14.08 -57.02
N LYS W 98 -6.92 -13.42 -57.52
CA LYS W 98 -7.04 -12.59 -58.70
C LYS W 98 -6.81 -13.49 -59.89
N ALA W 99 -7.33 -13.09 -61.04
CA ALA W 99 -7.15 -13.84 -62.27
C ALA W 99 -6.95 -12.91 -63.47
N TYR W 100 -5.79 -13.03 -64.11
CA TYR W 100 -5.53 -12.39 -65.39
C TYR W 100 -5.92 -13.40 -66.45
N VAL W 101 -6.73 -12.95 -67.42
CA VAL W 101 -7.34 -13.83 -68.40
C VAL W 101 -7.10 -13.26 -69.79
N ARG W 102 -6.20 -13.91 -70.53
CA ARG W 102 -5.85 -13.50 -71.88
C ARG W 102 -6.94 -14.00 -72.80
N LEU W 103 -7.59 -13.08 -73.50
CA LEU W 103 -8.60 -13.46 -74.50
C LEU W 103 -7.91 -13.72 -75.83
N ALA W 104 -8.52 -14.62 -76.61
CA ALA W 104 -7.98 -15.02 -77.91
C ALA W 104 -8.05 -13.85 -78.89
N PRO W 105 -7.11 -13.80 -79.86
CA PRO W 105 -6.86 -12.58 -80.64
C PRO W 105 -7.95 -12.15 -81.63
N ASP W 106 -8.94 -13.02 -81.90
CA ASP W 106 -10.17 -12.61 -82.60
C ASP W 106 -10.98 -11.57 -81.79
N TYR W 107 -10.81 -11.60 -80.46
CA TYR W 107 -11.52 -10.69 -79.56
C TYR W 107 -10.64 -9.57 -79.04
N ASP W 108 -11.25 -8.38 -78.93
CA ASP W 108 -10.64 -7.22 -78.28
C ASP W 108 -11.12 -7.14 -76.85
N ALA W 109 -10.18 -6.85 -75.93
CA ALA W 109 -10.46 -6.79 -74.51
C ALA W 109 -11.19 -5.52 -74.12
N LEU W 110 -10.83 -4.40 -74.75
CA LEU W 110 -11.48 -3.11 -74.47
C LEU W 110 -12.95 -3.11 -74.90
N ASP W 111 -13.28 -3.90 -75.92
CA ASP W 111 -14.65 -4.01 -76.42
C ASP W 111 -15.54 -4.74 -75.43
N VAL W 112 -15.09 -5.92 -74.99
CA VAL W 112 -15.76 -6.64 -73.90
C VAL W 112 -15.75 -5.83 -72.60
N ALA W 113 -14.64 -5.16 -72.30
CA ALA W 113 -14.56 -4.31 -71.12
C ALA W 113 -15.71 -3.30 -71.09
N ASN W 114 -15.97 -2.66 -72.23
CA ASN W 114 -17.11 -1.75 -72.37
C ASN W 114 -18.47 -2.43 -72.23
N LYS W 115 -18.56 -3.68 -72.70
CA LYS W 115 -19.79 -4.46 -72.57
C LYS W 115 -20.13 -4.77 -71.11
N ILE W 116 -19.15 -5.25 -70.35
CA ILE W 116 -19.36 -5.63 -68.96
C ILE W 116 -19.53 -4.46 -67.97
N GLY W 117 -19.13 -3.25 -68.39
CA GLY W 117 -19.33 -2.03 -67.61
C GLY W 117 -18.06 -1.25 -67.36
N ILE W 118 -16.97 -1.97 -67.12
CA ILE W 118 -15.69 -1.37 -66.68
C ILE W 118 -14.98 -0.61 -67.81
N ILE W 119 -14.31 0.49 -67.45
CA ILE W 119 -13.39 1.20 -68.36
C ILE W 119 -12.72 2.36 -67.61
N MET X 1 -49.71 -4.91 -3.79
CA MET X 1 -48.50 -5.77 -4.03
C MET X 1 -48.65 -6.55 -5.30
N LYS X 2 -47.59 -7.25 -5.69
CA LYS X 2 -47.68 -8.24 -6.76
C LYS X 2 -47.40 -9.59 -6.13
N PHE X 3 -48.23 -10.55 -6.50
CA PHE X 3 -48.29 -11.84 -5.83
C PHE X 3 -47.87 -12.97 -6.77
N ASN X 4 -48.16 -12.80 -8.07
CA ASN X 4 -47.58 -13.63 -9.12
C ASN X 4 -46.10 -13.84 -8.86
N PRO X 5 -45.67 -15.10 -8.63
CA PRO X 5 -44.30 -15.37 -8.28
C PRO X 5 -43.39 -15.58 -9.50
N PHE X 6 -43.78 -15.10 -10.67
CA PHE X 6 -42.94 -15.11 -11.83
C PHE X 6 -42.70 -13.73 -12.40
N VAL X 7 -43.14 -12.68 -11.71
CA VAL X 7 -42.78 -11.32 -12.08
C VAL X 7 -41.76 -10.88 -11.04
N THR X 8 -41.25 -9.67 -11.16
CA THR X 8 -39.87 -9.43 -10.83
C THR X 8 -39.60 -8.37 -9.79
N SER X 9 -40.20 -7.19 -9.93
CA SER X 9 -40.12 -6.17 -8.88
C SER X 9 -38.67 -5.96 -8.39
N ASP X 10 -37.74 -5.96 -9.33
CA ASP X 10 -36.31 -5.96 -9.03
C ASP X 10 -35.65 -4.93 -9.93
N ARG X 11 -35.42 -3.73 -9.38
CA ARG X 11 -34.87 -2.60 -10.15
C ARG X 11 -34.02 -3.02 -11.34
N SER X 12 -32.92 -3.70 -11.06
CA SER X 12 -31.98 -4.14 -12.09
C SER X 12 -32.64 -4.96 -13.18
N LYS X 13 -33.55 -5.86 -12.79
CA LYS X 13 -34.24 -6.70 -13.74
C LYS X 13 -35.21 -5.91 -14.58
N ASN X 14 -35.96 -4.99 -13.97
CA ASN X 14 -36.94 -4.19 -14.72
C ASN X 14 -36.27 -3.21 -15.66
N ARG X 15 -35.25 -2.51 -15.17
CA ARG X 15 -34.48 -1.61 -16.03
C ARG X 15 -33.81 -2.35 -17.18
N LYS X 16 -33.17 -3.49 -16.91
CA LYS X 16 -32.54 -4.24 -18.00
C LYS X 16 -33.56 -4.66 -19.03
N ARG X 17 -34.70 -5.13 -18.54
CA ARG X 17 -35.84 -5.49 -19.37
C ARG X 17 -36.26 -4.32 -20.25
N HIS X 18 -36.30 -3.13 -19.64
CA HIS X 18 -36.70 -1.92 -20.33
C HIS X 18 -35.75 -1.49 -21.42
N PHE X 19 -34.50 -1.24 -21.05
CA PHE X 19 -33.54 -0.63 -21.96
C PHE X 19 -33.13 -1.57 -23.09
N ASN X 20 -33.13 -2.85 -22.82
CA ASN X 20 -32.83 -3.83 -23.84
C ASN X 20 -34.11 -4.42 -24.38
N ALA X 21 -35.14 -3.59 -24.57
CA ALA X 21 -36.42 -4.07 -25.06
C ALA X 21 -36.41 -4.11 -26.58
N PRO X 22 -37.05 -5.14 -27.18
CA PRO X 22 -37.15 -5.33 -28.63
C PRO X 22 -38.31 -4.54 -29.26
N SER X 23 -38.08 -4.08 -30.49
CA SER X 23 -38.93 -3.07 -31.14
C SER X 23 -40.43 -3.21 -30.86
N HIS X 24 -40.96 -4.39 -31.16
CA HIS X 24 -42.39 -4.66 -31.00
C HIS X 24 -42.86 -4.48 -29.57
N ILE X 25 -41.99 -4.74 -28.60
CA ILE X 25 -42.28 -4.51 -27.19
C ILE X 25 -42.20 -3.04 -26.84
N ARG X 26 -41.24 -2.34 -27.44
CA ARG X 26 -41.16 -0.91 -27.26
C ARG X 26 -42.40 -0.18 -27.75
N ARG X 27 -43.01 -0.67 -28.83
CA ARG X 27 -44.25 -0.09 -29.32
C ARG X 27 -45.24 0.11 -28.18
N LYS X 28 -45.39 -0.93 -27.36
CA LYS X 28 -46.32 -0.93 -26.25
C LYS X 28 -45.88 0.06 -25.17
N ILE X 29 -44.58 0.09 -24.89
CA ILE X 29 -44.02 0.99 -23.87
C ILE X 29 -44.23 2.44 -24.27
N MET X 30 -44.02 2.73 -25.55
CA MET X 30 -44.18 4.08 -26.07
C MET X 30 -45.64 4.51 -26.28
N SER X 31 -46.56 4.02 -25.46
CA SER X 31 -47.97 4.36 -25.63
C SER X 31 -48.23 5.72 -25.05
N SER X 32 -49.38 6.27 -25.38
CA SER X 32 -49.73 7.62 -24.99
C SER X 32 -51.24 7.78 -24.88
N PRO X 33 -51.69 8.65 -23.97
CA PRO X 33 -53.11 8.79 -23.73
C PRO X 33 -53.87 9.45 -24.86
N LEU X 34 -55.15 9.12 -24.94
CA LEU X 34 -56.09 9.76 -25.84
C LEU X 34 -56.53 11.02 -25.15
N SER X 35 -57.09 11.95 -25.92
CA SER X 35 -57.71 13.15 -25.35
C SER X 35 -59.02 12.73 -24.71
N LYS X 36 -59.41 13.42 -23.63
CA LYS X 36 -60.69 13.13 -22.98
C LYS X 36 -61.84 12.96 -23.98
N GLU X 37 -61.82 13.79 -25.02
CA GLU X 37 -62.74 13.70 -26.16
C GLU X 37 -62.82 12.29 -26.75
N LEU X 38 -61.66 11.73 -27.11
CA LEU X 38 -61.59 10.37 -27.68
C LEU X 38 -61.82 9.30 -26.63
N ARG X 39 -61.34 9.56 -25.42
CA ARG X 39 -61.56 8.69 -24.27
C ARG X 39 -63.05 8.38 -24.07
N GLN X 40 -63.87 9.40 -24.27
CA GLN X 40 -65.34 9.29 -24.27
C GLN X 40 -65.85 8.43 -25.43
N LYS X 41 -65.32 8.68 -26.63
CA LYS X 41 -65.80 8.08 -27.87
C LYS X 41 -65.48 6.61 -28.04
N TYR X 42 -64.21 6.25 -27.87
CA TYR X 42 -63.74 4.88 -28.14
C TYR X 42 -63.78 3.92 -26.96
N ASN X 43 -63.88 4.44 -25.74
CA ASN X 43 -63.87 3.63 -24.51
C ASN X 43 -62.48 3.02 -24.29
N VAL X 44 -61.46 3.86 -24.46
CA VAL X 44 -60.06 3.44 -24.43
C VAL X 44 -59.25 4.53 -23.74
N ARG X 45 -58.41 4.14 -22.79
CA ARG X 45 -57.56 5.10 -22.08
C ARG X 45 -56.49 5.67 -23.00
N SER X 46 -55.77 4.77 -23.66
CA SER X 46 -54.54 5.12 -24.35
C SER X 46 -54.22 4.14 -25.46
N MET X 47 -53.30 4.57 -26.33
CA MET X 47 -52.96 3.86 -27.55
C MET X 47 -51.47 3.98 -27.85
N PRO X 48 -50.86 2.92 -28.42
CA PRO X 48 -49.51 2.96 -28.97
C PRO X 48 -49.37 4.01 -30.04
N ILE X 49 -48.50 4.98 -29.80
CA ILE X 49 -48.36 6.13 -30.70
C ILE X 49 -47.66 5.72 -31.99
N ARG X 50 -47.87 6.50 -33.04
CA ARG X 50 -47.55 6.06 -34.38
C ARG X 50 -47.12 7.22 -35.29
N LYS X 51 -46.48 6.89 -36.41
CA LYS X 51 -45.82 7.85 -37.31
C LYS X 51 -46.53 9.18 -37.58
N ASP X 52 -47.85 9.18 -37.74
CA ASP X 52 -48.55 10.41 -38.16
C ASP X 52 -49.93 10.61 -37.49
N ASP X 53 -49.92 10.47 -36.17
CA ASP X 53 -51.00 10.92 -35.32
C ASP X 53 -50.89 12.44 -35.13
N GLU X 54 -51.99 13.05 -34.71
CA GLU X 54 -52.00 14.45 -34.27
C GLU X 54 -52.06 14.45 -32.75
N VAL X 55 -51.36 15.40 -32.16
CA VAL X 55 -50.80 15.25 -30.83
C VAL X 55 -50.59 16.61 -30.18
N GLN X 56 -50.81 16.68 -28.88
CA GLN X 56 -50.34 17.80 -28.07
C GLN X 56 -49.24 17.32 -27.15
N VAL X 57 -48.27 18.21 -26.90
CA VAL X 57 -47.27 18.00 -25.87
C VAL X 57 -47.88 18.61 -24.63
N VAL X 58 -47.86 17.85 -23.53
CA VAL X 58 -48.53 18.28 -22.31
C VAL X 58 -47.57 18.93 -21.33
N ARG X 59 -46.36 18.38 -21.21
CA ARG X 59 -45.38 18.89 -20.22
C ARG X 59 -44.04 19.23 -20.84
N GLY X 60 -43.31 20.09 -20.14
CA GLY X 60 -41.96 20.49 -20.50
C GLY X 60 -41.90 21.96 -20.91
N HIS X 61 -40.99 22.23 -21.82
CA HIS X 61 -40.83 23.55 -22.43
C HIS X 61 -41.86 23.74 -23.54
N TYR X 62 -42.03 22.69 -24.33
CA TYR X 62 -42.91 22.71 -25.50
C TYR X 62 -44.37 22.46 -25.17
N LYS X 63 -44.64 22.11 -23.90
CA LYS X 63 -45.97 22.20 -23.30
C LYS X 63 -46.75 23.33 -23.96
N GLY X 64 -47.85 22.99 -24.62
CA GLY X 64 -48.67 23.98 -25.30
C GLY X 64 -49.93 23.36 -25.90
N GLN X 65 -50.90 24.23 -26.20
CA GLN X 65 -52.22 23.79 -26.68
C GLN X 65 -52.29 23.64 -28.21
N GLN X 66 -51.15 23.67 -28.88
CA GLN X 66 -51.07 23.46 -30.33
C GLN X 66 -51.16 21.96 -30.60
N ILE X 67 -51.63 21.61 -31.79
CA ILE X 67 -51.85 20.22 -32.17
C ILE X 67 -50.96 19.86 -33.36
N GLY X 68 -49.75 19.40 -33.05
CA GLY X 68 -48.75 19.03 -34.05
C GLY X 68 -48.87 17.58 -34.47
N LYS X 69 -48.66 17.34 -35.76
CA LYS X 69 -48.68 16.01 -36.32
C LYS X 69 -47.36 15.32 -36.01
N VAL X 70 -47.40 14.03 -35.67
CA VAL X 70 -46.19 13.26 -35.36
C VAL X 70 -45.35 13.10 -36.63
N VAL X 71 -44.03 13.11 -36.44
CA VAL X 71 -43.09 13.19 -37.54
C VAL X 71 -42.33 11.87 -37.70
N GLN X 72 -41.73 11.38 -36.62
CA GLN X 72 -41.27 9.97 -36.55
C GLN X 72 -41.15 9.44 -35.13
N VAL X 73 -41.02 8.13 -35.03
CA VAL X 73 -40.99 7.41 -33.78
C VAL X 73 -39.64 6.73 -33.69
N TYR X 74 -38.79 7.19 -32.78
CA TYR X 74 -37.42 6.69 -32.67
C TYR X 74 -37.41 5.72 -31.49
N ARG X 75 -37.86 4.50 -31.76
CA ARG X 75 -38.04 3.50 -30.69
C ARG X 75 -36.72 3.15 -29.99
N LYS X 76 -35.60 3.27 -30.68
CA LYS X 76 -34.29 3.12 -30.05
C LYS X 76 -34.09 4.17 -28.95
N LYS X 77 -34.39 5.43 -29.26
CA LYS X 77 -34.24 6.54 -28.34
C LYS X 77 -35.44 6.76 -27.40
N TYR X 78 -36.43 5.86 -27.41
CA TYR X 78 -37.68 6.05 -26.64
C TYR X 78 -38.19 7.47 -26.79
N VAL X 79 -38.60 7.81 -28.01
CA VAL X 79 -38.97 9.19 -28.29
C VAL X 79 -39.70 9.34 -29.62
N ILE X 80 -40.47 10.41 -29.71
CA ILE X 80 -41.16 10.74 -30.94
C ILE X 80 -40.84 12.18 -31.27
N TYR X 81 -40.76 12.47 -32.56
CA TYR X 81 -40.54 13.81 -33.05
C TYR X 81 -41.87 14.30 -33.57
N ILE X 82 -42.11 15.59 -33.35
CA ILE X 82 -43.41 16.21 -33.60
C ILE X 82 -43.20 17.46 -34.45
N GLU X 83 -44.17 17.75 -35.32
CA GLU X 83 -44.10 18.82 -36.34
C GLU X 83 -43.27 20.08 -36.00
N ARG X 84 -43.79 20.94 -35.13
CA ARG X 84 -43.15 22.23 -34.81
C ARG X 84 -42.38 22.19 -33.49
N VAL X 85 -42.34 21.03 -32.83
CA VAL X 85 -41.48 20.82 -31.68
C VAL X 85 -40.06 20.65 -32.19
N GLN X 86 -39.35 21.77 -32.29
CA GLN X 86 -37.97 21.78 -32.80
C GLN X 86 -37.18 22.97 -32.31
N ARG X 87 -35.86 22.89 -32.49
CA ARG X 87 -34.95 23.91 -31.99
C ARG X 87 -33.83 24.19 -32.99
N GLU X 88 -33.52 25.47 -33.13
CA GLU X 88 -32.49 25.93 -34.04
C GLU X 88 -31.13 25.60 -33.44
N LYS X 89 -30.31 24.86 -34.20
CA LYS X 89 -28.94 24.53 -33.78
C LYS X 89 -28.06 25.76 -34.00
N ALA X 90 -26.77 25.66 -33.64
CA ALA X 90 -25.80 26.78 -33.78
C ALA X 90 -25.86 27.44 -35.15
N ASN X 91 -25.86 26.61 -36.19
CA ASN X 91 -25.81 27.06 -37.58
C ASN X 91 -27.18 27.12 -38.26
N GLY X 92 -28.21 27.53 -37.51
CA GLY X 92 -29.53 27.76 -38.09
C GLY X 92 -30.41 26.57 -38.37
N THR X 93 -29.81 25.40 -38.59
CA THR X 93 -30.54 24.20 -38.98
C THR X 93 -31.50 23.78 -37.88
N THR X 94 -32.77 23.60 -38.22
CA THR X 94 -33.75 23.08 -37.28
C THR X 94 -33.47 21.62 -36.98
N VAL X 95 -33.76 21.23 -35.75
CA VAL X 95 -33.53 19.88 -35.28
C VAL X 95 -34.76 19.45 -34.50
N HIS X 96 -35.33 18.31 -34.89
CA HIS X 96 -36.53 17.82 -34.25
C HIS X 96 -36.21 17.35 -32.85
N VAL X 97 -36.74 18.07 -31.87
CA VAL X 97 -36.50 17.77 -30.47
C VAL X 97 -37.39 16.61 -30.07
N GLY X 98 -36.81 15.65 -29.37
CA GLY X 98 -37.53 14.51 -28.88
C GLY X 98 -38.45 14.85 -27.73
N ILE X 99 -39.63 14.27 -27.78
CA ILE X 99 -40.59 14.26 -26.69
C ILE X 99 -40.91 12.80 -26.39
N HIS X 100 -40.98 12.45 -25.12
CA HIS X 100 -41.36 11.10 -24.74
C HIS X 100 -42.87 10.94 -24.94
N PRO X 101 -43.31 9.82 -25.54
CA PRO X 101 -44.73 9.65 -25.90
C PRO X 101 -45.72 9.88 -24.78
N SER X 102 -45.39 9.38 -23.59
CA SER X 102 -46.26 9.52 -22.43
C SER X 102 -46.49 10.95 -21.94
N LYS X 103 -45.68 11.91 -22.40
CA LYS X 103 -45.89 13.32 -22.03
C LYS X 103 -46.48 14.10 -23.20
N VAL X 104 -47.51 13.50 -23.76
CA VAL X 104 -48.09 13.95 -25.00
C VAL X 104 -49.52 13.42 -24.95
N VAL X 105 -50.44 14.06 -25.68
CA VAL X 105 -51.78 13.51 -25.79
C VAL X 105 -52.29 13.49 -27.23
N ILE X 106 -52.77 12.31 -27.62
CA ILE X 106 -53.29 12.08 -28.96
C ILE X 106 -54.68 12.69 -29.04
N THR X 107 -54.81 13.71 -29.89
CA THR X 107 -56.10 14.32 -30.20
C THR X 107 -56.71 13.65 -31.43
N ARG X 108 -55.91 13.39 -32.46
CA ARG X 108 -56.40 12.67 -33.65
C ARG X 108 -55.51 11.47 -33.97
N LEU X 109 -56.14 10.30 -34.03
CA LEU X 109 -55.48 9.06 -34.40
C LEU X 109 -55.35 8.93 -35.91
N LYS X 110 -54.36 8.16 -36.35
CA LYS X 110 -54.30 7.71 -37.73
C LYS X 110 -54.93 6.32 -37.79
N LEU X 111 -56.18 6.27 -38.23
CA LEU X 111 -56.94 5.03 -38.25
C LEU X 111 -56.71 4.23 -39.54
N ASP X 112 -56.03 3.10 -39.39
CA ASP X 112 -56.00 2.03 -40.40
C ASP X 112 -56.93 0.92 -39.93
N LYS X 113 -57.00 -0.17 -40.70
CA LYS X 113 -57.79 -1.34 -40.32
C LYS X 113 -57.34 -1.93 -38.98
N ASP X 114 -56.03 -2.07 -38.83
CA ASP X 114 -55.46 -2.75 -37.66
C ASP X 114 -55.63 -1.94 -36.39
N ARG X 115 -55.34 -0.64 -36.49
CA ARG X 115 -55.66 0.29 -35.42
C ARG X 115 -57.15 0.25 -35.08
N LYS X 116 -58.02 0.12 -36.08
CA LYS X 116 -59.45 -0.03 -35.83
C LYS X 116 -59.76 -1.30 -35.04
N LYS X 117 -59.16 -2.43 -35.42
CA LYS X 117 -59.40 -3.68 -34.69
C LYS X 117 -58.81 -3.67 -33.27
N ILE X 118 -57.67 -3.00 -33.07
CA ILE X 118 -57.09 -2.82 -31.74
C ILE X 118 -58.06 -2.12 -30.81
N LEU X 119 -58.56 -0.96 -31.24
CA LEU X 119 -59.49 -0.18 -30.44
C LEU X 119 -60.75 -0.98 -30.10
N GLU X 120 -61.20 -1.81 -31.03
CA GLU X 120 -62.34 -2.68 -30.80
C GLU X 120 -62.06 -3.75 -29.73
N ARG X 121 -60.82 -4.21 -29.66
CA ARG X 121 -60.42 -5.22 -28.67
C ARG X 121 -60.27 -4.66 -27.27
N LYS X 122 -59.73 -3.44 -27.16
CA LYS X 122 -59.52 -2.78 -25.88
C LYS X 122 -60.80 -2.30 -25.24
N ALA X 123 -61.67 -1.72 -26.06
CA ALA X 123 -62.98 -1.28 -25.61
C ALA X 123 -63.82 -2.45 -25.10
N LYS X 124 -63.75 -3.58 -25.79
CA LYS X 124 -64.52 -4.77 -25.41
C LYS X 124 -64.08 -5.33 -24.08
N SER X 125 -62.77 -5.39 -23.85
CA SER X 125 -62.25 -5.89 -22.57
C SER X 125 -62.62 -4.97 -21.40
N ARG X 126 -62.55 -3.66 -21.62
CA ARG X 126 -62.98 -2.65 -20.65
C ARG X 126 -64.43 -2.85 -20.21
N GLN X 127 -65.31 -3.15 -21.16
CA GLN X 127 -66.75 -3.30 -20.88
C GLN X 127 -67.07 -4.66 -20.26
N VAL X 128 -66.26 -5.68 -20.55
CA VAL X 128 -66.34 -6.97 -19.86
C VAL X 128 -66.05 -6.82 -18.35
N GLY X 129 -65.01 -6.05 -18.03
CA GLY X 129 -64.63 -5.79 -16.64
C GLY X 129 -65.67 -4.99 -15.86
N LYS X 130 -66.29 -4.01 -16.53
CA LYS X 130 -67.39 -3.24 -15.94
C LYS X 130 -68.63 -4.12 -15.70
N GLU X 131 -68.89 -5.05 -16.62
CA GLU X 131 -69.96 -6.06 -16.45
C GLU X 131 -69.66 -7.04 -15.32
N LYS X 132 -68.39 -7.42 -15.17
CA LYS X 132 -67.95 -8.31 -14.09
C LYS X 132 -68.00 -7.61 -12.73
N GLY X 133 -67.59 -6.34 -12.70
CA GLY X 133 -67.68 -5.51 -11.49
C GLY X 133 -69.11 -5.25 -11.03
N LYS X 134 -70.00 -5.02 -12.00
CA LYS X 134 -71.43 -4.83 -11.73
C LYS X 134 -72.08 -6.14 -11.31
N GLY Y 1 49.65 -79.77 -88.22
CA GLY Y 1 49.81 -78.87 -89.39
C GLY Y 1 48.66 -77.88 -89.57
N LYS Y 2 48.53 -77.35 -90.78
CA LYS Y 2 47.51 -76.35 -91.10
C LYS Y 2 46.13 -76.99 -91.03
N PHE Y 3 45.16 -76.29 -90.44
CA PHE Y 3 43.84 -76.87 -90.13
C PHE Y 3 42.64 -75.96 -90.39
N MET Y 4 42.84 -74.89 -91.12
CA MET Y 4 41.83 -73.86 -91.28
C MET Y 4 41.23 -74.01 -92.67
N LYS Y 5 40.53 -75.13 -92.87
CA LYS Y 5 40.18 -75.60 -94.22
C LYS Y 5 38.69 -75.52 -94.55
N PRO Y 6 38.33 -75.60 -95.84
CA PRO Y 6 36.97 -75.22 -96.25
C PRO Y 6 35.79 -76.13 -95.85
N GLY Y 7 36.01 -77.10 -94.97
CA GLY Y 7 34.92 -77.79 -94.29
C GLY Y 7 34.67 -77.30 -92.88
N LYS Y 8 35.64 -76.61 -92.29
CA LYS Y 8 35.61 -76.24 -90.88
C LYS Y 8 34.32 -75.56 -90.46
N VAL Y 9 33.84 -75.94 -89.29
CA VAL Y 9 32.89 -75.12 -88.53
C VAL Y 9 33.74 -74.21 -87.67
N VAL Y 10 33.25 -73.00 -87.46
CA VAL Y 10 33.99 -71.95 -86.78
C VAL Y 10 33.00 -71.13 -85.96
N LEU Y 11 33.42 -70.66 -84.80
CA LEU Y 11 32.62 -69.70 -84.06
C LEU Y 11 33.14 -68.30 -84.34
N VAL Y 12 32.30 -67.49 -84.98
CA VAL Y 12 32.60 -66.07 -85.13
C VAL Y 12 32.67 -65.43 -83.75
N LEU Y 13 33.72 -64.65 -83.57
CA LEU Y 13 34.17 -64.20 -82.27
C LEU Y 13 34.16 -62.69 -82.12
N ALA Y 14 33.68 -61.97 -83.14
CA ALA Y 14 33.78 -60.52 -83.17
C ALA Y 14 32.78 -59.86 -84.11
N GLY Y 15 32.48 -58.61 -83.77
CA GLY Y 15 31.55 -57.80 -84.54
C GLY Y 15 30.13 -58.28 -84.37
N ARG Y 16 29.31 -57.87 -85.33
CA ARG Y 16 27.88 -58.11 -85.32
C ARG Y 16 27.62 -59.53 -84.89
N TYR Y 17 28.09 -60.48 -85.69
CA TYR Y 17 27.67 -61.88 -85.55
C TYR Y 17 28.55 -62.66 -84.55
N SER Y 18 28.98 -62.01 -83.46
CA SER Y 18 29.72 -62.72 -82.43
C SER Y 18 28.80 -63.78 -81.85
N GLY Y 19 29.33 -64.99 -81.71
CA GLY Y 19 28.58 -66.11 -81.13
C GLY Y 19 27.78 -66.92 -82.14
N ARG Y 20 27.97 -66.66 -83.43
CA ARG Y 20 27.34 -67.44 -84.48
C ARG Y 20 28.31 -68.45 -85.04
N LYS Y 21 27.77 -69.58 -85.46
CA LYS Y 21 28.56 -70.65 -86.05
C LYS Y 21 28.59 -70.50 -87.56
N ALA Y 22 29.77 -70.66 -88.15
CA ALA Y 22 29.97 -70.37 -89.56
C ALA Y 22 30.89 -71.38 -90.21
N VAL Y 23 30.61 -71.68 -91.48
CA VAL Y 23 31.39 -72.65 -92.24
C VAL Y 23 32.35 -71.92 -93.13
N ILE Y 24 33.64 -72.24 -92.99
CA ILE Y 24 34.66 -71.66 -93.85
C ILE Y 24 34.41 -72.20 -95.24
N VAL Y 25 34.28 -71.28 -96.18
CA VAL Y 25 34.22 -71.60 -97.60
C VAL Y 25 35.58 -71.41 -98.26
N LYS Y 26 36.31 -70.37 -97.84
CA LYS Y 26 37.59 -70.03 -98.42
C LYS Y 26 38.56 -69.60 -97.33
N ASN Y 27 39.77 -70.14 -97.39
CA ASN Y 27 40.83 -69.79 -96.45
C ASN Y 27 42.03 -69.24 -97.21
N ILE Y 28 42.49 -68.07 -96.77
CA ILE Y 28 43.50 -67.30 -97.49
C ILE Y 28 44.89 -67.42 -96.84
N ASP Y 29 44.92 -67.62 -95.52
CA ASP Y 29 46.11 -68.12 -94.80
C ASP Y 29 47.46 -67.54 -95.21
N ASP Y 30 47.46 -66.25 -95.55
CA ASP Y 30 48.64 -65.55 -96.01
C ASP Y 30 48.39 -64.05 -96.00
N GLY Y 31 47.47 -63.61 -96.86
CA GLY Y 31 47.19 -62.20 -97.08
C GLY Y 31 46.84 -61.95 -98.54
N THR Y 32 47.01 -60.71 -98.96
CA THR Y 32 46.70 -60.30 -100.33
C THR Y 32 47.45 -59.01 -100.68
N SER Y 33 47.12 -57.93 -99.98
CA SER Y 33 47.48 -56.53 -100.28
C SER Y 33 46.31 -55.68 -99.86
N ASP Y 34 45.15 -56.04 -100.39
CA ASP Y 34 43.88 -55.42 -100.02
C ASP Y 34 43.47 -55.77 -98.59
N ARG Y 35 43.94 -56.94 -98.13
CA ARG Y 35 43.51 -57.51 -96.87
C ARG Y 35 44.68 -58.27 -96.24
N PRO Y 36 45.83 -57.59 -96.05
CA PRO Y 36 47.16 -58.17 -95.90
C PRO Y 36 47.35 -59.16 -94.75
N TYR Y 37 46.53 -59.04 -93.72
CA TYR Y 37 46.43 -60.08 -92.69
C TYR Y 37 45.93 -61.38 -93.28
N SER Y 38 46.18 -62.47 -92.57
CA SER Y 38 45.59 -63.76 -92.92
C SER Y 38 44.11 -63.73 -92.56
N HIS Y 39 43.27 -64.17 -93.50
CA HIS Y 39 41.81 -64.09 -93.35
C HIS Y 39 41.11 -65.28 -94.00
N ALA Y 40 39.79 -65.32 -93.87
CA ALA Y 40 39.01 -66.42 -94.40
C ALA Y 40 37.57 -66.01 -94.65
N LEU Y 41 37.08 -66.34 -95.83
CA LEU Y 41 35.68 -66.17 -96.17
C LEU Y 41 34.93 -67.29 -95.46
N VAL Y 42 33.85 -66.93 -94.78
CA VAL Y 42 32.96 -67.90 -94.18
C VAL Y 42 31.53 -67.60 -94.61
N ALA Y 43 30.67 -68.58 -94.37
CA ALA Y 43 29.25 -68.38 -94.46
C ALA Y 43 28.66 -68.99 -93.22
N GLY Y 44 27.85 -68.22 -92.52
CA GLY Y 44 27.23 -68.66 -91.29
C GLY Y 44 25.77 -68.34 -91.23
N ILE Y 45 25.27 -68.30 -90.01
CA ILE Y 45 23.85 -68.16 -89.76
C ILE Y 45 23.59 -67.05 -88.75
N ASP Y 46 23.01 -65.96 -89.24
CA ASP Y 46 22.61 -64.83 -88.41
C ASP Y 46 21.57 -65.29 -87.39
N ARG Y 47 20.61 -66.06 -87.86
CA ARG Y 47 19.50 -66.53 -87.05
C ARG Y 47 19.31 -68.02 -87.25
N TYR Y 48 19.11 -68.72 -86.14
CA TYR Y 48 19.09 -70.17 -86.12
C TYR Y 48 17.65 -70.64 -86.23
N PRO Y 49 17.44 -71.90 -86.65
CA PRO Y 49 16.08 -72.41 -86.62
C PRO Y 49 15.65 -72.60 -85.18
N ARG Y 50 14.38 -72.31 -84.89
CA ARG Y 50 13.86 -72.47 -83.54
C ARG Y 50 13.74 -73.94 -83.18
N LYS Y 51 13.40 -74.20 -81.93
CA LYS Y 51 12.98 -75.52 -81.50
C LYS Y 51 11.73 -75.90 -82.30
N VAL Y 52 11.41 -77.19 -82.32
CA VAL Y 52 10.41 -77.71 -83.25
C VAL Y 52 9.37 -78.63 -82.56
N THR Y 53 9.80 -79.44 -81.59
CA THR Y 53 8.91 -80.09 -80.60
C THR Y 53 7.73 -80.94 -81.08
N ALA Y 54 7.78 -81.42 -82.32
CA ALA Y 54 6.80 -82.40 -82.83
C ALA Y 54 5.34 -81.97 -82.75
N ALA Y 55 4.76 -82.00 -81.55
CA ALA Y 55 3.36 -81.63 -81.33
C ALA Y 55 3.20 -80.15 -81.63
N MET Y 56 3.28 -79.82 -82.91
CA MET Y 56 3.58 -78.46 -83.37
C MET Y 56 2.73 -78.10 -84.56
N GLY Y 57 2.92 -78.82 -85.67
CA GLY Y 57 2.19 -78.54 -86.90
C GLY Y 57 2.98 -78.95 -88.13
N LYS Y 58 2.58 -78.39 -89.26
CA LYS Y 58 3.34 -78.50 -90.50
C LYS Y 58 3.71 -77.11 -90.98
N LYS Y 59 2.69 -76.25 -91.12
CA LYS Y 59 2.90 -74.82 -91.38
C LYS Y 59 3.77 -74.18 -90.29
N LYS Y 60 3.50 -74.52 -89.03
CA LYS Y 60 4.24 -73.96 -87.90
C LYS Y 60 5.70 -74.40 -87.91
N ILE Y 61 5.94 -75.71 -88.02
CA ILE Y 61 7.31 -76.23 -88.13
C ILE Y 61 8.00 -75.61 -89.33
N ALA Y 62 7.33 -75.62 -90.47
CA ALA Y 62 7.88 -75.00 -91.69
C ALA Y 62 8.36 -73.57 -91.42
N LYS Y 63 7.55 -72.78 -90.72
CA LYS Y 63 7.89 -71.41 -90.35
C LYS Y 63 9.10 -71.41 -89.42
N ARG Y 64 9.09 -72.30 -88.44
CA ARG Y 64 10.17 -72.41 -87.46
C ARG Y 64 11.49 -72.82 -88.11
N SER Y 65 11.43 -73.79 -89.00
CA SER Y 65 12.61 -74.34 -89.66
C SER Y 65 13.06 -73.46 -90.82
N LYS Y 66 13.64 -72.32 -90.47
CA LYS Y 66 14.18 -71.36 -91.42
C LYS Y 66 15.53 -70.94 -90.91
N ILE Y 67 16.32 -70.31 -91.77
CA ILE Y 67 17.58 -69.71 -91.37
C ILE Y 67 17.71 -68.35 -92.03
N LYS Y 68 18.11 -67.35 -91.25
CA LYS Y 68 18.71 -66.15 -91.82
C LYS Y 68 20.21 -66.43 -91.87
N SER Y 69 20.76 -66.44 -93.10
CA SER Y 69 22.17 -66.73 -93.33
C SER Y 69 22.99 -65.45 -93.35
N PHE Y 70 24.32 -65.61 -93.37
CA PHE Y 70 25.22 -64.48 -93.62
C PHE Y 70 26.58 -64.93 -94.16
N VAL Y 71 27.20 -64.03 -94.92
CA VAL Y 71 28.48 -64.29 -95.57
C VAL Y 71 29.42 -63.14 -95.25
N LYS Y 72 30.70 -63.47 -95.03
CA LYS Y 72 31.63 -62.54 -94.42
C LYS Y 72 33.09 -62.92 -94.65
N VAL Y 73 33.94 -61.91 -94.81
CA VAL Y 73 35.38 -62.07 -94.70
C VAL Y 73 35.72 -61.79 -93.24
N TYR Y 74 36.79 -62.40 -92.74
CA TYR Y 74 37.11 -62.34 -91.31
C TYR Y 74 38.60 -62.51 -91.07
N ASN Y 75 39.18 -61.65 -90.25
CA ASN Y 75 40.49 -61.95 -89.64
C ASN Y 75 40.37 -63.31 -88.99
N TYR Y 76 41.37 -64.15 -89.18
CA TYR Y 76 41.38 -65.44 -88.48
C TYR Y 76 41.22 -65.28 -86.98
N ASN Y 77 41.86 -64.26 -86.43
CA ASN Y 77 41.80 -64.02 -85.01
C ASN Y 77 40.48 -63.37 -84.53
N HIS Y 78 39.46 -63.33 -85.39
CA HIS Y 78 38.06 -63.15 -84.94
C HIS Y 78 37.20 -64.37 -85.28
N LEU Y 79 37.84 -65.52 -85.35
CA LEU Y 79 37.20 -66.81 -85.57
C LEU Y 79 37.80 -67.80 -84.59
N MET Y 80 36.93 -68.52 -83.87
CA MET Y 80 37.36 -69.60 -83.02
C MET Y 80 37.06 -70.91 -83.74
N PRO Y 81 38.12 -71.61 -84.23
CA PRO Y 81 37.97 -72.85 -84.97
C PRO Y 81 37.72 -74.03 -84.06
N THR Y 82 37.16 -75.08 -84.66
CA THR Y 82 36.63 -76.17 -83.88
C THR Y 82 36.55 -77.48 -84.65
N ARG Y 83 36.88 -78.56 -83.94
CA ARG Y 83 36.58 -79.93 -84.30
C ARG Y 83 35.71 -80.14 -85.53
N TYR Y 84 34.49 -79.61 -85.46
CA TYR Y 84 33.39 -80.01 -86.32
C TYR Y 84 33.57 -79.59 -87.77
N SER Y 85 33.03 -80.39 -88.68
CA SER Y 85 33.08 -80.12 -90.10
C SER Y 85 31.70 -80.29 -90.72
N VAL Y 86 31.38 -79.44 -91.69
CA VAL Y 86 30.12 -79.47 -92.40
C VAL Y 86 30.44 -79.59 -93.88
N ASP Y 87 30.12 -80.76 -94.46
CA ASP Y 87 30.32 -81.02 -95.87
C ASP Y 87 29.07 -80.59 -96.65
N ILE Y 88 28.88 -79.28 -96.69
CA ILE Y 88 27.80 -78.65 -97.42
C ILE Y 88 28.42 -78.09 -98.72
N PRO Y 89 27.68 -78.12 -99.84
CA PRO Y 89 28.35 -77.77 -101.11
C PRO Y 89 28.78 -76.31 -101.25
N LEU Y 90 27.82 -75.37 -101.22
CA LEU Y 90 28.08 -73.93 -101.39
C LEU Y 90 28.85 -73.59 -102.67
N ASP Y 91 28.13 -73.40 -103.79
CA ASP Y 91 28.77 -73.15 -105.09
C ASP Y 91 29.70 -71.93 -105.10
N LYS Y 92 30.90 -72.13 -105.63
CA LYS Y 92 31.98 -71.15 -105.53
C LYS Y 92 31.78 -69.97 -106.48
N THR Y 93 30.97 -70.19 -107.53
CA THR Y 93 30.58 -69.11 -108.44
C THR Y 93 29.85 -67.98 -107.71
N VAL Y 94 28.99 -68.35 -106.75
CA VAL Y 94 28.15 -67.39 -106.05
C VAL Y 94 28.83 -66.85 -104.80
N VAL Y 95 29.24 -67.75 -103.91
CA VAL Y 95 29.87 -67.36 -102.64
C VAL Y 95 31.39 -67.22 -102.82
N ASN Y 96 31.78 -66.12 -103.44
CA ASN Y 96 33.18 -65.76 -103.66
C ASN Y 96 33.47 -64.40 -103.03
N LYS Y 97 34.72 -63.96 -103.11
CA LYS Y 97 35.13 -62.67 -102.53
C LYS Y 97 34.71 -61.45 -103.37
N ASP Y 98 34.47 -61.65 -104.66
CA ASP Y 98 33.92 -60.60 -105.54
C ASP Y 98 32.59 -60.00 -105.05
N VAL Y 99 31.77 -60.83 -104.40
CA VAL Y 99 30.53 -60.43 -103.72
C VAL Y 99 30.60 -59.12 -102.92
N PHE Y 100 31.70 -58.88 -102.24
CA PHE Y 100 31.79 -57.80 -101.26
C PHE Y 100 31.95 -56.38 -101.86
N ARG Y 101 32.00 -56.28 -103.19
CA ARG Y 101 31.92 -54.99 -103.90
C ARG Y 101 30.50 -54.63 -104.35
N ASP Y 102 29.67 -55.64 -104.64
CA ASP Y 102 28.30 -55.44 -105.14
C ASP Y 102 27.25 -55.93 -104.13
N PRO Y 103 26.18 -55.15 -103.90
CA PRO Y 103 25.14 -55.59 -102.97
C PRO Y 103 24.24 -56.72 -103.50
N ALA Y 104 23.92 -56.71 -104.79
CA ALA Y 104 23.04 -57.72 -105.39
C ALA Y 104 23.66 -59.11 -105.45
N LEU Y 105 24.97 -59.17 -105.71
CA LEU Y 105 25.72 -60.42 -105.66
C LEU Y 105 25.67 -61.04 -104.27
N LYS Y 106 25.90 -60.22 -103.25
CA LYS Y 106 25.86 -60.67 -101.86
C LYS Y 106 24.48 -61.21 -101.52
N ARG Y 107 23.47 -60.46 -101.94
CA ARG Y 107 22.06 -60.83 -101.78
C ARG Y 107 21.73 -62.18 -102.38
N LYS Y 108 22.39 -62.48 -103.51
CA LYS Y 108 22.31 -63.80 -104.15
C LYS Y 108 23.00 -64.85 -103.29
N ALA Y 109 24.25 -64.55 -102.94
CA ALA Y 109 25.12 -65.44 -102.16
C ALA Y 109 24.54 -65.79 -100.81
N ARG Y 110 24.07 -64.77 -100.10
CA ARG Y 110 23.44 -64.95 -98.81
C ARG Y 110 22.22 -65.90 -98.96
N ARG Y 111 21.42 -65.71 -100.02
CA ARG Y 111 20.24 -66.57 -100.28
C ARG Y 111 20.67 -68.01 -100.54
N GLU Y 112 21.73 -68.17 -101.32
CA GLU Y 112 22.31 -69.48 -101.62
C GLU Y 112 22.68 -70.25 -100.35
N ALA Y 113 23.23 -69.58 -99.35
CA ALA Y 113 23.63 -70.24 -98.10
C ALA Y 113 22.41 -70.61 -97.25
N LYS Y 114 21.44 -69.70 -97.14
CA LYS Y 114 20.15 -69.99 -96.50
C LYS Y 114 19.54 -71.30 -97.04
N VAL Y 115 19.49 -71.43 -98.36
CA VAL Y 115 18.95 -72.61 -99.04
C VAL Y 115 19.62 -73.89 -98.57
N LYS Y 116 20.96 -73.89 -98.66
CA LYS Y 116 21.74 -75.11 -98.43
C LYS Y 116 21.74 -75.46 -96.95
N PHE Y 117 21.77 -74.44 -96.09
CA PHE Y 117 21.63 -74.66 -94.65
C PHE Y 117 20.26 -75.22 -94.29
N GLU Y 118 19.20 -74.60 -94.82
CA GLU Y 118 17.83 -75.08 -94.59
C GLU Y 118 17.65 -76.54 -95.00
N GLU Y 119 18.09 -76.86 -96.22
CA GLU Y 119 17.90 -78.19 -96.78
C GLU Y 119 18.66 -79.28 -96.00
N ARG Y 120 19.77 -78.90 -95.37
CA ARG Y 120 20.54 -79.83 -94.53
C ARG Y 120 20.25 -79.69 -93.03
N TYR Y 121 19.53 -78.64 -92.62
CA TYR Y 121 19.04 -78.56 -91.25
C TYR Y 121 17.95 -79.59 -91.07
N LYS Y 122 16.98 -79.58 -92.00
CA LYS Y 122 16.11 -80.74 -92.21
C LYS Y 122 17.06 -81.84 -92.66
N THR Y 123 16.78 -83.08 -92.25
CA THR Y 123 17.71 -84.23 -92.31
C THR Y 123 18.36 -84.55 -90.96
N GLY Y 124 18.43 -83.57 -90.06
CA GLY Y 124 19.03 -83.76 -88.74
C GLY Y 124 20.46 -84.30 -88.80
N LYS Y 125 21.25 -83.73 -89.71
CA LYS Y 125 22.68 -84.00 -89.82
C LYS Y 125 23.42 -82.70 -89.60
N ASN Y 126 24.59 -82.79 -88.97
CA ASN Y 126 25.31 -81.61 -88.51
C ASN Y 126 24.40 -80.75 -87.63
N LYS Y 127 23.66 -81.39 -86.72
CA LYS Y 127 22.65 -80.67 -85.93
C LYS Y 127 23.24 -79.83 -84.80
N TRP Y 128 24.52 -80.04 -84.49
CA TRP Y 128 25.27 -79.10 -83.62
C TRP Y 128 25.43 -77.75 -84.31
N PHE Y 129 25.71 -77.80 -85.61
CA PHE Y 129 25.91 -76.59 -86.39
C PHE Y 129 24.70 -75.65 -86.35
N PHE Y 130 23.51 -76.21 -86.15
CA PHE Y 130 22.28 -75.42 -86.10
C PHE Y 130 21.71 -75.17 -84.70
N GLN Y 131 22.50 -75.39 -83.64
CA GLN Y 131 22.10 -74.97 -82.29
C GLN Y 131 22.85 -73.71 -81.96
N LYS Y 132 22.14 -72.72 -81.41
CA LYS Y 132 22.80 -71.48 -80.97
C LYS Y 132 23.71 -71.78 -79.78
N LEU Y 133 24.91 -71.22 -79.81
CA LEU Y 133 25.83 -71.34 -78.68
C LEU Y 133 25.24 -70.55 -77.54
N ARG Y 134 25.08 -71.19 -76.38
CA ARG Y 134 24.46 -70.59 -75.22
C ARG Y 134 25.53 -70.06 -74.28
N PHE Y 135 25.92 -68.81 -74.55
CA PHE Y 135 26.97 -68.12 -73.82
C PHE Y 135 26.42 -66.79 -73.31
N PRO Z 1 -23.12 -10.73 18.29
CA PRO Z 1 -22.94 -9.28 18.50
C PRO Z 1 -21.47 -8.90 18.69
N SER Z 2 -20.82 -8.66 17.56
CA SER Z 2 -19.47 -8.10 17.51
C SER Z 2 -19.37 -6.83 18.32
N ARG Z 3 -20.36 -5.96 18.14
CA ARG Z 3 -20.56 -4.75 18.95
C ARG Z 3 -20.10 -4.87 20.39
N LEU Z 4 -20.48 -5.98 21.02
CA LEU Z 4 -20.22 -6.23 22.44
C LEU Z 4 -18.85 -6.86 22.71
N ARG Z 5 -18.33 -7.66 21.77
CA ARG Z 5 -17.07 -8.38 21.94
C ARG Z 5 -15.83 -7.51 22.21
N LYS Z 6 -14.72 -8.18 22.50
CA LYS Z 6 -13.51 -7.56 23.05
C LYS Z 6 -12.60 -6.89 22.04
N THR Z 7 -12.61 -7.37 20.79
CA THR Z 7 -11.73 -6.82 19.75
C THR Z 7 -12.07 -5.39 19.38
N ARG Z 8 -13.29 -4.97 19.66
CA ARG Z 8 -13.70 -3.59 19.43
C ARG Z 8 -12.96 -2.67 20.40
N LYS Z 9 -12.90 -3.07 21.67
CA LYS Z 9 -12.13 -2.34 22.67
C LYS Z 9 -10.59 -2.42 22.57
N LEU Z 10 -10.05 -3.37 21.80
CA LEU Z 10 -8.60 -3.53 21.62
C LEU Z 10 -8.04 -2.70 20.48
N ARG Z 11 -8.88 -2.38 19.49
CA ARG Z 11 -8.54 -1.40 18.46
C ARG Z 11 -7.68 -0.27 19.01
N GLY Z 12 -6.57 0.02 18.33
CA GLY Z 12 -5.65 1.08 18.78
C GLY Z 12 -4.42 0.56 19.46
N HIS Z 13 -4.58 -0.53 20.21
CA HIS Z 13 -3.50 -1.04 21.04
C HIS Z 13 -2.78 -2.09 20.23
N VAL Z 14 -1.48 -2.17 20.42
CA VAL Z 14 -0.62 -2.78 19.43
C VAL Z 14 -0.79 -4.29 19.40
N SER Z 15 -0.72 -4.86 20.59
CA SER Z 15 -0.48 -6.27 20.75
C SER Z 15 -1.77 -7.07 20.66
N HIS Z 16 -2.90 -6.36 20.78
CA HIS Z 16 -4.22 -6.96 20.75
C HIS Z 16 -4.41 -7.92 21.92
N GLY Z 17 -3.90 -7.52 23.08
CA GLY Z 17 -4.13 -8.27 24.30
C GLY Z 17 -3.33 -9.55 24.42
N HIS Z 18 -2.34 -9.73 23.55
CA HIS Z 18 -1.52 -10.93 23.60
C HIS Z 18 -0.11 -10.67 24.05
N GLY Z 19 0.15 -9.43 24.45
CA GLY Z 19 1.44 -9.09 24.96
C GLY Z 19 2.46 -8.93 23.88
N ARG Z 20 3.54 -8.26 24.24
CA ARG Z 20 4.58 -7.94 23.29
C ARG Z 20 5.93 -8.55 23.61
N ILE Z 21 6.11 -9.17 24.77
CA ILE Z 21 7.34 -9.90 25.02
C ILE Z 21 7.15 -11.15 24.21
N GLY Z 22 6.31 -12.03 24.71
CA GLY Z 22 5.79 -13.15 23.96
C GLY Z 22 4.58 -12.64 23.22
N LYS Z 23 4.29 -13.31 22.12
CA LYS Z 23 3.42 -12.77 21.09
C LYS Z 23 2.19 -13.67 20.95
N HIS Z 24 1.45 -13.59 19.85
CA HIS Z 24 0.51 -14.66 19.55
C HIS Z 24 1.01 -15.42 18.35
N ARG Z 25 1.88 -16.36 18.63
CA ARG Z 25 2.39 -17.28 17.64
C ARG Z 25 1.38 -18.41 17.43
N LYS Z 26 1.66 -19.28 16.48
CA LYS Z 26 0.64 -20.21 15.97
C LYS Z 26 0.26 -21.34 16.92
N HIS Z 27 1.21 -22.22 17.22
CA HIS Z 27 0.97 -23.37 18.08
C HIS Z 27 2.19 -23.63 18.96
N PRO Z 28 2.38 -22.79 19.98
CA PRO Z 28 3.54 -22.96 20.82
C PRO Z 28 3.60 -24.21 21.71
N GLY Z 29 2.47 -24.84 22.00
CA GLY Z 29 2.49 -26.07 22.81
C GLY Z 29 2.67 -27.31 21.98
N GLY Z 30 2.22 -27.24 20.74
CA GLY Z 30 1.93 -28.39 19.92
C GLY Z 30 0.43 -28.36 19.72
N ARG Z 31 -0.05 -29.01 18.67
CA ARG Z 31 -1.47 -29.04 18.42
C ARG Z 31 -2.24 -30.01 19.31
N GLY Z 32 -3.22 -29.47 20.01
CA GLY Z 32 -4.19 -30.25 20.74
C GLY Z 32 -3.63 -30.92 21.97
N ASN Z 33 -3.87 -32.22 22.07
CA ASN Z 33 -3.55 -32.99 23.26
C ASN Z 33 -2.14 -33.57 23.23
N ALA Z 34 -1.34 -33.07 22.28
CA ALA Z 34 0.11 -33.18 22.25
C ALA Z 34 0.74 -32.99 23.61
N GLY Z 35 1.76 -33.81 23.89
CA GLY Z 35 2.52 -33.73 25.12
C GLY Z 35 1.85 -34.24 26.38
N GLY Z 36 0.78 -35.01 26.24
CA GLY Z 36 0.12 -35.63 27.38
C GLY Z 36 1.09 -36.32 28.33
N MET Z 37 2.11 -36.96 27.77
CA MET Z 37 3.19 -37.57 28.56
C MET Z 37 4.35 -36.63 28.84
N HIS Z 38 4.71 -35.82 27.86
CA HIS Z 38 5.93 -35.01 27.94
C HIS Z 38 5.57 -33.59 27.70
N HIS Z 39 5.88 -32.72 28.66
CA HIS Z 39 5.78 -31.28 28.43
C HIS Z 39 4.39 -30.67 28.59
N HIS Z 40 3.35 -31.50 28.68
CA HIS Z 40 2.06 -31.07 29.21
C HIS Z 40 1.60 -31.99 30.34
N ARG Z 41 2.50 -32.82 30.86
CA ARG Z 41 2.13 -33.92 31.74
C ARG Z 41 1.42 -33.49 33.01
N ILE Z 42 1.88 -32.40 33.59
CA ILE Z 42 1.39 -31.97 34.89
C ILE Z 42 -0.10 -31.64 34.83
N ASN Z 43 -0.51 -30.93 33.77
CA ASN Z 43 -1.92 -30.63 33.61
C ASN Z 43 -2.74 -31.89 33.47
N PHE Z 44 -2.21 -32.85 32.72
CA PHE Z 44 -2.94 -34.10 32.51
C PHE Z 44 -3.09 -34.90 33.78
N ASP Z 45 -2.05 -34.95 34.59
CA ASP Z 45 -2.09 -35.75 35.79
C ASP Z 45 -2.37 -34.95 37.06
N LYS Z 46 -2.86 -33.71 36.91
CA LYS Z 46 -3.56 -33.03 38.00
C LYS Z 46 -4.94 -32.50 37.65
N TYR Z 47 -5.44 -32.79 36.45
CA TYR Z 47 -6.86 -32.59 36.16
C TYR Z 47 -7.52 -33.76 35.43
N HIS Z 48 -6.74 -34.80 35.10
CA HIS Z 48 -7.28 -35.97 34.42
C HIS Z 48 -6.58 -37.19 34.94
N PRO Z 49 -6.71 -37.42 36.25
CA PRO Z 49 -6.05 -38.58 36.81
C PRO Z 49 -6.61 -39.81 36.16
N GLY Z 50 -5.73 -40.54 35.49
CA GLY Z 50 -6.11 -41.80 34.89
C GLY Z 50 -6.38 -41.77 33.41
N TYR Z 51 -5.95 -40.73 32.71
CA TYR Z 51 -6.08 -40.70 31.26
C TYR Z 51 -5.37 -41.91 30.68
N PHE Z 52 -4.08 -42.02 30.93
CA PHE Z 52 -3.26 -43.00 30.23
C PHE Z 52 -3.34 -44.38 30.84
N GLY Z 53 -3.47 -45.37 29.96
CA GLY Z 53 -3.45 -46.77 30.37
C GLY Z 53 -4.73 -47.48 30.01
N LYS Z 54 -4.62 -48.78 29.78
CA LYS Z 54 -5.77 -49.66 29.60
C LYS Z 54 -6.35 -50.04 30.95
N VAL Z 55 -7.48 -50.72 30.93
CA VAL Z 55 -8.12 -51.26 32.13
C VAL Z 55 -9.38 -52.04 31.76
N GLY Z 56 -9.65 -53.12 32.49
CA GLY Z 56 -10.86 -53.90 32.30
C GLY Z 56 -10.93 -54.66 31.00
N MET Z 57 -12.07 -55.31 30.78
CA MET Z 57 -12.26 -56.22 29.65
C MET Z 57 -12.84 -55.54 28.43
N ARG Z 58 -12.36 -55.94 27.27
CA ARG Z 58 -12.97 -55.55 26.01
C ARG Z 58 -14.35 -56.24 25.86
N HIS Z 59 -15.19 -55.70 24.99
CA HIS Z 59 -16.54 -56.23 24.76
C HIS Z 59 -16.91 -55.82 23.35
N TYR Z 60 -16.89 -56.77 22.41
CA TYR Z 60 -16.78 -56.44 20.98
C TYR Z 60 -18.00 -55.86 20.33
N HIS Z 61 -19.10 -56.57 20.42
CA HIS Z 61 -20.30 -56.13 19.73
C HIS Z 61 -21.25 -55.74 20.83
N LEU Z 62 -20.95 -54.61 21.46
CA LEU Z 62 -21.81 -54.10 22.49
C LEU Z 62 -23.09 -53.60 21.82
N LYS Z 63 -24.21 -54.01 22.41
CA LYS Z 63 -25.54 -53.50 22.05
C LYS Z 63 -26.23 -53.11 23.34
N ARG Z 64 -26.51 -51.82 23.46
CA ARG Z 64 -26.94 -51.23 24.73
C ARG Z 64 -28.32 -51.70 25.22
N ASN Z 65 -29.22 -52.03 24.29
CA ASN Z 65 -30.58 -52.36 24.63
C ASN Z 65 -30.71 -53.65 25.45
N GLN Z 66 -29.75 -54.56 25.32
CA GLN Z 66 -29.69 -55.77 26.17
C GLN Z 66 -29.60 -55.44 27.65
N SER Z 67 -28.80 -54.44 27.97
CA SER Z 67 -28.57 -54.01 29.35
C SER Z 67 -29.55 -52.91 29.81
N PHE Z 68 -30.65 -52.73 29.10
CA PHE Z 68 -31.61 -51.69 29.43
C PHE Z 68 -32.35 -52.07 30.70
N CYS Z 69 -32.29 -51.20 31.70
CA CYS Z 69 -32.91 -51.47 33.00
C CYS Z 69 -33.05 -50.18 33.80
N PRO Z 70 -33.99 -49.32 33.38
CA PRO Z 70 -34.23 -48.03 34.04
C PRO Z 70 -34.86 -48.21 35.41
N THR Z 71 -34.31 -47.54 36.43
CA THR Z 71 -34.72 -47.77 37.80
C THR Z 71 -35.64 -46.70 38.30
N VAL Z 72 -36.32 -47.01 39.39
CA VAL Z 72 -37.17 -46.08 40.08
C VAL Z 72 -37.09 -46.38 41.57
N ASN Z 73 -37.13 -45.33 42.38
CA ASN Z 73 -37.04 -45.47 43.83
C ASN Z 73 -38.41 -45.42 44.45
N LEU Z 74 -38.52 -46.09 45.60
CA LEU Z 74 -39.75 -46.10 46.36
C LEU Z 74 -40.15 -44.68 46.69
N ASP Z 75 -39.14 -43.87 47.03
CA ASP Z 75 -39.21 -42.41 47.12
C ASP Z 75 -40.44 -41.83 46.40
N LYS Z 76 -40.52 -42.12 45.10
CA LYS Z 76 -41.60 -41.61 44.26
C LYS Z 76 -42.18 -42.71 43.40
N LEU Z 77 -42.80 -43.67 44.07
CA LEU Z 77 -43.47 -44.78 43.41
C LEU Z 77 -44.92 -44.42 43.18
N TRP Z 78 -45.53 -43.86 44.21
CA TRP Z 78 -46.89 -43.36 44.11
C TRP Z 78 -47.08 -42.30 43.02
N THR Z 79 -46.00 -41.65 42.61
CA THR Z 79 -46.04 -40.71 41.48
C THR Z 79 -46.48 -41.33 40.18
N LEU Z 80 -46.22 -42.63 40.03
CA LEU Z 80 -46.57 -43.32 38.80
C LEU Z 80 -48.08 -43.32 38.57
N VAL Z 81 -48.87 -43.36 39.65
CA VAL Z 81 -50.32 -43.51 39.56
C VAL Z 81 -51.01 -42.20 39.91
N SER Z 82 -52.26 -42.06 39.45
CA SER Z 82 -53.12 -40.92 39.80
C SER Z 82 -53.36 -40.83 41.30
N GLU Z 83 -53.19 -39.64 41.86
CA GLU Z 83 -53.46 -39.37 43.28
C GLU Z 83 -54.69 -40.09 43.85
N GLN Z 84 -55.75 -40.23 43.04
CA GLN Z 84 -56.99 -40.83 43.51
C GLN Z 84 -56.97 -42.37 43.60
N THR Z 85 -55.85 -43.01 43.25
CA THR Z 85 -55.60 -44.39 43.68
C THR Z 85 -55.02 -44.39 45.09
N ARG Z 86 -54.08 -43.47 45.35
CA ARG Z 86 -53.50 -43.30 46.67
C ARG Z 86 -54.50 -42.70 47.68
N VAL Z 87 -55.58 -42.10 47.18
CA VAL Z 87 -56.64 -41.53 48.02
C VAL Z 87 -57.76 -42.54 48.26
N ASN Z 88 -58.23 -43.19 47.20
CA ASN Z 88 -59.21 -44.28 47.32
C ASN Z 88 -58.51 -45.53 47.82
N ALA Z 89 -58.07 -45.45 49.08
CA ALA Z 89 -57.00 -46.25 49.68
C ALA Z 89 -56.45 -45.32 50.74
N ALA Z 90 -56.42 -45.77 51.99
CA ALA Z 90 -56.50 -44.87 53.17
C ALA Z 90 -57.94 -44.34 53.23
N LYS Z 91 -58.85 -45.28 52.96
CA LYS Z 91 -60.27 -45.06 52.74
C LYS Z 91 -60.75 -46.48 52.41
N ASN Z 92 -61.85 -46.64 51.70
CA ASN Z 92 -62.28 -47.94 51.13
C ASN Z 92 -62.69 -48.99 52.18
N LYS Z 93 -61.79 -49.28 53.13
CA LYS Z 93 -62.08 -50.12 54.30
C LYS Z 93 -62.16 -51.62 53.98
N THR Z 94 -61.76 -51.99 52.77
CA THR Z 94 -61.66 -53.39 52.35
C THR Z 94 -60.25 -53.92 52.63
N GLY Z 95 -59.29 -53.01 52.81
CA GLY Z 95 -57.87 -53.37 52.88
C GLY Z 95 -57.40 -53.82 51.52
N ALA Z 96 -57.76 -53.07 50.49
CA ALA Z 96 -57.62 -53.52 49.10
C ALA Z 96 -56.17 -53.50 48.63
N ALA Z 97 -55.57 -52.31 48.62
CA ALA Z 97 -54.22 -52.09 48.07
C ALA Z 97 -54.27 -52.07 46.54
N PRO Z 98 -53.97 -50.91 45.93
CA PRO Z 98 -54.03 -50.79 44.49
C PRO Z 98 -52.74 -51.26 43.85
N ILE Z 99 -52.83 -51.74 42.62
CA ILE Z 99 -51.66 -52.21 41.91
C ILE Z 99 -50.88 -51.03 41.34
N ILE Z 100 -49.55 -51.20 41.29
CA ILE Z 100 -48.66 -50.27 40.61
C ILE Z 100 -47.79 -51.09 39.66
N ASP Z 101 -48.16 -51.11 38.38
CA ASP Z 101 -47.33 -51.70 37.35
C ASP Z 101 -46.27 -50.66 37.00
N VAL Z 102 -45.06 -50.91 37.48
CA VAL Z 102 -43.93 -50.03 37.28
C VAL Z 102 -43.40 -50.14 35.84
N VAL Z 103 -43.47 -51.34 35.27
CA VAL Z 103 -42.99 -51.59 33.90
C VAL Z 103 -43.83 -50.85 32.85
N ARG Z 104 -45.10 -50.62 33.16
CA ARG Z 104 -45.96 -49.79 32.32
C ARG Z 104 -45.43 -48.36 32.23
N SER Z 105 -45.03 -47.80 33.37
CA SER Z 105 -44.51 -46.45 33.42
C SER Z 105 -43.07 -46.28 32.89
N GLY Z 106 -42.39 -47.39 32.61
CA GLY Z 106 -41.09 -47.36 31.91
C GLY Z 106 -39.86 -47.60 32.77
N TYR Z 107 -40.05 -48.18 33.95
CA TYR Z 107 -38.95 -48.57 34.80
C TYR Z 107 -39.01 -50.07 34.99
N TYR Z 108 -37.86 -50.71 34.90
CA TYR Z 108 -37.80 -52.15 35.02
C TYR Z 108 -37.46 -52.48 36.46
N LYS Z 109 -36.39 -51.91 36.99
CA LYS Z 109 -36.00 -52.21 38.36
C LYS Z 109 -36.69 -51.28 39.33
N VAL Z 110 -36.94 -51.79 40.53
CA VAL Z 110 -37.42 -50.99 41.67
C VAL Z 110 -36.36 -51.09 42.77
N LEU Z 111 -35.62 -50.01 42.97
CA LEU Z 111 -34.64 -49.89 44.04
C LEU Z 111 -35.31 -49.20 45.18
N GLY Z 112 -34.62 -49.09 46.31
CA GLY Z 112 -35.26 -48.82 47.59
C GLY Z 112 -35.01 -47.53 48.35
N LYS Z 113 -34.58 -46.46 47.68
CA LYS Z 113 -34.38 -45.17 48.37
C LYS Z 113 -35.70 -44.65 48.86
N GLY Z 114 -35.72 -44.18 50.12
CA GLY Z 114 -36.83 -43.40 50.59
C GLY Z 114 -37.89 -44.09 51.43
N LYS Z 115 -38.64 -43.24 52.13
CA LYS Z 115 -39.74 -43.65 52.99
C LYS Z 115 -40.99 -43.85 52.13
N LEU Z 116 -41.63 -44.99 52.30
CA LEU Z 116 -42.86 -45.35 51.61
C LEU Z 116 -44.01 -45.15 52.61
N PRO Z 117 -45.09 -44.43 52.22
CA PRO Z 117 -46.13 -44.09 53.19
C PRO Z 117 -46.95 -45.31 53.60
N LYS Z 118 -47.38 -45.35 54.87
CA LYS Z 118 -48.00 -46.55 55.45
C LYS Z 118 -49.35 -46.80 54.80
N GLN Z 119 -49.32 -47.55 53.71
CA GLN Z 119 -50.43 -47.63 52.79
C GLN Z 119 -50.08 -48.74 51.77
N PRO Z 120 -50.66 -49.94 51.95
CA PRO Z 120 -50.38 -51.14 51.17
C PRO Z 120 -50.33 -50.96 49.65
N VAL Z 121 -49.47 -51.76 49.01
CA VAL Z 121 -49.35 -51.78 47.56
C VAL Z 121 -49.03 -53.15 47.03
N ILE Z 122 -49.31 -53.29 45.73
CA ILE Z 122 -48.85 -54.40 44.96
C ILE Z 122 -48.02 -53.80 43.85
N VAL Z 123 -46.71 -53.96 43.96
CA VAL Z 123 -45.78 -53.43 42.97
C VAL Z 123 -45.39 -54.55 42.01
N LYS Z 124 -45.80 -54.43 40.75
CA LYS Z 124 -45.38 -55.34 39.70
C LYS Z 124 -44.12 -54.77 39.08
N ALA Z 125 -43.05 -55.55 39.04
CA ALA Z 125 -41.82 -55.11 38.40
C ALA Z 125 -40.89 -56.25 38.01
N LYS Z 126 -40.05 -55.95 37.03
CA LYS Z 126 -39.15 -56.90 36.42
C LYS Z 126 -38.09 -57.33 37.42
N PHE Z 127 -37.54 -56.34 38.15
CA PHE Z 127 -36.53 -56.55 39.20
C PHE Z 127 -36.76 -55.70 40.41
N PHE Z 128 -36.31 -56.19 41.56
CA PHE Z 128 -36.39 -55.47 42.82
C PHE Z 128 -35.05 -55.46 43.54
N SER Z 129 -34.84 -54.45 44.37
CA SER Z 129 -33.76 -54.49 45.34
C SER Z 129 -34.17 -55.37 46.51
N ARG Z 130 -33.20 -55.66 47.37
CA ARG Z 130 -33.49 -56.31 48.64
C ARG Z 130 -34.22 -55.35 49.57
N ARG Z 131 -33.70 -54.14 49.67
CA ARG Z 131 -34.28 -53.14 50.57
C ARG Z 131 -35.66 -52.70 50.09
N ALA Z 132 -35.78 -52.53 48.78
CA ALA Z 132 -37.05 -52.14 48.15
C ALA Z 132 -38.13 -53.15 48.42
N GLU Z 133 -37.76 -54.42 48.36
CA GLU Z 133 -38.63 -55.49 48.77
C GLU Z 133 -39.03 -55.30 50.23
N GLU Z 134 -38.03 -55.24 51.10
CA GLU Z 134 -38.28 -55.16 52.55
C GLU Z 134 -39.21 -54.02 52.93
N LYS Z 135 -38.94 -52.83 52.41
CA LYS Z 135 -39.76 -51.64 52.69
C LYS Z 135 -41.20 -51.88 52.29
N ILE Z 136 -41.38 -52.39 51.08
CA ILE Z 136 -42.69 -52.73 50.52
C ILE Z 136 -43.47 -53.68 51.44
N LYS Z 137 -42.79 -54.70 51.98
CA LYS Z 137 -43.43 -55.65 52.89
C LYS Z 137 -43.83 -54.95 54.18
N GLY Z 138 -42.93 -54.11 54.71
CA GLY Z 138 -43.17 -53.34 55.93
C GLY Z 138 -44.36 -52.40 55.89
N VAL Z 139 -44.64 -51.86 54.70
CA VAL Z 139 -45.87 -51.10 54.44
C VAL Z 139 -47.12 -51.99 54.52
N GLY Z 140 -46.95 -53.27 54.21
CA GLY Z 140 -48.02 -54.24 54.23
C GLY Z 140 -48.49 -54.50 52.82
N GLY Z 141 -47.53 -54.85 51.96
CA GLY Z 141 -47.75 -55.02 50.54
C GLY Z 141 -47.04 -56.25 50.04
N ALA Z 142 -46.98 -56.36 48.71
CA ALA Z 142 -46.52 -57.56 48.06
C ALA Z 142 -45.79 -57.20 46.78
N CYS Z 143 -44.51 -57.58 46.69
CA CYS Z 143 -43.76 -57.41 45.44
C CYS Z 143 -44.20 -58.51 44.50
N VAL Z 144 -44.17 -58.22 43.20
CA VAL Z 144 -44.65 -59.15 42.17
C VAL Z 144 -43.73 -59.13 40.96
N LEU Z 145 -43.09 -60.27 40.70
CA LEU Z 145 -42.22 -60.40 39.53
C LEU Z 145 -43.02 -60.54 38.24
N VAL Z 146 -42.54 -59.87 37.20
CA VAL Z 146 -43.11 -59.93 35.85
C VAL Z 146 -42.00 -60.12 34.83
N ALA Z 147 -42.33 -60.79 33.73
CA ALA Z 147 -41.35 -61.08 32.68
C ALA Z 147 -41.09 -59.86 31.79
N ALA AA 1 24.99 -18.81 25.08
CA ALA AA 1 23.84 -18.04 25.66
C ALA AA 1 23.42 -18.63 27.01
N LYS AA 2 24.20 -18.32 28.03
CA LYS AA 2 23.92 -18.76 29.39
C LYS AA 2 22.97 -17.78 30.05
N SER AA 3 22.17 -18.32 30.97
CA SER AA 3 21.11 -17.58 31.66
C SER AA 3 21.58 -17.11 33.03
N LYS AA 4 20.63 -16.53 33.77
CA LYS AA 4 20.64 -16.56 35.21
C LYS AA 4 20.17 -17.95 35.65
N ASN AA 5 20.78 -18.49 36.69
CA ASN AA 5 20.60 -19.90 37.05
C ASN AA 5 19.52 -20.15 38.08
N HIS AA 6 19.42 -19.24 39.05
CA HIS AA 6 18.39 -19.34 40.08
C HIS AA 6 18.33 -18.09 40.91
N THR AA 7 17.14 -17.72 41.38
CA THR AA 7 17.06 -16.69 42.42
C THR AA 7 15.77 -16.69 43.24
N THR AA 8 15.78 -15.80 44.22
CA THR AA 8 14.73 -15.62 45.19
C THR AA 8 14.50 -14.12 45.38
N HIS AA 9 14.69 -13.34 44.33
CA HIS AA 9 14.89 -11.91 44.52
C HIS AA 9 13.63 -11.14 44.86
N ASN AA 10 12.61 -11.31 44.02
CA ASN AA 10 11.38 -10.58 44.16
C ASN AA 10 10.31 -11.39 44.89
N GLN AA 11 10.72 -12.50 45.51
CA GLN AA 11 9.77 -13.50 45.95
C GLN AA 11 9.09 -13.14 47.27
N SER AA 12 9.85 -12.61 48.23
CA SER AA 12 9.24 -12.22 49.50
C SER AA 12 8.14 -11.20 49.30
N ARG AA 13 8.45 -10.18 48.50
CA ARG AA 13 7.47 -9.20 48.04
C ARG AA 13 6.23 -9.87 47.45
N LYS AA 14 6.46 -10.73 46.45
CA LYS AA 14 5.36 -11.47 45.83
C LYS AA 14 4.50 -12.19 46.84
N TRP AA 15 5.12 -12.83 47.83
CA TRP AA 15 4.37 -13.60 48.83
C TRP AA 15 3.48 -12.69 49.67
N HIS AA 16 4.04 -11.55 50.06
CA HIS AA 16 3.37 -10.65 50.99
C HIS AA 16 2.36 -9.71 50.34
N ARG AA 17 2.22 -9.72 49.01
CA ARG AA 17 1.11 -8.99 48.41
C ARG AA 17 -0.18 -9.50 49.03
N ASN AA 18 -0.37 -10.80 48.94
CA ASN AA 18 -1.54 -11.44 49.51
C ASN AA 18 -1.22 -12.17 50.82
N GLY AA 19 -0.50 -11.47 51.71
CA GLY AA 19 -0.46 -11.80 53.13
C GLY AA 19 0.69 -12.64 53.69
N ILE AA 20 0.68 -13.91 53.32
CA ILE AA 20 1.25 -15.01 54.13
C ILE AA 20 0.27 -15.22 55.28
N LYS AA 21 -0.85 -15.84 54.93
CA LYS AA 21 -1.93 -16.07 55.86
C LYS AA 21 -1.60 -17.28 56.71
N LYS AA 22 -1.89 -17.19 58.01
CA LYS AA 22 -1.78 -18.33 58.91
C LYS AA 22 -2.85 -19.37 58.59
N PRO AA 23 -2.56 -20.66 58.87
CA PRO AA 23 -3.44 -21.72 58.38
C PRO AA 23 -4.73 -21.77 59.18
N ARG AA 24 -5.86 -21.60 58.51
CA ARG AA 24 -7.13 -21.25 59.19
C ARG AA 24 -7.57 -22.27 60.24
N SER AA 25 -7.38 -21.89 61.50
CA SER AA 25 -7.67 -22.76 62.63
C SER AA 25 -9.16 -22.80 62.88
N GLN AA 26 -9.69 -24.02 62.93
CA GLN AA 26 -11.06 -24.27 63.34
C GLN AA 26 -11.00 -24.88 64.74
N ARG AA 27 -12.14 -24.90 65.42
CA ARG AA 27 -12.35 -25.87 66.49
C ARG AA 27 -12.89 -27.10 65.80
N TYR AA 28 -12.75 -28.25 66.43
CA TYR AA 28 -13.23 -29.53 65.91
C TYR AA 28 -12.50 -29.87 64.61
N GLU AA 29 -11.23 -30.26 64.76
CA GLU AA 29 -10.43 -30.80 63.65
C GLU AA 29 -10.72 -32.28 63.51
N SER AA 30 -10.35 -32.84 62.37
CA SER AA 30 -10.69 -34.23 62.07
C SER AA 30 -9.84 -35.20 62.87
N LEU AA 31 -10.33 -36.43 62.94
CA LEU AA 31 -9.58 -37.53 63.54
C LEU AA 31 -8.97 -38.39 62.44
N LYS AA 32 -8.55 -37.76 61.35
CA LYS AA 32 -7.81 -38.45 60.31
C LYS AA 32 -6.38 -38.65 60.82
N GLY AA 33 -5.89 -39.88 60.72
CA GLY AA 33 -4.52 -40.22 61.10
C GLY AA 33 -4.27 -40.42 62.58
N VAL AA 34 -5.32 -40.79 63.30
CA VAL AA 34 -5.23 -41.04 64.74
C VAL AA 34 -5.11 -42.54 64.88
N ASP AA 35 -4.35 -42.99 65.87
CA ASP AA 35 -4.06 -44.43 66.08
C ASP AA 35 -5.34 -45.29 66.01
N PRO AA 36 -5.45 -46.12 64.97
CA PRO AA 36 -6.67 -46.89 64.71
C PRO AA 36 -7.34 -47.51 65.93
N LYS AA 37 -6.56 -48.13 66.82
CA LYS AA 37 -7.13 -48.84 67.96
C LYS AA 37 -7.92 -47.91 68.89
N PHE AA 38 -7.40 -46.71 69.05
CA PHE AA 38 -8.13 -45.61 69.69
C PHE AA 38 -9.48 -45.44 69.01
N LEU AA 39 -9.43 -45.12 67.71
CA LEU AA 39 -10.60 -44.66 66.98
C LEU AA 39 -11.73 -45.65 66.98
N ARG AA 40 -11.40 -46.93 66.89
CA ARG AA 40 -12.39 -47.98 67.12
C ARG AA 40 -13.07 -47.74 68.45
N ASN AA 41 -12.29 -47.68 69.52
CA ASN AA 41 -12.86 -47.59 70.87
C ASN AA 41 -13.63 -46.32 71.18
N MET AA 42 -13.20 -45.17 70.67
CA MET AA 42 -14.03 -43.97 70.82
C MET AA 42 -15.29 -44.06 69.96
N ARG AA 43 -15.21 -44.75 68.83
CA ARG AA 43 -16.40 -45.01 67.98
C ARG AA 43 -17.41 -45.87 68.71
N PHE AA 44 -16.92 -46.90 69.39
CA PHE AA 44 -17.79 -47.78 70.17
C PHE AA 44 -18.38 -47.07 71.36
N ALA AA 45 -17.55 -46.29 72.04
CA ALA AA 45 -18.04 -45.46 73.12
C ALA AA 45 -19.15 -44.53 72.66
N LYS AA 46 -18.96 -43.92 71.49
CA LYS AA 46 -19.98 -43.06 70.92
C LYS AA 46 -21.25 -43.82 70.56
N LYS AA 47 -21.08 -45.05 70.08
CA LYS AA 47 -22.21 -45.95 69.74
C LYS AA 47 -23.20 -46.12 70.88
N HIS AA 48 -22.68 -46.31 72.09
CA HIS AA 48 -23.49 -46.67 73.23
C HIS AA 48 -23.75 -45.54 74.23
N ASN AA 49 -23.58 -44.29 73.81
CA ASN AA 49 -23.95 -43.14 74.67
C ASN AA 49 -25.46 -43.06 74.94
N LYS AA 50 -26.25 -43.43 73.93
CA LYS AA 50 -27.71 -43.52 74.07
C LYS AA 50 -28.13 -44.60 75.08
N LYS AA 51 -27.34 -45.67 75.20
CA LYS AA 51 -27.43 -46.56 76.35
C LYS AA 51 -26.89 -45.75 77.52
N GLY AA 52 -27.61 -45.76 78.64
CA GLY AA 52 -27.26 -44.90 79.78
C GLY AA 52 -27.67 -43.45 79.55
N LEU AA 53 -28.87 -43.28 79.00
CA LEU AA 53 -29.48 -41.97 78.78
C LEU AA 53 -30.45 -41.66 79.92
N LYS AA 54 -31.37 -42.58 80.16
CA LYS AA 54 -32.41 -42.44 81.18
C LYS AA 54 -31.83 -42.18 82.57
N LYS AA 55 -30.69 -42.79 82.85
CA LYS AA 55 -29.95 -42.56 84.09
C LYS AA 55 -29.42 -41.13 84.13
N MET AA 56 -28.82 -40.72 83.02
CA MET AA 56 -28.18 -39.41 82.90
C MET AA 56 -29.17 -38.25 83.04
N GLN AA 57 -30.29 -38.35 82.34
CA GLN AA 57 -31.37 -37.34 82.40
C GLN AA 57 -31.89 -37.14 83.82
N ALA AA 58 -32.13 -38.24 84.53
CA ALA AA 58 -32.59 -38.20 85.91
C ALA AA 58 -31.58 -37.51 86.82
N ASN AA 59 -30.30 -37.86 86.64
CA ASN AA 59 -29.20 -37.25 87.40
C ASN AA 59 -29.14 -35.73 87.25
N ASN AA 60 -29.38 -35.22 86.03
CA ASN AA 60 -29.45 -33.77 85.79
C ASN AA 60 -30.67 -33.11 86.41
N ALA AA 61 -31.82 -33.81 86.39
CA ALA AA 61 -33.04 -33.32 87.05
C ALA AA 61 -32.85 -33.24 88.57
N LYS AA 62 -32.20 -34.25 89.14
CA LYS AA 62 -31.81 -34.24 90.56
C LYS AA 62 -30.81 -33.11 90.88
N ALA AA 63 -29.90 -32.84 89.94
CA ALA AA 63 -28.98 -31.71 90.05
C ALA AA 63 -29.72 -30.38 89.97
N MET AA 64 -30.59 -30.24 88.97
CA MET AA 64 -31.41 -29.03 88.79
C MET AA 64 -32.31 -28.72 89.99
N ALA AA 65 -32.87 -29.78 90.59
CA ALA AA 65 -33.66 -29.64 91.82
C ALA AA 65 -32.80 -29.19 93.00
N ALA AA 66 -31.59 -29.73 93.10
CA ALA AA 66 -30.62 -29.33 94.13
C ALA AA 66 -30.14 -27.89 93.95
N ARG AA 67 -30.02 -27.45 92.70
CA ARG AA 67 -29.69 -26.05 92.38
C ARG AA 67 -30.84 -25.12 92.78
N ALA AA 68 -32.07 -25.53 92.46
CA ALA AA 68 -33.27 -24.77 92.80
C ALA AA 68 -33.51 -24.66 94.31
N GLU AA 69 -33.16 -25.72 95.05
CA GLU AA 69 -33.20 -25.69 96.52
C GLU AA 69 -32.12 -24.80 97.11
N ALA AA 70 -30.93 -24.80 96.50
CA ALA AA 70 -29.81 -23.95 96.92
C ALA AA 70 -30.09 -22.45 96.69
N ILE AA 71 -30.68 -22.12 95.54
CA ILE AA 71 -31.01 -20.74 95.20
C ILE AA 71 -32.18 -20.19 96.04
N LYS AA 72 -33.09 -21.09 96.45
CA LYS AA 72 -34.20 -20.73 97.35
C LYS AA 72 -33.69 -20.47 98.78
N ALA AA 73 -32.74 -21.28 99.23
CA ALA AA 73 -32.08 -21.09 100.53
C ALA AA 73 -31.26 -19.80 100.58
N LEU AA 74 -30.64 -19.43 99.46
CA LEU AA 74 -29.89 -18.17 99.34
C LEU AA 74 -30.83 -16.98 99.41
N VAL AA 75 -31.90 -17.02 98.63
CA VAL AA 75 -32.93 -15.98 98.63
C VAL AA 75 -33.87 -16.17 99.82
N SER BA 1 65.83 -82.06 -67.19
CA SER BA 1 65.15 -80.75 -66.97
C SER BA 1 64.90 -79.99 -68.28
N ILE BA 2 63.87 -79.14 -68.27
CA ILE BA 2 63.40 -78.43 -69.46
C ILE BA 2 64.14 -77.12 -69.66
N ASN BA 3 64.59 -76.51 -68.57
CA ASN BA 3 65.30 -75.22 -68.64
C ASN BA 3 66.58 -75.32 -69.47
N SER BA 4 67.28 -76.44 -69.31
CA SER BA 4 68.51 -76.73 -70.05
C SER BA 4 68.29 -76.86 -71.56
N ARG BA 5 67.26 -77.63 -71.92
CA ARG BA 5 66.95 -77.90 -73.32
C ARG BA 5 66.43 -76.64 -74.02
N LEU BA 6 65.65 -75.84 -73.29
CA LEU BA 6 65.18 -74.54 -73.79
C LEU BA 6 66.34 -73.62 -74.12
N GLN BA 7 67.27 -73.48 -73.17
CA GLN BA 7 68.48 -72.64 -73.32
C GLN BA 7 69.10 -72.77 -74.70
N LEU BA 8 69.29 -74.01 -75.10
CA LEU BA 8 69.80 -74.36 -76.42
C LEU BA 8 68.86 -73.93 -77.54
N VAL BA 9 67.56 -74.17 -77.38
CA VAL BA 9 66.55 -73.76 -78.36
C VAL BA 9 66.56 -72.25 -78.59
N MET BA 10 66.55 -71.50 -77.50
CA MET BA 10 66.58 -70.03 -77.57
C MET BA 10 67.85 -69.53 -78.26
N LYS BA 11 68.98 -70.20 -77.99
CA LYS BA 11 70.24 -69.84 -78.61
C LYS BA 11 70.21 -70.11 -80.11
N SER BA 12 69.94 -71.36 -80.47
CA SER BA 12 70.13 -71.84 -81.84
C SER BA 12 68.84 -71.97 -82.66
N GLY BA 13 67.78 -72.47 -82.04
CA GLY BA 13 66.51 -72.68 -82.71
C GLY BA 13 65.70 -71.43 -83.00
N LYS BA 14 64.63 -71.60 -83.79
CA LYS BA 14 63.64 -70.56 -84.04
C LYS BA 14 62.47 -70.78 -83.09
N TYR BA 15 61.89 -69.68 -82.63
CA TYR BA 15 60.85 -69.73 -81.60
C TYR BA 15 60.06 -68.43 -81.59
N VAL BA 16 59.03 -68.39 -80.76
CA VAL BA 16 58.18 -67.23 -80.65
C VAL BA 16 57.58 -67.17 -79.24
N LEU BA 17 57.59 -65.98 -78.64
CA LEU BA 17 57.13 -65.78 -77.25
C LEU BA 17 55.85 -64.98 -77.25
N GLY BA 18 54.86 -65.47 -76.51
CA GLY BA 18 53.61 -64.75 -76.28
C GLY BA 18 52.42 -65.30 -77.03
N TYR BA 19 51.23 -65.00 -76.51
CA TYR BA 19 49.98 -65.65 -76.90
C TYR BA 19 49.46 -65.19 -78.25
N LYS BA 20 49.50 -63.89 -78.50
CA LYS BA 20 49.08 -63.33 -79.78
C LYS BA 20 49.88 -63.91 -80.97
N GLN BA 21 51.15 -64.25 -80.72
CA GLN BA 21 52.11 -64.65 -81.74
C GLN BA 21 52.17 -66.17 -81.93
N THR BA 22 52.16 -66.89 -80.81
CA THR BA 22 52.15 -68.37 -80.81
C THR BA 22 50.85 -68.99 -81.34
N LEU BA 23 49.73 -68.32 -81.12
CA LEU BA 23 48.46 -68.78 -81.65
C LEU BA 23 48.46 -68.60 -83.16
N LYS BA 24 49.15 -67.54 -83.64
CA LYS BA 24 49.39 -67.36 -85.07
C LYS BA 24 50.38 -68.37 -85.64
N MET BA 25 51.37 -68.78 -84.84
CA MET BA 25 52.31 -69.84 -85.24
C MET BA 25 51.66 -71.22 -85.34
N ILE BA 26 50.82 -71.56 -84.37
CA ILE BA 26 50.05 -72.81 -84.41
C ILE BA 26 49.08 -72.78 -85.58
N ARG BA 27 48.34 -71.68 -85.69
CA ARG BA 27 47.36 -71.54 -86.76
C ARG BA 27 47.98 -71.68 -88.15
N GLN BA 28 49.26 -71.30 -88.30
CA GLN BA 28 50.00 -71.55 -89.56
C GLN BA 28 50.39 -73.02 -89.71
N GLY BA 29 50.55 -73.71 -88.59
CA GLY BA 29 50.95 -75.11 -88.56
C GLY BA 29 52.47 -75.28 -88.56
N LYS BA 30 53.19 -74.23 -88.19
CA LYS BA 30 54.64 -74.25 -88.09
C LYS BA 30 55.11 -74.70 -86.72
N ALA BA 31 54.41 -74.23 -85.67
CA ALA BA 31 54.73 -74.53 -84.28
C ALA BA 31 54.74 -76.03 -83.97
N LYS BA 32 55.88 -76.49 -83.47
CA LYS BA 32 56.09 -77.90 -83.14
C LYS BA 32 55.88 -78.19 -81.65
N LEU BA 33 55.86 -77.15 -80.83
CA LEU BA 33 55.64 -77.31 -79.39
C LEU BA 33 55.10 -76.01 -78.81
N VAL BA 34 54.39 -76.10 -77.69
CA VAL BA 34 53.83 -74.94 -76.98
C VAL BA 34 54.06 -75.07 -75.48
N ILE BA 35 54.87 -74.17 -74.93
CA ILE BA 35 55.13 -74.12 -73.49
C ILE BA 35 54.16 -73.16 -72.83
N LEU BA 36 53.57 -73.58 -71.73
CA LEU BA 36 52.68 -72.77 -70.94
C LEU BA 36 53.20 -72.64 -69.54
N ALA BA 37 53.30 -71.41 -69.07
CA ALA BA 37 53.55 -71.15 -67.66
C ALA BA 37 52.36 -71.67 -66.87
N ASN BA 38 52.59 -71.89 -65.58
CA ASN BA 38 51.54 -72.44 -64.73
C ASN BA 38 50.51 -71.40 -64.33
N ASN BA 39 50.92 -70.13 -64.24
CA ASN BA 39 50.00 -69.08 -63.80
C ASN BA 39 49.10 -68.55 -64.90
N CYS BA 40 49.36 -68.96 -66.14
CA CYS BA 40 48.56 -68.57 -67.30
C CYS BA 40 47.08 -68.56 -66.99
N PRO BA 41 46.32 -67.61 -67.56
CA PRO BA 41 44.88 -67.62 -67.32
C PRO BA 41 44.22 -68.91 -67.84
N ALA BA 42 43.26 -69.42 -67.07
CA ALA BA 42 42.66 -70.73 -67.32
C ALA BA 42 41.93 -70.83 -68.64
N LEU BA 43 41.25 -69.74 -69.01
CA LEU BA 43 40.60 -69.69 -70.31
C LEU BA 43 41.65 -69.77 -71.41
N ARG BA 44 42.67 -68.93 -71.30
CA ARG BA 44 43.78 -68.91 -72.28
C ARG BA 44 44.37 -70.27 -72.53
N LYS BA 45 44.73 -70.94 -71.44
CA LYS BA 45 45.35 -72.27 -71.52
C LYS BA 45 44.47 -73.22 -72.32
N SER BA 46 43.22 -73.38 -71.89
CA SER BA 46 42.27 -74.30 -72.52
C SER BA 46 42.03 -73.99 -74.01
N GLU BA 47 42.03 -72.70 -74.34
CA GLU BA 47 41.97 -72.26 -75.72
C GLU BA 47 43.19 -72.77 -76.48
N ILE BA 48 44.38 -72.48 -75.96
CA ILE BA 48 45.61 -72.97 -76.59
C ILE BA 48 45.65 -74.49 -76.69
N GLU BA 49 45.27 -75.14 -75.59
CA GLU BA 49 45.24 -76.61 -75.54
C GLU BA 49 44.38 -77.22 -76.66
N TYR BA 50 43.29 -76.51 -77.01
CA TYR BA 50 42.39 -76.92 -78.08
C TYR BA 50 43.01 -76.67 -79.45
N TYR BA 51 43.68 -75.53 -79.60
CA TYR BA 51 44.38 -75.19 -80.84
C TYR BA 51 45.49 -76.17 -81.21
N ALA BA 52 46.20 -76.68 -80.20
CA ALA BA 52 47.20 -77.72 -80.42
C ALA BA 52 46.54 -79.04 -80.84
N MET BA 53 45.46 -79.41 -80.15
CA MET BA 53 44.66 -80.60 -80.48
C MET BA 53 44.18 -80.60 -81.94
N LEU BA 54 43.77 -79.44 -82.44
CA LEU BA 54 43.34 -79.31 -83.83
C LEU BA 54 44.52 -79.37 -84.79
N ALA BA 55 45.66 -78.83 -84.38
CA ALA BA 55 46.88 -78.83 -85.19
C ALA BA 55 47.87 -79.94 -84.85
N LYS BA 56 47.46 -80.92 -84.06
CA LYS BA 56 48.31 -82.07 -83.71
C LYS BA 56 49.72 -81.63 -83.30
N THR BA 57 49.76 -80.85 -82.22
CA THR BA 57 50.98 -80.21 -81.75
C THR BA 57 51.17 -80.49 -80.27
N GLY BA 58 52.43 -80.63 -79.86
CA GLY BA 58 52.77 -80.85 -78.45
C GLY BA 58 52.43 -79.65 -77.57
N VAL BA 59 51.99 -79.94 -76.35
CA VAL BA 59 51.74 -78.92 -75.35
C VAL BA 59 52.42 -79.34 -74.06
N HIS BA 60 53.45 -78.59 -73.68
CA HIS BA 60 54.18 -78.87 -72.46
C HIS BA 60 53.86 -77.83 -71.41
N HIS BA 61 53.20 -78.27 -70.33
CA HIS BA 61 53.01 -77.38 -69.18
C HIS BA 61 54.33 -77.22 -68.43
N TYR BA 62 54.82 -75.98 -68.41
CA TYR BA 62 56.05 -75.65 -67.71
C TYR BA 62 55.83 -75.77 -66.22
N SER BA 63 56.90 -76.11 -65.51
CA SER BA 63 56.86 -76.29 -64.05
C SER BA 63 56.64 -74.97 -63.32
N GLY BA 64 57.16 -73.89 -63.90
CA GLY BA 64 57.12 -72.56 -63.30
C GLY BA 64 56.09 -71.55 -63.81
N ASN BA 65 55.97 -70.50 -63.01
CA ASN BA 65 55.12 -69.34 -63.25
C ASN BA 65 55.75 -68.46 -64.32
N ASN BA 66 54.92 -67.68 -65.01
CA ASN BA 66 55.36 -66.94 -66.21
C ASN BA 66 56.61 -66.09 -66.08
N ILE BA 67 56.93 -65.68 -64.86
CA ILE BA 67 58.18 -64.96 -64.61
C ILE BA 67 59.35 -65.93 -64.75
N GLU BA 68 59.18 -67.14 -64.19
CA GLU BA 68 60.20 -68.17 -64.27
C GLU BA 68 60.46 -68.62 -65.69
N LEU BA 69 59.40 -68.71 -66.49
CA LEU BA 69 59.54 -69.17 -67.86
C LEU BA 69 60.29 -68.16 -68.70
N GLY BA 70 59.98 -66.88 -68.50
CA GLY BA 70 60.65 -65.80 -69.20
C GLY BA 70 62.08 -65.68 -68.79
N THR BA 71 62.31 -65.78 -67.48
CA THR BA 71 63.66 -65.95 -66.99
C THR BA 71 64.26 -67.12 -67.73
N ALA BA 72 63.57 -68.27 -67.78
CA ALA BA 72 63.98 -69.49 -68.51
C ALA BA 72 64.07 -69.41 -70.05
N CYS BA 73 63.62 -68.31 -70.65
CA CYS BA 73 63.88 -68.04 -72.07
C CYS BA 73 65.08 -67.12 -72.28
N GLY BA 74 65.59 -66.55 -71.18
CA GLY BA 74 66.75 -65.68 -71.21
C GLY BA 74 66.36 -64.27 -71.57
N LYS BA 75 65.19 -63.88 -71.07
CA LYS BA 75 64.65 -62.54 -71.29
C LYS BA 75 64.36 -61.98 -69.90
N TYR BA 76 64.54 -60.68 -69.77
CA TYR BA 76 64.26 -60.01 -68.52
C TYR BA 76 62.77 -59.75 -68.34
N TYR BA 77 62.01 -59.88 -69.43
CA TYR BA 77 60.56 -59.84 -69.35
C TYR BA 77 60.01 -61.23 -69.05
N ARG BA 78 58.70 -61.32 -68.91
CA ARG BA 78 58.04 -62.53 -68.45
C ARG BA 78 57.13 -63.05 -69.55
N VAL BA 79 57.23 -64.34 -69.82
CA VAL BA 79 56.45 -64.97 -70.88
C VAL BA 79 55.64 -66.11 -70.30
N CYS BA 80 54.34 -66.08 -70.61
CA CYS BA 80 53.39 -67.07 -70.18
C CYS BA 80 53.24 -68.17 -71.21
N THR BA 81 53.11 -67.81 -72.48
CA THR BA 81 53.03 -68.81 -73.58
C THR BA 81 54.21 -68.66 -74.54
N LEU BA 82 54.81 -69.79 -74.93
CA LEU BA 82 55.92 -69.77 -75.87
C LEU BA 82 55.87 -70.98 -76.81
N ALA BA 83 55.95 -70.72 -78.12
CA ALA BA 83 55.98 -71.77 -79.14
C ALA BA 83 57.41 -71.99 -79.63
N ILE BA 84 57.74 -73.24 -79.92
CA ILE BA 84 59.04 -73.61 -80.44
C ILE BA 84 58.84 -74.07 -81.88
N ILE BA 85 59.24 -73.23 -82.82
CA ILE BA 85 59.00 -73.47 -84.24
C ILE BA 85 59.97 -74.54 -84.74
N ASP BA 86 61.25 -74.23 -84.64
CA ASP BA 86 62.32 -75.14 -85.08
C ASP BA 86 63.35 -75.17 -83.97
N PRO BA 87 63.55 -76.34 -83.34
CA PRO BA 87 64.67 -76.40 -82.42
C PRO BA 87 65.97 -76.46 -83.21
N GLY BA 88 67.02 -75.88 -82.64
CA GLY BA 88 68.29 -75.70 -83.34
C GLY BA 88 69.01 -77.02 -83.47
N ASP BA 89 69.49 -77.52 -82.34
CA ASP BA 89 70.06 -78.85 -82.25
C ASP BA 89 69.71 -79.55 -80.93
N SER BA 90 68.64 -79.08 -80.28
CA SER BA 90 68.23 -79.58 -78.98
C SER BA 90 67.30 -80.78 -79.16
N ASP BA 91 67.05 -81.47 -78.06
CA ASP BA 91 66.06 -82.53 -78.01
C ASP BA 91 64.94 -82.10 -77.05
N ILE BA 92 64.52 -80.84 -77.16
CA ILE BA 92 63.34 -80.34 -76.46
C ILE BA 92 62.13 -81.11 -76.98
N ILE BA 93 62.06 -81.28 -78.30
CA ILE BA 93 61.11 -82.18 -78.93
C ILE BA 93 61.82 -83.54 -78.96
N ARG BA 94 61.11 -84.57 -78.56
CA ARG BA 94 61.74 -85.85 -78.19
C ARG BA 94 62.05 -86.69 -79.43
N ASN CA 1 27.66 54.99 -53.15
CA ASN CA 1 27.92 55.15 -51.69
C ASN CA 1 27.94 53.83 -50.92
N GLU CA 2 27.03 52.92 -51.26
CA GLU CA 2 26.85 51.67 -50.50
C GLU CA 2 26.39 50.47 -51.35
N VAL CA 3 26.92 50.37 -52.57
CA VAL CA 3 26.83 49.16 -53.40
C VAL CA 3 28.24 48.88 -53.91
N VAL CA 4 29.19 49.00 -52.98
CA VAL CA 4 30.61 49.07 -53.31
C VAL CA 4 31.18 47.67 -53.39
N THR CA 5 32.19 47.52 -54.22
CA THR CA 5 32.89 46.26 -54.40
C THR CA 5 34.38 46.50 -54.22
N ARG CA 6 35.08 45.59 -53.53
CA ARG CA 6 36.51 45.77 -53.27
C ARG CA 6 37.22 44.46 -52.90
N GLU CA 7 38.46 44.32 -53.37
CA GLU CA 7 39.26 43.11 -53.15
C GLU CA 7 39.88 43.16 -51.77
N TYR CA 8 40.08 41.99 -51.19
CA TYR CA 8 40.84 41.85 -49.95
C TYR CA 8 41.64 40.58 -50.06
N THR CA 9 42.78 40.52 -49.37
CA THR CA 9 43.53 39.27 -49.25
C THR CA 9 43.39 38.79 -47.83
N ILE CA 10 42.35 37.98 -47.57
CA ILE CA 10 42.11 37.45 -46.25
C ILE CA 10 43.19 36.42 -45.96
N ASN CA 11 44.08 36.75 -45.02
CA ASN CA 11 45.02 35.78 -44.49
C ASN CA 11 44.26 34.92 -43.49
N ILE CA 12 44.09 33.68 -43.90
CA ILE CA 12 43.35 32.66 -43.17
C ILE CA 12 44.26 32.05 -42.15
N HIS CA 13 45.49 31.80 -42.55
CA HIS CA 13 46.50 31.16 -41.72
C HIS CA 13 46.57 31.65 -40.27
N LYS CA 14 46.34 32.94 -40.06
CA LYS CA 14 46.35 33.54 -38.73
C LYS CA 14 44.96 33.68 -38.08
N ARG CA 15 43.93 33.30 -38.82
CA ARG CA 15 42.57 33.16 -38.30
C ARG CA 15 42.36 31.72 -37.88
N ILE CA 16 42.58 30.83 -38.83
CA ILE CA 16 42.42 29.41 -38.67
C ILE CA 16 43.54 28.76 -37.82
N HIS CA 17 44.44 29.56 -37.24
CA HIS CA 17 45.55 29.04 -36.45
C HIS CA 17 45.07 28.33 -35.20
N GLY CA 18 45.75 27.24 -34.87
CA GLY CA 18 45.47 26.52 -33.64
C GLY CA 18 44.17 25.75 -33.62
N VAL CA 19 43.60 25.44 -34.78
CA VAL CA 19 42.37 24.65 -34.81
C VAL CA 19 42.63 23.23 -35.27
N GLY CA 20 41.68 22.37 -34.95
CA GLY CA 20 41.84 20.96 -35.19
C GLY CA 20 41.76 20.60 -36.66
N PHE CA 21 42.59 19.63 -37.03
CA PHE CA 21 42.70 19.15 -38.40
C PHE CA 21 41.37 19.00 -39.12
N LYS CA 22 40.42 18.33 -38.47
CA LYS CA 22 39.11 18.09 -39.07
C LYS CA 22 38.16 19.30 -39.06
N LYS CA 23 38.52 20.34 -38.32
CA LYS CA 23 37.72 21.57 -38.27
C LYS CA 23 38.49 22.78 -38.83
N ARG CA 24 39.23 22.59 -39.91
CA ARG CA 24 39.99 23.69 -40.52
C ARG CA 24 39.27 24.35 -41.71
N ALA CA 25 39.13 23.61 -42.81
CA ALA CA 25 38.43 24.15 -43.98
C ALA CA 25 37.03 24.67 -43.65
N PRO CA 26 36.37 24.09 -42.65
CA PRO CA 26 35.14 24.70 -42.15
C PRO CA 26 35.36 26.03 -41.41
N ARG CA 27 36.27 26.03 -40.43
CA ARG CA 27 36.63 27.25 -39.69
C ARG CA 27 37.03 28.38 -40.64
N ALA CA 28 37.80 28.03 -41.65
CA ALA CA 28 38.19 28.99 -42.70
C ALA CA 28 36.98 29.70 -43.31
N LEU CA 29 35.91 28.97 -43.59
CA LEU CA 29 34.69 29.59 -44.14
C LEU CA 29 33.85 30.31 -43.12
N LYS CA 30 33.97 29.95 -41.84
CA LYS CA 30 33.42 30.79 -40.78
C LYS CA 30 34.18 32.10 -40.72
N GLU CA 31 35.50 32.02 -40.75
CA GLU CA 31 36.34 33.22 -40.64
C GLU CA 31 36.31 34.13 -41.87
N ILE CA 32 36.00 33.59 -43.05
CA ILE CA 32 35.73 34.43 -44.22
C ILE CA 32 34.46 35.22 -43.95
N ARG CA 33 33.43 34.54 -43.48
CA ARG CA 33 32.11 35.15 -43.34
C ARG CA 33 32.10 36.22 -42.26
N LYS CA 34 32.73 35.92 -41.13
CA LYS CA 34 33.04 36.95 -40.12
C LYS CA 34 33.72 38.17 -40.73
N PHE CA 35 34.75 37.92 -41.53
CA PHE CA 35 35.51 38.98 -42.18
C PHE CA 35 34.63 39.83 -43.07
N ALA CA 36 33.73 39.19 -43.79
CA ALA CA 36 32.81 39.91 -44.66
C ALA CA 36 31.92 40.85 -43.87
N MET CA 37 31.37 40.36 -42.75
CA MET CA 37 30.49 41.18 -41.90
C MET CA 37 31.21 42.38 -41.33
N LYS CA 38 32.51 42.22 -41.05
CA LYS CA 38 33.31 43.29 -40.50
C LYS CA 38 33.58 44.39 -41.51
N GLU CA 39 33.92 44.00 -42.75
CA GLU CA 39 34.21 44.96 -43.80
C GLU CA 39 32.95 45.63 -44.33
N MET CA 40 31.92 44.82 -44.59
CA MET CA 40 30.63 45.32 -45.06
C MET CA 40 29.63 45.04 -43.96
N GLY CA 41 28.97 46.10 -43.46
CA GLY CA 41 28.02 45.95 -42.37
C GLY CA 41 26.77 45.18 -42.75
N THR CA 42 26.94 43.88 -42.96
CA THR CA 42 25.88 43.00 -43.46
C THR CA 42 26.01 41.66 -42.77
N PRO CA 43 24.91 41.16 -42.19
CA PRO CA 43 24.93 39.79 -41.69
C PRO CA 43 24.59 38.74 -42.75
N ASP CA 44 23.80 39.11 -43.77
CA ASP CA 44 23.50 38.21 -44.88
C ASP CA 44 24.69 38.22 -45.84
N VAL CA 45 25.71 37.44 -45.49
CA VAL CA 45 26.89 37.27 -46.33
C VAL CA 45 26.64 36.02 -47.15
N ARG CA 46 26.97 36.09 -48.44
CA ARG CA 46 26.56 35.07 -49.39
C ARG CA 46 27.79 34.60 -50.15
N ILE CA 47 28.63 33.88 -49.42
CA ILE CA 47 29.89 33.36 -49.94
C ILE CA 47 29.71 32.42 -51.15
N ASP CA 48 30.37 32.74 -52.26
CA ASP CA 48 30.16 32.05 -53.55
C ASP CA 48 30.74 30.63 -53.56
N THR CA 49 30.12 29.76 -54.34
CA THR CA 49 30.53 28.37 -54.46
C THR CA 49 31.99 28.18 -54.87
N ARG CA 50 32.42 28.88 -55.91
CA ARG CA 50 33.80 28.73 -56.38
C ARG CA 50 34.80 29.09 -55.30
N LEU CA 51 34.43 30.00 -54.39
CA LEU CA 51 35.31 30.33 -53.26
C LEU CA 51 35.41 29.16 -52.29
N ASN CA 52 34.26 28.60 -51.93
CA ASN CA 52 34.21 27.38 -51.14
C ASN CA 52 35.16 26.37 -51.71
N LYS CA 53 35.02 26.11 -53.02
CA LYS CA 53 35.90 25.18 -53.72
C LYS CA 53 37.38 25.55 -53.60
N ALA CA 54 37.68 26.84 -53.73
CA ALA CA 54 39.04 27.32 -53.52
C ALA CA 54 39.56 26.94 -52.14
N VAL CA 55 38.75 27.18 -51.12
CA VAL CA 55 39.17 26.91 -49.75
C VAL CA 55 39.42 25.43 -49.57
N TRP CA 56 38.40 24.62 -49.82
CA TRP CA 56 38.54 23.17 -49.65
C TRP CA 56 39.53 22.46 -50.62
N ALA CA 57 40.10 23.19 -51.57
CA ALA CA 57 40.90 22.60 -52.67
C ALA CA 57 42.02 21.64 -52.26
N LYS CA 58 42.71 21.94 -51.15
CA LYS CA 58 43.72 21.04 -50.60
C LYS CA 58 43.18 20.32 -49.36
N GLY CA 59 41.92 19.91 -49.43
CA GLY CA 59 41.32 19.10 -48.38
C GLY CA 59 41.01 19.87 -47.12
N ILE CA 60 40.58 19.11 -46.12
CA ILE CA 60 40.05 19.68 -44.90
C ILE CA 60 41.14 20.15 -43.92
N ARG CA 61 42.32 19.50 -43.95
CA ARG CA 61 43.42 19.84 -43.03
C ARG CA 61 44.15 21.11 -43.44
N ASN CA 62 44.58 21.14 -44.68
CA ASN CA 62 45.53 22.12 -45.14
C ASN CA 62 44.74 23.08 -46.01
N VAL CA 63 44.28 24.16 -45.39
CA VAL CA 63 43.59 25.22 -46.11
C VAL CA 63 44.69 26.02 -46.81
N PRO CA 64 44.34 26.80 -47.85
CA PRO CA 64 45.31 27.78 -48.34
C PRO CA 64 45.55 28.88 -47.32
N TYR CA 65 46.77 29.42 -47.32
CA TYR CA 65 47.16 30.39 -46.31
C TYR CA 65 46.52 31.74 -46.50
N ARG CA 66 46.70 32.32 -47.69
CA ARG CA 66 46.02 33.57 -48.04
C ARG CA 66 45.01 33.26 -49.12
N ILE CA 67 44.00 34.12 -49.21
CA ILE CA 67 42.99 33.97 -50.25
C ILE CA 67 42.53 35.36 -50.70
N ARG CA 68 42.73 35.64 -51.98
CA ARG CA 68 42.37 36.93 -52.53
C ARG CA 68 40.89 36.83 -52.85
N VAL CA 69 40.15 37.81 -52.38
CA VAL CA 69 38.70 37.73 -52.37
C VAL CA 69 38.15 39.01 -52.94
N ARG CA 70 37.00 38.91 -53.62
CA ARG CA 70 36.21 40.09 -53.94
C ARG CA 70 35.03 40.08 -52.99
N LEU CA 71 34.55 41.27 -52.64
CA LEU CA 71 33.52 41.46 -51.64
C LEU CA 71 32.59 42.52 -52.21
N SER CA 72 31.53 42.08 -52.87
CA SER CA 72 30.57 42.98 -53.49
C SER CA 72 29.36 43.14 -52.59
N ARG CA 73 29.03 44.40 -52.23
CA ARG CA 73 27.83 44.70 -51.47
C ARG CA 73 26.69 44.94 -52.45
N LYS CA 74 25.48 44.52 -52.07
CA LYS CA 74 24.35 44.43 -53.01
C LYS CA 74 23.03 44.99 -52.47
N ARG CA 75 21.99 44.90 -53.32
CA ARG CA 75 20.68 45.49 -53.08
C ARG CA 75 19.64 44.52 -52.52
N ASN CA 76 19.82 43.22 -52.78
CA ASN CA 76 18.84 42.18 -52.43
C ASN CA 76 17.51 42.36 -53.16
N GLU CA 77 17.62 42.60 -54.47
CA GLU CA 77 16.49 42.76 -55.42
C GLU CA 77 15.07 42.97 -54.86
N ASP CA 78 14.27 41.89 -54.75
CA ASP CA 78 12.83 42.00 -54.49
C ASP CA 78 12.40 41.54 -53.09
N GLU CA 79 13.37 41.17 -52.25
CA GLU CA 79 13.08 40.61 -50.93
C GLU CA 79 12.67 41.69 -49.94
N ASP CA 80 11.62 41.41 -49.17
CA ASP CA 80 11.16 42.27 -48.08
C ASP CA 80 11.68 41.68 -46.77
N SER CA 81 13.01 41.64 -46.67
CA SER CA 81 13.73 41.06 -45.54
C SER CA 81 14.19 42.18 -44.61
N PRO CA 82 14.49 41.86 -43.33
CA PRO CA 82 15.14 42.83 -42.43
C PRO CA 82 16.48 43.38 -42.94
N ASN CA 83 17.21 42.57 -43.70
CA ASN CA 83 18.46 42.98 -44.34
C ASN CA 83 18.19 43.58 -45.71
N LYS CA 84 18.50 44.87 -45.87
CA LYS CA 84 18.38 45.55 -47.15
C LYS CA 84 19.44 45.05 -48.10
N LEU CA 85 20.71 45.14 -47.67
CA LEU CA 85 21.87 44.83 -48.49
C LEU CA 85 22.45 43.49 -48.12
N TYR CA 86 22.89 42.73 -49.12
CA TYR CA 86 23.74 41.57 -48.88
C TYR CA 86 25.17 41.81 -49.37
N THR CA 87 26.04 40.88 -49.01
CA THR CA 87 27.44 40.90 -49.39
C THR CA 87 27.79 39.58 -50.05
N LEU CA 88 28.29 39.64 -51.27
CA LEU CA 88 28.66 38.43 -51.97
C LEU CA 88 30.16 38.32 -52.09
N VAL CA 89 30.73 37.31 -51.43
CA VAL CA 89 32.16 37.08 -51.50
C VAL CA 89 32.41 36.32 -52.78
N THR CA 90 33.54 36.56 -53.42
CA THR CA 90 33.93 35.86 -54.65
C THR CA 90 35.39 35.49 -54.62
N TYR CA 91 35.76 34.57 -55.50
CA TYR CA 91 37.14 34.13 -55.61
C TYR CA 91 37.92 34.93 -56.64
N VAL CA 92 39.10 35.39 -56.23
CA VAL CA 92 40.02 36.09 -57.09
C VAL CA 92 41.30 35.25 -57.14
N PRO CA 93 41.51 34.50 -58.24
CA PRO CA 93 42.71 33.67 -58.32
C PRO CA 93 43.96 34.50 -58.63
N VAL CA 94 45.07 34.12 -58.00
CA VAL CA 94 46.31 34.91 -58.01
C VAL CA 94 47.55 34.01 -58.06
N THR CA 95 48.60 34.48 -58.74
CA THR CA 95 49.90 33.82 -58.71
C THR CA 95 50.56 34.05 -57.35
N THR CA 96 50.80 35.32 -57.03
CA THR CA 96 51.52 35.72 -55.82
C THR CA 96 50.75 36.75 -55.02
N PHE CA 97 50.77 36.60 -53.70
CA PHE CA 97 50.22 37.60 -52.82
C PHE CA 97 51.24 38.66 -52.41
N LYS CA 98 52.46 38.62 -52.95
CA LYS CA 98 53.47 39.63 -52.63
C LYS CA 98 52.99 41.04 -53.03
N ASN CA 99 52.93 41.91 -52.03
CA ASN CA 99 52.42 43.29 -52.11
C ASN CA 99 51.12 43.48 -52.90
N LEU CA 100 50.11 42.70 -52.53
CA LEU CA 100 48.71 42.92 -52.93
C LEU CA 100 48.03 43.72 -51.82
N GLN CA 101 47.29 44.76 -52.20
CA GLN CA 101 46.64 45.64 -51.23
C GLN CA 101 45.14 45.43 -51.29
N THR CA 102 44.40 46.15 -50.47
CA THR CA 102 42.95 46.22 -50.64
C THR CA 102 42.66 47.23 -51.74
N VAL CA 103 42.42 46.70 -52.94
CA VAL CA 103 42.04 47.53 -54.06
C VAL CA 103 40.53 47.66 -54.07
N ASN CA 104 40.06 48.90 -54.20
CA ASN CA 104 38.65 49.20 -54.42
C ASN CA 104 38.44 49.24 -55.92
N VAL CA 105 37.85 48.17 -56.47
CA VAL CA 105 37.51 48.15 -57.90
C VAL CA 105 36.35 49.11 -58.19
N ASP CA 106 36.69 50.26 -58.77
CA ASP CA 106 35.71 51.31 -59.06
C ASP CA 106 34.74 50.86 -60.13
N GLU CA 107 33.45 50.94 -59.81
CA GLU CA 107 32.38 50.43 -60.67
C GLU CA 107 31.90 51.52 -61.64
N ALA DA 1 -30.76 44.54 22.97
CA ALA DA 1 -31.84 43.93 23.80
C ALA DA 1 -32.19 42.50 23.34
N ALA DA 2 -31.24 41.59 23.58
CA ALA DA 2 -31.40 40.18 23.28
C ALA DA 2 -31.91 39.43 24.51
N LEU DA 3 -32.34 38.18 24.30
CA LEU DA 3 -32.90 37.37 25.39
C LEU DA 3 -31.82 36.98 26.39
N ARG DA 4 -31.91 37.57 27.59
CA ARG DA 4 -31.00 37.26 28.69
C ARG DA 4 -31.31 35.87 29.23
N PRO DA 5 -30.27 35.08 29.57
CA PRO DA 5 -30.55 33.84 30.28
C PRO DA 5 -30.79 34.09 31.77
N LEU DA 6 -31.45 33.13 32.40
CA LEU DA 6 -31.88 33.22 33.81
C LEU DA 6 -30.76 33.57 34.75
N VAL DA 7 -29.64 32.87 34.57
CA VAL DA 7 -28.47 33.07 35.38
C VAL DA 7 -27.26 33.04 34.44
N LYS DA 8 -26.41 34.05 34.56
CA LYS DA 8 -25.30 34.28 33.66
C LYS DA 8 -24.05 34.33 34.52
N PRO DA 9 -23.59 33.15 34.99
CA PRO DA 9 -22.43 33.10 35.85
C PRO DA 9 -21.15 33.19 35.03
N LYS DA 10 -20.03 33.25 35.74
CA LYS DA 10 -18.73 33.22 35.09
C LYS DA 10 -18.41 31.78 34.76
N ILE DA 11 -18.41 31.46 33.47
CA ILE DA 11 -17.82 30.21 32.99
C ILE DA 11 -16.33 30.38 33.18
N VAL DA 12 -15.66 29.31 33.60
CA VAL DA 12 -14.23 29.34 33.83
C VAL DA 12 -13.59 28.05 33.36
N LYS DA 13 -12.77 28.17 32.31
CA LYS DA 13 -12.28 27.02 31.60
C LYS DA 13 -10.86 26.68 32.03
N LYS DA 14 -10.60 25.39 32.19
CA LYS DA 14 -9.31 24.92 32.66
C LYS DA 14 -8.26 24.94 31.56
N ARG DA 15 -8.69 24.63 30.34
CA ARG DA 15 -7.79 24.61 29.23
C ARG DA 15 -8.53 25.03 28.00
N THR DA 16 -7.92 25.90 27.22
CA THR DA 16 -8.58 26.47 26.07
C THR DA 16 -8.08 25.90 24.75
N LYS DA 17 -6.78 25.68 24.62
CA LYS DA 17 -6.23 25.10 23.39
C LYS DA 17 -6.73 23.68 23.20
N LYS DA 18 -6.79 23.26 21.95
CA LYS DA 18 -7.10 21.88 21.64
C LYS DA 18 -5.89 21.04 22.05
N PHE DA 19 -6.15 19.89 22.66
CA PHE DA 19 -5.14 18.84 22.74
C PHE DA 19 -4.99 18.37 21.32
N ILE DA 20 -3.76 18.32 20.82
CA ILE DA 20 -3.51 17.80 19.50
C ILE DA 20 -2.67 16.58 19.61
N ARG DA 21 -2.66 15.85 18.52
CA ARG DA 21 -2.12 14.52 18.47
C ARG DA 21 -0.64 14.60 18.17
N HIS DA 22 0.11 13.73 18.83
CA HIS DA 22 1.56 13.71 18.71
C HIS DA 22 2.04 13.45 17.28
N GLN DA 23 2.87 14.38 16.79
CA GLN DA 23 3.43 14.36 15.45
C GLN DA 23 2.37 14.61 14.36
N SER DA 24 1.28 15.29 14.72
CA SER DA 24 0.29 15.72 13.73
C SER DA 24 0.81 16.94 12.97
N ASP DA 25 1.65 17.71 13.65
CA ASP DA 25 2.45 18.80 13.06
C ASP DA 25 3.37 18.35 11.93
N ARG DA 26 4.10 17.25 12.15
CA ARG DA 26 5.15 16.82 11.23
C ARG DA 26 4.61 16.19 9.96
N TYR DA 27 3.44 15.58 10.06
CA TYR DA 27 2.90 14.77 8.99
C TYR DA 27 1.48 15.21 8.59
N VAL DA 28 1.24 15.18 7.30
CA VAL DA 28 -0.08 15.51 6.76
C VAL DA 28 -0.98 14.28 6.92
N LYS DA 29 -0.40 13.08 6.95
CA LYS DA 29 -1.17 11.86 7.19
C LYS DA 29 -1.75 11.75 8.59
N ILE DA 30 -1.05 12.27 9.59
CA ILE DA 30 -1.61 12.32 10.93
C ILE DA 30 -2.53 13.55 11.02
N LYS DA 31 -3.71 13.35 11.61
CA LYS DA 31 -4.66 14.43 11.85
C LYS DA 31 -4.57 14.91 13.29
N ARG DA 32 -4.91 16.18 13.49
CA ARG DA 32 -4.95 16.79 14.83
C ARG DA 32 -5.71 15.98 15.86
N ASN DA 33 -6.77 15.29 15.43
CA ASN DA 33 -7.63 14.49 16.32
C ASN DA 33 -6.85 13.69 17.34
N TRP DA 34 -7.15 13.92 18.62
CA TRP DA 34 -6.36 13.34 19.69
C TRP DA 34 -6.34 11.84 19.59
N ARG DA 35 -5.18 11.28 19.88
CA ARG DA 35 -5.04 9.85 20.02
C ARG DA 35 -4.08 9.70 21.15
N LYS DA 36 -4.35 8.77 22.05
CA LYS DA 36 -3.40 8.49 23.11
C LYS DA 36 -2.27 7.72 22.46
N PRO DA 37 -1.02 8.04 22.82
CA PRO DA 37 0.07 7.25 22.28
C PRO DA 37 0.19 5.95 23.03
N ARG DA 38 0.55 4.89 22.33
CA ARG DA 38 0.77 3.61 22.99
C ARG DA 38 2.19 3.08 22.75
N GLY DA 39 3.09 3.96 22.31
CA GLY DA 39 4.46 3.60 22.00
C GLY DA 39 5.29 3.34 23.23
N ILE DA 40 6.20 2.40 23.10
CA ILE DA 40 6.91 1.83 24.26
C ILE DA 40 7.84 2.84 24.90
N ASP DA 41 8.53 3.59 24.05
CA ASP DA 41 9.19 4.82 24.42
C ASP DA 41 8.21 5.78 23.82
N ASN DA 42 7.80 6.81 24.54
CA ASN DA 42 7.10 7.94 23.93
C ASN DA 42 7.07 9.14 24.85
N ARG DA 43 8.03 10.04 24.63
CA ARG DA 43 8.10 11.34 25.26
C ARG DA 43 6.78 11.80 25.86
N VAL DA 44 5.75 11.76 25.03
CA VAL DA 44 4.42 12.22 25.40
C VAL DA 44 3.76 11.28 26.39
N ARG DA 45 3.65 10.00 26.04
CA ARG DA 45 2.82 9.05 26.80
C ARG DA 45 3.42 8.78 28.17
N ARG DA 46 4.71 9.04 28.33
CA ARG DA 46 5.33 9.00 29.64
C ARG DA 46 5.66 10.39 30.21
N ARG DA 47 4.85 11.37 29.83
CA ARG DA 47 4.75 12.64 30.52
C ARG DA 47 6.06 13.40 30.77
N PHE DA 48 6.96 13.45 29.78
CA PHE DA 48 8.18 14.27 29.95
C PHE DA 48 7.87 15.75 30.03
N LYS DA 49 8.87 16.49 30.47
CA LYS DA 49 8.85 17.94 30.56
C LYS DA 49 9.05 18.53 29.16
N GLY DA 50 8.18 19.48 28.78
CA GLY DA 50 8.26 20.16 27.49
C GLY DA 50 7.48 19.57 26.32
N GLN DA 51 6.59 18.62 26.58
CA GLN DA 51 5.90 17.90 25.50
C GLN DA 51 4.43 18.26 25.38
N ILE DA 52 3.78 17.71 24.37
CA ILE DA 52 2.36 17.93 24.18
C ILE DA 52 1.61 17.24 25.30
N LEU DA 53 0.52 17.84 25.70
CA LEU DA 53 -0.19 17.40 26.89
C LEU DA 53 -1.15 16.30 26.55
N MET DA 54 -1.43 15.49 27.55
CA MET DA 54 -2.37 14.41 27.41
C MET DA 54 -3.62 14.83 28.15
N PRO DA 55 -4.79 14.68 27.51
CA PRO DA 55 -6.07 14.94 28.16
C PRO DA 55 -6.39 13.96 29.28
N ASN DA 56 -6.76 14.48 30.44
CA ASN DA 56 -7.35 13.72 31.52
C ASN DA 56 -8.71 14.24 31.88
N ILE DA 57 -9.39 13.46 32.71
CA ILE DA 57 -10.61 13.91 33.35
C ILE DA 57 -10.34 15.06 34.34
N GLY DA 58 -9.08 15.23 34.76
CA GLY DA 58 -8.64 16.44 35.43
C GLY DA 58 -9.04 17.76 34.79
N TYR DA 59 -8.94 17.88 33.46
CA TYR DA 59 -9.30 19.13 32.78
C TYR DA 59 -10.81 19.42 32.75
N GLY DA 60 -11.61 18.52 33.32
CA GLY DA 60 -13.05 18.56 33.16
C GLY DA 60 -13.71 19.86 33.55
N SER DA 61 -14.82 20.15 32.88
CA SER DA 61 -15.55 21.37 33.09
C SER DA 61 -16.34 21.27 34.38
N ASN DA 62 -16.61 22.42 34.97
CA ASN DA 62 -17.49 22.54 36.11
C ASN DA 62 -18.92 22.25 35.68
N LYS DA 63 -19.61 21.44 36.48
CA LYS DA 63 -20.91 20.93 36.08
C LYS DA 63 -22.00 21.99 35.90
N LYS DA 64 -21.89 23.10 36.62
CA LYS DA 64 -22.85 24.20 36.47
C LYS DA 64 -22.81 24.79 35.06
N THR DA 65 -21.60 24.98 34.55
CA THR DA 65 -21.37 25.67 33.29
C THR DA 65 -20.84 24.77 32.17
N LYS DA 66 -20.95 23.45 32.33
CA LYS DA 66 -20.62 22.52 31.26
C LYS DA 66 -21.68 22.62 30.17
N HIS DA 67 -21.23 22.71 28.92
CA HIS DA 67 -22.09 22.93 27.74
C HIS DA 67 -22.74 24.30 27.65
N MET DA 68 -22.35 25.20 28.56
CA MET DA 68 -22.87 26.54 28.59
C MET DA 68 -22.17 27.32 27.51
N LEU DA 69 -22.96 27.89 26.60
CA LEU DA 69 -22.43 28.78 25.56
C LEU DA 69 -21.93 30.06 26.24
N PRO DA 70 -21.15 30.88 25.52
CA PRO DA 70 -20.71 32.17 26.09
C PRO DA 70 -21.89 33.03 26.57
N SER DA 71 -22.93 33.09 25.73
CA SER DA 71 -24.17 33.80 26.02
C SER DA 71 -24.87 33.38 27.32
N GLY DA 72 -24.64 32.14 27.75
CA GLY DA 72 -25.17 31.62 29.01
C GLY DA 72 -26.11 30.44 28.80
N PHE DA 73 -26.60 30.29 27.58
CA PHE DA 73 -27.52 29.20 27.26
C PHE DA 73 -26.78 27.90 26.99
N ARG DA 74 -27.54 26.83 26.85
CA ARG DA 74 -27.07 25.62 26.20
C ARG DA 74 -27.81 25.59 24.90
N LYS DA 75 -27.16 25.08 23.85
CA LYS DA 75 -27.83 24.78 22.58
C LYS DA 75 -28.94 23.75 22.77
N PHE DA 76 -29.89 23.75 21.84
CA PHE DA 76 -30.71 22.56 21.59
C PHE DA 76 -31.08 22.63 20.13
N LEU DA 77 -30.65 21.63 19.38
CA LEU DA 77 -30.74 21.67 17.94
C LEU DA 77 -32.18 21.37 17.49
N VAL DA 78 -32.94 22.44 17.27
CA VAL DA 78 -34.28 22.37 16.71
C VAL DA 78 -34.20 21.98 15.23
N HIS DA 79 -35.15 21.14 14.81
CA HIS DA 79 -35.21 20.58 13.45
C HIS DA 79 -36.42 21.08 12.64
N ASN DA 80 -37.57 21.30 13.28
CA ASN DA 80 -38.72 22.01 12.69
C ASN DA 80 -39.46 22.82 13.76
N VAL DA 81 -40.61 23.40 13.44
CA VAL DA 81 -41.33 24.25 14.41
C VAL DA 81 -41.85 23.49 15.61
N LYS DA 82 -42.61 22.42 15.37
CA LYS DA 82 -43.13 21.55 16.43
C LYS DA 82 -42.07 21.20 17.49
N GLU DA 83 -40.86 20.96 17.03
CA GLU DA 83 -39.74 20.62 17.91
C GLU DA 83 -39.32 21.76 18.84
N LEU DA 84 -39.55 23.01 18.42
CA LEU DA 84 -39.30 24.20 19.28
C LEU DA 84 -40.12 24.22 20.55
N GLU DA 85 -41.42 24.00 20.41
CA GLU DA 85 -42.39 24.22 21.49
C GLU DA 85 -42.03 23.49 22.78
N VAL DA 86 -41.18 22.48 22.67
CA VAL DA 86 -40.45 21.91 23.81
C VAL DA 86 -39.85 22.98 24.72
N LEU DA 87 -39.01 23.83 24.13
CA LEU DA 87 -38.23 24.81 24.87
C LEU DA 87 -39.05 25.89 25.56
N LEU DA 88 -40.29 26.10 25.11
CA LEU DA 88 -41.27 27.00 25.74
C LEU DA 88 -41.09 27.26 27.24
N MET DA 89 -40.96 26.17 28.01
CA MET DA 89 -40.86 26.26 29.47
C MET DA 89 -39.42 26.31 30.01
N CYS DA 90 -38.42 26.29 29.12
CA CYS DA 90 -37.02 26.51 29.49
C CYS DA 90 -36.64 27.94 29.16
N ASN DA 91 -36.71 28.26 27.86
CA ASN DA 91 -36.25 29.53 27.27
C ASN DA 91 -35.17 30.36 27.99
N LYS DA 92 -35.34 30.59 29.28
CA LYS DA 92 -34.31 31.25 30.10
C LYS DA 92 -33.02 30.44 30.32
N SER DA 93 -33.02 29.15 29.99
CA SER DA 93 -31.82 28.32 30.16
C SER DA 93 -31.34 27.62 28.90
N TYR DA 94 -32.22 27.38 27.93
CA TYR DA 94 -31.82 26.76 26.66
C TYR DA 94 -32.26 27.65 25.52
N CYS DA 95 -31.45 27.64 24.47
CA CYS DA 95 -31.74 28.37 23.25
C CYS DA 95 -31.97 27.35 22.16
N ALA DA 96 -32.32 27.84 20.99
CA ALA DA 96 -32.58 27.00 19.85
C ALA DA 96 -31.54 27.25 18.76
N GLU DA 97 -30.82 26.20 18.38
CA GLU DA 97 -30.10 26.18 17.12
C GLU DA 97 -31.05 25.62 16.10
N ILE DA 98 -30.99 26.15 14.88
CA ILE DA 98 -31.73 25.60 13.76
C ILE DA 98 -30.70 24.79 12.95
N ALA DA 99 -31.14 23.72 12.30
CA ALA DA 99 -30.22 22.82 11.61
C ALA DA 99 -29.73 23.36 10.26
N HIS DA 100 -28.55 22.90 9.83
CA HIS DA 100 -27.95 23.31 8.54
C HIS DA 100 -28.90 22.91 7.44
N ASN DA 101 -29.33 21.65 7.46
CA ASN DA 101 -30.15 21.11 6.36
C ASN DA 101 -31.59 21.65 6.19
N VAL DA 102 -32.03 22.56 7.07
CA VAL DA 102 -33.40 23.11 7.04
C VAL DA 102 -33.53 24.20 5.98
N SER DA 103 -34.63 24.21 5.23
CA SER DA 103 -34.77 25.13 4.08
C SER DA 103 -35.01 26.57 4.47
N SER DA 104 -34.56 27.49 3.61
CA SER DA 104 -34.62 28.93 3.90
C SER DA 104 -36.05 29.52 3.97
N LYS DA 105 -37.06 28.76 3.54
CA LYS DA 105 -38.46 29.16 3.77
C LYS DA 105 -38.90 28.87 5.20
N ASN DA 106 -38.64 27.65 5.68
CA ASN DA 106 -39.14 27.21 6.98
C ASN DA 106 -38.15 27.45 8.11
N ARG DA 107 -36.91 27.81 7.75
CA ARG DA 107 -35.99 28.48 8.67
C ARG DA 107 -36.68 29.72 9.21
N LYS DA 108 -37.31 30.47 8.29
CA LYS DA 108 -38.02 31.70 8.63
C LYS DA 108 -39.20 31.43 9.55
N ALA DA 109 -39.99 30.42 9.20
CA ALA DA 109 -41.15 29.99 9.98
C ALA DA 109 -40.84 29.62 11.43
N ILE DA 110 -39.70 28.96 11.64
CA ILE DA 110 -39.20 28.68 12.98
C ILE DA 110 -38.87 29.98 13.69
N VAL DA 111 -38.04 30.80 13.07
CA VAL DA 111 -37.49 31.97 13.76
C VAL DA 111 -38.60 32.85 14.36
N GLU DA 112 -39.66 33.16 13.60
CA GLU DA 112 -40.72 34.04 14.11
C GLU DA 112 -41.52 33.41 15.24
N ARG DA 113 -41.68 32.08 15.19
CA ARG DA 113 -42.36 31.34 16.25
C ARG DA 113 -41.56 31.39 17.55
N ALA DA 114 -40.25 31.24 17.44
CA ALA DA 114 -39.37 31.32 18.61
C ALA DA 114 -39.41 32.71 19.21
N ALA DA 115 -39.61 33.70 18.34
CA ALA DA 115 -39.75 35.09 18.74
C ALA DA 115 -41.04 35.37 19.51
N GLN DA 116 -42.13 34.66 19.18
CA GLN DA 116 -43.34 34.72 20.00
C GLN DA 116 -43.05 34.16 21.40
N LEU DA 117 -42.51 32.95 21.43
CA LEU DA 117 -42.28 32.22 22.69
C LEU DA 117 -41.08 32.72 23.48
N ALA DA 118 -40.35 33.70 22.94
CA ALA DA 118 -39.15 34.27 23.56
C ALA DA 118 -37.99 33.29 23.75
N ILE DA 119 -37.92 32.27 22.89
CA ILE DA 119 -36.80 31.35 22.89
C ILE DA 119 -35.74 32.00 22.02
N ARG DA 120 -34.52 32.15 22.55
CA ARG DA 120 -33.42 32.76 21.80
C ARG DA 120 -32.90 31.79 20.74
N VAL DA 121 -32.66 32.29 19.55
CA VAL DA 121 -32.17 31.47 18.44
C VAL DA 121 -30.69 31.77 18.25
N THR DA 122 -29.91 30.73 18.02
CA THR DA 122 -28.44 30.84 17.93
C THR DA 122 -27.90 30.95 16.50
N ASN DA 123 -28.75 30.84 15.49
CA ASN DA 123 -28.34 31.15 14.12
C ASN DA 123 -29.48 31.71 13.27
N PRO DA 124 -30.10 32.79 13.73
CA PRO DA 124 -31.28 33.28 13.04
C PRO DA 124 -30.92 34.12 11.82
N ASN DA 125 -30.28 35.28 12.02
CA ASN DA 125 -29.80 36.12 10.93
C ASN DA 125 -28.77 35.34 10.12
N ALA DA 126 -29.25 34.59 9.12
CA ALA DA 126 -28.36 33.71 8.35
C ALA DA 126 -28.82 33.40 6.92
N ARG DA 127 -29.81 32.54 6.73
CA ARG DA 127 -30.02 31.92 5.41
C ARG DA 127 -30.48 32.95 4.36
N LEU DA 128 -31.57 33.65 4.63
CA LEU DA 128 -32.00 34.83 3.86
C LEU DA 128 -32.12 34.54 2.35
N SER EA 1 3.92 68.12 37.45
CA SER EA 1 4.76 68.58 36.29
C SER EA 1 6.06 67.79 36.08
N GLY EA 2 6.35 66.82 36.96
CA GLY EA 2 7.43 65.87 36.77
C GLY EA 2 6.96 64.44 36.93
N ARG EA 3 7.86 63.60 37.43
CA ARG EA 3 7.70 62.15 37.48
C ARG EA 3 7.14 61.73 38.83
N LEU EA 4 5.98 61.08 38.83
CA LEU EA 4 5.36 60.57 40.06
C LEU EA 4 5.42 59.05 40.14
N TRP EA 5 6.52 58.48 39.67
CA TRP EA 5 6.72 57.04 39.77
C TRP EA 5 8.20 56.69 39.85
N CYS EA 6 8.49 55.74 40.74
CA CYS EA 6 9.84 55.30 40.97
C CYS EA 6 10.16 54.28 39.88
N LYS EA 7 11.37 54.38 39.37
CA LYS EA 7 11.83 53.54 38.27
C LYS EA 7 12.08 52.13 38.73
N ALA EA 8 11.85 51.18 37.83
CA ALA EA 8 12.22 49.80 38.10
C ALA EA 8 12.38 49.03 36.82
N ILE EA 9 13.27 48.04 36.86
CA ILE EA 9 13.56 47.21 35.72
C ILE EA 9 12.91 45.89 35.94
N PHE EA 10 12.38 45.33 34.86
CA PHE EA 10 11.83 44.01 34.85
C PHE EA 10 12.96 43.02 34.76
N ALA EA 11 13.27 42.37 35.88
CA ALA EA 11 14.40 41.46 35.94
C ALA EA 11 14.16 40.24 35.06
N GLY EA 12 12.93 39.75 35.11
CA GLY EA 12 12.54 38.50 34.48
C GLY EA 12 11.54 37.80 35.36
N TYR EA 13 11.10 36.62 34.94
CA TYR EA 13 10.04 35.94 35.68
C TYR EA 13 10.62 35.27 36.92
N LYS EA 14 9.77 35.11 37.94
CA LYS EA 14 10.03 34.15 39.00
C LYS EA 14 10.23 32.82 38.32
N ARG EA 15 11.33 32.17 38.67
CA ARG EA 15 11.73 30.96 37.98
C ARG EA 15 12.65 30.20 38.87
N GLY EA 16 12.56 28.88 38.81
CA GLY EA 16 13.68 28.03 39.21
C GLY EA 16 14.66 28.11 38.07
N LEU EA 17 15.82 27.50 38.25
CA LEU EA 17 16.80 27.42 37.17
C LEU EA 17 16.16 27.07 35.82
N ARG EA 18 15.42 25.96 35.81
CA ARG EA 18 14.96 25.33 34.57
C ARG EA 18 13.43 25.23 34.45
N ASN EA 19 12.68 25.98 35.27
CA ASN EA 19 11.23 26.11 35.13
C ASN EA 19 10.84 27.54 35.46
N GLN EA 20 10.60 28.34 34.43
CA GLN EA 20 10.20 29.71 34.67
C GLN EA 20 8.69 29.74 34.87
N ARG EA 21 8.28 30.46 35.91
CA ARG EA 21 6.88 30.54 36.31
C ARG EA 21 6.38 31.90 35.93
N GLU EA 22 5.83 31.97 34.72
CA GLU EA 22 5.67 33.22 33.98
C GLU EA 22 4.72 34.20 34.64
N HIS EA 23 3.79 33.67 35.42
CA HIS EA 23 2.77 34.47 36.12
C HIS EA 23 3.26 35.40 37.24
N THR EA 24 4.56 35.42 37.53
CA THR EA 24 5.13 36.27 38.57
C THR EA 24 6.40 36.98 38.08
N ALA EA 25 6.30 38.28 37.81
CA ALA EA 25 7.47 39.08 37.47
C ALA EA 25 8.39 39.29 38.66
N LEU EA 26 9.66 39.53 38.37
CA LEU EA 26 10.60 40.04 39.38
C LEU EA 26 11.09 41.42 38.98
N LEU EA 27 11.18 42.30 39.97
CA LEU EA 27 11.31 43.72 39.74
C LEU EA 27 12.45 44.29 40.54
N LYS EA 28 13.46 44.78 39.82
CA LYS EA 28 14.63 45.42 40.43
C LYS EA 28 14.35 46.90 40.55
N ILE EA 29 13.86 47.31 41.73
CA ILE EA 29 13.42 48.67 41.92
C ILE EA 29 14.66 49.50 42.11
N GLU EA 30 14.74 50.62 41.41
CA GLU EA 30 15.96 51.41 41.36
C GLU EA 30 16.22 52.08 42.71
N GLY EA 31 17.43 51.85 43.21
CA GLY EA 31 17.88 52.46 44.45
C GLY EA 31 17.65 51.66 45.70
N VAL EA 32 17.07 50.46 45.58
CA VAL EA 32 16.73 49.63 46.75
C VAL EA 32 17.38 48.26 46.58
N TYR EA 33 18.18 47.85 47.55
CA TYR EA 33 18.97 46.61 47.45
C TYR EA 33 19.09 45.86 48.78
N ALA EA 34 18.00 45.81 49.55
CA ALA EA 34 17.98 45.11 50.82
C ALA EA 34 16.56 44.70 51.20
N ARG EA 35 16.35 43.45 51.61
CA ARG EA 35 15.00 42.97 52.00
C ARG EA 35 14.61 43.64 53.32
N ASP EA 36 14.48 44.96 53.22
CA ASP EA 36 14.65 45.90 54.33
C ASP EA 36 14.23 47.27 53.84
N GLU EA 37 14.84 47.67 52.73
CA GLU EA 37 14.52 48.91 52.02
C GLU EA 37 13.19 48.81 51.26
N THR EA 38 12.50 47.67 51.35
CA THR EA 38 11.49 47.28 50.37
C THR EA 38 10.09 47.10 50.97
N GLU EA 39 9.90 47.50 52.24
CA GLU EA 39 8.56 47.48 52.86
C GLU EA 39 7.78 48.71 52.42
N PHE EA 40 8.48 49.72 51.90
CA PHE EA 40 7.83 50.83 51.22
C PHE EA 40 7.00 50.32 50.06
N TYR EA 41 7.61 49.50 49.22
CA TYR EA 41 7.04 49.17 47.93
C TYR EA 41 6.03 48.05 47.92
N LEU EA 42 5.83 47.38 49.05
CA LEU EA 42 4.84 46.30 49.08
C LEU EA 42 3.41 46.78 48.91
N GLY EA 43 2.79 46.28 47.84
CA GLY EA 43 1.41 46.56 47.52
C GLY EA 43 1.21 47.84 46.71
N LYS EA 44 2.23 48.25 45.97
CA LYS EA 44 2.13 49.44 45.15
C LYS EA 44 1.73 49.05 43.74
N ARG EA 45 1.05 49.96 43.05
CA ARG EA 45 0.52 49.72 41.71
C ARG EA 45 1.70 49.87 40.80
N CYS EA 46 1.76 49.07 39.74
CA CYS EA 46 2.88 49.16 38.80
C CYS EA 46 2.48 48.87 37.36
N ALA EA 47 3.11 49.61 36.45
CA ALA EA 47 2.71 49.66 35.06
C ALA EA 47 3.85 49.28 34.14
N TYR EA 48 3.62 48.25 33.34
CA TYR EA 48 4.39 48.02 32.12
C TYR EA 48 3.71 48.86 31.06
N VAL EA 49 4.43 49.87 30.55
CA VAL EA 49 3.82 50.90 29.72
C VAL EA 49 4.52 50.97 28.39
N TYR EA 50 3.78 50.67 27.34
CA TYR EA 50 4.36 50.35 26.05
C TYR EA 50 3.41 50.80 24.98
N LYS EA 51 3.94 51.07 23.80
CA LYS EA 51 3.11 51.56 22.70
C LYS EA 51 3.15 50.63 21.51
N ALA EA 52 2.07 50.69 20.75
CA ALA EA 52 1.81 49.72 19.69
C ALA EA 52 1.12 50.35 18.50
N LYS EA 53 1.25 49.67 17.37
CA LYS EA 53 0.81 50.19 16.09
C LYS EA 53 -0.58 50.83 16.13
N ASN EA 54 -1.61 50.01 16.38
CA ASN EA 54 -2.98 50.49 16.30
C ASN EA 54 -3.30 51.37 17.48
N ASN EA 55 -4.26 52.27 17.28
CA ASN EA 55 -4.69 53.19 18.32
C ASN EA 55 -5.59 52.50 19.34
N THR EA 56 -5.68 53.12 20.51
CA THR EA 56 -6.46 52.59 21.61
C THR EA 56 -7.34 53.69 22.13
N VAL EA 57 -8.07 53.42 23.22
CA VAL EA 57 -8.72 54.49 23.96
C VAL EA 57 -7.73 55.01 25.00
N THR EA 58 -8.18 55.91 25.85
CA THR EA 58 -7.38 56.42 26.95
C THR EA 58 -8.28 57.08 27.98
N PRO EA 59 -8.29 56.58 29.24
CA PRO EA 59 -9.05 57.21 30.30
C PRO EA 59 -8.78 58.70 30.43
N GLY EA 60 -9.84 59.51 30.33
CA GLY EA 60 -9.74 60.95 30.38
C GLY EA 60 -8.76 61.49 29.35
N GLY EA 61 -8.91 61.03 28.11
CA GLY EA 61 -8.01 61.43 27.04
C GLY EA 61 -8.45 60.95 25.69
N LYS EA 62 -7.91 61.57 24.64
CA LYS EA 62 -8.17 61.12 23.28
C LYS EA 62 -7.38 59.84 23.01
N PRO EA 63 -7.85 59.02 22.05
CA PRO EA 63 -7.18 57.82 21.56
C PRO EA 63 -5.68 57.91 21.27
N ASN EA 64 -4.94 56.94 21.80
CA ASN EA 64 -3.48 56.94 21.85
C ASN EA 64 -2.90 55.67 21.24
N LYS EA 65 -1.58 55.64 21.11
CA LYS EA 65 -0.85 54.42 20.74
C LYS EA 65 -0.21 53.69 21.92
N THR EA 66 -0.14 54.34 23.08
CA THR EA 66 0.38 53.69 24.29
C THR EA 66 -0.67 52.82 24.99
N ARG EA 67 -0.19 51.71 25.55
CA ARG EA 67 -0.99 50.71 26.25
C ARG EA 67 -0.30 50.35 27.53
N VAL EA 68 -1.03 49.89 28.55
CA VAL EA 68 -0.35 49.34 29.72
C VAL EA 68 -0.97 48.09 30.30
N ILE EA 69 -0.11 47.35 30.98
CA ILE EA 69 -0.46 46.15 31.71
C ILE EA 69 -0.24 46.52 33.15
N TRP EA 70 -1.31 46.53 33.92
CA TRP EA 70 -1.22 46.90 35.33
C TRP EA 70 -0.87 45.72 36.19
N GLY EA 71 -0.19 46.01 37.29
CA GLY EA 71 0.15 44.99 38.26
C GLY EA 71 0.41 45.58 39.62
N LYS EA 72 0.98 44.75 40.48
CA LYS EA 72 1.06 45.03 41.88
C LYS EA 72 2.26 44.30 42.49
N VAL EA 73 3.14 45.07 43.13
CA VAL EA 73 4.25 44.50 43.88
C VAL EA 73 3.70 43.78 45.09
N THR EA 74 4.00 42.50 45.21
CA THR EA 74 3.41 41.65 46.25
C THR EA 74 4.33 41.51 47.44
N ARG EA 75 5.55 41.07 47.19
CA ARG EA 75 6.49 40.76 48.26
C ARG EA 75 7.93 40.85 47.83
N ALA EA 76 8.80 40.87 48.83
CA ALA EA 76 10.21 41.07 48.60
C ALA EA 76 10.88 39.77 48.22
N HIS EA 77 11.72 39.82 47.19
CA HIS EA 77 12.33 38.62 46.61
C HIS EA 77 13.82 38.61 46.87
N GLY EA 78 14.23 37.88 47.88
CA GLY EA 78 15.64 37.62 48.13
C GLY EA 78 16.54 38.78 48.50
N ASN EA 79 16.85 38.89 49.79
CA ASN EA 79 17.94 39.70 50.35
C ASN EA 79 18.31 41.02 49.69
N SER EA 80 18.78 40.97 48.44
CA SER EA 80 19.27 42.15 47.74
C SER EA 80 18.18 43.02 47.09
N GLY EA 81 17.03 43.14 47.74
CA GLY EA 81 16.05 44.17 47.37
C GLY EA 81 15.45 44.08 45.98
N MET EA 82 15.41 42.88 45.43
CA MET EA 82 14.56 42.59 44.30
C MET EA 82 13.16 42.48 44.90
N VAL EA 83 12.14 42.58 44.06
CA VAL EA 83 10.77 42.51 44.55
C VAL EA 83 9.95 41.68 43.57
N ARG EA 84 8.98 40.92 44.09
CA ARG EA 84 8.03 40.20 43.24
C ARG EA 84 6.87 41.09 42.88
N ALA EA 85 6.44 40.98 41.64
CA ALA EA 85 5.23 41.60 41.17
C ALA EA 85 4.30 40.54 40.62
N LYS EA 86 3.07 40.95 40.36
CA LYS EA 86 2.10 40.10 39.71
C LYS EA 86 1.18 41.01 38.92
N PHE EA 87 1.02 40.71 37.64
CA PHE EA 87 0.37 41.62 36.71
C PHE EA 87 -0.94 41.05 36.19
N ARG EA 88 -1.86 41.94 35.83
CA ARG EA 88 -3.21 41.56 35.46
C ARG EA 88 -3.24 40.67 34.22
N SER EA 89 -2.21 40.79 33.39
CA SER EA 89 -1.78 39.74 32.47
C SER EA 89 -0.30 39.51 32.75
N ASN EA 90 0.25 38.39 32.30
CA ASN EA 90 1.70 38.15 32.44
C ASN EA 90 2.47 39.11 31.55
N LEU EA 91 3.68 39.47 31.95
CA LEU EA 91 4.47 40.39 31.14
C LEU EA 91 5.04 39.66 29.91
N PRO EA 92 5.22 40.39 28.79
CA PRO EA 92 5.57 39.85 27.46
C PRO EA 92 6.84 39.06 27.21
N ALA EA 93 7.91 39.32 27.97
CA ALA EA 93 9.28 38.80 27.72
C ALA EA 93 10.07 39.69 26.75
N LYS EA 94 9.39 40.16 25.70
CA LYS EA 94 9.82 41.38 25.00
C LYS EA 94 10.25 42.43 26.03
N ALA EA 95 9.51 42.48 27.14
CA ALA EA 95 9.71 43.42 28.24
C ALA EA 95 11.01 43.29 29.04
N ILE EA 96 11.75 42.20 28.91
CA ILE EA 96 12.88 41.97 29.80
C ILE EA 96 13.93 43.08 29.64
N GLY EA 97 14.42 43.55 30.77
CA GLY EA 97 15.41 44.61 30.81
C GLY EA 97 14.89 45.96 30.40
N HIS EA 98 13.58 46.18 30.54
CA HIS EA 98 12.95 47.47 30.25
C HIS EA 98 12.30 48.05 31.48
N ARG EA 99 11.90 49.31 31.35
CA ARG EA 99 11.24 50.06 32.42
C ARG EA 99 9.89 49.44 32.75
N ILE EA 100 9.59 49.32 34.04
CA ILE EA 100 8.20 49.33 34.52
C ILE EA 100 8.12 50.30 35.71
N ARG EA 101 7.02 51.02 35.77
CA ARG EA 101 6.87 52.16 36.66
C ARG EA 101 6.24 51.63 37.91
N VAL EA 102 6.89 51.82 39.06
CA VAL EA 102 6.27 51.47 40.34
C VAL EA 102 5.75 52.79 40.89
N MET EA 103 4.43 52.86 41.09
CA MET EA 103 3.76 54.10 41.43
C MET EA 103 3.97 54.33 42.91
N LEU EA 104 3.33 55.36 43.46
CA LEU EA 104 3.31 55.56 44.91
C LEU EA 104 1.95 55.22 45.52
N TYR EA 105 0.96 54.93 44.68
CA TYR EA 105 -0.40 55.34 45.02
C TYR EA 105 -1.41 54.36 45.62
N PRO EA 106 -0.95 53.25 46.16
CA PRO EA 106 -1.74 52.61 47.21
C PRO EA 106 -1.15 52.90 48.60
N SER EA 107 -0.79 54.17 48.82
CA SER EA 107 0.12 54.56 49.88
C SER EA 107 -0.36 54.20 51.28
N ARG EA 108 0.60 53.91 52.15
CA ARG EA 108 0.38 53.67 53.56
C ARG EA 108 1.17 54.70 54.38
N ILE EA 109 1.49 55.82 53.75
CA ILE EA 109 2.48 56.77 54.26
C ILE EA 109 1.75 58.02 54.78
N VAL FA 1 34.23 -4.73 -62.59
CA VAL FA 1 33.81 -6.05 -63.14
C VAL FA 1 32.38 -6.39 -62.76
N GLN FA 2 31.64 -6.93 -63.72
CA GLN FA 2 30.28 -7.41 -63.50
C GLN FA 2 30.32 -8.63 -62.59
N ARG FA 3 29.94 -8.42 -61.33
CA ARG FA 3 29.63 -9.53 -60.43
C ARG FA 3 28.22 -9.97 -60.75
N LEU FA 4 27.79 -11.10 -60.18
CA LEU FA 4 26.48 -11.66 -60.52
C LEU FA 4 25.86 -12.47 -59.40
N THR FA 5 24.59 -12.79 -59.57
CA THR FA 5 23.80 -13.48 -58.57
C THR FA 5 23.27 -14.76 -59.15
N TYR FA 6 22.94 -15.69 -58.27
CA TYR FA 6 22.15 -16.85 -58.64
C TYR FA 6 20.78 -16.42 -59.12
N ARG FA 7 20.20 -17.25 -59.97
CA ARG FA 7 18.93 -16.95 -60.64
C ARG FA 7 17.74 -17.65 -60.00
N ARG FA 8 18.00 -18.50 -59.03
CA ARG FA 8 16.99 -19.29 -58.36
C ARG FA 8 17.10 -19.01 -56.86
N ARG FA 9 16.06 -19.35 -56.10
CA ARG FA 9 16.08 -19.16 -54.64
C ARG FA 9 17.02 -20.12 -53.89
N LEU FA 10 17.74 -21.01 -54.59
CA LEU FA 10 18.73 -21.86 -53.93
C LEU FA 10 20.01 -21.05 -53.81
N SER FA 11 20.34 -20.69 -52.58
CA SER FA 11 21.46 -19.84 -52.29
C SER FA 11 22.76 -20.63 -52.23
N TYR FA 12 22.66 -21.84 -51.69
CA TYR FA 12 23.82 -22.67 -51.36
C TYR FA 12 24.41 -23.30 -52.61
N ASN FA 13 25.74 -23.38 -52.64
CA ASN FA 13 26.45 -24.00 -53.76
C ASN FA 13 26.52 -25.52 -53.56
N THR FA 14 25.75 -26.25 -54.34
CA THR FA 14 25.46 -27.64 -54.06
C THR FA 14 25.61 -28.43 -55.34
N ALA FA 15 25.37 -29.74 -55.27
CA ALA FA 15 25.31 -30.59 -56.47
C ALA FA 15 24.19 -30.15 -57.42
N SER FA 16 23.10 -29.69 -56.83
CA SER FA 16 21.97 -29.22 -57.58
C SER FA 16 22.16 -27.83 -58.20
N ASN FA 17 22.95 -26.97 -57.58
CA ASN FA 17 22.99 -25.54 -57.93
C ASN FA 17 24.21 -25.12 -58.76
N LYS FA 18 24.68 -26.00 -59.64
CA LYS FA 18 25.88 -25.73 -60.41
C LYS FA 18 25.59 -24.93 -61.66
N THR FA 19 26.55 -24.12 -62.06
CA THR FA 19 26.34 -23.01 -62.97
C THR FA 19 27.36 -22.98 -64.07
N ARG FA 20 27.21 -21.99 -64.94
CA ARG FA 20 28.30 -21.51 -65.77
C ARG FA 20 28.04 -20.09 -66.25
N LEU FA 21 29.12 -19.38 -66.58
CA LEU FA 21 29.00 -18.02 -67.08
C LEU FA 21 28.68 -18.05 -68.55
N SER FA 22 27.80 -17.15 -68.98
CA SER FA 22 27.49 -16.97 -70.40
C SER FA 22 27.26 -15.51 -70.75
N ARG FA 23 27.82 -15.07 -71.88
CA ARG FA 23 27.53 -13.74 -72.39
C ARG FA 23 26.32 -13.84 -73.27
N THR FA 24 25.33 -13.00 -73.01
CA THR FA 24 24.11 -12.99 -73.80
C THR FA 24 24.29 -12.08 -75.00
N PRO FA 25 23.30 -12.04 -75.90
CA PRO FA 25 23.21 -10.99 -76.89
C PRO FA 25 23.00 -9.59 -76.32
N GLY FA 26 22.39 -9.50 -75.14
CA GLY FA 26 22.30 -8.22 -74.45
C GLY FA 26 23.60 -7.69 -73.89
N ASN FA 27 24.67 -8.49 -73.94
CA ASN FA 27 25.99 -8.10 -73.50
C ASN FA 27 25.96 -7.91 -71.98
N ARG FA 28 25.52 -8.96 -71.29
CA ARG FA 28 25.63 -9.05 -69.84
C ARG FA 28 25.95 -10.48 -69.48
N ILE FA 29 26.97 -10.68 -68.65
CA ILE FA 29 27.32 -12.00 -68.19
C ILE FA 29 26.21 -12.44 -67.25
N VAL FA 30 25.72 -13.65 -67.49
CA VAL FA 30 24.60 -14.19 -66.78
C VAL FA 30 24.91 -15.64 -66.43
N TYR FA 31 24.44 -16.07 -65.27
CA TYR FA 31 24.55 -17.47 -64.92
C TYR FA 31 23.53 -18.27 -65.72
N LEU FA 32 24.00 -19.38 -66.29
CA LEU FA 32 23.13 -20.45 -66.74
C LEU FA 32 23.38 -21.62 -65.83
N TYR FA 33 22.31 -22.27 -65.39
CA TYR FA 33 22.46 -23.48 -64.59
C TYR FA 33 22.71 -24.68 -65.46
N THR FA 34 23.62 -25.52 -64.99
CA THR FA 34 24.19 -26.62 -65.79
C THR FA 34 23.63 -27.99 -65.42
N LYS FA 35 23.54 -28.84 -66.42
CA LYS FA 35 23.01 -30.20 -66.28
C LYS FA 35 24.12 -31.11 -65.79
N LYS FA 36 23.79 -32.06 -64.90
CA LYS FA 36 24.79 -32.99 -64.34
C LYS FA 36 25.44 -33.85 -65.42
N VAL FA 37 26.65 -34.32 -65.12
CA VAL FA 37 27.45 -35.08 -66.09
C VAL FA 37 27.03 -36.55 -66.06
N GLY FA 38 26.52 -37.01 -67.19
CA GLY FA 38 26.13 -38.41 -67.35
C GLY FA 38 27.31 -39.32 -67.53
N LYS FA 39 27.14 -40.58 -67.14
CA LYS FA 39 28.17 -41.60 -67.26
C LYS FA 39 27.75 -42.66 -68.26
N ALA FA 40 28.73 -43.18 -68.99
CA ALA FA 40 28.53 -44.34 -69.83
C ALA FA 40 28.34 -45.53 -68.90
N PRO FA 41 27.60 -46.55 -69.35
CA PRO FA 41 27.39 -47.70 -68.48
C PRO FA 41 28.66 -48.53 -68.37
N LYS FA 42 28.91 -49.07 -67.19
CA LYS FA 42 30.04 -49.98 -66.99
C LYS FA 42 29.60 -51.40 -67.39
N SER FA 43 30.56 -52.29 -67.60
CA SER FA 43 30.27 -53.65 -68.12
C SER FA 43 29.58 -54.59 -67.14
N ALA FA 44 28.79 -55.51 -67.71
CA ALA FA 44 28.15 -56.58 -66.95
C ALA FA 44 29.14 -57.64 -66.46
N CYS FA 45 30.30 -57.71 -67.09
CA CYS FA 45 31.40 -58.56 -66.61
C CYS FA 45 31.78 -58.22 -65.16
N GLY FA 46 32.04 -56.93 -64.93
CA GLY FA 46 32.38 -56.43 -63.59
C GLY FA 46 33.86 -56.43 -63.21
N VAL FA 47 34.72 -56.92 -64.09
CA VAL FA 47 36.17 -56.83 -63.89
C VAL FA 47 36.75 -55.68 -64.70
N CYS FA 48 36.33 -55.54 -65.96
CA CYS FA 48 36.81 -54.46 -66.82
C CYS FA 48 36.39 -53.11 -66.24
N PRO FA 49 37.36 -52.32 -65.74
CA PRO FA 49 37.03 -51.07 -65.07
C PRO FA 49 36.54 -49.99 -66.03
N GLY FA 50 36.97 -50.05 -67.29
CA GLY FA 50 36.62 -49.06 -68.29
C GLY FA 50 35.17 -49.13 -68.73
N ARG FA 51 34.55 -47.96 -68.90
CA ARG FA 51 33.15 -47.86 -69.28
C ARG FA 51 32.96 -48.15 -70.77
N LEU FA 52 31.72 -48.40 -71.16
CA LEU FA 52 31.40 -48.91 -72.50
C LEU FA 52 31.48 -47.86 -73.62
N ARG FA 53 31.84 -48.33 -74.81
CA ARG FA 53 31.91 -47.51 -76.01
C ARG FA 53 30.56 -47.45 -76.72
N GLY FA 54 30.44 -46.46 -77.61
CA GLY FA 54 29.29 -46.34 -78.50
C GLY FA 54 27.96 -46.15 -77.80
N VAL FA 55 27.99 -45.55 -76.61
CA VAL FA 55 26.78 -45.24 -75.85
C VAL FA 55 26.87 -43.79 -75.41
N ARG FA 56 25.77 -43.05 -75.56
CA ARG FA 56 25.72 -41.65 -75.13
C ARG FA 56 25.63 -41.60 -73.63
N ALA FA 57 26.76 -41.30 -72.99
CA ALA FA 57 26.83 -41.08 -71.56
C ALA FA 57 26.02 -39.83 -71.20
N VAL FA 58 24.83 -40.08 -70.67
CA VAL FA 58 23.85 -39.03 -70.38
C VAL FA 58 23.04 -39.45 -69.16
N ARG FA 59 22.46 -38.46 -68.48
CA ARG FA 59 21.73 -38.69 -67.23
C ARG FA 59 20.55 -39.63 -67.46
N PRO FA 60 20.41 -40.70 -66.65
CA PRO FA 60 19.67 -41.90 -67.07
C PRO FA 60 18.22 -41.66 -67.48
N LYS FA 61 17.59 -40.66 -66.89
CA LYS FA 61 16.19 -40.35 -67.20
C LYS FA 61 16.04 -39.71 -68.59
N VAL FA 62 17.14 -39.25 -69.18
CA VAL FA 62 17.18 -38.88 -70.59
C VAL FA 62 16.99 -40.09 -71.51
N LEU FA 63 17.68 -41.20 -71.25
CA LEU FA 63 17.66 -42.36 -72.16
C LEU FA 63 16.31 -42.60 -72.83
N MET FA 64 15.26 -42.54 -72.02
CA MET FA 64 13.89 -42.29 -72.47
C MET FA 64 13.79 -41.62 -73.86
N ARG FA 65 14.33 -40.40 -73.97
CA ARG FA 65 14.28 -39.60 -75.20
C ARG FA 65 15.05 -40.25 -76.32
N LEU FA 66 16.29 -40.62 -76.02
CA LEU FA 66 17.23 -41.15 -77.02
C LEU FA 66 16.72 -42.28 -77.90
N SER FA 67 17.27 -42.32 -79.11
CA SER FA 67 17.05 -43.44 -80.02
C SER FA 67 17.80 -44.68 -79.57
N LYS FA 68 17.29 -45.83 -79.98
CA LYS FA 68 17.83 -47.12 -79.61
C LYS FA 68 19.30 -47.24 -79.96
N THR FA 69 19.68 -46.73 -81.12
CA THR FA 69 21.06 -46.87 -81.61
C THR FA 69 22.07 -46.18 -80.72
N LYS FA 70 21.73 -44.99 -80.21
CA LYS FA 70 22.57 -44.29 -79.23
C LYS FA 70 22.79 -45.11 -77.96
N LYS FA 71 21.72 -45.73 -77.50
CA LYS FA 71 21.74 -46.45 -76.24
C LYS FA 71 22.46 -47.79 -76.22
N HIS FA 72 22.88 -48.32 -77.37
CA HIS FA 72 23.50 -49.66 -77.39
C HIS FA 72 24.55 -49.82 -78.49
N VAL FA 73 24.86 -51.06 -78.86
CA VAL FA 73 25.73 -51.34 -79.99
C VAL FA 73 25.36 -52.66 -80.62
N SER FA 74 25.58 -52.76 -81.93
CA SER FA 74 25.24 -53.95 -82.69
C SER FA 74 26.23 -55.09 -82.41
N ARG FA 75 25.90 -55.85 -81.37
CA ARG FA 75 26.60 -57.08 -81.02
C ARG FA 75 25.70 -57.89 -80.09
N ALA FA 76 26.03 -59.15 -79.88
CA ALA FA 76 25.40 -59.91 -78.81
C ALA FA 76 25.95 -59.32 -77.51
N TYR FA 77 25.07 -59.10 -76.54
CA TYR FA 77 25.41 -58.36 -75.31
C TYR FA 77 25.82 -56.90 -75.59
N GLY FA 78 25.05 -56.25 -76.47
CA GLY FA 78 25.38 -54.92 -76.98
C GLY FA 78 25.03 -53.75 -76.08
N GLY FA 79 26.05 -53.06 -75.59
CA GLY FA 79 25.85 -51.93 -74.71
C GLY FA 79 25.51 -52.35 -73.28
N SER FA 80 25.59 -53.65 -73.01
CA SER FA 80 25.49 -54.19 -71.68
C SER FA 80 26.87 -54.64 -71.20
N MET FA 81 27.70 -55.12 -72.14
CA MET FA 81 28.93 -55.84 -71.82
C MET FA 81 30.00 -55.50 -72.84
N CYS FA 82 31.25 -55.34 -72.39
CA CYS FA 82 32.36 -55.03 -73.30
C CYS FA 82 32.67 -56.21 -74.20
N ALA FA 83 33.15 -55.93 -75.40
CA ALA FA 83 33.48 -56.96 -76.37
C ALA FA 83 34.41 -58.02 -75.78
N LYS FA 84 35.60 -57.63 -75.32
CA LYS FA 84 36.56 -58.58 -74.75
C LYS FA 84 35.89 -59.67 -73.91
N CYS FA 85 35.01 -59.25 -73.01
CA CYS FA 85 34.32 -60.20 -72.12
C CYS FA 85 33.27 -61.06 -72.81
N VAL FA 86 32.75 -60.60 -73.95
CA VAL FA 86 31.92 -61.42 -74.81
C VAL FA 86 32.74 -62.50 -75.53
N ARG FA 87 33.82 -62.10 -76.21
CA ARG FA 87 34.61 -63.07 -76.97
C ARG FA 87 35.42 -64.03 -76.09
N ASP FA 88 35.55 -63.70 -74.80
CA ASP FA 88 36.03 -64.66 -73.82
C ASP FA 88 34.90 -65.54 -73.31
N ARG FA 89 33.75 -64.95 -72.97
CA ARG FA 89 32.53 -65.72 -72.68
C ARG FA 89 32.24 -66.73 -73.77
N ILE FA 90 32.26 -66.27 -75.03
CA ILE FA 90 31.98 -67.15 -76.16
C ILE FA 90 32.89 -68.35 -76.15
N LYS FA 91 34.19 -68.12 -76.26
CA LYS FA 91 35.09 -69.25 -76.40
C LYS FA 91 35.17 -70.07 -75.12
N ARG FA 92 35.09 -69.43 -73.96
CA ARG FA 92 34.92 -70.14 -72.69
C ARG FA 92 33.72 -71.09 -72.79
N ALA FA 93 32.53 -70.54 -73.00
CA ALA FA 93 31.29 -71.32 -73.06
C ALA FA 93 31.34 -72.46 -74.08
N PHE FA 94 32.08 -72.24 -75.16
CA PHE FA 94 32.34 -73.30 -76.12
C PHE FA 94 33.32 -74.35 -75.61
N LEU FA 95 34.49 -73.92 -75.16
CA LEU FA 95 35.54 -74.84 -74.74
C LEU FA 95 35.12 -75.70 -73.55
N ILE FA 96 34.35 -75.09 -72.64
CA ILE FA 96 33.76 -75.80 -71.50
C ILE FA 96 32.88 -76.95 -71.99
N GLU FA 97 31.95 -76.62 -72.88
CA GLU FA 97 31.03 -77.61 -73.46
C GLU FA 97 31.73 -78.72 -74.24
N GLU FA 98 32.88 -78.43 -74.84
CA GLU FA 98 33.69 -79.48 -75.51
C GLU FA 98 34.29 -80.45 -74.51
N GLN FA 99 34.71 -79.95 -73.34
CA GLN FA 99 35.27 -80.82 -72.29
C GLN FA 99 34.18 -81.63 -71.60
N LYS FA 100 33.03 -81.00 -71.33
CA LYS FA 100 31.85 -81.73 -70.83
C LYS FA 100 31.49 -82.92 -71.72
N ILE FA 101 31.61 -82.72 -73.03
CA ILE FA 101 31.42 -83.79 -74.02
C ILE FA 101 32.52 -84.84 -73.90
N VAL FA 102 33.77 -84.41 -73.74
CA VAL FA 102 34.90 -85.35 -73.55
C VAL FA 102 34.76 -86.20 -72.29
N VAL FA 103 34.32 -85.59 -71.19
CA VAL FA 103 34.06 -86.34 -69.94
C VAL FA 103 32.87 -87.30 -70.12
N LYS FA 104 31.84 -86.87 -70.86
CA LYS FA 104 30.70 -87.74 -71.21
C LYS FA 104 31.19 -88.96 -72.00
N VAL FA 105 32.11 -88.74 -72.93
CA VAL FA 105 32.70 -89.82 -73.74
C VAL FA 105 33.54 -90.77 -72.87
N LEU FA 106 34.36 -90.22 -71.98
CA LEU FA 106 35.15 -91.04 -71.04
C LEU FA 106 34.27 -91.79 -70.04
N LYS FA 107 33.11 -91.22 -69.68
CA LYS FA 107 32.15 -91.91 -68.82
C LYS FA 107 31.53 -93.09 -69.56
N ALA FA 108 31.06 -92.85 -70.79
CA ALA FA 108 30.42 -93.87 -71.62
C ALA FA 108 31.35 -95.05 -71.97
N GLN FA 109 32.64 -94.76 -72.20
CA GLN FA 109 33.65 -95.80 -72.41
C GLN FA 109 33.87 -96.65 -71.15
N ALA FA 110 33.87 -96.00 -70.00
CA ALA FA 110 34.01 -96.68 -68.70
C ALA FA 110 32.81 -97.58 -68.37
N GLN FA 111 31.61 -97.18 -68.80
CA GLN FA 111 30.40 -98.02 -68.63
C GLN FA 111 30.49 -99.26 -69.52
N SER FA 112 30.88 -99.05 -70.78
CA SER FA 112 31.06 -100.14 -71.75
C SER FA 112 32.20 -101.10 -71.36
N GLN FA 113 33.24 -100.57 -70.73
CA GLN FA 113 34.35 -101.38 -70.22
C GLN FA 113 33.89 -102.26 -69.05
N LYS FA 114 33.18 -101.66 -68.10
CA LYS FA 114 32.70 -102.37 -66.90
C LYS FA 114 31.37 -103.06 -67.22
N ALA GA 1 -41.60 -4.81 -58.40
CA ALA GA 1 -40.17 -5.10 -58.06
C ALA GA 1 -40.01 -6.29 -57.10
N LYS GA 2 -40.88 -6.38 -56.10
CA LYS GA 2 -40.73 -7.36 -55.00
C LYS GA 2 -41.00 -8.80 -55.41
N ILE GA 3 -40.04 -9.67 -55.14
CA ILE GA 3 -40.19 -11.12 -55.26
C ILE GA 3 -40.59 -11.67 -53.90
N LYS GA 4 -41.78 -12.27 -53.85
CA LYS GA 4 -42.35 -12.83 -52.63
C LYS GA 4 -42.25 -14.33 -52.70
N ALA GA 5 -42.35 -14.98 -51.54
CA ALA GA 5 -42.48 -16.44 -51.50
C ALA GA 5 -43.85 -16.82 -52.01
N ARG GA 6 -44.88 -16.20 -51.43
CA ARG GA 6 -46.26 -16.24 -51.90
C ARG GA 6 -46.47 -16.90 -53.26
N ASP GA 7 -46.00 -16.21 -54.31
CA ASP GA 7 -46.31 -16.58 -55.69
C ASP GA 7 -45.46 -17.75 -56.19
N LEU GA 8 -44.17 -17.74 -55.83
CA LEU GA 8 -43.20 -18.72 -56.30
C LEU GA 8 -43.63 -20.16 -56.01
N ARG GA 9 -44.29 -20.37 -54.89
CA ARG GA 9 -44.78 -21.70 -54.49
C ARG GA 9 -45.43 -22.50 -55.62
N GLY GA 10 -46.35 -21.87 -56.32
CA GLY GA 10 -47.10 -22.52 -57.40
C GLY GA 10 -46.32 -22.71 -58.70
N LYS GA 11 -45.32 -21.86 -58.95
CA LYS GA 11 -44.63 -21.83 -60.24
C LYS GA 11 -43.91 -23.11 -60.61
N LYS GA 12 -43.72 -23.28 -61.91
CA LYS GA 12 -43.10 -24.48 -62.47
C LYS GA 12 -41.59 -24.45 -62.20
N LYS GA 13 -40.98 -25.63 -62.25
CA LYS GA 13 -39.58 -25.77 -61.83
C LYS GA 13 -38.62 -25.02 -62.76
N GLU GA 14 -38.77 -25.22 -64.07
CA GLU GA 14 -37.98 -24.48 -65.07
C GLU GA 14 -38.16 -22.96 -64.94
N GLU GA 15 -39.38 -22.52 -64.61
CA GLU GA 15 -39.68 -21.10 -64.45
C GLU GA 15 -38.94 -20.51 -63.25
N LEU GA 16 -38.85 -21.28 -62.16
CA LEU GA 16 -38.09 -20.84 -60.98
C LEU GA 16 -36.61 -20.66 -61.24
N LEU GA 17 -36.03 -21.54 -62.07
CA LEU GA 17 -34.62 -21.47 -62.40
C LEU GA 17 -34.27 -20.23 -63.20
N LYS GA 18 -35.03 -19.98 -64.26
CA LYS GA 18 -34.84 -18.78 -65.08
C LYS GA 18 -34.84 -17.53 -64.21
N GLN GA 19 -35.77 -17.46 -63.26
CA GLN GA 19 -35.87 -16.33 -62.35
C GLN GA 19 -34.61 -16.18 -61.50
N LEU GA 20 -34.09 -17.29 -60.98
CA LEU GA 20 -32.86 -17.27 -60.19
C LEU GA 20 -31.70 -16.77 -61.03
N ASP GA 21 -31.53 -17.37 -62.21
CA ASP GA 21 -30.52 -16.93 -63.17
C ASP GA 21 -30.59 -15.44 -63.43
N ASP GA 22 -31.79 -14.93 -63.67
CA ASP GA 22 -31.98 -13.52 -64.02
C ASP GA 22 -31.63 -12.61 -62.84
N LEU GA 23 -31.85 -13.08 -61.62
CA LEU GA 23 -31.36 -12.38 -60.43
C LEU GA 23 -29.85 -12.49 -60.28
N LYS GA 24 -29.29 -13.67 -60.54
CA LYS GA 24 -27.84 -13.86 -60.47
C LYS GA 24 -27.11 -12.94 -61.44
N VAL GA 25 -27.69 -12.74 -62.61
CA VAL GA 25 -27.21 -11.75 -63.60
C VAL GA 25 -27.28 -10.33 -63.03
N GLU GA 26 -28.45 -9.96 -62.51
CA GLU GA 26 -28.67 -8.64 -61.92
C GLU GA 26 -27.75 -8.38 -60.74
N LEU GA 27 -27.43 -9.40 -59.96
CA LEU GA 27 -26.47 -9.27 -58.85
C LEU GA 27 -25.07 -8.96 -59.38
N SER GA 28 -24.69 -9.65 -60.45
CA SER GA 28 -23.38 -9.46 -61.05
C SER GA 28 -23.15 -8.00 -61.39
N GLN GA 29 -24.07 -7.43 -62.16
CA GLN GA 29 -23.96 -6.04 -62.64
C GLN GA 29 -23.85 -5.00 -61.52
N LEU GA 30 -24.49 -5.26 -60.39
CA LEU GA 30 -24.43 -4.36 -59.26
C LEU GA 30 -23.07 -4.47 -58.60
N ARG GA 31 -22.58 -5.70 -58.49
CA ARG GA 31 -21.25 -5.94 -57.96
C ARG GA 31 -20.20 -5.26 -58.83
N VAL GA 32 -20.38 -5.34 -60.14
CA VAL GA 32 -19.55 -4.59 -61.08
C VAL GA 32 -19.64 -3.10 -60.81
N ALA GA 33 -20.88 -2.62 -60.67
CA ALA GA 33 -21.15 -1.21 -60.41
C ALA GA 33 -20.63 -0.73 -59.06
N LYS GA 34 -20.58 -1.59 -58.05
CA LYS GA 34 -20.01 -1.20 -56.76
C LYS GA 34 -18.52 -0.87 -56.87
N VAL GA 35 -17.82 -1.57 -57.77
CA VAL GA 35 -16.40 -1.34 -57.99
C VAL GA 35 -16.19 0.03 -58.65
N THR GA 36 -16.99 0.29 -59.70
CA THR GA 36 -16.88 1.50 -60.51
C THR GA 36 -17.75 2.66 -59.98
N GLY GA 37 -17.80 2.84 -58.67
CA GLY GA 37 -18.70 3.81 -58.04
C GLY GA 37 -20.15 3.41 -58.14
N GLY GA 38 -20.69 3.47 -59.35
CA GLY GA 38 -22.07 3.11 -59.61
C GLY GA 38 -22.97 4.21 -59.12
N ALA GA 39 -23.63 3.97 -57.99
CA ALA GA 39 -24.51 4.94 -57.34
C ALA GA 39 -25.21 4.26 -56.16
N ALA GA 40 -25.40 5.01 -55.09
CA ALA GA 40 -26.15 4.52 -53.91
C ALA GA 40 -27.45 3.82 -54.32
N SER GA 41 -28.13 4.41 -55.30
CA SER GA 41 -29.34 3.84 -55.90
C SER GA 41 -29.16 2.42 -56.44
N LYS GA 42 -28.00 2.15 -57.04
CA LYS GA 42 -27.65 0.77 -57.41
C LYS GA 42 -27.25 -0.05 -56.19
N LEU GA 43 -26.44 0.52 -55.30
CA LEU GA 43 -25.91 -0.26 -54.19
C LEU GA 43 -26.94 -0.61 -53.11
N SER GA 44 -28.17 -0.12 -53.25
CA SER GA 44 -29.28 -0.71 -52.49
C SER GA 44 -29.53 -2.08 -53.05
N LYS GA 45 -29.89 -2.13 -54.33
CA LYS GA 45 -30.39 -3.34 -54.99
C LYS GA 45 -29.64 -4.60 -54.60
N ILE GA 46 -28.32 -4.47 -54.54
CA ILE GA 46 -27.41 -5.56 -54.22
C ILE GA 46 -27.88 -6.36 -53.00
N ARG GA 47 -28.40 -5.69 -51.97
CA ARG GA 47 -28.92 -6.38 -50.79
C ARG GA 47 -30.26 -7.02 -51.10
N VAL GA 48 -31.11 -6.27 -51.79
CA VAL GA 48 -32.43 -6.73 -52.22
C VAL GA 48 -32.35 -7.96 -53.12
N VAL GA 49 -31.50 -7.89 -54.14
CA VAL GA 49 -31.32 -8.97 -55.09
C VAL GA 49 -30.83 -10.22 -54.36
N ARG GA 50 -29.86 -10.06 -53.46
CA ARG GA 50 -29.37 -11.18 -52.64
C ARG GA 50 -30.46 -11.95 -51.92
N LYS GA 51 -31.35 -11.22 -51.26
CA LYS GA 51 -32.43 -11.80 -50.48
C LYS GA 51 -33.53 -12.39 -51.36
N SER GA 52 -33.84 -11.73 -52.47
CA SER GA 52 -34.73 -12.31 -53.45
C SER GA 52 -34.13 -13.59 -54.05
N ILE GA 53 -32.84 -13.60 -54.35
CA ILE GA 53 -32.14 -14.82 -54.77
C ILE GA 53 -32.37 -15.94 -53.76
N ALA GA 54 -32.16 -15.64 -52.48
CA ALA GA 54 -32.36 -16.63 -51.41
C ALA GA 54 -33.82 -17.09 -51.37
N ARG GA 55 -34.74 -16.14 -51.42
CA ARG GA 55 -36.18 -16.45 -51.51
C ARG GA 55 -36.54 -17.44 -52.61
N VAL GA 56 -35.84 -17.35 -53.74
CA VAL GA 56 -36.02 -18.26 -54.86
C VAL GA 56 -35.46 -19.63 -54.54
N LEU GA 57 -34.17 -19.67 -54.22
CA LEU GA 57 -33.49 -20.91 -53.87
C LEU GA 57 -34.17 -21.67 -52.77
N THR GA 58 -34.69 -20.93 -51.79
CA THR GA 58 -35.38 -21.53 -50.68
C THR GA 58 -36.63 -22.26 -51.15
N VAL GA 59 -37.49 -21.56 -51.89
CA VAL GA 59 -38.70 -22.18 -52.48
C VAL GA 59 -38.39 -23.47 -53.23
N ILE GA 60 -37.31 -23.47 -54.00
CA ILE GA 60 -36.92 -24.63 -54.78
C ILE GA 60 -36.61 -25.82 -53.86
N ASN GA 61 -35.78 -25.59 -52.84
CA ASN GA 61 -35.39 -26.68 -51.94
C ASN GA 61 -36.56 -27.21 -51.14
N GLN GA 62 -37.46 -26.32 -50.74
CA GLN GA 62 -38.70 -26.72 -50.05
C GLN GA 62 -39.54 -27.60 -50.97
N THR GA 63 -39.61 -27.26 -52.25
CA THR GA 63 -40.40 -28.03 -53.22
C THR GA 63 -39.79 -29.39 -53.51
N GLN GA 64 -38.48 -29.40 -53.71
CA GLN GA 64 -37.75 -30.64 -53.96
C GLN GA 64 -37.84 -31.59 -52.76
N LYS GA 65 -37.77 -31.06 -51.54
CA LYS GA 65 -37.79 -31.90 -50.34
C LYS GA 65 -39.19 -32.35 -49.95
N GLU GA 66 -40.21 -31.55 -50.25
CA GLU GA 66 -41.61 -31.95 -50.03
C GLU GA 66 -42.00 -33.11 -50.94
N ASN GA 67 -41.74 -32.94 -52.23
CA ASN GA 67 -41.89 -34.04 -53.20
C ASN GA 67 -41.15 -35.31 -52.81
N LEU GA 68 -39.92 -35.15 -52.30
CA LEU GA 68 -39.11 -36.29 -51.89
C LEU GA 68 -39.72 -37.08 -50.75
N ARG GA 69 -40.18 -36.39 -49.72
CA ARG GA 69 -40.79 -37.12 -48.60
C ARG GA 69 -42.22 -37.59 -48.87
N LYS GA 70 -42.85 -37.11 -49.93
CA LYS GA 70 -44.07 -37.75 -50.44
C LYS GA 70 -43.70 -39.12 -51.02
N PHE GA 71 -42.62 -39.13 -51.81
CA PHE GA 71 -42.16 -40.33 -52.52
C PHE GA 71 -41.77 -41.49 -51.59
N TYR GA 72 -41.25 -41.17 -50.41
CA TYR GA 72 -40.87 -42.20 -49.42
C TYR GA 72 -41.90 -42.46 -48.32
N LYS GA 73 -42.87 -41.57 -48.13
CA LYS GA 73 -43.90 -41.77 -47.10
C LYS GA 73 -44.70 -43.04 -47.42
N GLY GA 74 -44.33 -44.13 -46.74
CA GLY GA 74 -44.83 -45.47 -47.04
C GLY GA 74 -43.70 -46.49 -47.01
N LYS GA 75 -42.61 -46.17 -47.70
CA LYS GA 75 -41.43 -47.04 -47.74
C LYS GA 75 -40.76 -47.10 -46.37
N LYS GA 76 -40.18 -48.26 -46.07
CA LYS GA 76 -39.63 -48.55 -44.74
C LYS GA 76 -38.26 -47.94 -44.56
N TYR GA 77 -37.38 -48.21 -45.51
CA TYR GA 77 -36.06 -47.62 -45.54
C TYR GA 77 -36.16 -46.31 -46.30
N LYS GA 78 -35.78 -45.22 -45.65
CA LYS GA 78 -35.76 -43.92 -46.31
C LYS GA 78 -34.52 -43.12 -45.96
N PRO GA 79 -34.11 -42.19 -46.85
CA PRO GA 79 -32.92 -41.39 -46.62
C PRO GA 79 -32.83 -40.74 -45.24
N LEU GA 80 -31.62 -40.65 -44.70
CA LEU GA 80 -31.35 -40.08 -43.38
C LEU GA 80 -31.85 -38.65 -43.24
N ASP GA 81 -31.73 -37.89 -44.32
CA ASP GA 81 -32.31 -36.53 -44.41
C ASP GA 81 -33.80 -36.50 -44.09
N LEU GA 82 -34.54 -37.47 -44.63
CA LEU GA 82 -35.99 -37.53 -44.53
C LEU GA 82 -36.47 -38.26 -43.27
N ARG GA 83 -35.55 -38.98 -42.62
CA ARG GA 83 -35.81 -39.58 -41.32
C ARG GA 83 -35.87 -38.48 -40.24
N PRO GA 84 -36.63 -38.73 -39.17
CA PRO GA 84 -36.87 -37.67 -38.19
C PRO GA 84 -35.77 -37.59 -37.14
N LYS GA 85 -35.05 -36.48 -37.16
CA LYS GA 85 -33.96 -36.19 -36.24
C LYS GA 85 -34.61 -35.60 -35.03
N LYS GA 86 -34.42 -36.22 -33.87
CA LYS GA 86 -34.87 -35.62 -32.61
C LYS GA 86 -33.62 -35.33 -31.78
N THR GA 87 -32.97 -36.40 -31.34
CA THR GA 87 -31.76 -36.29 -30.52
C THR GA 87 -31.17 -37.68 -30.43
N ARG GA 88 -29.89 -37.79 -30.79
CA ARG GA 88 -29.17 -39.05 -30.81
C ARG GA 88 -29.78 -40.13 -29.94
N ALA GA 89 -29.91 -39.84 -28.65
CA ALA GA 89 -30.42 -40.80 -27.68
C ALA GA 89 -31.87 -41.16 -27.96
N MET GA 90 -32.66 -40.13 -28.25
CA MET GA 90 -34.08 -40.24 -28.53
C MET GA 90 -34.41 -41.09 -29.77
N ARG GA 91 -33.44 -41.24 -30.68
CA ARG GA 91 -33.54 -42.16 -31.84
C ARG GA 91 -33.10 -43.58 -31.50
N ARG GA 92 -32.78 -43.82 -30.24
CA ARG GA 92 -32.52 -45.16 -29.74
C ARG GA 92 -33.44 -45.56 -28.59
N ARG GA 93 -34.48 -44.75 -28.32
CA ARG GA 93 -35.50 -45.18 -27.37
C ARG GA 93 -36.12 -46.45 -27.91
N LEU GA 94 -36.84 -47.14 -27.03
CA LEU GA 94 -37.66 -48.25 -27.46
C LEU GA 94 -38.87 -47.74 -28.25
N ASN GA 95 -39.33 -48.61 -29.13
CA ASN GA 95 -40.04 -48.26 -30.37
C ASN GA 95 -41.40 -47.54 -30.28
N LYS GA 96 -41.98 -47.44 -29.08
CA LYS GA 96 -43.37 -46.93 -28.84
C LYS GA 96 -44.39 -48.08 -28.82
N HIS GA 97 -44.19 -49.10 -29.66
CA HIS GA 97 -44.91 -50.36 -29.48
C HIS GA 97 -44.09 -51.37 -28.68
N GLU GA 98 -42.77 -51.33 -28.80
CA GLU GA 98 -41.91 -52.32 -28.15
C GLU GA 98 -41.86 -52.15 -26.62
N GLU GA 99 -42.00 -50.93 -26.10
CA GLU GA 99 -41.93 -50.70 -24.65
C GLU GA 99 -43.25 -50.90 -23.89
N SER GA 100 -44.34 -51.19 -24.60
CA SER GA 100 -45.58 -51.65 -23.93
C SER GA 100 -45.94 -53.09 -24.34
N LEU GA 101 -44.90 -53.92 -24.52
CA LEU GA 101 -45.07 -55.35 -24.68
C LEU GA 101 -45.00 -56.01 -23.31
N LYS GA 102 -46.16 -56.51 -22.87
CA LYS GA 102 -46.28 -57.21 -21.61
C LYS GA 102 -45.88 -58.65 -21.90
N THR GA 103 -45.20 -59.30 -20.96
CA THR GA 103 -45.04 -60.75 -21.02
C THR GA 103 -46.38 -61.39 -20.70
N LYS GA 104 -46.69 -62.50 -21.36
CA LYS GA 104 -47.95 -63.22 -21.14
C LYS GA 104 -48.21 -63.49 -19.66
N LYS GA 105 -47.14 -63.78 -18.93
CA LYS GA 105 -47.17 -63.94 -17.48
C LYS GA 105 -47.66 -62.66 -16.79
N GLN GA 106 -47.13 -61.51 -17.21
CA GLN GA 106 -47.56 -60.20 -16.69
C GLN GA 106 -48.99 -59.85 -17.09
N GLN GA 107 -49.41 -60.25 -18.30
CA GLN GA 107 -50.78 -59.99 -18.76
C GLN GA 107 -51.78 -60.75 -17.92
N ARG GA 108 -51.54 -62.06 -17.78
CA ARG GA 108 -52.32 -62.94 -16.91
C ARG GA 108 -52.47 -62.35 -15.50
N LYS GA 109 -51.38 -61.81 -14.97
CA LYS GA 109 -51.42 -61.12 -13.67
C LYS GA 109 -52.41 -59.97 -13.61
N GLU GA 110 -52.38 -59.14 -14.65
CA GLU GA 110 -53.29 -57.99 -14.73
C GLU GA 110 -54.76 -58.43 -14.90
N ARG GA 111 -54.97 -59.58 -15.53
CA ARG GA 111 -56.31 -60.14 -15.72
C ARG GA 111 -56.90 -60.67 -14.43
N LEU GA 112 -56.11 -61.45 -13.70
CA LEU GA 112 -56.60 -62.11 -12.48
C LEU GA 112 -56.70 -61.17 -11.29
N TYR GA 113 -55.68 -60.32 -11.13
CA TYR GA 113 -55.50 -59.55 -9.91
C TYR GA 113 -55.38 -58.07 -10.25
N PRO GA 114 -56.48 -57.47 -10.73
CA PRO GA 114 -56.47 -56.05 -10.98
C PRO GA 114 -56.58 -55.25 -9.69
N LEU GA 115 -55.80 -54.17 -9.61
CA LEU GA 115 -55.98 -53.20 -8.54
C LEU GA 115 -57.42 -52.72 -8.55
N ARG GA 116 -58.04 -52.70 -7.37
CA ARG GA 116 -59.43 -52.29 -7.23
C ARG GA 116 -59.54 -50.93 -6.58
N LYS GA 117 -60.48 -50.13 -7.09
CA LYS GA 117 -60.90 -48.92 -6.40
C LYS GA 117 -61.64 -49.34 -5.14
N TYR GA 118 -61.14 -48.88 -3.99
CA TYR GA 118 -61.76 -49.13 -2.69
C TYR GA 118 -61.64 -47.91 -1.77
N ALA GA 119 -62.48 -47.83 -0.76
CA ALA GA 119 -62.39 -46.83 0.30
C ALA GA 119 -62.53 -47.54 1.63
N VAL GA 120 -62.33 -46.82 2.74
CA VAL GA 120 -62.58 -47.41 4.07
C VAL GA 120 -63.42 -46.54 5.00
N LYS GA 121 -63.86 -47.18 6.10
CA LYS GA 121 -64.73 -46.62 7.13
C LYS GA 121 -66.20 -46.51 6.67
N ALA GA 122 -66.78 -47.67 6.33
CA ALA GA 122 -68.25 -47.85 6.19
C ALA GA 122 -68.60 -49.31 5.96
N ALA HA 1 -45.34 -72.97 45.06
CA ALA HA 1 -45.81 -71.88 45.97
C ALA HA 1 -45.54 -70.50 45.38
N LEU HA 2 -46.50 -70.03 44.56
CA LEU HA 2 -46.37 -68.78 43.79
C LEU HA 2 -45.20 -68.82 42.81
N ARG HA 3 -45.52 -69.03 41.53
CA ARG HA 3 -44.52 -69.11 40.48
C ARG HA 3 -44.71 -67.95 39.52
N TYR HA 4 -44.26 -66.77 39.94
CA TYR HA 4 -44.31 -65.60 39.07
C TYR HA 4 -43.36 -65.80 37.91
N PRO HA 5 -43.74 -65.32 36.72
CA PRO HA 5 -42.81 -65.39 35.60
C PRO HA 5 -41.74 -64.32 35.79
N MET HA 6 -40.50 -64.71 35.52
CA MET HA 6 -39.36 -63.85 35.77
C MET HA 6 -38.72 -63.46 34.46
N ALA HA 7 -37.99 -62.35 34.51
CA ALA HA 7 -37.24 -61.86 33.36
C ALA HA 7 -35.82 -62.40 33.32
N VAL HA 8 -35.50 -63.36 34.19
CA VAL HA 8 -34.13 -63.80 34.32
C VAL HA 8 -34.06 -65.17 35.03
N GLY HA 9 -33.47 -66.17 34.35
CA GLY HA 9 -33.25 -67.50 34.92
C GLY HA 9 -33.95 -68.66 34.22
N LEU HA 10 -33.19 -69.40 33.41
CA LEU HA 10 -33.60 -70.70 32.84
C LEU HA 10 -34.93 -70.73 32.10
N ASN HA 11 -36.04 -70.89 32.83
CA ASN HA 11 -37.38 -70.86 32.24
C ASN HA 11 -37.93 -69.45 32.42
N LYS HA 12 -37.25 -68.52 31.74
CA LYS HA 12 -37.48 -67.09 31.89
C LYS HA 12 -38.39 -66.58 30.79
N GLY HA 13 -38.61 -65.26 30.79
CA GLY HA 13 -39.33 -64.61 29.72
C GLY HA 13 -40.83 -64.68 29.84
N HIS HA 14 -41.49 -63.98 28.93
CA HIS HA 14 -42.95 -63.82 28.93
C HIS HA 14 -43.58 -65.13 28.48
N LYS HA 15 -44.54 -65.62 29.26
CA LYS HA 15 -45.16 -66.90 28.97
C LYS HA 15 -46.27 -66.70 27.95
N VAL HA 16 -46.06 -67.27 26.77
CA VAL HA 16 -46.97 -67.12 25.63
C VAL HA 16 -47.15 -68.49 24.98
N THR HA 17 -48.35 -68.74 24.43
CA THR HA 17 -48.62 -70.01 23.76
C THR HA 17 -48.03 -69.99 22.35
N LYS HA 18 -47.47 -71.12 21.96
CA LYS HA 18 -46.72 -71.25 20.73
C LYS HA 18 -47.60 -71.91 19.68
N ASN HA 19 -47.72 -71.29 18.50
CA ASN HA 19 -48.25 -72.00 17.34
C ASN HA 19 -47.15 -72.81 16.69
N VAL HA 20 -47.55 -73.89 16.04
CA VAL HA 20 -46.64 -74.89 15.48
C VAL HA 20 -46.91 -74.95 13.99
N SER HA 21 -46.47 -73.90 13.30
CA SER HA 21 -46.76 -73.71 11.89
C SER HA 21 -46.00 -74.68 11.00
N LYS HA 22 -46.44 -74.74 9.74
CA LYS HA 22 -45.72 -75.44 8.68
C LYS HA 22 -44.35 -74.77 8.50
N PRO HA 23 -43.26 -75.57 8.49
CA PRO HA 23 -41.95 -74.97 8.33
C PRO HA 23 -41.75 -74.50 6.90
N ARG HA 24 -41.21 -73.30 6.75
CA ARG HA 24 -41.01 -72.66 5.43
C ARG HA 24 -40.35 -73.60 4.44
N HIS HA 25 -40.71 -73.45 3.16
CA HIS HA 25 -40.17 -74.31 2.12
C HIS HA 25 -38.69 -74.04 1.85
N SER HA 26 -38.27 -72.80 2.09
CA SER HA 26 -36.85 -72.42 2.05
C SER HA 26 -35.94 -73.29 2.93
N ARG HA 27 -36.47 -73.79 4.04
CA ARG HA 27 -35.67 -74.55 5.00
C ARG HA 27 -35.26 -75.94 4.53
N ARG HA 28 -35.89 -76.46 3.48
CA ARG HA 28 -35.59 -77.84 3.02
C ARG HA 28 -34.48 -77.93 1.98
N ARG HA 29 -33.66 -76.90 1.84
CA ARG HA 29 -32.69 -76.87 0.77
C ARG HA 29 -31.48 -77.69 1.13
N GLY HA 30 -30.98 -78.40 0.13
CA GLY HA 30 -29.90 -79.34 0.30
C GLY HA 30 -30.36 -80.73 0.67
N ARG HA 31 -31.68 -80.95 0.78
CA ARG HA 31 -32.17 -82.28 1.10
C ARG HA 31 -32.02 -83.12 -0.16
N LEU HA 32 -31.36 -84.26 0.00
CA LEU HA 32 -30.95 -85.09 -1.11
C LEU HA 32 -32.18 -85.79 -1.67
N THR HA 33 -32.41 -85.58 -2.98
CA THR HA 33 -33.58 -86.09 -3.68
C THR HA 33 -33.22 -87.39 -4.36
N LYS HA 34 -34.22 -88.26 -4.51
CA LYS HA 34 -34.03 -89.57 -5.14
C LYS HA 34 -33.38 -89.46 -6.51
N HIS HA 35 -33.93 -88.57 -7.34
CA HIS HA 35 -33.42 -88.36 -8.70
C HIS HA 35 -32.06 -87.67 -8.72
N THR HA 36 -31.82 -86.74 -7.79
CA THR HA 36 -30.51 -86.08 -7.72
C THR HA 36 -29.43 -87.03 -7.24
N LYS HA 37 -29.78 -87.91 -6.29
CA LYS HA 37 -28.87 -88.96 -5.80
C LYS HA 37 -28.41 -89.86 -6.92
N PHE HA 38 -29.38 -90.32 -7.70
CA PHE HA 38 -29.10 -91.12 -8.88
C PHE HA 38 -28.14 -90.42 -9.84
N VAL HA 39 -28.37 -89.13 -10.10
CA VAL HA 39 -27.49 -88.35 -10.99
C VAL HA 39 -26.10 -88.26 -10.39
N ARG HA 40 -26.04 -88.02 -9.08
CA ARG HA 40 -24.78 -87.81 -8.39
C ARG HA 40 -23.87 -89.02 -8.49
N ASP HA 41 -24.39 -90.20 -8.12
CA ASP HA 41 -23.63 -91.45 -8.18
C ASP HA 41 -23.50 -92.04 -9.60
N MET HA 42 -24.38 -91.66 -10.51
CA MET HA 42 -24.24 -91.99 -11.94
C MET HA 42 -22.95 -91.37 -12.49
N ILE HA 43 -22.60 -90.21 -11.96
CA ILE HA 43 -21.43 -89.45 -12.39
C ILE HA 43 -20.16 -89.87 -11.66
N ARG HA 44 -20.30 -90.37 -10.43
CA ARG HA 44 -19.15 -90.93 -9.69
C ARG HA 44 -18.62 -92.25 -10.26
N GLU HA 45 -19.35 -92.89 -11.17
CA GLU HA 45 -18.83 -94.02 -11.93
C GLU HA 45 -18.37 -93.65 -13.35
N VAL HA 46 -18.74 -92.46 -13.85
CA VAL HA 46 -18.14 -91.89 -15.07
C VAL HA 46 -16.81 -91.26 -14.69
N CYS HA 47 -16.89 -90.22 -13.86
CA CYS HA 47 -15.76 -89.35 -13.57
C CYS HA 47 -14.80 -89.98 -12.59
N GLY HA 48 -15.34 -90.75 -11.65
CA GLY HA 48 -14.51 -91.38 -10.65
C GLY HA 48 -14.00 -90.37 -9.65
N PHE HA 49 -12.90 -90.72 -8.99
CA PHE HA 49 -12.45 -90.05 -7.78
C PHE HA 49 -11.30 -89.09 -8.08
N ALA HA 50 -11.08 -88.18 -7.15
CA ALA HA 50 -9.99 -87.22 -7.25
C ALA HA 50 -8.72 -87.84 -6.74
N PRO HA 51 -7.58 -87.17 -6.94
CA PRO HA 51 -6.31 -87.69 -6.42
C PRO HA 51 -6.18 -87.73 -4.90
N TYR HA 52 -6.57 -86.66 -4.21
CA TYR HA 52 -6.45 -86.63 -2.75
C TYR HA 52 -7.39 -87.64 -2.10
N GLU HA 53 -8.58 -87.77 -2.70
CA GLU HA 53 -9.55 -88.77 -2.27
C GLU HA 53 -8.92 -90.15 -2.33
N ARG HA 54 -8.38 -90.48 -3.49
CA ARG HA 54 -7.71 -91.77 -3.70
C ARG HA 54 -6.61 -92.03 -2.69
N ARG HA 55 -5.81 -91.01 -2.39
CA ARG HA 55 -4.72 -91.16 -1.44
C ARG HA 55 -5.27 -91.45 -0.05
N ALA HA 56 -6.38 -90.80 0.30
CA ALA HA 56 -7.03 -91.03 1.59
C ALA HA 56 -7.62 -92.43 1.71
N MET HA 57 -8.19 -92.96 0.62
CA MET HA 57 -8.70 -94.34 0.58
C MET HA 57 -7.59 -95.32 0.94
N GLU HA 58 -6.41 -95.10 0.36
CA GLU HA 58 -5.23 -95.92 0.63
C GLU HA 58 -4.78 -95.85 2.08
N LEU HA 59 -4.89 -94.68 2.70
CA LEU HA 59 -4.65 -94.57 4.15
C LEU HA 59 -5.69 -95.34 4.93
N LEU HA 60 -6.96 -95.15 4.59
CA LEU HA 60 -8.04 -95.79 5.32
C LEU HA 60 -7.95 -97.32 5.25
N LYS HA 61 -7.59 -97.85 4.08
CA LYS HA 61 -7.31 -99.28 3.89
C LYS HA 61 -6.34 -99.81 4.93
N VAL HA 62 -5.26 -99.06 5.14
CA VAL HA 62 -4.20 -99.43 6.07
C VAL HA 62 -4.65 -99.37 7.54
N SER HA 63 -5.83 -98.78 7.80
CA SER HA 63 -6.37 -98.57 9.15
C SER HA 63 -5.48 -97.60 9.94
N LYS HA 64 -5.11 -96.52 9.24
CA LYS HA 64 -4.29 -95.45 9.78
C LYS HA 64 -5.16 -94.21 9.73
N ASP HA 65 -6.38 -94.34 10.27
CA ASP HA 65 -7.49 -93.44 9.98
C ASP HA 65 -7.42 -92.04 10.58
N LYS HA 66 -6.54 -91.83 11.57
CA LYS HA 66 -6.29 -90.48 12.07
C LYS HA 66 -5.45 -89.71 11.07
N ARG HA 67 -4.37 -90.34 10.61
CA ARG HA 67 -3.53 -89.77 9.56
C ARG HA 67 -4.34 -89.46 8.29
N ALA HA 68 -5.35 -90.29 8.00
CA ALA HA 68 -6.29 -90.01 6.91
C ALA HA 68 -7.02 -88.69 7.12
N LEU HA 69 -7.52 -88.48 8.33
CA LEU HA 69 -8.28 -87.27 8.64
C LEU HA 69 -7.38 -86.04 8.64
N LYS HA 70 -6.22 -86.16 9.31
CA LYS HA 70 -5.19 -85.10 9.29
C LYS HA 70 -4.84 -84.65 7.89
N PHE HA 71 -4.78 -85.61 6.97
CA PHE HA 71 -4.57 -85.33 5.57
C PHE HA 71 -5.78 -84.61 4.96
N ILE HA 72 -6.99 -85.14 5.19
CA ILE HA 72 -8.18 -84.54 4.56
C ILE HA 72 -8.45 -83.12 5.07
N LYS HA 73 -8.20 -82.86 6.35
CA LYS HA 73 -8.39 -81.51 6.89
C LYS HA 73 -7.50 -80.48 6.22
N LYS HA 74 -6.22 -80.82 6.08
CA LYS HA 74 -5.25 -79.97 5.40
C LYS HA 74 -5.61 -79.75 3.94
N ARG HA 75 -6.27 -80.74 3.35
CA ARG HA 75 -6.68 -80.72 1.96
C ARG HA 75 -7.99 -79.98 1.70
N VAL HA 76 -9.01 -80.32 2.48
CA VAL HA 76 -10.35 -79.77 2.29
C VAL HA 76 -10.44 -78.42 3.00
N GLY HA 77 -10.10 -78.39 4.28
CA GLY HA 77 -10.03 -77.12 5.03
C GLY HA 77 -10.47 -77.24 6.47
N THR HA 78 -11.76 -77.48 6.68
CA THR HA 78 -12.32 -77.57 8.02
C THR HA 78 -12.20 -78.99 8.54
N HIS HA 79 -12.48 -79.13 9.82
CA HIS HA 79 -12.57 -80.43 10.46
C HIS HA 79 -13.85 -81.13 10.03
N ILE HA 80 -14.96 -80.40 10.10
CA ILE HA 80 -16.29 -80.98 9.89
C ILE HA 80 -16.47 -81.49 8.46
N ARG HA 81 -15.94 -80.75 7.49
CA ARG HA 81 -15.92 -81.22 6.12
C ARG HA 81 -15.00 -82.40 5.93
N ALA HA 82 -13.86 -82.37 6.61
CA ALA HA 82 -12.91 -83.46 6.53
C ALA HA 82 -13.47 -84.75 7.12
N LYS HA 83 -14.21 -84.63 8.21
CA LYS HA 83 -14.80 -85.78 8.89
C LYS HA 83 -15.90 -86.42 8.05
N ARG HA 84 -16.80 -85.57 7.56
CA ARG HA 84 -17.86 -85.98 6.63
C ARG HA 84 -17.33 -86.62 5.33
N LYS HA 85 -16.15 -86.19 4.85
CA LYS HA 85 -15.51 -86.80 3.68
C LYS HA 85 -14.95 -88.19 4.01
N ARG HA 86 -14.26 -88.27 5.15
CA ARG HA 86 -13.69 -89.54 5.64
C ARG HA 86 -14.74 -90.66 5.85
N GLU HA 87 -15.95 -90.29 6.25
CA GLU HA 87 -17.06 -91.26 6.36
C GLU HA 87 -17.52 -91.74 5.01
N GLU HA 88 -17.67 -90.82 4.06
CA GLU HA 88 -18.01 -91.17 2.69
C GLU HA 88 -16.96 -92.13 2.12
N LEU HA 89 -15.69 -91.78 2.27
CA LEU HA 89 -14.60 -92.63 1.78
C LEU HA 89 -14.60 -94.01 2.43
N SER HA 90 -14.86 -94.07 3.73
CA SER HA 90 -14.99 -95.34 4.46
C SER HA 90 -16.22 -96.15 4.02
N SER HA 91 -17.31 -95.47 3.68
CA SER HA 91 -18.49 -96.14 3.11
C SER HA 91 -18.20 -96.72 1.74
N VAL HA 92 -17.54 -95.93 0.87
CA VAL HA 92 -17.14 -96.37 -0.47
C VAL HA 92 -16.27 -97.60 -0.38
N LEU HA 93 -15.28 -97.52 0.49
CA LEU HA 93 -14.33 -98.59 0.68
C LEU HA 93 -15.01 -99.87 1.16
N ALA HA 94 -16.03 -99.71 2.02
CA ALA HA 94 -16.82 -100.84 2.51
C ALA HA 94 -17.67 -101.51 1.42
N ALA HA 95 -18.32 -100.71 0.58
CA ALA HA 95 -19.16 -101.22 -0.51
C ALA HA 95 -18.34 -101.86 -1.64
N MET HA 96 -17.07 -101.48 -1.78
CA MET HA 96 -16.11 -102.21 -2.61
C MET HA 96 -15.81 -103.57 -1.99
N ARG HA 97 -15.53 -103.56 -0.68
CA ARG HA 97 -15.21 -104.76 0.08
C ARG HA 97 -16.35 -105.78 0.11
N LYS HA 98 -17.58 -105.29 0.22
CA LYS HA 98 -18.78 -106.13 0.10
C LYS HA 98 -18.94 -106.67 -1.33
N ALA HA 99 -18.69 -105.80 -2.31
CA ALA HA 99 -18.79 -106.19 -3.73
C ALA HA 99 -17.76 -107.24 -4.14
N ALA HA 100 -16.55 -107.14 -3.60
CA ALA HA 100 -15.49 -108.12 -3.86
C ALA HA 100 -15.84 -109.50 -3.29
N ALA HA 101 -16.36 -109.52 -2.06
CA ALA HA 101 -16.79 -110.75 -1.41
C ALA HA 101 -18.12 -111.27 -1.98
N LYS HA 102 -18.03 -112.15 -2.97
CA LYS HA 102 -19.21 -112.77 -3.58
C LYS HA 102 -18.85 -114.10 -4.24
N THR IA 1 27.58 -15.31 -22.80
CA THR IA 1 26.97 -15.90 -24.04
C THR IA 1 25.60 -16.53 -23.78
N LYS IA 2 25.46 -17.20 -22.64
CA LYS IA 2 24.18 -17.86 -22.30
C LYS IA 2 22.94 -17.01 -22.58
N GLY IA 3 23.03 -15.69 -22.40
CA GLY IA 3 21.91 -14.79 -22.65
C GLY IA 3 21.87 -14.15 -24.03
N THR IA 4 21.99 -12.82 -24.05
CA THR IA 4 21.62 -11.95 -25.19
C THR IA 4 22.16 -12.38 -26.56
N SER IA 5 23.42 -12.78 -26.60
CA SER IA 5 24.03 -13.26 -27.85
C SER IA 5 23.38 -14.55 -28.35
N SER IA 6 22.99 -15.41 -27.42
CA SER IA 6 22.35 -16.66 -27.74
C SER IA 6 20.88 -16.52 -28.16
N PHE IA 7 20.21 -15.45 -27.71
CA PHE IA 7 18.89 -15.11 -28.26
C PHE IA 7 18.96 -14.82 -29.75
N GLY IA 8 20.14 -14.41 -30.20
CA GLY IA 8 20.47 -14.27 -31.59
C GLY IA 8 20.12 -15.37 -32.55
N LYS IA 9 20.31 -16.61 -32.12
CA LYS IA 9 20.16 -17.76 -33.02
C LYS IA 9 18.88 -18.59 -32.75
N ARG IA 10 17.80 -17.89 -32.43
CA ARG IA 10 16.46 -18.45 -32.40
C ARG IA 10 15.85 -18.29 -33.78
N ARG IA 11 16.42 -19.02 -34.74
CA ARG IA 11 16.08 -18.90 -36.16
C ARG IA 11 14.91 -19.79 -36.57
N ASN IA 12 14.57 -20.81 -35.77
CA ASN IA 12 13.60 -21.84 -36.20
C ASN IA 12 12.69 -22.35 -35.08
N LYS IA 13 11.55 -22.93 -35.47
CA LYS IA 13 10.36 -23.04 -34.61
C LYS IA 13 10.04 -24.47 -34.19
N THR IA 14 9.47 -24.61 -32.99
CA THR IA 14 9.03 -25.91 -32.44
C THR IA 14 7.60 -26.23 -32.79
N HIS IA 15 6.74 -25.28 -32.48
CA HIS IA 15 5.33 -25.47 -32.59
C HIS IA 15 4.77 -24.69 -33.75
N THR IA 16 3.62 -25.14 -34.24
CA THR IA 16 2.85 -24.39 -35.21
C THR IA 16 1.40 -24.48 -34.83
N LEU IA 17 0.55 -24.00 -35.74
CA LEU IA 17 -0.88 -24.03 -35.53
C LEU IA 17 -1.40 -25.45 -35.58
N CYS IA 18 -1.93 -25.89 -34.45
CA CYS IA 18 -2.67 -27.14 -34.34
C CYS IA 18 -3.99 -26.97 -35.08
N ARG IA 19 -4.45 -28.07 -35.68
CA ARG IA 19 -5.59 -28.02 -36.60
C ARG IA 19 -6.87 -28.54 -35.98
N ARG IA 20 -6.80 -29.01 -34.74
CA ARG IA 20 -7.98 -29.30 -33.95
C ARG IA 20 -8.27 -28.12 -33.04
N CYS IA 21 -7.35 -27.81 -32.14
CA CYS IA 21 -7.60 -26.79 -31.13
C CYS IA 21 -7.35 -25.39 -31.64
N GLY IA 22 -6.53 -25.26 -32.68
CA GLY IA 22 -6.23 -23.95 -33.24
C GLY IA 22 -5.03 -23.28 -32.63
N SER IA 23 -4.58 -23.75 -31.46
CA SER IA 23 -3.47 -23.12 -30.78
C SER IA 23 -2.18 -23.31 -31.55
N LYS IA 24 -1.26 -22.38 -31.35
CA LYS IA 24 0.11 -22.48 -31.84
C LYS IA 24 0.85 -23.36 -30.84
N ALA IA 25 0.50 -24.66 -30.80
CA ALA IA 25 1.18 -25.60 -29.89
C ALA IA 25 1.33 -27.00 -30.45
N TYR IA 26 1.25 -27.13 -31.75
CA TYR IA 26 1.45 -28.39 -32.40
C TYR IA 26 2.94 -28.53 -32.57
N HIS IA 27 3.54 -29.43 -31.81
CA HIS IA 27 4.98 -29.64 -31.83
C HIS IA 27 5.32 -30.43 -33.09
N LEU IA 28 6.20 -29.90 -33.92
CA LEU IA 28 6.37 -30.44 -35.27
C LEU IA 28 7.10 -31.78 -35.23
N GLN IA 29 8.14 -31.88 -34.41
CA GLN IA 29 8.91 -33.12 -34.34
C GLN IA 29 8.07 -34.22 -33.68
N LYS IA 30 7.54 -33.94 -32.48
CA LYS IA 30 6.62 -34.90 -31.83
C LYS IA 30 5.35 -35.21 -32.63
N SER IA 31 4.95 -34.26 -33.48
CA SER IA 31 3.72 -34.38 -34.28
C SER IA 31 2.51 -34.63 -33.39
N THR IA 32 2.52 -33.98 -32.23
CA THR IA 32 1.37 -33.91 -31.35
C THR IA 32 1.22 -32.46 -30.96
N CYS IA 33 0.09 -32.16 -30.32
CA CYS IA 33 -0.14 -30.82 -29.81
C CYS IA 33 0.55 -30.66 -28.44
N GLY IA 34 -0.20 -30.80 -27.36
CA GLY IA 34 0.21 -30.28 -26.06
C GLY IA 34 -0.64 -29.06 -25.81
N LYS IA 35 -1.94 -29.31 -25.72
CA LYS IA 35 -3.01 -28.32 -25.58
C LYS IA 35 -4.29 -29.11 -25.74
N CYS IA 36 -4.42 -29.82 -26.87
CA CYS IA 36 -5.47 -30.83 -27.06
C CYS IA 36 -4.97 -32.24 -27.35
N GLY IA 37 -3.64 -32.39 -27.46
CA GLY IA 37 -3.01 -33.64 -27.87
C GLY IA 37 -3.31 -34.12 -29.27
N TYR IA 38 -3.65 -33.20 -30.17
CA TYR IA 38 -4.35 -33.47 -31.42
C TYR IA 38 -4.47 -34.90 -31.90
N PRO IA 39 -3.37 -35.52 -32.38
CA PRO IA 39 -3.56 -36.85 -32.93
C PRO IA 39 -4.38 -37.74 -32.00
N ALA IA 40 -4.18 -37.59 -30.68
CA ALA IA 40 -4.99 -38.26 -29.65
C ALA IA 40 -6.49 -38.14 -29.85
N LYS IA 41 -7.19 -39.27 -29.90
CA LYS IA 41 -8.61 -39.26 -30.22
C LYS IA 41 -9.36 -38.34 -29.27
N ARG IA 42 -9.12 -38.50 -27.98
CA ARG IA 42 -9.76 -37.65 -26.97
C ARG IA 42 -9.01 -36.36 -26.73
N LYS IA 43 -9.76 -35.34 -26.33
CA LYS IA 43 -9.22 -34.03 -25.97
C LYS IA 43 -8.42 -34.16 -24.71
N ARG IA 44 -7.41 -33.31 -24.61
CA ARG IA 44 -6.60 -33.19 -23.41
C ARG IA 44 -7.24 -32.19 -22.49
N LYS IA 45 -7.67 -32.65 -21.33
CA LYS IA 45 -7.95 -31.72 -20.25
C LYS IA 45 -7.48 -32.33 -18.95
N TYR IA 46 -7.06 -31.44 -18.06
CA TYR IA 46 -6.57 -31.83 -16.78
C TYR IA 46 -7.27 -31.03 -15.71
N ASN IA 47 -7.43 -31.69 -14.58
CA ASN IA 47 -8.28 -31.22 -13.51
C ASN IA 47 -7.55 -30.22 -12.63
N TRP IA 48 -6.23 -30.15 -12.79
CA TRP IA 48 -5.41 -29.20 -12.03
C TRP IA 48 -5.57 -27.78 -12.54
N SER IA 49 -5.61 -27.59 -13.85
CA SER IA 49 -5.84 -26.26 -14.43
C SER IA 49 -7.34 -26.04 -14.63
N ALA IA 50 -7.98 -25.59 -13.57
CA ALA IA 50 -9.39 -25.21 -13.61
C ALA IA 50 -9.60 -23.93 -14.44
N LYS IA 51 -8.60 -23.05 -14.42
CA LYS IA 51 -8.60 -21.88 -15.30
C LYS IA 51 -8.50 -22.32 -16.74
N ALA IA 52 -7.60 -23.24 -17.04
CA ALA IA 52 -7.49 -23.77 -18.41
C ALA IA 52 -8.76 -24.49 -18.84
N LYS IA 53 -9.34 -25.25 -17.92
CA LYS IA 53 -10.57 -25.98 -18.19
C LYS IA 53 -11.62 -25.01 -18.70
N ARG IA 54 -11.79 -23.89 -18.00
CA ARG IA 54 -12.81 -22.90 -18.36
C ARG IA 54 -12.57 -22.16 -19.69
N ARG IA 55 -11.33 -22.12 -20.15
CA ARG IA 55 -11.00 -21.33 -21.33
C ARG IA 55 -11.55 -21.90 -22.63
N ASN IA 56 -11.84 -23.20 -22.67
CA ASN IA 56 -12.58 -23.78 -23.79
C ASN IA 56 -13.45 -24.95 -23.36
N THR IA 57 -14.36 -24.63 -22.46
CA THR IA 57 -15.50 -25.46 -22.13
C THR IA 57 -16.48 -25.35 -23.28
N THR IA 58 -17.67 -25.93 -23.14
CA THR IA 58 -18.69 -25.77 -24.15
C THR IA 58 -19.03 -24.30 -24.29
N GLY IA 59 -19.78 -23.72 -23.36
CA GLY IA 59 -20.27 -22.34 -23.53
C GLY IA 59 -19.44 -21.48 -24.46
N THR IA 60 -18.16 -21.39 -24.14
CA THR IA 60 -17.13 -20.64 -24.85
C THR IA 60 -17.35 -20.30 -26.34
N GLY IA 61 -17.53 -21.33 -27.18
CA GLY IA 61 -17.62 -21.14 -28.63
C GLY IA 61 -19.01 -20.75 -29.13
N ARG IA 62 -19.29 -21.12 -30.39
CA ARG IA 62 -20.56 -20.79 -31.03
C ARG IA 62 -21.74 -21.56 -30.43
N MET IA 63 -21.52 -22.85 -30.18
CA MET IA 63 -22.57 -23.78 -29.79
C MET IA 63 -23.68 -23.75 -30.84
N ARG IA 64 -23.27 -23.72 -32.10
CA ARG IA 64 -24.21 -23.57 -33.18
C ARG IA 64 -25.22 -24.71 -33.31
N HIS IA 65 -24.85 -25.95 -32.99
CA HIS IA 65 -25.87 -26.99 -32.91
C HIS IA 65 -26.58 -26.93 -31.58
N LEU IA 66 -25.77 -26.92 -30.54
CA LEU IA 66 -26.24 -27.04 -29.17
C LEU IA 66 -27.18 -25.91 -28.71
N LYS IA 67 -27.05 -24.72 -29.29
CA LYS IA 67 -27.91 -23.57 -28.93
C LYS IA 67 -29.30 -23.67 -29.51
N ILE IA 68 -29.44 -24.30 -30.68
CA ILE IA 68 -30.77 -24.54 -31.24
C ILE IA 68 -31.40 -25.82 -30.70
N VAL IA 69 -30.61 -26.75 -30.16
CA VAL IA 69 -31.16 -27.91 -29.46
C VAL IA 69 -31.90 -27.44 -28.23
N TYR IA 70 -31.28 -26.52 -27.49
CA TYR IA 70 -31.92 -26.04 -26.28
C TYR IA 70 -33.28 -25.45 -26.59
N ARG IA 71 -33.37 -24.69 -27.68
CA ARG IA 71 -34.64 -24.12 -28.15
C ARG IA 71 -35.62 -25.20 -28.56
N ARG IA 72 -35.12 -26.17 -29.30
CA ARG IA 72 -35.95 -27.24 -29.83
C ARG IA 72 -36.64 -27.96 -28.70
N PHE IA 73 -35.85 -28.37 -27.72
CA PHE IA 73 -36.33 -29.01 -26.50
C PHE IA 73 -37.42 -28.23 -25.78
N ARG IA 74 -37.14 -26.96 -25.54
CA ARG IA 74 -38.01 -26.04 -24.81
C ARG IA 74 -39.45 -26.25 -25.23
N HIS IA 75 -39.67 -26.08 -26.52
CA HIS IA 75 -40.99 -26.04 -27.09
C HIS IA 75 -41.50 -27.47 -27.38
N GLY IA 76 -40.60 -28.46 -27.38
CA GLY IA 76 -40.97 -29.90 -27.21
C GLY IA 76 -40.46 -30.95 -28.20
N PHE IA 77 -39.36 -30.66 -28.90
CA PHE IA 77 -38.82 -31.51 -29.96
C PHE IA 77 -39.86 -31.91 -31.04
N ARG IA 78 -40.70 -30.96 -31.43
CA ARG IA 78 -41.65 -31.21 -32.52
C ARG IA 78 -40.88 -31.23 -33.83
N GLU IA 79 -41.29 -32.13 -34.72
CA GLU IA 79 -40.65 -32.31 -36.01
C GLU IA 79 -41.70 -32.37 -37.09
N GLY IA 80 -41.29 -31.96 -38.29
CA GLY IA 80 -42.10 -32.09 -39.50
C GLY IA 80 -43.54 -31.69 -39.32
N THR IA 81 -43.73 -30.41 -39.00
CA THR IA 81 -45.06 -29.83 -38.95
C THR IA 81 -44.87 -28.34 -39.20
N THR IA 82 -45.97 -27.59 -39.36
CA THR IA 82 -45.92 -26.14 -39.39
C THR IA 82 -46.96 -25.59 -38.44
N PRO IA 83 -46.92 -24.28 -38.18
CA PRO IA 83 -48.08 -23.63 -37.57
C PRO IA 83 -49.24 -23.55 -38.56
N LYS IA 84 -50.46 -23.49 -38.03
CA LYS IA 84 -51.68 -23.36 -38.82
C LYS IA 84 -51.52 -22.16 -39.74
N PRO IA 85 -51.64 -22.36 -41.07
CA PRO IA 85 -51.38 -21.28 -42.01
C PRO IA 85 -52.51 -20.26 -42.13
N LYS IA 86 -52.26 -19.22 -42.91
CA LYS IA 86 -53.20 -18.13 -43.14
C LYS IA 86 -54.03 -18.40 -44.40
N PRO JA 1 15.99 -23.81 -84.31
CA PRO JA 1 15.81 -23.54 -85.75
C PRO JA 1 16.59 -24.53 -86.61
N ARG JA 2 16.37 -24.45 -87.92
CA ARG JA 2 16.97 -25.38 -88.86
C ARG JA 2 17.37 -24.68 -90.14
N LYS JA 3 18.63 -24.85 -90.52
CA LYS JA 3 19.07 -24.38 -91.83
C LYS JA 3 18.78 -25.43 -92.88
N ILE JA 4 18.53 -24.96 -94.10
CA ILE JA 4 18.20 -25.80 -95.24
C ILE JA 4 19.20 -25.50 -96.37
N GLU JA 5 19.52 -26.52 -97.18
CA GLU JA 5 20.53 -26.41 -98.23
C GLU JA 5 20.02 -26.50 -99.69
N GLU JA 6 18.77 -26.91 -99.90
CA GLU JA 6 18.21 -27.08 -101.24
C GLU JA 6 17.00 -26.18 -101.39
N ILE JA 7 17.03 -25.35 -102.43
CA ILE JA 7 15.91 -24.45 -102.75
C ILE JA 7 14.57 -25.18 -102.88
N LYS JA 8 14.61 -26.41 -103.38
CA LYS JA 8 13.44 -27.30 -103.47
C LYS JA 8 12.88 -27.67 -102.09
N ASP JA 9 13.80 -28.00 -101.18
CA ASP JA 9 13.46 -28.45 -99.83
C ASP JA 9 12.69 -27.39 -99.04
N PHE JA 10 13.17 -26.15 -99.09
CA PHE JA 10 12.49 -24.99 -98.51
C PHE JA 10 11.13 -24.72 -99.17
N LEU JA 11 11.04 -24.91 -100.49
CA LEU JA 11 9.78 -24.83 -101.20
C LEU JA 11 8.77 -25.88 -100.73
N LEU JA 12 9.25 -27.10 -100.46
CA LEU JA 12 8.41 -28.18 -99.92
C LEU JA 12 7.94 -27.89 -98.48
N THR JA 13 8.85 -27.38 -97.67
CA THR JA 13 8.54 -26.99 -96.29
C THR JA 13 7.54 -25.81 -96.25
N ALA JA 14 7.70 -24.85 -97.16
CA ALA JA 14 6.75 -23.73 -97.31
C ALA JA 14 5.36 -24.17 -97.74
N ARG JA 15 5.28 -25.28 -98.48
CA ARG JA 15 4.02 -25.79 -99.03
C ARG JA 15 3.19 -26.61 -98.03
N ARG JA 16 3.65 -26.79 -96.79
CA ARG JA 16 2.90 -27.56 -95.80
C ARG JA 16 1.66 -26.82 -95.31
N LYS JA 17 0.78 -27.56 -94.64
CA LYS JA 17 -0.44 -27.03 -94.04
C LYS JA 17 -0.10 -26.19 -92.80
N ASP JA 18 0.83 -26.69 -91.98
CA ASP JA 18 1.20 -26.04 -90.71
C ASP JA 18 1.89 -24.69 -90.86
N ALA JA 19 2.53 -24.45 -92.01
CA ALA JA 19 3.34 -23.25 -92.22
C ALA JA 19 2.52 -21.97 -92.25
N LYS JA 20 3.23 -20.86 -92.20
CA LYS JA 20 2.63 -19.53 -92.24
C LYS JA 20 3.71 -18.54 -92.73
N SER JA 21 3.87 -17.38 -92.08
CA SER JA 21 4.89 -16.39 -92.46
C SER JA 21 6.15 -16.94 -93.11
N VAL JA 22 6.48 -16.42 -94.28
CA VAL JA 22 7.73 -16.76 -94.96
C VAL JA 22 8.50 -15.45 -95.20
N LYS JA 23 8.85 -14.82 -94.08
CA LYS JA 23 9.65 -13.58 -94.10
C LYS JA 23 11.02 -13.75 -94.74
N ILE JA 24 11.53 -12.65 -95.29
CA ILE JA 24 12.68 -12.66 -96.19
C ILE JA 24 13.67 -11.56 -95.82
N LYS JA 25 14.82 -11.94 -95.27
CA LYS JA 25 15.81 -10.97 -94.79
C LYS JA 25 16.93 -10.75 -95.80
N LYS JA 26 16.83 -9.64 -96.53
CA LYS JA 26 17.93 -9.18 -97.38
C LYS JA 26 19.02 -8.57 -96.49
N ASN JA 27 20.01 -9.39 -96.15
CA ASN JA 27 21.15 -8.96 -95.33
C ASN JA 27 22.20 -8.13 -96.05
N LYS JA 28 22.10 -8.05 -97.38
CA LYS JA 28 23.24 -7.82 -98.28
C LYS JA 28 24.12 -9.07 -98.22
N ASP JA 29 24.57 -9.51 -99.39
CA ASP JA 29 25.46 -10.69 -99.54
C ASP JA 29 24.92 -12.04 -99.03
N ASN JA 30 23.60 -12.17 -98.89
CA ASN JA 30 23.02 -13.33 -98.21
C ASN JA 30 21.59 -13.68 -98.58
N VAL JA 31 20.67 -12.75 -98.37
CA VAL JA 31 19.22 -12.95 -98.58
C VAL JA 31 18.69 -14.29 -98.02
N LYS JA 32 18.36 -14.29 -96.73
CA LYS JA 32 17.76 -15.46 -96.10
C LYS JA 32 16.29 -15.60 -96.50
N PHE JA 33 15.72 -16.75 -96.15
CA PHE JA 33 14.29 -17.01 -96.32
C PHE JA 33 13.78 -17.80 -95.12
N LYS JA 34 13.26 -17.09 -94.14
CA LYS JA 34 12.80 -17.70 -92.90
C LYS JA 34 11.32 -18.06 -92.98
N VAL JA 35 11.03 -19.36 -92.94
CA VAL JA 35 9.66 -19.85 -92.99
C VAL JA 35 9.34 -20.58 -91.69
N ARG JA 36 8.45 -19.98 -90.91
CA ARG JA 36 7.98 -20.53 -89.66
C ARG JA 36 7.10 -21.74 -89.91
N CYS JA 37 7.18 -22.71 -89.01
CA CYS JA 37 6.26 -23.84 -88.97
C CYS JA 37 5.79 -24.02 -87.52
N SER JA 38 4.95 -25.03 -87.30
CA SER JA 38 4.57 -25.47 -85.96
C SER JA 38 5.74 -25.57 -84.98
N ARG JA 39 6.69 -26.44 -85.33
CA ARG JA 39 7.78 -26.78 -84.44
C ARG JA 39 8.96 -25.84 -84.65
N TYR JA 40 9.44 -25.78 -85.89
CA TYR JA 40 10.72 -25.15 -86.22
C TYR JA 40 10.59 -23.92 -87.08
N LEU JA 41 11.62 -23.07 -87.02
CA LEU JA 41 11.77 -21.93 -87.92
C LEU JA 41 12.83 -22.29 -88.92
N TYR JA 42 12.38 -22.69 -90.09
CA TYR JA 42 13.30 -23.09 -91.13
C TYR JA 42 13.84 -21.83 -91.77
N THR JA 43 15.15 -21.81 -92.02
CA THR JA 43 15.78 -20.75 -92.80
C THR JA 43 16.57 -21.38 -93.93
N LEU JA 44 16.80 -20.58 -94.96
CA LEU JA 44 17.53 -21.00 -96.13
C LEU JA 44 18.35 -19.83 -96.63
N VAL JA 45 19.65 -20.02 -96.75
CA VAL JA 45 20.56 -18.96 -97.17
C VAL JA 45 20.76 -19.08 -98.70
N ILE JA 46 20.40 -18.01 -99.41
CA ILE JA 46 20.49 -17.96 -100.88
C ILE JA 46 21.41 -16.82 -101.26
N THR JA 47 22.69 -17.15 -101.44
CA THR JA 47 23.75 -16.15 -101.69
C THR JA 47 23.50 -15.20 -102.88
N ASP JA 48 22.89 -15.70 -103.96
CA ASP JA 48 22.60 -14.86 -105.13
C ASP JA 48 21.36 -14.00 -104.90
N LYS JA 49 21.37 -12.80 -105.50
CA LYS JA 49 20.27 -11.83 -105.35
C LYS JA 49 19.16 -12.05 -106.38
N GLU JA 50 19.56 -12.35 -107.62
CA GLU JA 50 18.59 -12.59 -108.71
C GLU JA 50 17.83 -13.92 -108.50
N LYS JA 51 18.53 -14.89 -107.95
CA LYS JA 51 17.96 -16.20 -107.60
C LYS JA 51 16.98 -16.07 -106.43
N ALA JA 52 17.29 -15.19 -105.49
CA ALA JA 52 16.38 -14.82 -104.42
C ALA JA 52 15.16 -14.07 -104.96
N GLU JA 53 15.38 -13.16 -105.90
CA GLU JA 53 14.29 -12.43 -106.56
C GLU JA 53 13.39 -13.37 -107.36
N LYS JA 54 13.97 -14.39 -107.97
CA LYS JA 54 13.22 -15.44 -108.68
C LYS JA 54 12.37 -16.28 -107.73
N LEU JA 55 12.97 -16.71 -106.63
CA LEU JA 55 12.28 -17.55 -105.62
C LEU JA 55 11.09 -16.79 -105.02
N LYS JA 56 11.31 -15.51 -104.68
CA LYS JA 56 10.24 -14.60 -104.22
C LYS JA 56 8.87 -14.85 -104.89
N GLN JA 57 8.90 -15.04 -106.21
CA GLN JA 57 7.70 -15.33 -107.00
C GLN JA 57 7.14 -16.76 -106.80
N SER JA 58 8.02 -17.71 -106.50
CA SER JA 58 7.68 -19.14 -106.45
C SER JA 58 6.98 -19.66 -105.17
N LEU JA 59 6.70 -18.78 -104.19
CA LEU JA 59 5.92 -19.18 -103.02
C LEU JA 59 4.42 -19.19 -103.40
N PRO JA 60 3.65 -20.15 -102.88
CA PRO JA 60 2.44 -20.55 -103.61
C PRO JA 60 1.13 -19.71 -103.44
N PRO JA 61 0.26 -20.02 -102.45
CA PRO JA 61 -1.15 -19.68 -102.62
C PRO JA 61 -1.60 -18.29 -102.17
N GLY JA 62 -0.68 -17.53 -101.56
CA GLY JA 62 -1.04 -16.38 -100.74
C GLY JA 62 -0.66 -16.63 -99.30
N LEU JA 63 0.64 -16.85 -99.09
CA LEU JA 63 1.23 -16.94 -97.75
C LEU JA 63 1.62 -15.51 -97.38
N ALA JA 64 2.10 -15.30 -96.16
CA ALA JA 64 2.36 -13.93 -95.68
C ALA JA 64 3.44 -13.21 -96.47
N VAL JA 65 4.54 -13.91 -96.74
CA VAL JA 65 5.72 -13.34 -97.44
C VAL JA 65 6.07 -11.96 -96.87
N LYS JA 66 6.07 -11.89 -95.54
CA LYS JA 66 6.23 -10.64 -94.82
C LYS JA 66 7.70 -10.20 -94.89
N GLU JA 67 8.05 -9.48 -95.95
CA GLU JA 67 9.44 -9.08 -96.16
C GLU JA 67 9.87 -8.14 -95.03
N LEU JA 68 11.10 -8.30 -94.60
CA LEU JA 68 11.59 -7.75 -93.33
C LEU JA 68 12.39 -6.46 -93.53
N LYS JA 69 11.93 -5.40 -92.87
CA LYS JA 69 12.73 -4.17 -92.74
C LYS JA 69 12.23 -3.34 -91.55
N SER KA 1 8.15 -14.87 -45.15
CA SER KA 1 9.36 -15.69 -45.49
C SER KA 1 9.64 -15.77 -46.99
N SER KA 2 8.60 -15.68 -47.83
CA SER KA 2 8.68 -15.90 -49.28
C SER KA 2 8.62 -17.39 -49.67
N HIS KA 3 8.56 -18.27 -48.67
CA HIS KA 3 8.13 -19.65 -48.86
C HIS KA 3 7.04 -19.88 -47.83
N LYS KA 4 5.82 -19.56 -48.22
CA LYS KA 4 4.71 -19.75 -47.32
C LYS KA 4 3.94 -20.99 -47.72
N THR KA 5 3.28 -21.57 -46.74
CA THR KA 5 2.21 -22.51 -46.97
C THR KA 5 0.98 -21.70 -47.31
N PHE KA 6 -0.08 -22.38 -47.70
CA PHE KA 6 -1.34 -21.69 -47.96
C PHE KA 6 -2.05 -21.41 -46.64
N ARG KA 7 -2.04 -22.39 -45.73
CA ARG KA 7 -2.55 -22.21 -44.37
C ARG KA 7 -2.09 -20.89 -43.75
N ILE KA 8 -0.78 -20.68 -43.76
CA ILE KA 8 -0.16 -19.49 -43.17
C ILE KA 8 -0.53 -18.25 -43.93
N LYS KA 9 -0.47 -18.31 -45.26
CA LYS KA 9 -0.81 -17.13 -46.06
C LYS KA 9 -2.20 -16.59 -45.74
N ARG KA 10 -3.18 -17.48 -45.65
CA ARG KA 10 -4.55 -17.10 -45.36
C ARG KA 10 -4.69 -16.47 -43.97
N PHE KA 11 -4.02 -17.08 -43.00
CA PHE KA 11 -3.90 -16.54 -41.64
C PHE KA 11 -3.41 -15.10 -41.64
N LEU KA 12 -2.31 -14.85 -42.37
CA LEU KA 12 -1.76 -13.50 -42.49
C LEU KA 12 -2.76 -12.55 -43.10
N ALA KA 13 -3.48 -12.99 -44.13
CA ALA KA 13 -4.44 -12.15 -44.82
C ALA KA 13 -5.51 -11.59 -43.90
N LYS KA 14 -6.11 -12.47 -43.10
CA LYS KA 14 -7.09 -12.06 -42.12
C LYS KA 14 -6.48 -11.06 -41.13
N LYS KA 15 -5.30 -11.38 -40.61
CA LYS KA 15 -4.58 -10.46 -39.72
C LYS KA 15 -4.39 -9.09 -40.35
N GLN KA 16 -4.08 -9.09 -41.64
CA GLN KA 16 -3.88 -7.86 -42.41
C GLN KA 16 -5.20 -7.05 -42.57
N LYS KA 17 -6.31 -7.77 -42.75
CA LYS KA 17 -7.64 -7.15 -42.79
C LYS KA 17 -8.11 -6.58 -41.43
N GLN KA 18 -7.75 -7.23 -40.34
CA GLN KA 18 -8.17 -6.78 -39.01
C GLN KA 18 -7.56 -5.47 -38.57
N ASN KA 19 -6.41 -5.11 -39.13
CA ASN KA 19 -5.66 -3.96 -38.68
C ASN KA 19 -6.32 -2.60 -38.89
N ARG KA 20 -7.15 -2.46 -39.92
CA ARG KA 20 -7.71 -1.15 -40.28
C ARG KA 20 -8.38 -0.41 -39.09
N PRO KA 21 -8.30 0.93 -39.08
CA PRO KA 21 -8.91 1.70 -38.02
C PRO KA 21 -10.40 1.88 -38.20
N ILE KA 22 -11.08 2.14 -37.10
CA ILE KA 22 -12.54 2.32 -37.05
C ILE KA 22 -13.07 3.22 -38.18
N PRO KA 23 -14.28 2.90 -38.70
CA PRO KA 23 -14.97 3.84 -39.58
C PRO KA 23 -15.63 4.94 -38.77
N GLN KA 24 -15.37 6.19 -39.13
CA GLN KA 24 -15.78 7.33 -38.28
C GLN KA 24 -17.29 7.49 -38.09
N TRP KA 25 -18.09 7.02 -39.04
CA TRP KA 25 -19.55 6.94 -38.85
C TRP KA 25 -20.00 6.07 -37.67
N ILE KA 26 -19.15 5.13 -37.25
CA ILE KA 26 -19.40 4.34 -36.04
C ILE KA 26 -19.48 5.21 -34.79
N ARG KA 27 -18.65 6.24 -34.73
CA ARG KA 27 -18.64 7.16 -33.59
C ARG KA 27 -20.00 7.84 -33.40
N MET KA 28 -20.68 8.14 -34.52
CA MET KA 28 -21.98 8.81 -34.48
C MET KA 28 -23.20 7.92 -34.17
N LYS KA 29 -23.01 6.61 -34.07
CA LYS KA 29 -24.11 5.70 -33.67
C LYS KA 29 -24.69 6.06 -32.31
N THR KA 30 -25.86 5.52 -32.02
CA THR KA 30 -26.61 5.89 -30.83
C THR KA 30 -25.85 5.63 -29.54
N GLY KA 31 -25.68 4.35 -29.17
CA GLY KA 31 -25.08 3.99 -27.88
C GLY KA 31 -23.61 3.64 -28.01
N ASN KA 32 -22.80 4.59 -28.46
CA ASN KA 32 -21.42 4.31 -28.81
C ASN KA 32 -20.40 4.65 -27.72
N LYS KA 33 -19.66 3.63 -27.32
CA LYS KA 33 -18.60 3.76 -26.34
C LYS KA 33 -17.22 3.66 -26.99
N ILE KA 34 -17.17 3.44 -28.31
CA ILE KA 34 -15.92 3.13 -29.00
C ILE KA 34 -15.35 4.40 -29.62
N ARG KA 35 -14.10 4.73 -29.27
CA ARG KA 35 -13.41 5.90 -29.85
C ARG KA 35 -12.26 5.52 -30.78
N TYR KA 36 -11.59 4.40 -30.54
CA TYR KA 36 -10.50 3.95 -31.41
C TYR KA 36 -10.34 2.43 -31.32
N ASN KA 37 -9.75 1.84 -32.36
CA ASN KA 37 -9.80 0.40 -32.56
C ASN KA 37 -9.12 -0.43 -31.47
N SER KA 38 -8.07 0.08 -30.85
CA SER KA 38 -7.43 -0.59 -29.70
C SER KA 38 -7.00 -2.06 -29.87
N LYS KA 39 -7.10 -2.60 -31.09
CA LYS KA 39 -6.60 -3.93 -31.42
C LYS KA 39 -5.72 -3.80 -32.66
N ARG KA 40 -4.99 -2.70 -32.73
CA ARG KA 40 -4.16 -2.38 -33.88
C ARG KA 40 -2.76 -2.85 -33.65
N ARG KA 41 -2.23 -3.56 -34.63
CA ARG KA 41 -1.01 -4.31 -34.47
C ARG KA 41 0.01 -3.78 -35.45
N HIS KA 42 1.07 -3.20 -34.91
CA HIS KA 42 2.17 -2.75 -35.74
C HIS KA 42 3.27 -3.80 -35.80
N TRP KA 43 3.55 -4.25 -37.02
CA TRP KA 43 4.59 -5.27 -37.29
C TRP KA 43 5.92 -5.11 -36.55
N ARG KA 44 6.40 -3.88 -36.39
CA ARG KA 44 7.69 -3.65 -35.74
C ARG KA 44 7.67 -3.96 -34.24
N ARG KA 45 6.52 -3.77 -33.59
CA ARG KA 45 6.34 -4.13 -32.17
C ARG KA 45 5.05 -4.93 -31.93
N THR KA 46 5.21 -6.18 -31.52
CA THR KA 46 4.16 -7.21 -31.35
C THR KA 46 4.04 -8.07 -32.60
N LYS KA 47 4.27 -9.37 -32.41
CA LYS KA 47 4.72 -10.24 -33.48
C LYS KA 47 3.85 -11.48 -33.74
N LEU KA 48 2.55 -11.28 -33.93
CA LEU KA 48 1.64 -12.32 -34.46
C LEU KA 48 1.49 -13.57 -33.60
N GLY KA 49 0.45 -14.35 -33.92
CA GLY KA 49 0.22 -15.67 -33.30
C GLY KA 49 1.15 -16.71 -33.91
N LEU KA 50 2.45 -16.44 -33.79
CA LEU KA 50 3.50 -17.14 -34.51
C LEU KA 50 4.85 -16.70 -33.94
N ILE LA 1 102.79 26.45 34.85
CA ILE LA 1 101.42 26.07 34.36
C ILE LA 1 100.34 27.05 34.82
N ILE LA 2 100.13 27.16 36.14
CA ILE LA 2 99.05 27.96 36.71
C ILE LA 2 99.33 28.20 38.20
N GLU LA 3 99.16 29.44 38.64
CA GLU LA 3 99.55 29.86 39.99
C GLU LA 3 98.55 29.25 41.01
N PRO LA 4 99.06 28.56 42.05
CA PRO LA 4 98.20 27.76 42.96
C PRO LA 4 97.02 28.49 43.61
N SER LA 5 97.27 29.67 44.18
CA SER LA 5 96.19 30.47 44.78
C SER LA 5 95.18 30.90 43.73
N LEU LA 6 95.68 31.19 42.52
CA LEU LA 6 94.82 31.51 41.37
C LEU LA 6 93.96 30.33 40.95
N ARG LA 7 94.54 29.13 41.01
CA ARG LA 7 93.83 27.89 40.71
C ARG LA 7 92.69 27.63 41.68
N GLN LA 8 93.00 27.73 42.97
CA GLN LA 8 92.02 27.41 44.02
C GLN LA 8 90.85 28.40 43.99
N LEU LA 9 91.13 29.63 43.59
CA LEU LA 9 90.11 30.63 43.31
C LEU LA 9 89.12 30.19 42.21
N ALA LA 10 89.64 29.63 41.12
CA ALA LA 10 88.80 29.13 40.01
C ALA LA 10 88.14 27.79 40.31
N GLN LA 11 88.75 27.00 41.20
CA GLN LA 11 88.10 25.80 41.74
C GLN LA 11 86.84 26.22 42.49
N LYS LA 12 87.02 27.10 43.48
CA LYS LA 12 85.92 27.67 44.28
C LYS LA 12 84.67 27.92 43.44
N TYR LA 13 84.86 28.51 42.27
CA TYR LA 13 83.74 28.77 41.38
C TYR LA 13 83.26 27.57 40.56
N ASN LA 14 84.16 26.66 40.19
CA ASN LA 14 83.81 25.53 39.32
C ASN LA 14 83.62 24.16 39.98
N CYS LA 15 84.36 23.89 41.05
CA CYS LA 15 84.53 22.52 41.59
C CYS LA 15 84.23 22.30 43.08
N ASP LA 16 84.06 23.37 43.85
CA ASP LA 16 83.80 23.28 45.29
C ASP LA 16 82.29 23.43 45.49
N LYS LA 17 81.57 22.38 45.10
CA LYS LA 17 80.12 22.42 44.93
C LYS LA 17 79.49 21.11 45.37
N MET LA 18 78.22 21.17 45.79
CA MET LA 18 77.37 19.98 45.97
C MET LA 18 76.54 19.76 44.73
N ILE LA 19 76.13 18.51 44.55
CA ILE LA 19 75.35 18.10 43.40
C ILE LA 19 74.15 17.28 43.86
N CYS LA 20 73.00 17.56 43.27
CA CYS LA 20 71.77 16.85 43.63
C CYS LA 20 71.74 15.47 42.99
N ARG LA 21 71.32 14.49 43.78
CA ARG LA 21 71.33 13.09 43.37
C ARG LA 21 70.13 12.75 42.49
N LYS LA 22 69.11 13.60 42.54
CA LYS LA 22 67.91 13.42 41.75
C LYS LA 22 68.12 14.14 40.40
N CYS LA 23 68.39 15.45 40.45
CA CYS LA 23 68.30 16.33 39.27
C CYS LA 23 69.63 16.87 38.72
N TYR LA 24 70.74 16.43 39.29
CA TYR LA 24 72.09 16.91 38.92
C TYR LA 24 72.33 18.39 39.07
N ALA LA 25 71.49 19.11 39.80
CA ALA LA 25 71.71 20.53 39.99
C ALA LA 25 73.05 20.74 40.68
N ARG LA 26 73.78 21.75 40.22
CA ARG LA 26 75.06 22.13 40.77
C ARG LA 26 74.74 23.13 41.88
N LEU LA 27 75.22 22.84 43.08
CA LEU LA 27 74.83 23.57 44.29
C LEU LA 27 76.04 24.01 45.07
N HIS LA 28 75.90 25.09 45.83
CA HIS LA 28 76.93 25.50 46.79
C HIS LA 28 77.25 24.39 47.81
N PRO LA 29 78.53 24.27 48.20
CA PRO LA 29 78.98 23.11 48.96
C PRO LA 29 78.44 22.99 50.39
N ARG LA 30 77.96 24.10 50.96
CA ARG LA 30 77.30 24.08 52.27
C ARG LA 30 75.92 23.40 52.19
N ALA LA 31 75.30 23.41 51.00
CA ALA LA 31 73.96 22.82 50.76
C ALA LA 31 73.65 21.55 51.52
N VAL LA 32 72.50 21.54 52.17
CA VAL LA 32 71.88 20.31 52.65
C VAL LA 32 70.75 19.86 51.73
N ASN LA 33 69.95 20.83 51.24
CA ASN LA 33 68.89 20.54 50.28
C ASN LA 33 69.15 21.15 48.93
N CYS LA 34 68.47 20.60 47.93
CA CYS LA 34 68.60 21.09 46.57
C CYS LA 34 67.86 22.40 46.41
N ARG LA 35 68.14 23.06 45.29
CA ARG LA 35 67.43 24.26 44.88
C ARG LA 35 66.10 23.88 44.28
N LYS LA 36 66.14 22.80 43.51
CA LYS LA 36 65.24 22.60 42.39
C LYS LA 36 63.89 22.08 42.81
N LYS LA 37 62.86 22.86 42.49
CA LYS LA 37 61.48 22.45 42.67
C LYS LA 37 61.17 21.18 41.86
N LYS LA 38 61.88 20.96 40.76
CA LYS LA 38 61.69 19.75 39.95
C LYS LA 38 61.95 18.45 40.71
N CYS LA 39 62.90 18.46 41.63
CA CYS LA 39 63.21 17.28 42.44
C CYS LA 39 62.79 17.43 43.90
N GLY LA 40 62.04 18.48 44.20
CA GLY LA 40 61.47 18.69 45.53
C GLY LA 40 62.49 18.82 46.63
N HIS LA 41 63.50 19.66 46.38
CA HIS LA 41 64.52 19.99 47.39
C HIS LA 41 65.11 18.70 48.00
N THR LA 42 65.40 17.76 47.12
CA THR LA 42 65.68 16.35 47.44
C THR LA 42 66.38 16.05 48.76
N ASN LA 43 67.50 16.72 48.98
CA ASN LA 43 68.43 16.45 50.08
C ASN LA 43 69.36 15.24 49.88
N ASN LA 44 68.99 14.27 49.04
CA ASN LA 44 69.98 13.36 48.49
C ASN LA 44 70.91 14.19 47.64
N LEU LA 45 72.06 14.55 48.22
CA LEU LA 45 73.09 15.26 47.48
C LEU LA 45 74.40 14.48 47.57
N ARG LA 46 75.29 14.79 46.65
CA ARG LA 46 76.65 14.28 46.70
C ARG LA 46 77.61 15.40 46.30
N PRO LA 47 78.88 15.26 46.67
CA PRO LA 47 79.86 16.22 46.20
C PRO LA 47 80.17 16.03 44.72
N LYS LA 48 80.58 17.11 44.06
CA LYS LA 48 81.11 17.03 42.70
C LYS LA 48 82.45 16.31 42.73
N LYS LA 49 82.61 15.30 41.89
CA LYS LA 49 83.79 14.44 41.90
C LYS LA 49 85.03 15.24 41.52
N LYS LA 50 86.11 15.10 42.27
CA LYS LA 50 87.32 15.87 42.02
C LYS LA 50 88.10 15.25 40.87
N VAL LA 51 88.76 16.08 40.09
CA VAL LA 51 89.66 15.60 39.03
C VAL LA 51 90.92 15.00 39.68
N LYS LA 52 91.25 13.78 39.29
CA LYS LA 52 92.40 13.06 39.85
C LYS LA 52 93.70 13.52 39.20
N ARG MA 1 88.07 -62.04 -5.89
CA ARG MA 1 88.01 -62.89 -7.13
C ARG MA 1 87.87 -62.01 -8.37
N ALA MA 2 88.57 -62.38 -9.44
CA ALA MA 2 88.60 -61.58 -10.68
C ALA MA 2 87.21 -61.32 -11.24
N LYS MA 3 86.49 -62.40 -11.53
CA LYS MA 3 85.12 -62.32 -12.04
C LYS MA 3 84.26 -61.36 -11.24
N TRP MA 4 84.32 -61.45 -9.91
CA TRP MA 4 83.50 -60.57 -9.08
C TRP MA 4 83.99 -59.14 -9.05
N ARG MA 5 85.30 -58.95 -9.18
CA ARG MA 5 85.88 -57.62 -9.31
C ARG MA 5 85.45 -56.93 -10.61
N LYS MA 6 85.15 -57.72 -11.63
CA LYS MA 6 84.59 -57.21 -12.87
C LYS MA 6 83.15 -56.75 -12.66
N LYS MA 7 82.36 -57.56 -11.95
CA LYS MA 7 80.99 -57.21 -11.57
C LYS MA 7 80.95 -55.95 -10.72
N ARG MA 8 81.79 -55.93 -9.69
CA ARG MA 8 82.02 -54.73 -8.90
C ARG MA 8 82.23 -53.54 -9.83
N MET MA 9 83.22 -53.65 -10.72
CA MET MA 9 83.59 -52.53 -11.60
C MET MA 9 82.50 -52.13 -12.57
N ARG MA 10 81.74 -53.11 -13.05
CA ARG MA 10 80.64 -52.82 -13.97
C ARG MA 10 79.44 -52.20 -13.28
N ARG MA 11 79.25 -52.50 -12.00
CA ARG MA 11 78.21 -51.84 -11.19
C ARG MA 11 78.60 -50.40 -10.85
N LEU MA 12 79.87 -50.22 -10.50
CA LEU MA 12 80.37 -48.91 -10.14
C LEU MA 12 80.40 -48.00 -11.36
N LYS MA 13 80.84 -48.50 -12.51
CA LYS MA 13 80.71 -47.77 -13.79
C LYS MA 13 79.26 -47.34 -14.04
N ARG MA 14 78.33 -48.27 -13.79
CA ARG MA 14 76.90 -48.01 -13.91
C ARG MA 14 76.46 -46.86 -13.00
N LYS MA 15 77.02 -46.79 -11.79
CA LYS MA 15 76.74 -45.68 -10.88
C LYS MA 15 77.33 -44.36 -11.37
N ARG MA 16 78.49 -44.43 -12.03
CA ARG MA 16 79.13 -43.26 -12.61
C ARG MA 16 78.39 -42.73 -13.82
N ARG MA 17 77.93 -43.63 -14.69
CA ARG MA 17 77.05 -43.23 -15.81
C ARG MA 17 75.87 -42.46 -15.25
N LYS MA 18 75.29 -42.97 -14.17
CA LYS MA 18 74.07 -42.43 -13.57
C LYS MA 18 74.27 -41.07 -12.91
N MET MA 19 75.43 -40.86 -12.27
CA MET MA 19 75.76 -39.57 -11.67
C MET MA 19 75.95 -38.49 -12.70
N ARG MA 20 76.57 -38.84 -13.81
CA ARG MA 20 76.94 -37.84 -14.79
C ARG MA 20 75.74 -37.42 -15.63
N GLN MA 21 74.78 -38.32 -15.82
CA GLN MA 21 73.55 -38.00 -16.54
C GLN MA 21 72.64 -37.01 -15.77
N ARG MA 22 72.97 -36.72 -14.51
CA ARG MA 22 72.36 -35.59 -13.78
C ARG MA 22 72.85 -34.20 -14.25
N SER MA 23 73.85 -34.17 -15.16
CA SER MA 23 74.32 -32.92 -15.77
C SER MA 23 74.59 -33.11 -17.28
N VAL NA 1 25.52 -62.39 46.16
CA VAL NA 1 24.84 -62.84 47.42
C VAL NA 1 24.66 -64.35 47.46
N ASN NA 2 24.25 -64.82 48.63
CA ASN NA 2 23.94 -66.21 48.88
C ASN NA 2 22.63 -66.24 49.63
N VAL NA 3 21.77 -67.18 49.28
CA VAL NA 3 20.58 -67.47 50.08
C VAL NA 3 20.42 -68.98 50.22
N PRO NA 4 19.82 -69.44 51.34
CA PRO NA 4 19.65 -70.87 51.52
C PRO NA 4 18.41 -71.35 50.77
N LYS NA 5 18.37 -72.65 50.49
CA LYS NA 5 17.31 -73.24 49.67
C LYS NA 5 16.00 -73.50 50.40
N THR NA 6 16.04 -73.46 51.73
CA THR NA 6 14.84 -73.57 52.55
C THR NA 6 14.58 -72.30 53.32
N ARG NA 7 13.30 -72.03 53.52
CA ARG NA 7 12.85 -70.78 54.09
C ARG NA 7 11.55 -71.04 54.78
N ARG NA 8 11.51 -70.83 56.09
CA ARG NA 8 10.27 -70.90 56.84
C ARG NA 8 9.68 -69.50 56.93
N THR NA 9 8.86 -69.16 55.94
CA THR NA 9 8.25 -67.85 55.83
C THR NA 9 6.73 -68.03 55.75
N PHE NA 10 6.00 -66.94 55.52
CA PHE NA 10 4.55 -67.01 55.50
C PHE NA 10 4.05 -67.81 54.30
N CYS NA 11 2.95 -68.53 54.51
CA CYS NA 11 2.21 -69.18 53.41
C CYS NA 11 0.78 -68.67 53.43
N LYS NA 12 0.44 -67.85 52.43
CA LYS NA 12 -0.92 -67.31 52.29
C LYS NA 12 -2.01 -68.39 52.33
N LYS NA 13 -1.81 -69.46 51.56
CA LYS NA 13 -2.86 -70.46 51.38
C LYS NA 13 -3.20 -71.10 52.70
N CYS NA 14 -2.17 -71.54 53.41
CA CYS NA 14 -2.34 -72.16 54.73
C CYS NA 14 -2.73 -71.15 55.81
N GLY NA 15 -2.22 -69.92 55.70
CA GLY NA 15 -2.46 -68.88 56.70
C GLY NA 15 -1.40 -68.76 57.77
N LYS NA 16 -0.56 -69.79 57.90
CA LYS NA 16 0.52 -69.81 58.88
C LYS NA 16 1.81 -69.36 58.23
N HIS NA 17 2.87 -69.40 59.04
CA HIS NA 17 4.22 -69.58 58.55
C HIS NA 17 4.41 -71.04 58.22
N GLN NA 18 5.22 -71.31 57.20
CA GLN NA 18 5.51 -72.68 56.78
C GLN NA 18 6.79 -72.74 55.96
N PRO NA 19 7.44 -73.91 55.95
CA PRO NA 19 8.65 -74.03 55.16
C PRO NA 19 8.35 -73.98 53.67
N HIS NA 20 9.23 -73.31 52.93
CA HIS NA 20 9.11 -73.21 51.49
C HIS NA 20 10.45 -73.55 50.87
N LYS NA 21 10.38 -74.27 49.76
CA LYS NA 21 11.53 -74.49 48.92
C LYS NA 21 11.73 -73.21 48.14
N VAL NA 22 12.99 -72.86 47.85
CA VAL NA 22 13.33 -71.62 47.13
C VAL NA 22 14.03 -71.96 45.82
N THR NA 23 13.79 -71.15 44.80
CA THR NA 23 14.43 -71.31 43.49
C THR NA 23 14.36 -70.02 42.71
N GLN NA 24 15.40 -69.68 41.97
CA GLN NA 24 15.39 -68.41 41.24
C GLN NA 24 14.62 -68.49 39.93
N TYR NA 25 13.78 -67.46 39.73
CA TYR NA 25 12.68 -67.48 38.76
C TYR NA 25 13.14 -67.09 37.37
N LYS NA 26 12.44 -67.60 36.36
CA LYS NA 26 12.79 -67.36 34.97
C LYS NA 26 11.57 -66.89 34.17
N LYS NA 27 11.82 -66.04 33.19
CA LYS NA 27 10.83 -65.71 32.18
C LYS NA 27 10.49 -66.96 31.40
N GLY NA 28 9.20 -67.21 31.18
CA GLY NA 28 8.75 -68.30 30.32
C GLY NA 28 8.90 -67.99 28.85
N LYS NA 29 8.66 -68.98 28.00
CA LYS NA 29 8.56 -68.75 26.55
C LYS NA 29 7.32 -67.92 26.26
N ASP NA 30 7.37 -67.16 25.18
CA ASP NA 30 6.46 -66.04 24.99
C ASP NA 30 5.23 -66.37 24.12
N SER NA 31 4.30 -67.10 24.73
CA SER NA 31 2.95 -67.42 24.21
C SER NA 31 2.68 -67.54 22.70
N LEU NA 32 2.87 -66.44 21.97
CA LEU NA 32 2.61 -66.34 20.52
C LEU NA 32 1.14 -66.00 20.24
N TYR NA 33 0.22 -66.55 21.03
CA TYR NA 33 -1.20 -66.18 20.92
C TYR NA 33 -1.68 -65.33 22.07
N ALA NA 34 -0.81 -64.49 22.62
CA ALA NA 34 -1.23 -63.43 23.52
C ALA NA 34 -1.71 -62.29 22.66
N GLN NA 35 -2.67 -61.53 23.17
CA GLN NA 35 -3.23 -60.42 22.42
C GLN NA 35 -2.11 -59.51 21.98
N GLY NA 36 -1.17 -59.24 22.87
CA GLY NA 36 -0.02 -58.44 22.52
C GLY NA 36 0.69 -58.96 21.29
N LYS NA 37 1.09 -60.23 21.34
CA LYS NA 37 1.85 -60.82 20.25
C LYS NA 37 1.04 -60.97 18.98
N ARG NA 38 -0.23 -61.28 19.15
CA ARG NA 38 -1.17 -61.28 18.03
C ARG NA 38 -1.34 -59.90 17.42
N ARG NA 39 -1.33 -58.88 18.27
CA ARG NA 39 -1.46 -57.50 17.79
C ARG NA 39 -0.21 -57.09 17.04
N TYR NA 40 0.96 -57.29 17.65
CA TYR NA 40 2.22 -56.94 17.00
C TYR NA 40 2.39 -57.70 15.72
N ASP NA 41 1.96 -58.96 15.69
CA ASP NA 41 2.07 -59.74 14.47
C ASP NA 41 1.36 -59.04 13.33
N ARG NA 42 0.08 -58.73 13.49
CA ARG NA 42 -0.68 -58.19 12.38
C ARG NA 42 -0.41 -56.71 12.10
N LYS NA 43 0.25 -56.02 13.02
CA LYS NA 43 0.74 -54.67 12.74
C LYS NA 43 2.02 -54.80 11.93
N GLN NA 44 3.00 -55.48 12.49
CA GLN NA 44 4.33 -55.65 11.92
C GLN NA 44 4.33 -56.29 10.53
N SER NA 45 3.22 -56.95 10.17
CA SER NA 45 3.04 -57.49 8.82
C SER NA 45 2.86 -56.41 7.75
N GLY NA 46 2.87 -56.86 6.50
CA GLY NA 46 2.78 -55.99 5.33
C GLY NA 46 4.08 -55.27 5.10
N TYR NA 47 3.98 -54.11 4.46
CA TYR NA 47 5.06 -53.13 4.43
C TYR NA 47 4.88 -52.16 5.60
N GLY NA 48 5.72 -51.12 5.66
CA GLY NA 48 5.75 -50.18 6.78
C GLY NA 48 7.05 -50.26 7.55
N GLY NA 49 7.80 -51.35 7.33
CA GLY NA 49 9.00 -51.60 8.10
C GLY NA 49 8.61 -51.95 9.51
N GLN NA 50 9.48 -51.61 10.47
CA GLN NA 50 9.18 -51.87 11.86
C GLN NA 50 8.32 -50.76 12.42
N THR NA 51 7.37 -51.17 13.26
CA THR NA 51 6.24 -50.38 13.63
C THR NA 51 6.25 -49.89 15.08
N LYS NA 52 6.71 -50.73 16.00
CA LYS NA 52 6.89 -50.32 17.38
C LYS NA 52 8.40 -50.18 17.64
N PRO NA 53 8.79 -49.48 18.73
CA PRO NA 53 10.21 -49.19 18.97
C PRO NA 53 11.04 -50.38 19.41
N ILE NA 54 12.36 -50.24 19.31
CA ILE NA 54 13.30 -51.30 19.67
C ILE NA 54 14.35 -50.71 20.58
N PHE NA 55 14.49 -51.30 21.76
CA PHE NA 55 15.31 -50.73 22.81
C PHE NA 55 16.76 -51.05 22.55
N ARG NA 56 17.58 -50.03 22.33
CA ARG NA 56 18.99 -50.21 21.99
C ARG NA 56 19.86 -49.26 22.83
N LYS NA 57 19.69 -49.29 24.15
CA LYS NA 57 20.36 -48.30 25.01
C LYS NA 57 20.45 -48.78 26.48
N LYS NA 58 20.97 -50.00 26.66
CA LYS NA 58 21.03 -50.69 27.96
C LYS NA 58 21.93 -49.98 28.97
N ALA NA 59 21.33 -49.64 30.11
CA ALA NA 59 21.98 -48.85 31.13
C ALA NA 59 22.48 -49.72 32.25
N LYS NA 60 21.61 -50.54 32.82
CA LYS NA 60 22.02 -51.41 33.94
C LYS NA 60 22.66 -52.70 33.46
N THR NA 61 23.35 -53.32 34.42
CA THR NA 61 24.13 -54.52 34.21
C THR NA 61 23.79 -55.56 35.30
N THR NA 62 22.52 -55.61 35.70
CA THR NA 62 22.03 -56.61 36.65
C THR NA 62 20.51 -56.54 36.83
N LYS NA 63 19.92 -57.69 37.12
CA LYS NA 63 18.49 -57.82 37.35
C LYS NA 63 18.22 -57.87 38.85
N LYS NA 64 17.03 -57.40 39.27
CA LYS NA 64 16.53 -57.69 40.61
C LYS NA 64 16.29 -59.18 40.65
N ILE NA 65 17.00 -59.90 41.52
CA ILE NA 65 16.80 -61.35 41.58
C ILE NA 65 15.49 -61.65 42.31
N VAL NA 66 14.80 -62.65 41.80
CA VAL NA 66 13.52 -63.09 42.32
C VAL NA 66 13.70 -64.53 42.71
N LEU NA 67 13.05 -64.90 43.80
CA LEU NA 67 13.02 -66.25 44.26
C LEU NA 67 11.61 -66.72 44.04
N ARG NA 68 11.43 -68.01 43.86
CA ARG NA 68 10.13 -68.63 43.66
C ARG NA 68 9.86 -69.56 44.84
N LEU NA 69 9.22 -69.00 45.86
CA LEU NA 69 8.99 -69.69 47.12
C LEU NA 69 7.78 -70.61 47.01
N GLU NA 70 8.03 -71.92 47.08
CA GLU NA 70 7.00 -72.95 46.91
C GLU NA 70 6.75 -73.63 48.25
N CYS NA 71 5.48 -73.76 48.62
CA CYS NA 71 5.12 -74.26 49.95
C CYS NA 71 5.39 -75.75 50.06
N VAL NA 72 5.97 -76.15 51.19
CA VAL NA 72 6.40 -77.54 51.38
C VAL NA 72 5.24 -78.44 51.75
N GLU NA 73 4.35 -77.99 52.64
CA GLU NA 73 3.21 -78.82 53.01
C GLU NA 73 2.42 -79.17 51.76
N PRO NA 74 2.25 -80.49 51.48
CA PRO NA 74 1.40 -80.89 50.36
C PRO NA 74 -0.06 -80.64 50.69
N ASN NA 75 -0.92 -80.77 49.68
CA ASN NA 75 -2.29 -80.23 49.73
C ASN NA 75 -2.26 -78.69 49.79
N CYS NA 76 -1.27 -78.09 49.13
CA CYS NA 76 -1.11 -76.63 49.08
C CYS NA 76 -0.13 -76.27 47.97
N ARG NA 77 1.15 -76.59 48.20
CA ARG NA 77 2.22 -76.47 47.20
C ARG NA 77 2.34 -75.07 46.57
N SER NA 78 1.80 -74.07 47.26
CA SER NA 78 1.56 -72.76 46.67
C SER NA 78 2.86 -72.03 46.39
N LYS NA 79 3.05 -71.66 45.13
CA LYS NA 79 4.22 -70.93 44.70
C LYS NA 79 4.00 -69.44 44.94
N ARG NA 80 5.10 -68.69 44.97
CA ARG NA 80 5.05 -67.27 45.36
C ARG NA 80 6.33 -66.55 44.91
N MET NA 81 6.18 -65.36 44.34
CA MET NA 81 7.33 -64.55 43.91
C MET NA 81 7.81 -63.67 45.05
N LEU NA 82 9.12 -63.60 45.19
CA LEU NA 82 9.75 -62.91 46.30
C LEU NA 82 11.03 -62.27 45.78
N ALA NA 83 11.00 -60.95 45.62
CA ALA NA 83 12.14 -60.21 45.06
C ALA NA 83 13.14 -59.83 46.14
N ILE NA 84 14.35 -59.56 45.70
CA ILE NA 84 15.47 -59.20 46.55
C ILE NA 84 16.21 -58.07 45.82
N LYS NA 85 17.02 -57.31 46.54
CA LYS NA 85 17.83 -56.24 45.94
C LYS NA 85 18.80 -56.75 44.86
N ARG NA 86 19.04 -55.92 43.86
CA ARG NA 86 19.91 -56.24 42.71
C ARG NA 86 21.29 -56.69 43.14
N CYS NA 87 21.84 -57.71 42.49
CA CYS NA 87 23.22 -58.11 42.76
C CYS NA 87 23.86 -58.90 41.62
N LYS NA 88 25.08 -58.51 41.24
CA LYS NA 88 25.77 -59.17 40.14
C LYS NA 88 26.56 -60.39 40.59
N HIS NA 89 26.11 -61.01 41.68
CA HIS NA 89 26.45 -62.37 42.01
C HIS NA 89 25.29 -62.91 42.82
N PHE NA 90 24.87 -64.14 42.52
CA PHE NA 90 23.80 -64.80 43.27
C PHE NA 90 24.01 -66.30 43.28
N GLU NA 91 23.60 -66.95 44.37
CA GLU NA 91 23.66 -68.41 44.46
C GLU NA 91 22.73 -68.93 45.56
N LEU NA 92 22.44 -70.23 45.51
CA LEU NA 92 21.60 -70.88 46.52
C LEU NA 92 22.32 -72.02 47.26
N GLY NA 93 22.46 -71.88 48.56
CA GLY NA 93 23.10 -72.88 49.40
C GLY NA 93 24.60 -72.98 49.16
N GLY NA 94 25.27 -71.84 49.03
CA GLY NA 94 26.69 -71.78 48.73
C GLY NA 94 27.59 -71.62 49.95
N ASP NA 95 27.60 -72.64 50.82
CA ASP NA 95 28.37 -72.64 52.08
C ASP NA 95 27.90 -71.60 53.10
N LYS NA 96 28.41 -71.72 54.33
CA LYS NA 96 28.05 -70.80 55.41
C LYS NA 96 29.21 -69.88 55.84
N LYS NA 97 30.13 -69.61 54.92
CA LYS NA 97 31.26 -68.66 55.10
C LYS NA 97 32.28 -68.89 56.24
N ARG NA 98 31.81 -69.25 57.43
CA ARG NA 98 32.65 -69.69 58.57
C ARG NA 98 33.49 -68.56 59.20
N LYS NA 99 33.08 -68.10 60.38
CA LYS NA 99 33.84 -67.13 61.15
C LYS NA 99 35.08 -67.77 61.77
N GLY NA 100 36.16 -66.99 61.87
CA GLY NA 100 37.35 -67.37 62.64
C GLY NA 100 38.15 -68.53 62.08
N GLN NA 101 38.51 -68.44 60.81
CA GLN NA 101 39.22 -69.52 60.10
C GLN NA 101 40.40 -69.00 59.30
N VAL NA 102 41.22 -69.94 58.86
CA VAL NA 102 42.45 -69.63 58.12
C VAL NA 102 42.11 -69.46 56.65
N ILE NA 103 42.56 -68.35 56.07
CA ILE NA 103 42.47 -68.12 54.63
C ILE NA 103 43.85 -68.47 54.08
N GLN NA 104 43.88 -69.06 52.88
CA GLN NA 104 45.11 -69.62 52.32
C GLN NA 104 45.22 -69.41 50.80
N ALA OA 1 70.30 -44.57 -46.64
CA ALA OA 1 70.23 -43.49 -45.61
C ALA OA 1 70.63 -42.11 -46.17
N LYS OA 2 69.97 -41.74 -47.28
CA LYS OA 2 70.24 -40.48 -47.98
C LYS OA 2 69.76 -39.28 -47.18
N ARG OA 3 68.49 -39.32 -46.81
CA ARG OA 3 67.84 -38.21 -46.11
C ARG OA 3 67.78 -38.44 -44.60
N THR OA 4 67.40 -39.65 -44.18
CA THR OA 4 67.39 -40.01 -42.76
C THR OA 4 68.26 -41.22 -42.44
N LYS OA 5 68.91 -41.17 -41.28
CA LYS OA 5 69.67 -42.31 -40.78
C LYS OA 5 68.78 -43.48 -40.46
N LYS OA 6 67.78 -43.25 -39.60
CA LYS OA 6 66.97 -44.32 -39.05
C LYS OA 6 65.55 -43.92 -38.65
N VAL OA 7 64.82 -43.34 -39.58
CA VAL OA 7 63.35 -43.25 -39.45
C VAL OA 7 62.60 -43.66 -40.71
N GLY OA 8 63.06 -43.22 -41.87
CA GLY OA 8 62.43 -43.61 -43.12
C GLY OA 8 60.93 -43.32 -43.12
N ILE OA 9 60.13 -44.29 -43.55
CA ILE OA 9 58.66 -44.16 -43.62
C ILE OA 9 58.08 -43.41 -42.42
N VAL OA 10 58.58 -43.71 -41.21
CA VAL OA 10 58.04 -43.09 -39.99
C VAL OA 10 58.67 -41.74 -39.60
N GLY OA 11 59.39 -41.12 -40.53
CA GLY OA 11 59.82 -39.74 -40.39
C GLY OA 11 58.66 -38.76 -40.50
N LYS OA 12 57.59 -39.18 -41.16
CA LYS OA 12 56.37 -38.37 -41.23
C LYS OA 12 55.91 -37.93 -39.84
N TYR OA 13 55.92 -38.87 -38.90
CA TYR OA 13 55.40 -38.64 -37.57
C TYR OA 13 56.20 -37.63 -36.72
N GLY OA 14 57.39 -37.27 -37.17
CA GLY OA 14 58.18 -36.25 -36.51
C GLY OA 14 58.71 -36.81 -35.20
N THR OA 15 58.74 -35.96 -34.19
CA THR OA 15 59.09 -36.43 -32.85
C THR OA 15 58.05 -37.32 -32.18
N ARG OA 16 56.78 -37.16 -32.55
CA ARG OA 16 55.65 -37.68 -31.76
C ARG OA 16 55.64 -39.19 -31.50
N TYR OA 17 54.93 -39.57 -30.44
CA TYR OA 17 54.45 -40.94 -30.19
C TYR OA 17 55.48 -41.84 -29.52
N GLY OA 18 56.73 -41.41 -29.44
CA GLY OA 18 57.75 -42.22 -28.79
C GLY OA 18 58.52 -43.08 -29.76
N ALA OA 19 59.75 -43.40 -29.37
CA ALA OA 19 60.68 -44.08 -30.24
C ALA OA 19 60.27 -45.51 -30.54
N SER OA 20 59.83 -46.22 -29.50
CA SER OA 20 59.44 -47.61 -29.61
C SER OA 20 58.24 -47.79 -30.50
N LEU OA 21 57.22 -46.98 -30.29
CA LEU OA 21 56.02 -47.05 -31.12
C LEU OA 21 56.37 -46.80 -32.58
N ARG OA 22 57.13 -45.74 -32.85
CA ARG OA 22 57.54 -45.40 -34.21
C ARG OA 22 58.41 -46.46 -34.89
N LYS OA 23 59.27 -47.11 -34.11
CA LYS OA 23 60.02 -48.27 -34.58
C LYS OA 23 59.06 -49.42 -34.89
N MET OA 24 58.08 -49.62 -34.01
CA MET OA 24 57.09 -50.67 -34.17
C MET OA 24 56.19 -50.46 -35.38
N VAL OA 25 55.87 -49.21 -35.66
CA VAL OA 25 55.06 -48.85 -36.82
C VAL OA 25 55.86 -49.03 -38.11
N LYS OA 26 57.17 -48.75 -38.10
CA LYS OA 26 57.97 -48.83 -39.33
C LYS OA 26 57.89 -50.17 -40.05
N LYS OA 27 57.79 -51.25 -39.31
CA LYS OA 27 57.68 -52.58 -39.93
C LYS OA 27 56.39 -52.66 -40.75
N ILE OA 28 55.25 -52.46 -40.09
CA ILE OA 28 53.94 -52.52 -40.73
C ILE OA 28 53.88 -51.46 -41.81
N GLU OA 29 54.11 -50.22 -41.41
CA GLU OA 29 54.00 -49.05 -42.29
C GLU OA 29 54.68 -49.25 -43.63
N ILE OA 30 55.79 -49.97 -43.63
CA ILE OA 30 56.42 -50.43 -44.85
C ILE OA 30 55.57 -51.49 -45.56
N SER OA 31 55.41 -52.65 -44.90
CA SER OA 31 54.73 -53.77 -45.54
C SER OA 31 53.38 -53.41 -46.14
N GLN OA 32 52.59 -52.62 -45.40
CA GLN OA 32 51.25 -52.30 -45.82
C GLN OA 32 51.21 -51.46 -47.10
N HIS OA 33 52.23 -50.62 -47.29
CA HIS OA 33 52.33 -49.79 -48.49
C HIS OA 33 53.14 -50.46 -49.61
N ALA OA 34 53.68 -51.64 -49.35
CA ALA OA 34 54.45 -52.38 -50.34
C ALA OA 34 53.56 -52.77 -51.51
N LYS OA 35 54.14 -52.80 -52.70
CA LYS OA 35 53.48 -53.37 -53.86
C LYS OA 35 54.05 -54.77 -54.03
N TYR OA 36 53.17 -55.76 -53.92
CA TYR OA 36 53.56 -57.17 -54.00
C TYR OA 36 53.37 -57.68 -55.41
N THR OA 37 53.65 -58.96 -55.64
CA THR OA 37 53.48 -59.59 -56.95
C THR OA 37 52.20 -60.41 -57.06
N CYS OA 38 51.35 -60.04 -58.01
CA CYS OA 38 50.10 -60.73 -58.32
C CYS OA 38 50.38 -62.12 -58.86
N SER OA 39 50.32 -63.12 -57.99
CA SER OA 39 50.45 -64.53 -58.38
C SER OA 39 49.24 -65.00 -59.20
N PHE OA 40 49.08 -64.38 -60.37
CA PHE OA 40 47.88 -64.52 -61.17
C PHE OA 40 48.20 -64.02 -62.57
N CYS OA 41 48.83 -62.85 -62.64
CA CYS OA 41 49.54 -62.40 -63.83
C CYS OA 41 51.06 -62.43 -63.67
N GLY OA 42 51.53 -62.04 -62.49
CA GLY OA 42 52.95 -61.95 -62.20
C GLY OA 42 53.50 -60.54 -62.30
N LYS OA 43 52.63 -59.53 -62.38
CA LYS OA 43 53.05 -58.14 -62.31
C LYS OA 43 53.17 -57.77 -60.86
N THR OA 44 53.94 -56.71 -60.58
CA THR OA 44 54.13 -56.25 -59.21
C THR OA 44 53.13 -55.16 -58.90
N LYS OA 45 51.89 -55.59 -58.71
CA LYS OA 45 50.76 -54.68 -58.56
C LYS OA 45 49.80 -55.01 -57.43
N MET OA 46 50.03 -56.08 -56.66
CA MET OA 46 49.19 -56.37 -55.49
C MET OA 46 49.39 -55.29 -54.45
N LYS OA 47 48.33 -54.52 -54.22
CA LYS OA 47 48.38 -53.33 -53.41
C LYS OA 47 47.21 -53.37 -52.47
N ARG OA 48 47.45 -53.19 -51.19
CA ARG OA 48 46.38 -53.25 -50.20
C ARG OA 48 45.39 -52.14 -50.53
N ARG OA 49 44.12 -52.49 -50.57
CA ARG OA 49 43.03 -51.56 -50.86
C ARG OA 49 42.46 -51.02 -49.56
N ALA OA 50 42.06 -51.96 -48.70
CA ALA OA 50 41.67 -51.68 -47.34
C ALA OA 50 42.11 -52.89 -46.53
N VAL OA 51 41.92 -52.84 -45.22
CA VAL OA 51 42.46 -53.90 -44.34
C VAL OA 51 41.99 -55.25 -44.83
N GLY OA 52 42.91 -56.19 -44.94
CA GLY OA 52 42.55 -57.56 -45.27
C GLY OA 52 42.13 -57.79 -46.71
N ILE OA 53 42.24 -56.76 -47.56
CA ILE OA 53 41.81 -56.86 -48.95
C ILE OA 53 42.83 -56.16 -49.86
N TRP OA 54 43.41 -56.96 -50.73
CA TRP OA 54 44.50 -56.59 -51.62
C TRP OA 54 44.04 -56.78 -53.03
N HIS OA 55 44.36 -55.83 -53.88
CA HIS OA 55 43.84 -55.79 -55.21
C HIS OA 55 44.99 -55.71 -56.20
N CYS OA 56 44.98 -56.57 -57.22
CA CYS OA 56 45.89 -56.39 -58.33
C CYS OA 56 45.20 -55.40 -59.25
N GLY OA 57 45.94 -54.38 -59.66
CA GLY OA 57 45.45 -53.40 -60.61
C GLY OA 57 45.31 -53.91 -62.04
N SER OA 58 46.16 -54.84 -62.42
CA SER OA 58 46.15 -55.38 -63.77
C SER OA 58 45.20 -56.56 -63.81
N CYS OA 59 45.50 -57.54 -62.95
CA CYS OA 59 44.73 -58.78 -62.85
C CYS OA 59 43.26 -58.51 -62.51
N MET OA 60 43.01 -57.40 -61.80
CA MET OA 60 41.69 -57.08 -61.24
C MET OA 60 41.19 -58.15 -60.27
N LYS OA 61 42.14 -58.83 -59.62
CA LYS OA 61 41.88 -59.93 -58.71
C LYS OA 61 41.95 -59.37 -57.32
N THR OA 62 40.79 -59.13 -56.70
CA THR OA 62 40.80 -58.69 -55.30
C THR OA 62 40.98 -59.95 -54.48
N VAL OA 63 41.78 -59.85 -53.42
CA VAL OA 63 42.25 -61.01 -52.68
C VAL OA 63 42.26 -60.79 -51.18
N ALA OA 64 41.43 -61.56 -50.48
CA ALA OA 64 41.36 -61.46 -49.04
C ALA OA 64 42.64 -62.02 -48.48
N GLY OA 65 43.44 -61.12 -47.91
CA GLY OA 65 44.71 -61.46 -47.27
C GLY OA 65 44.76 -60.89 -45.87
N GLY OA 66 45.98 -60.62 -45.42
CA GLY OA 66 46.22 -60.11 -44.09
C GLY OA 66 45.94 -58.63 -43.96
N ALA OA 67 46.05 -58.14 -42.75
CA ALA OA 67 45.80 -56.74 -42.44
C ALA OA 67 46.89 -55.82 -42.96
N TRP OA 68 48.14 -56.27 -42.84
CA TRP OA 68 49.30 -55.48 -43.28
C TRP OA 68 50.21 -56.23 -44.25
N THR OA 69 49.83 -57.44 -44.63
CA THR OA 69 50.59 -58.25 -45.57
C THR OA 69 49.65 -59.05 -46.43
N TYR OA 70 49.98 -59.18 -47.71
CA TYR OA 70 49.22 -60.02 -48.62
C TYR OA 70 49.01 -61.43 -48.06
N ASN OA 71 49.98 -61.95 -47.30
CA ASN OA 71 49.85 -63.22 -46.58
C ASN OA 71 50.23 -63.07 -45.12
N THR OA 72 49.39 -63.56 -44.21
CA THR OA 72 49.85 -63.80 -42.84
C THR OA 72 50.58 -65.13 -42.84
N THR OA 73 51.41 -65.35 -41.83
CA THR OA 73 52.06 -66.64 -41.66
C THR OA 73 51.00 -67.67 -41.29
N SER OA 74 50.17 -67.32 -40.29
CA SER OA 74 49.03 -68.13 -39.87
C SER OA 74 48.21 -68.71 -41.02
N ALA OA 75 47.80 -67.84 -41.94
CA ALA OA 75 47.08 -68.27 -43.14
C ALA OA 75 47.88 -69.32 -43.90
N VAL OA 76 49.17 -69.07 -44.09
CA VAL OA 76 50.03 -69.97 -44.86
C VAL OA 76 50.13 -71.33 -44.21
N THR OA 77 50.37 -71.35 -42.91
CA THR OA 77 50.49 -72.60 -42.18
C THR OA 77 49.17 -73.38 -42.17
N VAL OA 78 48.07 -72.63 -42.09
CA VAL OA 78 46.73 -73.22 -42.15
C VAL OA 78 46.48 -73.81 -43.52
N LYS OA 79 46.93 -73.13 -44.56
CA LYS OA 79 46.74 -73.63 -45.92
C LYS OA 79 47.35 -75.01 -46.11
N SER OA 80 48.61 -75.15 -45.73
CA SER OA 80 49.35 -76.40 -45.92
C SER OA 80 48.74 -77.56 -45.13
N ALA OA 81 48.38 -77.31 -43.87
CA ALA OA 81 47.70 -78.31 -43.04
C ALA OA 81 46.43 -78.86 -43.69
N ILE OA 82 45.60 -77.95 -44.19
CA ILE OA 82 44.34 -78.31 -44.83
C ILE OA 82 44.62 -79.15 -46.07
N ARG OA 83 45.65 -78.76 -46.83
CA ARG OA 83 46.05 -79.53 -48.01
C ARG OA 83 46.52 -80.94 -47.64
N ARG OA 84 47.27 -81.05 -46.55
CA ARG OA 84 47.76 -82.33 -46.05
C ARG OA 84 46.60 -83.26 -45.66
N LEU OA 85 45.65 -82.72 -44.89
CA LEU OA 85 44.50 -83.48 -44.37
C LEU OA 85 43.55 -83.91 -45.46
N LYS OA 86 43.27 -82.99 -46.38
CA LYS OA 86 42.55 -83.27 -47.63
C LYS OA 86 43.06 -84.53 -48.32
N GLU OA 87 44.38 -84.62 -48.45
CA GLU OA 87 45.03 -85.77 -49.09
C GLU OA 87 44.94 -87.01 -48.20
N LEU OA 88 45.09 -86.83 -46.89
CA LEU OA 88 44.90 -87.92 -45.91
C LEU OA 88 43.49 -88.52 -45.92
N LYS OA 89 42.48 -87.68 -46.13
CA LYS OA 89 41.07 -88.14 -46.12
C LYS OA 89 40.75 -88.95 -47.39
N ASP OA 90 40.96 -88.33 -48.55
CA ASP OA 90 40.53 -88.89 -49.84
C ASP OA 90 41.42 -90.04 -50.34
N GLN OA 91 42.74 -89.87 -50.20
CA GLN OA 91 43.76 -90.82 -50.70
C GLN OA 91 43.73 -90.94 -52.23
N SER PA 1 -50.60 -0.27 35.72
CA SER PA 1 -50.48 0.88 36.66
C SER PA 1 -49.94 2.11 35.95
N ALA PA 2 -49.59 3.12 36.73
CA ALA PA 2 -48.80 4.25 36.26
C ALA PA 2 -47.34 3.84 36.16
N HIS PA 3 -46.81 3.35 37.28
CA HIS PA 3 -45.41 2.96 37.35
C HIS PA 3 -45.01 1.87 36.40
N LEU PA 4 -45.84 0.84 36.26
CA LEU PA 4 -45.51 -0.25 35.36
C LEU PA 4 -45.30 0.26 33.96
N GLN PA 5 -46.26 1.03 33.45
CA GLN PA 5 -46.19 1.50 32.08
C GLN PA 5 -45.13 2.58 31.87
N TRP PA 6 -44.77 3.29 32.93
CA TRP PA 6 -43.56 4.13 32.90
C TRP PA 6 -42.29 3.31 32.72
N MET PA 7 -42.22 2.13 33.32
CA MET PA 7 -41.10 1.20 33.10
C MET PA 7 -41.01 0.76 31.65
N VAL PA 8 -42.15 0.51 31.03
CA VAL PA 8 -42.21 0.13 29.63
C VAL PA 8 -41.71 1.26 28.72
N VAL PA 9 -42.06 2.48 29.09
CA VAL PA 9 -41.99 3.65 28.22
C VAL PA 9 -40.74 4.54 28.40
N ARG PA 10 -40.26 4.68 29.64
CA ARG PA 10 -39.24 5.69 30.03
C ARG PA 10 -38.18 6.10 29.01
N ASN PA 11 -37.67 5.13 28.25
CA ASN PA 11 -36.59 5.37 27.29
C ASN PA 11 -36.96 5.16 25.82
N CYS PA 12 -38.13 4.60 25.54
CA CYS PA 12 -38.50 4.13 24.20
C CYS PA 12 -39.58 4.93 23.47
N SER PA 13 -40.36 5.76 24.17
CA SER PA 13 -41.56 6.34 23.57
C SER PA 13 -41.25 7.16 22.34
N SER PA 14 -42.17 7.15 21.38
CA SER PA 14 -42.05 8.00 20.19
C SER PA 14 -42.03 9.48 20.55
N PHE PA 15 -42.75 9.84 21.61
CA PHE PA 15 -42.82 11.22 22.06
C PHE PA 15 -41.53 11.79 22.62
N LEU PA 16 -40.64 10.93 23.12
CA LEU PA 16 -39.36 11.35 23.69
C LEU PA 16 -38.43 11.85 22.60
N ILE PA 17 -37.47 12.66 23.02
CA ILE PA 17 -36.51 13.28 22.13
C ILE PA 17 -35.30 13.62 22.98
N LYS PA 18 -34.21 12.86 22.78
CA LYS PA 18 -32.95 13.12 23.47
C LYS PA 18 -32.19 14.20 22.68
N ARG PA 19 -30.94 13.97 22.29
CA ARG PA 19 -30.14 14.91 21.49
C ARG PA 19 -29.65 16.12 22.30
N ASN PA 20 -28.42 16.49 22.01
CA ASN PA 20 -27.81 17.72 22.50
C ASN PA 20 -27.76 17.80 24.03
N LYS PA 21 -27.49 16.65 24.65
CA LYS PA 21 -27.37 16.50 26.10
C LYS PA 21 -28.63 16.73 26.93
N GLN PA 22 -29.68 17.30 26.36
CA GLN PA 22 -30.96 17.36 27.06
C GLN PA 22 -31.76 16.14 26.67
N THR PA 23 -32.93 16.05 27.29
CA THR PA 23 -33.99 15.14 26.86
C THR PA 23 -35.26 15.94 26.96
N TYR PA 24 -36.27 15.50 26.23
CA TYR PA 24 -37.56 16.17 26.28
C TYR PA 24 -38.66 15.15 26.05
N SER PA 25 -39.90 15.62 25.95
CA SER PA 25 -41.01 14.72 25.64
C SER PA 25 -42.12 15.52 25.01
N THR PA 26 -42.73 14.97 23.97
CA THR PA 26 -43.71 15.68 23.17
C THR PA 26 -45.15 15.18 23.37
N GLU PA 27 -45.37 14.30 24.35
CA GLU PA 27 -46.70 13.73 24.56
C GLU PA 27 -47.64 14.78 25.11
N PRO PA 28 -48.93 14.69 24.73
CA PRO PA 28 -49.84 15.78 25.01
C PRO PA 28 -50.28 15.73 26.46
N ASN PA 29 -50.53 16.90 27.02
CA ASN PA 29 -50.86 17.05 28.44
C ASN PA 29 -49.64 16.72 29.31
N ASN PA 30 -48.46 17.12 28.81
CA ASN PA 30 -47.25 17.22 29.61
C ASN PA 30 -46.86 18.68 29.60
N LEU PA 31 -47.23 19.35 30.67
CA LEU PA 31 -46.71 20.68 30.94
C LEU PA 31 -45.29 20.50 31.46
N LYS PA 32 -44.36 21.26 30.89
CA LYS PA 32 -42.92 21.22 31.21
C LYS PA 32 -42.10 20.32 30.27
N ALA PA 33 -42.77 19.61 29.35
CA ALA PA 33 -42.12 18.82 28.28
C ALA PA 33 -41.03 17.87 28.75
N ARG PA 34 -41.14 17.44 30.00
CA ARG PA 34 -40.12 16.66 30.65
C ARG PA 34 -40.39 15.19 30.38
N ASN PA 35 -39.33 14.40 30.26
CA ASN PA 35 -39.49 12.96 30.26
C ASN PA 35 -39.35 12.52 31.69
N SER PA 36 -40.38 12.86 32.46
CA SER PA 36 -40.39 12.59 33.87
C SER PA 36 -41.50 11.60 34.11
N PHE PA 37 -41.51 11.03 35.30
CA PHE PA 37 -42.66 10.31 35.77
C PHE PA 37 -43.75 11.35 36.06
N ARG PA 38 -43.50 12.23 37.02
CA ARG PA 38 -44.45 13.30 37.38
C ARG PA 38 -45.14 13.88 36.16
N TYR PA 39 -44.35 14.47 35.28
CA TYR PA 39 -44.86 15.27 34.18
C TYR PA 39 -45.02 14.42 32.93
N ASN PA 40 -45.99 13.53 32.94
CA ASN PA 40 -46.28 12.68 31.80
C ASN PA 40 -47.79 12.52 31.62
N GLY PA 41 -48.30 12.93 30.47
CA GLY PA 41 -49.74 12.96 30.23
C GLY PA 41 -50.41 11.61 30.12
N LEU PA 42 -49.72 10.68 29.47
CA LEU PA 42 -50.30 9.39 29.09
C LEU PA 42 -50.44 8.41 30.24
N ILE PA 43 -49.57 8.52 31.23
CA ILE PA 43 -49.37 7.49 32.24
C ILE PA 43 -50.39 7.58 33.38
N HIS PA 44 -50.69 8.81 33.80
CA HIS PA 44 -51.37 9.03 35.07
C HIS PA 44 -52.90 9.02 35.00
N ARG PA 45 -53.50 8.51 36.06
CA ARG PA 45 -54.94 8.39 36.15
C ARG PA 45 -55.57 9.77 36.09
N LYS PA 46 -54.95 10.73 36.76
CA LYS PA 46 -55.37 12.12 36.67
C LYS PA 46 -54.26 12.97 36.05
N THR PA 47 -54.62 13.81 35.09
CA THR PA 47 -53.68 14.50 34.21
C THR PA 47 -54.04 15.96 34.04
N VAL PA 48 -53.04 16.83 33.92
CA VAL PA 48 -53.28 18.22 33.54
C VAL PA 48 -52.56 18.54 32.24
N GLY PA 49 -53.14 19.44 31.44
CA GLY PA 49 -52.53 19.88 30.20
C GLY PA 49 -53.02 21.26 29.79
N VAL PA 50 -52.11 22.22 29.67
CA VAL PA 50 -52.48 23.60 29.39
C VAL PA 50 -51.94 23.99 28.00
N GLU PA 51 -52.79 23.89 27.00
CA GLU PA 51 -52.42 24.21 25.62
C GLU PA 51 -52.95 25.62 25.34
N PRO PA 52 -52.46 26.27 24.27
CA PRO PA 52 -53.11 27.50 23.84
C PRO PA 52 -54.41 27.22 23.12
N ALA PA 53 -55.25 28.24 23.01
CA ALA PA 53 -56.50 28.13 22.27
C ALA PA 53 -56.21 28.23 20.77
N ALA PA 54 -56.95 27.48 19.97
CA ALA PA 54 -56.82 27.50 18.51
C ALA PA 54 -57.19 28.85 17.90
N ASP PA 55 -58.09 29.58 18.57
CA ASP PA 55 -58.42 30.97 18.24
C ASP PA 55 -57.16 31.81 18.07
N GLY PA 56 -56.20 31.63 18.98
CA GLY PA 56 -55.01 32.47 19.06
C GLY PA 56 -55.10 33.38 20.28
N LYS PA 57 -56.32 33.66 20.72
CA LYS PA 57 -56.56 34.31 21.99
C LYS PA 57 -56.89 33.25 23.02
N GLY PA 58 -56.18 33.30 24.14
CA GLY PA 58 -56.51 32.46 25.29
C GLY PA 58 -55.86 31.11 25.40
N VAL PA 59 -56.31 30.37 26.40
CA VAL PA 59 -55.67 29.18 26.91
C VAL PA 59 -56.73 28.09 27.07
N VAL PA 60 -56.35 26.83 26.86
CA VAL PA 60 -57.23 25.71 27.21
C VAL PA 60 -56.58 24.87 28.28
N VAL PA 61 -57.33 24.57 29.33
CA VAL PA 61 -56.94 23.56 30.29
C VAL PA 61 -57.54 22.25 29.84
N VAL PA 62 -56.83 21.15 30.09
CA VAL PA 62 -57.24 19.82 29.66
C VAL PA 62 -57.07 18.85 30.83
N MET PA 63 -58.17 18.66 31.54
CA MET PA 63 -58.34 17.63 32.57
C MET PA 63 -58.51 16.25 31.97
N LYS PA 64 -58.27 15.23 32.78
CA LYS PA 64 -58.62 13.85 32.42
C LYS PA 64 -59.57 13.29 33.47
N ARG PA 65 -60.59 12.56 33.02
CA ARG PA 65 -61.74 12.24 33.87
C ARG PA 65 -61.43 11.35 35.08
N ARG PA 66 -61.09 10.09 34.81
CA ARG PA 66 -61.05 8.96 35.77
C ARG PA 66 -62.25 8.05 35.54
N SER PA 67 -63.38 8.64 35.16
CA SER PA 67 -64.57 7.92 34.72
C SER PA 67 -64.23 6.65 33.94
N GLY PA 68 -63.47 6.83 32.86
CA GLY PA 68 -63.14 5.72 31.98
C GLY PA 68 -62.05 6.01 30.99
N GLN PA 69 -60.81 5.75 31.40
CA GLN PA 69 -59.67 5.62 30.48
C GLN PA 69 -59.58 4.13 30.13
N ARG PA 70 -59.29 3.87 28.87
CA ARG PA 70 -59.73 2.68 28.10
C ARG PA 70 -60.52 3.25 26.92
N LYS PA 71 -61.26 4.33 27.17
CA LYS PA 71 -62.04 5.00 26.17
C LYS PA 71 -61.49 6.40 25.97
N PRO PA 72 -60.36 6.52 25.27
CA PRO PA 72 -59.69 7.82 25.10
C PRO PA 72 -60.57 8.91 24.46
N ALA PA 73 -61.50 8.51 23.60
CA ALA PA 73 -62.49 9.42 23.00
C ALA PA 73 -63.17 10.32 24.02
N THR PA 74 -63.46 9.75 25.18
CA THR PA 74 -64.23 10.41 26.22
C THR PA 74 -63.37 10.87 27.40
N SER PA 75 -62.07 10.63 27.35
CA SER PA 75 -61.24 10.64 28.55
C SER PA 75 -60.82 12.03 28.96
N TYR PA 76 -60.34 12.81 28.00
CA TYR PA 76 -59.92 14.17 28.29
C TYR PA 76 -61.11 15.08 28.16
N VAL PA 77 -61.08 16.19 28.88
CA VAL PA 77 -62.17 17.15 28.87
C VAL PA 77 -61.58 18.57 28.88
N ARG PA 78 -61.79 19.27 27.76
CA ARG PA 78 -61.08 20.51 27.48
C ARG PA 78 -61.94 21.67 27.94
N THR PA 79 -61.28 22.81 28.18
CA THR PA 79 -61.99 23.99 28.66
C THR PA 79 -61.19 25.26 28.42
N THR PA 80 -61.68 26.07 27.49
CA THR PA 80 -61.08 27.33 27.13
C THR PA 80 -61.21 28.33 28.28
N ILE PA 81 -60.14 29.08 28.54
CA ILE PA 81 -60.17 30.26 29.42
C ILE PA 81 -59.50 31.40 28.70
N ASN PA 82 -60.27 32.43 28.39
CA ASN PA 82 -59.86 33.49 27.49
C ASN PA 82 -59.94 34.85 28.19
N LYS PA 83 -59.53 34.87 29.46
CA LYS PA 83 -59.84 35.97 30.38
C LYS PA 83 -58.60 36.84 30.67
N ASN PA 84 -58.81 37.91 31.45
CA ASN PA 84 -57.77 38.90 31.76
C ASN PA 84 -56.57 38.37 32.56
N ALA PA 85 -55.68 37.65 31.87
CA ALA PA 85 -54.40 37.15 32.38
C ALA PA 85 -54.40 36.69 33.85
N ARG PA 86 -54.44 37.66 34.76
CA ARG PA 86 -54.49 37.44 36.20
C ARG PA 86 -55.65 36.53 36.62
N ALA PA 87 -56.79 36.71 35.97
CA ALA PA 87 -57.95 35.84 36.17
C ALA PA 87 -57.69 34.44 35.67
N THR PA 88 -57.19 34.34 34.45
CA THR PA 88 -56.90 33.06 33.83
C THR PA 88 -56.13 32.16 34.76
N LEU PA 89 -55.04 32.69 35.30
CA LEU PA 89 -54.21 31.94 36.25
C LEU PA 89 -55.03 31.41 37.43
N SER PA 90 -55.82 32.30 38.03
CA SER PA 90 -56.60 31.95 39.20
C SER PA 90 -57.60 30.84 38.91
N SER PA 91 -58.27 30.90 37.76
CA SER PA 91 -59.20 29.83 37.36
C SER PA 91 -58.49 28.47 37.26
N ILE PA 92 -57.31 28.47 36.64
CA ILE PA 92 -56.46 27.29 36.59
C ILE PA 92 -56.06 26.87 37.99
N ARG PA 93 -55.66 27.83 38.82
CA ARG PA 93 -55.26 27.56 40.21
C ARG PA 93 -56.33 26.77 40.95
N HIS PA 94 -57.55 27.28 40.91
CA HIS PA 94 -58.69 26.67 41.57
C HIS PA 94 -59.01 25.31 41.01
N MET PA 95 -59.07 25.22 39.68
CA MET PA 95 -59.24 23.93 38.99
C MET PA 95 -58.34 22.88 39.60
N ILE PA 96 -57.09 23.26 39.83
CA ILE PA 96 -56.08 22.32 40.31
C ILE PA 96 -56.15 22.15 41.82
N ARG PA 97 -56.10 23.26 42.54
CA ARG PA 97 -55.94 23.22 44.01
C ARG PA 97 -57.22 22.86 44.78
N LYS PA 98 -58.32 23.48 44.41
CA LYS PA 98 -59.57 23.33 45.15
C LYS PA 98 -60.38 22.10 44.74
N ASN PA 99 -60.00 21.47 43.62
CA ASN PA 99 -60.50 20.14 43.25
C ASN PA 99 -59.61 19.00 43.76
N LYS PA 100 -58.49 19.35 44.38
CA LYS PA 100 -57.56 18.36 44.89
C LYS PA 100 -57.08 17.45 43.77
N TYR PA 101 -56.90 18.02 42.59
CA TYR PA 101 -56.59 17.22 41.42
C TYR PA 101 -55.18 17.49 40.94
N HIS PA 102 -54.34 16.46 40.93
CA HIS PA 102 -52.94 16.63 40.55
C HIS PA 102 -52.25 17.76 41.31
N PRO PA 103 -52.36 17.72 42.69
CA PRO PA 103 -51.90 18.94 43.36
C PRO PA 103 -50.42 19.18 43.09
N ASP PA 104 -49.70 18.11 42.75
CA ASP PA 104 -48.27 18.21 42.55
C ASP PA 104 -48.00 19.21 41.45
N LEU PA 105 -48.84 19.19 40.43
CA LEU PA 105 -48.54 19.89 39.18
C LEU PA 105 -48.40 21.39 39.38
N ARG PA 106 -49.26 21.96 40.24
CA ARG PA 106 -50.12 23.04 39.82
C ARG PA 106 -49.31 24.26 39.36
N MET PA 107 -48.24 24.58 40.09
CA MET PA 107 -47.49 25.78 39.80
C MET PA 107 -46.86 25.78 38.42
N ALA PA 108 -46.45 24.60 37.98
CA ALA PA 108 -46.06 24.36 36.61
C ALA PA 108 -47.19 24.69 35.63
N ALA PA 109 -48.44 24.36 36.00
CA ALA PA 109 -49.60 24.63 35.15
C ALA PA 109 -49.89 26.13 35.03
N ILE PA 110 -49.60 26.85 36.09
CA ILE PA 110 -49.75 28.29 36.10
C ILE PA 110 -48.69 28.93 35.21
N ARG PA 111 -47.42 28.59 35.42
CA ARG PA 111 -46.33 29.10 34.59
C ARG PA 111 -46.51 28.82 33.10
N ARG PA 112 -47.13 27.69 32.76
CA ARG PA 112 -47.37 27.33 31.37
C ARG PA 112 -48.37 28.30 30.78
N ALA PA 113 -49.53 28.38 31.42
CA ALA PA 113 -50.57 29.33 31.04
C ALA PA 113 -50.00 30.73 30.91
N SER PA 114 -49.19 31.12 31.90
CA SER PA 114 -48.53 32.42 31.89
C SER PA 114 -47.71 32.62 30.61
N ALA PA 115 -46.84 31.66 30.32
CA ALA PA 115 -46.02 31.67 29.10
C ALA PA 115 -46.84 31.67 27.82
N ILE PA 116 -47.98 30.99 27.83
CA ILE PA 116 -48.86 30.98 26.69
C ILE PA 116 -49.47 32.36 26.48
N LEU PA 117 -49.90 32.98 27.57
CA LEU PA 117 -50.45 34.34 27.51
C LEU PA 117 -49.38 35.40 27.17
N ARG PA 118 -48.12 35.11 27.51
CA ARG PA 118 -46.97 35.87 26.98
C ARG PA 118 -46.91 35.72 25.46
N SER PA 119 -47.01 34.49 24.97
CA SER PA 119 -46.91 34.20 23.53
C SER PA 119 -47.84 35.05 22.68
N GLN PA 120 -49.10 35.10 23.08
CA GLN PA 120 -50.13 35.85 22.37
C GLN PA 120 -49.87 37.35 22.45
N LYS PA 121 -47.28 37.66 23.87
CA LYS PA 121 -46.90 39.06 23.69
C LYS PA 121 -47.24 39.54 22.29
N PRO PA 122 -46.84 40.78 21.97
CA PRO PA 122 -47.08 41.41 20.67
C PRO PA 122 -45.85 41.30 19.78
N VAL PA 123 -45.99 40.64 18.63
CA VAL PA 123 -44.88 40.47 17.71
C VAL PA 123 -44.35 41.80 17.16
N MET PA 124 -45.27 42.71 16.84
CA MET PA 124 -44.90 44.01 16.31
C MET PA 124 -44.08 44.84 17.29
N VAL PA 125 -44.45 44.78 18.58
CA VAL PA 125 -43.74 45.51 19.61
C VAL PA 125 -42.29 45.06 19.74
N LYS PA 126 -42.08 43.75 19.64
CA LYS PA 126 -40.74 43.19 19.73
C LYS PA 126 -39.83 43.68 18.63
N ARG PA 127 -40.37 43.77 17.42
CA ARG PA 127 -39.60 44.25 16.27
C ARG PA 127 -39.14 45.68 16.48
N LYS PA 128 -40.02 46.52 17.02
CA LYS PA 128 -39.70 47.91 17.27
C LYS PA 128 -38.57 48.07 18.30
N ARG PA 129 -38.62 47.25 19.35
CA ARG PA 129 -37.63 47.31 20.42
C ARG PA 129 -36.18 46.96 20.02
N THR PA 130 -36.01 45.93 19.20
CA THR PA 130 -34.67 45.49 18.79
C THR PA 130 -33.86 46.49 17.98
N ARG PA 131 -34.49 47.20 17.05
CA ARG PA 131 -33.78 48.17 16.22
C ARG PA 131 -34.22 49.61 16.48
N PRO PA 132 -33.26 50.50 16.74
CA PRO PA 132 -33.53 51.92 17.01
C PRO PA 132 -34.16 52.61 15.80
N THR PA 133 -33.66 52.29 14.60
CA THR PA 133 -34.16 52.86 13.35
C THR PA 133 -34.12 54.39 13.33
N LYS PA 134 -33.04 54.97 13.86
CA LYS PA 134 -32.89 56.41 13.90
C LYS PA 134 -31.66 56.87 13.11
N SER PA 135 -31.86 57.87 12.26
CA SER PA 135 -30.80 58.44 11.43
C SER PA 135 -30.08 57.40 10.56
N SER PA 136 -30.86 56.48 9.99
CA SER PA 136 -30.33 55.42 9.14
C SER PA 136 -29.14 54.69 9.79
N ASP QA 1 77.55 12.27 82.28
CA ASP QA 1 78.76 13.00 81.79
C ASP QA 1 78.51 14.51 81.74
N ARG QA 2 79.56 15.28 82.02
CA ARG QA 2 79.54 16.75 82.00
C ARG QA 2 78.68 17.44 83.08
N ALA QA 3 78.26 16.66 84.09
CA ALA QA 3 77.80 17.20 85.37
C ALA QA 3 78.74 16.73 86.48
N THR QA 4 79.01 15.43 86.50
CA THR QA 4 80.02 14.82 87.37
C THR QA 4 81.45 15.24 86.99
N TRP QA 5 81.72 15.38 85.70
CA TRP QA 5 83.03 15.87 85.22
C TRP QA 5 83.23 17.35 85.60
N LYS QA 6 82.20 18.17 85.39
CA LYS QA 6 82.23 19.59 85.78
C LYS QA 6 82.50 19.78 87.28
N SER QA 7 81.87 18.94 88.11
CA SER QA 7 82.12 18.93 89.55
C SER QA 7 83.54 18.44 89.87
N ASN QA 8 84.00 17.43 89.13
CA ASN QA 8 85.37 16.92 89.26
C ASN QA 8 86.42 17.97 88.85
N TYR QA 9 86.11 18.79 87.85
CA TYR QA 9 86.98 19.90 87.44
C TYR QA 9 87.06 21.00 88.51
N PHE QA 10 85.94 21.29 89.17
CA PHE QA 10 85.98 22.23 90.29
C PHE QA 10 86.88 21.72 91.40
N LEU QA 11 86.78 20.43 91.69
CA LEU QA 11 87.64 19.79 92.69
C LEU QA 11 89.14 19.80 92.33
N LYS QA 12 89.45 19.72 91.04
CA LYS QA 12 90.84 19.80 90.58
C LYS QA 12 91.46 21.18 90.83
N ILE QA 13 90.75 22.23 90.42
CA ILE QA 13 91.26 23.61 90.54
C ILE QA 13 91.34 24.10 92.00
N ILE QA 14 90.34 23.74 92.83
CA ILE QA 14 90.37 24.10 94.26
C ILE QA 14 91.50 23.41 95.03
N GLN QA 15 91.76 22.13 94.73
CA GLN QA 15 92.83 21.37 95.37
C GLN QA 15 94.21 21.93 95.00
N LEU QA 16 94.39 22.30 93.74
CA LEU QA 16 95.61 22.96 93.26
C LEU QA 16 95.82 24.33 93.92
N LEU QA 17 94.73 25.07 94.12
CA LEU QA 17 94.78 26.36 94.84
C LEU QA 17 95.10 26.20 96.32
N ASP QA 18 94.55 25.15 96.95
CA ASP QA 18 94.84 24.84 98.36
C ASP QA 18 96.27 24.35 98.58
N ASP QA 19 96.77 23.53 97.65
CA ASP QA 19 98.12 22.97 97.75
C ASP QA 19 99.20 24.04 97.57
N TYR QA 20 99.11 24.77 96.46
CA TYR QA 20 100.13 25.76 96.07
C TYR QA 20 99.66 27.18 96.36
N PRO QA 21 100.50 27.99 97.05
CA PRO QA 21 100.20 29.40 97.26
C PRO QA 21 100.72 30.33 96.15
N LYS QA 22 101.16 29.76 95.03
CA LYS QA 22 101.79 30.51 93.95
C LYS QA 22 101.38 29.91 92.60
N CYS QA 23 100.95 30.77 91.68
CA CYS QA 23 100.47 30.36 90.36
C CYS QA 23 101.04 31.25 89.27
N PHE QA 24 101.29 30.65 88.09
CA PHE QA 24 101.84 31.36 86.95
C PHE QA 24 100.90 31.28 85.74
N ILE QA 25 100.30 32.41 85.39
CA ILE QA 25 99.35 32.50 84.30
C ILE QA 25 100.15 32.60 83.00
N VAL QA 26 99.99 31.60 82.12
CA VAL QA 26 100.72 31.55 80.84
C VAL QA 26 99.74 31.50 79.68
N GLY QA 27 99.99 32.32 78.66
CA GLY QA 27 99.19 32.32 77.44
C GLY QA 27 99.55 31.12 76.58
N ALA QA 28 98.53 30.36 76.17
CA ALA QA 28 98.75 29.15 75.37
C ALA QA 28 99.20 29.50 73.96
N ASP QA 29 98.40 30.34 73.28
CA ASP QA 29 98.68 30.79 71.90
C ASP QA 29 98.68 29.61 70.90
N ASN QA 30 99.18 29.83 69.69
CA ASN QA 30 99.33 28.74 68.71
C ASN QA 30 100.30 27.68 69.23
N VAL QA 31 99.75 26.66 69.89
CA VAL QA 31 100.52 25.64 70.60
C VAL QA 31 100.06 24.24 70.23
N GLY QA 32 101.01 23.30 70.22
CA GLY QA 32 100.74 21.89 69.90
C GLY QA 32 100.52 21.05 71.15
N SER QA 33 99.95 19.85 70.96
CA SER QA 33 99.89 18.84 72.03
C SER QA 33 101.30 18.31 72.34
N LYS QA 34 102.12 18.18 71.30
CA LYS QA 34 103.53 17.78 71.44
C LYS QA 34 104.30 18.77 72.32
N GLN QA 35 104.06 20.07 72.14
CA GLN QA 35 104.63 21.11 73.00
C GLN QA 35 104.23 20.93 74.46
N MET QA 36 102.93 20.75 74.71
CA MET QA 36 102.40 20.59 76.06
C MET QA 36 102.94 19.34 76.76
N GLN QA 37 103.15 18.26 76.01
CA GLN QA 37 103.79 17.04 76.54
C GLN QA 37 105.25 17.27 76.90
N GLN QA 38 106.00 17.94 76.02
CA GLN QA 38 107.40 18.33 76.28
C GLN QA 38 107.54 19.20 77.54
N ILE QA 39 106.61 20.13 77.72
CA ILE QA 39 106.57 20.99 78.92
C ILE QA 39 106.24 20.17 80.17
N ARG QA 40 105.30 19.24 80.03
CA ARG QA 40 104.97 18.28 81.11
C ARG QA 40 106.17 17.44 81.54
N MET QA 41 106.93 16.94 80.57
CA MET QA 41 108.14 16.14 80.85
C MET QA 41 109.25 16.95 81.53
N SER QA 42 109.43 18.20 81.09
CA SER QA 42 110.43 19.09 81.68
C SER QA 42 110.03 19.52 83.09
N LEU QA 43 108.82 20.04 83.23
CA LEU QA 43 108.27 20.49 84.51
C LEU QA 43 107.37 19.41 85.11
N ARG QA 44 107.97 18.27 85.45
CA ARG QA 44 107.26 17.11 86.01
C ARG QA 44 107.32 17.11 87.54
N GLY QA 45 108.54 17.20 88.08
CA GLY QA 45 108.77 17.08 89.51
C GLY QA 45 108.14 18.18 90.34
N LYS QA 46 108.37 19.43 89.96
CA LYS QA 46 107.93 20.59 90.73
C LYS QA 46 106.53 21.08 90.30
N ALA QA 47 106.44 21.69 89.13
CA ALA QA 47 105.23 22.40 88.70
C ALA QA 47 104.16 21.46 88.15
N VAL QA 48 102.92 21.94 88.15
CA VAL QA 48 101.77 21.24 87.58
C VAL QA 48 101.02 22.21 86.66
N VAL QA 49 100.98 21.89 85.37
CA VAL QA 49 100.37 22.77 84.38
C VAL QA 49 98.88 22.42 84.21
N LEU QA 50 98.07 23.44 83.94
CA LEU QA 50 96.62 23.29 83.74
C LEU QA 50 96.15 24.25 82.64
N MET QA 51 95.04 23.89 82.00
CA MET QA 51 94.46 24.70 80.92
C MET QA 51 92.94 24.75 81.10
N GLY QA 52 92.42 25.95 81.36
CA GLY QA 52 91.03 26.13 81.76
C GLY QA 52 90.20 27.05 80.87
N LYS QA 53 89.12 27.55 81.45
CA LYS QA 53 88.03 28.18 80.72
C LYS QA 53 87.34 29.23 81.61
N ASN QA 54 86.02 29.45 81.44
CA ASN QA 54 85.24 30.26 82.40
C ASN QA 54 84.67 29.47 83.60
N THR QA 55 85.26 28.31 83.90
CA THR QA 55 85.17 27.69 85.23
C THR QA 55 86.50 27.85 85.99
N MET QA 56 87.47 28.55 85.38
CA MET QA 56 88.52 29.23 86.13
C MET QA 56 87.95 30.56 86.64
N MET QA 57 86.97 31.12 85.93
CA MET QA 57 86.08 32.15 86.48
C MET QA 57 85.23 31.50 87.57
N ARG QA 58 85.88 31.32 88.73
CA ARG QA 58 85.43 30.42 89.80
C ARG QA 58 86.39 30.45 91.00
N LYS QA 59 87.62 30.93 90.81
CA LYS QA 59 88.44 31.52 91.89
C LYS QA 59 87.63 32.40 92.86
N ALA QA 60 86.56 33.03 92.37
CA ALA QA 60 85.54 33.65 93.22
C ALA QA 60 84.99 32.69 94.30
N ILE QA 61 84.61 31.49 93.88
CA ILE QA 61 84.09 30.44 94.80
C ILE QA 61 85.17 29.96 95.80
N ARG QA 62 86.44 29.96 95.38
CA ARG QA 62 87.57 29.73 96.31
C ARG QA 62 87.68 30.88 97.31
N GLY QA 63 87.59 32.12 96.82
CA GLY QA 63 87.58 33.32 97.67
C GLY QA 63 86.36 33.40 98.59
N HIS QA 64 85.24 32.85 98.14
CA HIS QA 64 84.03 32.72 98.97
C HIS QA 64 84.24 31.81 100.18
N LEU QA 65 84.99 30.72 99.98
CA LEU QA 65 85.16 29.65 100.99
C LEU QA 65 85.84 30.11 102.29
N GLU QA 66 85.06 30.81 103.12
CA GLU QA 66 85.43 31.22 104.49
C GLU QA 66 86.92 31.52 104.76
N ASN QA 67 87.61 32.17 103.81
CA ASN QA 67 89.06 32.39 103.94
C ASN QA 67 89.64 33.50 103.04
N ASN QA 68 89.82 33.22 101.76
CA ASN QA 68 90.77 33.98 100.92
C ASN QA 68 90.27 35.31 100.33
N PRO QA 69 91.10 36.37 100.48
CA PRO QA 69 91.09 37.52 99.57
C PRO QA 69 92.24 37.35 98.57
N ALA QA 70 92.64 38.42 97.87
CA ALA QA 70 93.80 38.41 96.96
C ALA QA 70 93.56 37.73 95.60
N LEU QA 71 92.78 36.64 95.59
CA LEU QA 71 92.32 35.99 94.35
C LEU QA 71 91.33 36.87 93.54
N GLU QA 72 90.77 37.90 94.17
CA GLU QA 72 89.95 38.90 93.47
C GLU QA 72 90.72 39.71 92.42
N LYS QA 73 92.04 39.86 92.63
CA LYS QA 73 92.91 40.57 91.67
C LYS QA 73 93.13 39.77 90.38
N LEU QA 74 92.96 38.45 90.44
CA LEU QA 74 93.27 37.54 89.32
C LEU QA 74 92.13 37.33 88.32
N LEU QA 75 90.94 37.89 88.60
CA LEU QA 75 89.74 37.65 87.77
C LEU QA 75 89.76 38.28 86.37
N PRO QA 76 90.23 39.54 86.23
CA PRO QA 76 90.30 40.15 84.89
C PRO QA 76 91.34 39.52 83.95
N HIS QA 77 92.41 38.96 84.51
CA HIS QA 77 93.52 38.39 83.72
C HIS QA 77 93.30 36.96 83.19
N ILE QA 78 92.13 36.36 83.46
CA ILE QA 78 91.72 35.09 82.83
C ILE QA 78 90.92 35.44 81.57
N ARG QA 79 91.61 35.98 80.57
CA ARG QA 79 91.04 36.31 79.27
C ARG QA 79 92.09 36.09 78.18
N GLY QA 80 91.61 35.81 76.96
CA GLY QA 80 92.44 35.23 75.90
C GLY QA 80 92.52 33.72 76.08
N ASN QA 81 93.45 33.09 75.35
CA ASN QA 81 93.68 31.65 75.49
C ASN QA 81 94.64 31.39 76.66
N VAL QA 82 94.06 31.10 77.84
CA VAL QA 82 94.79 31.09 79.11
C VAL QA 82 94.87 29.69 79.73
N GLY QA 83 96.04 29.39 80.32
CA GLY QA 83 96.25 28.20 81.15
C GLY QA 83 97.15 28.53 82.33
N PHE QA 84 96.99 27.80 83.44
CA PHE QA 84 97.76 28.03 84.67
C PHE QA 84 98.95 27.09 84.86
N VAL QA 85 99.87 27.51 85.71
CA VAL QA 85 101.04 26.71 86.10
C VAL QA 85 101.22 26.81 87.63
N PHE QA 86 100.65 25.85 88.35
CA PHE QA 86 100.74 25.81 89.82
C PHE QA 86 102.06 25.19 90.26
N THR QA 87 102.69 25.79 91.28
CA THR QA 87 104.05 25.42 91.70
C THR QA 87 104.44 26.07 93.04
N LYS QA 88 105.47 25.52 93.69
CA LYS QA 88 105.92 25.95 95.03
C LYS QA 88 107.40 26.40 95.13
N GLU QA 89 108.16 26.33 94.03
CA GLU QA 89 109.61 26.60 94.06
C GLU QA 89 109.92 28.10 94.26
N ASP QA 90 109.81 28.89 93.19
CA ASP QA 90 110.16 30.32 93.22
C ASP QA 90 109.41 31.03 92.07
N LEU QA 91 109.74 32.29 91.81
CA LEU QA 91 109.05 33.10 90.78
C LEU QA 91 109.96 33.48 89.60
N THR QA 92 111.09 34.12 89.88
CA THR QA 92 112.01 34.59 88.83
C THR QA 92 112.74 33.42 88.15
N GLU QA 93 113.01 32.35 88.91
CA GLU QA 93 113.62 31.14 88.38
C GLU QA 93 112.68 30.42 87.40
N ILE QA 94 111.42 30.26 87.81
CA ILE QA 94 110.39 29.59 86.98
C ILE QA 94 110.11 30.38 85.69
N ARG QA 95 110.11 31.72 85.80
CA ARG QA 95 110.00 32.60 84.63
C ARG QA 95 111.13 32.33 83.61
N ASP QA 96 112.35 32.16 84.11
CA ASP QA 96 113.50 31.81 83.25
C ASP QA 96 113.39 30.40 82.65
N MET QA 97 112.84 29.44 83.40
CA MET QA 97 112.62 28.08 82.89
C MET QA 97 111.57 28.05 81.78
N LEU QA 98 110.51 28.84 81.94
CA LEU QA 98 109.46 28.97 80.91
C LEU QA 98 109.98 29.63 79.64
N LEU QA 99 110.77 30.69 79.81
CA LEU QA 99 111.41 31.40 78.69
C LEU QA 99 112.44 30.52 77.96
N ALA QA 100 113.16 29.70 78.72
CA ALA QA 100 114.23 28.85 78.17
C ALA QA 100 113.74 27.65 77.37
N ASN QA 101 112.57 27.11 77.69
CA ASN QA 101 112.05 25.91 77.03
C ASN QA 101 111.66 26.18 75.56
N LYS QA 102 110.51 26.83 75.33
CA LYS QA 102 110.01 27.22 74.00
C LYS QA 102 110.04 26.13 72.88
N VAL QA 103 109.69 26.51 71.66
CA VAL QA 103 109.72 25.60 70.49
C VAL QA 103 109.82 26.43 69.19
N PRO QA 104 110.34 25.82 68.10
CA PRO QA 104 110.41 26.55 66.82
C PRO QA 104 109.03 26.90 66.22
N ALA QA 105 108.31 25.92 65.67
CA ALA QA 105 107.01 26.11 64.99
C ALA QA 105 107.08 27.09 63.80
N ALA QA 106 106.97 26.56 62.59
CA ALA QA 106 107.26 27.30 61.35
C ALA QA 106 106.30 28.47 61.06
N ALA QA 107 106.65 29.26 60.04
CA ALA QA 107 105.98 30.52 59.68
C ALA QA 107 104.44 30.47 59.63
N ARG QA 108 103.80 31.44 60.29
CA ARG QA 108 102.37 31.69 60.16
C ARG QA 108 102.18 32.73 59.06
N ALA QA 109 101.52 32.34 57.97
CA ALA QA 109 101.28 33.24 56.84
C ALA QA 109 100.17 34.23 57.16
N GLY QA 110 100.52 35.51 57.28
CA GLY QA 110 99.57 36.59 57.59
C GLY QA 110 99.87 37.33 58.88
N ALA QA 111 100.31 36.61 59.90
CA ALA QA 111 100.59 37.19 61.22
C ALA QA 111 101.84 38.07 61.25
N ILE QA 112 102.00 38.83 62.33
CA ILE QA 112 103.13 39.74 62.50
C ILE QA 112 104.47 39.04 62.69
N ALA QA 113 105.55 39.77 62.43
CA ALA QA 113 106.92 39.28 62.58
C ALA QA 113 107.55 39.86 63.85
N PRO QA 114 107.99 38.99 64.80
CA PRO QA 114 108.57 39.47 66.04
C PRO QA 114 110.01 40.01 65.91
N CYS QA 115 110.84 39.34 65.10
CA CYS QA 115 112.24 39.74 64.89
C CYS QA 115 112.54 39.89 63.40
N GLU QA 116 113.70 40.50 63.10
CA GLU QA 116 114.14 40.70 61.72
C GLU QA 116 114.65 39.38 61.12
N VAL QA 117 113.79 38.70 60.36
CA VAL QA 117 114.10 37.39 59.78
C VAL QA 117 115.00 37.54 58.55
N THR QA 118 115.97 36.62 58.43
CA THR QA 118 116.97 36.64 57.37
C THR QA 118 116.98 35.33 56.57
N VAL QA 119 117.67 35.35 55.44
CA VAL QA 119 117.90 34.17 54.60
C VAL QA 119 119.41 34.08 54.31
N PRO QA 120 120.15 33.28 55.11
CA PRO QA 120 121.60 33.09 54.88
C PRO QA 120 121.94 32.47 53.52
N ALA QA 121 123.12 32.81 53.00
CA ALA QA 121 123.58 32.32 51.71
C ALA QA 121 123.98 30.84 51.79
N GLN QA 122 123.09 29.96 51.32
CA GLN QA 122 123.30 28.51 51.41
C GLN QA 122 122.40 27.76 50.42
N ASN QA 123 122.81 26.54 50.06
CA ASN QA 123 122.00 25.65 49.22
C ASN QA 123 120.67 25.24 49.88
N THR QA 124 119.65 25.02 49.05
CA THR QA 124 118.34 24.56 49.52
C THR QA 124 118.38 23.09 49.95
N GLY QA 125 119.03 22.26 49.15
CA GLY QA 125 119.06 20.80 49.34
C GLY QA 125 118.07 20.12 48.41
N LEU QA 126 118.20 20.42 47.11
CA LEU QA 126 117.29 19.92 46.08
C LEU QA 126 118.04 19.75 44.75
N GLY QA 127 117.35 19.23 43.74
CA GLY QA 127 117.87 19.15 42.38
C GLY QA 127 117.57 20.43 41.60
N PRO QA 128 117.59 20.35 40.25
CA PRO QA 128 117.13 21.46 39.41
C PRO QA 128 115.61 21.71 39.57
N GLU QA 129 115.26 22.43 40.64
CA GLU QA 129 113.87 22.73 41.00
C GLU QA 129 113.53 24.20 40.73
N LYS QA 130 112.28 24.58 41.01
CA LYS QA 130 111.79 25.96 40.80
C LYS QA 130 112.59 27.01 41.57
N THR QA 131 113.45 27.73 40.83
CA THR QA 131 114.07 28.96 41.32
C THR QA 131 113.11 30.16 41.24
N SER QA 132 112.06 30.04 40.43
CA SER QA 132 111.08 31.11 40.23
C SER QA 132 110.27 31.49 41.47
N PHE QA 133 110.06 30.53 42.39
CA PHE QA 133 109.41 30.82 43.68
C PHE QA 133 110.24 31.78 44.54
N PHE QA 134 111.56 31.59 44.52
CA PHE QA 134 112.49 32.42 45.31
C PHE QA 134 112.68 33.81 44.68
N GLN QA 135 112.88 33.84 43.36
CA GLN QA 135 113.15 35.09 42.62
C GLN QA 135 111.92 35.97 42.31
N ALA QA 136 110.71 35.50 42.64
CA ALA QA 136 109.47 36.27 42.37
C ALA QA 136 109.39 37.58 43.16
N LEU QA 137 109.74 37.53 44.45
CA LEU QA 137 109.67 38.70 45.32
C LEU QA 137 110.88 39.61 45.11
N GLY QA 138 112.07 39.07 45.37
CA GLY QA 138 113.32 39.81 45.23
C GLY QA 138 114.49 39.17 45.96
N ILE QA 139 114.84 37.96 45.54
CA ILE QA 139 115.97 37.20 46.11
C ILE QA 139 116.89 36.77 44.98
N THR QA 140 118.20 36.81 45.24
CA THR QA 140 119.22 36.41 44.27
C THR QA 140 119.59 34.93 44.49
N THR QA 141 119.08 34.06 43.64
CA THR QA 141 119.33 32.61 43.72
C THR QA 141 119.83 32.05 42.38
N LYS QA 142 120.89 31.25 42.44
CA LYS QA 142 121.47 30.59 41.26
C LYS QA 142 121.39 29.06 41.39
N ILE QA 143 121.42 28.39 40.23
CA ILE QA 143 121.54 26.93 40.16
C ILE QA 143 123.02 26.61 39.99
N SER QA 144 123.75 26.70 41.12
CA SER QA 144 125.19 26.42 41.15
C SER QA 144 125.42 24.90 41.19
N ARG QA 145 125.40 24.28 40.01
CA ARG QA 145 125.50 22.82 39.84
C ARG QA 145 124.43 22.05 40.63
N GLY QA 146 123.24 21.97 40.05
CA GLY QA 146 122.12 21.20 40.63
C GLY QA 146 121.37 21.94 41.72
N THR QA 147 122.02 22.12 42.87
CA THR QA 147 121.39 22.73 44.04
C THR QA 147 121.10 24.22 43.87
N ILE QA 148 119.94 24.65 44.35
CA ILE QA 148 119.53 26.06 44.31
C ILE QA 148 120.20 26.80 45.46
N GLU QA 149 121.27 27.54 45.15
CA GLU QA 149 122.02 28.30 46.15
C GLU QA 149 121.54 29.76 46.19
N ILE QA 150 121.31 30.26 47.40
CA ILE QA 150 121.01 31.68 47.62
C ILE QA 150 122.36 32.39 47.74
N LEU QA 151 122.55 33.46 46.98
CA LEU QA 151 123.88 34.09 46.79
C LEU QA 151 124.17 35.31 47.69
N SER QA 152 123.29 35.63 48.62
CA SER QA 152 123.49 36.77 49.52
C SER QA 152 122.65 36.69 50.80
N ASP QA 153 123.19 37.21 51.89
CA ASP QA 153 122.49 37.30 53.17
C ASP QA 153 121.58 38.52 53.16
N VAL QA 154 120.27 38.29 52.98
CA VAL QA 154 119.28 39.35 52.78
C VAL QA 154 118.12 39.21 53.79
N GLN QA 155 117.62 40.35 54.25
CA GLN QA 155 116.48 40.41 55.16
C GLN QA 155 115.18 40.48 54.36
N LEU QA 156 114.33 39.46 54.48
CA LEU QA 156 113.02 39.44 53.83
C LEU QA 156 112.00 40.25 54.63
N ILE QA 157 111.84 39.88 55.90
CA ILE QA 157 110.79 40.40 56.77
C ILE QA 157 111.40 41.12 57.98
N LYS QA 158 110.89 42.31 58.28
CA LYS QA 158 111.38 43.15 59.39
C LYS QA 158 110.41 43.09 60.59
N THR QA 159 110.77 43.75 61.68
CA THR QA 159 109.95 43.77 62.91
C THR QA 159 108.62 44.49 62.71
N GLY QA 160 107.53 43.86 63.15
CA GLY QA 160 106.18 44.41 62.99
C GLY QA 160 105.66 44.41 61.56
N ASP QA 161 106.18 43.50 60.73
CA ASP QA 161 105.78 43.38 59.33
C ASP QA 161 104.93 42.12 59.13
N LYS QA 162 104.00 42.19 58.18
CA LYS QA 162 103.12 41.06 57.86
C LYS QA 162 103.87 40.08 56.96
N VAL QA 163 103.78 38.79 57.29
CA VAL QA 163 104.47 37.74 56.54
C VAL QA 163 103.59 37.29 55.38
N GLY QA 164 104.08 37.44 54.14
CA GLY QA 164 103.40 36.96 52.94
C GLY QA 164 103.35 35.45 52.84
N ALA QA 165 102.47 34.95 51.97
CA ALA QA 165 102.22 33.51 51.83
C ALA QA 165 103.34 32.77 51.12
N SER QA 166 103.78 33.31 49.98
CA SER QA 166 104.83 32.69 49.17
C SER QA 166 106.20 32.68 49.86
N GLU QA 167 106.53 33.77 50.56
CA GLU QA 167 107.75 33.84 51.37
C GLU QA 167 107.71 32.95 52.61
N ALA QA 168 106.52 32.74 53.18
CA ALA QA 168 106.34 31.81 54.30
C ALA QA 168 106.57 30.36 53.89
N THR QA 169 106.05 29.98 52.72
CA THR QA 169 106.24 28.63 52.18
C THR QA 169 107.70 28.33 51.82
N LEU QA 170 108.41 29.33 51.30
CA LEU QA 170 109.84 29.17 50.95
C LEU QA 170 110.69 28.96 52.20
N LEU QA 171 110.38 29.70 53.27
CA LEU QA 171 111.03 29.51 54.58
C LEU QA 171 110.74 28.13 55.18
N ASN QA 172 109.52 27.63 54.99
CA ASN QA 172 109.15 26.27 55.42
C ASN QA 172 109.88 25.17 54.64
N MET QA 173 110.11 25.39 53.34
CA MET QA 173 110.92 24.48 52.52
C MET QA 173 112.41 24.50 52.91
N LEU QA 174 112.92 25.68 53.25
CA LEU QA 174 114.31 25.83 53.72
C LEU QA 174 114.54 25.35 55.17
N ASN QA 175 113.46 25.11 55.92
CA ASN QA 175 113.52 24.76 57.34
C ASN QA 175 114.05 25.91 58.20
N ILE QA 176 113.51 27.10 57.96
CA ILE QA 176 113.84 28.32 58.69
C ILE QA 176 112.61 28.67 59.53
N SER QA 177 112.75 28.60 60.85
CA SER QA 177 111.62 28.74 61.78
C SER QA 177 111.92 29.73 62.93
N PRO QA 178 111.92 31.04 62.62
CA PRO QA 178 112.01 32.10 63.64
C PRO QA 178 110.64 32.53 64.21
N PHE QA 179 109.56 32.33 63.45
CA PHE QA 179 108.22 32.79 63.85
C PHE QA 179 107.62 31.86 64.91
N SER QA 180 106.46 32.27 65.44
CA SER QA 180 105.81 31.63 66.60
C SER QA 180 106.68 31.90 67.85
N PHE QA 181 106.45 31.15 68.92
CA PHE QA 181 107.23 31.33 70.16
C PHE QA 181 107.16 30.07 71.04
N GLY QA 182 105.95 29.72 71.49
CA GLY QA 182 105.73 28.57 72.36
C GLY QA 182 104.63 28.87 73.35
N LEU QA 183 104.98 29.64 74.38
CA LEU QA 183 103.99 30.23 75.30
C LEU QA 183 104.56 31.48 75.99
N ILE QA 184 103.66 32.43 76.27
CA ILE QA 184 104.02 33.73 76.81
C ILE QA 184 103.51 33.84 78.25
N ILE QA 185 104.18 34.66 79.06
CA ILE QA 185 103.77 34.93 80.44
C ILE QA 185 103.19 36.35 80.51
N GLN QA 186 101.93 36.46 80.92
CA GLN QA 186 101.23 37.75 81.03
C GLN QA 186 101.27 38.31 82.44
N GLN QA 187 100.87 37.50 83.42
CA GLN QA 187 100.80 37.91 84.82
C GLN QA 187 101.19 36.78 85.78
N VAL QA 188 101.45 37.14 87.04
CA VAL QA 188 101.95 36.20 88.06
C VAL QA 188 101.15 36.35 89.36
N PHE QA 189 101.07 35.26 90.12
CA PHE QA 189 100.48 35.23 91.46
C PHE QA 189 101.48 34.59 92.43
N ASP QA 190 101.95 35.35 93.41
CA ASP QA 190 102.98 34.89 94.36
C ASP QA 190 102.58 35.20 95.81
N ASN QA 191 101.90 34.25 96.45
CA ASN QA 191 101.48 34.35 97.86
C ASN QA 191 100.66 35.61 98.18
N GLY QA 192 99.80 36.01 97.25
CA GLY QA 192 98.98 37.23 97.38
C GLY QA 192 99.41 38.38 96.49
N SER QA 193 100.73 38.58 96.36
CA SER QA 193 101.28 39.67 95.55
C SER QA 193 101.23 39.35 94.05
N ILE QA 194 100.93 40.38 93.25
CA ILE QA 194 100.88 40.26 91.79
C ILE QA 194 102.10 40.98 91.18
N TYR QA 195 102.70 40.34 90.18
CA TYR QA 195 103.79 40.94 89.39
C TYR QA 195 103.44 40.90 87.91
N ASN QA 196 104.09 41.77 87.14
CA ASN QA 196 103.95 41.82 85.68
C ASN QA 196 105.35 41.63 85.07
N PRO QA 197 105.65 40.41 84.55
CA PRO QA 197 106.99 39.85 84.31
C PRO QA 197 108.20 40.75 84.69
N GLU QA 198 108.28 41.07 85.99
CA GLU QA 198 109.34 41.93 86.53
C GLU QA 198 109.69 41.48 87.95
N MET RA 1 127.65 8.85 52.37
CA MET RA 1 126.23 8.65 51.96
C MET RA 1 125.52 9.81 51.21
N PRO RA 2 125.97 11.08 51.37
CA PRO RA 2 125.32 12.12 50.55
C PRO RA 2 125.72 12.16 49.05
N PRO RA 3 127.01 12.44 48.72
CA PRO RA 3 127.32 12.75 47.32
C PRO RA 3 127.44 11.55 46.37
N LYS RA 4 128.20 10.52 46.76
CA LYS RA 4 128.51 9.39 45.87
C LYS RA 4 128.51 8.03 46.60
N PHE RA 5 129.39 7.86 47.58
CA PHE RA 5 129.64 6.58 48.25
C PHE RA 5 130.76 6.77 49.29
N ASP RA 6 130.38 7.15 50.51
CA ASP RA 6 131.32 7.48 51.58
C ASP RA 6 130.78 7.11 52.97
N PRO RA 7 131.53 6.27 53.74
CA PRO RA 7 131.22 6.07 55.16
C PRO RA 7 132.17 6.86 56.07
N ASN RA 8 131.67 7.95 56.64
CA ASN RA 8 132.43 8.74 57.63
C ASN RA 8 132.41 8.04 59.00
N GLU RA 9 131.25 7.51 59.37
CA GLU RA 9 131.11 6.67 60.57
C GLU RA 9 130.04 5.57 60.41
N ILE RA 10 128.82 5.97 60.02
CA ILE RA 10 127.69 5.06 59.79
C ILE RA 10 127.30 4.28 61.05
N LYS RA 11 126.44 4.89 61.86
CA LYS RA 11 125.72 4.21 62.94
C LYS RA 11 124.23 4.43 62.70
N VAL RA 12 123.79 4.06 61.50
CA VAL RA 12 122.47 4.44 60.98
C VAL RA 12 121.40 3.45 61.46
N VAL RA 13 120.32 3.98 62.03
CA VAL RA 13 119.23 3.19 62.58
C VAL RA 13 117.97 3.33 61.70
N TYR RA 14 117.24 2.22 61.54
CA TYR RA 14 115.89 2.25 60.97
C TYR RA 14 115.04 1.13 61.56
N LEU RA 15 113.75 1.40 61.74
CA LEU RA 15 112.84 0.53 62.49
C LEU RA 15 112.01 -0.37 61.59
N ARG RA 16 112.35 -1.66 61.58
CA ARG RA 16 111.48 -2.72 61.04
C ARG RA 16 110.76 -3.38 62.22
N CYS RA 17 109.55 -3.88 61.96
CA CYS RA 17 108.85 -4.72 62.94
C CYS RA 17 108.41 -6.02 62.29
N THR RA 18 108.04 -6.98 63.16
CA THR RA 18 107.67 -8.36 62.78
C THR RA 18 108.85 -9.19 62.26
N GLY RA 19 109.04 -10.37 62.84
CA GLY RA 19 110.16 -11.24 62.48
C GLY RA 19 110.26 -12.47 63.37
N GLY RA 20 109.29 -13.37 63.24
CA GLY RA 20 109.29 -14.64 63.96
C GLY RA 20 110.36 -15.57 63.41
N GLU RA 21 110.30 -15.79 62.09
CA GLU RA 21 111.32 -16.55 61.35
C GLU RA 21 111.67 -15.83 60.06
N VAL RA 22 112.65 -16.37 59.32
CA VAL RA 22 113.10 -15.83 58.02
C VAL RA 22 112.05 -15.09 57.19
N GLY RA 23 110.88 -15.69 57.01
CA GLY RA 23 109.82 -15.14 56.17
C GLY RA 23 110.12 -15.29 54.69
N ALA RA 24 109.23 -15.97 53.97
CA ALA RA 24 109.34 -16.10 52.51
C ALA RA 24 109.13 -14.73 51.85
N THR RA 25 108.03 -14.08 52.21
CA THR RA 25 107.69 -12.73 51.71
C THR RA 25 108.65 -11.61 52.18
N SER RA 26 109.47 -11.90 53.20
CA SER RA 26 110.62 -11.06 53.59
C SER RA 26 110.34 -9.55 53.67
N ALA RA 27 110.52 -8.85 52.54
CA ALA RA 27 110.50 -7.38 52.47
C ALA RA 27 111.48 -6.70 53.45
N LEU RA 28 112.61 -7.37 53.73
CA LEU RA 28 113.54 -6.93 54.77
C LEU RA 28 114.43 -5.80 54.27
N ALA RA 29 115.23 -6.09 53.24
CA ALA RA 29 116.20 -5.13 52.72
C ALA RA 29 115.53 -4.08 51.81
N PRO RA 30 115.64 -4.23 50.47
CA PRO RA 30 115.51 -3.18 49.44
C PRO RA 30 115.59 -1.71 49.92
N LYS RA 31 115.04 -0.77 49.14
CA LYS RA 31 114.96 0.66 49.50
C LYS RA 31 116.10 1.20 50.41
N ILE RA 32 116.06 0.81 51.68
CA ILE RA 32 117.04 1.23 52.68
C ILE RA 32 118.30 0.34 52.67
N GLY RA 33 118.10 -0.97 52.46
CA GLY RA 33 119.16 -1.97 52.51
C GLY RA 33 120.40 -1.77 51.63
N PRO RA 34 120.27 -2.04 50.31
CA PRO RA 34 121.44 -2.14 49.42
C PRO RA 34 122.29 -0.88 49.32
N LEU RA 35 121.65 0.28 49.20
CA LEU RA 35 122.34 1.57 49.27
C LEU RA 35 122.58 1.88 50.75
N GLY RA 36 123.85 1.80 51.17
CA GLY RA 36 124.22 1.73 52.59
C GLY RA 36 124.97 0.46 52.96
N LEU RA 37 125.25 -0.40 51.98
CA LEU RA 37 126.16 -1.56 52.10
C LEU RA 37 125.64 -2.81 52.85
N SER RA 38 124.45 -2.74 53.44
CA SER RA 38 123.81 -3.93 54.01
C SER RA 38 123.20 -4.74 52.85
N PRO RA 39 123.44 -6.07 52.83
CA PRO RA 39 123.01 -6.86 51.68
C PRO RA 39 121.51 -7.27 51.75
N LYS RA 40 121.18 -8.56 51.75
CA LYS RA 40 119.77 -9.02 51.66
C LYS RA 40 119.55 -10.37 52.36
N LYS RA 41 120.18 -11.42 51.84
CA LYS RA 41 120.06 -12.77 52.40
C LYS RA 41 120.85 -12.91 53.70
N VAL RA 42 122.05 -12.33 53.75
CA VAL RA 42 122.89 -12.33 54.95
C VAL RA 42 122.24 -11.50 56.06
N GLY RA 43 121.68 -10.35 55.70
CA GLY RA 43 120.93 -9.50 56.62
C GLY RA 43 119.68 -10.16 57.19
N ASP RA 44 119.03 -10.98 56.37
CA ASP RA 44 117.87 -11.78 56.80
C ASP RA 44 118.29 -12.90 57.78
N ASP RA 45 119.45 -13.53 57.52
CA ASP RA 45 120.00 -14.56 58.40
C ASP RA 45 120.43 -14.00 59.76
N ILE RA 46 121.01 -12.80 59.76
CA ILE RA 46 121.39 -12.12 61.00
C ILE RA 46 120.15 -11.70 61.79
N ALA RA 47 119.11 -11.25 61.07
CA ALA RA 47 117.82 -10.91 61.69
C ALA RA 47 117.13 -12.13 62.30
N LYS RA 48 117.27 -13.29 61.66
CA LYS RA 48 116.75 -14.55 62.21
C LYS RA 48 117.51 -14.98 63.47
N ALA RA 49 118.82 -14.81 63.46
CA ALA RA 49 119.70 -15.21 64.59
C ALA RA 49 119.40 -14.47 65.89
N THR RA 50 119.16 -13.16 65.80
CA THR RA 50 118.84 -12.33 66.97
C THR RA 50 117.42 -12.62 67.46
N GLY RA 51 116.45 -12.63 66.53
CA GLY RA 51 115.06 -12.94 66.84
C GLY RA 51 114.73 -14.41 66.58
N ASP RA 52 115.51 -15.29 67.19
CA ASP RA 52 115.35 -16.74 67.04
C ASP RA 52 114.51 -17.24 68.24
N TRP RA 53 114.85 -18.39 68.83
CA TRP RA 53 114.38 -18.81 70.17
C TRP RA 53 113.84 -17.67 71.06
N LYS RA 54 112.54 -17.41 70.91
CA LYS RA 54 111.82 -16.30 71.57
C LYS RA 54 112.34 -14.90 71.17
N GLY RA 55 111.53 -14.06 70.52
CA GLY RA 55 110.12 -14.29 70.20
C GLY RA 55 109.91 -14.97 68.85
N LEU RA 56 109.04 -15.98 68.82
CA LEU RA 56 108.56 -16.58 67.57
C LEU RA 56 107.09 -16.24 67.29
N ARG RA 57 106.50 -15.36 68.11
CA ARG RA 57 105.14 -14.86 67.93
C ARG RA 57 105.20 -13.35 67.76
N ILE RA 58 105.82 -12.92 66.66
CA ILE RA 58 106.02 -11.51 66.30
C ILE RA 58 107.07 -10.83 67.19
N THR RA 59 107.91 -9.99 66.59
CA THR RA 59 109.00 -9.27 67.27
C THR RA 59 109.18 -7.88 66.67
N VAL RA 60 110.08 -7.09 67.26
CA VAL RA 60 110.43 -5.75 66.75
C VAL RA 60 111.92 -5.75 66.38
N LYS RA 61 112.27 -4.97 65.36
CA LYS RA 61 113.62 -5.01 64.75
C LYS RA 61 114.20 -3.63 64.45
N LEU RA 62 114.83 -3.01 65.44
CA LEU RA 62 115.64 -1.82 65.21
C LEU RA 62 116.99 -2.29 64.64
N THR RA 63 117.39 -1.72 63.50
CA THR RA 63 118.56 -2.18 62.75
C THR RA 63 119.64 -1.11 62.69
N ILE RA 64 120.57 -1.15 63.65
CA ILE RA 64 121.69 -0.22 63.72
C ILE RA 64 122.81 -0.72 62.81
N GLN RA 65 122.94 -0.11 61.63
CA GLN RA 65 123.99 -0.49 60.67
C GLN RA 65 125.34 0.12 61.05
N ASN RA 66 126.29 -0.73 61.41
CA ASN RA 66 127.70 -0.33 61.54
C ASN RA 66 128.44 -0.65 60.23
N ARG RA 67 128.36 0.29 59.30
CA ARG RA 67 128.91 0.14 57.93
C ARG RA 67 128.30 -1.05 57.17
N GLN RA 68 128.73 -2.27 57.46
CA GLN RA 68 128.14 -3.50 56.90
C GLN RA 68 127.56 -4.48 57.95
N ALA RA 69 127.82 -4.24 59.24
CA ALA RA 69 127.34 -5.12 60.32
C ALA RA 69 126.10 -4.52 60.99
N GLN RA 70 124.96 -5.18 60.83
CA GLN RA 70 123.71 -4.73 61.45
C GLN RA 70 123.58 -5.32 62.87
N ILE RA 71 123.14 -4.48 63.81
CA ILE RA 71 122.92 -4.89 65.20
C ILE RA 71 121.42 -4.91 65.47
N GLU RA 72 120.80 -6.08 65.28
CA GLU RA 72 119.37 -6.28 65.53
C GLU RA 72 119.11 -6.43 67.03
N VAL RA 73 118.09 -5.74 67.53
CA VAL RA 73 117.70 -5.76 68.94
C VAL RA 73 116.18 -5.97 69.03
N VAL RA 74 115.72 -6.49 70.17
CA VAL RA 74 114.29 -6.70 70.46
C VAL RA 74 113.80 -5.64 71.45
N PRO RA 75 113.38 -4.44 70.96
CA PRO RA 75 112.74 -3.47 71.86
C PRO RA 75 111.32 -3.90 72.21
N SER RA 76 111.00 -3.86 73.50
CA SER RA 76 109.77 -4.49 74.00
C SER RA 76 108.51 -3.68 73.69
N ALA RA 77 107.52 -4.37 73.12
CA ALA RA 77 106.12 -3.91 73.09
C ALA RA 77 105.36 -4.72 74.13
N SER RA 78 104.36 -4.08 74.75
CA SER RA 78 103.64 -4.67 75.89
C SER RA 78 102.91 -5.96 75.55
N ALA RA 79 102.17 -5.95 74.45
CA ALA RA 79 101.41 -7.13 74.00
C ALA RA 79 102.32 -8.28 73.53
N LEU RA 80 103.49 -7.96 72.98
CA LEU RA 80 104.46 -8.97 72.54
C LEU RA 80 105.02 -9.77 73.72
N ILE RA 81 105.45 -9.08 74.76
CA ILE RA 81 105.97 -9.72 75.97
C ILE RA 81 104.89 -10.51 76.75
N ILE RA 82 103.63 -10.07 76.68
CA ILE RA 82 102.50 -10.84 77.22
C ILE RA 82 102.32 -12.15 76.43
N LYS RA 83 102.39 -12.06 75.11
CA LYS RA 83 102.30 -13.24 74.23
C LYS RA 83 103.54 -14.16 74.33
N ALA RA 84 104.70 -13.58 74.69
CA ALA RA 84 105.90 -14.35 75.02
C ALA RA 84 105.73 -15.12 76.35
N LEU RA 85 105.08 -14.48 77.32
CA LEU RA 85 104.81 -15.07 78.63
C LEU RA 85 103.39 -15.66 78.69
N LYS RA 86 103.07 -16.51 77.72
CA LYS RA 86 101.75 -17.12 77.58
C LYS RA 86 101.88 -18.60 78.00
N GLU RA 87 101.27 -19.54 77.27
CA GLU RA 87 101.51 -20.98 77.47
C GLU RA 87 102.29 -21.51 76.27
N PRO RA 88 103.63 -21.29 76.24
CA PRO RA 88 104.39 -21.56 75.02
C PRO RA 88 104.80 -23.05 74.90
N PRO RA 89 105.30 -23.49 73.74
CA PRO RA 89 105.26 -22.75 72.47
C PRO RA 89 104.84 -23.65 71.30
N ARG RA 90 103.60 -23.46 70.82
CA ARG RA 90 103.15 -24.05 69.55
C ARG RA 90 103.33 -22.95 68.48
N ASP RA 91 104.45 -23.02 67.77
CA ASP RA 91 104.95 -21.88 66.97
C ASP RA 91 104.11 -21.58 65.73
N ARG RA 92 104.20 -22.43 64.70
CA ARG RA 92 103.59 -22.17 63.40
C ARG RA 92 103.03 -23.45 62.81
N LYS RA 93 102.00 -23.30 61.97
CA LYS RA 93 101.25 -24.42 61.37
C LYS RA 93 100.58 -25.27 62.45
N LYS RA 94 99.39 -24.82 62.84
CA LYS RA 94 98.59 -25.42 63.93
C LYS RA 94 99.28 -25.39 65.31
N GLN RA 95 99.20 -24.30 66.09
CA GLN RA 95 98.63 -22.98 65.76
C GLN RA 95 97.13 -23.02 65.36
N LYS RA 96 96.68 -22.09 64.51
CA LYS RA 96 95.43 -22.25 63.71
C LYS RA 96 94.10 -21.98 64.44
N ASN RA 97 94.05 -22.19 65.76
CA ASN RA 97 92.80 -22.01 66.53
C ASN RA 97 92.95 -21.37 67.94
N ILE RA 98 93.49 -20.15 68.08
CA ILE RA 98 94.28 -19.42 67.08
C ILE RA 98 95.57 -18.99 67.81
N LYS RA 99 95.55 -17.81 68.45
CA LYS RA 99 96.57 -17.40 69.41
C LYS RA 99 95.92 -16.66 70.59
N HIS RA 100 94.65 -16.96 70.88
CA HIS RA 100 93.85 -16.20 71.85
C HIS RA 100 93.25 -17.07 72.96
N SER RA 101 94.10 -17.86 73.61
CA SER RA 101 93.69 -18.66 74.76
C SER RA 101 93.43 -17.73 75.95
N GLY RA 102 94.48 -17.05 76.39
CA GLY RA 102 94.36 -15.91 77.30
C GLY RA 102 93.86 -16.18 78.70
N ASN RA 103 94.49 -17.13 79.39
CA ASN RA 103 94.26 -17.40 80.82
C ASN RA 103 95.57 -17.80 81.50
N ILE RA 104 96.53 -16.86 81.53
CA ILE RA 104 97.91 -17.16 81.95
C ILE RA 104 98.40 -16.24 83.09
N THR RA 105 97.49 -15.85 83.98
CA THR RA 105 97.81 -15.20 85.27
C THR RA 105 98.61 -13.87 85.20
N PHE RA 106 99.94 -13.97 85.04
CA PHE RA 106 100.90 -12.86 85.24
C PHE RA 106 100.47 -11.72 86.19
N ASP RA 107 100.86 -11.85 87.47
CA ASP RA 107 100.58 -10.84 88.50
C ASP RA 107 101.85 -10.03 88.78
N GLU RA 108 102.91 -10.72 89.22
CA GLU RA 108 104.21 -10.10 89.50
C GLU RA 108 105.15 -10.08 88.28
N ILE RA 109 104.73 -10.72 87.19
CA ILE RA 109 105.53 -10.73 85.96
C ILE RA 109 105.33 -9.42 85.20
N VAL RA 110 104.16 -8.79 85.37
CA VAL RA 110 103.85 -7.51 84.70
C VAL RA 110 104.59 -6.37 85.41
N ASN RA 111 104.90 -6.51 86.70
CA ASN RA 111 105.83 -5.59 87.40
C ASN RA 111 107.16 -5.40 86.66
N ILE RA 112 107.68 -6.47 86.08
CA ILE RA 112 108.90 -6.42 85.26
C ILE RA 112 108.60 -5.68 83.95
N ALA RA 113 107.42 -5.93 83.37
CA ALA RA 113 106.96 -5.25 82.16
C ALA RA 113 106.88 -3.73 82.33
N ARG RA 114 106.24 -3.26 83.40
CA ARG RA 114 106.20 -1.80 83.69
C ARG RA 114 107.59 -1.21 84.03
N GLN RA 115 108.48 -2.02 84.61
CA GLN RA 115 109.86 -1.59 84.86
C GLN RA 115 110.66 -1.43 83.56
N MET RA 116 110.49 -2.36 82.62
CA MET RA 116 111.24 -2.33 81.36
C MET RA 116 110.75 -1.29 80.34
N ARG RA 117 109.62 -0.63 80.61
CA ARG RA 117 109.16 0.50 79.78
C ARG RA 117 110.23 1.58 79.77
N HIS RA 118 110.61 2.04 78.58
CA HIS RA 118 111.67 3.08 78.43
C HIS RA 118 111.21 4.45 78.95
N ARG RA 119 111.12 4.55 80.28
CA ARG RA 119 110.51 5.69 80.98
C ARG RA 119 109.09 5.93 80.45
N SER RA 120 108.91 6.87 79.50
CA SER RA 120 107.66 7.05 78.74
C SER RA 120 106.41 7.37 79.58
N LEU RA 121 105.26 7.51 78.91
CA LEU RA 121 103.94 7.55 79.54
C LEU RA 121 103.55 8.84 80.29
N ALA RA 122 104.51 9.71 80.57
CA ALA RA 122 104.30 10.91 81.40
C ALA RA 122 103.65 10.57 82.75
N ARG RA 123 104.15 9.50 83.38
CA ARG RA 123 103.47 8.86 84.50
C ARG RA 123 103.71 9.54 85.86
N GLU RA 124 102.87 9.16 86.84
CA GLU RA 124 103.16 9.38 88.26
C GLU RA 124 103.49 8.02 88.87
N LEU RA 125 104.60 7.46 88.39
CA LEU RA 125 105.11 6.13 88.77
C LEU RA 125 104.16 4.95 88.47
N SER RA 126 104.64 3.73 88.76
CA SER RA 126 103.94 2.46 88.47
C SER RA 126 102.45 2.38 88.83
N GLY RA 127 102.03 3.08 89.88
CA GLY RA 127 100.61 3.16 90.26
C GLY RA 127 99.64 3.37 89.10
N THR RA 128 100.05 4.19 88.14
CA THR RA 128 99.31 4.42 86.90
C THR RA 128 99.73 3.48 85.75
N ILE RA 129 100.99 3.06 85.73
CA ILE RA 129 101.52 2.16 84.68
C ILE RA 129 100.90 0.76 84.81
N LYS RA 130 100.69 0.32 86.06
CA LYS RA 130 99.95 -0.94 86.35
C LYS RA 130 98.58 -0.98 85.68
N GLU RA 131 97.89 0.16 85.69
CA GLU RA 131 96.57 0.29 85.07
C GLU RA 131 96.66 0.18 83.55
N ILE RA 132 97.73 0.72 82.97
CA ILE RA 132 97.93 0.74 81.52
C ILE RA 132 98.22 -0.66 80.97
N LEU RA 133 99.25 -1.32 81.50
CA LEU RA 133 99.67 -2.64 81.02
C LEU RA 133 98.71 -3.77 81.42
N GLY RA 134 97.95 -3.57 82.50
CA GLY RA 134 96.86 -4.47 82.85
C GLY RA 134 95.67 -4.44 81.89
N THR RA 135 95.61 -3.41 81.03
CA THR RA 135 94.60 -3.29 79.97
C THR RA 135 95.14 -3.45 78.54
N ALA RA 136 96.47 -3.34 78.37
CA ALA RA 136 97.10 -3.56 77.06
C ALA RA 136 96.81 -4.97 76.54
N GLN RA 137 96.93 -5.94 77.45
CA GLN RA 137 96.43 -7.31 77.25
C GLN RA 137 95.03 -7.38 76.62
N SER RA 138 94.99 -7.64 75.32
CA SER RA 138 93.76 -8.02 74.62
C SER RA 138 93.40 -9.47 74.91
N VAL RA 139 94.43 -10.30 75.10
CA VAL RA 139 94.29 -11.75 75.23
C VAL RA 139 94.25 -12.20 76.70
N GLY RA 140 95.29 -11.83 77.46
CA GLY RA 140 95.59 -12.39 78.78
C GLY RA 140 94.49 -12.52 79.84
N CYS RA 141 93.63 -11.51 79.94
CA CYS RA 141 92.53 -11.46 80.94
C CYS RA 141 92.99 -11.52 82.42
N ASN RA 142 94.18 -10.98 82.71
CA ASN RA 142 94.63 -10.71 84.09
C ASN RA 142 94.81 -12.00 84.94
N VAL RA 143 94.49 -11.95 86.24
CA VAL RA 143 94.93 -12.98 87.20
C VAL RA 143 93.98 -14.18 87.17
N ASP RA 144 94.54 -15.38 87.30
CA ASP RA 144 93.82 -16.67 87.37
C ASP RA 144 92.54 -16.78 86.51
N GLY RA 145 91.47 -16.14 86.96
CA GLY RA 145 90.19 -16.09 86.23
C GLY RA 145 89.45 -14.80 86.48
N ARG RA 146 90.17 -13.68 86.30
CA ARG RA 146 89.64 -12.34 86.56
C ARG RA 146 89.28 -11.62 85.26
N HIS RA 147 88.70 -10.43 85.42
CA HIS RA 147 88.50 -9.47 84.33
C HIS RA 147 89.62 -8.42 84.42
N PRO RA 148 89.71 -7.50 83.44
CA PRO RA 148 90.61 -6.35 83.59
C PRO RA 148 89.90 -5.13 84.23
N HIS RA 149 89.08 -4.43 83.44
CA HIS RA 149 88.32 -3.21 83.85
C HIS RA 149 88.60 -2.59 85.23
N ASP RA 150 87.78 -2.91 86.24
CA ASP RA 150 87.71 -2.15 87.50
C ASP RA 150 88.42 -2.77 88.70
N ILE RA 151 89.00 -3.96 88.53
CA ILE RA 151 89.83 -4.61 89.57
C ILE RA 151 91.14 -3.83 89.73
N ILE RA 152 91.60 -3.24 88.62
CA ILE RA 152 92.74 -2.31 88.56
C ILE RA 152 92.68 -1.17 89.59
N ASP RA 153 91.49 -0.65 89.89
CA ASP RA 153 91.32 0.48 90.82
C ASP RA 153 91.90 0.21 92.22
N ASP RA 154 91.72 -1.02 92.71
CA ASP RA 154 92.18 -1.43 94.05
C ASP RA 154 93.49 -2.20 94.00
N ILE RA 155 94.56 -1.51 93.60
CA ILE RA 155 95.92 -2.08 93.62
C ILE RA 155 96.56 -1.79 94.99
N ASN RA 156 97.25 -2.80 95.53
CA ASN RA 156 97.88 -2.71 96.85
C ASN RA 156 99.30 -3.28 96.82
N SER RA 157 100.08 -2.88 95.81
CA SER RA 157 101.43 -3.43 95.61
C SER RA 157 102.31 -2.62 94.65
N GLY RA 158 103.62 -2.72 94.85
CA GLY RA 158 104.63 -2.24 93.90
C GLY RA 158 104.61 -0.76 93.53
N ALA RA 159 104.22 0.09 94.47
CA ALA RA 159 104.21 1.54 94.25
C ALA RA 159 105.63 2.12 94.34
N VAL RA 160 106.41 1.64 95.31
CA VAL RA 160 107.75 2.17 95.62
C VAL RA 160 108.89 1.30 95.07
N GLU RA 161 108.58 0.11 94.55
CA GLU RA 161 109.60 -0.83 94.06
C GLU RA 161 110.01 -0.64 92.58
N CYS RA 162 109.13 -0.05 91.77
CA CYS RA 162 109.33 0.09 90.32
C CYS RA 162 110.27 1.21 89.81
N PRO RA 163 110.57 2.24 90.62
CA PRO RA 163 111.54 3.25 90.13
C PRO RA 163 112.95 2.69 89.87
N PHE VA 1 -3.58 45.45 -66.48
CA PHE VA 1 -4.58 44.59 -67.12
C PHE VA 1 -5.60 44.13 -66.09
N LEU VA 2 -5.13 43.82 -64.89
CA LEU VA 2 -5.98 43.56 -63.74
C LEU VA 2 -5.54 44.34 -62.52
N GLU VA 3 -4.26 44.64 -62.41
CA GLU VA 3 -3.75 45.10 -61.14
C GLU VA 3 -4.01 46.58 -60.90
N VAL VA 4 -4.46 47.32 -61.91
CA VAL VA 4 -4.63 48.76 -61.77
C VAL VA 4 -6.08 49.22 -61.73
N ILE VA 5 -6.92 48.85 -62.68
CA ILE VA 5 -8.28 49.34 -62.78
C ILE VA 5 -9.16 48.72 -61.72
N LYS VA 6 -8.94 47.44 -61.45
CA LYS VA 6 -9.71 46.73 -60.45
C LYS VA 6 -9.58 47.29 -59.02
N PRO VA 7 -8.41 47.72 -58.52
CA PRO VA 7 -8.41 48.34 -57.19
C PRO VA 7 -9.13 49.66 -57.10
N PHE VA 8 -9.24 50.43 -58.18
CA PHE VA 8 -9.95 51.70 -58.04
C PHE VA 8 -11.45 51.55 -58.22
N CYS VA 9 -11.88 50.61 -59.04
CA CYS VA 9 -13.28 50.53 -59.42
C CYS VA 9 -14.00 49.60 -58.45
N VAL VA 10 -14.50 50.16 -57.36
CA VAL VA 10 -15.10 49.40 -56.27
C VAL VA 10 -16.41 50.09 -55.90
N ILE VA 11 -16.86 51.00 -56.76
CA ILE VA 11 -17.94 51.91 -56.42
C ILE VA 11 -19.27 51.16 -56.35
N LEU VA 12 -19.89 51.22 -55.17
CA LEU VA 12 -21.23 50.72 -54.83
C LEU VA 12 -21.39 49.22 -55.06
N PRO VA 13 -20.78 48.37 -54.21
CA PRO VA 13 -20.89 46.92 -54.42
C PRO VA 13 -22.14 46.32 -53.79
N GLU VA 14 -22.20 45.00 -53.74
CA GLU VA 14 -23.30 44.27 -53.15
C GLU VA 14 -22.90 43.67 -51.80
N ILE VA 15 -23.91 43.38 -50.97
CA ILE VA 15 -23.69 42.84 -49.65
C ILE VA 15 -23.78 41.32 -49.69
N GLN VA 16 -22.74 40.67 -49.21
CA GLN VA 16 -22.60 39.22 -49.18
C GLN VA 16 -23.59 38.62 -48.17
N LYS VA 17 -23.89 37.32 -48.34
CA LYS VA 17 -25.01 36.69 -47.66
C LYS VA 17 -24.76 36.58 -46.15
N PRO VA 18 -25.83 36.62 -45.33
CA PRO VA 18 -25.67 36.61 -43.88
C PRO VA 18 -25.40 35.24 -43.27
N GLU VA 19 -25.50 35.21 -41.95
CA GLU VA 19 -25.29 34.03 -41.13
C GLU VA 19 -26.62 33.36 -40.78
N ARG VA 20 -27.54 33.34 -41.73
CA ARG VA 20 -28.82 32.66 -41.54
C ARG VA 20 -28.84 31.47 -42.48
N LYS VA 21 -27.73 30.73 -42.47
CA LYS VA 21 -27.27 29.84 -43.54
C LYS VA 21 -28.29 28.81 -44.04
N ILE VA 22 -28.67 27.88 -43.18
CA ILE VA 22 -29.54 26.77 -43.58
C ILE VA 22 -31.00 27.20 -43.44
N GLN VA 23 -31.74 27.07 -44.53
CA GLN VA 23 -33.18 27.27 -44.51
C GLN VA 23 -33.78 26.59 -45.74
N PHE VA 24 -35.05 26.22 -45.62
CA PHE VA 24 -35.78 25.68 -46.75
C PHE VA 24 -36.46 26.73 -47.59
N LYS VA 25 -37.37 27.48 -46.99
CA LYS VA 25 -38.39 28.17 -47.78
C LYS VA 25 -38.24 29.67 -47.82
N GLU VA 26 -37.40 30.26 -46.97
CA GLU VA 26 -37.13 31.67 -47.17
C GLU VA 26 -36.17 31.87 -48.33
N LYS VA 27 -35.41 30.83 -48.68
CA LYS VA 27 -34.81 30.71 -50.00
C LYS VA 27 -35.80 31.04 -51.11
N VAL VA 28 -36.96 30.38 -51.08
CA VAL VA 28 -37.96 30.58 -52.13
C VAL VA 28 -38.59 31.95 -52.02
N LEU VA 29 -38.58 32.54 -50.82
CA LEU VA 29 -39.03 33.93 -50.70
C LEU VA 29 -38.10 34.88 -51.42
N TRP VA 30 -36.79 34.66 -51.30
CA TRP VA 30 -35.87 35.51 -52.06
C TRP VA 30 -35.97 35.26 -53.55
N THR VA 31 -36.43 34.08 -53.97
CA THR VA 31 -36.75 33.93 -55.39
C THR VA 31 -37.96 34.77 -55.77
N ALA VA 32 -39.02 34.61 -54.99
CA ALA VA 32 -40.33 35.09 -55.41
C ALA VA 32 -40.38 36.60 -55.44
N ILE VA 33 -39.58 37.25 -54.60
CA ILE VA 33 -39.55 38.71 -54.64
C ILE VA 33 -38.95 39.21 -55.94
N THR VA 34 -37.91 38.53 -56.43
CA THR VA 34 -37.38 38.85 -57.75
C THR VA 34 -38.40 38.54 -58.84
N LEU VA 35 -39.19 37.51 -58.64
CA LEU VA 35 -40.24 37.26 -59.62
C LEU VA 35 -41.36 38.29 -59.53
N PHE VA 36 -41.56 38.93 -58.38
CA PHE VA 36 -42.43 40.10 -58.33
C PHE VA 36 -41.82 41.25 -59.11
N ILE VA 37 -40.49 41.36 -59.06
CA ILE VA 37 -39.81 42.42 -59.77
C ILE VA 37 -39.95 42.22 -61.28
N PHE VA 38 -39.93 40.99 -61.73
CA PHE VA 38 -40.12 40.77 -63.16
C PHE VA 38 -41.52 40.35 -63.53
N LEU VA 39 -42.45 40.44 -62.59
CA LEU VA 39 -43.73 40.99 -62.94
C LEU VA 39 -43.57 42.45 -63.34
N VAL VA 40 -42.95 43.23 -62.46
CA VAL VA 40 -43.01 44.68 -62.58
C VAL VA 40 -42.07 45.18 -63.66
N CYS VA 41 -40.86 44.63 -63.67
CA CYS VA 41 -39.83 45.09 -64.59
C CYS VA 41 -40.23 45.09 -66.05
N CYS VA 42 -41.05 44.14 -66.47
CA CYS VA 42 -41.61 44.25 -67.82
C CYS VA 42 -42.82 45.16 -67.81
N GLN VA 43 -42.54 46.46 -67.86
CA GLN VA 43 -43.55 47.50 -67.84
C GLN VA 43 -43.06 48.67 -68.70
N ILE VA 44 -43.98 49.53 -69.12
CA ILE VA 44 -43.68 50.65 -70.03
C ILE VA 44 -42.72 51.74 -69.56
N PRO VA 45 -41.87 52.21 -70.49
CA PRO VA 45 -40.87 53.27 -70.40
C PRO VA 45 -41.54 54.66 -70.41
N LEU VA 46 -40.81 55.69 -70.02
CA LEU VA 46 -41.34 57.06 -69.93
C LEU VA 46 -41.09 58.05 -71.09
N PHE VA 47 -40.60 57.60 -72.23
CA PHE VA 47 -40.28 58.57 -73.26
C PHE VA 47 -41.10 58.32 -74.52
N GLY VA 48 -41.61 59.40 -75.08
CA GLY VA 48 -42.60 59.38 -76.12
C GLY VA 48 -42.08 59.38 -77.53
N ILE VA 49 -40.79 59.12 -77.74
CA ILE VA 49 -40.33 58.89 -79.10
C ILE VA 49 -40.83 57.51 -79.51
N MET VA 50 -41.88 57.48 -80.34
CA MET VA 50 -42.57 56.25 -80.69
C MET VA 50 -42.04 55.77 -82.05
N SER VA 51 -40.91 55.07 -82.02
CA SER VA 51 -40.24 54.66 -83.26
C SER VA 51 -40.96 53.45 -83.85
N SER VA 52 -40.83 53.28 -85.16
CA SER VA 52 -41.79 52.44 -85.88
C SER VA 52 -41.53 50.95 -85.66
N ASP VA 53 -40.39 50.46 -86.14
CA ASP VA 53 -39.93 49.14 -85.73
C ASP VA 53 -39.63 49.18 -84.25
N SER VA 54 -40.01 48.10 -83.56
CA SER VA 54 -39.87 48.09 -82.11
C SER VA 54 -38.40 47.96 -81.72
N ALA VA 55 -37.80 46.83 -82.07
CA ALA VA 55 -36.36 46.67 -81.97
C ALA VA 55 -35.87 46.10 -83.29
N ASP VA 56 -34.60 46.32 -83.56
CA ASP VA 56 -34.09 45.70 -84.76
C ASP VA 56 -33.75 44.23 -84.52
N PRO VA 57 -33.01 43.81 -83.40
CA PRO VA 57 -32.88 42.38 -83.13
C PRO VA 57 -34.05 41.78 -82.37
N PHE VA 58 -35.27 42.16 -82.78
CA PHE VA 58 -36.46 41.97 -81.95
C PHE VA 58 -36.83 40.51 -81.81
N TYR VA 59 -36.70 39.74 -82.90
CA TYR VA 59 -37.02 38.31 -82.84
C TYR VA 59 -36.02 37.40 -82.11
N TRP VA 60 -34.76 37.46 -82.49
CA TRP VA 60 -33.70 36.68 -81.82
C TRP VA 60 -33.48 37.33 -80.46
N MET VA 61 -33.47 38.66 -80.53
CA MET VA 61 -33.31 39.55 -79.40
C MET VA 61 -34.50 39.35 -78.48
N ARG VA 62 -35.68 39.26 -79.08
CA ARG VA 62 -36.90 39.01 -78.35
C ARG VA 62 -36.84 37.65 -77.66
N VAL VA 63 -36.30 36.65 -78.36
CA VAL VA 63 -36.18 35.33 -77.78
C VAL VA 63 -35.36 35.43 -76.50
N ILE VA 64 -34.24 36.16 -76.53
CA ILE VA 64 -33.52 36.30 -75.28
C ILE VA 64 -34.29 37.07 -74.20
N LEU VA 65 -34.89 38.21 -74.55
CA LEU VA 65 -35.65 38.99 -73.56
C LEU VA 65 -36.74 39.66 -74.36
N ALA VA 66 -37.99 39.65 -73.94
CA ALA VA 66 -38.92 40.13 -74.95
C ALA VA 66 -39.52 41.51 -74.71
N SER VA 67 -38.84 42.44 -74.04
CA SER VA 67 -39.46 43.76 -73.89
C SER VA 67 -38.89 44.71 -74.93
N ASN VA 68 -39.08 44.36 -76.21
CA ASN VA 68 -38.51 45.12 -77.32
C ASN VA 68 -39.25 46.43 -77.51
N ARG VA 69 -38.51 47.54 -77.40
CA ARG VA 69 -39.03 48.90 -77.25
C ARG VA 69 -40.05 48.92 -76.11
N GLY VA 70 -39.72 48.18 -75.07
CA GLY VA 70 -40.66 48.00 -74.01
C GLY VA 70 -39.96 48.40 -72.75
N THR VA 71 -40.07 47.53 -71.78
CA THR VA 71 -40.03 47.93 -70.38
C THR VA 71 -38.60 48.00 -69.87
N LEU VA 72 -38.46 48.02 -68.55
CA LEU VA 72 -37.19 48.04 -67.85
C LEU VA 72 -36.43 46.74 -67.93
N MET VA 73 -36.93 45.77 -68.71
CA MET VA 73 -36.18 44.55 -69.00
C MET VA 73 -34.99 44.84 -69.90
N GLU VA 74 -34.98 46.02 -70.52
CA GLU VA 74 -33.79 46.64 -71.10
C GLU VA 74 -33.29 45.84 -72.28
N LEU VA 75 -34.25 45.33 -73.05
CA LEU VA 75 -34.03 44.64 -74.31
C LEU VA 75 -33.20 43.36 -74.15
N GLY VA 76 -33.04 42.87 -72.93
CA GLY VA 76 -32.13 41.76 -72.68
C GLY VA 76 -31.37 41.83 -71.39
N ILE VA 77 -30.92 40.67 -70.91
CA ILE VA 77 -29.99 40.55 -69.80
C ILE VA 77 -28.63 40.38 -70.43
N SER VA 78 -28.60 40.51 -71.76
CA SER VA 78 -27.46 40.58 -72.65
C SER VA 78 -26.27 41.36 -72.11
N PRO VA 79 -26.44 42.49 -71.38
CA PRO VA 79 -25.31 42.98 -70.59
C PRO VA 79 -24.71 41.97 -69.63
N ILE VA 80 -25.52 41.42 -68.72
CA ILE VA 80 -24.97 40.51 -67.71
C ILE VA 80 -24.52 39.21 -68.33
N VAL VA 81 -25.27 38.72 -69.31
CA VAL VA 81 -24.92 37.46 -69.95
C VAL VA 81 -23.62 37.58 -70.73
N THR VA 82 -23.55 38.53 -71.67
CA THR VA 82 -22.35 38.67 -72.50
C THR VA 82 -21.14 39.03 -71.66
N SER VA 83 -21.34 39.95 -70.71
CA SER VA 83 -20.26 40.34 -69.85
C SER VA 83 -19.84 39.24 -68.90
N GLY VA 84 -20.71 38.27 -68.61
CA GLY VA 84 -20.30 37.19 -67.75
C GLY VA 84 -19.51 36.20 -68.57
N LEU VA 85 -20.00 35.95 -69.78
CA LEU VA 85 -19.43 34.94 -70.64
C LEU VA 85 -18.03 35.28 -71.07
N ILE VA 86 -17.80 36.50 -71.57
CA ILE VA 86 -16.45 36.78 -72.03
C ILE VA 86 -15.49 36.97 -70.86
N MET VA 87 -16.04 37.29 -69.68
CA MET VA 87 -15.22 37.32 -68.48
C MET VA 87 -14.74 35.92 -68.11
N GLN VA 88 -15.65 34.95 -68.15
CA GLN VA 88 -15.26 33.59 -67.85
C GLN VA 88 -14.37 33.02 -68.94
N LEU VA 89 -14.54 33.50 -70.18
CA LEU VA 89 -13.61 33.18 -71.25
C LEU VA 89 -12.21 33.65 -70.92
N LEU VA 90 -12.06 34.95 -70.72
CA LEU VA 90 -10.74 35.55 -70.53
C LEU VA 90 -10.15 35.24 -69.16
N ALA VA 91 -10.91 34.65 -68.26
CA ALA VA 91 -10.33 33.96 -67.12
C ALA VA 91 -9.84 32.58 -67.50
N GLY VA 92 -10.65 31.81 -68.24
CA GLY VA 92 -10.30 30.46 -68.62
C GLY VA 92 -9.28 30.42 -69.72
N ALA VA 93 -9.57 31.13 -70.81
CA ALA VA 93 -8.53 31.38 -71.79
C ALA VA 93 -7.49 32.29 -71.15
N LYS VA 94 -6.23 31.92 -71.28
CA LYS VA 94 -5.18 32.59 -70.53
C LYS VA 94 -4.61 33.77 -71.26
N ILE VA 95 -5.43 34.45 -72.05
CA ILE VA 95 -5.11 35.80 -72.48
C ILE VA 95 -4.95 36.69 -71.26
N ILE VA 96 -5.79 36.50 -70.27
CA ILE VA 96 -5.65 37.14 -68.97
C ILE VA 96 -5.55 36.04 -67.92
N GLU VA 97 -4.69 36.26 -66.93
CA GLU VA 97 -4.39 35.32 -65.87
C GLU VA 97 -5.60 35.06 -64.98
N VAL VA 98 -5.42 34.09 -64.09
CA VAL VA 98 -6.47 33.64 -63.17
C VAL VA 98 -6.22 34.29 -61.82
N GLY VA 99 -7.28 34.84 -61.23
CA GLY VA 99 -7.24 35.31 -59.86
C GLY VA 99 -7.97 34.33 -58.94
N ASP VA 100 -7.22 33.79 -57.97
CA ASP VA 100 -7.77 32.88 -56.98
C ASP VA 100 -7.53 33.33 -55.55
N THR VA 101 -7.00 34.53 -55.34
CA THR VA 101 -7.12 35.12 -54.02
C THR VA 101 -8.52 35.72 -53.88
N PRO VA 102 -9.07 35.76 -52.66
CA PRO VA 102 -10.43 36.27 -52.50
C PRO VA 102 -10.58 37.75 -52.81
N LYS VA 103 -9.50 38.53 -52.64
CA LYS VA 103 -9.46 39.88 -53.19
C LYS VA 103 -9.63 39.87 -54.70
N ASP VA 104 -8.98 38.94 -55.38
CA ASP VA 104 -9.08 38.87 -56.84
C ASP VA 104 -10.43 38.36 -57.31
N ARG VA 105 -11.06 37.45 -56.58
CA ARG VA 105 -12.40 37.02 -56.99
C ARG VA 105 -13.43 38.12 -56.69
N ALA VA 106 -13.23 38.88 -55.61
CA ALA VA 106 -14.12 40.00 -55.31
C ALA VA 106 -13.98 41.10 -56.36
N LEU VA 107 -12.75 41.47 -56.70
CA LEU VA 107 -12.55 42.44 -57.77
C LEU VA 107 -12.87 41.86 -59.13
N PHE VA 108 -12.89 40.53 -59.26
CA PHE VA 108 -13.37 39.88 -60.47
C PHE VA 108 -14.85 40.11 -60.64
N ASN VA 109 -15.62 39.99 -59.55
CA ASN VA 109 -17.02 40.44 -59.55
C ASN VA 109 -17.14 41.93 -59.84
N GLY VA 110 -16.19 42.72 -59.34
CA GLY VA 110 -16.21 44.14 -59.61
C GLY VA 110 -16.04 44.46 -61.09
N ALA VA 111 -15.09 43.79 -61.74
CA ALA VA 111 -14.88 43.99 -63.16
C ALA VA 111 -16.02 43.41 -63.97
N GLN VA 112 -16.66 42.36 -63.44
CA GLN VA 112 -17.89 41.83 -64.01
C GLN VA 112 -18.96 42.92 -64.06
N LYS VA 113 -19.18 43.58 -62.91
CA LYS VA 113 -20.05 44.76 -62.84
C LYS VA 113 -19.61 45.83 -63.83
N LEU VA 114 -18.30 46.03 -63.98
CA LEU VA 114 -17.77 47.08 -64.84
C LEU VA 114 -18.14 46.87 -66.28
N PHE VA 115 -17.77 45.71 -66.83
CA PHE VA 115 -18.11 45.43 -68.22
C PHE VA 115 -19.61 45.34 -68.42
N GLY VA 116 -20.35 44.87 -67.42
CA GLY VA 116 -21.81 44.82 -67.55
C GLY VA 116 -22.43 46.20 -67.69
N MET VA 117 -22.05 47.13 -66.82
CA MET VA 117 -22.60 48.48 -66.90
C MET VA 117 -22.14 49.22 -68.15
N ILE VA 118 -20.89 49.00 -68.57
CA ILE VA 118 -20.41 49.64 -69.79
C ILE VA 118 -21.17 49.13 -70.99
N ILE VA 119 -21.50 47.84 -71.01
CA ILE VA 119 -22.30 47.30 -72.10
C ILE VA 119 -23.74 47.79 -72.05
N THR VA 120 -24.29 48.04 -70.86
CA THR VA 120 -25.60 48.68 -70.77
C THR VA 120 -25.58 50.06 -71.39
N ILE VA 121 -24.52 50.82 -71.09
CA ILE VA 121 -24.36 52.14 -71.66
C ILE VA 121 -24.23 52.06 -73.18
N GLY VA 122 -23.51 51.04 -73.65
CA GLY VA 122 -23.38 50.84 -75.08
C GLY VA 122 -24.70 50.55 -75.76
N GLN VA 123 -25.53 49.69 -75.14
CA GLN VA 123 -26.83 49.41 -75.72
C GLN VA 123 -27.75 50.61 -75.67
N SER VA 124 -27.65 51.42 -74.61
CA SER VA 124 -28.46 52.62 -74.50
C SER VA 124 -28.14 53.60 -75.62
N ILE VA 125 -26.85 53.88 -75.78
CA ILE VA 125 -26.39 54.79 -76.84
C ILE VA 125 -26.77 54.25 -78.20
N VAL VA 126 -26.68 52.94 -78.38
CA VAL VA 126 -26.89 52.42 -79.73
C VAL VA 126 -28.37 52.25 -80.05
N TYR VA 127 -29.25 52.18 -79.06
CA TYR VA 127 -30.65 52.20 -79.43
C TYR VA 127 -31.14 53.63 -79.64
N VAL VA 128 -30.68 54.57 -78.81
CA VAL VA 128 -31.15 55.94 -79.00
C VAL VA 128 -30.56 56.60 -80.23
N MET VA 129 -29.61 55.97 -80.90
CA MET VA 129 -29.03 56.52 -82.10
C MET VA 129 -29.21 55.53 -83.23
N SER VA 141 -33.73 62.24 -81.00
CA SER VA 141 -34.12 63.64 -81.15
C SER VA 141 -33.56 64.46 -80.01
N GLY VA 142 -34.26 65.53 -79.68
CA GLY VA 142 -33.89 66.42 -78.60
C GLY VA 142 -34.44 66.04 -77.24
N ILE VA 143 -35.10 64.89 -77.14
CA ILE VA 143 -35.73 64.45 -75.90
C ILE VA 143 -34.84 63.45 -75.16
N CYS VA 144 -33.54 63.46 -75.46
CA CYS VA 144 -32.61 62.40 -75.08
C CYS VA 144 -32.27 62.36 -73.60
N LEU VA 145 -32.82 63.27 -72.80
CA LEU VA 145 -32.49 63.34 -71.39
C LEU VA 145 -33.10 62.16 -70.66
N LEU VA 146 -32.45 61.74 -69.57
CA LEU VA 146 -33.03 60.89 -68.51
C LEU VA 146 -33.34 59.46 -68.93
N ILE VA 147 -33.24 59.15 -70.22
CA ILE VA 147 -33.31 57.77 -70.69
C ILE VA 147 -32.13 57.01 -70.13
N THR VA 148 -30.97 57.63 -70.23
CA THR VA 148 -29.72 57.05 -69.77
C THR VA 148 -29.76 56.80 -68.28
N ILE VA 149 -30.39 57.70 -67.53
CA ILE VA 149 -30.48 57.56 -66.09
C ILE VA 149 -31.36 56.37 -65.72
N GLN VA 150 -32.49 56.27 -66.40
CA GLN VA 150 -33.40 55.13 -66.27
C GLN VA 150 -32.69 53.83 -66.60
N LEU VA 151 -32.00 53.76 -67.72
CA LEU VA 151 -31.42 52.47 -68.08
C LEU VA 151 -30.40 51.92 -67.10
N PHE VA 152 -29.48 52.77 -66.65
CA PHE VA 152 -28.49 52.29 -65.70
C PHE VA 152 -29.13 51.90 -64.37
N VAL VA 153 -30.13 52.67 -63.95
CA VAL VA 153 -30.81 52.36 -62.72
C VAL VA 153 -31.42 50.98 -62.89
N ALA VA 154 -32.00 50.73 -64.05
CA ALA VA 154 -32.56 49.43 -64.33
C ALA VA 154 -31.53 48.45 -64.87
N GLY VA 155 -30.30 48.88 -65.11
CA GLY VA 155 -29.25 47.92 -65.33
C GLY VA 155 -28.68 47.47 -64.02
N LEU VA 156 -28.45 48.43 -63.12
CA LEU VA 156 -27.92 48.13 -61.80
C LEU VA 156 -28.87 47.25 -61.00
N ILE VA 157 -30.17 47.39 -61.24
CA ILE VA 157 -31.13 46.56 -60.53
C ILE VA 157 -31.01 45.10 -60.97
N VAL VA 158 -30.90 44.85 -62.28
CA VAL VA 158 -30.78 43.47 -62.74
C VAL VA 158 -29.44 42.89 -62.29
N LEU VA 159 -28.41 43.74 -62.22
CA LEU VA 159 -27.13 43.33 -61.65
C LEU VA 159 -27.26 42.85 -60.23
N LEU VA 160 -27.90 43.65 -59.38
CA LEU VA 160 -28.02 43.31 -57.98
C LEU VA 160 -28.91 42.08 -57.80
N LEU VA 161 -29.94 41.95 -58.62
CA LEU VA 161 -30.83 40.82 -58.45
C LEU VA 161 -30.17 39.54 -58.91
N ASP VA 162 -29.29 39.62 -59.90
CA ASP VA 162 -28.59 38.41 -60.30
C ASP VA 162 -27.50 38.03 -59.31
N GLU VA 163 -26.72 39.00 -58.84
CA GLU VA 163 -25.66 38.63 -57.89
C GLU VA 163 -26.18 38.41 -56.48
N LEU VA 164 -27.42 38.75 -56.19
CA LEU VA 164 -28.03 38.30 -54.96
C LEU VA 164 -28.81 37.02 -55.16
N LEU VA 165 -28.73 36.44 -56.34
CA LEU VA 165 -29.19 35.09 -56.59
C LEU VA 165 -28.07 34.28 -57.21
N GLN VA 166 -26.83 34.54 -56.82
CA GLN VA 166 -25.79 33.53 -56.92
C GLN VA 166 -25.18 33.26 -55.55
N LYS VA 167 -24.70 34.28 -54.87
CA LYS VA 167 -24.36 34.20 -53.47
C LYS VA 167 -25.54 34.79 -52.70
N GLY VA 168 -26.47 33.93 -52.34
CA GLY VA 168 -27.73 34.32 -51.77
C GLY VA 168 -28.60 33.10 -51.72
N TYR VA 169 -29.81 33.19 -52.27
CA TYR VA 169 -30.55 31.99 -52.60
C TYR VA 169 -29.80 31.11 -53.60
N GLY VA 170 -29.24 31.73 -54.64
CA GLY VA 170 -29.21 31.20 -56.00
C GLY VA 170 -29.06 29.72 -56.30
N LEU VA 171 -30.08 29.15 -56.95
CA LEU VA 171 -30.06 27.76 -57.39
C LEU VA 171 -30.00 27.62 -58.90
N GLY VA 172 -30.94 28.19 -59.63
CA GLY VA 172 -30.81 28.11 -61.07
C GLY VA 172 -29.75 29.12 -61.48
N SER VA 173 -30.11 30.38 -61.33
CA SER VA 173 -29.26 31.55 -61.38
C SER VA 173 -30.21 32.68 -61.01
N GLY VA 174 -29.77 33.91 -61.10
CA GLY VA 174 -30.77 34.93 -61.24
C GLY VA 174 -31.21 34.91 -62.69
N ILE VA 175 -30.22 34.70 -63.56
CA ILE VA 175 -30.34 34.98 -64.99
C ILE VA 175 -31.29 34.00 -65.65
N SER VA 176 -30.98 32.72 -65.53
CA SER VA 176 -31.64 31.70 -66.32
C SER VA 176 -33.10 31.54 -65.94
N LEU VA 177 -33.44 31.76 -64.68
CA LEU VA 177 -34.84 31.67 -64.32
C LEU VA 177 -35.61 32.90 -64.74
N PHE VA 178 -34.95 34.05 -64.86
CA PHE VA 178 -35.58 35.21 -65.49
C PHE VA 178 -35.93 34.91 -66.93
N ILE VA 179 -34.98 34.33 -67.65
CA ILE VA 179 -35.22 33.95 -69.04
C ILE VA 179 -36.34 32.93 -69.13
N ALA VA 180 -36.37 32.00 -68.19
CA ALA VA 180 -37.38 30.94 -68.20
C ALA VA 180 -38.78 31.51 -67.96
N THR VA 181 -38.94 32.32 -66.92
CA THR VA 181 -40.25 32.88 -66.62
C THR VA 181 -40.71 33.84 -67.70
N ASN VA 182 -39.79 34.62 -68.29
CA ASN VA 182 -40.21 35.48 -69.38
C ASN VA 182 -40.53 34.68 -70.60
N ILE VA 183 -39.96 33.49 -70.72
CA ILE VA 183 -40.38 32.64 -71.81
C ILE VA 183 -41.73 31.98 -71.54
N CYS VA 184 -42.01 31.68 -70.27
CA CYS VA 184 -43.36 31.24 -69.87
C CYS VA 184 -44.39 32.28 -70.27
N GLU VA 185 -44.07 33.54 -70.03
CA GLU VA 185 -44.97 34.62 -70.41
C GLU VA 185 -45.12 34.71 -71.91
N THR VA 186 -44.03 34.56 -72.68
CA THR VA 186 -44.15 34.69 -74.13
C THR VA 186 -44.90 33.52 -74.75
N ILE VA 187 -44.96 32.38 -74.06
CA ILE VA 187 -45.95 31.40 -74.49
C ILE VA 187 -47.34 31.82 -74.04
N VAL VA 188 -47.41 32.46 -72.89
CA VAL VA 188 -48.69 32.69 -72.22
C VAL VA 188 -49.50 33.80 -72.90
N TRP VA 189 -48.83 34.83 -73.44
CA TRP VA 189 -49.54 35.80 -74.28
C TRP VA 189 -50.07 35.13 -75.53
N LYS VA 190 -49.37 34.11 -76.02
CA LYS VA 190 -49.93 33.28 -77.06
C LYS VA 190 -50.95 32.29 -76.53
N ALA VA 191 -51.02 32.08 -75.23
CA ALA VA 191 -51.99 31.13 -74.70
C ALA VA 191 -53.39 31.72 -74.58
N PHE VA 192 -53.55 32.83 -73.87
CA PHE VA 192 -54.78 33.61 -73.96
C PHE VA 192 -54.39 34.95 -74.58
N SER VA 193 -55.15 35.40 -75.56
CA SER VA 193 -54.80 36.59 -76.33
C SER VA 193 -56.02 37.47 -76.44
N PRO VA 194 -56.12 38.52 -75.65
CA PRO VA 194 -57.35 39.31 -75.63
C PRO VA 194 -57.56 40.18 -76.85
N THR VA 195 -56.55 40.91 -77.32
CA THR VA 195 -56.79 41.85 -78.39
C THR VA 195 -56.31 41.33 -79.74
N THR VA 196 -56.94 41.87 -80.78
CA THR VA 196 -56.48 41.78 -82.14
C THR VA 196 -56.93 43.07 -82.80
N VAL VA 197 -56.03 43.77 -83.47
CA VAL VA 197 -56.48 44.86 -84.32
C VAL VA 197 -57.21 44.23 -85.49
N ASN VA 198 -58.36 44.80 -85.85
CA ASN VA 198 -59.25 44.12 -86.78
C ASN VA 198 -58.67 44.16 -88.18
N THR VA 199 -58.24 37.35 -91.59
CA THR VA 199 -58.09 36.74 -92.89
C THR VA 199 -59.46 36.59 -93.52
N GLY VA 200 -59.54 35.71 -94.52
CA GLY VA 200 -60.78 35.38 -95.20
C GLY VA 200 -61.93 34.93 -94.32
N ARG VA 201 -61.64 34.50 -93.10
CA ARG VA 201 -62.60 34.19 -92.06
C ARG VA 201 -61.83 34.08 -90.74
N GLY VA 202 -62.52 34.34 -89.63
CA GLY VA 202 -61.99 33.97 -88.33
C GLY VA 202 -61.00 34.92 -87.69
N MET VA 203 -61.47 36.10 -87.29
CA MET VA 203 -60.61 37.03 -86.57
C MET VA 203 -60.29 36.52 -85.16
N GLU VA 204 -59.16 37.00 -84.66
CA GLU VA 204 -58.80 37.05 -83.23
C GLU VA 204 -58.56 35.66 -82.63
N PHE VA 205 -57.86 34.80 -83.36
CA PHE VA 205 -57.54 33.47 -82.87
C PHE VA 205 -56.32 32.93 -83.63
N GLU VA 206 -55.13 33.04 -83.02
CA GLU VA 206 -53.87 32.70 -83.71
C GLU VA 206 -53.01 31.73 -82.90
N GLY VA 207 -53.34 30.46 -82.96
CA GLY VA 207 -52.47 29.44 -82.39
C GLY VA 207 -52.41 29.38 -80.89
N ALA VA 208 -53.37 29.98 -80.20
CA ALA VA 208 -53.52 29.78 -78.77
C ALA VA 208 -54.37 28.54 -78.52
N ILE VA 209 -54.30 28.06 -77.29
CA ILE VA 209 -55.29 27.08 -76.90
C ILE VA 209 -56.61 27.76 -76.59
N ILE VA 210 -56.56 29.01 -76.14
CA ILE VA 210 -57.78 29.81 -76.02
C ILE VA 210 -58.39 30.01 -77.40
N ALA VA 211 -57.54 30.27 -78.39
CA ALA VA 211 -57.97 30.32 -79.78
C ALA VA 211 -58.64 29.01 -80.20
N LEU VA 212 -58.07 27.89 -79.81
CA LEU VA 212 -58.69 26.61 -80.10
C LEU VA 212 -59.60 26.17 -78.97
N PHE VA 213 -60.10 27.12 -78.19
CA PHE VA 213 -61.25 26.95 -77.35
C PHE VA 213 -62.34 27.98 -77.64
N HIS VA 214 -61.96 29.15 -78.13
CA HIS VA 214 -62.95 30.09 -78.65
C HIS VA 214 -63.47 29.65 -80.00
N LEU VA 215 -62.63 28.94 -80.74
CA LEU VA 215 -63.01 28.40 -82.04
C LEU VA 215 -64.10 27.36 -81.91
N LEU VA 216 -64.16 26.65 -80.80
CA LEU VA 216 -65.26 25.73 -80.60
C LEU VA 216 -66.52 26.47 -80.21
N ALA VA 217 -66.40 27.66 -79.64
CA ALA VA 217 -67.60 28.40 -79.28
C ALA VA 217 -68.22 29.11 -80.48
N THR VA 218 -67.42 29.52 -81.46
CA THR VA 218 -68.01 30.21 -82.60
C THR VA 218 -68.63 29.22 -83.57
N ARG VA 219 -67.82 28.38 -84.19
CA ARG VA 219 -68.22 27.71 -85.41
C ARG VA 219 -68.88 26.37 -85.14
N THR VA 220 -69.89 26.07 -85.96
CA THR VA 220 -70.46 24.74 -86.01
C THR VA 220 -69.64 23.89 -86.96
N ASP VA 221 -70.11 22.65 -87.17
CA ASP VA 221 -69.40 21.59 -87.89
C ASP VA 221 -68.01 21.37 -87.29
N LYS VA 222 -68.03 20.78 -86.10
CA LYS VA 222 -66.85 20.59 -85.27
C LYS VA 222 -65.75 19.74 -85.90
N VAL VA 223 -66.03 19.01 -86.99
CA VAL VA 223 -64.97 18.34 -87.73
C VAL VA 223 -64.03 19.36 -88.36
N ARG VA 224 -64.60 20.33 -89.07
CA ARG VA 224 -63.80 21.42 -89.59
C ARG VA 224 -63.49 22.47 -88.54
N ALA VA 225 -63.88 22.24 -87.28
CA ALA VA 225 -63.25 22.93 -86.16
C ALA VA 225 -62.04 22.18 -85.65
N LEU VA 226 -62.04 20.85 -85.75
CA LEU VA 226 -60.84 20.10 -85.42
C LEU VA 226 -59.75 20.32 -86.44
N ARG VA 227 -60.12 20.42 -87.71
CA ARG VA 227 -59.14 20.45 -88.77
C ARG VA 227 -58.34 21.75 -88.73
N GLU VA 228 -59.01 22.86 -88.46
CA GLU VA 228 -58.31 24.13 -88.28
C GLU VA 228 -57.53 24.17 -86.98
N ALA VA 229 -57.90 23.37 -86.00
CA ALA VA 229 -57.17 23.37 -84.75
C ALA VA 229 -55.89 22.59 -84.85
N PHE VA 230 -55.88 21.50 -85.61
CA PHE VA 230 -54.71 20.64 -85.62
C PHE VA 230 -53.84 20.80 -86.85
N TYR VA 231 -54.37 21.29 -87.96
CA TYR VA 231 -53.52 21.51 -89.13
C TYR VA 231 -53.57 22.98 -89.52
N ARG VA 232 -53.32 23.87 -88.57
CA ARG VA 232 -53.22 25.29 -88.85
C ARG VA 232 -51.81 25.63 -89.33
N GLN VA 233 -51.70 26.27 -90.49
CA GLN VA 233 -50.38 26.48 -91.07
C GLN VA 233 -49.79 27.87 -90.83
N ASN VA 234 -50.50 28.93 -91.22
CA ASN VA 234 -49.89 30.25 -91.23
C ASN VA 234 -49.69 30.82 -89.84
N LEU VA 235 -50.51 30.43 -88.91
CA LEU VA 235 -50.44 30.85 -87.53
C LEU VA 235 -49.82 29.68 -86.80
N PRO VA 236 -49.47 29.79 -85.52
CA PRO VA 236 -49.08 28.59 -84.76
C PRO VA 236 -50.17 27.54 -84.68
N ASN VA 237 -49.74 26.32 -84.40
CA ASN VA 237 -50.57 25.14 -84.52
C ASN VA 237 -50.53 24.41 -83.18
N LEU VA 238 -51.52 23.55 -82.97
CA LEU VA 238 -51.51 22.77 -81.75
C LEU VA 238 -50.84 21.43 -81.95
N MET VA 239 -50.80 20.93 -83.18
CA MET VA 239 -49.86 19.86 -83.51
C MET VA 239 -48.44 20.33 -83.32
N ASN VA 240 -48.18 21.58 -83.69
CA ASN VA 240 -46.91 22.24 -83.39
C ASN VA 240 -46.67 22.23 -81.88
N LEU VA 241 -47.69 22.47 -81.09
CA LEU VA 241 -47.47 22.50 -79.65
C LEU VA 241 -47.25 21.11 -79.08
N ILE VA 242 -47.87 20.08 -79.64
CA ILE VA 242 -47.58 18.71 -79.23
C ILE VA 242 -46.13 18.35 -79.54
N ALA VA 243 -45.67 18.72 -80.72
CA ALA VA 243 -44.27 18.45 -81.07
C ALA VA 243 -43.31 19.25 -80.21
N THR VA 244 -43.71 20.48 -79.88
CA THR VA 244 -42.93 21.31 -78.96
C THR VA 244 -42.83 20.65 -77.59
N ILE VA 245 -43.92 20.11 -77.08
CA ILE VA 245 -43.84 19.45 -75.79
C ILE VA 245 -42.98 18.19 -75.87
N PHE VA 246 -43.15 17.47 -76.97
CA PHE VA 246 -42.45 16.22 -77.19
C PHE VA 246 -40.94 16.43 -77.19
N VAL VA 247 -40.49 17.50 -77.83
CA VAL VA 247 -39.07 17.81 -77.86
C VAL VA 247 -38.58 18.09 -76.44
N PHE VA 248 -39.37 18.80 -75.65
CA PHE VA 248 -38.96 19.07 -74.28
C PHE VA 248 -38.78 17.77 -73.53
N ALA VA 249 -39.72 16.84 -73.70
CA ALA VA 249 -39.57 15.59 -73.01
C ALA VA 249 -38.31 14.86 -73.46
N VAL VA 250 -38.05 14.77 -74.76
CA VAL VA 250 -36.85 14.04 -75.17
C VAL VA 250 -35.53 14.64 -74.73
N VAL VA 251 -35.44 15.96 -74.77
CA VAL VA 251 -34.22 16.64 -74.38
C VAL VA 251 -33.95 16.47 -72.89
N ILE VA 252 -34.98 16.38 -72.04
CA ILE VA 252 -34.65 16.05 -70.66
C ILE VA 252 -34.40 14.57 -70.50
N TYR VA 253 -34.83 13.77 -71.46
CA TYR VA 253 -34.36 12.40 -71.48
C TYR VA 253 -32.88 12.35 -71.75
N PHE VA 254 -32.39 13.24 -72.60
CA PHE VA 254 -30.96 13.21 -72.90
C PHE VA 254 -30.13 14.05 -71.97
N GLN VA 255 -30.70 14.89 -71.11
CA GLN VA 255 -29.83 15.57 -70.18
C GLN VA 255 -29.32 14.61 -69.13
N GLY VA 256 -30.15 13.66 -68.73
CA GLY VA 256 -29.73 12.70 -67.75
C GLY VA 256 -28.71 11.71 -68.24
N PHE VA 257 -28.35 11.74 -69.52
CA PHE VA 257 -27.19 10.98 -69.92
C PHE VA 257 -25.92 11.51 -69.28
N ARG VA 258 -25.39 10.72 -68.38
CA ARG VA 258 -24.20 11.11 -67.66
C ARG VA 258 -23.35 9.88 -67.41
N VAL VA 259 -22.05 10.13 -67.34
CA VAL VA 259 -21.04 9.14 -67.04
C VAL VA 259 -20.68 9.30 -65.57
N ASP VA 260 -20.74 8.21 -64.81
CA ASP VA 260 -20.38 8.26 -63.42
C ASP VA 260 -18.94 7.80 -63.22
N LEU VA 261 -18.22 8.51 -62.35
CA LEU VA 261 -16.90 8.12 -61.93
C LEU VA 261 -16.80 8.23 -60.42
N PRO VA 262 -16.72 7.12 -59.70
CA PRO VA 262 -16.59 7.18 -58.25
C PRO VA 262 -15.18 7.61 -57.87
N ILE VA 263 -15.08 8.22 -56.69
CA ILE VA 263 -13.81 8.77 -56.22
C ILE VA 263 -13.64 8.50 -54.72
N LYS VA 264 -12.68 7.63 -54.35
CA LYS VA 264 -12.08 7.74 -53.01
C LYS VA 264 -11.56 9.15 -52.88
N SER VA 265 -12.11 9.90 -51.94
CA SER VA 265 -11.44 11.13 -51.61
C SER VA 265 -10.08 10.80 -50.99
N ALA VA 266 -9.13 11.71 -51.18
CA ALA VA 266 -7.88 11.55 -50.46
C ALA VA 266 -8.13 11.76 -48.97
N ARG VA 267 -7.29 11.10 -48.17
CA ARG VA 267 -7.18 11.22 -46.72
C ARG VA 267 -8.50 11.05 -45.95
N TYR VA 268 -9.53 10.47 -46.54
CA TYR VA 268 -10.73 10.12 -45.79
C TYR VA 268 -11.24 8.79 -46.27
N ARG VA 269 -11.64 7.96 -45.32
CA ARG VA 269 -11.98 6.58 -45.60
C ARG VA 269 -13.31 6.51 -46.32
N GLY VA 270 -13.25 6.33 -47.63
CA GLY VA 270 -14.36 5.78 -48.39
C GLY VA 270 -15.61 6.64 -48.48
N GLN VA 271 -15.48 7.92 -48.75
CA GLN VA 271 -16.65 8.68 -49.17
C GLN VA 271 -16.67 8.74 -50.69
N TYR VA 272 -17.84 8.52 -51.28
CA TYR VA 272 -17.90 8.28 -52.71
C TYR VA 272 -18.82 9.31 -53.33
N ASN VA 273 -18.31 10.51 -53.53
CA ASN VA 273 -19.05 11.55 -54.20
C ASN VA 273 -18.66 11.51 -55.66
N THR VA 274 -19.37 10.71 -56.44
CA THR VA 274 -18.94 10.31 -57.76
C THR VA 274 -19.05 11.50 -58.70
N TYR VA 275 -17.96 11.84 -59.34
CA TYR VA 275 -17.95 12.92 -60.30
C TYR VA 275 -18.67 12.48 -61.57
N PRO VA 276 -19.64 13.24 -62.04
CA PRO VA 276 -20.32 12.87 -63.27
C PRO VA 276 -19.82 13.66 -64.45
N ILE VA 277 -20.10 13.17 -65.65
CA ILE VA 277 -19.88 13.90 -66.88
C ILE VA 277 -21.14 13.76 -67.70
N LYS VA 278 -21.95 14.80 -67.74
CA LYS VA 278 -23.16 14.80 -68.55
C LYS VA 278 -22.79 15.06 -70.00
N LEU VA 279 -23.61 14.52 -70.89
CA LEU VA 279 -23.29 14.60 -72.32
C LEU VA 279 -23.45 15.99 -72.85
N PHE VA 280 -24.36 16.77 -72.28
CA PHE VA 280 -24.66 18.08 -72.85
C PHE VA 280 -23.52 19.04 -72.62
N TYR VA 281 -22.81 18.84 -71.53
CA TYR VA 281 -21.42 19.23 -71.39
C TYR VA 281 -21.23 20.74 -71.51
N THR VA 282 -21.76 21.40 -70.47
CA THR VA 282 -22.06 22.83 -70.25
C THR VA 282 -23.31 23.22 -71.02
N SER VA 283 -24.04 22.24 -71.57
CA SER VA 283 -25.28 22.40 -72.35
C SER VA 283 -25.09 23.30 -73.57
N ASN VA 284 -23.82 23.45 -73.97
CA ASN VA 284 -23.40 23.90 -75.27
C ASN VA 284 -23.81 25.32 -75.56
N ILE VA 285 -24.10 26.07 -74.49
CA ILE VA 285 -24.34 27.51 -74.52
C ILE VA 285 -23.19 28.21 -75.24
N PRO VA 286 -21.94 27.76 -75.17
CA PRO VA 286 -21.07 28.05 -76.30
C PRO VA 286 -21.58 27.51 -77.62
N ILE VA 287 -21.70 26.19 -77.72
CA ILE VA 287 -21.64 25.48 -78.98
C ILE VA 287 -22.86 25.74 -79.85
N ILE VA 288 -24.02 25.91 -79.25
CA ILE VA 288 -25.17 26.32 -80.05
C ILE VA 288 -25.03 27.76 -80.44
N LEU VA 289 -24.57 28.59 -79.52
CA LEU VA 289 -24.42 29.99 -79.88
C LEU VA 289 -23.23 30.17 -80.78
N GLN VA 290 -22.27 29.25 -80.71
CA GLN VA 290 -21.31 29.09 -81.79
C GLN VA 290 -22.02 28.80 -83.11
N SER VA 291 -23.01 27.91 -83.08
CA SER VA 291 -23.73 27.62 -84.33
C SER VA 291 -24.61 28.76 -84.78
N ALA VA 292 -25.01 29.63 -83.87
CA ALA VA 292 -25.97 30.67 -84.18
C ALA VA 292 -25.31 31.96 -84.62
N LEU VA 293 -24.24 32.36 -83.96
CA LEU VA 293 -23.85 33.74 -84.12
C LEU VA 293 -22.96 33.95 -85.32
N VAL VA 294 -22.35 32.90 -85.84
CA VAL VA 294 -21.68 33.07 -87.13
C VAL VA 294 -22.71 33.26 -88.23
N SER VA 295 -23.82 32.55 -88.18
CA SER VA 295 -24.89 32.77 -89.13
C SER VA 295 -25.73 33.97 -88.77
N ASN VA 296 -25.43 34.62 -87.66
CA ASN VA 296 -25.99 35.94 -87.43
C ASN VA 296 -25.08 37.06 -87.90
N LEU VA 297 -23.77 36.87 -87.85
CA LEU VA 297 -22.90 37.98 -88.23
C LEU VA 297 -22.88 38.19 -89.73
N TYR VA 298 -23.07 37.16 -90.54
CA TYR VA 298 -23.18 37.47 -91.96
C TYR VA 298 -24.51 38.08 -92.31
N VAL VA 299 -25.59 37.62 -91.68
CA VAL VA 299 -26.88 38.23 -92.00
C VAL VA 299 -26.96 39.62 -91.37
N ILE VA 300 -26.04 39.96 -90.46
CA ILE VA 300 -25.69 41.36 -90.26
C ILE VA 300 -24.99 41.91 -91.49
N SER VA 301 -23.93 41.27 -91.93
CA SER VA 301 -23.11 41.92 -92.93
C SER VA 301 -23.54 41.61 -94.36
N GLN VA 302 -24.76 41.10 -94.60
CA GLN VA 302 -25.27 41.16 -95.97
C GLN VA 302 -25.76 42.56 -96.31
N MET VA 303 -25.90 43.41 -95.29
CA MET VA 303 -26.28 44.79 -95.54
C MET VA 303 -25.17 45.52 -96.27
N LEU VA 304 -23.92 45.16 -95.99
CA LEU VA 304 -22.82 45.63 -96.82
C LEU VA 304 -22.72 44.88 -98.13
N SER VA 305 -23.57 43.90 -98.37
CA SER VA 305 -23.57 43.25 -99.69
C SER VA 305 -24.60 43.87 -100.61
N ALA VA 306 -25.50 44.69 -100.07
CA ALA VA 306 -26.46 45.37 -100.93
C ALA VA 306 -25.79 46.42 -101.81
N ARG VA 307 -24.74 47.05 -101.32
CA ARG VA 307 -24.06 48.04 -102.12
C ARG VA 307 -23.04 47.40 -103.07
N PHE VA 308 -21.99 46.85 -102.49
CA PHE VA 308 -20.70 46.74 -103.17
C PHE VA 308 -20.59 45.43 -103.93
N PRO VA 333 -26.90 39.26 -100.12
CA PRO VA 333 -28.27 39.26 -100.65
C PRO VA 333 -29.10 38.15 -100.05
N VAL VA 334 -30.42 38.27 -100.15
CA VAL VA 334 -31.31 37.25 -99.64
C VAL VA 334 -31.56 36.14 -100.65
N GLY VA 335 -30.83 36.16 -101.76
CA GLY VA 335 -31.03 35.15 -102.77
C GLY VA 335 -29.94 34.11 -102.80
N GLY VA 336 -28.96 34.34 -103.69
CA GLY VA 336 -27.93 33.36 -103.98
C GLY VA 336 -27.02 33.05 -102.81
N LEU VA 337 -26.84 34.00 -101.89
CA LEU VA 337 -26.07 33.71 -100.69
C LEU VA 337 -26.86 32.87 -99.69
N CYS VA 338 -28.19 32.82 -99.82
CA CYS VA 338 -29.00 32.11 -98.83
C CYS VA 338 -28.93 30.60 -98.97
N HIS VA 339 -28.52 30.10 -100.15
CA HIS VA 339 -28.59 28.66 -100.40
C HIS VA 339 -27.58 27.88 -99.59
N TYR VA 340 -26.60 28.54 -99.02
CA TYR VA 340 -25.76 27.91 -98.03
C TYR VA 340 -25.76 28.75 -96.77
N LEU VA 341 -26.89 29.31 -96.43
CA LEU VA 341 -26.83 30.20 -95.29
C LEU VA 341 -27.78 29.79 -94.17
N SER VA 342 -28.86 29.10 -94.49
CA SER VA 342 -30.04 29.06 -93.63
C SER VA 342 -30.67 27.67 -93.69
N PRO VA 343 -31.67 27.35 -92.87
CA PRO VA 343 -32.43 26.14 -93.11
C PRO VA 343 -33.36 26.34 -94.29
N PRO VA 344 -33.87 25.27 -94.89
CA PRO VA 344 -34.82 25.42 -96.01
C PRO VA 344 -36.28 25.62 -95.62
N GLU VA 345 -36.60 25.70 -94.32
CA GLU VA 345 -37.85 26.25 -93.79
C GLU VA 345 -39.14 25.49 -94.14
N SER VA 346 -39.05 24.40 -94.90
CA SER VA 346 -40.23 23.76 -95.47
C SER VA 346 -40.54 22.46 -94.75
N PHE VA 347 -41.82 22.29 -94.38
CA PHE VA 347 -42.27 21.05 -93.78
C PHE VA 347 -42.23 19.91 -94.79
N GLY VA 348 -42.34 20.24 -96.07
CA GLY VA 348 -42.12 19.26 -97.11
C GLY VA 348 -40.67 18.86 -97.10
N SER VA 349 -40.40 17.62 -96.70
CA SER VA 349 -39.04 17.11 -96.61
C SER VA 349 -38.38 16.95 -97.96
N VAL VA 350 -39.16 16.93 -99.04
CA VAL VA 350 -38.62 16.75 -100.37
C VAL VA 350 -38.89 18.08 -101.06
N LEU VA 351 -38.71 19.18 -100.32
CA LEU VA 351 -38.85 20.48 -100.93
C LEU VA 351 -37.77 20.69 -102.00
N GLU VA 352 -37.98 21.73 -102.80
CA GLU VA 352 -37.40 21.86 -104.14
C GLU VA 352 -35.89 21.99 -104.17
N ASP VA 353 -35.17 21.87 -103.06
CA ASP VA 353 -33.74 21.79 -103.17
C ASP VA 353 -33.18 20.86 -102.11
N PRO VA 354 -32.68 19.68 -102.50
CA PRO VA 354 -31.97 18.84 -101.53
C PRO VA 354 -30.57 19.32 -101.20
N VAL VA 355 -29.98 20.18 -102.05
CA VAL VA 355 -28.65 20.70 -101.77
C VAL VA 355 -28.66 21.53 -100.51
N HIS VA 356 -29.66 22.40 -100.38
CA HIS VA 356 -29.75 23.26 -99.22
C HIS VA 356 -30.01 22.46 -97.96
N ALA VA 357 -30.85 21.43 -98.06
CA ALA VA 357 -31.16 20.60 -96.90
C ALA VA 357 -29.94 19.83 -96.42
N VAL VA 358 -29.24 19.17 -97.37
CA VAL VA 358 -28.09 18.34 -97.02
C VAL VA 358 -26.98 19.21 -96.43
N VAL VA 359 -26.66 20.32 -97.09
CA VAL VA 359 -25.58 21.17 -96.60
C VAL VA 359 -25.97 21.83 -95.30
N TYR VA 360 -27.25 22.16 -95.11
CA TYR VA 360 -27.64 22.77 -93.85
C TYR VA 360 -27.53 21.78 -92.69
N ILE VA 361 -27.97 20.55 -92.90
CA ILE VA 361 -27.90 19.58 -91.80
C ILE VA 361 -26.46 19.19 -91.52
N VAL VA 362 -25.66 18.99 -92.56
CA VAL VA 362 -24.27 18.59 -92.38
C VAL VA 362 -23.48 19.71 -91.73
N PHE VA 363 -23.78 20.96 -92.09
CA PHE VA 363 -23.13 22.06 -91.41
C PHE VA 363 -23.56 22.15 -89.97
N MET VA 364 -24.82 21.86 -89.68
CA MET VA 364 -25.26 21.95 -88.29
C MET VA 364 -24.54 20.92 -87.41
N LEU VA 365 -24.54 19.68 -87.87
CA LEU VA 365 -23.88 18.59 -87.14
C LEU VA 365 -22.39 18.84 -87.00
N GLY VA 366 -21.73 19.13 -88.11
CA GLY VA 366 -20.30 19.35 -88.08
C GLY VA 366 -19.92 20.59 -87.30
N SER VA 367 -20.78 21.59 -87.29
CA SER VA 367 -20.45 22.82 -86.61
C SER VA 367 -20.50 22.64 -85.12
N CYS VA 368 -21.55 21.98 -84.62
CA CYS VA 368 -21.57 21.75 -83.19
C CYS VA 368 -20.51 20.76 -82.73
N ALA VA 369 -20.20 19.73 -83.52
CA ALA VA 369 -19.15 18.79 -83.12
C ALA VA 369 -17.78 19.46 -83.12
N PHE VA 370 -17.49 20.22 -84.17
CA PHE VA 370 -16.20 20.88 -84.29
C PHE VA 370 -16.03 21.94 -83.23
N PHE VA 371 -17.11 22.61 -82.87
CA PHE VA 371 -16.97 23.63 -81.85
C PHE VA 371 -17.00 23.06 -80.46
N SER VA 372 -17.43 21.81 -80.30
CA SER VA 372 -17.10 21.11 -79.08
C SER VA 372 -15.62 20.87 -78.99
N LYS VA 373 -15.07 20.10 -79.94
CA LYS VA 373 -13.66 19.70 -79.93
C LYS VA 373 -12.71 20.88 -79.97
N THR VA 374 -13.17 22.05 -80.35
CA THR VA 374 -12.40 23.25 -80.10
C THR VA 374 -12.84 23.99 -78.86
N TRP VA 375 -14.02 23.73 -78.34
CA TRP VA 375 -14.44 24.62 -77.27
C TRP VA 375 -13.88 24.25 -75.92
N ILE VA 376 -13.79 22.94 -75.64
CA ILE VA 376 -13.49 22.42 -74.31
C ILE VA 376 -12.13 22.86 -73.80
N GLU VA 377 -11.24 23.24 -74.70
CA GLU VA 377 -9.91 23.62 -74.33
C GLU VA 377 -9.84 24.98 -73.68
N VAL VA 378 -10.94 25.73 -73.61
CA VAL VA 378 -10.83 27.08 -73.09
C VAL VA 378 -11.68 27.26 -71.86
N SER VA 379 -12.97 26.99 -71.96
CA SER VA 379 -13.84 27.11 -70.80
C SER VA 379 -13.90 25.78 -70.08
N GLY VA 380 -12.74 25.40 -69.55
CA GLY VA 380 -12.67 24.40 -68.52
C GLY VA 380 -13.03 23.02 -69.01
N SER VA 381 -12.96 22.09 -68.07
CA SER VA 381 -13.42 20.73 -68.19
C SER VA 381 -12.79 19.98 -69.35
N SER VA 382 -11.62 20.39 -69.81
CA SER VA 382 -10.79 19.52 -70.61
C SER VA 382 -9.99 18.63 -69.67
N ALA VA 383 -9.11 17.80 -70.24
CA ALA VA 383 -8.48 16.73 -69.46
C ALA VA 383 -7.62 17.27 -68.33
N LYS VA 384 -6.71 18.19 -68.65
CA LYS VA 384 -5.91 18.84 -67.62
C LYS VA 384 -6.76 19.69 -66.68
N ASP VA 385 -7.85 20.27 -67.18
CA ASP VA 385 -8.71 21.07 -66.35
C ASP VA 385 -9.32 20.26 -65.23
N VAL VA 386 -9.89 19.12 -65.60
CA VAL VA 386 -10.52 18.24 -64.63
C VAL VA 386 -9.49 17.70 -63.66
N ALA VA 387 -8.31 17.35 -64.18
CA ALA VA 387 -7.28 16.79 -63.34
C ALA VA 387 -6.83 17.77 -62.28
N LYS VA 388 -6.56 19.01 -62.68
CA LYS VA 388 -6.10 19.97 -61.70
C LYS VA 388 -7.20 20.46 -60.80
N GLN VA 389 -8.46 20.38 -61.22
CA GLN VA 389 -9.50 20.69 -60.26
C GLN VA 389 -9.65 19.59 -59.23
N LEU VA 390 -9.48 18.34 -59.63
CA LEU VA 390 -9.68 17.27 -58.67
C LEU VA 390 -8.52 17.14 -57.69
N LYS VA 391 -7.28 17.26 -58.18
CA LYS VA 391 -6.15 17.39 -57.28
C LYS VA 391 -6.30 18.62 -56.41
N GLU VA 392 -6.83 19.69 -56.98
CA GLU VA 392 -7.03 20.91 -56.24
C GLU VA 392 -8.15 20.76 -55.20
N GLN VA 393 -9.03 19.79 -55.36
CA GLN VA 393 -10.00 19.52 -54.32
C GLN VA 393 -9.90 18.10 -53.77
N GLN VA 394 -8.73 17.48 -53.93
CA GLN VA 394 -8.30 16.31 -53.16
C GLN VA 394 -9.22 15.12 -53.40
N MET VA 395 -9.31 14.73 -54.67
CA MET VA 395 -10.20 13.66 -55.09
C MET VA 395 -9.43 12.82 -56.09
N VAL VA 396 -9.19 11.56 -55.78
CA VAL VA 396 -8.30 10.71 -56.56
C VAL VA 396 -9.05 9.45 -56.97
N MET VA 397 -8.94 9.11 -58.24
CA MET VA 397 -9.52 7.87 -58.73
C MET VA 397 -8.84 6.66 -58.10
N ARG VA 398 -9.69 5.71 -57.74
CA ARG VA 398 -9.31 4.47 -57.08
C ARG VA 398 -8.47 3.52 -57.91
N GLY VA 399 -8.79 3.41 -59.19
CA GLY VA 399 -8.14 2.46 -60.06
C GLY VA 399 -6.65 2.61 -60.22
N HIS VA 400 -6.17 3.84 -60.30
CA HIS VA 400 -4.75 4.11 -60.51
C HIS VA 400 -4.24 5.37 -59.79
N ARG VA 401 -2.98 5.72 -60.10
CA ARG VA 401 -2.26 6.86 -59.53
C ARG VA 401 -2.90 8.20 -59.91
N GLU VA 402 -2.65 9.23 -59.13
CA GLU VA 402 -3.33 10.51 -59.35
C GLU VA 402 -3.16 11.15 -60.72
N THR VA 403 -1.95 11.20 -61.25
CA THR VA 403 -1.82 11.77 -62.59
C THR VA 403 -1.84 10.72 -63.68
N SER VA 404 -2.52 9.61 -63.45
CA SER VA 404 -3.04 8.78 -64.51
C SER VA 404 -4.52 9.00 -64.67
N MET VA 405 -5.11 9.83 -63.81
CA MET VA 405 -6.52 10.19 -63.92
C MET VA 405 -6.84 10.81 -65.26
N VAL VA 406 -5.90 11.60 -65.77
CA VAL VA 406 -5.91 12.08 -67.14
C VAL VA 406 -6.18 10.94 -68.09
N HIS VA 407 -5.32 9.93 -68.08
CA HIS VA 407 -5.56 8.82 -68.97
C HIS VA 407 -6.71 7.95 -68.50
N GLU VA 408 -7.19 8.13 -67.27
CA GLU VA 408 -8.44 7.49 -66.87
C GLU VA 408 -9.60 8.11 -67.64
N LEU VA 409 -9.62 9.44 -67.77
CA LEU VA 409 -10.80 10.11 -68.32
C LEU VA 409 -10.56 10.81 -69.64
N ASN VA 410 -9.33 10.84 -70.16
CA ASN VA 410 -9.12 11.40 -71.48
C ASN VA 410 -9.81 10.60 -72.57
N ARG VA 411 -10.16 9.36 -72.29
CA ARG VA 411 -10.97 8.59 -73.21
C ARG VA 411 -12.45 8.77 -72.95
N TYR VA 412 -12.85 9.85 -72.29
CA TYR VA 412 -14.27 10.19 -72.30
C TYR VA 412 -14.53 11.61 -72.77
N ILE VA 413 -13.77 12.57 -72.27
CA ILE VA 413 -14.13 13.97 -72.43
C ILE VA 413 -14.18 14.47 -73.87
N PRO VA 414 -13.21 14.14 -74.76
CA PRO VA 414 -13.38 14.59 -76.15
C PRO VA 414 -14.58 14.01 -76.86
N THR VA 415 -14.82 12.72 -76.72
CA THR VA 415 -16.01 12.15 -77.32
C THR VA 415 -17.27 12.69 -76.67
N ALA VA 416 -17.25 12.86 -75.36
CA ALA VA 416 -18.39 13.50 -74.70
C ALA VA 416 -18.33 15.01 -74.85
N ALA VA 417 -17.30 15.52 -75.50
CA ALA VA 417 -17.48 16.79 -76.19
C ALA VA 417 -18.18 16.56 -77.51
N ALA VA 418 -17.58 15.71 -78.35
CA ALA VA 418 -17.89 15.71 -79.78
C ALA VA 418 -19.26 15.16 -80.05
N PHE VA 419 -19.52 13.95 -79.59
CA PHE VA 419 -20.87 13.43 -79.56
C PHE VA 419 -21.78 14.35 -78.78
N GLY VA 420 -21.27 14.94 -77.70
CA GLY VA 420 -22.04 15.91 -76.95
C GLY VA 420 -22.28 17.18 -77.74
N GLY VA 421 -21.38 17.49 -78.65
CA GLY VA 421 -21.74 18.46 -79.66
C GLY VA 421 -22.79 17.90 -80.59
N LEU VA 422 -22.49 16.74 -81.18
CA LEU VA 422 -23.12 16.29 -82.41
C LEU VA 422 -24.60 16.03 -82.21
N CYS VA 423 -24.92 15.18 -81.26
CA CYS VA 423 -26.32 14.88 -81.01
C CYS VA 423 -26.99 15.93 -80.15
N ILE VA 424 -26.53 17.17 -80.21
CA ILE VA 424 -27.45 18.26 -79.96
C ILE VA 424 -27.95 18.84 -81.28
N GLY VA 425 -27.04 19.05 -82.22
CA GLY VA 425 -27.41 19.71 -83.46
C GLY VA 425 -28.37 18.88 -84.29
N ALA VA 426 -28.08 17.59 -84.42
CA ALA VA 426 -29.04 16.66 -85.01
C ALA VA 426 -30.33 16.64 -84.23
N LEU VA 427 -30.24 16.79 -82.91
CA LEU VA 427 -31.42 16.97 -82.09
C LEU VA 427 -32.18 18.22 -82.48
N SER VA 428 -31.46 19.31 -82.75
CA SER VA 428 -32.15 20.49 -83.26
C SER VA 428 -32.63 20.30 -84.68
N VAL VA 429 -32.04 19.35 -85.41
CA VAL VA 429 -32.65 18.89 -86.64
C VAL VA 429 -34.05 18.38 -86.37
N LEU VA 430 -34.20 17.56 -85.35
CA LEU VA 430 -35.52 17.12 -84.94
C LEU VA 430 -36.34 18.23 -84.32
N ALA VA 431 -35.75 19.38 -84.08
CA ALA VA 431 -36.54 20.53 -83.66
C ALA VA 431 -37.09 21.31 -84.83
N ASP VA 432 -36.47 21.13 -85.99
CA ASP VA 432 -36.88 21.76 -87.25
C ASP VA 432 -37.62 20.81 -88.20
N PHE VA 433 -37.16 19.56 -88.26
CA PHE VA 433 -37.74 18.57 -89.18
C PHE VA 433 -39.20 18.37 -88.86
N LEU VA 434 -39.51 18.47 -87.58
CA LEU VA 434 -40.87 18.41 -87.10
C LEU VA 434 -41.07 19.75 -86.41
N GLY VA 435 -42.13 20.45 -86.74
CA GLY VA 435 -42.39 21.74 -86.13
C GLY VA 435 -43.15 21.69 -84.82
N ALA VA 436 -42.57 21.04 -83.83
CA ALA VA 436 -43.15 20.94 -82.49
C ALA VA 436 -42.50 21.95 -81.55
N ILE VA 437 -41.72 22.85 -82.12
CA ILE VA 437 -40.96 23.84 -81.41
C ILE VA 437 -41.59 25.21 -81.52
N GLY VA 438 -41.77 25.88 -80.40
CA GLY VA 438 -42.32 27.21 -80.44
C GLY VA 438 -41.37 28.11 -81.20
N SER VA 439 -40.09 28.02 -80.91
CA SER VA 439 -39.09 28.83 -81.59
C SER VA 439 -37.95 28.05 -82.24
N GLY VA 440 -37.90 26.75 -81.96
CA GLY VA 440 -36.85 25.91 -82.51
C GLY VA 440 -35.53 25.85 -81.77
N THR VA 441 -34.61 25.09 -82.36
CA THR VA 441 -33.26 24.92 -81.83
C THR VA 441 -33.04 25.74 -80.59
N GLY VA 442 -33.22 27.06 -80.72
CA GLY VA 442 -32.89 27.96 -79.64
C GLY VA 442 -33.73 27.73 -78.41
N ILE VA 443 -34.99 27.31 -78.60
CA ILE VA 443 -35.84 27.11 -77.45
C ILE VA 443 -35.49 25.83 -76.73
N LEU VA 444 -35.22 24.76 -77.49
CA LEU VA 444 -34.63 23.53 -76.99
C LEU VA 444 -33.43 23.82 -76.11
N LEU VA 445 -32.62 24.73 -76.55
CA LEU VA 445 -31.35 24.91 -75.89
C LEU VA 445 -31.37 25.94 -74.79
N ALA VA 446 -32.27 26.90 -74.84
CA ALA VA 446 -32.42 27.78 -73.70
C ALA VA 446 -33.18 27.09 -72.58
N VAL VA 447 -34.06 26.17 -72.91
CA VAL VA 447 -34.60 25.44 -71.77
C VAL VA 447 -33.60 24.44 -71.27
N THR VA 448 -32.66 23.99 -72.11
CA THR VA 448 -31.54 23.20 -71.62
C THR VA 448 -30.67 23.99 -70.66
N ILE VA 449 -30.47 25.27 -70.95
CA ILE VA 449 -29.89 26.21 -70.00
C ILE VA 449 -30.65 26.18 -68.68
N ILE VA 450 -31.97 26.28 -68.76
CA ILE VA 450 -32.79 26.24 -67.54
C ILE VA 450 -32.59 24.93 -66.79
N TYR VA 451 -32.45 23.83 -67.51
CA TYR VA 451 -32.40 22.53 -66.85
C TYR VA 451 -31.09 22.34 -66.10
N GLN VA 452 -30.01 22.78 -66.72
CA GLN VA 452 -28.73 22.81 -66.02
C GLN VA 452 -28.85 23.85 -64.88
N TYR VA 453 -29.60 24.91 -65.14
CA TYR VA 453 -29.76 26.01 -64.18
C TYR VA 453 -30.41 25.55 -62.89
N PHE VA 454 -31.37 24.65 -63.01
CA PHE VA 454 -32.04 24.07 -61.85
C PHE VA 454 -31.00 23.30 -61.04
N GLU VA 455 -30.11 22.57 -61.69
CA GLU VA 455 -29.10 21.81 -60.98
C GLU VA 455 -28.21 22.79 -60.22
N ILE VA 456 -27.82 23.87 -60.88
CA ILE VA 456 -26.96 24.84 -60.20
C ILE VA 456 -27.64 25.42 -58.98
N PHE VA 457 -28.90 25.80 -59.09
CA PHE VA 457 -29.56 26.36 -57.92
C PHE VA 457 -29.74 25.36 -56.79
N VAL VA 458 -30.08 24.14 -57.16
CA VAL VA 458 -30.33 23.08 -56.20
C VAL VA 458 -29.06 22.78 -55.45
N LYS VA 459 -27.95 22.84 -56.17
CA LYS VA 459 -26.66 22.52 -55.55
C LYS VA 459 -26.51 23.11 -54.16
N GLU VA 460 -26.79 24.40 -54.00
CA GLU VA 460 -26.66 24.99 -52.67
C GLU VA 460 -27.87 24.75 -51.80
N GLN VA 461 -28.90 24.09 -52.33
CA GLN VA 461 -30.08 23.61 -51.61
C GLN VA 461 -30.83 24.71 -50.86
N PHE WA 1 -7.17 7.88 -94.97
CA PHE WA 1 -7.99 9.09 -94.88
C PHE WA 1 -9.41 8.74 -94.50
N VAL WA 2 -9.73 7.45 -94.54
CA VAL WA 2 -11.07 6.96 -94.26
C VAL WA 2 -11.24 6.50 -92.82
N GLU WA 3 -10.19 6.06 -92.16
CA GLU WA 3 -10.27 5.42 -90.85
C GLU WA 3 -10.60 6.28 -89.62
N PRO WA 4 -10.28 7.58 -89.54
CA PRO WA 4 -10.82 8.36 -88.41
C PRO WA 4 -12.33 8.44 -88.38
N SER WA 5 -13.00 8.28 -89.51
CA SER WA 5 -14.44 8.09 -89.50
C SER WA 5 -14.82 6.82 -88.72
N ARG WA 6 -14.13 5.71 -88.99
CA ARG WA 6 -14.35 4.48 -88.26
C ARG WA 6 -14.06 4.67 -86.79
N GLN WA 7 -13.01 5.43 -86.49
CA GLN WA 7 -12.64 5.69 -85.11
C GLN WA 7 -13.72 6.44 -84.37
N PHE WA 8 -14.28 7.49 -84.97
CA PHE WA 8 -15.28 8.22 -84.23
C PHE WA 8 -16.59 7.48 -84.17
N VAL WA 9 -16.93 6.71 -85.21
CA VAL WA 9 -18.21 6.02 -85.15
C VAL WA 9 -18.14 4.86 -84.16
N LYS WA 10 -16.98 4.26 -83.97
CA LYS WA 10 -16.89 3.24 -82.94
C LYS WA 10 -16.72 3.91 -81.59
N ASP WA 11 -16.17 5.11 -81.60
CA ASP WA 11 -15.90 5.83 -80.37
C ASP WA 11 -17.19 6.30 -79.74
N SER WA 12 -18.18 6.63 -80.56
CA SER WA 12 -19.49 6.99 -80.06
C SER WA 12 -20.14 5.82 -79.36
N ILE WA 13 -20.13 4.66 -80.01
CA ILE WA 13 -20.84 3.50 -79.51
C ILE WA 13 -20.15 2.93 -78.29
N ARG WA 14 -18.90 3.33 -78.05
CA ARG WA 14 -18.33 3.14 -76.73
C ARG WA 14 -19.12 3.89 -75.67
N LEU WA 15 -19.09 5.22 -75.71
CA LEU WA 15 -19.57 5.96 -74.56
C LEU WA 15 -21.08 6.05 -74.49
N VAL WA 16 -21.79 5.52 -75.47
CA VAL WA 16 -23.24 5.48 -75.25
C VAL WA 16 -23.59 4.48 -74.15
N LYS WA 17 -22.86 3.38 -74.05
CA LYS WA 17 -23.23 2.36 -73.09
C LYS WA 17 -22.72 2.68 -71.72
N ARG WA 18 -21.66 3.46 -71.62
CA ARG WA 18 -21.07 3.78 -70.34
C ARG WA 18 -21.95 4.76 -69.57
N CYS WA 19 -22.80 5.49 -70.27
CA CYS WA 19 -23.69 6.41 -69.58
C CYS WA 19 -24.77 5.65 -68.85
N THR WA 20 -25.38 6.32 -67.88
CA THR WA 20 -26.19 5.61 -66.91
C THR WA 20 -27.64 5.40 -67.33
N LYS WA 21 -28.17 6.14 -68.33
CA LYS WA 21 -29.53 5.99 -68.88
C LYS WA 21 -30.64 6.05 -67.84
N PRO WA 22 -31.07 7.24 -67.40
CA PRO WA 22 -31.94 7.38 -66.23
C PRO WA 22 -33.29 6.67 -66.38
N ASP WA 23 -33.92 6.40 -65.24
CA ASP WA 23 -35.14 5.61 -65.22
C ASP WA 23 -36.27 6.48 -64.67
N ARG WA 24 -37.42 5.86 -64.38
CA ARG WA 24 -38.70 6.52 -64.17
C ARG WA 24 -38.74 7.48 -62.99
N LYS WA 25 -37.63 7.68 -62.27
CA LYS WA 25 -37.60 8.42 -61.02
C LYS WA 25 -36.94 9.78 -61.16
N GLU WA 26 -35.73 9.82 -61.71
CA GLU WA 26 -35.00 11.08 -61.80
C GLU WA 26 -35.52 11.90 -62.96
N PHE WA 27 -35.85 11.19 -64.04
CA PHE WA 27 -36.61 11.75 -65.14
C PHE WA 27 -37.87 12.42 -64.65
N GLN WA 28 -38.58 11.76 -63.73
CA GLN WA 28 -39.80 12.32 -63.16
C GLN WA 28 -39.52 13.61 -62.42
N LYS WA 29 -38.45 13.63 -61.62
CA LYS WA 29 -38.15 14.78 -60.78
C LYS WA 29 -37.76 15.98 -61.61
N ILE WA 30 -36.78 15.83 -62.49
CA ILE WA 30 -36.38 16.99 -63.27
C ILE WA 30 -37.46 17.34 -64.29
N ALA WA 31 -38.25 16.36 -64.71
CA ALA WA 31 -39.34 16.59 -65.65
C ALA WA 31 -40.37 17.55 -65.08
N MET WA 32 -41.07 17.12 -64.04
CA MET WA 32 -42.14 17.96 -63.50
C MET WA 32 -41.59 19.20 -62.83
N ALA WA 33 -40.51 19.04 -62.04
CA ALA WA 33 -39.94 20.18 -61.33
C ALA WA 33 -39.37 21.21 -62.28
N THR WA 34 -38.92 20.83 -63.46
CA THR WA 34 -38.31 21.84 -64.28
C THR WA 34 -39.24 22.36 -65.35
N ALA WA 35 -40.35 21.68 -65.64
CA ALA WA 35 -41.43 22.37 -66.32
C ALA WA 35 -42.04 23.43 -65.40
N ILE WA 36 -42.11 23.12 -64.10
CA ILE WA 36 -42.54 24.11 -63.12
C ILE WA 36 -41.56 25.28 -63.09
N GLY WA 37 -40.27 24.99 -63.09
CA GLY WA 37 -39.28 26.04 -63.17
C GLY WA 37 -39.35 26.83 -64.45
N PHE WA 38 -39.74 26.18 -65.56
CA PHE WA 38 -39.97 26.89 -66.81
C PHE WA 38 -41.09 27.89 -66.67
N ALA WA 39 -42.23 27.44 -66.15
CA ALA WA 39 -43.38 28.32 -66.08
C ALA WA 39 -43.20 29.39 -65.01
N ILE WA 40 -42.24 29.20 -64.10
CA ILE WA 40 -41.79 30.30 -63.27
C ILE WA 40 -41.23 31.42 -64.13
N MET WA 41 -40.43 31.07 -65.13
CA MET WA 41 -39.98 32.08 -66.06
C MET WA 41 -41.01 32.37 -67.13
N GLY WA 42 -42.12 31.64 -67.14
CA GLY WA 42 -42.99 31.61 -68.28
C GLY WA 42 -44.10 32.63 -68.31
N PHE WA 43 -44.87 32.75 -67.22
CA PHE WA 43 -46.05 33.62 -67.22
C PHE WA 43 -45.70 35.08 -67.35
N ILE WA 44 -44.45 35.43 -67.04
CA ILE WA 44 -43.83 36.71 -67.34
C ILE WA 44 -44.13 37.23 -68.75
N GLY WA 45 -44.18 36.34 -69.73
CA GLY WA 45 -44.66 36.74 -71.04
C GLY WA 45 -46.14 37.09 -71.06
N PHE WA 46 -46.94 36.42 -70.24
CA PHE WA 46 -48.33 36.85 -70.18
C PHE WA 46 -48.47 38.16 -69.43
N PHE WA 47 -47.45 38.56 -68.70
CA PHE WA 47 -47.61 39.85 -68.06
C PHE WA 47 -46.99 40.98 -68.86
N VAL WA 48 -46.02 40.69 -69.73
CA VAL WA 48 -45.74 41.70 -70.75
C VAL WA 48 -46.86 41.73 -71.80
N LYS WA 49 -47.61 40.63 -71.96
CA LYS WA 49 -48.87 40.65 -72.68
C LYS WA 49 -49.85 41.62 -72.05
N LEU WA 50 -50.12 41.44 -70.76
CA LEU WA 50 -51.12 42.25 -70.08
C LEU WA 50 -50.69 43.70 -69.94
N ILE WA 51 -49.41 44.01 -70.08
CA ILE WA 51 -48.96 45.37 -69.85
C ILE WA 51 -48.55 46.09 -71.13
N HIS WA 52 -47.57 45.57 -71.86
CA HIS WA 52 -46.76 46.44 -72.69
C HIS WA 52 -47.35 46.71 -74.07
N ILE WA 53 -48.36 45.96 -74.47
CA ILE WA 53 -49.18 46.37 -75.62
C ILE WA 53 -50.24 47.41 -75.24
N PRO WA 54 -51.00 47.31 -74.13
CA PRO WA 54 -51.87 48.44 -73.79
C PRO WA 54 -51.14 49.72 -73.42
N ILE WA 55 -49.95 49.63 -72.84
CA ILE WA 55 -49.25 50.89 -72.62
C ILE WA 55 -48.59 51.36 -73.91
N ASN WA 56 -48.43 50.47 -74.88
CA ASN WA 56 -48.03 50.94 -76.21
C ASN WA 56 -49.20 51.64 -76.90
N ASN WA 57 -50.43 51.26 -76.57
CA ASN WA 57 -51.57 52.06 -76.98
C ASN WA 57 -51.53 53.42 -76.33
N ILE WA 58 -51.13 53.49 -75.05
CA ILE WA 58 -50.93 54.77 -74.38
C ILE WA 58 -49.83 55.56 -75.07
N ILE WA 59 -48.79 54.86 -75.53
CA ILE WA 59 -47.66 55.48 -76.20
C ILE WA 59 -48.07 56.10 -77.52
N VAL WA 60 -48.69 55.33 -78.40
CA VAL WA 60 -48.95 55.82 -79.75
C VAL WA 60 -50.13 56.78 -79.74
N GLY WA 61 -51.11 56.55 -78.85
CA GLY WA 61 -52.29 57.40 -78.85
C GLY WA 61 -52.03 58.81 -78.36
N GLY WA 62 -50.99 58.97 -77.55
CA GLY WA 62 -50.64 60.28 -77.02
C GLY WA 62 -49.27 60.76 -77.43
N VAL XA 1 -28.10 39.47 -49.22
CA VAL XA 1 -29.02 40.42 -48.64
C VAL XA 1 -29.05 40.11 -47.15
N GLY XA 2 -28.08 40.63 -46.42
CA GLY XA 2 -28.11 40.49 -44.98
C GLY XA 2 -29.36 41.27 -44.57
N PRO XA 3 -29.60 42.40 -45.26
CA PRO XA 3 -30.65 43.41 -45.22
C PRO XA 3 -31.59 43.31 -46.41
N VAL XA 4 -32.81 43.82 -46.20
CA VAL XA 4 -33.86 43.85 -47.22
C VAL XA 4 -34.02 45.16 -48.00
N PRO XA 5 -33.22 46.20 -47.68
CA PRO XA 5 -33.27 47.47 -48.40
C PRO XA 5 -32.99 47.39 -49.90
N VAL XA 6 -32.17 46.44 -50.33
CA VAL XA 6 -31.88 46.31 -51.74
C VAL XA 6 -33.21 46.09 -52.44
N LEU XA 7 -34.09 45.29 -51.84
CA LEU XA 7 -35.41 45.12 -52.42
C LEU XA 7 -36.19 46.42 -52.37
N VAL XA 8 -36.14 47.02 -51.19
CA VAL XA 8 -36.82 48.28 -50.92
C VAL XA 8 -36.22 49.27 -51.88
N MET XA 9 -34.92 49.15 -52.13
CA MET XA 9 -34.26 50.05 -53.07
C MET XA 9 -34.88 49.91 -54.45
N SER XA 10 -35.14 48.67 -54.86
CA SER XA 10 -35.76 48.40 -56.16
C SER XA 10 -37.16 48.99 -56.21
N LEU XA 11 -37.89 48.88 -55.10
CA LEU XA 11 -39.24 49.42 -55.01
C LEU XA 11 -39.20 50.94 -55.14
N LEU XA 12 -38.20 51.56 -54.53
CA LEU XA 12 -38.01 52.99 -54.60
C LEU XA 12 -37.75 53.38 -56.04
N PHE XA 13 -36.92 52.60 -56.73
CA PHE XA 13 -36.63 52.87 -58.12
C PHE XA 13 -37.90 52.78 -58.96
N ILE XA 14 -38.73 51.77 -58.73
CA ILE XA 14 -39.96 51.68 -59.51
C ILE XA 14 -40.90 52.86 -59.23
N ALA XA 15 -40.95 53.28 -57.96
CA ALA XA 15 -41.77 54.42 -57.58
C ALA XA 15 -41.28 55.67 -58.27
N SER XA 16 -39.97 55.83 -58.34
CA SER XA 16 -39.36 56.96 -58.99
C SER XA 16 -39.82 56.89 -60.43
N VAL XA 17 -39.83 55.69 -60.99
CA VAL XA 17 -40.30 55.59 -62.37
C VAL XA 17 -41.80 55.82 -62.44
N PHE XA 18 -42.54 55.14 -61.57
CA PHE XA 18 -43.98 55.19 -61.42
C PHE XA 18 -44.50 56.60 -61.27
N MET XA 19 -43.97 57.31 -60.28
CA MET XA 19 -44.44 58.66 -59.99
C MET XA 19 -43.92 59.65 -61.01
N LEU XA 20 -42.64 59.51 -61.40
CA LEU XA 20 -42.01 60.47 -62.28
C LEU XA 20 -42.53 60.29 -63.70
N HIS XA 21 -43.17 59.16 -63.97
CA HIS XA 21 -43.77 58.93 -65.25
C HIS XA 21 -44.99 59.81 -65.42
N ILE XA 22 -45.90 59.80 -64.44
CA ILE XA 22 -47.09 60.62 -64.52
C ILE XA 22 -46.83 62.03 -64.04
N TRP XA 23 -45.68 62.30 -63.41
CA TRP XA 23 -45.42 63.61 -62.84
C TRP XA 23 -45.22 64.66 -63.94
N GLY XA 24 -44.47 64.30 -64.98
CA GLY XA 24 -44.39 65.19 -66.12
C GLY XA 24 -45.68 65.18 -66.92
N LYS XA 25 -46.42 64.07 -66.84
CA LYS XA 25 -47.68 63.98 -67.58
C LYS XA 25 -48.79 64.75 -66.88
N TYR XA 26 -48.52 65.21 -65.65
CA TYR XA 26 -49.44 66.10 -64.95
C TYR XA 26 -49.73 67.36 -65.74
N THR XA 27 -48.68 68.03 -66.24
CA THR XA 27 -48.90 69.29 -66.93
C THR XA 27 -49.45 69.06 -68.34
N ARG XA 28 -49.32 67.85 -68.85
CA ARG XA 28 -49.86 67.53 -70.17
C ARG XA 28 -51.24 66.88 -70.04
N SER XA 29 -51.89 66.72 -71.18
CA SER XA 29 -53.16 65.99 -71.26
C SER XA 29 -53.39 65.50 -72.68
N GLU YA 1 -103.03 66.89 -24.16
CA GLU YA 1 -102.45 66.01 -25.17
C GLU YA 1 -100.98 65.57 -24.98
N PRO YA 2 -100.09 66.40 -24.40
CA PRO YA 2 -98.82 65.80 -23.93
C PRO YA 2 -99.03 64.81 -22.80
N LEU YA 3 -100.09 64.99 -22.03
CA LEU YA 3 -100.50 63.98 -21.06
C LEU YA 3 -100.82 62.65 -21.73
N LEU YA 4 -101.47 62.70 -22.89
CA LEU YA 4 -101.77 61.50 -23.67
C LEU YA 4 -100.50 60.77 -24.07
N VAL YA 5 -99.48 61.51 -24.50
CA VAL YA 5 -98.28 60.90 -25.03
C VAL YA 5 -97.43 60.32 -23.90
N VAL YA 6 -97.32 61.07 -22.80
CA VAL YA 6 -96.55 60.58 -21.64
C VAL YA 6 -97.22 59.37 -21.04
N ALA YA 7 -98.56 59.36 -20.98
CA ALA YA 7 -99.27 58.20 -20.47
C ALA YA 7 -99.13 57.01 -21.43
N ALA YA 8 -99.08 57.27 -22.73
CA ALA YA 8 -98.91 56.19 -23.69
C ALA YA 8 -97.54 55.56 -23.57
N PHE YA 9 -96.49 56.37 -23.43
CA PHE YA 9 -95.17 55.75 -23.31
C PHE YA 9 -94.98 55.13 -21.93
N TYR YA 10 -95.65 55.65 -20.92
CA TYR YA 10 -95.51 55.05 -19.61
C TYR YA 10 -96.20 53.70 -19.53
N ILE YA 11 -97.33 53.53 -20.24
CA ILE YA 11 -97.94 52.20 -20.25
C ILE YA 11 -97.17 51.28 -21.19
N LEU YA 12 -96.46 51.85 -22.17
CA LEU YA 12 -95.50 51.06 -22.94
C LEU YA 12 -94.41 50.47 -22.05
N PHE YA 13 -93.77 51.30 -21.22
CA PHE YA 13 -92.74 50.73 -20.37
C PHE YA 13 -93.36 49.94 -19.23
N PHE YA 14 -94.63 50.17 -18.92
CA PHE YA 14 -95.33 49.31 -17.96
C PHE YA 14 -95.49 47.91 -18.51
N THR YA 15 -95.76 47.80 -19.81
CA THR YA 15 -95.78 46.48 -20.45
C THR YA 15 -94.39 45.85 -20.45
N VAL YA 16 -93.35 46.69 -20.59
CA VAL YA 16 -91.97 46.19 -20.44
C VAL YA 16 -91.74 45.64 -19.04
N ILE YA 17 -92.25 46.35 -18.02
CA ILE YA 17 -92.15 45.93 -16.63
C ILE YA 17 -92.86 44.61 -16.40
N ILE YA 18 -94.04 44.45 -17.02
CA ILE YA 18 -94.76 43.19 -16.98
C ILE YA 18 -93.92 42.08 -17.59
N TYR YA 19 -93.23 42.38 -18.69
CA TYR YA 19 -92.49 41.34 -19.39
C TYR YA 19 -91.24 40.92 -18.61
N VAL YA 20 -90.66 41.83 -17.83
CA VAL YA 20 -89.42 41.48 -17.15
C VAL YA 20 -89.69 40.83 -15.80
N ARG YA 21 -90.84 41.15 -15.19
CA ARG YA 21 -91.17 40.65 -13.86
C ARG YA 21 -91.80 39.27 -13.92
N LEU YA 22 -92.48 38.94 -15.01
CA LEU YA 22 -93.24 37.71 -15.18
C LEU YA 22 -92.31 36.52 -15.21
N UNK YA 23 -92.49 35.62 -14.25
CA UNK YA 23 -91.76 34.36 -14.19
C UNK YA 23 -92.51 33.37 -15.08
N UNK YA 24 -92.33 33.52 -16.38
CA UNK YA 24 -92.94 32.60 -17.34
C UNK YA 24 -91.81 31.77 -17.91
N UNK YA 25 -91.47 30.70 -17.22
CA UNK YA 25 -90.50 29.75 -17.73
C UNK YA 25 -91.21 28.42 -17.90
N UNK YA 26 -90.43 27.42 -18.29
CA UNK YA 26 -91.01 26.11 -18.53
C UNK YA 26 -90.53 25.13 -17.48
N UNK YA 27 -89.22 24.92 -17.42
CA UNK YA 27 -88.57 24.11 -16.41
C UNK YA 27 -87.64 25.02 -15.62
N UNK YA 28 -86.89 24.44 -14.70
CA UNK YA 28 -86.28 25.26 -13.66
C UNK YA 28 -84.83 24.95 -13.34
N UNK YA 29 -84.31 23.77 -13.70
CA UNK YA 29 -83.04 23.33 -13.11
C UNK YA 29 -81.77 24.05 -13.61
N UNK YA 30 -81.58 24.40 -14.89
CA UNK YA 30 -80.48 25.32 -15.17
C UNK YA 30 -80.80 26.72 -14.72
N UNK YA 31 -82.08 27.08 -14.66
CA UNK YA 31 -82.49 28.32 -14.02
C UNK YA 31 -82.20 28.25 -12.53
N UNK YA 32 -82.24 27.05 -11.96
CA UNK YA 32 -81.78 26.84 -10.60
C UNK YA 32 -80.26 26.87 -10.53
N UNK YA 33 -79.60 26.88 -11.66
CA UNK YA 33 -78.16 27.12 -11.70
C UNK YA 33 -77.83 28.54 -12.14
N UNK YA 34 -78.44 28.99 -13.25
CA UNK YA 34 -78.18 30.32 -13.77
C UNK YA 34 -78.61 31.39 -12.78
N UNK YA 35 -79.80 31.23 -12.18
CA UNK YA 35 -80.32 32.28 -11.32
C UNK YA 35 -79.62 32.29 -9.97
N UNK YA 36 -79.20 31.13 -9.47
CA UNK YA 36 -78.31 31.10 -8.31
C UNK YA 36 -77.01 31.82 -8.59
N UNK YA 37 -76.38 31.52 -9.73
CA UNK YA 37 -75.11 32.16 -10.06
C UNK YA 37 -75.33 33.63 -10.41
N UNK YA 38 -76.54 33.98 -10.84
CA UNK YA 38 -76.89 35.37 -11.04
C UNK YA 38 -76.98 36.10 -9.71
N UNK YA 39 -77.59 35.44 -8.72
CA UNK YA 39 -77.58 35.97 -7.36
C UNK YA 39 -76.16 36.07 -6.85
N UNK YA 40 -75.31 35.10 -7.19
CA UNK YA 40 -73.89 35.15 -6.86
C UNK YA 40 -73.24 36.37 -7.47
N UNK YA 41 -73.60 36.69 -8.70
CA UNK YA 41 -73.06 37.87 -9.36
C UNK YA 41 -73.52 39.15 -8.67
N UNK YA 42 -74.80 39.20 -8.26
CA UNK YA 42 -75.31 40.33 -7.45
C UNK YA 42 -74.50 40.48 -6.19
N UNK YA 43 -74.20 39.36 -5.56
CA UNK YA 43 -73.46 39.36 -4.31
C UNK YA 43 -72.02 39.81 -4.54
N UNK YA 44 -71.45 39.47 -5.69
CA UNK YA 44 -70.09 39.87 -6.02
C UNK YA 44 -69.99 41.37 -6.24
N UNK YA 45 -70.99 41.90 -6.93
CA UNK YA 45 -71.10 43.34 -7.14
C UNK YA 45 -71.29 44.02 -5.79
N UNK YA 46 -72.07 43.39 -4.91
CA UNK YA 46 -72.22 43.89 -3.54
C UNK YA 46 -70.90 43.89 -2.80
N UNK YA 47 -70.05 42.89 -3.05
CA UNK YA 47 -68.75 42.85 -2.36
C UNK YA 47 -67.85 43.97 -2.83
N UNK YA 48 -67.81 44.22 -4.13
CA UNK YA 48 -67.03 45.36 -4.62
C UNK YA 48 -67.62 46.68 -4.14
N UNK YA 49 -68.95 46.74 -4.01
CA UNK YA 49 -69.62 47.89 -3.41
C UNK YA 49 -69.17 48.09 -1.97
N UNK YA 50 -69.08 47.00 -1.21
CA UNK YA 50 -68.69 47.09 0.18
C UNK YA 50 -67.22 47.45 0.34
N UNK YA 51 -66.37 46.95 -0.55
CA UNK YA 51 -64.98 47.40 -0.63
C UNK YA 51 -64.90 48.90 -0.83
N UNK YA 52 -65.62 49.40 -1.83
CA UNK YA 52 -65.61 50.82 -2.16
C UNK YA 52 -66.11 51.68 -1.01
N UNK YA 53 -67.19 51.24 -0.35
CA UNK YA 53 -67.78 52.01 0.75
C UNK YA 53 -66.83 52.05 1.93
N UNK YA 54 -66.26 50.90 2.29
CA UNK YA 54 -65.29 50.86 3.38
C UNK YA 54 -64.07 51.70 3.09
N UNK YA 55 -63.58 51.64 1.86
CA UNK YA 55 -62.36 52.36 1.50
C UNK YA 55 -62.58 53.87 1.42
N UNK YA 56 -63.74 54.32 0.93
CA UNK YA 56 -63.99 55.75 0.97
C UNK YA 56 -64.24 56.24 2.38
N UNK YA 57 -64.73 55.38 3.26
CA UNK YA 57 -64.80 55.80 4.65
C UNK YA 57 -63.41 55.81 5.30
N UNK YA 58 -62.49 54.96 4.82
CA UNK YA 58 -61.10 55.07 5.26
C UNK YA 58 -60.50 56.39 4.83
N UNK YA 59 -60.77 56.81 3.61
CA UNK YA 59 -60.32 58.12 3.21
C UNK YA 59 -61.10 59.24 3.87
N UNK YA 60 -62.33 58.99 4.32
CA UNK YA 60 -63.01 59.98 5.15
C UNK YA 60 -62.31 60.14 6.49
N UNK YA 61 -61.77 59.06 7.03
CA UNK YA 61 -60.96 59.18 8.23
C UNK YA 61 -59.64 59.88 7.95
N UNK YA 62 -59.14 59.77 6.72
CA UNK YA 62 -58.00 60.61 6.37
C UNK YA 62 -58.42 62.06 6.17
N UNK YA 63 -59.70 62.31 5.93
CA UNK YA 63 -60.18 63.69 5.84
C UNK YA 63 -60.29 64.31 7.23
N UNK YA 64 -60.89 63.59 8.17
CA UNK YA 64 -61.20 64.15 9.48
C UNK YA 64 -60.00 64.36 10.39
N UNK YA 65 -58.78 64.09 9.92
CA UNK YA 65 -57.64 64.08 10.83
C UNK YA 65 -56.84 65.38 10.81
N UNK YA 66 -56.58 65.97 9.64
CA UNK YA 66 -55.68 67.11 9.57
C UNK YA 66 -56.39 68.39 9.20
N UNK YA 67 -57.59 68.32 8.64
CA UNK YA 67 -58.33 69.54 8.38
C UNK YA 67 -58.90 70.11 9.67
N UNK YA 68 -59.17 69.25 10.64
CA UNK YA 68 -59.39 69.69 12.02
C UNK YA 68 -58.11 70.08 12.72
N UNK YA 69 -56.96 69.72 12.13
CA UNK YA 69 -55.62 69.78 12.73
C UNK YA 69 -55.53 68.96 14.02
N UNK YA 70 -56.42 67.97 14.16
CA UNK YA 70 -56.59 67.16 15.35
C UNK YA 70 -57.56 66.05 15.03
N UNK YA 71 -57.57 65.04 15.89
CA UNK YA 71 -58.42 63.87 15.71
C UNK YA 71 -59.56 63.94 16.71
N UNK YA 72 -60.78 64.14 16.22
CA UNK YA 72 -61.93 63.99 17.11
C UNK YA 72 -62.12 62.50 17.40
N UNK YA 73 -62.18 62.18 18.69
CA UNK YA 73 -62.00 60.82 19.14
C UNK YA 73 -63.29 60.01 19.06
N UNK YA 74 -64.42 60.63 19.42
CA UNK YA 74 -65.72 59.97 19.31
C UNK YA 74 -66.06 59.62 17.87
N UNK YA 75 -65.68 60.48 16.93
CA UNK YA 75 -66.03 60.27 15.54
C UNK YA 75 -65.09 59.25 14.90
N UNK YA 76 -63.81 59.28 15.28
CA UNK YA 76 -62.87 58.24 14.83
C UNK YA 76 -63.27 56.87 15.33
N UNK YA 77 -63.61 56.76 16.62
CA UNK YA 77 -64.05 55.49 17.18
C UNK YA 77 -65.36 55.04 16.54
N UNK YA 78 -66.27 55.97 16.26
CA UNK YA 78 -67.51 55.61 15.60
C UNK YA 78 -67.31 55.10 14.19
N UNK YA 79 -66.44 55.76 13.42
CA UNK YA 79 -66.22 55.33 12.05
C UNK YA 79 -65.48 54.01 11.99
N UNK YA 80 -64.50 53.81 12.88
CA UNK YA 80 -63.81 52.52 12.92
C UNK YA 80 -64.72 51.41 13.39
N UNK YA 81 -65.67 51.73 14.28
CA UNK YA 81 -66.66 50.76 14.71
C UNK YA 81 -67.58 50.38 13.57
N UNK YA 82 -68.05 51.38 12.81
CA UNK YA 82 -68.92 51.12 11.67
C UNK YA 82 -68.20 50.33 10.59
N UNK YA 83 -66.90 50.62 10.41
CA UNK YA 83 -66.11 49.87 9.43
C UNK YA 83 -65.93 48.43 9.86
N UNK YA 84 -65.74 48.20 11.16
CA UNK YA 84 -65.70 46.82 11.65
C UNK YA 84 -67.04 46.10 11.48
N UNK YA 85 -68.15 46.82 11.70
CA UNK YA 85 -69.48 46.24 11.54
C UNK YA 85 -69.74 45.82 10.11
N UNK YA 86 -69.42 46.69 9.16
CA UNK YA 86 -69.66 46.34 7.77
C UNK YA 86 -68.62 45.35 7.24
N UNK YA 87 -67.42 45.29 7.79
CA UNK YA 87 -66.53 44.20 7.41
C UNK YA 87 -67.01 42.88 7.96
N UNK YA 88 -67.66 42.91 9.13
CA UNK YA 88 -68.35 41.73 9.61
C UNK YA 88 -69.46 41.33 8.66
N UNK YA 89 -70.15 42.32 8.09
CA UNK YA 89 -71.17 42.02 7.08
C UNK YA 89 -70.58 41.40 5.82
N UNK YA 90 -69.41 41.89 5.39
CA UNK YA 90 -68.74 41.29 4.24
C UNK YA 90 -68.33 39.86 4.51
N UNK YA 91 -67.87 39.61 5.73
CA UNK YA 91 -67.52 38.25 6.13
C UNK YA 91 -68.75 37.36 6.13
N UNK YA 92 -69.88 37.89 6.61
CA UNK YA 92 -71.15 37.16 6.60
C UNK YA 92 -71.51 36.74 5.20
N UNK YA 93 -71.62 37.72 4.30
CA UNK YA 93 -72.01 37.47 2.92
C UNK YA 93 -71.02 36.54 2.25
N UNK YA 94 -69.73 36.78 2.49
CA UNK YA 94 -68.66 36.04 1.84
C UNK YA 94 -68.68 34.58 2.24
N UNK YA 95 -68.68 34.31 3.54
CA UNK YA 95 -68.64 32.94 4.04
C UNK YA 95 -69.92 32.18 3.69
N UNK YA 96 -71.07 32.76 4.07
CA UNK YA 96 -72.35 32.12 3.86
C UNK YA 96 -72.59 31.84 2.40
N UNK YA 97 -72.20 32.75 1.53
CA UNK YA 97 -72.54 32.59 0.13
C UNK YA 97 -71.33 32.14 -0.68
N UNK YA 98 -70.27 31.74 0.00
CA UNK YA 98 -69.29 30.83 -0.59
C UNK YA 98 -69.75 29.41 -0.44
N UNK YA 99 -69.96 28.95 0.79
CA UNK YA 99 -70.39 27.57 1.00
C UNK YA 99 -71.84 27.36 0.57
N UNK YA 100 -72.62 28.43 0.53
CA UNK YA 100 -74.01 28.37 0.10
C UNK YA 100 -74.14 28.05 -1.37
N UNK YA 101 -73.07 28.27 -2.13
CA UNK YA 101 -73.02 27.81 -3.51
C UNK YA 101 -73.02 26.30 -3.55
N UNK YA 102 -73.33 25.77 -4.71
CA UNK YA 102 -72.95 24.40 -4.96
C UNK YA 102 -71.58 24.28 -5.63
N UNK YA 103 -70.88 25.41 -5.80
CA UNK YA 103 -69.53 25.42 -6.36
C UNK YA 103 -68.45 25.81 -5.36
N UNK YA 104 -68.56 26.96 -4.73
CA UNK YA 104 -67.45 27.47 -3.95
C UNK YA 104 -66.60 28.40 -4.78
N UNK YA 105 -65.41 27.96 -5.22
CA UNK YA 105 -64.53 28.68 -6.14
C UNK YA 105 -64.12 30.05 -5.60
N UNK YA 106 -64.06 30.17 -4.27
CA UNK YA 106 -63.68 31.45 -3.67
C UNK YA 106 -62.91 31.33 -2.37
N UNK YA 107 -62.04 30.31 -2.22
CA UNK YA 107 -61.12 30.29 -1.09
C UNK YA 107 -60.22 31.52 -1.11
N UNK YA 108 -59.31 31.61 -2.10
CA UNK YA 108 -58.32 32.69 -2.16
C UNK YA 108 -58.97 34.04 -2.38
N UNK YA 109 -60.14 34.05 -3.03
CA UNK YA 109 -60.95 35.26 -3.17
C UNK YA 109 -61.23 35.87 -1.81
N UNK YA 110 -62.01 35.18 -1.00
CA UNK YA 110 -62.47 35.73 0.26
C UNK YA 110 -61.36 35.82 1.29
N UNK YA 111 -60.32 35.00 1.14
CA UNK YA 111 -59.15 35.13 2.01
C UNK YA 111 -58.44 36.45 1.75
N UNK YA 112 -58.16 36.75 0.47
CA UNK YA 112 -57.49 38.01 0.13
C UNK YA 112 -58.38 39.20 0.47
N UNK YA 113 -59.70 39.04 0.28
CA UNK YA 113 -60.71 40.03 0.69
C UNK YA 113 -60.55 40.43 2.14
N UNK YA 114 -60.77 39.47 3.03
CA UNK YA 114 -60.85 39.80 4.43
C UNK YA 114 -59.49 40.13 5.00
N UNK YA 115 -58.41 39.53 4.48
CA UNK YA 115 -57.07 39.87 4.94
C UNK YA 115 -56.68 41.29 4.58
N UNK YA 116 -57.11 41.75 3.41
CA UNK YA 116 -56.73 43.11 3.10
C UNK YA 116 -57.69 44.11 3.73
N UNK YA 117 -58.92 43.70 4.09
CA UNK YA 117 -59.74 44.53 4.96
C UNK YA 117 -59.12 44.64 6.36
N UNK YA 118 -58.49 43.55 6.82
CA UNK YA 118 -57.72 43.59 8.04
C UNK YA 118 -56.56 44.55 7.91
N UNK YA 119 -55.91 44.56 6.74
CA UNK YA 119 -54.85 45.52 6.46
C UNK YA 119 -55.39 46.96 6.49
N UNK YA 120 -56.61 47.16 6.01
CA UNK YA 120 -57.25 48.48 6.06
C UNK YA 120 -57.39 48.98 7.49
N UNK YA 121 -57.98 48.14 8.37
CA UNK YA 121 -58.19 48.54 9.77
C UNK YA 121 -56.87 48.78 10.47
N UNK YA 122 -55.93 47.86 10.31
CA UNK YA 122 -54.67 47.94 11.04
C UNK YA 122 -53.80 49.08 10.53
N UNK YA 123 -53.88 49.40 9.24
CA UNK YA 123 -53.09 50.52 8.74
C UNK YA 123 -53.73 51.86 9.05
N UNK YA 124 -55.07 51.90 9.21
CA UNK YA 124 -55.69 53.06 9.85
C UNK YA 124 -55.16 53.26 11.24
N UNK YA 125 -55.00 52.18 11.99
CA UNK YA 125 -54.48 52.29 13.35
C UNK YA 125 -53.02 52.75 13.31
N UNK YA 126 -52.27 52.32 12.29
CA UNK YA 126 -50.90 52.80 12.10
C UNK YA 126 -50.86 54.31 11.87
N UNK YA 127 -51.72 54.78 10.97
CA UNK YA 127 -51.79 56.22 10.70
C UNK YA 127 -52.27 57.00 11.91
N UNK YA 128 -53.21 56.43 12.67
CA UNK YA 128 -53.71 57.08 13.87
C UNK YA 128 -52.63 57.18 14.94
N UNK YA 129 -51.79 56.14 15.05
CA UNK YA 129 -50.72 56.18 16.04
C UNK YA 129 -49.60 57.11 15.63
N UNK YA 130 -49.34 57.23 14.32
CA UNK YA 130 -48.36 58.20 13.86
C UNK YA 130 -48.85 59.63 14.11
N UNK YA 131 -50.10 59.92 13.79
CA UNK YA 131 -50.61 61.24 14.14
C UNK YA 131 -50.95 61.40 15.62
N UNK YA 132 -50.88 60.33 16.42
CA UNK YA 132 -50.98 60.51 17.86
C UNK YA 132 -49.73 61.16 18.42
N UNK YA 133 -48.57 60.57 18.14
CA UNK YA 133 -47.32 61.17 18.54
C UNK YA 133 -46.99 62.43 17.77
N UNK YA 134 -47.59 62.62 16.59
CA UNK YA 134 -47.48 63.92 15.93
C UNK YA 134 -48.34 64.96 16.62
N UNK YA 135 -49.59 64.61 16.93
CA UNK YA 135 -50.51 65.55 17.52
C UNK YA 135 -50.19 65.79 19.00
N UNK YA 136 -49.53 64.81 19.62
CA UNK YA 136 -49.13 64.80 21.03
C UNK YA 136 -50.31 64.93 21.98
N UNK YA 137 -43.53 64.71 8.32
CA UNK YA 137 -42.41 64.84 7.40
C UNK YA 137 -41.93 63.47 6.97
N UNK YA 138 -40.94 62.95 7.70
CA UNK YA 138 -40.53 61.56 7.51
C UNK YA 138 -41.64 60.63 8.01
N UNK YA 139 -42.39 61.07 9.01
CA UNK YA 139 -43.61 60.37 9.39
C UNK YA 139 -44.63 60.38 8.26
N UNK YA 140 -44.67 61.47 7.49
CA UNK YA 140 -45.51 61.51 6.30
C UNK YA 140 -44.96 60.61 5.19
N UNK YA 141 -43.63 60.43 5.14
CA UNK YA 141 -43.05 59.44 4.24
C UNK YA 141 -43.49 58.03 4.60
N UNK YA 142 -43.64 57.75 5.89
CA UNK YA 142 -44.12 56.43 6.30
C UNK YA 142 -45.62 56.30 6.09
N UNK YA 143 -46.36 57.41 6.18
CA UNK YA 143 -47.77 57.41 5.80
C UNK YA 143 -47.93 57.09 4.31
N UNK YA 144 -47.01 57.63 3.49
CA UNK YA 144 -46.94 57.28 2.08
C UNK YA 144 -46.66 55.80 1.90
N UNK YA 145 -45.75 55.25 2.72
CA UNK YA 145 -45.44 53.82 2.62
C UNK YA 145 -46.63 52.94 3.00
N UNK YA 146 -47.47 53.42 3.93
CA UNK YA 146 -48.69 52.69 4.24
C UNK YA 146 -49.71 52.75 3.11
N UNK YA 147 -49.89 53.94 2.55
CA UNK YA 147 -50.85 54.08 1.45
C UNK YA 147 -50.37 53.37 0.18
N UNK YA 148 -49.06 53.14 0.03
CA UNK YA 148 -48.59 52.37 -1.12
C UNK YA 148 -48.96 50.90 -1.01
N UNK YA 149 -48.84 50.32 0.17
CA UNK YA 149 -49.31 48.94 0.34
C UNK YA 149 -50.81 48.86 0.18
N UNK YA 150 -51.54 49.90 0.60
CA UNK YA 150 -52.98 49.96 0.34
C UNK YA 150 -53.27 49.92 -1.15
N UNK YA 151 -52.55 50.73 -1.93
CA UNK YA 151 -52.78 50.78 -3.37
C UNK YA 151 -52.39 49.47 -4.06
N UNK YA 152 -51.32 48.81 -3.59
CA UNK YA 152 -50.92 47.51 -4.14
C UNK YA 152 -51.99 46.46 -3.87
N UNK YA 153 -52.56 46.48 -2.66
CA UNK YA 153 -53.66 45.56 -2.34
C UNK YA 153 -54.89 45.82 -3.21
N UNK YA 154 -55.22 47.09 -3.45
CA UNK YA 154 -56.39 47.41 -4.26
C UNK YA 154 -56.18 47.02 -5.72
N UNK YA 155 -54.94 47.17 -6.21
CA UNK YA 155 -54.51 46.57 -7.48
C UNK YA 155 -54.80 45.08 -7.51
N UNK YA 156 -54.45 44.37 -6.43
CA UNK YA 156 -54.64 42.93 -6.45
C UNK YA 156 -56.12 42.57 -6.31
N UNK YA 157 -56.91 43.43 -5.68
CA UNK YA 157 -58.37 43.26 -5.64
C UNK YA 157 -58.96 43.35 -7.02
N UNK YA 158 -58.45 44.29 -7.83
CA UNK YA 158 -58.80 44.36 -9.24
C UNK YA 158 -58.41 43.07 -9.93
N UNK YA 159 -57.21 42.57 -9.61
CA UNK YA 159 -56.67 41.38 -10.25
C UNK YA 159 -57.53 40.15 -9.97
N UNK YA 160 -58.11 40.07 -8.78
CA UNK YA 160 -58.67 38.81 -8.30
C UNK YA 160 -60.18 38.80 -8.17
N UNK YA 161 -60.76 39.72 -7.39
CA UNK YA 161 -62.21 39.69 -7.20
C UNK YA 161 -62.97 40.33 -8.33
N UNK YA 162 -62.27 41.04 -9.23
CA UNK YA 162 -62.78 41.49 -10.53
C UNK YA 162 -63.95 42.46 -10.43
N UNK ZA 1 -102.45 81.93 -26.74
CA UNK ZA 1 -101.12 81.97 -27.34
C UNK ZA 1 -100.09 81.30 -26.45
N UNK ZA 2 -99.21 80.50 -27.05
CA UNK ZA 2 -98.13 79.89 -26.28
C UNK ZA 2 -96.97 80.85 -26.08
N UNK ZA 3 -95.85 80.33 -25.58
CA UNK ZA 3 -94.64 81.11 -25.53
C UNK ZA 3 -94.09 81.33 -26.93
N UNK ZA 4 -93.10 82.21 -27.02
CA UNK ZA 4 -92.40 82.37 -28.28
C UNK ZA 4 -91.64 81.09 -28.64
N UNK ZA 5 -91.62 80.72 -29.92
CA UNK ZA 5 -91.00 79.45 -30.30
C UNK ZA 5 -89.49 79.42 -30.17
N UNK ZA 6 -88.79 80.42 -30.74
CA UNK ZA 6 -87.49 80.27 -31.43
C UNK ZA 6 -86.44 79.42 -30.68
N UNK ZA 7 -86.57 79.28 -29.35
CA UNK ZA 7 -85.67 78.39 -28.61
C UNK ZA 7 -86.11 76.95 -28.63
N UNK ZA 8 -87.27 76.67 -29.19
CA UNK ZA 8 -87.77 75.30 -29.22
C UNK ZA 8 -86.98 74.26 -30.03
N UNK ZA 9 -86.07 74.58 -31.03
CA UNK ZA 9 -85.19 73.50 -31.50
C UNK ZA 9 -84.20 73.12 -30.42
N UNK ZA 10 -83.73 74.11 -29.65
CA UNK ZA 10 -82.84 73.83 -28.54
C UNK ZA 10 -83.56 73.00 -27.47
N UNK ZA 11 -84.81 73.36 -27.19
CA UNK ZA 11 -85.60 72.59 -26.23
C UNK ZA 11 -85.89 71.19 -26.74
N UNK ZA 12 -86.10 71.07 -28.06
CA UNK ZA 12 -86.31 69.78 -28.70
C UNK ZA 12 -85.11 68.87 -28.53
N UNK ZA 13 -83.93 69.40 -28.85
CA UNK ZA 13 -82.70 68.64 -28.74
C UNK ZA 13 -82.43 68.25 -27.29
N UNK ZA 14 -82.70 69.16 -26.36
CA UNK ZA 14 -82.45 68.89 -24.95
C UNK ZA 14 -83.39 67.81 -24.42
N UNK ZA 15 -84.68 67.91 -24.74
CA UNK ZA 15 -85.63 66.93 -24.22
C UNK ZA 15 -85.43 65.56 -24.85
N UNK ZA 16 -85.18 65.52 -26.16
CA UNK ZA 16 -84.94 64.23 -26.80
C UNK ZA 16 -83.63 63.63 -26.33
N UNK ZA 17 -82.60 64.46 -26.11
CA UNK ZA 17 -81.30 63.94 -25.71
C UNK ZA 17 -81.35 63.37 -24.31
N UNK ZA 18 -82.02 64.07 -23.40
CA UNK ZA 18 -82.17 63.59 -22.04
C UNK ZA 18 -83.04 62.34 -22.01
N UNK ZA 19 -84.07 62.30 -22.85
CA UNK ZA 19 -84.91 61.11 -22.93
C UNK ZA 19 -84.15 59.89 -23.42
N UNK ZA 20 -83.42 60.04 -24.54
CA UNK ZA 20 -82.59 58.96 -25.08
C UNK ZA 20 -81.53 58.51 -24.09
N UNK ZA 21 -80.87 59.48 -23.45
CA UNK ZA 21 -79.78 59.25 -22.50
C UNK ZA 21 -80.25 58.42 -21.30
N UNK ZA 22 -81.28 58.90 -20.62
CA UNK ZA 22 -81.74 58.22 -19.42
C UNK ZA 22 -82.47 56.93 -19.74
N UNK ZA 23 -83.19 56.86 -20.87
CA UNK ZA 23 -83.77 55.58 -21.27
C UNK ZA 23 -82.70 54.58 -21.66
N UNK ZA 24 -81.56 55.05 -22.14
CA UNK ZA 24 -80.46 54.15 -22.47
C UNK ZA 24 -79.91 53.50 -21.21
N UNK ZA 25 -79.35 54.33 -20.30
CA UNK ZA 25 -78.84 53.87 -19.00
C UNK ZA 25 -79.86 53.00 -18.28
N UNK ZA 26 -81.07 53.52 -18.20
CA UNK ZA 26 -82.18 52.93 -17.50
C UNK ZA 26 -82.59 51.59 -18.09
N UNK ZA 27 -82.90 51.56 -19.40
CA UNK ZA 27 -83.41 50.38 -20.07
C UNK ZA 27 -82.42 49.24 -20.03
N UNK ZA 28 -81.12 49.56 -20.20
CA UNK ZA 28 -80.09 48.53 -20.10
C UNK ZA 28 -80.04 47.96 -18.70
N UNK ZA 29 -80.01 48.85 -17.69
CA UNK ZA 29 -79.93 48.44 -16.28
C UNK ZA 29 -81.10 47.55 -15.88
N UNK ZA 30 -82.28 47.82 -16.43
CA UNK ZA 30 -83.44 47.08 -15.97
C UNK ZA 30 -83.60 45.76 -16.71
N UNK ZA 31 -83.61 45.78 -18.05
CA UNK ZA 31 -83.95 44.60 -18.83
C UNK ZA 31 -82.77 43.65 -18.97
N UNK ZA 32 -81.54 44.13 -18.74
CA UNK ZA 32 -80.38 43.31 -19.05
C UNK ZA 32 -80.19 42.15 -18.09
N UNK ZA 33 -87.63 47.02 -9.55
CA UNK ZA 33 -88.89 47.74 -9.53
C UNK ZA 33 -88.73 49.12 -8.89
N UNK ZA 34 -87.99 49.17 -7.77
CA UNK ZA 34 -87.98 50.39 -6.96
C UNK ZA 34 -87.22 51.51 -7.65
N UNK ZA 35 -86.36 51.19 -8.60
CA UNK ZA 35 -85.85 52.28 -9.41
C UNK ZA 35 -86.57 52.41 -10.74
N UNK ZA 36 -87.13 51.31 -11.28
CA UNK ZA 36 -87.59 51.35 -12.66
C UNK ZA 36 -88.87 52.13 -12.80
N UNK ZA 37 -89.73 52.10 -11.77
CA UNK ZA 37 -91.00 52.83 -11.88
C UNK ZA 37 -90.76 54.33 -11.90
N UNK ZA 38 -89.91 54.81 -10.98
CA UNK ZA 38 -89.67 56.24 -10.85
C UNK ZA 38 -88.89 56.78 -12.04
N UNK ZA 39 -87.79 56.11 -12.41
CA UNK ZA 39 -86.98 56.63 -13.51
C UNK ZA 39 -87.69 56.42 -14.85
N UNK ZA 40 -88.60 55.44 -14.91
CA UNK ZA 40 -89.43 55.28 -16.10
C UNK ZA 40 -90.40 56.43 -16.25
N UNK ZA 41 -91.05 56.82 -15.16
CA UNK ZA 41 -91.98 57.94 -15.23
C UNK ZA 41 -91.28 59.23 -15.63
N UNK ZA 42 -90.07 59.45 -15.08
CA UNK ZA 42 -89.31 60.64 -15.42
C UNK ZA 42 -88.86 60.61 -16.89
N UNK ZA 43 -88.25 59.51 -17.31
CA UNK ZA 43 -87.78 59.41 -18.69
C UNK ZA 43 -88.96 59.38 -19.67
N UNK ZA 44 -90.12 58.94 -19.22
CA UNK ZA 44 -91.28 58.88 -20.10
C UNK ZA 44 -91.88 60.26 -20.29
N UNK ZA 45 -91.80 61.13 -19.27
CA UNK ZA 45 -92.21 62.50 -19.53
C UNK ZA 45 -91.20 63.19 -20.44
N UNK ZA 46 -89.92 62.82 -20.32
CA UNK ZA 46 -88.95 63.32 -21.30
C UNK ZA 46 -89.27 62.83 -22.70
N UNK ZA 47 -89.76 61.60 -22.81
CA UNK ZA 47 -90.23 61.07 -24.09
C UNK ZA 47 -91.37 61.89 -24.67
N UNK ZA 48 -92.43 62.10 -23.88
CA UNK ZA 48 -93.59 62.80 -24.37
C UNK ZA 48 -93.29 64.23 -24.79
N UNK ZA 49 -92.57 64.96 -23.95
CA UNK ZA 49 -92.31 66.36 -24.29
C UNK ZA 49 -91.21 66.48 -25.35
N UNK ZA 50 -90.31 65.49 -25.44
CA UNK ZA 50 -89.34 65.50 -26.51
C UNK ZA 50 -89.98 65.26 -27.86
N UNK ZA 51 -90.94 64.35 -27.94
CA UNK ZA 51 -91.55 64.09 -29.23
C UNK ZA 51 -92.58 65.17 -29.57
N UNK ZA 52 -93.09 65.88 -28.56
CA UNK ZA 52 -93.90 67.05 -28.88
C UNK ZA 52 -93.06 68.17 -29.45
N UNK ZA 53 -91.85 68.35 -28.92
CA UNK ZA 53 -91.02 69.41 -29.47
C UNK ZA 53 -90.40 69.01 -30.80
N UNK ZA 54 -90.24 67.70 -31.01
CA UNK ZA 54 -89.86 67.23 -32.34
C UNK ZA 54 -91.01 67.37 -33.32
N UNK ZA 55 -92.24 67.24 -32.83
CA UNK ZA 55 -93.40 67.50 -33.65
C UNK ZA 55 -93.43 68.95 -34.08
N UNK ZA 56 -93.12 69.85 -33.16
CA UNK ZA 56 -93.17 71.26 -33.50
C UNK ZA 56 -91.96 71.70 -34.32
N UNK ZA 57 -90.84 70.99 -34.19
CA UNK ZA 57 -89.62 71.51 -34.81
C UNK ZA 57 -89.39 70.97 -36.23
N UNK ZA 58 -89.98 69.84 -36.59
CA UNK ZA 58 -89.89 69.45 -38.00
C UNK ZA 58 -90.82 70.32 -38.83
N UNK ZA 59 -91.74 71.01 -38.16
CA UNK ZA 59 -92.54 72.05 -38.75
C UNK ZA 59 -94.00 71.97 -38.41
N UNK ZA 60 -94.53 70.78 -38.16
CA UNK ZA 60 -95.97 70.65 -38.03
C UNK ZA 60 -96.38 71.11 -36.64
N ALA AB 1 -63.45 20.09 -48.74
CA ALA AB 1 -62.01 20.27 -48.69
C ALA AB 1 -61.65 21.70 -49.04
N MET AB 2 -60.38 22.05 -48.85
CA MET AB 2 -59.90 23.38 -49.22
C MET AB 2 -59.78 23.56 -50.71
N THR AB 3 -59.75 22.47 -51.46
CA THR AB 3 -59.82 22.58 -52.91
C THR AB 3 -61.14 23.15 -53.37
N VAL AB 4 -62.21 22.98 -52.59
CA VAL AB 4 -63.47 23.63 -52.91
C VAL AB 4 -63.32 25.14 -52.75
N TYR AB 5 -62.58 25.58 -51.74
CA TYR AB 5 -62.26 26.99 -51.59
C TYR AB 5 -61.46 27.50 -52.76
N ALA AB 6 -60.53 26.68 -53.23
CA ALA AB 6 -59.75 27.03 -54.40
C ALA AB 6 -60.66 27.18 -55.62
N LEU AB 7 -61.61 26.26 -55.76
CA LEU AB 7 -62.59 26.33 -56.85
C LEU AB 7 -63.41 27.61 -56.77
N VAL AB 8 -63.80 27.99 -55.57
CA VAL AB 8 -64.69 29.16 -55.43
C VAL AB 8 -63.92 30.45 -55.73
N VAL AB 9 -62.70 30.56 -55.21
CA VAL AB 9 -61.93 31.78 -55.47
C VAL AB 9 -61.48 31.84 -56.91
N VAL AB 10 -61.30 30.67 -57.54
CA VAL AB 10 -61.13 30.61 -59.00
C VAL AB 10 -62.36 31.16 -59.70
N SER AB 11 -63.54 30.76 -59.24
CA SER AB 11 -64.76 31.23 -59.87
C SER AB 11 -65.00 32.70 -59.60
N TYR AB 12 -64.37 33.24 -58.57
CA TYR AB 12 -64.69 34.57 -58.08
C TYR AB 12 -64.42 35.63 -59.14
N PHE AB 13 -63.17 35.82 -59.51
CA PHE AB 13 -62.85 36.83 -60.51
C PHE AB 13 -63.28 36.41 -61.89
N LEU AB 14 -63.44 35.10 -62.10
CA LEU AB 14 -64.00 34.60 -63.34
C LEU AB 14 -65.40 35.11 -63.61
N ILE AB 15 -66.27 35.18 -62.60
CA ILE AB 15 -67.60 35.77 -62.81
C ILE AB 15 -67.71 37.18 -62.27
N THR AB 16 -66.65 37.73 -61.71
CA THR AB 16 -66.56 39.17 -61.58
C THR AB 16 -66.07 39.79 -62.87
N GLY AB 17 -65.22 39.08 -63.59
CA GLY AB 17 -64.65 39.64 -64.79
C GLY AB 17 -65.54 39.71 -66.00
N GLY AB 18 -65.88 38.57 -66.60
CA GLY AB 18 -66.39 38.65 -67.96
C GLY AB 18 -67.38 37.61 -68.44
N ILE AB 19 -68.01 36.88 -67.53
CA ILE AB 19 -69.08 35.98 -67.94
C ILE AB 19 -70.31 36.79 -68.35
N ILE AB 20 -70.51 37.93 -67.69
CA ILE AB 20 -71.52 38.88 -68.13
C ILE AB 20 -71.20 39.39 -69.53
N TYR AB 21 -69.94 39.64 -69.82
CA TYR AB 21 -69.55 40.08 -71.15
C TYR AB 21 -68.91 38.98 -71.96
N ASP AB 22 -69.35 37.75 -71.77
CA ASP AB 22 -69.06 36.72 -72.75
C ASP AB 22 -69.91 36.86 -73.99
N VAL AB 23 -71.22 37.00 -73.81
CA VAL AB 23 -72.12 37.14 -74.94
C VAL AB 23 -72.18 38.58 -75.44
N ILE AB 24 -71.88 39.55 -74.57
CA ILE AB 24 -71.90 40.96 -74.93
C ILE AB 24 -70.50 41.47 -75.20
N VAL AB 25 -69.60 40.58 -75.62
CA VAL AB 25 -68.16 40.78 -75.70
C VAL AB 25 -67.74 42.02 -76.50
N GLU AB 26 -66.91 42.86 -75.89
CA GLU AB 26 -66.48 44.08 -76.54
C GLU AB 26 -64.95 44.15 -76.58
N PRO AB 27 -64.39 44.34 -77.77
CA PRO AB 27 -62.97 44.02 -78.03
C PRO AB 27 -62.01 45.02 -77.39
N PRO AB 28 -60.73 44.59 -77.08
CA PRO AB 28 -59.98 45.17 -75.94
C PRO AB 28 -59.80 46.66 -75.72
N SER AB 29 -59.15 47.51 -76.56
CA SER AB 29 -58.97 48.85 -76.03
C SER AB 29 -58.95 50.06 -76.98
N VAL AB 30 -59.14 49.93 -78.29
CA VAL AB 30 -58.81 51.03 -79.18
C VAL AB 30 -60.06 51.86 -79.49
N GLY AB 31 -59.97 53.16 -79.20
CA GLY AB 31 -61.07 54.05 -79.53
C GLY AB 31 -60.71 55.49 -79.86
N SER AB 32 -59.43 55.81 -79.96
CA SER AB 32 -59.03 57.18 -80.25
C SER AB 32 -59.23 57.48 -81.73
N MET AB 33 -59.76 58.66 -82.01
CA MET AB 33 -59.89 59.13 -83.39
C MET AB 33 -58.97 60.31 -83.57
N THR AB 34 -57.68 60.01 -83.73
CA THR AB 34 -56.52 60.81 -84.14
C THR AB 34 -56.15 61.91 -83.14
N ASP AB 35 -57.09 62.33 -82.31
CA ASP AB 35 -57.04 63.21 -81.14
C ASP AB 35 -56.42 64.60 -81.39
N GLU AB 36 -55.39 64.68 -82.22
CA GLU AB 36 -55.22 65.70 -83.25
C GLU AB 36 -54.44 65.17 -84.45
N HIS AB 37 -53.48 64.27 -84.22
CA HIS AB 37 -52.59 63.78 -85.26
C HIS AB 37 -52.58 62.27 -85.40
N GLY AB 38 -52.40 61.56 -84.28
CA GLY AB 38 -52.06 60.15 -84.30
C GLY AB 38 -53.26 59.24 -84.13
N HIS AB 39 -53.43 58.34 -85.10
CA HIS AB 39 -54.76 57.91 -85.51
C HIS AB 39 -55.47 57.04 -84.46
N GLN AB 40 -54.94 55.86 -84.18
CA GLN AB 40 -55.70 54.82 -83.52
C GLN AB 40 -54.97 54.28 -82.29
N ARG AB 41 -54.57 55.19 -81.40
CA ARG AB 41 -53.97 54.79 -80.15
C ARG AB 41 -55.02 54.10 -79.28
N PRO AB 42 -54.73 52.92 -78.74
CA PRO AB 42 -55.69 52.27 -77.83
C PRO AB 42 -55.78 53.05 -76.53
N VAL AB 43 -57.02 53.22 -76.04
CA VAL AB 43 -57.28 54.26 -75.06
C VAL AB 43 -57.02 53.77 -73.65
N ALA AB 44 -57.89 52.89 -73.16
CA ALA AB 44 -58.05 52.67 -71.73
C ALA AB 44 -59.13 51.64 -71.42
N PHE AB 45 -59.39 51.48 -70.13
CA PHE AB 45 -60.69 51.09 -69.58
C PHE AB 45 -61.76 52.06 -70.13
N LEU AB 46 -62.96 51.53 -70.37
CA LEU AB 46 -64.06 52.44 -70.70
C LEU AB 46 -64.40 53.36 -69.54
N ALA AB 47 -64.81 54.59 -69.85
CA ALA AB 47 -65.01 55.60 -68.82
C ALA AB 47 -66.37 56.28 -68.89
N TYR AB 48 -66.88 56.52 -70.09
CA TYR AB 48 -68.03 57.40 -70.21
C TYR AB 48 -69.32 56.69 -69.81
N ARG AB 49 -69.49 55.44 -70.25
CA ARG AB 49 -70.60 54.62 -69.80
C ARG AB 49 -70.10 53.68 -68.72
N VAL AB 50 -70.93 53.44 -67.71
CA VAL AB 50 -70.43 52.83 -66.49
C VAL AB 50 -70.54 51.32 -66.57
N ASN AB 51 -71.60 50.82 -67.19
CA ASN AB 51 -71.91 49.39 -67.13
C ASN AB 51 -71.03 48.59 -68.06
N GLY AB 52 -70.50 49.23 -69.10
CA GLY AB 52 -69.73 48.51 -70.09
C GLY AB 52 -68.33 48.21 -69.59
N GLN AB 53 -67.72 47.21 -70.19
CA GLN AB 53 -66.31 46.93 -70.01
C GLN AB 53 -65.79 46.35 -71.31
N TYR AB 54 -64.50 46.13 -71.38
CA TYR AB 54 -63.91 45.28 -72.39
C TYR AB 54 -63.32 44.05 -71.72
N ILE AB 55 -62.66 43.22 -72.53
CA ILE AB 55 -61.98 42.05 -71.98
C ILE AB 55 -60.81 42.50 -71.12
N MET AB 56 -60.02 43.45 -71.62
CA MET AB 56 -58.89 43.97 -70.86
C MET AB 56 -59.35 44.72 -69.64
N GLU AB 57 -60.52 45.36 -69.63
CA GLU AB 57 -60.89 45.99 -68.35
C GLU AB 57 -61.23 45.00 -67.21
N GLY AB 58 -62.04 44.01 -67.58
CA GLY AB 58 -62.53 43.00 -66.64
C GLY AB 58 -61.48 42.13 -66.00
N LEU AB 59 -60.53 41.69 -66.80
CA LEU AB 59 -59.48 40.83 -66.28
C LEU AB 59 -58.67 41.60 -65.25
N ALA AB 60 -58.36 42.85 -65.54
CA ALA AB 60 -57.60 43.64 -64.60
C ALA AB 60 -58.38 43.80 -63.30
N SER AB 61 -59.68 44.08 -63.41
CA SER AB 61 -60.45 44.23 -62.18
C SER AB 61 -60.45 42.95 -61.34
N SER AB 62 -60.63 41.83 -62.01
CA SER AB 62 -60.68 40.55 -61.31
C SER AB 62 -59.35 40.27 -60.63
N PHE AB 63 -58.27 40.56 -61.33
CA PHE AB 63 -56.95 40.31 -60.76
C PHE AB 63 -56.71 41.16 -59.53
N LEU AB 64 -57.17 42.41 -59.58
CA LEU AB 64 -57.01 43.27 -58.43
C LEU AB 64 -57.76 42.70 -57.23
N PHE AB 65 -58.97 42.22 -57.46
CA PHE AB 65 -59.76 41.68 -56.33
C PHE AB 65 -59.31 40.42 -55.54
N THR AB 66 -58.85 39.39 -56.24
CA THR AB 66 -58.47 38.12 -55.66
C THR AB 66 -57.10 38.17 -55.02
N MET AB 67 -56.21 39.05 -55.50
CA MET AB 67 -54.93 39.21 -54.82
C MET AB 67 -55.11 39.87 -53.46
N GLY AB 68 -56.04 40.81 -53.35
CA GLY AB 68 -56.31 41.41 -52.05
C GLY AB 68 -56.88 40.40 -51.05
N GLY AB 69 -57.86 39.63 -51.50
CA GLY AB 69 -58.43 38.61 -50.63
C GLY AB 69 -57.44 37.55 -50.22
N LEU AB 70 -56.64 37.07 -51.16
CA LEU AB 70 -55.68 36.04 -50.79
C LEU AB 70 -54.51 36.64 -50.02
N GLY AB 71 -54.28 37.95 -50.10
CA GLY AB 71 -53.39 38.58 -49.16
C GLY AB 71 -53.90 38.49 -47.75
N PHE AB 72 -55.21 38.63 -47.57
CA PHE AB 72 -55.74 38.45 -46.23
C PHE AB 72 -55.69 37.00 -45.79
N ILE AB 73 -55.82 36.09 -46.75
CA ILE AB 73 -55.60 34.68 -46.45
C ILE AB 73 -54.19 34.46 -45.91
N ILE AB 74 -53.20 35.13 -46.52
CA ILE AB 74 -51.81 34.95 -46.10
C ILE AB 74 -51.58 35.57 -44.72
N LEU AB 75 -52.27 36.67 -44.43
CA LEU AB 75 -52.24 37.22 -43.08
C LEU AB 75 -52.76 36.22 -42.06
N ASP AB 76 -53.81 35.50 -42.41
CA ASP AB 76 -54.36 34.52 -41.47
C ASP AB 76 -53.46 33.30 -41.35
N ARG AB 77 -53.03 32.74 -42.49
CA ARG AB 77 -52.56 31.35 -42.49
C ARG AB 77 -51.15 31.26 -41.94
N SER AB 78 -50.38 32.33 -42.04
CA SER AB 78 -49.01 32.25 -41.56
C SER AB 78 -48.61 33.35 -40.60
N ASN AB 79 -49.18 34.55 -40.72
CA ASN AB 79 -48.64 35.67 -39.96
C ASN AB 79 -49.11 35.63 -38.52
N ALA AB 80 -50.33 35.20 -38.27
CA ALA AB 80 -50.76 34.99 -36.90
C ALA AB 80 -50.08 33.83 -36.18
N PRO AB 81 -49.81 32.66 -36.77
CA PRO AB 81 -49.02 31.66 -36.03
C PRO AB 81 -47.55 32.04 -35.96
N ASN AB 82 -46.81 31.31 -35.11
CA ASN AB 82 -45.52 31.79 -34.66
C ASN AB 82 -44.43 30.75 -34.91
N ILE AB 83 -44.75 29.71 -35.66
CA ILE AB 83 -43.85 28.55 -35.75
C ILE AB 83 -42.61 28.79 -36.61
N PRO AB 84 -42.68 29.30 -37.86
CA PRO AB 84 -41.44 29.33 -38.69
C PRO AB 84 -40.48 30.41 -38.26
N LYS AB 85 -39.49 30.67 -39.13
CA LYS AB 85 -38.38 31.59 -38.87
C LYS AB 85 -38.82 32.97 -38.44
N LEU AB 86 -38.46 33.30 -37.21
CA LEU AB 86 -39.18 34.30 -36.43
C LEU AB 86 -38.64 35.70 -36.71
N ASN AB 87 -37.59 35.82 -37.51
CA ASN AB 87 -37.08 37.13 -37.88
C ASN AB 87 -36.94 37.32 -39.39
N ARG AB 88 -36.64 36.28 -40.15
CA ARG AB 88 -36.48 36.52 -41.59
C ARG AB 88 -37.70 36.29 -42.48
N PHE AB 89 -38.28 35.10 -42.42
CA PHE AB 89 -39.46 34.81 -43.26
C PHE AB 89 -40.73 35.58 -42.93
N LEU AB 90 -41.00 35.71 -41.64
CA LEU AB 90 -42.22 36.38 -41.19
C LEU AB 90 -42.30 37.84 -41.61
N LEU AB 91 -41.18 38.53 -41.47
CA LEU AB 91 -41.09 39.95 -41.80
C LEU AB 91 -41.31 40.19 -43.28
N LEU AB 92 -40.80 39.28 -44.12
CA LEU AB 92 -41.11 39.31 -45.55
C LEU AB 92 -42.61 39.17 -45.78
N PHE AB 93 -43.27 38.34 -44.99
CA PHE AB 93 -44.64 37.98 -45.28
C PHE AB 93 -45.56 39.15 -44.97
N ILE AB 94 -45.38 39.74 -43.79
CA ILE AB 94 -46.15 40.94 -43.47
C ILE AB 94 -45.76 42.09 -44.38
N GLY AB 95 -44.49 42.13 -44.83
CA GLY AB 95 -44.06 43.20 -45.70
C GLY AB 95 -44.73 43.19 -47.06
N PHE AB 96 -44.67 42.05 -47.76
CA PHE AB 96 -45.23 42.03 -49.10
C PHE AB 96 -46.75 42.00 -49.04
N VAL AB 97 -47.33 41.46 -47.98
CA VAL AB 97 -48.78 41.44 -47.93
C VAL AB 97 -49.34 42.81 -47.57
N CYS AB 98 -48.63 43.57 -46.74
CA CYS AB 98 -49.04 44.94 -46.50
C CYS AB 98 -48.86 45.78 -47.75
N VAL AB 99 -47.83 45.48 -48.54
CA VAL AB 99 -47.66 46.16 -49.83
C VAL AB 99 -48.79 45.83 -50.77
N LEU AB 100 -49.15 44.54 -50.86
CA LEU AB 100 -50.33 44.08 -51.59
C LEU AB 100 -51.56 44.86 -51.18
N LEU AB 101 -51.84 44.90 -49.89
CA LEU AB 101 -53.05 45.52 -49.37
C LEU AB 101 -53.10 47.01 -49.67
N SER AB 102 -52.05 47.73 -49.33
CA SER AB 102 -52.08 49.17 -49.49
C SER AB 102 -52.09 49.58 -50.96
N PHE AB 103 -51.15 49.07 -51.76
CA PHE AB 103 -51.06 49.52 -53.13
C PHE AB 103 -52.21 49.00 -53.98
N PHE AB 104 -52.74 47.82 -53.63
CA PHE AB 104 -53.89 47.29 -54.33
C PHE AB 104 -55.12 48.17 -54.14
N MET AB 105 -55.44 48.51 -52.90
CA MET AB 105 -56.59 49.36 -52.64
C MET AB 105 -56.39 50.74 -53.24
N ALA AB 106 -55.15 51.24 -53.20
CA ALA AB 106 -54.84 52.53 -53.79
C ALA AB 106 -55.08 52.52 -55.30
N ARG AB 107 -54.61 51.48 -55.98
CA ARG AB 107 -54.74 51.47 -57.44
C ARG AB 107 -56.15 51.17 -57.88
N VAL AB 108 -56.91 50.42 -57.09
CA VAL AB 108 -58.29 50.18 -57.48
C VAL AB 108 -59.12 51.42 -57.22
N PHE AB 109 -58.75 52.17 -56.19
CA PHE AB 109 -59.33 53.48 -55.96
C PHE AB 109 -59.04 54.41 -57.14
N MET AB 110 -57.81 54.34 -57.67
CA MET AB 110 -57.49 55.08 -58.88
C MET AB 110 -58.28 54.58 -60.08
N ARG AB 111 -58.50 53.27 -60.16
CA ARG AB 111 -59.16 52.74 -61.34
C ARG AB 111 -60.66 52.79 -61.20
N MET AB 112 -61.15 53.38 -60.13
CA MET AB 112 -62.53 53.80 -60.18
C MET AB 112 -62.63 55.31 -60.36
N LYS AB 113 -61.63 56.06 -59.87
CA LYS AB 113 -61.68 57.50 -60.03
C LYS AB 113 -61.51 57.93 -61.47
N LEU AB 114 -60.53 57.36 -62.17
CA LEU AB 114 -60.27 57.84 -63.52
C LEU AB 114 -61.28 57.33 -64.55
N PRO AB 115 -61.78 56.08 -64.51
CA PRO AB 115 -62.94 55.79 -65.38
C PRO AB 115 -64.23 56.41 -64.89
N GLY AB 116 -64.27 56.91 -63.67
CA GLY AB 116 -65.55 57.27 -63.11
C GLY AB 116 -65.76 58.76 -62.99
N TYR AB 117 -64.65 59.51 -62.92
CA TYR AB 117 -64.65 60.95 -62.66
C TYR AB 117 -65.35 61.29 -61.35
N LEU AB 118 -65.12 60.48 -60.32
CA LEU AB 118 -65.77 60.77 -59.06
C LEU AB 118 -64.91 61.76 -58.28
N MET AB 119 -65.60 62.71 -57.65
CA MET AB 119 -64.97 63.59 -56.66
C MET AB 119 -64.37 62.79 -55.52
N GLY AB 120 -63.06 62.85 -55.41
CA GLY AB 120 -62.34 62.15 -54.37
C GLY AB 120 -62.14 62.96 -53.12
N MET BB 1 -86.00 73.27 -42.68
CA MET BB 1 -85.61 71.96 -43.17
C MET BB 1 -84.14 71.91 -43.56
N ILE BB 2 -83.49 70.77 -43.26
CA ILE BB 2 -82.07 70.62 -43.51
C ILE BB 2 -81.83 70.39 -45.01
N THR BB 3 -80.61 70.68 -45.47
CA THR BB 3 -80.28 70.64 -46.88
C THR BB 3 -79.66 69.29 -47.26
N ASP BB 4 -79.25 69.19 -48.52
CA ASP BB 4 -78.62 67.96 -48.98
C ASP BB 4 -77.21 67.83 -48.44
N VAL BB 5 -76.42 68.90 -48.52
CA VAL BB 5 -75.00 68.79 -48.21
C VAL BB 5 -74.79 68.70 -46.71
N GLN BB 6 -75.64 69.39 -45.94
CA GLN BB 6 -75.65 69.26 -44.50
C GLN BB 6 -75.94 67.82 -44.09
N LEU BB 7 -76.85 67.18 -44.81
CA LEU BB 7 -77.15 65.78 -44.56
C LEU BB 7 -76.00 64.88 -44.99
N ALA BB 8 -75.26 65.28 -46.02
CA ALA BB 8 -74.12 64.48 -46.43
C ALA BB 8 -73.03 64.50 -45.38
N ILE BB 9 -72.73 65.69 -44.84
CA ILE BB 9 -71.72 65.80 -43.79
C ILE BB 9 -72.20 65.07 -42.53
N PHE BB 10 -73.51 65.13 -42.29
CA PHE BB 10 -74.12 64.38 -41.21
C PHE BB 10 -73.87 62.89 -41.34
N ALA BB 11 -74.12 62.33 -42.53
CA ALA BB 11 -73.92 60.91 -42.74
C ALA BB 11 -72.46 60.52 -42.65
N ASN BB 12 -71.58 61.42 -43.09
CA ASN BB 12 -70.14 61.20 -43.00
C ASN BB 12 -69.72 61.04 -41.55
N MET BB 13 -70.04 62.04 -40.71
CA MET BB 13 -69.60 62.00 -39.33
C MET BB 13 -70.28 60.88 -38.56
N LEU BB 14 -71.50 60.54 -38.95
CA LEU BB 14 -72.19 59.46 -38.25
C LEU BB 14 -71.53 58.13 -38.57
N GLY BB 15 -71.16 57.91 -39.84
CA GLY BB 15 -70.51 56.67 -40.21
C GLY BB 15 -69.13 56.54 -39.59
N VAL BB 16 -68.41 57.66 -39.49
CA VAL BB 16 -67.09 57.64 -38.86
C VAL BB 16 -67.19 57.32 -37.39
N SER BB 17 -68.12 57.98 -36.69
CA SER BB 17 -68.40 57.71 -35.29
C SER BB 17 -68.79 56.25 -35.11
N LEU BB 18 -69.59 55.73 -36.04
CA LEU BB 18 -70.09 54.38 -35.95
C LEU BB 18 -68.97 53.36 -36.05
N PHE BB 19 -68.12 53.50 -37.07
CA PHE BB 19 -67.10 52.49 -37.29
C PHE BB 19 -66.00 52.54 -36.25
N LEU BB 20 -65.61 53.76 -35.82
CA LEU BB 20 -64.64 53.86 -34.75
C LEU BB 20 -65.17 53.25 -33.47
N LEU BB 21 -66.46 53.43 -33.23
CA LEU BB 21 -67.06 52.90 -32.02
C LEU BB 21 -67.23 51.39 -32.13
N VAL BB 22 -67.34 50.87 -33.35
CA VAL BB 22 -67.29 49.43 -33.57
C VAL BB 22 -65.94 48.88 -33.16
N VAL BB 23 -64.87 49.57 -33.56
CA VAL BB 23 -63.52 49.14 -33.19
C VAL BB 23 -63.36 49.17 -31.68
N LEU BB 24 -63.95 50.16 -31.02
CA LEU BB 24 -63.90 50.24 -29.57
C LEU BB 24 -64.64 49.07 -28.92
N TYR BB 25 -65.81 48.72 -29.47
CA TYR BB 25 -66.53 47.53 -29.03
C TYR BB 25 -65.66 46.31 -29.17
N HIS BB 26 -64.97 46.23 -30.30
CA HIS BB 26 -64.28 45.01 -30.63
C HIS BB 26 -63.06 44.86 -29.74
N TYR BB 27 -62.53 45.99 -29.29
CA TYR BB 27 -61.47 45.97 -28.28
C TYR BB 27 -61.99 45.53 -26.92
N VAL BB 28 -63.12 46.10 -26.47
CA VAL BB 28 -63.64 45.74 -25.15
C VAL BB 28 -64.07 44.28 -25.14
N ALA BB 29 -64.54 43.78 -26.28
CA ALA BB 29 -64.96 42.40 -26.35
C ALA BB 29 -63.77 41.46 -26.43
N VAL BB 30 -62.68 41.89 -27.04
CA VAL BB 30 -61.55 40.97 -27.14
C VAL BB 30 -60.76 40.94 -25.84
N ASN BB 31 -60.80 42.03 -25.07
CA ASN BB 31 -59.88 42.11 -23.93
C ASN BB 31 -60.43 41.36 -22.73
N ASN BB 32 -61.56 41.82 -22.19
CA ASN BB 32 -62.16 41.36 -20.94
C ASN BB 32 -62.58 39.90 -21.09
N PRO BB 33 -62.07 38.99 -20.26
CA PRO BB 33 -62.35 37.56 -20.45
C PRO BB 33 -63.80 37.15 -20.19
N LYS BB 34 -64.06 35.84 -20.34
CA LYS BB 34 -65.40 35.28 -20.47
C LYS BB 34 -66.34 35.56 -19.30
N MET CB 1 -66.21 65.44 -16.25
CA MET CB 1 -67.16 65.20 -15.17
C MET CB 1 -67.69 63.77 -15.27
N THR CB 2 -67.89 63.13 -14.10
CA THR CB 2 -68.33 61.74 -13.95
C THR CB 2 -67.37 60.78 -14.68
N LYS CB 3 -66.16 60.68 -14.11
CA LYS CB 3 -65.03 59.89 -14.61
C LYS CB 3 -65.24 58.37 -14.54
N LEU CB 4 -66.42 57.84 -14.24
CA LEU CB 4 -66.63 56.41 -14.05
C LEU CB 4 -66.93 55.69 -15.37
N GLY CB 5 -66.43 56.21 -16.49
CA GLY CB 5 -66.76 55.68 -17.80
C GLY CB 5 -66.31 54.26 -18.07
N PHE CB 6 -65.01 54.06 -18.33
CA PHE CB 6 -64.50 52.76 -18.75
C PHE CB 6 -64.14 51.85 -17.59
N LEU CB 7 -64.78 52.05 -16.44
CA LEU CB 7 -64.66 51.14 -15.31
C LEU CB 7 -66.01 50.64 -14.82
N ARG CB 8 -67.08 50.89 -15.57
CA ARG CB 8 -68.32 50.14 -15.41
C ARG CB 8 -68.10 48.67 -15.72
N LEU CB 9 -69.06 47.85 -15.28
CA LEU CB 9 -68.98 46.40 -15.38
C LEU CB 9 -69.19 45.95 -16.84
N SER CB 10 -68.14 46.21 -17.62
CA SER CB 10 -68.15 45.88 -19.02
C SER CB 10 -67.82 44.42 -19.22
N TYR CB 11 -68.19 43.91 -20.41
CA TYR CB 11 -68.29 42.55 -20.94
C TYR CB 11 -69.58 41.91 -20.44
N GLU CB 12 -70.26 42.50 -19.45
CA GLU CB 12 -71.53 42.00 -18.98
C GLU CB 12 -72.59 43.07 -19.18
N LYS CB 13 -72.33 44.28 -18.68
CA LYS CB 13 -73.30 45.34 -18.72
C LYS CB 13 -72.92 46.48 -19.65
N GLN CB 14 -71.73 47.05 -19.50
CA GLN CB 14 -71.33 48.15 -20.38
C GLN CB 14 -71.10 47.66 -21.80
N ASP CB 15 -70.80 46.37 -21.93
CA ASP CB 15 -71.06 45.60 -23.15
C ASP CB 15 -72.39 45.99 -23.77
N THR CB 16 -73.47 45.90 -23.00
CA THR CB 16 -74.78 46.17 -23.56
C THR CB 16 -75.03 47.67 -23.72
N LEU CB 17 -74.40 48.50 -22.87
CA LEU CB 17 -74.37 49.93 -23.06
C LEU CB 17 -73.80 50.35 -24.40
N LEU CB 18 -72.83 49.59 -24.91
CA LEU CB 18 -72.23 49.93 -26.19
C LEU CB 18 -72.95 49.24 -27.33
N LYS CB 19 -73.40 48.02 -27.07
CA LYS CB 19 -74.28 47.25 -27.94
C LYS CB 19 -75.46 48.06 -28.43
N LEU CB 20 -76.32 48.47 -27.51
CA LEU CB 20 -77.54 49.17 -27.88
C LEU CB 20 -77.25 50.58 -28.36
N LEU CB 21 -76.07 51.11 -28.04
CA LEU CB 21 -75.61 52.36 -28.63
C LEU CB 21 -75.43 52.20 -30.14
N ILE CB 22 -74.71 51.16 -30.54
CA ILE CB 22 -74.53 50.94 -31.96
C ILE CB 22 -75.83 50.53 -32.62
N LEU CB 23 -76.61 49.67 -31.96
CA LEU CB 23 -77.92 49.30 -32.49
C LEU CB 23 -78.89 50.47 -32.54
N SER CB 24 -78.61 51.55 -31.83
CA SER CB 24 -79.30 52.78 -32.12
C SER CB 24 -78.72 53.45 -33.36
N MET CB 25 -77.47 53.91 -33.28
CA MET CB 25 -77.08 54.91 -34.26
C MET CB 25 -76.66 54.30 -35.59
N ALA CB 26 -76.33 53.02 -35.64
CA ALA CB 26 -76.21 52.34 -36.90
C ALA CB 26 -77.54 52.22 -37.62
N ALA CB 27 -78.60 51.87 -36.88
CA ALA CB 27 -79.91 51.79 -37.50
C ALA CB 27 -80.43 53.16 -37.89
N VAL CB 28 -79.93 54.20 -37.23
CA VAL CB 28 -80.19 55.56 -37.68
C VAL CB 28 -79.68 55.77 -39.09
N LEU CB 29 -78.51 55.23 -39.37
CA LEU CB 29 -77.87 55.44 -40.65
C LEU CB 29 -78.62 54.94 -41.86
N SER CB 30 -79.20 53.75 -41.83
CA SER CB 30 -79.87 53.32 -43.05
C SER CB 30 -81.05 54.22 -43.41
N PHE CB 31 -81.92 54.48 -42.44
CA PHE CB 31 -83.09 55.29 -42.73
C PHE CB 31 -82.71 56.70 -43.10
N SER CB 32 -81.74 57.25 -42.37
CA SER CB 32 -81.29 58.60 -42.63
C SER CB 32 -80.68 58.74 -44.01
N THR CB 33 -79.90 57.76 -44.42
CA THR CB 33 -79.23 57.83 -45.71
C THR CB 33 -80.14 57.85 -46.92
N ARG CB 34 -81.18 57.04 -46.90
CA ARG CB 34 -82.03 57.00 -48.09
C ARG CB 34 -82.62 58.35 -48.40
N LEU CB 35 -82.57 59.27 -47.45
CA LEU CB 35 -83.55 60.34 -47.42
C LEU CB 35 -83.22 61.47 -48.38
N PHE CB 36 -81.96 61.64 -48.76
CA PHE CB 36 -81.65 62.87 -49.47
C PHE CB 36 -81.99 62.78 -50.95
N ALA CB 37 -82.40 61.61 -51.43
CA ALA CB 37 -82.96 61.56 -52.77
C ALA CB 37 -84.31 62.26 -52.83
N VAL CB 38 -85.09 62.19 -51.75
CA VAL CB 38 -86.37 62.90 -51.71
C VAL CB 38 -86.25 64.22 -50.97
N LEU CB 39 -85.22 64.40 -50.15
CA LEU CB 39 -84.95 65.71 -49.57
C LEU CB 39 -84.44 66.67 -50.62
N ARG CB 40 -83.63 66.14 -51.54
CA ARG CB 40 -83.04 66.96 -52.59
C ARG CB 40 -84.13 67.48 -53.51
N PHE CB 41 -84.92 66.59 -54.10
CA PHE CB 41 -86.02 67.10 -54.93
C PHE CB 41 -87.41 66.75 -54.42
N GLU CB 42 -87.77 65.47 -54.36
CA GLU CB 42 -89.18 65.08 -54.49
C GLU CB 42 -89.98 65.26 -53.21
N SER CB 43 -91.17 64.70 -53.23
CA SER CB 43 -91.98 64.45 -52.04
C SER CB 43 -92.49 63.01 -51.97
N VAL CB 44 -92.82 62.39 -53.11
CA VAL CB 44 -93.60 61.16 -53.02
C VAL CB 44 -92.98 59.94 -53.71
N ILE CB 45 -92.82 59.93 -55.03
CA ILE CB 45 -92.45 58.69 -55.72
C ILE CB 45 -91.46 59.01 -56.83
N HIS CB 46 -90.33 58.30 -56.83
CA HIS CB 46 -89.29 58.56 -57.81
C HIS CB 46 -89.55 57.81 -59.11
N GLU CB 47 -89.55 56.48 -59.05
CA GLU CB 47 -89.59 55.68 -60.25
C GLU CB 47 -91.01 55.59 -60.79
N PHE CB 48 -91.12 55.04 -61.99
CA PHE CB 48 -92.45 54.86 -62.55
C PHE CB 48 -93.14 53.67 -61.92
N ASP CB 49 -92.36 52.75 -61.37
CA ASP CB 49 -92.92 51.51 -60.83
C ASP CB 49 -93.83 51.68 -59.61
N PRO CB 50 -93.58 52.54 -58.61
CA PRO CB 50 -94.46 52.50 -57.42
C PRO CB 50 -95.86 53.04 -57.63
N TYR CB 51 -96.20 53.56 -58.81
CA TYR CB 51 -97.54 54.10 -59.03
C TYR CB 51 -98.60 53.03 -59.05
N PHE CB 52 -98.35 51.97 -59.84
CA PHE CB 52 -99.29 50.86 -59.93
C PHE CB 52 -99.45 50.16 -58.60
N ASN CB 53 -98.38 50.10 -57.82
CA ASN CB 53 -98.50 49.62 -56.45
C ASN CB 53 -99.25 50.58 -55.57
N TYR CB 54 -99.00 51.88 -55.71
CA TYR CB 54 -99.57 52.86 -54.81
C TYR CB 54 -101.07 52.99 -54.99
N ARG CB 55 -101.54 52.79 -56.22
CA ARG CB 55 -102.97 52.87 -56.50
C ARG CB 55 -103.74 51.82 -55.72
N THR CB 56 -103.37 50.56 -55.91
CA THR CB 56 -104.01 49.51 -55.15
C THR CB 56 -103.66 49.55 -53.68
N THR CB 57 -102.54 50.15 -53.31
CA THR CB 57 -102.20 50.31 -51.91
C THR CB 57 -103.19 51.20 -51.19
N ARG CB 58 -103.48 52.35 -51.76
CA ARG CB 58 -104.49 53.17 -51.13
C ARG CB 58 -105.88 52.61 -51.37
N PHE CB 59 -106.07 51.76 -52.38
CA PHE CB 59 -107.35 51.10 -52.53
C PHE CB 59 -107.62 50.16 -51.36
N LEU CB 60 -106.68 49.27 -51.04
CA LEU CB 60 -106.88 48.29 -49.98
C LEU CB 60 -106.77 48.88 -48.58
N ALA CB 61 -106.77 50.20 -48.43
CA ALA CB 61 -107.17 50.82 -47.19
C ALA CB 61 -108.41 51.67 -47.34
N GLU CB 62 -108.77 52.06 -48.57
CA GLU CB 62 -110.05 52.74 -48.75
C GLU CB 62 -111.22 51.77 -48.65
N GLU CB 63 -111.35 50.87 -49.61
CA GLU CB 63 -112.56 50.07 -49.71
C GLU CB 63 -112.28 48.58 -49.69
N GLY CB 64 -111.19 48.13 -50.32
CA GLY CB 64 -110.88 46.73 -50.33
C GLY CB 64 -110.33 46.25 -48.99
N PHE CB 65 -110.49 44.95 -48.73
CA PHE CB 65 -109.99 44.37 -47.49
C PHE CB 65 -109.79 42.88 -47.70
N TYR CB 66 -108.52 42.43 -47.69
CA TYR CB 66 -108.08 41.26 -48.45
C TYR CB 66 -108.77 39.96 -48.03
N LYS CB 67 -109.01 39.76 -46.73
CA LYS CB 67 -109.62 38.51 -46.26
C LYS CB 67 -111.07 38.43 -46.69
N PHE CB 68 -111.72 39.57 -46.80
CA PHE CB 68 -113.11 39.63 -47.19
C PHE CB 68 -113.30 40.34 -48.52
N HIS CB 69 -112.21 40.74 -49.19
CA HIS CB 69 -112.29 41.43 -50.47
C HIS CB 69 -110.96 41.31 -51.20
N ASN CB 70 -110.90 40.38 -52.14
CA ASN CB 70 -110.06 40.64 -53.29
C ASN CB 70 -110.88 41.42 -54.30
N TRP CB 71 -110.32 41.61 -55.49
CA TRP CB 71 -110.73 42.78 -56.26
C TRP CB 71 -110.57 42.55 -57.75
N PHE CB 72 -111.48 43.17 -58.52
CA PHE CB 72 -111.42 43.16 -59.98
C PHE CB 72 -111.47 44.58 -60.52
N ASP CB 73 -110.70 44.81 -61.59
CA ASP CB 73 -110.72 46.09 -62.29
C ASP CB 73 -110.95 45.91 -63.78
N ASP CB 74 -111.75 46.81 -64.33
CA ASP CB 74 -111.86 47.06 -65.75
C ASP CB 74 -111.18 48.36 -66.17
N ARG CB 75 -110.70 49.14 -65.19
CA ARG CB 75 -110.00 50.38 -65.47
C ARG CB 75 -108.68 50.14 -66.20
N ALA CB 76 -108.01 49.02 -65.95
CA ALA CB 76 -106.78 48.71 -66.66
C ALA CB 76 -107.06 47.67 -67.75
N TRP CB 77 -106.24 47.73 -68.80
CA TRP CB 77 -106.19 46.74 -69.87
C TRP CB 77 -107.54 46.59 -70.58
N TYR CB 78 -107.91 47.68 -71.24
CA TYR CB 78 -109.11 47.53 -72.05
C TYR CB 78 -108.80 46.71 -73.30
N PRO CB 79 -109.64 45.75 -73.67
CA PRO CB 79 -110.85 45.30 -72.97
C PRO CB 79 -110.66 44.07 -72.10
N LEU CB 80 -109.40 43.74 -71.79
CA LEU CB 80 -109.11 42.45 -71.16
C LEU CB 80 -109.17 42.53 -69.63
N GLY CB 81 -108.33 43.37 -69.07
CA GLY CB 81 -108.29 43.60 -67.63
C GLY CB 81 -107.37 42.65 -66.91
N ARG CB 82 -106.83 43.09 -65.78
CA ARG CB 82 -105.94 42.27 -64.98
C ARG CB 82 -106.30 42.44 -63.52
N ILE CB 83 -106.26 41.37 -62.75
CA ILE CB 83 -106.59 41.46 -61.35
C ILE CB 83 -105.81 40.52 -60.45
N ILE CB 84 -105.71 40.89 -59.18
CA ILE CB 84 -105.01 40.14 -58.15
C ILE CB 84 -104.85 38.64 -58.42
N GLY CB 85 -105.42 38.11 -59.50
CA GLY CB 85 -104.89 36.89 -60.08
C GLY CB 85 -103.44 37.05 -60.52
N GLY CB 86 -103.09 38.20 -61.09
CA GLY CB 86 -101.72 38.62 -61.25
C GLY CB 86 -101.34 39.47 -60.07
N THR CB 87 -100.26 40.25 -60.21
CA THR CB 87 -99.58 41.00 -59.14
C THR CB 87 -99.38 40.15 -57.87
N LEU CB 88 -98.49 39.18 -58.01
CA LEU CB 88 -97.90 38.42 -56.91
C LEU CB 88 -97.46 39.32 -55.77
N TYR CB 89 -98.10 39.19 -54.63
CA TYR CB 89 -97.58 39.81 -53.44
C TYR CB 89 -98.35 41.02 -53.00
N PRO CB 90 -99.24 40.83 -52.03
CA PRO CB 90 -99.76 41.94 -51.25
C PRO CB 90 -98.95 42.25 -50.00
N GLY CB 91 -97.81 41.57 -49.85
CA GLY CB 91 -96.98 41.75 -48.67
C GLY CB 91 -96.45 43.16 -48.51
N LEU CB 92 -96.21 43.85 -49.63
CA LEU CB 92 -96.03 45.29 -49.56
C LEU CB 92 -97.31 45.96 -49.09
N MET CB 93 -98.41 45.63 -49.74
CA MET CB 93 -99.62 46.39 -49.59
C MET CB 93 -100.28 46.16 -48.25
N ILE CB 94 -100.27 44.92 -47.78
CA ILE CB 94 -100.87 44.66 -46.49
C ILE CB 94 -100.01 45.26 -45.39
N THR CB 95 -98.71 45.35 -45.63
CA THR CB 95 -97.83 46.03 -44.68
C THR CB 95 -98.18 47.51 -44.58
N SER CB 96 -98.30 48.17 -45.73
CA SER CB 96 -98.55 49.60 -45.74
C SER CB 96 -99.95 49.91 -45.21
N ALA CB 97 -100.94 49.12 -45.61
CA ALA CB 97 -102.30 49.34 -45.15
C ALA CB 97 -102.45 48.93 -43.69
N ALA CB 98 -101.58 48.06 -43.18
CA ALA CB 98 -101.60 47.80 -41.76
C ALA CB 98 -101.00 48.97 -41.00
N ILE CB 99 -99.93 49.54 -41.54
CA ILE CB 99 -99.25 50.65 -40.87
C ILE CB 99 -100.18 51.85 -40.80
N TYR CB 100 -100.98 52.11 -41.83
CA TYR CB 100 -101.99 53.13 -41.64
C TYR CB 100 -103.39 52.54 -41.51
N HIS CB 101 -103.49 51.33 -40.97
CA HIS CB 101 -104.55 51.08 -40.01
C HIS CB 101 -104.14 51.58 -38.65
N VAL CB 102 -102.92 51.30 -38.24
CA VAL CB 102 -102.51 51.62 -36.88
C VAL CB 102 -102.19 53.08 -36.72
N LEU CB 103 -101.16 53.57 -37.40
CA LEU CB 103 -100.69 54.93 -37.23
C LEU CB 103 -101.67 55.95 -37.73
N HIS CB 104 -102.59 55.54 -38.59
CA HIS CB 104 -103.65 56.43 -39.02
C HIS CB 104 -104.76 56.49 -37.97
N PHE CB 105 -104.96 55.38 -37.24
CA PHE CB 105 -105.76 55.43 -36.02
C PHE CB 105 -105.11 56.30 -34.97
N PHE CB 106 -103.79 56.36 -35.00
CA PHE CB 106 -103.06 57.31 -34.17
C PHE CB 106 -102.69 58.58 -34.93
N HIS CB 107 -103.06 58.67 -36.21
CA HIS CB 107 -103.25 59.94 -36.91
C HIS CB 107 -102.02 60.82 -37.06
N ASP CB 111 -100.86 61.99 -44.72
CA ASP CB 111 -100.51 60.76 -44.03
C ASP CB 111 -100.20 59.68 -45.04
N ILE CB 112 -101.15 59.46 -45.95
CA ILE CB 112 -101.04 58.40 -46.96
C ILE CB 112 -99.92 58.70 -47.93
N ARG CB 113 -99.60 59.98 -48.10
CA ARG CB 113 -98.33 60.39 -48.66
C ARG CB 113 -97.20 59.74 -47.90
N ASN CB 114 -97.12 60.01 -46.61
CA ASN CB 114 -96.01 59.58 -45.77
C ASN CB 114 -95.99 58.09 -45.51
N VAL CB 115 -96.75 57.20 -46.12
CA VAL CB 115 -96.66 55.79 -45.79
C VAL CB 115 -96.03 54.95 -46.88
N CYS CB 116 -96.09 55.37 -48.13
CA CYS CB 116 -95.39 54.63 -49.17
C CYS CB 116 -94.02 55.21 -49.47
N VAL CB 117 -93.80 56.46 -49.08
CA VAL CB 117 -92.50 57.05 -49.32
C VAL CB 117 -91.59 56.86 -48.11
N PHE CB 118 -92.12 56.90 -46.90
CA PHE CB 118 -91.27 56.73 -45.73
C PHE CB 118 -90.99 55.27 -45.43
N LEU CB 119 -91.64 54.36 -46.16
CA LEU CB 119 -91.63 52.95 -45.79
C LEU CB 119 -90.24 52.35 -45.96
N ALA CB 120 -89.60 52.63 -47.09
CA ALA CB 120 -88.33 51.98 -47.40
C ALA CB 120 -87.20 52.29 -46.41
N PRO CB 121 -87.14 53.52 -45.90
CA PRO CB 121 -86.13 53.88 -44.91
C PRO CB 121 -86.41 53.00 -43.71
N LEU CB 122 -87.69 52.81 -43.43
CA LEU CB 122 -88.13 51.98 -42.32
C LEU CB 122 -87.69 50.55 -42.53
N PHE CB 123 -87.81 50.07 -43.76
CA PHE CB 123 -87.41 48.73 -44.09
C PHE CB 123 -85.92 48.58 -43.84
N SER CB 124 -85.13 49.56 -44.27
CA SER CB 124 -83.70 49.50 -44.09
C SER CB 124 -83.37 49.46 -42.61
N SER CB 125 -84.04 50.29 -41.81
CA SER CB 125 -83.72 50.31 -40.40
C SER CB 125 -84.03 48.96 -39.79
N PHE CB 126 -85.19 48.40 -40.13
CA PHE CB 126 -85.56 47.11 -39.58
C PHE CB 126 -84.62 46.02 -40.02
N THR CB 127 -84.23 46.07 -41.28
CA THR CB 127 -83.36 45.02 -41.82
C THR CB 127 -81.98 45.11 -41.21
N THR CB 128 -81.51 46.31 -40.92
CA THR CB 128 -80.20 46.38 -40.31
C THR CB 128 -80.22 45.98 -38.84
N ILE CB 129 -81.40 45.76 -38.26
CA ILE CB 129 -81.44 45.21 -36.92
C ILE CB 129 -81.76 43.72 -36.96
N VAL CB 130 -82.39 43.22 -38.03
CA VAL CB 130 -82.52 41.76 -38.11
C VAL CB 130 -81.24 41.13 -38.60
N THR CB 131 -80.40 41.86 -39.33
CA THR CB 131 -79.12 41.28 -39.72
C THR CB 131 -78.20 41.14 -38.52
N TYR CB 132 -78.41 41.93 -37.48
CA TYR CB 132 -77.57 41.80 -36.31
C TYR CB 132 -77.91 40.53 -35.55
N HIS CB 133 -79.20 40.29 -35.33
CA HIS CB 133 -79.61 39.07 -34.66
C HIS CB 133 -79.33 37.85 -35.53
N LEU CB 134 -79.23 38.02 -36.84
CA LEU CB 134 -78.73 36.93 -37.66
C LEU CB 134 -77.27 36.69 -37.36
N THR CB 135 -76.45 37.71 -37.55
CA THR CB 135 -75.02 37.57 -37.45
C THR CB 135 -74.51 37.34 -36.04
N LYS CB 136 -75.35 37.47 -35.03
CA LYS CB 136 -74.97 36.99 -33.71
C LYS CB 136 -74.73 35.50 -33.75
N GLU CB 137 -75.56 34.77 -34.49
CA GLU CB 137 -75.57 33.34 -34.50
C GLU CB 137 -74.39 32.72 -35.22
N LEU CB 138 -73.55 33.49 -35.88
CA LEU CB 138 -72.64 32.89 -36.85
C LEU CB 138 -71.22 32.79 -36.30
N LYS CB 139 -70.63 33.93 -35.99
CA LYS CB 139 -69.42 34.00 -35.22
C LYS CB 139 -69.70 34.56 -33.83
N ASP CB 140 -70.31 35.72 -33.78
CA ASP CB 140 -70.29 36.47 -32.54
C ASP CB 140 -71.35 37.54 -32.61
N ALA CB 141 -71.81 37.95 -31.44
CA ALA CB 141 -72.46 39.24 -31.32
C ALA CB 141 -71.53 40.36 -31.78
N GLY CB 142 -70.24 40.22 -31.49
CA GLY CB 142 -69.23 41.10 -32.02
C GLY CB 142 -69.05 41.04 -33.52
N ALA CB 143 -69.47 39.95 -34.16
CA ALA CB 143 -69.35 39.89 -35.61
C ALA CB 143 -70.40 40.77 -36.27
N GLY CB 144 -71.59 40.82 -35.70
CA GLY CB 144 -72.64 41.58 -36.34
C GLY CB 144 -72.54 43.07 -36.12
N LEU CB 145 -71.85 43.50 -35.08
CA LEU CB 145 -71.83 44.92 -34.78
C LEU CB 145 -71.06 45.73 -35.78
N LEU CB 146 -70.20 45.11 -36.57
CA LEU CB 146 -69.74 45.76 -37.78
C LEU CB 146 -70.53 45.33 -39.00
N ALA CB 147 -71.21 44.19 -38.94
CA ALA CB 147 -71.97 43.74 -40.09
C ALA CB 147 -73.27 44.48 -40.26
N ALA CB 148 -73.87 44.95 -39.18
CA ALA CB 148 -75.17 45.63 -39.30
C ALA CB 148 -75.01 46.96 -39.99
N ALA CB 149 -73.93 47.67 -39.71
CA ALA CB 149 -73.62 48.88 -40.44
C ALA CB 149 -73.37 48.61 -41.90
N MET CB 150 -72.89 47.41 -42.24
CA MET CB 150 -72.59 47.12 -43.63
C MET CB 150 -73.85 47.07 -44.48
N ILE CB 151 -74.88 46.33 -44.05
CA ILE CB 151 -76.10 46.43 -44.85
C ILE CB 151 -76.88 47.69 -44.53
N ALA CB 152 -76.51 48.41 -43.48
CA ALA CB 152 -77.12 49.71 -43.28
C ALA CB 152 -76.69 50.68 -44.36
N VAL CB 153 -75.43 50.62 -44.79
CA VAL CB 153 -75.00 51.53 -45.84
C VAL CB 153 -74.31 50.83 -47.01
N VAL CB 154 -74.73 49.63 -47.38
CA VAL CB 154 -74.31 49.19 -48.70
C VAL CB 154 -75.13 49.96 -49.72
N PRO CB 155 -74.49 50.77 -50.55
CA PRO CB 155 -75.24 51.80 -51.28
C PRO CB 155 -76.10 51.26 -52.39
N GLY CB 156 -75.86 50.05 -52.89
CA GLY CB 156 -76.73 49.53 -53.95
C GLY CB 156 -78.04 49.03 -53.41
N TYR CB 157 -77.98 48.35 -52.26
CA TYR CB 157 -79.20 48.00 -51.54
C TYR CB 157 -79.95 49.25 -51.09
N ILE CB 158 -79.23 50.32 -50.79
CA ILE CB 158 -79.88 51.61 -50.60
C ILE CB 158 -80.51 52.06 -51.88
N SER CB 159 -79.84 51.80 -52.99
CA SER CB 159 -80.18 52.43 -54.25
C SER CB 159 -81.47 51.88 -54.79
N ARG CB 160 -81.66 50.58 -54.70
CA ARG CB 160 -82.87 50.01 -55.26
C ARG CB 160 -84.03 50.05 -54.28
N SER CB 161 -83.81 50.56 -53.07
CA SER CB 161 -84.91 50.85 -52.14
C SER CB 161 -84.60 52.17 -51.44
N VAL CB 162 -84.93 53.28 -52.08
CA VAL CB 162 -84.56 54.59 -51.59
C VAL CB 162 -85.81 55.22 -50.98
N ALA CB 163 -85.63 56.36 -50.31
CA ALA CB 163 -86.77 57.08 -49.77
C ALA CB 163 -87.61 57.65 -50.90
N GLY CB 164 -88.70 56.98 -51.22
CA GLY CB 164 -89.36 57.15 -52.49
C GLY CB 164 -89.49 55.88 -53.29
N SER CB 165 -89.02 54.75 -52.76
CA SER CB 165 -89.20 53.48 -53.43
C SER CB 165 -90.39 52.77 -52.81
N TYR CB 166 -91.08 52.00 -53.65
CA TYR CB 166 -92.13 51.12 -53.18
C TYR CB 166 -92.19 49.87 -54.06
N ASP CB 167 -91.03 49.33 -54.40
CA ASP CB 167 -90.97 48.24 -55.37
C ASP CB 167 -91.53 46.96 -54.77
N ASN CB 168 -91.93 46.03 -55.64
CA ASN CB 168 -92.49 44.75 -55.20
C ASN CB 168 -91.46 43.90 -54.47
N GLU CB 169 -90.20 44.13 -54.74
CA GLU CB 169 -89.11 43.55 -53.98
C GLU CB 169 -88.59 44.54 -52.95
N GLY CB 170 -89.41 45.53 -52.60
CA GLY CB 170 -88.96 46.55 -51.67
C GLY CB 170 -88.80 46.03 -50.25
N ILE CB 171 -89.50 44.96 -49.89
CA ILE CB 171 -89.39 44.42 -48.53
C ILE CB 171 -89.24 42.91 -48.53
N ALA CB 172 -89.09 42.39 -49.74
CA ALA CB 172 -88.84 41.00 -49.99
C ALA CB 172 -87.49 40.71 -49.37
N ILE CB 173 -86.56 41.65 -49.49
CA ILE CB 173 -85.24 41.47 -48.94
C ILE CB 173 -85.32 41.30 -47.43
N PHE CB 174 -86.14 42.10 -46.77
CA PHE CB 174 -86.24 42.00 -45.34
C PHE CB 174 -86.77 40.63 -44.98
N CYS CB 175 -87.80 40.16 -45.68
CA CYS CB 175 -88.35 38.86 -45.38
C CYS CB 175 -87.32 37.77 -45.58
N MET CB 176 -86.58 37.87 -46.68
CA MET CB 176 -85.59 36.87 -47.01
C MET CB 176 -84.52 36.81 -45.93
N LEU CB 177 -84.07 37.98 -45.48
CA LEU CB 177 -83.04 38.01 -44.46
C LEU CB 177 -83.59 37.43 -43.17
N LEU CB 178 -84.82 37.82 -42.88
CA LEU CB 178 -85.48 37.37 -41.68
C LEU CB 178 -85.65 35.88 -41.76
N THR CB 179 -86.07 35.35 -42.90
CA THR CB 179 -86.20 33.91 -42.87
C THR CB 179 -84.88 33.20 -42.63
N TYR CB 180 -83.74 33.89 -42.70
CA TYR CB 180 -82.54 33.16 -42.37
C TYR CB 180 -82.25 33.21 -40.88
N TYR CB 181 -82.61 34.31 -40.21
CA TYR CB 181 -82.73 34.27 -38.76
C TYR CB 181 -83.75 33.23 -38.36
N MET CB 182 -84.83 33.13 -39.12
CA MET CB 182 -85.78 32.05 -38.98
C MET CB 182 -85.39 30.84 -39.80
N TRP CB 183 -84.13 30.61 -40.00
CA TRP CB 183 -83.79 29.22 -40.28
C TRP CB 183 -82.58 28.75 -39.52
N ILE CB 184 -81.69 29.63 -39.11
CA ILE CB 184 -80.33 29.22 -38.90
C ILE CB 184 -80.05 28.81 -37.45
N LYS CB 185 -80.85 29.25 -36.49
CA LYS CB 185 -80.80 28.63 -35.18
C LYS CB 185 -81.98 27.70 -34.96
N ALA CB 186 -82.73 27.42 -36.03
CA ALA CB 186 -83.55 26.22 -36.06
C ALA CB 186 -82.72 25.03 -36.51
N VAL CB 187 -81.84 25.26 -37.49
CA VAL CB 187 -80.87 24.24 -37.83
C VAL CB 187 -79.90 24.02 -36.69
N LYS CB 188 -79.47 25.11 -36.04
CA LYS CB 188 -78.49 24.98 -34.98
C LYS CB 188 -79.12 24.38 -33.73
N THR CB 189 -80.40 24.62 -33.54
CA THR CB 189 -81.13 24.07 -32.41
C THR CB 189 -82.50 23.65 -32.90
N GLY CB 190 -82.75 22.35 -32.95
CA GLY CB 190 -84.02 21.89 -33.46
C GLY CB 190 -85.20 22.18 -32.54
N SER CB 191 -85.53 23.45 -32.39
CA SER CB 191 -86.63 23.93 -31.57
C SER CB 191 -87.80 24.24 -32.49
N ILE CB 192 -88.88 23.51 -32.30
CA ILE CB 192 -89.81 23.28 -33.40
C ILE CB 192 -91.05 24.14 -33.24
N TYR CB 193 -91.38 24.52 -32.00
CA TYR CB 193 -92.14 25.75 -31.79
C TYR CB 193 -91.48 26.90 -32.50
N TRP CB 194 -90.17 26.98 -32.33
CA TRP CB 194 -89.44 28.07 -32.92
C TRP CB 194 -89.33 27.89 -34.43
N ALA CB 195 -89.28 26.64 -34.89
CA ALA CB 195 -89.29 26.38 -36.34
C ALA CB 195 -90.69 26.60 -36.94
N ALA CB 196 -91.72 26.48 -36.12
CA ALA CB 196 -93.05 26.86 -36.57
C ALA CB 196 -93.13 28.36 -36.76
N LYS CB 197 -92.50 29.09 -35.84
CA LYS CB 197 -92.38 30.54 -35.99
C LYS CB 197 -91.57 30.87 -37.24
N CYS CB 198 -90.62 29.99 -37.58
CA CYS CB 198 -89.85 30.15 -38.81
C CYS CB 198 -90.70 30.05 -40.06
N ALA CB 199 -91.50 29.00 -40.16
CA ALA CB 199 -92.36 28.88 -41.35
C ALA CB 199 -93.43 29.95 -41.40
N LEU CB 200 -93.92 30.37 -40.24
CA LEU CB 200 -94.89 31.47 -40.18
C LEU CB 200 -94.24 32.76 -40.64
N ALA CB 201 -92.94 32.91 -40.40
CA ALA CB 201 -92.24 34.03 -40.99
C ALA CB 201 -91.99 33.85 -42.48
N TYR CB 202 -91.77 32.60 -42.93
CA TYR CB 202 -91.56 32.31 -44.34
C TYR CB 202 -92.73 32.73 -45.19
N PHE CB 203 -93.93 32.60 -44.63
CA PHE CB 203 -95.13 33.00 -45.37
C PHE CB 203 -95.10 34.47 -45.75
N TYR CB 204 -94.46 35.29 -44.93
CA TYR CB 204 -94.38 36.71 -45.22
C TYR CB 204 -93.48 36.99 -46.41
N MET CB 205 -92.40 36.24 -46.57
CA MET CB 205 -91.63 36.32 -47.80
C MET CB 205 -92.42 35.80 -48.98
N VAL CB 206 -93.06 34.64 -48.81
CA VAL CB 206 -93.63 33.93 -49.94
C VAL CB 206 -94.85 34.66 -50.46
N SER CB 207 -95.37 35.59 -49.68
CA SER CB 207 -96.24 36.61 -50.22
C SER CB 207 -95.51 37.47 -51.23
N SER CB 208 -94.56 38.27 -50.76
CA SER CB 208 -94.19 39.53 -51.41
C SER CB 208 -93.58 39.43 -52.81
N TRP CB 209 -92.38 38.89 -52.93
CA TRP CB 209 -91.73 38.81 -54.23
C TRP CB 209 -91.33 37.38 -54.54
N GLY CB 210 -91.47 37.00 -55.79
CA GLY CB 210 -91.02 35.71 -56.27
C GLY CB 210 -89.52 35.55 -56.25
N GLY CB 211 -88.91 35.57 -55.08
CA GLY CB 211 -87.57 35.06 -54.92
C GLY CB 211 -87.58 33.79 -54.12
N TYR CB 212 -88.76 33.41 -53.67
CA TYR CB 212 -88.87 32.14 -52.99
C TYR CB 212 -88.75 30.98 -53.95
N VAL CB 213 -89.02 31.21 -55.23
CA VAL CB 213 -88.59 30.24 -56.24
C VAL CB 213 -87.08 30.11 -56.22
N PHE CB 214 -86.38 31.21 -55.94
CA PHE CB 214 -84.99 31.14 -55.52
C PHE CB 214 -84.81 30.39 -54.20
N LEU CB 215 -85.63 30.69 -53.20
CA LEU CB 215 -85.34 30.22 -51.85
C LEU CB 215 -85.50 28.72 -51.74
N ILE CB 216 -86.51 28.16 -52.41
CA ILE CB 216 -86.65 26.72 -52.44
C ILE CB 216 -85.75 26.14 -53.53
N ASN CB 217 -85.13 26.99 -54.34
CA ASN CB 217 -83.94 26.55 -55.04
C ASN CB 217 -82.75 26.50 -54.08
N LEU CB 218 -82.81 27.28 -53.01
CA LEU CB 218 -81.71 27.35 -52.06
C LEU CB 218 -81.82 26.31 -50.96
N ILE CB 219 -82.92 26.39 -50.18
CA ILE CB 219 -82.99 25.70 -48.89
C ILE CB 219 -82.84 24.19 -49.00
N PRO CB 220 -83.60 23.48 -49.84
CA PRO CB 220 -83.39 22.02 -49.88
C PRO CB 220 -82.10 21.60 -50.52
N LEU CB 221 -81.63 22.30 -51.54
CA LEU CB 221 -80.43 21.85 -52.22
C LEU CB 221 -79.19 22.07 -51.35
N HIS CB 222 -79.22 23.12 -50.50
CA HIS CB 222 -78.33 23.20 -49.36
C HIS CB 222 -78.35 21.91 -48.54
N VAL CB 223 -79.55 21.46 -48.20
CA VAL CB 223 -79.77 20.18 -47.56
C VAL CB 223 -79.15 19.04 -48.36
N LEU CB 224 -79.21 19.13 -49.70
CA LEU CB 224 -78.54 18.17 -50.57
C LEU CB 224 -77.05 18.16 -50.34
N VAL CB 225 -76.46 19.34 -50.10
CA VAL CB 225 -75.06 19.47 -49.73
C VAL CB 225 -74.79 18.71 -48.45
N LEU CB 226 -75.70 18.77 -47.49
CA LEU CB 226 -75.51 18.04 -46.26
C LEU CB 226 -75.71 16.54 -46.42
N MET CB 227 -76.09 16.04 -47.59
CA MET CB 227 -75.84 14.63 -47.84
C MET CB 227 -74.35 14.39 -47.99
N LEU CB 228 -73.73 15.14 -48.89
CA LEU CB 228 -72.41 14.77 -49.36
C LEU CB 228 -71.33 15.10 -48.35
N THR CB 229 -71.50 16.17 -47.59
CA THR CB 229 -70.62 16.39 -46.46
C THR CB 229 -70.96 15.46 -45.32
N GLY CB 230 -72.16 14.88 -45.35
CA GLY CB 230 -72.57 13.90 -44.39
C GLY CB 230 -72.80 14.44 -43.00
N ARG CB 231 -73.22 15.68 -42.87
CA ARG CB 231 -73.36 16.23 -41.54
C ARG CB 231 -74.82 16.34 -41.12
N PHE CB 232 -75.63 15.33 -41.43
CA PHE CB 232 -76.99 15.23 -40.91
C PHE CB 232 -77.05 15.17 -39.41
N SER CB 233 -78.22 15.46 -38.89
CA SER CB 233 -78.58 15.09 -37.54
C SER CB 233 -80.09 14.93 -37.53
N HIS CB 234 -80.64 14.75 -36.33
CA HIS CB 234 -82.03 15.10 -36.17
C HIS CB 234 -82.20 16.60 -36.32
N ARG CB 235 -81.38 17.38 -35.63
CA ARG CB 235 -81.64 18.81 -35.48
C ARG CB 235 -81.40 19.59 -36.76
N ILE CB 236 -80.99 18.94 -37.84
CA ILE CB 236 -81.27 19.47 -39.18
C ILE CB 236 -82.67 19.07 -39.60
N TYR CB 237 -83.00 17.80 -39.43
CA TYR CB 237 -84.16 17.18 -40.04
C TYR CB 237 -85.47 17.63 -39.42
N VAL CB 238 -85.50 17.68 -38.09
CA VAL CB 238 -86.67 18.00 -37.31
C VAL CB 238 -87.08 19.45 -37.55
N ALA CB 239 -86.11 20.33 -37.79
CA ALA CB 239 -86.44 21.70 -38.17
C ALA CB 239 -86.76 21.82 -39.64
N TYR CB 240 -86.12 21.00 -40.49
CA TYR CB 240 -86.31 21.17 -41.92
C TYR CB 240 -87.67 20.70 -42.41
N CYS CB 241 -88.23 19.65 -41.79
CA CYS CB 241 -89.50 19.14 -42.28
C CYS CB 241 -90.63 20.13 -42.08
N THR CB 242 -90.55 20.93 -41.01
CA THR CB 242 -91.61 21.86 -40.66
C THR CB 242 -91.76 22.96 -41.70
N VAL CB 243 -90.70 23.74 -41.90
CA VAL CB 243 -90.78 24.90 -42.77
C VAL CB 243 -90.87 24.44 -44.22
N TYR CB 244 -90.45 23.21 -44.53
CA TYR CB 244 -90.78 22.68 -45.83
C TYR CB 244 -92.29 22.45 -45.96
N CYS CB 245 -92.82 21.49 -45.21
CA CYS CB 245 -94.15 20.97 -45.51
C CYS CB 245 -95.25 21.94 -45.13
N LEU CB 246 -95.13 22.59 -43.98
CA LEU CB 246 -96.08 23.63 -43.64
C LEU CB 246 -95.95 24.83 -44.56
N GLY CB 247 -94.72 25.16 -44.97
CA GLY CB 247 -94.52 26.28 -45.87
C GLY CB 247 -95.12 26.05 -47.24
N THR CB 248 -95.14 24.79 -47.69
CA THR CB 248 -95.78 24.48 -48.97
C THR CB 248 -97.26 24.81 -48.95
N ILE CB 249 -97.92 24.53 -47.82
CA ILE CB 249 -99.34 24.83 -47.76
C ILE CB 249 -99.55 26.32 -47.58
N LEU CB 250 -98.64 26.99 -46.89
CA LEU CB 250 -98.79 28.43 -46.78
C LEU CB 250 -98.56 29.12 -48.12
N SER CB 251 -97.71 28.55 -48.97
CA SER CB 251 -97.62 29.00 -50.34
C SER CB 251 -98.88 28.65 -51.11
N MET CB 252 -99.47 27.50 -50.80
CA MET CB 252 -100.69 27.02 -51.45
C MET CB 252 -101.87 27.94 -51.19
N GLN CB 253 -101.85 28.68 -50.07
CA GLN CB 253 -102.87 29.71 -49.88
C GLN CB 253 -102.80 30.79 -50.94
N ILE CB 254 -101.61 31.08 -51.45
CA ILE CB 254 -101.46 32.24 -52.32
C ILE CB 254 -101.70 31.81 -53.76
N SER CB 255 -102.34 32.72 -54.49
CA SER CB 255 -102.69 32.59 -55.91
C SER CB 255 -101.55 32.60 -56.93
N PHE CB 256 -100.57 33.49 -56.78
CA PHE CB 256 -99.50 33.56 -57.80
C PHE CB 256 -98.76 32.23 -57.85
N VAL CB 257 -98.46 31.69 -56.69
CA VAL CB 257 -97.90 30.35 -56.59
C VAL CB 257 -99.22 29.73 -56.21
N GLY CB 258 -99.76 28.83 -57.01
CA GLY CB 258 -101.11 28.48 -56.64
C GLY CB 258 -101.14 26.99 -56.44
N PHE CB 259 -101.48 26.26 -57.49
CA PHE CB 259 -101.11 24.86 -57.57
C PHE CB 259 -99.77 24.67 -58.24
N GLN CB 260 -99.07 25.77 -58.52
CA GLN CB 260 -97.63 25.71 -58.79
C GLN CB 260 -96.78 24.91 -57.80
N PRO CB 261 -97.00 24.91 -56.47
CA PRO CB 261 -96.13 24.08 -55.62
C PRO CB 261 -96.30 22.58 -55.84
N VAL CB 262 -97.32 22.18 -56.59
CA VAL CB 262 -97.28 20.84 -57.16
C VAL CB 262 -96.33 20.81 -58.36
N LEU CB 263 -96.39 21.83 -59.23
CA LEU CB 263 -95.84 21.74 -60.59
C LEU CB 263 -95.08 23.01 -60.99
N SER CB 264 -93.76 22.99 -60.83
CA SER CB 264 -92.82 23.69 -61.71
C SER CB 264 -91.46 23.11 -61.42
N SER CB 265 -90.57 23.16 -62.43
CA SER CB 265 -89.39 22.29 -62.47
C SER CB 265 -88.41 22.56 -61.33
N GLU CB 266 -88.53 23.71 -60.68
CA GLU CB 266 -87.61 24.02 -59.60
C GLU CB 266 -88.07 23.41 -58.28
N HIS CB 267 -89.23 23.82 -57.78
CA HIS CB 267 -89.63 23.33 -56.47
C HIS CB 267 -90.16 21.90 -56.54
N MET CB 268 -90.43 21.38 -57.75
CA MET CB 268 -90.67 19.94 -57.87
C MET CB 268 -89.41 19.16 -57.54
N ALA CB 269 -88.25 19.60 -58.05
CA ALA CB 269 -87.00 18.94 -57.70
C ALA CB 269 -86.65 19.19 -56.25
N ALA CB 270 -87.07 20.34 -55.71
CA ALA CB 270 -86.92 20.57 -54.28
C ALA CB 270 -87.76 19.59 -53.45
N PHE CB 271 -88.93 19.23 -53.96
CA PHE CB 271 -89.74 18.22 -53.29
C PHE CB 271 -89.11 16.84 -53.36
N GLY CB 272 -88.52 16.50 -54.51
CA GLY CB 272 -87.78 15.26 -54.61
C GLY CB 272 -86.59 15.21 -53.65
N VAL CB 273 -85.96 16.36 -53.43
CA VAL CB 273 -84.87 16.45 -52.47
C VAL CB 273 -85.38 16.27 -51.04
N PHE CB 274 -86.54 16.86 -50.73
CA PHE CB 274 -87.16 16.62 -49.42
C PHE CB 274 -87.46 15.15 -49.19
N GLY CB 275 -87.95 14.47 -50.23
CA GLY CB 275 -88.23 13.04 -50.11
C GLY CB 275 -86.98 12.21 -49.91
N LEU CB 276 -85.91 12.53 -50.64
CA LEU CB 276 -84.66 11.79 -50.45
C LEU CB 276 -84.05 12.09 -49.09
N CYS CB 277 -84.24 13.33 -48.61
CA CYS CB 277 -83.75 13.68 -47.29
C CYS CB 277 -84.49 12.91 -46.20
N GLN CB 278 -85.81 12.79 -46.33
CA GLN CB 278 -86.55 12.11 -45.28
C GLN CB 278 -86.34 10.61 -45.34
N ILE CB 279 -86.05 10.08 -46.53
CA ILE CB 279 -85.63 8.69 -46.63
C ILE CB 279 -84.29 8.48 -45.97
N HIS CB 280 -83.32 9.37 -46.24
CA HIS CB 280 -81.98 9.20 -45.70
C HIS CB 280 -81.97 9.41 -44.20
N ALA CB 281 -82.94 10.13 -43.64
CA ALA CB 281 -82.98 10.18 -42.18
C ALA CB 281 -83.40 8.79 -41.62
N PHE CB 282 -84.44 8.25 -42.25
CA PHE CB 282 -85.05 6.95 -41.88
C PHE CB 282 -84.10 5.79 -42.07
N VAL CB 283 -83.33 5.88 -43.15
CA VAL CB 283 -82.34 4.86 -43.45
C VAL CB 283 -81.32 4.85 -42.33
N ASP CB 284 -80.89 6.01 -41.87
CA ASP CB 284 -79.94 6.13 -40.78
C ASP CB 284 -80.53 5.51 -39.52
N TYR CB 285 -81.81 5.75 -39.27
CA TYR CB 285 -82.44 5.16 -38.08
C TYR CB 285 -82.46 3.61 -38.09
N LEU CB 286 -82.80 2.98 -39.22
CA LEU CB 286 -82.84 1.49 -39.26
C LEU CB 286 -81.47 0.85 -39.52
N ARG CB 287 -81.22 -0.46 -39.40
CA ARG CB 287 -79.87 -0.71 -39.89
C ARG CB 287 -78.73 -0.20 -38.99
N SER CB 288 -79.09 0.53 -37.93
CA SER CB 288 -78.24 0.89 -36.82
C SER CB 288 -78.65 0.14 -35.57
N LYS CB 289 -79.81 -0.51 -35.63
CA LYS CB 289 -80.21 -1.48 -34.62
C LYS CB 289 -79.81 -2.86 -35.12
N LEU CB 290 -79.94 -3.09 -36.41
CA LEU CB 290 -79.43 -4.27 -37.08
C LEU CB 290 -77.94 -4.12 -37.30
N ASN CB 291 -77.26 -5.22 -37.62
CA ASN CB 291 -75.84 -5.15 -37.92
C ASN CB 291 -75.63 -4.60 -39.32
N PRO CB 292 -74.38 -4.39 -39.73
CA PRO CB 292 -74.07 -4.43 -41.16
C PRO CB 292 -73.97 -5.85 -41.73
N GLN CB 293 -75.02 -6.65 -41.56
CA GLN CB 293 -75.23 -7.94 -42.21
C GLN CB 293 -75.29 -7.92 -43.73
N GLN CB 294 -75.37 -9.12 -44.30
CA GLN CB 294 -75.66 -9.28 -45.72
C GLN CB 294 -77.10 -8.89 -46.05
N PHE CB 295 -78.04 -9.07 -45.12
CA PHE CB 295 -79.43 -8.98 -45.52
C PHE CB 295 -79.89 -7.53 -45.59
N GLU CB 296 -79.15 -6.63 -44.93
CA GLU CB 296 -79.43 -5.22 -45.16
C GLU CB 296 -79.00 -4.83 -46.57
N VAL CB 297 -78.00 -5.51 -47.12
CA VAL CB 297 -77.68 -5.32 -48.55
C VAL CB 297 -78.79 -5.90 -49.41
N LEU CB 298 -79.43 -6.98 -48.95
CA LEU CB 298 -80.53 -7.57 -49.73
C LEU CB 298 -81.76 -6.66 -49.80
N PHE CB 299 -82.30 -6.23 -48.64
CA PHE CB 299 -83.44 -5.32 -48.77
C PHE CB 299 -82.98 -3.90 -49.05
N ARG CB 300 -81.67 -3.64 -49.01
CA ARG CB 300 -81.13 -2.43 -49.63
C ARG CB 300 -81.35 -2.45 -51.12
N SER CB 301 -81.10 -3.59 -51.76
CA SER CB 301 -81.43 -3.76 -53.18
C SER CB 301 -82.93 -3.60 -53.41
N VAL CB 302 -83.73 -4.18 -52.52
CA VAL CB 302 -85.20 -4.09 -52.66
C VAL CB 302 -85.68 -2.64 -52.58
N ILE CB 303 -85.29 -1.92 -51.53
CA ILE CB 303 -85.76 -0.55 -51.30
C ILE CB 303 -85.13 0.40 -52.32
N SER CB 304 -83.93 0.08 -52.81
CA SER CB 304 -83.33 0.91 -53.84
C SER CB 304 -84.09 0.78 -55.14
N LEU CB 305 -84.52 -0.43 -55.50
CA LEU CB 305 -85.31 -0.61 -56.73
C LEU CB 305 -86.69 0.04 -56.62
N VAL CB 306 -87.30 0.02 -55.43
CA VAL CB 306 -88.56 0.73 -55.27
C VAL CB 306 -88.36 2.25 -55.32
N GLY CB 307 -87.23 2.75 -54.78
CA GLY CB 307 -86.95 4.17 -54.86
C GLY CB 307 -86.63 4.63 -56.28
N PHE CB 308 -85.88 3.82 -57.01
CA PHE CB 308 -85.57 4.17 -58.39
C PHE CB 308 -86.79 4.06 -59.29
N VAL CB 309 -87.73 3.15 -58.98
CA VAL CB 309 -88.94 3.12 -59.81
C VAL CB 309 -89.85 4.28 -59.45
N LEU CB 310 -89.75 4.80 -58.22
CA LEU CB 310 -90.35 6.11 -57.93
C LEU CB 310 -89.72 7.21 -58.78
N LEU CB 311 -88.40 7.13 -58.98
CA LEU CB 311 -87.73 8.13 -59.81
C LEU CB 311 -88.14 8.03 -61.28
N THR CB 312 -88.37 6.80 -61.77
CA THR CB 312 -88.82 6.64 -63.16
C THR CB 312 -90.25 7.12 -63.35
N VAL CB 313 -91.15 6.78 -62.41
CA VAL CB 313 -92.54 7.25 -62.47
C VAL CB 313 -92.59 8.78 -62.38
N GLY CB 314 -91.68 9.38 -61.60
CA GLY CB 314 -91.64 10.84 -61.55
C GLY CB 314 -91.08 11.49 -62.80
N ALA CB 315 -90.03 10.89 -63.38
CA ALA CB 315 -89.40 11.51 -64.55
C ALA CB 315 -90.27 11.35 -65.79
N LEU CB 316 -91.10 10.31 -65.82
CA LEU CB 316 -92.05 10.17 -66.92
C LEU CB 316 -93.14 11.23 -66.84
N LEU CB 317 -93.60 11.56 -65.64
CA LEU CB 317 -94.71 12.47 -65.46
C LEU CB 317 -94.19 13.81 -64.94
N MET CB 318 -93.97 14.73 -65.87
CA MET CB 318 -93.39 16.04 -65.57
C MET CB 318 -94.33 17.11 -66.12
N LEU CB 319 -95.31 17.50 -65.32
CA LEU CB 319 -96.26 18.53 -65.71
C LEU CB 319 -95.91 19.85 -65.04
N ILE CB 345 -89.29 43.63 -74.53
CA ILE CB 345 -88.75 44.89 -73.97
C ILE CB 345 -88.05 44.75 -72.60
N ILE CB 346 -88.47 43.78 -71.81
CA ILE CB 346 -87.88 43.56 -70.50
C ILE CB 346 -86.38 43.31 -70.60
N ALA CB 347 -85.94 42.53 -71.59
CA ALA CB 347 -84.51 42.28 -71.75
C ALA CB 347 -83.78 43.59 -72.06
N SER CB 348 -84.38 44.42 -72.91
CA SER CB 348 -83.81 45.72 -73.33
C SER CB 348 -83.65 46.81 -72.25
N VAL CB 349 -84.66 46.80 -71.39
CA VAL CB 349 -84.72 47.72 -70.32
C VAL CB 349 -83.31 47.46 -69.87
N SER CB 350 -82.64 48.56 -69.68
CA SER CB 350 -81.24 48.53 -69.45
C SER CB 350 -80.87 47.82 -68.20
N GLU CB 351 -81.80 47.39 -67.34
CA GLU CB 351 -81.03 46.94 -66.19
C GLU CB 351 -80.94 45.43 -66.15
N HIS CB 352 -81.89 44.74 -66.79
CA HIS CB 352 -81.89 43.30 -66.77
C HIS CB 352 -80.75 42.73 -67.60
N GLN CB 353 -80.08 43.58 -68.35
CA GLN CB 353 -78.87 43.16 -69.06
C GLN CB 353 -77.78 42.95 -67.98
N PRO CB 354 -76.75 42.14 -68.28
CA PRO CB 354 -75.65 41.78 -67.36
C PRO CB 354 -74.74 42.96 -66.98
N THR CB 355 -74.09 42.89 -65.81
CA THR CB 355 -73.25 43.97 -65.30
C THR CB 355 -71.83 43.58 -64.86
N THR CB 356 -70.92 44.54 -64.95
CA THR CB 356 -69.53 44.35 -64.61
C THR CB 356 -69.29 44.81 -63.18
N TRP CB 357 -68.04 45.09 -62.83
CA TRP CB 357 -67.68 45.54 -61.49
C TRP CB 357 -68.25 46.89 -61.05
N SER CB 358 -68.63 47.74 -62.00
CA SER CB 358 -69.17 49.04 -61.68
C SER CB 358 -70.41 48.88 -60.79
N SER CB 359 -71.31 47.94 -61.15
CA SER CB 359 -72.46 47.66 -60.28
C SER CB 359 -71.70 47.11 -59.10
N TYR CB 360 -70.72 46.31 -59.46
CA TYR CB 360 -69.72 45.74 -58.58
C TYR CB 360 -68.98 46.98 -58.16
N TYR CB 361 -67.70 46.86 -57.79
CA TYR CB 361 -66.94 47.70 -56.87
C TYR CB 361 -67.36 49.16 -56.68
N PHE CB 362 -67.79 49.82 -57.76
CA PHE CB 362 -68.58 51.04 -57.65
C PHE CB 362 -69.76 50.85 -56.73
N ASP CB 363 -70.36 49.67 -56.78
CA ASP CB 363 -71.46 49.34 -55.89
C ASP CB 363 -70.99 49.10 -54.46
N LEU CB 364 -69.89 48.39 -54.28
CA LEU CB 364 -69.72 47.67 -53.03
C LEU CB 364 -68.27 47.71 -52.55
N GLN CB 365 -67.69 48.91 -52.49
CA GLN CB 365 -66.26 49.20 -52.53
C GLN CB 365 -65.30 48.37 -51.69
N LEU CB 366 -65.32 48.57 -50.38
CA LEU CB 366 -64.38 47.85 -49.54
C LEU CB 366 -64.87 46.44 -49.34
N LEU CB 367 -66.16 46.27 -49.50
CA LEU CB 367 -66.88 45.13 -49.04
C LEU CB 367 -66.85 44.03 -50.06
N VAL CB 368 -66.32 44.30 -51.24
CA VAL CB 368 -65.84 43.25 -52.12
C VAL CB 368 -64.61 42.58 -51.55
N PHE CB 369 -63.65 43.39 -51.08
CA PHE CB 369 -62.33 42.91 -50.69
C PHE CB 369 -62.43 41.91 -49.56
N MET CB 370 -63.21 42.24 -48.56
CA MET CB 370 -63.39 41.40 -47.41
C MET CB 370 -64.28 40.20 -47.65
N PHE CB 371 -64.88 40.06 -48.83
CA PHE CB 371 -65.79 38.94 -49.06
C PHE CB 371 -65.15 37.56 -48.96
N PRO CB 372 -63.97 37.26 -49.53
CA PRO CB 372 -63.44 35.92 -49.33
C PRO CB 372 -62.93 35.68 -47.92
N VAL CB 373 -62.66 36.75 -47.19
CA VAL CB 373 -61.92 36.66 -45.94
C VAL CB 373 -62.69 35.81 -44.94
N GLY CB 374 -63.86 36.28 -44.54
CA GLY CB 374 -64.74 35.48 -43.73
C GLY CB 374 -65.15 34.19 -44.40
N LEU CB 375 -65.21 34.20 -45.74
CA LEU CB 375 -65.51 32.97 -46.45
C LEU CB 375 -64.41 31.97 -46.25
N TYR CB 376 -63.16 32.41 -46.27
CA TYR CB 376 -62.07 31.55 -45.85
C TYR CB 376 -62.27 31.12 -44.41
N TYR CB 377 -62.65 32.06 -43.56
CA TYR CB 377 -62.98 31.70 -42.19
C TYR CB 377 -64.17 30.76 -42.16
N CYS CB 378 -65.11 30.92 -43.08
CA CYS CB 378 -66.20 29.97 -43.12
C CYS CB 378 -65.75 28.64 -43.68
N PHE CB 379 -64.69 28.62 -44.49
CA PHE CB 379 -64.09 27.33 -44.82
C PHE CB 379 -62.98 26.98 -43.86
N SER CB 380 -62.67 27.86 -42.91
CA SER CB 380 -61.76 27.44 -41.86
C SER CB 380 -62.49 26.69 -40.78
N ASN CB 381 -63.38 27.38 -40.07
CA ASN CB 381 -64.21 26.74 -39.05
C ASN CB 381 -65.56 26.42 -39.67
N LEU CB 382 -65.54 25.40 -40.52
CA LEU CB 382 -66.71 25.01 -41.29
C LEU CB 382 -67.71 24.39 -40.32
N SER CB 383 -68.59 25.19 -39.76
CA SER CB 383 -69.52 24.65 -38.79
C SER CB 383 -70.77 24.17 -39.54
N ASP CB 384 -71.79 23.80 -38.77
CA ASP CB 384 -73.01 23.28 -39.37
C ASP CB 384 -73.84 24.39 -39.98
N ALA CB 385 -73.89 25.53 -39.31
CA ALA CB 385 -74.73 26.61 -39.80
C ALA CB 385 -74.07 27.34 -40.96
N ARG CB 386 -72.77 27.53 -40.90
CA ARG CB 386 -72.09 28.43 -41.81
C ARG CB 386 -72.04 27.92 -43.24
N ILE CB 387 -72.18 26.61 -43.45
CA ILE CB 387 -72.14 26.04 -44.79
C ILE CB 387 -73.33 26.52 -45.62
N PHE CB 388 -74.44 26.81 -44.95
CA PHE CB 388 -75.58 27.42 -45.60
C PHE CB 388 -75.25 28.79 -46.16
N ILE CB 389 -74.49 29.57 -45.40
CA ILE CB 389 -74.11 30.89 -45.87
C ILE CB 389 -73.08 30.79 -46.95
N ILE CB 390 -72.28 29.73 -46.94
CA ILE CB 390 -71.31 29.54 -48.01
C ILE CB 390 -72.03 29.20 -49.31
N MET CB 391 -73.05 28.37 -49.22
CA MET CB 391 -73.85 28.06 -50.39
C MET CB 391 -74.60 29.29 -50.89
N TYR CB 392 -75.01 30.13 -49.94
CA TYR CB 392 -75.64 31.41 -50.24
C TYR CB 392 -74.66 32.44 -50.77
N GLY CB 393 -73.37 32.25 -50.50
CA GLY CB 393 -72.37 33.09 -51.11
C GLY CB 393 -72.04 32.62 -52.50
N VAL CB 394 -72.16 31.32 -52.75
CA VAL CB 394 -71.95 30.82 -54.11
C VAL CB 394 -73.08 31.27 -55.01
N THR CB 395 -74.32 30.95 -54.61
CA THR CB 395 -75.46 30.98 -55.52
C THR CB 395 -75.75 32.39 -55.98
N SER CB 396 -75.76 33.33 -55.04
CA SER CB 396 -76.11 34.70 -55.38
C SER CB 396 -75.00 35.37 -56.18
N MET CB 397 -73.74 34.96 -55.98
CA MET CB 397 -72.70 35.36 -56.91
C MET CB 397 -73.00 34.87 -58.31
N TYR CB 398 -73.44 33.62 -58.43
CA TYR CB 398 -73.73 33.10 -59.76
C TYR CB 398 -74.90 33.80 -60.39
N PHE CB 399 -75.85 34.25 -59.58
CA PHE CB 399 -77.06 34.84 -60.11
C PHE CB 399 -76.95 36.34 -60.32
N SER CB 400 -76.17 37.04 -59.52
CA SER CB 400 -75.87 38.42 -59.87
C SER CB 400 -74.68 38.52 -60.81
N ALA CB 401 -74.45 37.49 -61.59
CA ALA CB 401 -73.59 37.56 -62.74
C ALA CB 401 -74.33 37.94 -64.00
N VAL CB 402 -75.66 37.85 -64.01
CA VAL CB 402 -76.42 38.04 -65.24
C VAL CB 402 -77.42 39.19 -65.18
N MET CB 403 -77.87 39.59 -64.00
CA MET CB 403 -78.91 40.61 -63.89
C MET CB 403 -78.45 41.58 -62.81
N VAL CB 404 -78.25 42.85 -63.16
CA VAL CB 404 -77.85 43.77 -62.12
C VAL CB 404 -79.03 44.10 -61.23
N ARG CB 405 -80.25 43.92 -61.74
CA ARG CB 405 -81.45 44.07 -60.94
C ARG CB 405 -81.47 43.04 -59.83
N LEU CB 406 -80.89 41.87 -60.08
CA LEU CB 406 -80.78 40.80 -59.12
C LEU CB 406 -79.61 41.02 -58.16
N MET CB 407 -78.87 42.11 -58.34
CA MET CB 407 -77.75 42.49 -57.49
C MET CB 407 -78.16 42.57 -56.02
N LEU CB 408 -79.41 42.92 -55.76
CA LEU CB 408 -79.94 43.01 -54.41
C LEU CB 408 -79.86 41.71 -53.66
N VAL CB 409 -79.90 40.58 -54.36
CA VAL CB 409 -79.73 39.31 -53.68
C VAL CB 409 -78.32 39.20 -53.13
N LEU CB 410 -77.31 39.63 -53.90
CA LEU CB 410 -75.97 39.76 -53.32
C LEU CB 410 -75.79 40.98 -52.45
N ALA CB 411 -76.83 41.79 -52.25
CA ALA CB 411 -76.65 42.95 -51.40
C ALA CB 411 -76.32 42.61 -49.94
N PRO CB 412 -76.96 41.65 -49.27
CA PRO CB 412 -76.50 41.41 -47.90
C PRO CB 412 -75.45 40.33 -47.79
N VAL CB 413 -75.32 39.47 -48.82
CA VAL CB 413 -74.45 38.30 -48.76
C VAL CB 413 -73.03 38.71 -48.45
N MET CB 414 -72.53 39.61 -49.27
CA MET CB 414 -71.23 40.22 -49.11
C MET CB 414 -71.09 40.85 -47.74
N CYS CB 415 -72.13 41.53 -47.28
CA CYS CB 415 -72.10 42.17 -45.97
C CYS CB 415 -72.11 41.16 -44.84
N ILE CB 416 -72.60 39.96 -45.10
CA ILE CB 416 -72.50 38.90 -44.11
C ILE CB 416 -71.05 38.52 -43.93
N LEU CB 417 -70.42 38.04 -44.99
CA LEU CB 417 -69.14 37.38 -44.85
C LEU CB 417 -68.02 38.39 -44.61
N SER CB 418 -68.10 39.56 -45.24
CA SER CB 418 -67.24 40.66 -44.87
C SER CB 418 -67.48 41.08 -43.44
N GLY CB 419 -68.74 41.01 -43.00
CA GLY CB 419 -69.03 41.17 -41.59
C GLY CB 419 -68.32 40.15 -40.73
N ILE CB 420 -68.13 38.95 -41.25
CA ILE CB 420 -67.27 38.01 -40.56
C ILE CB 420 -65.81 38.41 -40.72
N GLY CB 421 -65.45 38.83 -41.93
CA GLY CB 421 -64.05 38.88 -42.32
C GLY CB 421 -63.25 39.90 -41.53
N VAL CB 422 -63.73 41.14 -41.49
CA VAL CB 422 -63.18 42.15 -40.60
C VAL CB 422 -63.23 41.66 -39.16
N SER CB 423 -64.36 41.09 -38.74
CA SER CB 423 -64.46 40.60 -37.37
C SER CB 423 -63.62 39.37 -37.15
N GLN CB 424 -63.08 38.78 -38.20
CA GLN CB 424 -61.97 37.89 -37.95
C GLN CB 424 -60.69 38.67 -37.76
N VAL CB 425 -60.33 39.49 -38.77
CA VAL CB 425 -59.06 40.19 -38.82
C VAL CB 425 -58.90 41.11 -37.63
N LEU CB 426 -59.98 41.74 -37.22
CA LEU CB 426 -59.90 42.66 -36.09
C LEU CB 426 -59.67 41.88 -34.82
N SER CB 427 -60.39 40.75 -34.68
CA SER CB 427 -60.35 39.97 -33.46
C SER CB 427 -58.98 39.33 -33.27
N THR CB 428 -58.39 38.85 -34.35
CA THR CB 428 -57.07 38.28 -34.28
C THR CB 428 -56.02 39.34 -34.04
N TYR CB 429 -56.29 40.59 -34.38
CA TYR CB 429 -55.21 41.55 -34.31
C TYR CB 429 -55.44 42.69 -33.35
N MET CB 430 -56.56 42.76 -32.65
CA MET CB 430 -56.48 43.40 -31.35
C MET CB 430 -56.23 42.38 -30.26
N LYS CB 431 -56.03 41.13 -30.66
CA LYS CB 431 -55.68 40.08 -29.70
C LYS CB 431 -54.30 40.30 -29.12
N ASN CB 432 -53.35 40.71 -29.96
CA ASN CB 432 -51.97 40.36 -29.71
C ASN CB 432 -51.29 41.29 -28.70
N LEU CB 433 -51.81 42.49 -28.52
CA LEU CB 433 -50.95 43.51 -27.94
C LEU CB 433 -51.30 43.99 -26.54
N ASP CB 434 -52.51 44.50 -26.30
CA ASP CB 434 -52.72 45.26 -25.08
C ASP CB 434 -52.97 44.34 -23.88
N ILE CB 435 -53.16 43.05 -24.14
CA ILE CB 435 -53.50 42.12 -23.05
C ILE CB 435 -52.29 41.87 -22.17
N GLU CB 455 -45.39 45.11 -33.51
CA GLU CB 455 -45.72 46.36 -34.17
C GLU CB 455 -46.60 46.13 -35.39
N VAL CB 456 -46.78 44.85 -35.76
CA VAL CB 456 -47.67 44.45 -36.84
C VAL CB 456 -49.09 44.90 -36.57
N ALA CB 457 -49.56 44.75 -35.34
CA ALA CB 457 -50.89 45.25 -35.00
C ALA CB 457 -50.87 46.76 -34.85
N SER CB 458 -49.68 47.36 -34.71
CA SER CB 458 -49.60 48.81 -34.81
C SER CB 458 -49.72 49.29 -36.24
N GLY CB 459 -49.79 48.39 -37.22
CA GLY CB 459 -50.30 48.74 -38.53
C GLY CB 459 -51.70 48.22 -38.77
N MET CB 460 -51.93 46.97 -38.42
CA MET CB 460 -53.04 46.21 -39.00
C MET CB 460 -54.39 46.60 -38.41
N ILE CB 461 -54.42 46.95 -37.14
CA ILE CB 461 -55.59 47.66 -36.62
C ILE CB 461 -55.71 48.99 -37.31
N LEU CB 462 -54.59 49.70 -37.37
CA LEU CB 462 -54.55 51.11 -37.73
C LEU CB 462 -54.89 51.34 -39.19
N VAL CB 463 -54.69 50.34 -40.05
CA VAL CB 463 -55.17 50.51 -41.41
C VAL CB 463 -56.69 50.38 -41.45
N MET CB 464 -57.24 49.44 -40.67
CA MET CB 464 -58.60 48.96 -40.87
C MET CB 464 -59.64 50.01 -40.59
N ALA CB 465 -59.32 51.01 -39.78
CA ALA CB 465 -60.19 52.17 -39.70
C ALA CB 465 -60.28 52.84 -41.06
N PHE CB 466 -59.16 53.41 -41.51
CA PHE CB 466 -59.16 54.20 -42.73
C PHE CB 466 -59.32 53.33 -43.97
N PHE CB 467 -58.99 52.04 -43.85
CA PHE CB 467 -59.32 51.11 -44.91
C PHE CB 467 -60.82 50.96 -45.04
N LEU CB 468 -61.53 50.83 -43.92
CA LEU CB 468 -62.96 50.56 -44.01
C LEU CB 468 -63.78 51.83 -44.07
N ILE CB 469 -63.44 52.85 -43.30
CA ILE CB 469 -64.31 54.02 -43.22
C ILE CB 469 -64.30 54.84 -44.49
N THR CB 470 -63.35 54.60 -45.39
CA THR CB 470 -63.41 55.25 -46.68
C THR CB 470 -64.65 54.81 -47.43
N TYR CB 471 -65.03 53.55 -47.21
CA TYR CB 471 -66.34 53.00 -47.49
C TYR CB 471 -67.46 53.98 -47.17
N THR CB 472 -67.50 54.47 -45.92
CA THR CB 472 -68.64 55.29 -45.56
C THR CB 472 -68.56 56.68 -46.16
N PHE CB 473 -67.40 57.08 -46.70
CA PHE CB 473 -67.40 58.21 -47.59
C PHE CB 473 -68.11 57.88 -48.88
N HIS CB 474 -67.71 56.76 -49.50
CA HIS CB 474 -68.29 56.31 -50.75
C HIS CB 474 -69.77 56.09 -50.65
N SER CB 475 -70.22 55.52 -49.54
CA SER CB 475 -71.63 55.23 -49.40
C SER CB 475 -72.42 56.51 -49.21
N THR CB 476 -71.77 57.56 -48.73
CA THR CB 476 -72.47 58.79 -48.45
C THR CB 476 -72.91 59.47 -49.74
N TRP CB 477 -72.15 59.23 -50.79
CA TRP CB 477 -72.11 60.21 -51.85
C TRP CB 477 -72.39 59.64 -53.24
N VAL CB 478 -72.07 58.39 -53.49
CA VAL CB 478 -72.52 57.69 -54.69
C VAL CB 478 -74.03 57.58 -54.70
N THR CB 479 -74.61 57.43 -53.52
CA THR CB 479 -76.04 57.60 -53.33
C THR CB 479 -76.55 58.96 -53.76
N SER CB 480 -75.71 60.00 -53.72
CA SER CB 480 -76.16 61.30 -54.19
C SER CB 480 -75.95 61.46 -55.69
N GLU CB 481 -74.95 60.77 -56.24
CA GLU CB 481 -74.62 60.97 -57.65
C GLU CB 481 -75.61 60.26 -58.57
N ALA CB 482 -75.65 58.94 -58.52
CA ALA CB 482 -76.37 58.20 -59.52
C ALA CB 482 -77.85 58.07 -59.22
N TYR CB 483 -78.21 57.93 -57.95
CA TYR CB 483 -79.52 57.45 -57.59
C TYR CB 483 -80.42 58.51 -56.97
N SER CB 484 -79.97 59.76 -56.90
CA SER CB 484 -80.77 60.84 -56.33
C SER CB 484 -81.44 61.62 -57.47
N SER CB 485 -82.27 60.91 -58.21
CA SER CB 485 -82.94 61.48 -59.37
C SER CB 485 -84.17 60.67 -59.74
N PRO CB 486 -85.35 61.29 -59.74
CA PRO CB 486 -86.59 60.56 -60.00
C PRO CB 486 -86.78 60.26 -61.48
N SER CB 487 -87.80 59.46 -61.76
CA SER CB 487 -88.13 59.15 -63.13
C SER CB 487 -89.11 60.13 -63.75
N ILE CB 488 -89.97 60.75 -62.94
CA ILE CB 488 -90.98 61.64 -63.51
C ILE CB 488 -90.53 63.08 -63.64
N VAL CB 489 -89.42 63.46 -63.01
CA VAL CB 489 -88.91 64.82 -63.08
C VAL CB 489 -87.46 64.77 -63.53
N LEU CB 490 -87.17 65.38 -64.67
CA LEU CB 490 -85.87 65.25 -65.31
C LEU CB 490 -85.06 66.51 -65.03
N SER CB 491 -83.84 66.34 -64.55
CA SER CB 491 -82.95 67.47 -64.28
C SER CB 491 -82.25 67.89 -65.56
N ALA CB 492 -82.50 69.11 -66.02
CA ALA CB 492 -81.93 69.58 -67.27
C ALA CB 492 -80.69 70.44 -67.05
N ARG CB 493 -80.10 70.88 -68.14
CA ARG CB 493 -78.84 71.62 -68.15
C ARG CB 493 -79.06 72.94 -68.88
N GLY CB 494 -78.15 73.91 -68.68
CA GLY CB 494 -78.16 75.13 -69.46
C GLY CB 494 -77.70 76.41 -68.81
N GLY CB 495 -77.67 76.47 -67.48
CA GLY CB 495 -77.23 77.65 -66.79
C GLY CB 495 -76.33 77.28 -65.63
N ASP CB 496 -75.76 78.31 -65.02
CA ASP CB 496 -74.94 78.08 -63.83
C ASP CB 496 -75.62 78.60 -62.58
N GLY CB 497 -76.42 79.65 -62.71
CA GLY CB 497 -77.24 80.14 -61.62
C GLY CB 497 -78.69 80.16 -62.02
N SER CB 498 -79.55 79.54 -61.18
CA SER CB 498 -80.97 79.31 -61.47
C SER CB 498 -81.14 78.59 -62.81
N ARG CB 499 -80.39 77.50 -62.97
CA ARG CB 499 -80.39 76.77 -64.23
C ARG CB 499 -81.71 76.04 -64.43
N ILE CB 500 -81.96 75.64 -65.68
CA ILE CB 500 -83.23 75.04 -66.05
C ILE CB 500 -83.23 73.60 -65.53
N ILE CB 501 -84.03 73.32 -64.51
CA ILE CB 501 -84.20 71.97 -64.00
C ILE CB 501 -85.68 71.69 -63.74
N PHE CB 502 -86.40 71.25 -64.77
CA PHE CB 502 -87.86 71.32 -64.80
C PHE CB 502 -88.46 70.01 -65.28
N ASP CB 503 -91.23 69.69 -65.32
CA ASP CB 503 -92.34 68.88 -64.84
C ASP CB 503 -93.39 68.73 -65.93
N ASP CB 504 -92.94 68.36 -67.12
CA ASP CB 504 -93.85 68.18 -68.24
C ASP CB 504 -94.73 66.95 -68.08
N PHE CB 505 -94.29 65.98 -67.27
CA PHE CB 505 -95.11 64.80 -67.04
C PHE CB 505 -96.30 65.11 -66.16
N ARG CB 506 -96.12 65.88 -65.09
CA ARG CB 506 -97.27 66.25 -64.27
C ARG CB 506 -98.14 67.28 -64.96
N GLU CB 507 -97.55 68.08 -65.85
CA GLU CB 507 -98.34 69.03 -66.63
C GLU CB 507 -99.26 68.31 -67.61
N ALA CB 508 -98.72 67.31 -68.32
CA ALA CB 508 -99.54 66.59 -69.29
C ALA CB 508 -100.52 65.64 -68.61
N TYR CB 509 -100.06 64.93 -67.58
CA TYR CB 509 -100.94 63.99 -66.89
C TYR CB 509 -102.02 64.72 -66.13
N TYR CB 510 -101.73 65.92 -65.63
CA TYR CB 510 -102.79 66.68 -64.99
C TYR CB 510 -103.67 67.39 -66.02
N TRP CB 511 -103.20 67.52 -67.27
CA TRP CB 511 -104.15 67.90 -68.32
C TRP CB 511 -105.14 66.78 -68.57
N LEU CB 512 -104.65 65.53 -68.64
CA LEU CB 512 -105.56 64.39 -68.74
C LEU CB 512 -106.49 64.25 -67.54
N ARG CB 513 -106.02 64.64 -66.35
CA ARG CB 513 -106.91 64.53 -65.21
C ARG CB 513 -107.95 65.64 -65.21
N HIS CB 514 -107.96 67.02 -65.96
CA HIS CB 514 -108.95 68.07 -66.17
C HIS CB 514 -109.74 67.89 -67.46
N ASN CB 515 -109.07 67.99 -68.61
CA ASN CB 515 -109.76 68.35 -69.85
C ASN CB 515 -109.99 67.17 -70.78
N THR CB 516 -110.33 66.00 -70.26
CA THR CB 516 -110.65 64.83 -71.06
C THR CB 516 -111.95 64.23 -70.54
N PRO CB 517 -112.64 63.43 -71.36
CA PRO CB 517 -113.84 62.74 -70.86
C PRO CB 517 -113.52 61.69 -69.81
N GLU CB 518 -114.58 61.21 -69.18
CA GLU CB 518 -114.43 60.21 -68.13
C GLU CB 518 -113.99 58.87 -68.71
N ASP CB 519 -114.85 58.27 -69.52
CA ASP CB 519 -114.46 57.10 -70.30
C ASP CB 519 -113.56 57.58 -71.42
N ALA CB 520 -112.46 56.88 -71.63
CA ALA CB 520 -111.49 57.36 -72.58
C ALA CB 520 -110.69 56.17 -73.13
N LYS CB 521 -109.61 56.50 -73.82
CA LYS CB 521 -108.55 55.57 -74.17
C LYS CB 521 -107.25 56.17 -73.69
N VAL CB 522 -106.39 55.35 -73.14
CA VAL CB 522 -104.98 55.70 -73.02
C VAL CB 522 -104.19 54.58 -73.67
N MET CB 523 -103.41 54.96 -74.68
CA MET CB 523 -102.50 54.07 -75.36
C MET CB 523 -101.30 54.86 -75.88
N SER CB 524 -100.08 54.46 -75.49
CA SER CB 524 -98.87 55.12 -75.97
C SER CB 524 -97.85 54.01 -76.18
N TRP CB 525 -97.40 53.48 -75.05
CA TRP CB 525 -96.52 52.33 -74.94
C TRP CB 525 -96.49 51.85 -73.49
N TRP CB 526 -96.07 50.59 -73.30
CA TRP CB 526 -96.45 49.87 -72.08
C TRP CB 526 -95.68 50.33 -70.86
N ASP CB 527 -94.44 50.80 -71.01
CA ASP CB 527 -93.64 51.13 -69.84
C ASP CB 527 -94.06 52.43 -69.17
N TYR CB 528 -95.04 53.16 -69.73
CA TYR CB 528 -95.67 54.28 -69.09
C TYR CB 528 -97.10 53.97 -68.67
N GLY CB 529 -97.43 52.69 -68.52
CA GLY CB 529 -98.84 52.32 -68.38
C GLY CB 529 -99.40 52.56 -66.99
N TYR CB 530 -98.58 52.41 -65.95
CA TYR CB 530 -99.07 52.61 -64.59
C TYR CB 530 -99.25 54.09 -64.29
N GLN CB 531 -98.26 54.91 -64.65
CA GLN CB 531 -98.26 56.34 -64.29
C GLN CB 531 -99.47 57.07 -64.85
N ILE CB 532 -99.85 56.76 -66.09
CA ILE CB 532 -101.10 57.27 -66.67
C ILE CB 532 -102.28 56.92 -65.78
N THR CB 533 -102.22 55.75 -64.97
CA THR CB 533 -103.22 55.45 -63.95
C THR CB 533 -102.87 56.05 -62.57
N ALA CB 534 -101.77 56.81 -62.44
CA ALA CB 534 -101.42 57.47 -61.19
C ALA CB 534 -102.38 58.59 -60.84
N MET CB 535 -102.34 59.70 -61.58
CA MET CB 535 -103.20 60.84 -61.29
C MET CB 535 -104.35 61.01 -62.26
N ALA CB 536 -104.36 60.29 -63.38
CA ALA CB 536 -105.32 60.61 -64.43
C ALA CB 536 -106.66 59.94 -64.24
N ASN CB 537 -106.70 58.77 -63.57
CA ASN CB 537 -107.89 57.91 -63.44
C ASN CB 537 -108.47 57.60 -64.82
N ARG CB 538 -107.61 57.15 -65.72
CA ARG CB 538 -108.00 56.96 -67.11
C ARG CB 538 -107.79 55.52 -67.55
N THR CB 539 -108.72 55.03 -68.35
CA THR CB 539 -108.79 53.63 -68.75
C THR CB 539 -107.79 53.40 -69.86
N ILE CB 540 -107.20 52.21 -69.91
CA ILE CB 540 -105.98 52.00 -70.66
C ILE CB 540 -106.01 50.64 -71.35
N LEU CB 541 -105.15 50.42 -72.33
CA LEU CB 541 -105.02 49.14 -72.99
C LEU CB 541 -103.86 48.31 -72.49
N VAL CB 542 -102.67 48.89 -72.39
CA VAL CB 542 -101.49 48.09 -72.06
C VAL CB 542 -100.90 48.54 -70.74
N ASP CB 543 -99.88 47.82 -70.30
CA ASP CB 543 -99.20 48.02 -69.04
C ASP CB 543 -97.95 47.15 -69.13
N ASN CB 544 -97.07 47.24 -68.11
CA ASN CB 544 -95.74 46.64 -68.17
C ASN CB 544 -95.80 45.13 -68.39
N ASN CB 545 -96.45 44.42 -67.50
CA ASN CB 545 -96.15 43.01 -67.30
C ASN CB 545 -96.69 42.13 -68.40
N THR CB 546 -96.07 41.49 -68.16
CA THR CB 546 -96.33 41.11 -69.55
C THR CB 546 -96.93 39.70 -69.63
N TRP CB 547 -98.12 39.53 -69.06
CA TRP CB 547 -98.70 38.19 -69.03
C TRP CB 547 -99.35 37.80 -70.35
N ASN CB 548 -99.89 38.75 -71.09
CA ASN CB 548 -100.39 38.49 -72.44
C ASN CB 548 -99.51 39.24 -73.42
N ASN CB 549 -98.71 38.50 -74.17
CA ASN CB 549 -97.76 39.11 -75.11
C ASN CB 549 -98.45 39.54 -76.40
N THR CB 550 -99.54 38.87 -76.78
CA THR CB 550 -100.24 39.21 -78.01
C THR CB 550 -100.93 40.55 -77.88
N HIS CB 551 -101.52 40.93 -77.23
CA HIS CB 551 -102.15 42.20 -76.90
C HIS CB 551 -101.17 43.36 -76.96
N ILE CB 552 -99.93 43.11 -76.57
CA ILE CB 552 -98.90 44.12 -76.72
C ILE CB 552 -98.37 44.14 -78.14
N SER CB 553 -98.41 42.99 -78.83
CA SER CB 553 -97.82 42.92 -80.17
C SER CB 553 -98.63 43.66 -81.22
N ARG CB 554 -99.94 43.85 -81.01
CA ARG CB 554 -100.65 44.66 -81.99
C ARG CB 554 -100.59 46.15 -81.66
N VAL CB 555 -99.85 46.54 -80.63
CA VAL CB 555 -99.55 47.95 -80.47
C VAL CB 555 -98.42 48.35 -81.40
N GLY CB 556 -97.59 47.38 -81.79
CA GLY CB 556 -96.60 47.62 -82.81
C GLY CB 556 -97.19 47.90 -84.17
N GLN CB 557 -98.33 47.28 -84.48
CA GLN CB 557 -99.04 47.69 -85.68
C GLN CB 557 -99.93 48.89 -85.42
N ALA CB 558 -100.07 49.31 -84.17
CA ALA CB 558 -100.64 50.62 -83.90
C ALA CB 558 -99.60 51.71 -84.03
N MET CB 559 -98.34 51.39 -83.77
CA MET CB 559 -97.22 52.27 -84.09
C MET CB 559 -96.50 51.76 -85.35
N ALA CB 560 -97.16 51.89 -86.49
CA ALA CB 560 -96.77 51.17 -87.69
C ALA CB 560 -96.31 52.11 -88.79
N SER CB 561 -96.16 51.54 -89.99
CA SER CB 561 -95.82 52.32 -91.18
C SER CB 561 -97.07 52.89 -91.84
N THR CB 562 -97.98 52.02 -92.25
CA THR CB 562 -99.21 52.41 -92.90
C THR CB 562 -100.17 53.03 -91.90
N GLU CB 563 -100.42 54.34 -92.06
CA GLU CB 563 -101.38 55.03 -91.23
C GLU CB 563 -102.79 54.55 -91.49
N GLU CB 564 -103.08 54.11 -92.72
CA GLU CB 564 -104.41 53.64 -93.08
C GLU CB 564 -104.75 52.34 -92.36
N LYS CB 565 -103.77 51.46 -92.14
CA LYS CB 565 -104.00 50.24 -91.41
C LYS CB 565 -103.84 50.40 -89.92
N ALA CB 566 -102.86 51.22 -89.50
CA ALA CB 566 -102.64 51.46 -88.08
C ALA CB 566 -103.84 52.16 -87.47
N TYR CB 567 -104.38 53.17 -88.17
CA TYR CB 567 -105.58 53.84 -87.69
C TYR CB 567 -106.80 52.95 -87.76
N GLU CB 568 -106.78 51.94 -88.63
CA GLU CB 568 -107.87 50.98 -88.62
C GLU CB 568 -107.77 50.06 -87.40
N ILE CB 569 -106.55 49.67 -87.03
CA ILE CB 569 -106.36 48.89 -85.80
C ILE CB 569 -106.72 49.72 -84.58
N MET CB 570 -106.46 51.02 -84.66
CA MET CB 570 -106.93 51.95 -83.65
C MET CB 570 -108.44 51.94 -83.56
N ARG CB 571 -109.12 52.17 -84.69
CA ARG CB 571 -110.57 52.19 -84.80
C ARG CB 571 -111.19 50.85 -84.39
N GLU CB 572 -110.42 49.77 -84.48
CA GLU CB 572 -110.82 48.50 -83.88
C GLU CB 572 -110.89 48.60 -82.36
N LEU CB 573 -110.00 49.36 -81.74
CA LEU CB 573 -109.77 49.24 -80.32
C LEU CB 573 -110.19 50.47 -79.52
N ASP CB 574 -111.27 51.15 -79.96
CA ASP CB 574 -112.02 52.11 -79.17
C ASP CB 574 -111.18 53.31 -78.72
N VAL CB 575 -110.79 54.10 -79.70
CA VAL CB 575 -109.82 55.16 -79.48
C VAL CB 575 -110.47 56.45 -79.00
N SER CB 576 -109.76 57.16 -78.14
CA SER CB 576 -110.08 58.55 -77.85
C SER CB 576 -108.82 59.41 -77.82
N TYR CB 577 -107.69 58.83 -77.43
CA TYR CB 577 -106.49 59.63 -77.17
C TYR CB 577 -105.25 58.76 -77.35
N VAL CB 578 -104.20 59.33 -77.95
CA VAL CB 578 -102.92 58.64 -78.12
C VAL CB 578 -101.81 59.54 -77.56
N LEU CB 579 -100.82 58.92 -76.91
CA LEU CB 579 -99.64 59.65 -76.42
C LEU CB 579 -98.38 59.04 -76.99
N VAL CB 580 -97.36 59.89 -77.15
CA VAL CB 580 -95.96 59.49 -77.34
C VAL CB 580 -95.09 60.51 -76.62
N ILE CB 581 -93.84 60.13 -76.35
CA ILE CB 581 -92.90 61.00 -75.64
C ILE CB 581 -91.74 61.35 -76.56
N PHE CB 582 -91.27 62.59 -76.48
CA PHE CB 582 -90.04 63.00 -77.14
C PHE CB 582 -88.83 62.91 -76.23
N GLY CB 583 -87.65 62.99 -76.85
CA GLY CB 583 -86.41 63.20 -76.16
C GLY CB 583 -85.44 63.97 -77.02
N GLY CB 584 -85.93 64.49 -78.16
CA GLY CB 584 -85.12 64.92 -79.29
C GLY CB 584 -84.14 66.03 -79.04
N LEU CB 585 -84.55 67.10 -78.37
CA LEU CB 585 -83.76 68.32 -78.33
C LEU CB 585 -82.97 68.48 -77.04
N THR CB 586 -83.00 67.49 -76.14
CA THR CB 586 -82.07 67.39 -75.02
C THR CB 586 -81.44 66.02 -74.88
N GLY CB 587 -81.92 65.02 -75.61
CA GLY CB 587 -81.18 63.78 -75.77
C GLY CB 587 -81.41 62.69 -74.74
N TYR CB 588 -80.90 62.89 -73.53
CA TYR CB 588 -80.76 61.79 -72.57
C TYR CB 588 -82.07 61.35 -71.92
N SER CB 589 -83.20 61.94 -72.29
CA SER CB 589 -84.47 61.33 -71.95
C SER CB 589 -84.76 60.19 -72.91
N SER CB 590 -85.64 59.29 -72.50
CA SER CB 590 -86.01 58.16 -73.35
C SER CB 590 -86.85 58.68 -74.51
N ASP CB 591 -88.36 56.95 -74.13
CA ASP CB 591 -89.48 57.19 -75.02
C ASP CB 591 -89.58 56.08 -76.06
N ASP CB 592 -90.59 56.17 -76.92
CA ASP CB 592 -90.79 55.14 -77.93
C ASP CB 592 -90.07 55.48 -79.23
N ILE CB 593 -88.80 55.89 -79.18
CA ILE CB 593 -88.10 56.09 -80.44
C ILE CB 593 -86.73 55.43 -80.33
N ASN CB 594 -86.32 55.08 -79.10
CA ASN CB 594 -85.09 54.33 -78.92
C ASN CB 594 -85.33 52.91 -78.44
N LYS CB 595 -86.53 52.61 -77.93
CA LYS CB 595 -87.06 51.26 -77.93
C LYS CB 595 -87.85 50.97 -79.19
N PHE CB 596 -87.62 51.74 -80.24
CA PHE CB 596 -88.28 51.56 -81.52
C PHE CB 596 -87.70 50.39 -82.30
N LEU CB 597 -86.44 50.09 -82.04
CA LEU CB 597 -85.84 48.94 -82.65
C LEU CB 597 -86.63 47.76 -82.11
N TRP CB 598 -86.99 47.82 -80.83
CA TRP CB 598 -87.74 46.73 -80.21
C TRP CB 598 -89.07 46.59 -80.93
N MET CB 599 -89.73 47.70 -81.19
CA MET CB 599 -90.98 47.68 -81.91
C MET CB 599 -90.76 47.17 -83.33
N VAL CB 600 -89.65 47.59 -83.93
CA VAL CB 600 -89.32 47.17 -85.28
C VAL CB 600 -89.21 45.67 -85.37
N ARG CB 601 -88.60 45.00 -84.39
CA ARG CB 601 -88.51 43.55 -84.49
C ARG CB 601 -89.58 42.77 -83.72
N ILE CB 602 -90.50 43.50 -83.08
CA ILE CB 602 -91.58 42.85 -82.35
C ILE CB 602 -92.39 42.21 -83.46
N GLY CB 603 -92.78 40.96 -83.28
CA GLY CB 603 -93.47 40.30 -84.38
C GLY CB 603 -94.37 39.19 -83.87
N GLY CB 604 -95.65 39.29 -84.20
CA GLY CB 604 -96.64 38.33 -83.74
C GLY CB 604 -98.02 38.68 -84.24
N SER CB 605 -98.77 37.63 -84.63
CA SER CB 605 -100.09 37.75 -85.28
C SER CB 605 -100.03 38.68 -86.49
N THR CB 606 -98.94 38.58 -87.24
CA THR CB 606 -98.70 39.48 -88.34
C THR CB 606 -98.14 38.72 -89.53
N ASP CB 607 -98.42 39.28 -90.69
CA ASP CB 607 -97.89 38.79 -91.95
C ASP CB 607 -97.38 39.91 -92.83
N THR CB 608 -97.88 41.13 -92.67
CA THR CB 608 -97.58 42.22 -93.59
C THR CB 608 -96.77 43.27 -92.86
N GLY CB 609 -95.65 43.66 -93.44
CA GLY CB 609 -94.81 44.69 -92.85
C GLY CB 609 -94.06 44.14 -91.67
N LYS CB 610 -94.77 43.97 -90.55
CA LYS CB 610 -94.18 43.53 -89.29
C LYS CB 610 -93.68 42.09 -89.34
N HIS CB 611 -93.90 41.38 -90.42
CA HIS CB 611 -93.18 40.14 -90.67
C HIS CB 611 -91.68 40.41 -90.79
N ILE CB 612 -91.29 41.30 -91.69
CA ILE CB 612 -89.89 41.44 -92.10
C ILE CB 612 -89.27 42.54 -91.25
N LYS CB 613 -88.26 42.15 -90.45
CA LYS CB 613 -87.67 42.98 -89.39
C LYS CB 613 -87.05 44.28 -89.91
N GLU CB 614 -86.65 44.32 -91.17
CA GLU CB 614 -86.06 45.53 -91.72
C GLU CB 614 -87.12 46.62 -91.89
N HIS CB 615 -88.19 46.29 -92.60
CA HIS CB 615 -89.38 47.08 -92.97
C HIS CB 615 -88.99 48.23 -93.89
N ASP CB 616 -88.01 49.05 -93.51
CA ASP CB 616 -87.54 50.16 -94.32
C ASP CB 616 -86.20 50.64 -93.80
N TYR CB 617 -85.99 50.43 -92.49
CA TYR CB 617 -85.39 51.46 -91.64
C TYR CB 617 -83.89 51.63 -91.77
N TYR CB 618 -83.30 51.02 -92.78
CA TYR CB 618 -81.87 51.07 -92.93
C TYR CB 618 -81.63 51.82 -94.22
N THR CB 619 -80.43 52.37 -94.38
CA THR CB 619 -79.93 52.59 -95.73
C THR CB 619 -79.86 51.22 -96.38
N PRO CB 620 -80.25 51.08 -97.65
CA PRO CB 620 -80.52 49.74 -98.20
C PRO CB 620 -79.31 48.81 -98.30
N THR CB 621 -78.12 49.29 -97.99
CA THR CB 621 -77.00 48.42 -97.68
C THR CB 621 -77.08 47.87 -96.27
N GLY CB 622 -77.94 48.43 -95.40
CA GLY CB 622 -78.08 47.90 -94.05
C GLY CB 622 -77.54 48.76 -92.93
N GLU CB 623 -77.70 50.08 -93.01
CA GLU CB 623 -77.30 50.96 -91.91
C GLU CB 623 -78.38 52.00 -91.65
N PHE CB 624 -78.58 52.31 -90.37
CA PHE CB 624 -79.65 53.19 -89.93
C PHE CB 624 -79.38 54.63 -90.33
N ARG CB 625 -80.29 55.21 -91.12
CA ARG CB 625 -80.47 56.64 -91.23
C ARG CB 625 -81.96 56.98 -91.26
N VAL CB 626 -82.28 58.20 -90.86
CA VAL CB 626 -83.68 58.60 -90.65
C VAL CB 626 -83.98 59.84 -91.47
N ASP CB 627 -82.96 60.65 -91.74
CA ASP CB 627 -83.09 61.98 -92.31
C ASP CB 627 -83.39 61.98 -93.80
N ARG CB 628 -83.11 63.10 -94.46
CA ARG CB 628 -83.07 63.14 -95.92
C ARG CB 628 -82.24 62.01 -96.52
N GLU CB 629 -81.12 61.67 -95.88
CA GLU CB 629 -80.35 60.48 -96.22
C GLU CB 629 -80.92 59.21 -95.60
N GLY CB 630 -82.08 59.29 -94.95
CA GLY CB 630 -82.72 58.12 -94.41
C GLY CB 630 -83.59 57.40 -95.42
N SER CB 631 -84.61 56.76 -94.90
CA SER CB 631 -85.37 55.83 -95.71
C SER CB 631 -86.84 56.25 -95.78
N PRO CB 632 -87.45 56.18 -96.97
CA PRO CB 632 -88.71 56.91 -97.20
C PRO CB 632 -89.96 56.25 -96.63
N VAL CB 633 -89.99 54.95 -96.38
CA VAL CB 633 -91.19 54.42 -95.73
C VAL CB 633 -91.15 54.76 -94.25
N LEU CB 634 -89.95 54.96 -93.70
CA LEU CB 634 -89.83 55.58 -92.38
C LEU CB 634 -90.33 57.03 -92.41
N LEU CB 635 -90.08 57.75 -93.51
CA LEU CB 635 -90.74 59.04 -93.73
C LEU CB 635 -92.25 58.90 -93.78
N ASN CB 636 -92.75 57.78 -94.33
CA ASN CB 636 -94.18 57.50 -94.32
C ASN CB 636 -94.62 56.67 -93.13
N CYS CB 637 -93.69 56.24 -92.28
CA CYS CB 637 -94.07 55.61 -91.02
C CYS CB 637 -94.74 56.60 -90.09
N LEU CB 638 -95.29 56.06 -89.00
CA LEU CB 638 -95.87 56.94 -88.00
C LEU CB 638 -94.80 57.75 -87.30
N MET CB 639 -93.89 57.09 -86.58
CA MET CB 639 -93.13 57.72 -85.50
C MET CB 639 -92.25 58.90 -85.97
N TYR CB 640 -91.96 58.98 -87.26
CA TYR CB 640 -91.32 60.12 -87.87
C TYR CB 640 -92.33 61.22 -88.24
N LYS CB 641 -93.62 60.95 -88.16
CA LYS CB 641 -94.63 61.99 -88.38
C LYS CB 641 -95.58 61.98 -87.20
N MET CB 642 -95.71 60.82 -86.54
CA MET CB 642 -96.47 60.71 -85.30
C MET CB 642 -95.94 61.69 -84.29
N CYS CB 643 -94.64 61.63 -84.04
CA CYS CB 643 -93.97 62.61 -83.22
C CYS CB 643 -93.91 63.96 -83.92
N TYR CB 644 -93.29 64.00 -85.10
CA TYR CB 644 -92.85 65.24 -85.70
C TYR CB 644 -94.02 65.97 -86.36
N TYR CB 645 -94.47 67.05 -85.73
CA TYR CB 645 -95.24 68.06 -86.40
C TYR CB 645 -94.66 69.42 -86.07
N ARG CB 646 -94.53 70.27 -87.10
CA ARG CB 646 -94.11 71.66 -86.99
C ARG CB 646 -92.70 71.82 -86.42
N PHE CB 647 -91.88 70.78 -86.44
CA PHE CB 647 -90.53 70.91 -85.90
C PHE CB 647 -89.52 71.44 -86.89
N GLY CB 648 -89.83 71.43 -88.18
CA GLY CB 648 -89.05 72.26 -89.09
C GLY CB 648 -89.20 73.73 -88.80
N GLN CB 649 -90.33 74.12 -88.22
CA GLN CB 649 -90.73 75.51 -88.09
C GLN CB 649 -90.28 76.14 -86.78
N VAL CB 650 -89.70 75.36 -85.86
CA VAL CB 650 -89.43 75.88 -84.52
C VAL CB 650 -87.94 75.89 -84.20
N TYR CB 651 -87.31 74.73 -84.22
CA TYR CB 651 -85.88 74.78 -83.91
C TYR CB 651 -85.08 75.03 -85.17
N THR CB 652 -83.86 75.55 -84.97
CA THR CB 652 -82.95 75.90 -86.04
C THR CB 652 -81.67 75.08 -85.94
N GLU CB 653 -80.73 75.37 -86.84
CA GLU CB 653 -79.32 74.98 -86.75
C GLU CB 653 -79.09 73.49 -86.86
N ALA CB 654 -80.07 72.73 -87.39
CA ALA CB 654 -79.97 71.31 -87.72
C ALA CB 654 -79.64 70.44 -86.50
N LYS CB 655 -80.67 70.25 -85.65
CA LYS CB 655 -80.60 69.47 -84.43
C LYS CB 655 -81.82 68.54 -84.36
N ASP CB 661 -82.28 68.14 -83.14
CA ASP CB 661 -82.72 66.82 -82.66
C ASP CB 661 -81.57 65.93 -82.23
N ARG CB 662 -80.92 66.37 -81.15
CA ARG CB 662 -79.72 65.83 -80.48
C ARG CB 662 -79.66 64.32 -80.32
N VAL CB 663 -80.81 63.64 -80.26
CA VAL CB 663 -80.82 62.19 -80.29
C VAL CB 663 -80.26 61.68 -81.61
N ARG CB 664 -80.78 62.20 -82.70
CA ARG CB 664 -80.28 61.84 -84.02
C ARG CB 664 -79.29 62.85 -84.57
N ASN CB 665 -79.20 64.03 -83.94
CA ASN CB 665 -78.57 65.22 -84.52
C ASN CB 665 -79.16 65.49 -85.91
N ALA CB 666 -80.49 65.41 -85.98
CA ALA CB 666 -81.22 65.36 -87.23
C ALA CB 666 -81.33 66.76 -87.83
N GLU CB 667 -82.25 66.96 -88.75
CA GLU CB 667 -82.36 68.23 -89.43
C GLU CB 667 -83.82 68.64 -89.58
N ILE CB 668 -84.02 69.96 -89.62
CA ILE CB 668 -85.26 70.55 -90.09
C ILE CB 668 -85.32 70.32 -91.60
N GLY CB 669 -86.52 70.37 -92.17
CA GLY CB 669 -86.59 70.34 -93.62
C GLY CB 669 -87.70 69.50 -94.19
N ASN CB 670 -88.16 68.52 -93.44
CA ASN CB 670 -89.34 67.80 -93.89
C ASN CB 670 -90.57 68.69 -93.74
N LYS CB 671 -91.51 68.55 -94.69
CA LYS CB 671 -92.79 69.22 -94.60
C LYS CB 671 -93.51 68.68 -93.38
N ASP CB 672 -93.80 67.37 -93.42
CA ASP CB 672 -93.91 66.54 -92.22
C ASP CB 672 -95.14 66.84 -91.37
N PHE CB 673 -95.94 67.83 -91.76
CA PHE CB 673 -97.15 68.16 -91.03
C PHE CB 673 -98.31 67.58 -91.81
N GLU CB 674 -98.76 66.40 -91.39
CA GLU CB 674 -99.83 65.72 -92.12
C GLU CB 674 -100.57 64.82 -91.13
N LEU CB 675 -101.55 65.40 -90.43
CA LEU CB 675 -102.42 64.67 -89.51
C LEU CB 675 -103.58 64.09 -90.31
N ASP CB 676 -103.32 62.94 -90.94
CA ASP CB 676 -104.31 62.32 -91.80
C ASP CB 676 -105.49 61.81 -91.00
N VAL CB 677 -105.25 61.30 -89.81
CA VAL CB 677 -106.29 60.65 -89.04
C VAL CB 677 -106.48 61.23 -87.65
N LEU CB 678 -105.69 62.24 -87.24
CA LEU CB 678 -105.79 62.76 -85.88
C LEU CB 678 -105.81 64.29 -85.86
N GLU CB 679 -105.82 64.87 -84.65
CA GLU CB 679 -105.45 66.26 -84.45
C GLU CB 679 -104.53 66.36 -83.23
N GLU CB 680 -103.94 67.53 -83.03
CA GLU CB 680 -103.16 67.75 -81.83
C GLU CB 680 -104.12 67.94 -80.67
N ALA CB 681 -103.68 67.55 -79.48
CA ALA CB 681 -104.47 67.86 -78.29
C ALA CB 681 -103.68 68.70 -77.31
N TYR CB 682 -102.35 68.64 -77.38
CA TYR CB 682 -101.57 69.48 -76.49
C TYR CB 682 -100.32 70.02 -77.17
N THR CB 683 -100.36 71.33 -77.47
CA THR CB 683 -99.18 72.09 -77.88
C THR CB 683 -98.29 72.27 -76.66
N THR CB 684 -97.01 71.98 -76.83
CA THR CB 684 -96.18 71.57 -75.71
C THR CB 684 -95.47 72.76 -75.06
N GLU CB 685 -95.17 72.63 -73.77
CA GLU CB 685 -94.36 73.63 -73.10
C GLU CB 685 -92.88 73.40 -73.34
N HIS CB 686 -92.42 72.16 -73.18
CA HIS CB 686 -91.04 71.83 -73.45
C HIS CB 686 -90.92 70.63 -74.37
N TRP CB 687 -91.63 70.68 -75.51
CA TRP CB 687 -91.67 69.64 -76.56
C TRP CB 687 -91.88 68.23 -75.99
N LEU CB 688 -92.65 68.15 -74.91
CA LEU CB 688 -92.55 67.01 -74.02
C LEU CB 688 -93.34 65.81 -74.55
N VAL CB 689 -94.66 65.96 -74.66
CA VAL CB 689 -95.57 64.91 -75.13
C VAL CB 689 -96.63 65.58 -75.99
N ARG CB 690 -96.74 65.16 -77.23
CA ARG CB 690 -97.84 65.61 -78.08
C ARG CB 690 -99.03 64.69 -77.89
N ILE CB 691 -100.03 65.19 -77.18
CA ILE CB 691 -101.27 64.47 -76.95
C ILE CB 691 -102.09 64.52 -78.23
N TYR CB 692 -102.74 63.42 -78.59
CA TYR CB 692 -103.34 63.27 -79.91
C TYR CB 692 -104.85 63.20 -79.81
N LYS CB 693 -105.48 64.29 -80.20
CA LYS CB 693 -106.91 64.39 -80.43
C LYS CB 693 -107.25 63.42 -81.55
N VAL CB 694 -107.80 62.26 -81.19
CA VAL CB 694 -108.00 61.21 -82.18
C VAL CB 694 -109.23 61.55 -83.01
N LYS CB 695 -109.02 61.81 -84.30
CA LYS CB 695 -110.04 62.28 -85.22
C LYS CB 695 -110.72 61.09 -85.89
N ASP CB 696 -112.01 61.25 -86.15
CA ASP CB 696 -112.78 60.33 -86.98
C ASP CB 696 -112.16 60.21 -88.37
N UNK DB 1 -84.86 -17.28 -44.78
CA UNK DB 1 -83.54 -17.00 -44.21
C UNK DB 1 -83.42 -15.53 -43.80
N UNK DB 2 -83.79 -14.65 -44.71
CA UNK DB 2 -83.83 -13.23 -44.39
C UNK DB 2 -85.15 -12.87 -43.73
N UNK DB 3 -86.26 -13.38 -44.29
CA UNK DB 3 -87.60 -12.96 -43.86
C UNK DB 3 -87.92 -13.45 -42.47
N UNK DB 4 -87.31 -14.56 -42.06
CA UNK DB 4 -87.39 -14.98 -40.67
C UNK DB 4 -86.75 -13.93 -39.76
N UNK DB 5 -85.63 -13.38 -40.20
CA UNK DB 5 -84.96 -12.36 -39.39
C UNK DB 5 -85.68 -11.03 -39.53
N UNK DB 6 -86.45 -10.86 -40.61
CA UNK DB 6 -87.31 -9.68 -40.76
C UNK DB 6 -88.43 -9.72 -39.74
N UNK DB 7 -89.08 -10.87 -39.59
CA UNK DB 7 -90.06 -11.04 -38.52
C UNK DB 7 -89.41 -10.94 -37.15
N UNK DB 8 -88.16 -11.38 -37.03
CA UNK DB 8 -87.42 -11.25 -35.78
C UNK DB 8 -87.18 -9.78 -35.43
N UNK DB 9 -86.76 -8.99 -36.40
CA UNK DB 9 -86.44 -7.60 -36.10
C UNK DB 9 -87.72 -6.77 -35.98
N UNK DB 10 -88.78 -7.23 -36.62
CA UNK DB 10 -90.12 -6.73 -36.31
C UNK DB 10 -90.48 -7.03 -34.86
N UNK DB 11 -90.10 -8.21 -34.37
CA UNK DB 11 -90.38 -8.55 -32.99
C UNK DB 11 -89.47 -7.77 -32.05
N UNK DB 12 -88.28 -7.39 -32.50
CA UNK DB 12 -87.43 -6.54 -31.70
C UNK DB 12 -87.96 -5.11 -31.67
N UNK DB 13 -88.58 -4.69 -32.77
CA UNK DB 13 -89.34 -3.45 -32.78
C UNK DB 13 -90.48 -3.49 -31.78
N UNK DB 14 -91.19 -4.62 -31.72
CA UNK DB 14 -92.24 -4.78 -30.72
C UNK DB 14 -91.65 -4.89 -29.32
N UNK DB 15 -90.40 -5.30 -29.21
CA UNK DB 15 -89.69 -5.30 -27.94
C UNK DB 15 -89.37 -3.87 -27.55
N UNK DB 16 -89.28 -2.99 -28.55
CA UNK DB 16 -88.98 -1.59 -28.34
C UNK DB 16 -90.22 -0.70 -28.38
N UNK DB 17 -91.30 -1.11 -27.72
CA UNK DB 17 -92.59 -0.43 -27.89
C UNK DB 17 -92.78 0.88 -27.09
N UNK DB 18 -92.14 1.10 -25.92
CA UNK DB 18 -92.89 1.47 -24.71
C UNK DB 18 -93.71 2.76 -24.79
N UNK DB 19 -94.53 2.91 -23.74
CA UNK DB 19 -95.84 3.59 -23.64
C UNK DB 19 -95.95 4.84 -24.52
N UNK DB 20 -95.04 5.79 -24.42
CA UNK DB 20 -95.15 6.98 -25.26
C UNK DB 20 -94.88 6.64 -26.71
N UNK DB 21 -93.91 5.77 -26.97
CA UNK DB 21 -93.61 5.38 -28.34
C UNK DB 21 -94.70 4.49 -28.90
N UNK DB 22 -95.31 3.68 -28.02
CA UNK DB 22 -96.55 2.97 -28.32
C UNK DB 22 -97.63 3.92 -28.81
N UNK DB 23 -97.84 5.02 -28.08
CA UNK DB 23 -98.81 6.04 -28.47
C UNK DB 23 -98.45 6.66 -29.81
N UNK DB 24 -97.16 6.93 -30.03
CA UNK DB 24 -96.78 7.70 -31.21
C UNK DB 24 -96.87 6.86 -32.48
N UNK DB 25 -96.34 5.64 -32.47
CA UNK DB 25 -96.42 4.85 -33.68
C UNK DB 25 -97.84 4.33 -33.90
N UNK DB 26 -98.63 4.25 -32.81
CA UNK DB 26 -100.06 4.08 -32.94
C UNK DB 26 -100.65 5.17 -33.81
N UNK DB 27 -100.52 6.45 -33.37
CA UNK DB 27 -100.97 7.63 -34.10
C UNK DB 27 -100.58 7.58 -35.56
N UNK DB 28 -99.29 7.32 -35.78
CA UNK DB 28 -98.69 7.30 -37.11
C UNK DB 28 -99.37 6.29 -38.00
N UNK DB 29 -99.53 5.05 -37.54
CA UNK DB 29 -100.11 4.02 -38.39
C UNK DB 29 -101.58 4.30 -38.68
N UNK DB 30 -102.28 4.92 -37.72
CA UNK DB 30 -103.68 5.29 -37.91
C UNK DB 30 -103.85 6.23 -39.09
N UNK DB 31 -103.12 7.34 -39.07
CA UNK DB 31 -103.41 8.32 -40.10
C UNK DB 31 -102.48 8.13 -41.30
N UNK DB 32 -101.53 7.19 -41.19
CA UNK DB 32 -100.96 6.60 -42.39
C UNK DB 32 -102.01 5.87 -43.21
N UNK DB 33 -102.84 5.06 -42.54
CA UNK DB 33 -103.96 4.42 -43.24
C UNK DB 33 -104.92 5.45 -43.81
N UNK DB 34 -105.20 6.49 -43.02
CA UNK DB 34 -106.10 7.57 -43.47
C UNK DB 34 -105.57 8.23 -44.74
N UNK DB 35 -104.31 8.63 -44.74
CA UNK DB 35 -103.76 9.33 -45.90
C UNK DB 35 -103.53 8.43 -47.08
N UNK DB 36 -103.27 7.14 -46.84
CA UNK DB 36 -103.18 6.19 -47.94
C UNK DB 36 -104.52 6.08 -48.66
N UNK DB 37 -105.62 6.06 -47.91
CA UNK DB 37 -106.94 6.07 -48.54
C UNK DB 37 -107.23 7.40 -49.22
N UNK DB 38 -106.70 8.50 -48.67
CA UNK DB 38 -106.88 9.80 -49.30
C UNK DB 38 -106.18 9.86 -50.65
N UNK DB 39 -105.00 9.25 -50.74
CA UNK DB 39 -104.34 9.11 -52.03
C UNK DB 39 -105.12 8.15 -52.93
N UNK DB 40 -105.78 7.16 -52.34
CA UNK DB 40 -106.51 6.20 -53.14
C UNK DB 40 -107.75 6.76 -53.78
N UNK DB 41 -108.34 7.80 -53.20
CA UNK DB 41 -109.61 8.28 -53.76
C UNK DB 41 -109.43 9.05 -55.06
N UNK DB 42 -108.32 9.76 -55.23
CA UNK DB 42 -108.05 10.31 -56.56
C UNK DB 42 -107.29 9.32 -57.44
N UNK DB 43 -107.02 8.14 -56.94
CA UNK DB 43 -106.83 7.00 -57.84
C UNK DB 43 -108.16 6.41 -58.23
N UNK DB 44 -110.02 19.49 -56.71
CA UNK DB 44 -108.56 19.57 -56.65
C UNK DB 44 -108.04 20.63 -55.66
N UNK DB 45 -108.92 21.45 -55.08
CA UNK DB 45 -108.47 22.59 -54.29
C UNK DB 45 -108.74 22.39 -52.81
N UNK DB 46 -109.89 21.82 -52.48
CA UNK DB 46 -110.11 21.42 -51.09
C UNK DB 46 -109.64 19.99 -50.86
N UNK DB 47 -109.49 19.22 -51.94
CA UNK DB 47 -109.17 17.82 -51.75
C UNK DB 47 -107.67 17.62 -51.54
N UNK DB 48 -106.89 18.08 -52.51
CA UNK DB 48 -105.46 17.76 -52.51
C UNK DB 48 -104.76 18.54 -51.42
N UNK DB 49 -105.31 19.71 -51.09
CA UNK DB 49 -104.91 20.42 -49.87
C UNK DB 49 -105.16 19.56 -48.64
N UNK DB 50 -106.27 18.83 -48.64
CA UNK DB 50 -106.55 17.92 -47.54
C UNK DB 50 -105.55 16.80 -47.45
N UNK DB 51 -105.23 16.19 -48.60
CA UNK DB 51 -104.27 15.08 -48.63
C UNK DB 51 -102.90 15.50 -48.14
N UNK DB 52 -102.37 16.58 -48.72
CA UNK DB 52 -101.04 17.07 -48.36
C UNK DB 52 -101.01 17.47 -46.90
N UNK DB 53 -102.07 18.15 -46.45
CA UNK DB 53 -102.13 18.64 -45.08
C UNK DB 53 -102.10 17.50 -44.08
N UNK DB 54 -103.00 16.53 -44.27
CA UNK DB 54 -103.08 15.38 -43.37
C UNK DB 54 -101.77 14.60 -43.34
N UNK DB 55 -101.31 14.13 -44.51
CA UNK DB 55 -100.18 13.21 -44.56
C UNK DB 55 -98.92 13.89 -44.06
N UNK DB 56 -98.59 15.04 -44.65
CA UNK DB 56 -97.35 15.70 -44.31
C UNK DB 56 -97.34 16.22 -42.88
N UNK DB 57 -98.43 16.90 -42.47
CA UNK DB 57 -98.48 17.49 -41.14
C UNK DB 57 -98.47 16.43 -40.08
N UNK DB 58 -99.07 15.27 -40.36
CA UNK DB 58 -99.18 14.29 -39.30
C UNK DB 58 -97.93 13.44 -39.20
N UNK DB 59 -97.36 13.02 -40.34
CA UNK DB 59 -96.10 12.28 -40.29
C UNK DB 59 -94.99 13.17 -39.72
N UNK DB 60 -95.02 14.44 -40.11
CA UNK DB 60 -94.27 15.51 -39.47
C UNK DB 60 -94.44 15.49 -37.96
N UNK DB 61 -95.69 15.58 -37.49
CA UNK DB 61 -95.96 15.74 -36.07
C UNK DB 61 -95.50 14.53 -35.28
N UNK DB 62 -95.76 13.34 -35.83
CA UNK DB 62 -95.42 12.13 -35.13
C UNK DB 62 -93.91 11.91 -35.05
N UNK DB 63 -93.20 12.14 -36.15
CA UNK DB 63 -91.78 11.82 -36.10
C UNK DB 63 -91.00 12.92 -35.39
N UNK DB 64 -91.46 14.17 -35.51
CA UNK DB 64 -90.89 15.23 -34.71
C UNK DB 64 -91.11 15.00 -33.23
N UNK DB 65 -92.26 14.46 -32.88
CA UNK DB 65 -92.51 14.06 -31.50
C UNK DB 65 -91.61 12.92 -31.08
N UNK DB 66 -91.44 11.94 -31.97
CA UNK DB 66 -90.66 10.75 -31.68
C UNK DB 66 -89.22 11.10 -31.37
N UNK DB 67 -88.68 12.11 -32.05
CA UNK DB 67 -87.24 12.32 -31.93
C UNK DB 67 -86.92 13.52 -31.05
N UNK DB 68 -87.88 14.42 -30.86
CA UNK DB 68 -87.65 15.46 -29.86
C UNK DB 68 -87.92 14.90 -28.47
N UNK DB 69 -88.89 14.01 -28.35
CA UNK DB 69 -89.50 13.68 -27.08
C UNK DB 69 -89.04 12.36 -26.49
N UNK DB 70 -88.18 11.64 -27.18
CA UNK DB 70 -87.68 10.37 -26.65
C UNK DB 70 -86.58 10.62 -25.64
N UNK DB 71 -85.83 9.57 -25.33
CA UNK DB 71 -84.56 9.78 -24.64
C UNK DB 71 -83.40 9.78 -25.63
N UNK DB 72 -83.39 8.87 -26.64
CA UNK DB 72 -82.12 8.30 -27.21
C UNK DB 72 -81.39 9.33 -28.09
N UNK DB 73 -81.13 10.49 -27.48
CA UNK DB 73 -81.06 11.77 -28.15
C UNK DB 73 -80.38 12.71 -27.17
N UNK DB 74 -87.58 18.19 -22.46
CA UNK DB 74 -88.97 17.87 -22.73
C UNK DB 74 -89.89 18.54 -21.72
N UNK DB 75 -91.19 18.54 -22.05
CA UNK DB 75 -92.33 19.24 -21.42
C UNK DB 75 -92.31 20.75 -21.71
N UNK DB 76 -91.22 21.25 -22.29
CA UNK DB 76 -91.31 22.30 -23.30
C UNK DB 76 -91.58 21.69 -24.64
N UNK DB 77 -91.65 20.37 -24.68
CA UNK DB 77 -91.79 19.61 -25.90
C UNK DB 77 -93.15 19.77 -26.53
N UNK DB 78 -94.23 19.43 -25.83
CA UNK DB 78 -95.58 19.47 -26.42
C UNK DB 78 -96.02 20.86 -26.86
N UNK DB 79 -95.40 21.91 -26.31
CA UNK DB 79 -95.63 23.29 -26.73
C UNK DB 79 -95.39 23.44 -28.22
N UNK DB 80 -94.35 22.79 -28.72
CA UNK DB 80 -94.08 22.73 -30.15
C UNK DB 80 -95.25 22.13 -30.91
N UNK DB 81 -95.80 21.00 -30.45
CA UNK DB 81 -96.90 20.39 -31.18
C UNK DB 81 -98.18 21.20 -31.03
N UNK DB 82 -98.34 21.93 -29.93
CA UNK DB 82 -99.45 22.89 -29.83
C UNK DB 82 -99.36 23.93 -30.93
N UNK DB 83 -98.31 24.74 -30.90
CA UNK DB 83 -98.27 25.88 -31.80
C UNK DB 83 -97.73 25.47 -33.17
N UNK DB 84 -97.58 24.18 -33.41
CA UNK DB 84 -97.18 23.73 -34.74
C UNK DB 84 -98.16 22.70 -35.28
N UNK DB 85 -99.19 22.38 -34.52
CA UNK DB 85 -100.29 21.62 -35.08
C UNK DB 85 -101.49 22.52 -35.25
N UNK DB 86 -101.54 23.59 -34.50
CA UNK DB 86 -102.63 24.53 -34.69
C UNK DB 86 -102.58 25.28 -36.03
N UNK DB 87 -101.44 25.68 -36.60
CA UNK DB 87 -101.51 26.22 -37.97
C UNK DB 87 -101.80 25.18 -39.04
N UNK DB 88 -101.31 23.92 -39.01
CA UNK DB 88 -101.81 22.98 -40.03
C UNK DB 88 -103.19 22.44 -39.71
N UNK DB 89 -103.84 22.95 -38.67
CA UNK DB 89 -105.28 22.81 -38.58
C UNK DB 89 -105.98 24.00 -39.21
N UNK DB 90 -105.53 25.20 -38.88
CA UNK DB 90 -106.28 26.40 -39.28
C UNK DB 90 -106.08 26.70 -40.75
N UNK DB 91 -104.85 26.56 -41.22
CA UNK DB 91 -104.46 26.82 -42.61
C UNK DB 91 -105.20 25.98 -43.65
N UNK DB 92 -105.34 24.64 -43.55
CA UNK DB 92 -106.07 23.94 -44.62
C UNK DB 92 -107.54 24.28 -44.65
N UNK DB 93 -108.14 24.62 -43.52
CA UNK DB 93 -109.50 25.16 -43.54
C UNK DB 93 -109.56 26.58 -44.10
N UNK DB 94 -108.41 27.23 -44.32
CA UNK DB 94 -108.40 28.39 -45.17
C UNK DB 94 -108.08 28.05 -46.61
N UNK DB 95 -107.40 26.93 -46.84
CA UNK DB 95 -107.04 26.45 -48.16
C UNK DB 95 -108.05 25.49 -48.75
N UNK DB 96 -108.85 24.85 -47.92
CA UNK DB 96 -110.00 24.10 -48.40
C UNK DB 96 -111.27 24.92 -48.28
N UNK DB 97 -111.23 25.98 -47.48
CA UNK DB 97 -112.35 26.86 -47.11
C UNK DB 97 -113.53 26.06 -46.56
N UNK EB 1 -115.24 15.27 -52.46
CA UNK EB 1 -115.74 15.79 -51.20
C UNK EB 1 -115.27 14.93 -50.05
N UNK EB 2 -114.52 13.88 -50.37
CA UNK EB 2 -114.16 12.87 -49.38
C UNK EB 2 -113.13 13.38 -48.40
N UNK EB 3 -112.11 14.10 -48.89
CA UNK EB 3 -111.08 14.55 -47.98
C UNK EB 3 -111.50 15.78 -47.21
N UNK EB 4 -112.64 16.39 -47.54
CA UNK EB 4 -113.21 17.41 -46.67
C UNK EB 4 -113.53 16.80 -45.32
N UNK EB 5 -114.33 15.74 -45.33
CA UNK EB 5 -114.62 15.00 -44.10
C UNK EB 5 -113.36 14.35 -43.55
N UNK EB 6 -112.48 13.86 -44.42
CA UNK EB 6 -111.31 13.13 -43.93
C UNK EB 6 -110.32 14.07 -43.25
N UNK EB 7 -110.28 15.33 -43.67
CA UNK EB 7 -109.40 16.30 -43.04
C UNK EB 7 -109.97 16.77 -41.72
N UNK EB 8 -111.29 16.98 -41.67
CA UNK EB 8 -111.93 17.27 -40.38
C UNK EB 8 -111.74 16.10 -39.42
N UNK EB 9 -111.73 14.87 -39.96
CA UNK EB 9 -111.54 13.69 -39.15
C UNK EB 9 -110.11 13.58 -38.64
N UNK EB 10 -109.14 13.96 -39.47
CA UNK EB 10 -107.75 13.94 -39.00
C UNK EB 10 -107.54 15.01 -37.94
N UNK EB 11 -108.28 16.11 -38.05
CA UNK EB 11 -108.26 17.12 -36.98
C UNK EB 11 -108.80 16.56 -35.67
N UNK EB 12 -109.92 15.85 -35.73
CA UNK EB 12 -110.48 15.26 -34.52
C UNK EB 12 -109.61 14.14 -33.97
N UNK EB 13 -108.94 13.41 -34.87
CA UNK EB 13 -108.05 12.34 -34.43
C UNK EB 13 -106.81 12.90 -33.75
N UNK EB 14 -106.31 14.04 -34.24
CA UNK EB 14 -105.23 14.72 -33.55
C UNK EB 14 -105.71 15.27 -32.21
N UNK EB 15 -106.99 15.65 -32.12
CA UNK EB 15 -107.54 16.13 -30.85
C UNK EB 15 -107.57 15.02 -29.80
N UNK EB 16 -108.05 13.85 -30.18
CA UNK EB 16 -108.03 12.72 -29.26
C UNK EB 16 -106.61 12.22 -29.02
N UNK EB 17 -105.73 12.44 -29.99
CA UNK EB 17 -104.32 12.09 -29.83
C UNK EB 17 -103.66 12.94 -28.74
N UNK EB 18 -103.92 14.24 -28.78
CA UNK EB 18 -103.47 15.13 -27.72
C UNK EB 18 -104.12 14.77 -26.40
N UNK EB 19 -105.39 14.37 -26.44
CA UNK EB 19 -106.12 13.95 -25.24
C UNK EB 19 -105.47 12.74 -24.58
N UNK EB 20 -105.12 11.73 -25.37
CA UNK EB 20 -104.51 10.52 -24.82
C UNK EB 20 -103.09 10.78 -24.33
N UNK EB 21 -102.29 11.52 -25.11
CA UNK EB 21 -100.90 11.74 -24.73
C UNK EB 21 -100.80 12.67 -23.53
N UNK EB 22 -101.80 13.51 -23.32
CA UNK EB 22 -101.78 14.41 -22.17
C UNK EB 22 -102.39 13.76 -20.95
N UNK EB 23 -103.43 12.94 -21.12
CA UNK EB 23 -104.07 12.32 -19.98
C UNK EB 23 -103.26 11.14 -19.47
N UNK EB 24 -102.34 10.63 -20.30
CA UNK EB 24 -101.35 9.69 -19.81
C UNK EB 24 -100.45 10.35 -18.77
N UNK EB 25 -100.22 11.65 -18.93
CA UNK EB 25 -99.58 12.45 -17.90
C UNK EB 25 -100.63 12.90 -16.90
N UNK FB 1 -118.90 9.69 -59.58
CA UNK FB 1 -119.68 8.60 -59.00
C UNK FB 1 -119.96 8.86 -57.53
N UNK FB 2 -121.24 8.94 -57.18
CA UNK FB 2 -121.63 9.15 -55.79
C UNK FB 2 -121.34 7.89 -54.96
N UNK FB 3 -121.32 6.74 -55.63
CA UNK FB 3 -120.92 5.49 -55.00
C UNK FB 3 -119.47 5.56 -54.54
N UNK FB 4 -118.61 6.21 -55.33
CA UNK FB 4 -117.21 6.38 -54.95
C UNK FB 4 -117.09 7.28 -53.73
N UNK FB 5 -117.92 8.33 -53.66
CA UNK FB 5 -117.92 9.23 -52.52
C UNK FB 5 -118.33 8.51 -51.25
N UNK FB 6 -119.40 7.73 -51.34
CA UNK FB 6 -119.84 6.92 -50.20
C UNK FB 6 -118.79 5.88 -49.83
N UNK FB 7 -118.15 5.30 -50.84
CA UNK FB 7 -117.18 4.23 -50.63
C UNK FB 7 -115.95 4.74 -49.89
N UNK FB 8 -115.44 5.90 -50.30
CA UNK FB 8 -114.28 6.46 -49.62
C UNK FB 8 -114.64 7.00 -48.24
N UNK FB 9 -115.88 7.52 -48.09
CA UNK FB 9 -116.29 8.04 -46.79
C UNK FB 9 -116.36 6.92 -45.77
N UNK FB 10 -116.93 5.80 -46.17
CA UNK FB 10 -116.95 4.62 -45.32
C UNK FB 10 -115.54 4.07 -45.13
N UNK FB 11 -114.68 4.18 -46.15
CA UNK FB 11 -113.34 3.64 -46.04
C UNK FB 11 -112.50 4.42 -45.03
N UNK FB 12 -112.63 5.74 -45.04
CA UNK FB 12 -111.89 6.57 -44.09
C UNK FB 12 -112.47 6.44 -42.69
N UNK FB 13 -113.80 6.27 -42.60
CA UNK FB 13 -114.42 5.99 -41.31
C UNK FB 13 -113.96 4.65 -40.77
N UNK FB 14 -113.73 3.68 -41.65
CA UNK FB 14 -113.22 2.38 -41.22
C UNK FB 14 -111.75 2.46 -40.85
N UNK FB 15 -111.01 3.36 -41.48
CA UNK FB 15 -109.63 3.58 -41.09
C UNK FB 15 -109.56 4.19 -39.69
N UNK FB 16 -110.48 5.11 -39.39
CA UNK FB 16 -110.56 5.67 -38.04
C UNK FB 16 -111.07 4.61 -37.05
N UNK FB 17 -111.86 3.67 -37.53
CA UNK FB 17 -112.24 2.55 -36.69
C UNK FB 17 -111.02 1.68 -36.38
N UNK FB 18 -110.13 1.53 -37.35
CA UNK FB 18 -108.88 0.83 -37.12
C UNK FB 18 -107.98 1.62 -36.18
N UNK FB 19 -108.14 2.95 -36.19
CA UNK FB 19 -107.41 3.80 -35.26
C UNK FB 19 -107.83 3.53 -33.83
N UNK FB 20 -109.13 3.55 -33.57
CA UNK FB 20 -109.64 3.21 -32.24
C UNK FB 20 -109.37 1.74 -31.90
N UNK FB 21 -109.30 0.89 -32.92
CA UNK FB 21 -109.07 -0.54 -32.69
C UNK FB 21 -107.66 -0.79 -32.17
N UNK FB 22 -106.66 -0.21 -32.82
CA UNK FB 22 -105.30 -0.38 -32.33
C UNK FB 22 -105.02 0.54 -31.15
N UNK FB 23 -105.94 1.46 -30.84
CA UNK FB 23 -105.93 2.08 -29.53
C UNK FB 23 -106.35 1.08 -28.46
N UNK FB 24 -107.36 0.27 -28.76
CA UNK FB 24 -107.81 -0.74 -27.80
C UNK FB 24 -106.76 -1.84 -27.65
N UNK FB 25 -106.06 -2.18 -28.72
CA UNK FB 25 -105.10 -3.28 -28.67
C UNK FB 25 -103.80 -2.85 -27.98
N UNK FB 26 -103.58 -1.55 -27.83
CA UNK FB 26 -102.45 -1.07 -27.07
C UNK FB 26 -102.86 -0.80 -25.63
N UNK FB 27 -102.00 -0.15 -24.87
CA UNK FB 27 -102.29 0.14 -23.47
C UNK FB 27 -103.32 1.26 -23.36
N UNK FB 28 -103.93 1.36 -22.18
CA UNK FB 28 -105.03 2.31 -21.97
C UNK FB 28 -104.52 3.60 -21.33
N UNK FB 29 -105.47 4.36 -20.80
CA UNK FB 29 -105.20 5.70 -20.25
C UNK FB 29 -104.55 5.69 -18.87
N UNK FB 30 -105.76 18.43 -10.02
CA UNK FB 30 -106.55 17.92 -11.14
C UNK FB 30 -107.20 19.07 -11.91
N UNK FB 31 -106.99 20.29 -11.42
CA UNK FB 31 -107.59 21.46 -12.05
C UNK FB 31 -106.81 21.88 -13.29
N UNK FB 32 -105.48 21.77 -13.22
CA UNK FB 32 -104.62 22.32 -14.26
C UNK FB 32 -104.77 21.57 -15.58
N UNK FB 33 -104.67 20.24 -15.53
CA UNK FB 33 -104.76 19.44 -16.75
C UNK FB 33 -106.16 19.48 -17.33
N UNK FB 34 -107.17 19.58 -16.47
CA UNK FB 34 -108.54 19.73 -16.93
C UNK FB 34 -108.73 21.02 -17.70
N UNK FB 35 -108.21 22.13 -17.15
CA UNK FB 35 -108.30 23.41 -17.83
C UNK FB 35 -107.55 23.41 -19.15
N UNK FB 36 -106.38 22.76 -19.16
CA UNK FB 36 -105.56 22.75 -20.37
C UNK FB 36 -106.18 21.94 -21.48
N UNK FB 37 -106.65 20.72 -21.16
CA UNK FB 37 -107.24 19.89 -22.19
C UNK FB 37 -108.58 20.46 -22.65
N UNK FB 38 -109.29 21.13 -21.75
CA UNK FB 38 -110.51 21.82 -22.14
C UNK FB 38 -110.22 22.96 -23.10
N UNK FB 39 -109.13 23.69 -22.86
CA UNK FB 39 -108.74 24.78 -23.75
C UNK FB 39 -108.36 24.28 -25.13
N UNK FB 40 -107.61 23.18 -25.19
CA UNK FB 40 -107.21 22.63 -26.47
C UNK FB 40 -108.40 22.07 -27.24
N UNK FB 41 -109.32 21.43 -26.54
CA UNK FB 41 -110.53 20.94 -27.17
C UNK FB 41 -111.38 22.09 -27.70
N UNK FB 42 -111.44 23.18 -26.94
CA UNK FB 42 -112.21 24.35 -27.37
C UNK FB 42 -111.60 24.99 -28.61
N UNK FB 43 -110.26 25.04 -28.67
CA UNK FB 43 -109.59 25.57 -29.85
C UNK FB 43 -109.87 24.73 -31.09
N UNK FB 44 -109.77 23.40 -30.96
CA UNK FB 44 -110.01 22.51 -32.10
C UNK FB 44 -111.45 22.61 -32.57
N UNK FB 45 -112.40 22.62 -31.64
CA UNK FB 45 -113.81 22.66 -32.01
C UNK FB 45 -114.19 24.01 -32.62
N UNK FB 46 -113.58 25.11 -32.14
CA UNK FB 46 -113.88 26.40 -32.73
C UNK FB 46 -113.27 26.54 -34.12
N UNK FB 47 -112.07 25.99 -34.30
CA UNK FB 47 -111.45 25.94 -35.62
C UNK FB 47 -112.31 25.15 -36.59
N UNK FB 48 -112.97 24.11 -36.10
CA UNK FB 48 -113.98 23.45 -36.92
C UNK FB 48 -115.20 24.34 -37.11
N UNK FB 49 -115.53 25.14 -36.09
CA UNK FB 49 -116.79 25.85 -36.08
C UNK FB 49 -116.78 27.03 -37.05
N UNK FB 50 -115.59 27.49 -37.45
CA UNK FB 50 -115.55 28.55 -38.44
C UNK FB 50 -115.98 28.04 -39.82
N UNK FB 51 -115.72 26.77 -40.11
CA UNK FB 51 -115.95 26.23 -41.44
C UNK FB 51 -117.43 26.05 -41.72
N UNK FB 52 -111.08 35.55 -40.17
CA UNK FB 52 -110.67 36.76 -39.47
C UNK FB 52 -111.41 36.81 -38.16
N UNK FB 53 -112.68 36.42 -38.20
CA UNK FB 53 -113.36 36.01 -36.98
C UNK FB 53 -112.68 34.78 -36.40
N UNK FB 54 -112.20 33.90 -37.29
CA UNK FB 54 -111.37 32.77 -36.88
C UNK FB 54 -110.08 33.26 -36.24
N UNK FB 55 -109.57 34.42 -36.66
CA UNK FB 55 -108.38 34.96 -36.05
C UNK FB 55 -108.64 35.46 -34.64
N UNK FB 56 -109.77 36.12 -34.41
CA UNK FB 56 -110.08 36.60 -33.06
C UNK FB 56 -110.38 35.44 -32.13
N UNK FB 57 -111.05 34.41 -32.64
CA UNK FB 57 -111.30 33.22 -31.83
C UNK FB 57 -110.00 32.48 -31.54
N UNK FB 58 -109.07 32.48 -32.48
CA UNK FB 58 -107.77 31.86 -32.23
C UNK FB 58 -106.98 32.68 -31.23
N UNK FB 59 -107.22 34.00 -31.17
CA UNK FB 59 -106.61 34.82 -30.14
C UNK FB 59 -107.16 34.45 -28.76
N UNK FB 60 -108.47 34.25 -28.67
CA UNK FB 60 -109.07 33.82 -27.41
C UNK FB 60 -108.56 32.44 -26.99
N UNK FB 61 -108.52 31.51 -27.94
CA UNK FB 61 -108.04 30.16 -27.65
C UNK FB 61 -106.55 30.15 -27.36
N UNK FB 62 -105.81 31.13 -27.89
CA UNK FB 62 -104.39 31.23 -27.58
C UNK FB 62 -104.18 31.78 -26.17
N UNK FB 63 -105.05 32.68 -25.72
CA UNK FB 63 -105.01 33.10 -24.33
C UNK FB 63 -105.30 31.93 -23.39
N UNK FB 64 -106.28 31.12 -23.76
CA UNK FB 64 -106.56 29.90 -23.00
C UNK FB 64 -105.39 28.91 -23.09
N UNK FB 65 -104.68 28.90 -24.21
CA UNK FB 65 -103.53 28.01 -24.34
C UNK FB 65 -102.34 28.54 -23.56
N UNK FB 66 -102.30 29.84 -23.30
CA UNK FB 66 -101.25 30.37 -22.42
C UNK FB 66 -101.53 30.01 -20.98
N UNK FB 67 -102.82 30.02 -20.59
CA UNK FB 67 -103.21 29.44 -19.32
C UNK FB 67 -102.86 27.95 -19.27
N UNK FB 68 -103.03 27.27 -20.40
CA UNK FB 68 -102.61 25.86 -20.51
C UNK FB 68 -101.10 25.73 -20.42
N UNK FB 69 -100.36 26.76 -20.83
CA UNK FB 69 -98.91 26.72 -20.72
C UNK FB 69 -98.47 26.80 -19.27
N UNK FB 70 -99.11 27.68 -18.49
CA UNK FB 70 -98.82 27.74 -17.05
C UNK FB 70 -99.26 26.45 -16.35
N UNK FB 71 -100.39 25.89 -16.78
CA UNK FB 71 -100.88 24.65 -16.19
C UNK FB 71 -99.96 23.47 -16.53
N UNK FB 72 -99.50 23.39 -17.77
CA UNK FB 72 -98.60 22.30 -18.15
C UNK FB 72 -97.21 22.53 -17.58
N UNK FB 73 -96.88 23.77 -17.25
CA UNK FB 73 -95.66 24.02 -16.50
C UNK FB 73 -95.78 23.46 -15.09
N UNK FB 74 -96.96 23.62 -14.47
CA UNK FB 74 -97.20 22.99 -13.18
C UNK FB 74 -97.19 21.46 -13.30
N UNK FB 75 -97.70 20.94 -14.41
CA UNK FB 75 -97.69 19.49 -14.62
C UNK FB 75 -96.29 18.99 -14.89
N UNK FB 76 -95.45 19.83 -15.48
CA UNK FB 76 -94.06 19.49 -15.66
C UNK FB 76 -93.33 19.52 -14.33
N UNK FB 77 -93.75 20.43 -13.44
CA UNK FB 77 -93.22 20.43 -12.09
C UNK FB 77 -93.62 19.15 -11.36
N UNK FB 78 -94.81 18.65 -11.64
CA UNK FB 78 -95.17 17.31 -11.19
C UNK FB 78 -94.28 16.26 -11.85
N UNK FB 79 -93.94 16.46 -13.13
CA UNK FB 79 -93.01 15.57 -13.79
C UNK FB 79 -91.59 15.80 -13.29
N UNK FB 80 -91.28 17.03 -12.89
CA UNK FB 80 -90.02 17.30 -12.23
C UNK FB 80 -90.17 16.99 -10.75
#